data_3HQP
#
_entry.id   3HQP
#
_cell.length_a   127.486
_cell.length_b   151.140
_cell.length_c   160.319
_cell.angle_alpha   89.73
_cell.angle_beta   80.17
_cell.angle_gamma   71.64
#
_symmetry.space_group_name_H-M   'P 1'
#
loop_
_entity.id
_entity.type
_entity.pdbx_description
1 polymer 'Pyruvate kinase'
2 non-polymer 'MAGNESIUM ION'
3 non-polymer 'POTASSIUM ION'
4 non-polymer 'OXALATE ION'
5 non-polymer 2,6-di-O-phosphono-beta-D-fructofuranose
6 non-polymer "ADENOSINE-5'-TRIPHOSPHATE"
7 non-polymer GLYCEROL
8 water water
#
_entity_poly.entity_id   1
_entity_poly.type   'polypeptide(L)'
_entity_poly.pdbx_seq_one_letter_code
;MSQLAHNLTLSIFDPVANYRAARIICTIGPSTQSVEALKGLIQSGMSVARMNFSHGSHEYHQTTINNVRQAAAELGVNIA
IALDTKGPEIRTGQFVGGDAVMERGATCYVTTDPAFADKGTKDKFYIDYQNLSKVVRPGNYIYIDDGILILQVQSHEDEQ
TLECTVTNSHTISDRRGVNLPGCDVDLPAVSAKDRVDLQFGVEQGVDMIFASFIRSAEQVGDVRKALGPKGRDIMIICKI
ENHQGVQNIDSIIEESDGIMVARGDLGVEIPAEKVVVAQKILISKCNVAGKPVICATQMLESMTYNPRPTRAEVSDVANA
VFNGADCVMLSGETAKGKYPNEVVQYMARICLEAQSALNEYVFFNSIKKLQHIPMSADEAVCSSAVNSVYETKAKAMVVL
SNTGRSARLVAKYRPNCPIVCVTTRLQTCRQLNITQGVESVFFDADKLGHDEGKEHRVAAGVEFAKSKGYVQTGDYCVVI
HADHKVKGYANQTRILLVE
;
_entity_poly.pdbx_strand_id   A,B,C,D,E,F,G,H,I,J,K,L,M,N,O,P
#
# COMPACT_ATOMS: atom_id res chain seq x y z
N SER A 2 1.03 12.16 42.39
CA SER A 2 1.31 13.22 41.36
C SER A 2 1.43 14.60 41.99
N GLN A 3 2.26 15.44 41.36
CA GLN A 3 2.40 16.84 41.75
C GLN A 3 1.05 17.51 41.98
N LEU A 4 0.12 17.32 41.03
CA LEU A 4 -1.26 17.82 41.16
C LEU A 4 -1.87 17.40 42.49
N ALA A 5 -1.86 16.09 42.74
CA ALA A 5 -2.43 15.51 43.96
C ALA A 5 -1.72 16.05 45.19
N HIS A 6 -0.40 16.20 45.09
CA HIS A 6 0.43 16.70 46.18
C HIS A 6 0.10 18.16 46.52
N ASN A 7 -0.19 18.96 45.51
CA ASN A 7 -0.55 20.37 45.72
C ASN A 7 -1.79 20.53 46.58
N LEU A 8 -2.70 19.56 46.52
CA LEU A 8 -3.95 19.62 47.26
C LEU A 8 -3.78 19.28 48.74
N THR A 9 -2.61 18.74 49.10
CA THR A 9 -2.32 18.41 50.50
C THR A 9 -1.78 19.63 51.25
N LEU A 10 -1.26 20.60 50.50
CA LEU A 10 -0.59 21.77 51.07
C LEU A 10 -1.57 22.78 51.70
N SER A 11 -1.05 23.57 52.63
CA SER A 11 -1.76 24.72 53.20
C SER A 11 -0.82 25.90 53.40
N ILE A 12 -1.37 27.10 53.46
CA ILE A 12 -0.57 28.29 53.74
C ILE A 12 -0.11 28.32 55.20
N PHE A 13 -0.83 27.61 56.07
CA PHE A 13 -0.48 27.54 57.50
C PHE A 13 0.51 26.43 57.85
N ASP A 14 0.91 25.63 56.85
CA ASP A 14 1.89 24.56 57.04
C ASP A 14 3.20 25.14 57.56
N PRO A 15 3.60 24.76 58.80
CA PRO A 15 4.75 25.39 59.44
C PRO A 15 6.06 24.94 58.80
N VAL A 16 7.04 25.85 58.76
CA VAL A 16 8.32 25.58 58.11
C VAL A 16 9.17 24.55 58.88
N ALA A 17 10.24 24.09 58.25
CA ALA A 17 11.16 23.15 58.87
C ALA A 17 12.04 23.83 59.91
N ASN A 18 12.60 23.04 60.82
CA ASN A 18 13.54 23.54 61.82
C ASN A 18 14.97 23.75 61.26
N TYR A 19 15.11 23.60 59.94
CA TYR A 19 16.36 23.83 59.22
C TYR A 19 16.07 24.26 57.78
N ARG A 20 17.01 25.01 57.18
CA ARG A 20 16.91 25.37 55.77
C ARG A 20 17.95 24.63 54.94
N ALA A 21 17.51 24.03 53.84
CA ALA A 21 18.38 23.19 53.03
C ALA A 21 19.13 23.98 51.95
N ALA A 22 18.41 24.85 51.26
CA ALA A 22 19.02 25.69 50.24
C ALA A 22 20.03 26.65 50.85
N ARG A 23 21.11 26.91 50.11
CA ARG A 23 22.19 27.75 50.57
C ARG A 23 22.20 29.05 49.77
N ILE A 24 22.65 30.13 50.40
CA ILE A 24 22.62 31.46 49.79
C ILE A 24 24.03 32.02 49.54
N ILE A 25 24.25 32.46 48.30
CA ILE A 25 25.52 33.05 47.87
C ILE A 25 25.38 34.56 47.68
N CYS A 26 26.26 35.31 48.32
CA CYS A 26 26.27 36.77 48.19
C CYS A 26 27.54 37.26 47.52
N THR A 27 27.39 38.24 46.63
CA THR A 27 28.53 38.89 46.02
C THR A 27 28.90 40.10 46.86
N ILE A 28 30.20 40.26 47.11
CA ILE A 28 30.69 41.30 48.01
C ILE A 28 31.22 42.49 47.21
N GLY A 29 30.79 43.68 47.60
CA GLY A 29 31.19 44.92 46.95
C GLY A 29 31.11 46.12 47.89
N PRO A 30 30.97 47.33 47.32
CA PRO A 30 30.91 48.58 48.10
C PRO A 30 29.90 48.54 49.25
N SER A 31 28.73 47.95 49.00
CA SER A 31 27.67 47.87 50.00
C SER A 31 27.96 46.90 51.15
N THR A 32 28.85 45.93 50.92
CA THR A 32 29.00 44.83 51.86
C THR A 32 30.43 44.41 52.21
N GLN A 33 31.41 45.28 51.97
CA GLN A 33 32.81 44.88 52.16
C GLN A 33 33.31 44.97 53.61
N SER A 34 32.73 45.89 54.39
CA SER A 34 33.16 46.09 55.79
C SER A 34 32.90 44.85 56.63
N VAL A 35 33.77 44.63 57.62
CA VAL A 35 33.65 43.48 58.52
C VAL A 35 32.31 43.49 59.28
N GLU A 36 31.72 44.67 59.43
CA GLU A 36 30.42 44.82 60.08
C GLU A 36 29.29 44.36 59.17
N ALA A 37 29.34 44.75 57.91
CA ALA A 37 28.29 44.43 56.94
C ALA A 37 28.27 42.93 56.62
N LEU A 38 29.42 42.29 56.71
CA LEU A 38 29.55 40.86 56.45
C LEU A 38 28.91 40.02 57.55
N LYS A 39 29.10 40.44 58.80
CA LYS A 39 28.50 39.77 59.95
C LYS A 39 26.98 39.84 59.89
N GLY A 40 26.45 40.94 59.32
CA GLY A 40 25.03 41.08 59.04
C GLY A 40 24.56 40.10 57.97
N LEU A 41 25.39 39.90 56.97
CA LEU A 41 25.11 38.92 55.90
C LEU A 41 25.07 37.49 56.43
N ILE A 42 26.11 37.11 57.17
CA ILE A 42 26.23 35.79 57.78
C ILE A 42 25.04 35.51 58.73
N GLN A 43 24.69 36.51 59.55
CA GLN A 43 23.54 36.39 60.45
C GLN A 43 22.20 36.33 59.72
N SER A 44 22.13 36.97 58.55
CA SER A 44 20.94 36.91 57.69
C SER A 44 20.81 35.55 57.01
N GLY A 45 21.94 35.01 56.54
CA GLY A 45 21.97 33.65 56.02
C GLY A 45 22.98 33.34 54.93
N MET A 46 24.01 34.18 54.78
CA MET A 46 25.04 33.95 53.76
C MET A 46 25.92 32.76 54.11
N SER A 47 26.15 31.88 53.12
CA SER A 47 27.04 30.74 53.28
C SER A 47 28.29 30.88 52.42
N VAL A 48 28.21 31.70 51.37
CA VAL A 48 29.28 31.86 50.40
C VAL A 48 29.46 33.32 50.01
N ALA A 49 30.68 33.83 50.20
CA ALA A 49 31.05 35.16 49.72
C ALA A 49 31.63 35.07 48.31
N ARG A 50 31.03 35.79 47.37
CA ARG A 50 31.47 35.79 45.98
C ARG A 50 32.23 37.07 45.64
N MET A 51 33.44 36.90 45.13
CA MET A 51 34.24 38.02 44.65
C MET A 51 34.24 38.02 43.13
N ASN A 52 33.69 39.07 42.54
CA ASN A 52 33.67 39.21 41.09
C ASN A 52 34.96 39.86 40.61
N PHE A 53 35.83 39.07 39.99
CA PHE A 53 37.13 39.58 39.56
C PHE A 53 37.10 40.40 38.26
N SER A 54 35.89 40.72 37.80
CA SER A 54 35.70 41.65 36.69
C SER A 54 35.59 43.08 37.21
N HIS A 55 35.62 43.24 38.53
CA HIS A 55 35.55 44.53 39.19
C HIS A 55 36.61 44.66 40.29
N GLY A 56 36.92 45.90 40.67
CA GLY A 56 37.89 46.17 41.73
C GLY A 56 39.33 45.94 41.31
N SER A 57 40.06 45.20 42.13
CA SER A 57 41.47 44.89 41.92
C SER A 57 41.92 43.81 42.89
N HIS A 58 43.15 43.33 42.71
CA HIS A 58 43.70 42.27 43.57
C HIS A 58 43.83 42.70 45.03
N GLU A 59 44.24 43.94 45.25
CA GLU A 59 44.36 44.51 46.60
C GLU A 59 42.99 44.73 47.22
N TYR A 60 42.00 45.04 46.38
CA TYR A 60 40.63 45.24 46.84
C TYR A 60 40.01 43.93 47.33
N HIS A 61 40.12 42.89 46.51
CA HIS A 61 39.58 41.57 46.85
C HIS A 61 40.34 40.89 47.98
N GLN A 62 41.59 41.29 48.20
CA GLN A 62 42.38 40.83 49.33
C GLN A 62 41.73 41.27 50.64
N THR A 63 41.26 42.52 50.67
CA THR A 63 40.55 43.07 51.82
C THR A 63 39.28 42.27 52.10
N THR A 64 38.55 41.93 51.04
CA THR A 64 37.36 41.08 51.13
C THR A 64 37.69 39.75 51.81
N ILE A 65 38.69 39.06 51.28
CA ILE A 65 39.17 37.79 51.83
C ILE A 65 39.40 37.88 53.34
N ASN A 66 40.19 38.87 53.75
CA ASN A 66 40.53 39.08 55.17
C ASN A 66 39.31 39.44 56.02
N ASN A 67 38.45 40.30 55.50
CA ASN A 67 37.23 40.72 56.21
C ASN A 67 36.24 39.58 56.43
N VAL A 68 36.02 38.77 55.39
CA VAL A 68 35.12 37.61 55.46
C VAL A 68 35.59 36.63 56.54
N ARG A 69 36.88 36.29 56.50
CA ARG A 69 37.48 35.38 57.47
C ARG A 69 37.38 35.90 58.90
N GLN A 70 37.63 37.20 59.09
CA GLN A 70 37.54 37.84 60.40
C GLN A 70 36.10 37.85 60.91
N ALA A 71 35.17 38.29 60.07
CA ALA A 71 33.74 38.30 60.37
C ALA A 71 33.23 36.90 60.72
N ALA A 72 33.74 35.90 60.01
CA ALA A 72 33.37 34.50 60.24
C ALA A 72 33.97 33.95 61.53
N ALA A 73 35.22 34.31 61.81
CA ALA A 73 35.92 33.86 63.01
C ALA A 73 35.29 34.44 64.28
N GLU A 74 34.75 35.65 64.16
CA GLU A 74 34.14 36.36 65.29
C GLU A 74 32.70 35.91 65.55
N LEU A 75 32.14 35.15 64.61
CA LEU A 75 30.82 34.54 64.77
C LEU A 75 30.93 33.01 64.96
N GLY A 76 32.16 32.50 64.85
CA GLY A 76 32.45 31.08 65.05
C GLY A 76 31.84 30.19 64.00
N VAL A 77 31.82 30.66 62.75
CA VAL A 77 31.25 29.92 61.63
C VAL A 77 32.23 29.81 60.46
N ASN A 78 32.11 28.72 59.69
CA ASN A 78 32.90 28.51 58.48
C ASN A 78 32.14 29.01 57.25
N ILE A 79 32.79 29.89 56.48
CA ILE A 79 32.18 30.52 55.30
C ILE A 79 33.07 30.36 54.06
N ALA A 80 32.48 29.89 52.97
CA ALA A 80 33.20 29.65 51.73
C ALA A 80 33.53 30.94 50.98
N ILE A 81 34.76 31.01 50.47
CA ILE A 81 35.20 32.12 49.64
C ILE A 81 35.33 31.66 48.19
N ALA A 82 34.55 32.29 47.31
CA ALA A 82 34.49 31.96 45.90
C ALA A 82 35.14 33.03 45.03
N LEU A 83 36.02 32.61 44.13
CA LEU A 83 36.64 33.52 43.17
C LEU A 83 35.94 33.43 41.83
N ASP A 84 35.35 34.54 41.40
CA ASP A 84 34.64 34.57 40.14
C ASP A 84 35.53 35.15 39.04
N THR A 85 35.89 34.29 38.09
CA THR A 85 36.77 34.63 36.98
C THR A 85 36.21 35.76 36.10
N LYS A 86 37.09 36.41 35.35
CA LYS A 86 36.66 37.24 34.23
C LYS A 86 36.20 36.31 33.10
N GLY A 87 37.09 35.38 32.73
CA GLY A 87 36.81 34.42 31.67
C GLY A 87 37.05 35.01 30.30
N PRO A 88 36.72 34.26 29.23
CA PRO A 88 36.77 34.81 27.87
C PRO A 88 35.59 35.75 27.63
N GLU A 89 35.63 36.91 28.28
CA GLU A 89 34.53 37.88 28.26
C GLU A 89 34.93 39.21 27.62
N ILE A 90 33.92 40.03 27.35
CA ILE A 90 34.12 41.38 26.85
C ILE A 90 33.46 42.37 27.81
N ARG A 91 34.20 43.40 28.21
CA ARG A 91 33.68 44.45 29.09
C ARG A 91 33.95 45.84 28.50
N THR A 92 33.17 46.83 28.91
CA THR A 92 33.33 48.20 28.43
C THR A 92 34.57 48.85 29.06
N GLY A 93 34.42 49.35 30.28
CA GLY A 93 35.49 50.10 30.94
C GLY A 93 34.97 51.29 31.73
N GLN A 94 35.91 52.08 32.24
CA GLN A 94 35.59 53.18 33.16
C GLN A 94 34.88 54.35 32.48
N PHE A 95 33.93 54.93 33.22
CA PHE A 95 33.23 56.15 32.80
C PHE A 95 33.57 57.30 33.74
N VAL A 96 33.59 58.52 33.20
CA VAL A 96 33.88 59.72 33.99
C VAL A 96 32.74 60.01 34.96
N GLY A 97 33.08 60.13 36.25
CA GLY A 97 32.11 60.45 37.29
C GLY A 97 31.37 59.27 37.88
N GLY A 98 31.71 58.07 37.43
CA GLY A 98 31.09 56.83 37.93
C GLY A 98 30.15 56.18 36.93
N ASP A 99 29.15 56.94 36.46
CA ASP A 99 28.13 56.41 35.56
C ASP A 99 27.93 57.24 34.28
N ALA A 100 27.20 56.67 33.33
CA ALA A 100 26.83 57.35 32.09
C ALA A 100 25.36 57.06 31.73
N VAL A 101 24.57 58.12 31.63
CA VAL A 101 23.15 58.01 31.28
C VAL A 101 23.02 57.88 29.76
N MET A 102 22.47 56.75 29.32
CA MET A 102 22.21 56.51 27.90
C MET A 102 20.72 56.67 27.64
N GLU A 103 20.37 57.63 26.78
CA GLU A 103 18.98 58.03 26.56
C GLU A 103 18.44 57.55 25.21
N ARG A 104 17.16 57.18 25.19
CA ARG A 104 16.49 56.65 23.99
C ARG A 104 16.52 57.63 22.81
N GLY A 105 17.17 57.21 21.73
CA GLY A 105 17.28 58.02 20.52
C GLY A 105 18.65 58.64 20.30
N ALA A 106 19.45 58.71 21.37
CA ALA A 106 20.77 59.35 21.34
C ALA A 106 21.77 58.57 20.49
N THR A 107 22.85 59.26 20.10
CA THR A 107 23.92 58.67 19.30
C THR A 107 25.25 58.71 20.05
N CYS A 108 25.88 57.55 20.17
CA CYS A 108 27.17 57.45 20.87
C CYS A 108 28.22 56.72 20.02
N TYR A 109 29.45 56.65 20.54
CA TYR A 109 30.56 56.03 19.83
C TYR A 109 31.24 54.97 20.70
N VAL A 110 31.64 53.87 20.07
CA VAL A 110 32.37 52.80 20.76
C VAL A 110 33.75 52.59 20.13
N THR A 111 34.79 52.78 20.94
CA THR A 111 36.17 52.71 20.48
C THR A 111 36.92 51.51 21.06
N THR A 112 37.77 50.90 20.25
CA THR A 112 38.64 49.82 20.69
C THR A 112 40.06 50.32 21.03
N ASP A 113 40.24 51.64 20.94
CA ASP A 113 41.51 52.29 21.28
C ASP A 113 41.73 52.27 22.80
N PRO A 114 42.81 51.60 23.25
CA PRO A 114 43.10 51.37 24.66
C PRO A 114 43.25 52.63 25.51
N ALA A 115 43.50 53.77 24.86
CA ALA A 115 43.67 55.06 25.53
C ALA A 115 42.41 55.52 26.25
N PHE A 116 41.24 55.10 25.77
CA PHE A 116 39.94 55.51 26.32
C PHE A 116 39.45 54.58 27.44
N ALA A 117 40.35 53.74 27.97
CA ALA A 117 39.99 52.75 29.00
C ALA A 117 39.57 53.38 30.33
N ASP A 118 40.37 54.34 30.81
CA ASP A 118 40.09 55.01 32.08
C ASP A 118 39.30 56.31 31.92
N LYS A 119 38.98 56.65 30.66
CA LYS A 119 38.21 57.85 30.35
C LYS A 119 37.10 57.55 29.34
N GLY A 120 35.87 57.42 29.84
CA GLY A 120 34.70 57.13 29.00
C GLY A 120 33.52 58.02 29.32
N THR A 121 32.67 58.26 28.32
CA THR A 121 31.52 59.16 28.49
C THR A 121 30.24 58.58 27.86
N LYS A 122 29.16 59.34 27.93
CA LYS A 122 27.88 58.99 27.31
C LYS A 122 27.91 59.11 25.79
N ASP A 123 28.98 59.70 25.25
CA ASP A 123 29.13 59.93 23.82
C ASP A 123 30.23 59.06 23.20
N LYS A 124 31.24 58.72 24.00
CA LYS A 124 32.38 57.94 23.53
C LYS A 124 33.00 57.12 24.67
N PHE A 125 33.01 55.80 24.51
CA PHE A 125 33.61 54.90 25.51
C PHE A 125 34.31 53.66 24.94
N TYR A 126 35.14 53.04 25.78
CA TYR A 126 36.00 51.92 25.40
C TYR A 126 35.30 50.56 25.48
N ILE A 127 35.70 49.64 24.61
CA ILE A 127 35.30 48.23 24.65
C ILE A 127 36.54 47.38 24.36
N ASP A 128 36.85 46.44 25.27
CA ASP A 128 38.14 45.74 25.25
C ASP A 128 38.32 44.61 24.22
N TYR A 129 37.31 44.38 23.38
CA TYR A 129 37.45 43.40 22.31
C TYR A 129 38.16 44.02 21.11
N GLN A 130 39.31 43.47 20.77
CA GLN A 130 40.20 44.05 19.75
C GLN A 130 39.59 44.07 18.35
N ASN A 131 39.31 42.90 17.78
CA ASN A 131 38.72 42.82 16.45
C ASN A 131 37.19 42.89 16.46
N LEU A 132 36.67 43.91 17.14
CA LEU A 132 35.24 44.20 17.20
C LEU A 132 34.71 44.68 15.84
N SER A 133 35.53 45.46 15.13
CA SER A 133 35.17 46.03 13.83
C SER A 133 35.09 44.98 12.71
N LYS A 134 35.82 43.88 12.90
CA LYS A 134 35.82 42.76 11.94
C LYS A 134 34.68 41.76 12.22
N VAL A 135 33.81 42.11 13.16
CA VAL A 135 32.72 41.24 13.60
C VAL A 135 31.33 41.86 13.34
N VAL A 136 31.19 43.15 13.64
CA VAL A 136 29.92 43.86 13.47
C VAL A 136 29.86 44.73 12.21
N ARG A 137 28.65 44.85 11.66
CA ARG A 137 28.40 45.63 10.44
C ARG A 137 27.29 46.64 10.71
N PRO A 138 27.11 47.64 9.81
CA PRO A 138 26.01 48.60 9.96
C PRO A 138 24.64 47.90 10.04
N GLY A 139 23.97 48.06 11.18
CA GLY A 139 22.65 47.46 11.41
C GLY A 139 22.62 46.49 12.57
N ASN A 140 23.76 45.86 12.85
CA ASN A 140 23.88 44.88 13.93
C ASN A 140 23.76 45.50 15.32
N TYR A 141 23.40 44.67 16.30
CA TYR A 141 23.19 45.14 17.67
C TYR A 141 24.37 44.81 18.60
N ILE A 142 24.66 45.75 19.50
CA ILE A 142 25.63 45.55 20.57
C ILE A 142 24.88 45.58 21.91
N TYR A 143 24.99 44.48 22.66
CA TYR A 143 24.27 44.31 23.91
C TYR A 143 25.13 44.73 25.11
N ILE A 144 24.55 45.55 25.98
CA ILE A 144 25.27 46.10 27.13
C ILE A 144 24.52 45.81 28.43
N ASP A 145 25.29 45.53 29.49
CA ASP A 145 24.77 45.34 30.85
C ASP A 145 23.74 44.20 30.91
N ASP A 146 24.23 42.96 30.79
CA ASP A 146 23.38 41.78 30.70
C ASP A 146 22.17 41.98 29.79
N GLY A 147 22.41 42.63 28.65
CA GLY A 147 21.42 42.81 27.59
C GLY A 147 20.31 43.81 27.85
N ILE A 148 20.39 44.53 28.97
CA ILE A 148 19.39 45.55 29.32
C ILE A 148 19.47 46.74 28.37
N LEU A 149 20.68 47.07 27.93
CA LEU A 149 20.90 48.16 26.97
C LEU A 149 21.35 47.59 25.61
N ILE A 150 20.74 48.10 24.53
CA ILE A 150 21.10 47.69 23.16
C ILE A 150 21.50 48.90 22.29
N LEU A 151 22.61 48.76 21.58
CA LEU A 151 23.07 49.78 20.64
C LEU A 151 23.09 49.23 19.22
N GLN A 152 22.49 49.98 18.29
CA GLN A 152 22.54 49.62 16.86
C GLN A 152 23.66 50.38 16.16
N VAL A 153 24.59 49.62 15.59
CA VAL A 153 25.70 50.19 14.82
C VAL A 153 25.16 50.85 13.55
N GLN A 154 25.52 52.10 13.34
CA GLN A 154 25.02 52.88 12.21
C GLN A 154 26.06 52.99 11.10
N SER A 155 27.27 53.44 11.46
CA SER A 155 28.37 53.60 10.51
C SER A 155 29.74 53.45 11.17
N HIS A 156 30.76 53.22 10.35
CA HIS A 156 32.14 53.16 10.81
C HIS A 156 32.79 54.54 10.70
N GLU A 157 33.15 55.12 11.84
CA GLU A 157 33.81 56.42 11.87
C GLU A 157 35.24 56.37 11.34
N ASP A 158 36.03 55.45 11.89
CA ASP A 158 37.40 55.23 11.43
C ASP A 158 37.79 53.76 11.52
N GLU A 159 39.05 53.49 11.83
CA GLU A 159 39.60 52.14 11.94
C GLU A 159 39.12 51.42 13.20
N GLN A 160 38.77 52.19 14.23
CA GLN A 160 38.49 51.65 15.56
C GLN A 160 37.22 52.19 16.22
N THR A 161 36.57 53.15 15.58
CA THR A 161 35.35 53.77 16.13
C THR A 161 34.11 53.45 15.28
N LEU A 162 33.00 53.20 15.97
CA LEU A 162 31.72 52.91 15.32
C LEU A 162 30.65 53.86 15.84
N GLU A 163 29.93 54.51 14.93
CA GLU A 163 28.79 55.33 15.29
C GLU A 163 27.60 54.45 15.64
N CYS A 164 26.94 54.75 16.76
CA CYS A 164 25.83 53.92 17.25
C CYS A 164 24.56 54.73 17.52
N THR A 165 23.48 54.01 17.81
CA THR A 165 22.21 54.61 18.22
C THR A 165 21.74 53.94 19.51
N VAL A 166 21.43 54.75 20.52
CA VAL A 166 20.90 54.23 21.78
C VAL A 166 19.41 53.92 21.60
N THR A 167 19.06 52.63 21.65
CA THR A 167 17.69 52.17 21.36
C THR A 167 16.73 52.34 22.52
N ASN A 168 17.25 52.30 23.75
CA ASN A 168 16.44 52.45 24.95
C ASN A 168 17.16 53.17 26.10
N SER A 169 16.38 53.78 26.99
CA SER A 169 16.91 54.56 28.11
C SER A 169 17.43 53.69 29.26
N HIS A 170 18.73 53.77 29.52
CA HIS A 170 19.36 52.99 30.59
C HIS A 170 20.64 53.66 31.11
N THR A 171 20.84 53.61 32.43
CA THR A 171 22.05 54.13 33.06
C THR A 171 23.03 53.00 33.35
N ILE A 172 24.24 53.12 32.82
CA ILE A 172 25.29 52.10 32.98
C ILE A 172 26.44 52.59 33.86
N SER A 173 27.08 51.65 34.55
CA SER A 173 28.18 51.96 35.47
C SER A 173 29.52 51.40 34.97
N ASP A 174 30.55 51.46 35.83
CA ASP A 174 31.91 51.08 35.49
C ASP A 174 32.01 49.64 34.95
N ARG A 175 32.83 49.46 33.92
CA ARG A 175 33.02 48.18 33.21
C ARG A 175 31.78 47.27 33.10
N ARG A 176 30.96 47.59 32.11
CA ARG A 176 29.75 46.83 31.77
C ARG A 176 30.06 45.63 30.90
N GLY A 177 29.32 44.54 31.11
CA GLY A 177 29.42 43.36 30.27
C GLY A 177 28.77 43.60 28.92
N VAL A 178 29.48 43.20 27.87
CA VAL A 178 28.96 43.32 26.50
C VAL A 178 28.93 41.96 25.82
N ASN A 179 27.81 41.66 25.17
CA ASN A 179 27.58 40.37 24.55
C ASN A 179 27.37 40.46 23.04
N LEU A 180 28.00 39.55 22.31
CA LEU A 180 27.83 39.44 20.86
C LEU A 180 27.31 38.05 20.49
N PRO A 181 25.97 37.87 20.54
CA PRO A 181 25.33 36.58 20.27
C PRO A 181 25.51 36.12 18.82
N GLY A 182 25.99 34.90 18.64
CA GLY A 182 26.19 34.31 17.31
C GLY A 182 27.23 35.03 16.47
N CYS A 183 28.42 35.23 17.03
CA CYS A 183 29.51 35.89 16.34
C CYS A 183 30.79 35.05 16.30
N ASP A 184 30.86 34.08 17.22
CA ASP A 184 32.06 33.27 17.45
C ASP A 184 33.27 34.13 17.83
N VAL A 185 33.24 34.65 19.05
CA VAL A 185 34.34 35.45 19.59
C VAL A 185 35.51 34.56 20.01
N ASP A 186 36.61 34.65 19.28
CA ASP A 186 37.74 33.75 19.44
C ASP A 186 38.70 34.19 20.55
N LEU A 187 38.15 34.39 21.75
CA LEU A 187 38.94 34.67 22.96
C LEU A 187 39.46 33.36 23.55
N PRO A 188 40.68 33.39 24.13
CA PRO A 188 41.30 32.16 24.64
C PRO A 188 40.51 31.50 25.78
N ALA A 189 40.72 30.21 25.97
CA ALA A 189 40.02 29.43 27.00
C ALA A 189 40.32 29.98 28.40
N VAL A 190 41.62 30.10 28.71
CA VAL A 190 42.07 30.74 29.93
C VAL A 190 43.13 31.78 29.58
N SER A 191 42.75 33.05 29.70
CA SER A 191 43.58 34.18 29.25
C SER A 191 44.80 34.41 30.14
N ALA A 192 45.67 35.33 29.70
CA ALA A 192 46.87 35.71 30.44
C ALA A 192 46.52 36.44 31.73
N LYS A 193 45.39 37.16 31.71
CA LYS A 193 44.87 37.85 32.89
C LYS A 193 44.32 36.84 33.90
N ASP A 194 43.52 35.88 33.39
CA ASP A 194 42.87 34.86 34.21
C ASP A 194 43.85 33.97 34.96
N ARG A 195 45.00 33.69 34.34
CA ARG A 195 46.04 32.85 34.93
C ARG A 195 46.68 33.49 36.16
N VAL A 196 46.64 34.82 36.22
CA VAL A 196 47.15 35.57 37.37
C VAL A 196 46.14 35.50 38.52
N ASP A 197 44.86 35.64 38.17
CA ASP A 197 43.77 35.57 39.15
C ASP A 197 43.66 34.20 39.79
N LEU A 198 43.74 33.15 38.97
CA LEU A 198 43.72 31.77 39.46
C LEU A 198 44.96 31.47 40.31
N GLN A 199 46.08 32.07 39.95
CA GLN A 199 47.31 31.97 40.73
C GLN A 199 47.15 32.70 42.07
N PHE A 200 46.41 33.81 42.05
CA PHE A 200 46.10 34.58 43.25
C PHE A 200 45.23 33.80 44.23
N GLY A 201 44.12 33.24 43.73
CA GLY A 201 43.20 32.43 44.53
C GLY A 201 43.87 31.24 45.20
N VAL A 202 44.76 30.58 44.47
CA VAL A 202 45.53 29.44 44.99
C VAL A 202 46.46 29.87 46.15
N GLU A 203 47.17 30.99 45.95
CA GLU A 203 48.05 31.55 46.99
C GLU A 203 47.28 31.93 48.24
N GLN A 204 46.09 32.51 48.05
CA GLN A 204 45.24 32.96 49.15
C GLN A 204 44.39 31.84 49.74
N GLY A 205 44.36 30.71 49.04
CA GLY A 205 43.65 29.51 49.52
C GLY A 205 42.14 29.65 49.50
N VAL A 206 41.61 30.14 48.38
CA VAL A 206 40.16 30.21 48.18
C VAL A 206 39.58 28.80 48.09
N ASP A 207 38.28 28.67 48.38
CA ASP A 207 37.64 27.37 48.47
C ASP A 207 37.16 26.88 47.11
N MET A 208 36.73 27.80 46.27
CA MET A 208 36.16 27.45 44.96
C MET A 208 36.34 28.56 43.93
N ILE A 209 36.27 28.18 42.66
CA ILE A 209 36.34 29.11 41.53
C ILE A 209 35.02 29.06 40.75
N PHE A 210 34.38 30.22 40.61
CA PHE A 210 33.27 30.34 39.67
C PHE A 210 33.85 30.72 38.31
N ALA A 211 34.10 29.69 37.49
CA ALA A 211 34.75 29.86 36.19
C ALA A 211 33.78 30.37 35.14
N SER A 212 34.12 31.51 34.54
CA SER A 212 33.23 32.22 33.62
C SER A 212 33.30 31.72 32.19
N PHE A 213 32.16 31.79 31.50
CA PHE A 213 32.03 31.45 30.09
C PHE A 213 32.69 30.12 29.70
N ILE A 214 32.36 29.08 30.45
CA ILE A 214 32.86 27.73 30.19
C ILE A 214 32.14 27.16 28.96
N ARG A 215 32.93 26.81 27.95
CA ARG A 215 32.39 26.36 26.66
C ARG A 215 32.66 24.87 26.41
N SER A 216 33.76 24.35 26.96
CA SER A 216 34.14 22.96 26.71
C SER A 216 34.79 22.28 27.92
N ALA A 217 34.80 20.94 27.87
CA ALA A 217 35.43 20.11 28.89
C ALA A 217 36.94 20.34 28.96
N GLU A 218 37.57 20.54 27.80
CA GLU A 218 39.00 20.81 27.71
C GLU A 218 39.36 22.11 28.41
N GLN A 219 38.48 23.11 28.31
CA GLN A 219 38.64 24.40 28.98
C GLN A 219 38.66 24.24 30.50
N VAL A 220 37.82 23.34 31.02
CA VAL A 220 37.80 23.01 32.44
C VAL A 220 39.17 22.43 32.84
N GLY A 221 39.71 21.59 31.97
CA GLY A 221 41.06 21.04 32.13
C GLY A 221 42.14 22.11 32.07
N ASP A 222 41.88 23.16 31.28
CA ASP A 222 42.79 24.31 31.18
C ASP A 222 42.85 25.09 32.48
N VAL A 223 41.72 25.17 33.18
CA VAL A 223 41.63 25.84 34.49
C VAL A 223 42.39 25.05 35.55
N ARG A 224 42.16 23.73 35.59
CA ARG A 224 42.82 22.85 36.55
C ARG A 224 44.33 22.78 36.34
N LYS A 225 44.75 22.79 35.07
CA LYS A 225 46.15 22.90 34.70
C LYS A 225 46.75 24.20 35.22
N ALA A 226 45.99 25.28 35.08
CA ALA A 226 46.39 26.61 35.56
C ALA A 226 46.40 26.69 37.09
N LEU A 227 45.49 25.97 37.74
CA LEU A 227 45.40 25.94 39.20
C LEU A 227 46.65 25.34 39.85
N GLY A 228 47.24 24.34 39.19
CA GLY A 228 48.47 23.72 39.67
C GLY A 228 48.25 22.74 40.82
N PRO A 229 49.32 22.00 41.20
CA PRO A 229 49.26 20.98 42.25
C PRO A 229 48.84 21.54 43.62
N LYS A 230 49.32 22.74 43.94
CA LYS A 230 49.05 23.38 45.23
C LYS A 230 47.55 23.63 45.47
N GLY A 231 46.80 23.84 44.40
CA GLY A 231 45.36 24.10 44.49
C GLY A 231 44.49 23.13 43.73
N ARG A 232 44.75 21.83 43.91
CA ARG A 232 43.95 20.79 43.26
C ARG A 232 42.68 20.46 44.06
N ASP A 233 42.71 20.74 45.36
CA ASP A 233 41.55 20.55 46.23
C ASP A 233 40.56 21.71 46.09
N ILE A 234 40.93 22.72 45.31
CA ILE A 234 40.05 23.85 45.01
C ILE A 234 39.00 23.43 43.98
N MET A 235 37.73 23.74 44.26
CA MET A 235 36.63 23.33 43.41
C MET A 235 36.40 24.27 42.23
N ILE A 236 36.24 23.69 41.04
CA ILE A 236 35.88 24.44 39.86
C ILE A 236 34.37 24.31 39.64
N ILE A 237 33.67 25.44 39.82
CA ILE A 237 32.25 25.52 39.51
C ILE A 237 32.09 26.27 38.20
N CYS A 238 31.78 25.52 37.13
CA CYS A 238 31.69 26.08 35.78
C CYS A 238 30.39 26.85 35.57
N LYS A 239 30.53 28.08 35.06
CA LYS A 239 29.38 28.92 34.75
C LYS A 239 28.92 28.74 33.32
N ILE A 240 27.67 28.32 33.16
CA ILE A 240 27.03 28.21 31.85
C ILE A 240 26.33 29.53 31.54
N GLU A 241 26.85 30.25 30.54
CA GLU A 241 26.32 31.57 30.19
C GLU A 241 26.38 31.87 28.68
N ASN A 242 26.71 30.85 27.90
CA ASN A 242 26.73 30.96 26.44
C ASN A 242 26.10 29.76 25.74
N HIS A 243 25.91 29.88 24.43
CA HIS A 243 25.20 28.88 23.62
C HIS A 243 25.85 27.49 23.65
N GLN A 244 27.15 27.42 23.38
CA GLN A 244 27.86 26.14 23.32
C GLN A 244 28.11 25.53 24.70
N GLY A 245 28.01 26.36 25.74
CA GLY A 245 28.10 25.89 27.12
C GLY A 245 26.91 25.01 27.48
N VAL A 246 25.75 25.34 26.93
CA VAL A 246 24.54 24.54 27.06
C VAL A 246 24.66 23.25 26.25
N GLN A 247 25.25 23.36 25.07
CA GLN A 247 25.34 22.24 24.15
C GLN A 247 26.31 21.15 24.66
N ASN A 248 27.42 21.59 25.26
CA ASN A 248 28.42 20.68 25.79
C ASN A 248 28.21 20.35 27.26
N ILE A 249 26.99 20.57 27.75
CA ILE A 249 26.67 20.45 29.17
C ILE A 249 27.08 19.13 29.83
N ASP A 250 26.89 18.02 29.12
CA ASP A 250 27.22 16.69 29.66
C ASP A 250 28.70 16.51 29.94
N SER A 251 29.54 16.79 28.93
CA SER A 251 30.99 16.71 29.06
C SER A 251 31.55 17.76 30.02
N ILE A 252 30.93 18.93 30.05
CA ILE A 252 31.28 19.98 31.01
C ILE A 252 30.99 19.51 32.45
N ILE A 253 29.76 19.08 32.70
CA ILE A 253 29.35 18.61 34.03
C ILE A 253 30.30 17.55 34.61
N GLU A 254 30.67 16.57 33.79
N GLU A 254 30.67 16.56 33.79
CA GLU A 254 31.50 15.45 34.24
CA GLU A 254 31.50 15.45 34.26
C GLU A 254 32.93 15.89 34.59
C GLU A 254 32.96 15.86 34.55
N GLU A 255 33.36 17.01 34.04
CA GLU A 255 34.70 17.57 34.31
C GLU A 255 34.70 18.49 35.52
N SER A 256 33.60 19.23 35.68
CA SER A 256 33.46 20.23 36.74
C SER A 256 33.22 19.59 38.11
N ASP A 257 33.26 20.43 39.14
CA ASP A 257 32.85 20.03 40.46
C ASP A 257 31.44 20.57 40.72
N GLY A 258 30.89 21.26 39.73
CA GLY A 258 29.56 21.86 39.83
C GLY A 258 29.25 22.87 38.74
N ILE A 259 28.02 23.37 38.75
CA ILE A 259 27.52 24.25 37.69
C ILE A 259 26.82 25.47 38.27
N MET A 260 27.00 26.62 37.61
CA MET A 260 26.15 27.77 37.86
C MET A 260 25.32 28.06 36.61
N VAL A 261 24.01 28.21 36.78
CA VAL A 261 23.15 28.68 35.72
C VAL A 261 23.25 30.21 35.73
N ALA A 262 24.16 30.73 34.91
CA ALA A 262 24.47 32.16 34.91
C ALA A 262 23.50 32.94 34.01
N ARG A 263 22.26 33.07 34.48
CA ARG A 263 21.14 33.55 33.67
C ARG A 263 21.30 34.98 33.09
N GLY A 264 22.15 35.79 33.71
CA GLY A 264 22.39 37.15 33.22
C GLY A 264 22.98 37.16 31.82
N ASP A 265 24.17 36.60 31.69
CA ASP A 265 24.84 36.47 30.39
C ASP A 265 24.12 35.47 29.47
N LEU A 266 23.56 34.41 30.07
CA LEU A 266 22.84 33.39 29.31
C LEU A 266 21.56 33.95 28.66
N GLY A 267 20.84 34.78 29.39
CA GLY A 267 19.58 35.38 28.93
C GLY A 267 19.71 36.41 27.82
N VAL A 268 20.95 36.68 27.40
CA VAL A 268 21.21 37.53 26.25
C VAL A 268 21.77 36.68 25.11
N GLU A 269 22.67 35.76 25.46
CA GLU A 269 23.37 34.92 24.50
C GLU A 269 22.43 33.95 23.79
N ILE A 270 21.43 33.47 24.51
CA ILE A 270 20.32 32.70 23.92
C ILE A 270 19.01 33.47 24.17
N PRO A 271 17.93 33.15 23.41
CA PRO A 271 16.64 33.80 23.65
C PRO A 271 16.21 33.70 25.12
N ALA A 272 15.58 34.76 25.62
CA ALA A 272 15.28 34.89 27.04
C ALA A 272 14.29 33.86 27.58
N GLU A 273 13.34 33.47 26.75
CA GLU A 273 12.35 32.47 27.14
C GLU A 273 12.96 31.07 27.22
N LYS A 274 14.08 30.87 26.54
CA LYS A 274 14.76 29.57 26.52
C LYS A 274 15.54 29.30 27.81
N VAL A 275 15.74 30.34 28.62
CA VAL A 275 16.51 30.23 29.87
C VAL A 275 15.77 29.38 30.91
N VAL A 276 14.44 29.38 30.83
CA VAL A 276 13.60 28.60 31.74
C VAL A 276 13.85 27.10 31.52
N VAL A 277 13.86 26.70 30.26
CA VAL A 277 14.08 25.31 29.89
C VAL A 277 15.52 24.91 30.21
N ALA A 278 16.46 25.77 29.83
CA ALA A 278 17.88 25.58 30.13
C ALA A 278 18.11 25.38 31.63
N GLN A 279 17.39 26.15 32.44
CA GLN A 279 17.48 26.05 33.90
C GLN A 279 16.96 24.70 34.42
N LYS A 280 15.80 24.28 33.92
CA LYS A 280 15.21 23.00 34.29
C LYS A 280 16.15 21.83 33.95
N ILE A 281 16.76 21.88 32.77
CA ILE A 281 17.68 20.86 32.31
C ILE A 281 18.95 20.81 33.16
N LEU A 282 19.64 21.95 33.28
CA LEU A 282 20.96 21.98 33.92
C LEU A 282 20.89 21.57 35.39
N ILE A 283 19.87 22.06 36.09
CA ILE A 283 19.66 21.70 37.49
C ILE A 283 19.44 20.19 37.63
N SER A 284 18.46 19.65 36.89
CA SER A 284 18.12 18.24 36.97
C SER A 284 19.32 17.36 36.65
N LYS A 285 20.00 17.68 35.54
CA LYS A 285 21.23 17.00 35.13
C LYS A 285 22.28 16.93 36.24
N CYS A 286 22.46 18.05 36.93
CA CYS A 286 23.37 18.13 38.07
C CYS A 286 22.89 17.30 39.24
N ASN A 287 21.59 17.38 39.52
CA ASN A 287 20.99 16.56 40.58
C ASN A 287 21.26 15.07 40.38
N VAL A 288 21.14 14.62 39.13
CA VAL A 288 21.37 13.22 38.78
C VAL A 288 22.85 12.85 38.95
N ALA A 289 23.72 13.79 38.58
CA ALA A 289 25.17 13.58 38.66
C ALA A 289 25.67 13.66 40.11
N GLY A 290 24.90 14.30 40.98
CA GLY A 290 25.31 14.52 42.36
C GLY A 290 26.35 15.63 42.49
N LYS A 291 26.16 16.69 41.70
CA LYS A 291 27.05 17.84 41.74
C LYS A 291 26.27 19.14 42.01
N PRO A 292 26.78 20.01 42.89
CA PRO A 292 26.12 21.27 43.22
C PRO A 292 25.75 22.11 42.01
N VAL A 293 24.57 22.72 42.06
CA VAL A 293 24.07 23.58 41.00
C VAL A 293 23.55 24.90 41.60
N ILE A 294 23.91 26.01 40.97
CA ILE A 294 23.54 27.34 41.45
C ILE A 294 22.64 28.02 40.43
N CYS A 295 21.49 28.53 40.90
CA CYS A 295 20.68 29.43 40.09
C CYS A 295 21.08 30.85 40.44
N ALA A 296 21.38 31.65 39.40
CA ALA A 296 21.97 32.96 39.60
C ALA A 296 21.32 34.09 38.82
N THR A 297 21.63 35.31 39.25
CA THR A 297 21.34 36.58 38.55
C THR A 297 19.87 37.01 38.48
N GLN A 298 19.63 38.19 39.06
CA GLN A 298 18.35 38.93 38.97
C GLN A 298 17.16 38.29 39.68
N MET A 299 17.44 37.48 40.70
CA MET A 299 16.40 36.76 41.43
C MET A 299 15.58 37.62 42.37
N LEU A 300 16.22 38.59 43.01
CA LEU A 300 15.51 39.59 43.81
C LEU A 300 15.99 40.99 43.43
N GLU A 301 16.14 41.20 42.11
CA GLU A 301 16.73 42.41 41.52
C GLU A 301 16.21 43.74 42.09
N SER A 302 14.89 43.87 42.18
CA SER A 302 14.26 45.12 42.62
C SER A 302 14.54 45.48 44.07
N MET A 303 15.03 44.51 44.84
CA MET A 303 15.41 44.75 46.24
C MET A 303 16.79 45.41 46.38
N THR A 304 17.43 45.65 45.23
CA THR A 304 18.61 46.50 45.16
C THR A 304 18.18 47.93 45.50
N TYR A 305 16.91 48.23 45.25
CA TYR A 305 16.38 49.58 45.42
C TYR A 305 15.26 49.66 46.46
N ASN A 306 14.45 48.60 46.57
CA ASN A 306 13.30 48.60 47.48
C ASN A 306 13.43 47.62 48.65
N PRO A 307 12.75 47.91 49.77
CA PRO A 307 12.73 46.99 50.92
C PRO A 307 11.96 45.68 50.69
N ARG A 308 11.16 45.62 49.62
CA ARG A 308 10.32 44.46 49.34
C ARG A 308 10.37 44.05 47.86
N PRO A 309 10.40 42.72 47.60
CA PRO A 309 10.49 42.20 46.23
C PRO A 309 9.16 42.28 45.46
N THR A 310 9.23 42.05 44.14
CA THR A 310 8.03 41.89 43.33
C THR A 310 7.48 40.47 43.46
N ARG A 311 6.23 40.28 43.06
CA ARG A 311 5.56 38.98 43.13
C ARG A 311 6.28 37.95 42.27
N ALA A 312 6.84 38.42 41.15
CA ALA A 312 7.64 37.58 40.25
C ALA A 312 8.95 37.13 40.89
N GLU A 313 9.54 38.01 41.69
CA GLU A 313 10.81 37.71 42.35
C GLU A 313 10.66 36.67 43.47
N VAL A 314 9.55 36.75 44.21
CA VAL A 314 9.23 35.75 45.23
C VAL A 314 9.04 34.39 44.56
N SER A 315 8.31 34.41 43.45
CA SER A 315 8.04 33.22 42.65
C SER A 315 9.31 32.59 42.08
N ASP A 316 10.22 33.43 41.56
CA ASP A 316 11.47 32.98 40.95
C ASP A 316 12.35 32.20 41.94
N VAL A 317 12.48 32.73 43.16
CA VAL A 317 13.30 32.11 44.20
C VAL A 317 12.70 30.77 44.65
N ALA A 318 11.38 30.74 44.83
CA ALA A 318 10.68 29.52 45.23
C ALA A 318 10.83 28.42 44.19
N ASN A 319 10.72 28.79 42.92
CA ASN A 319 10.78 27.81 41.86
C ASN A 319 12.17 27.24 41.59
N ALA A 320 13.21 28.01 41.91
CA ALA A 320 14.59 27.50 41.84
C ALA A 320 14.78 26.35 42.83
N VAL A 321 14.15 26.49 44.00
CA VAL A 321 14.15 25.44 45.01
C VAL A 321 13.37 24.22 44.50
N PHE A 322 12.14 24.45 44.04
CA PHE A 322 11.32 23.40 43.41
C PHE A 322 12.06 22.72 42.26
N ASN A 323 12.80 23.51 41.48
CA ASN A 323 13.62 22.99 40.38
C ASN A 323 14.68 22.01 40.89
N GLY A 324 15.24 22.31 42.06
CA GLY A 324 16.18 21.41 42.71
C GLY A 324 17.57 21.97 42.82
N ALA A 325 17.68 23.31 42.79
CA ALA A 325 18.96 24.00 42.93
C ALA A 325 19.54 23.79 44.31
N ASP A 326 20.86 23.62 44.39
CA ASP A 326 21.55 23.60 45.69
C ASP A 326 21.57 25.00 46.26
N CYS A 327 21.90 25.97 45.41
CA CYS A 327 22.15 27.34 45.83
C CYS A 327 21.35 28.35 45.05
N VAL A 328 21.00 29.44 45.73
CA VAL A 328 20.45 30.63 45.10
C VAL A 328 21.39 31.79 45.37
N MET A 329 21.61 32.63 44.36
CA MET A 329 22.64 33.67 44.44
C MET A 329 22.08 35.08 44.31
N LEU A 330 22.70 36.02 45.03
CA LEU A 330 22.41 37.45 44.88
C LEU A 330 23.63 38.18 44.36
N SER A 331 23.41 39.05 43.37
CA SER A 331 24.51 39.81 42.76
C SER A 331 24.49 41.29 43.17
N GLY A 332 23.93 42.13 42.31
CA GLY A 332 23.84 43.57 42.57
C GLY A 332 22.98 43.91 43.77
N GLU A 333 22.22 42.93 44.25
CA GLU A 333 21.36 43.12 45.43
C GLU A 333 22.19 43.27 46.70
N THR A 334 23.33 42.58 46.75
CA THR A 334 24.23 42.63 47.90
C THR A 334 25.51 43.41 47.60
N ALA A 335 25.91 43.42 46.33
CA ALA A 335 27.14 44.10 45.91
C ALA A 335 27.03 45.62 46.02
N LYS A 336 25.90 46.16 45.58
CA LYS A 336 25.69 47.61 45.56
C LYS A 336 24.25 48.02 45.89
N GLY A 337 23.54 47.18 46.63
CA GLY A 337 22.16 47.44 47.02
C GLY A 337 22.03 48.25 48.29
N LYS A 338 20.82 48.76 48.54
CA LYS A 338 20.56 49.58 49.73
C LYS A 338 19.97 48.78 50.90
N TYR A 339 19.63 47.51 50.64
CA TYR A 339 19.05 46.63 51.67
C TYR A 339 19.71 45.24 51.68
N PRO A 340 21.03 45.19 51.90
CA PRO A 340 21.78 43.93 51.81
C PRO A 340 21.33 42.85 52.79
N ASN A 341 21.01 43.24 54.03
CA ASN A 341 20.53 42.29 55.03
C ASN A 341 19.10 41.84 54.73
N GLU A 342 18.24 42.80 54.40
CA GLU A 342 16.83 42.57 54.09
C GLU A 342 16.64 41.59 52.92
N VAL A 343 17.48 41.71 51.90
CA VAL A 343 17.40 40.88 50.71
C VAL A 343 17.75 39.42 51.01
N VAL A 344 18.84 39.21 51.76
CA VAL A 344 19.27 37.86 52.17
C VAL A 344 18.27 37.25 53.16
N GLN A 345 17.63 38.10 53.96
CA GLN A 345 16.59 37.65 54.88
C GLN A 345 15.35 37.16 54.15
N TYR A 346 14.95 37.88 53.10
CA TYR A 346 13.84 37.47 52.27
C TYR A 346 14.12 36.15 51.56
N MET A 347 15.29 36.05 50.94
CA MET A 347 15.70 34.86 50.21
C MET A 347 15.60 33.61 51.10
N ALA A 348 16.16 33.69 52.30
CA ALA A 348 16.11 32.60 53.26
C ALA A 348 14.68 32.22 53.62
N ARG A 349 13.82 33.23 53.77
CA ARG A 349 12.42 33.06 54.13
C ARG A 349 11.63 32.38 53.01
N ILE A 350 11.99 32.68 51.76
CA ILE A 350 11.33 32.09 50.61
C ILE A 350 11.84 30.67 50.38
N CYS A 351 13.15 30.47 50.53
CA CYS A 351 13.77 29.15 50.43
C CYS A 351 13.15 28.17 51.41
N LEU A 352 13.03 28.61 52.67
CA LEU A 352 12.46 27.80 53.74
C LEU A 352 11.00 27.45 53.47
N GLU A 353 10.25 28.40 52.91
CA GLU A 353 8.85 28.19 52.57
C GLU A 353 8.66 27.22 51.41
N ALA A 354 9.53 27.34 50.41
CA ALA A 354 9.48 26.48 49.23
C ALA A 354 9.83 25.03 49.63
N GLN A 355 10.80 24.89 50.53
CA GLN A 355 11.18 23.60 51.09
C GLN A 355 9.99 22.90 51.73
N SER A 356 9.16 23.65 52.47
CA SER A 356 7.94 23.10 53.07
C SER A 356 7.06 22.36 52.07
N ALA A 357 6.87 22.94 50.89
CA ALA A 357 6.01 22.36 49.85
C ALA A 357 6.77 21.40 48.95
N LEU A 358 8.10 21.39 49.06
CA LEU A 358 8.94 20.49 48.29
C LEU A 358 8.75 19.06 48.76
N ASN A 359 8.57 18.15 47.81
CA ASN A 359 8.32 16.74 48.12
C ASN A 359 9.61 15.93 48.01
N GLU A 360 10.41 15.91 49.08
CA GLU A 360 11.75 15.30 49.03
C GLU A 360 11.72 13.80 48.82
N TYR A 361 10.63 13.14 49.21
CA TYR A 361 10.51 11.69 49.03
C TYR A 361 10.42 11.30 47.56
N VAL A 362 9.55 12.01 46.82
CA VAL A 362 9.43 11.82 45.38
C VAL A 362 10.75 12.19 44.71
N PHE A 363 11.34 13.31 45.14
CA PHE A 363 12.66 13.73 44.71
C PHE A 363 13.68 12.58 44.86
N PHE A 364 13.71 11.99 46.05
CA PHE A 364 14.60 10.87 46.39
C PHE A 364 14.40 9.66 45.46
N ASN A 365 13.14 9.28 45.26
CA ASN A 365 12.81 8.16 44.39
C ASN A 365 13.18 8.41 42.93
N SER A 366 12.88 9.60 42.43
CA SER A 366 13.20 9.99 41.05
C SER A 366 14.69 9.90 40.76
N ILE A 367 15.50 10.40 41.69
CA ILE A 367 16.95 10.35 41.57
C ILE A 367 17.45 8.92 41.64
N LYS A 368 16.86 8.13 42.54
CA LYS A 368 17.23 6.73 42.72
C LYS A 368 17.06 5.93 41.41
N LYS A 369 15.94 6.14 40.73
CA LYS A 369 15.62 5.45 39.46
C LYS A 369 16.56 5.77 38.30
N LEU A 370 17.16 6.95 38.33
CA LEU A 370 17.95 7.45 37.20
C LEU A 370 19.45 7.20 37.32
N GLN A 371 19.84 6.31 38.23
CA GLN A 371 21.24 5.94 38.43
C GLN A 371 21.56 4.61 37.77
N HIS A 372 22.77 4.50 37.22
CA HIS A 372 23.20 3.28 36.57
C HIS A 372 23.32 2.14 37.57
N ILE A 373 22.71 1.01 37.22
CA ILE A 373 22.84 -0.20 38.01
C ILE A 373 23.80 -1.15 37.28
N PRO A 374 24.78 -1.71 38.00
CA PRO A 374 24.99 -1.62 39.45
C PRO A 374 25.60 -0.29 39.92
N MET A 375 25.19 0.15 41.11
CA MET A 375 25.84 1.27 41.77
C MET A 375 27.13 0.77 42.42
N SER A 376 28.02 1.71 42.72
CA SER A 376 29.19 1.39 43.53
C SER A 376 28.74 1.22 44.98
N ALA A 377 29.54 0.51 45.77
CA ALA A 377 29.21 0.21 47.16
C ALA A 377 28.88 1.46 47.98
N ASP A 378 29.68 2.51 47.81
CA ASP A 378 29.52 3.73 48.60
C ASP A 378 28.28 4.53 48.22
N GLU A 379 27.90 4.49 46.94
CA GLU A 379 26.68 5.14 46.49
C GLU A 379 25.43 4.38 46.95
N ALA A 380 25.49 3.05 46.87
CA ALA A 380 24.42 2.19 47.37
C ALA A 380 24.18 2.37 48.88
N VAL A 381 25.28 2.46 49.63
CA VAL A 381 25.24 2.77 51.07
C VAL A 381 24.48 4.07 51.34
N CYS A 382 24.82 5.13 50.61
CA CYS A 382 24.16 6.43 50.75
C CYS A 382 22.68 6.39 50.38
N SER A 383 22.36 5.75 49.26
CA SER A 383 21.01 5.64 48.77
C SER A 383 20.12 4.91 49.77
N SER A 384 20.64 3.81 50.31
CA SER A 384 19.91 2.95 51.23
C SER A 384 19.82 3.57 52.63
N ALA A 385 20.80 4.39 52.99
CA ALA A 385 20.77 5.14 54.26
C ALA A 385 19.61 6.14 54.26
N VAL A 386 19.47 6.87 53.16
CA VAL A 386 18.34 7.78 52.97
C VAL A 386 17.02 7.01 53.01
N ASN A 387 17.01 5.82 52.42
CA ASN A 387 15.84 4.94 52.47
C ASN A 387 15.44 4.62 53.91
N SER A 388 16.43 4.26 54.73
CA SER A 388 16.25 4.04 56.17
C SER A 388 15.62 5.25 56.87
N VAL A 389 16.16 6.44 56.62
CA VAL A 389 15.60 7.69 57.13
C VAL A 389 14.08 7.75 56.90
N TYR A 390 13.67 7.57 55.64
CA TYR A 390 12.24 7.65 55.30
C TYR A 390 11.41 6.57 55.96
N GLU A 391 11.95 5.35 56.04
CA GLU A 391 11.24 4.23 56.64
C GLU A 391 11.11 4.35 58.16
N THR A 392 12.12 4.95 58.78
CA THR A 392 12.20 5.00 60.22
C THR A 392 11.79 6.37 60.79
N LYS A 393 11.60 7.34 59.89
CA LYS A 393 11.35 8.75 60.25
C LYS A 393 12.46 9.31 61.13
N ALA A 394 13.71 8.96 60.80
CA ALA A 394 14.88 9.47 61.50
C ALA A 394 14.92 10.98 61.32
N LYS A 395 15.36 11.67 62.38
CA LYS A 395 15.26 13.13 62.43
C LYS A 395 16.59 13.83 62.14
N ALA A 396 17.65 13.03 62.05
CA ALA A 396 18.97 13.51 61.64
C ALA A 396 19.78 12.39 61.00
N MET A 397 20.84 12.79 60.29
CA MET A 397 21.78 11.87 59.67
C MET A 397 23.19 12.38 59.99
N VAL A 398 24.13 11.45 60.21
CA VAL A 398 25.52 11.81 60.47
C VAL A 398 26.44 11.13 59.45
N VAL A 399 27.28 11.91 58.79
CA VAL A 399 28.26 11.37 57.84
C VAL A 399 29.68 11.85 58.13
N LEU A 400 30.60 10.88 58.22
CA LEU A 400 32.01 11.21 58.31
C LEU A 400 32.56 11.36 56.89
N SER A 401 33.09 12.54 56.59
CA SER A 401 33.61 12.84 55.26
C SER A 401 34.75 13.84 55.37
N ASN A 402 35.93 13.45 54.89
CA ASN A 402 37.12 14.28 54.97
C ASN A 402 37.35 15.14 53.72
N THR A 403 36.93 14.60 52.57
CA THR A 403 37.11 15.27 51.29
C THR A 403 35.83 15.97 50.84
N GLY A 404 34.70 15.59 51.46
CA GLY A 404 33.38 16.11 51.11
C GLY A 404 32.58 15.18 50.20
N ARG A 405 33.28 14.20 49.61
CA ARG A 405 32.68 13.25 48.67
C ARG A 405 31.45 12.55 49.22
N SER A 406 31.57 12.03 50.44
CA SER A 406 30.50 11.24 51.03
C SER A 406 29.28 12.06 51.40
N ALA A 407 29.51 13.27 51.90
CA ALA A 407 28.44 14.19 52.29
C ALA A 407 27.58 14.63 51.11
N ARG A 408 28.22 14.93 49.97
CA ARG A 408 27.54 15.31 48.74
C ARG A 408 26.79 14.14 48.11
N LEU A 409 27.30 12.94 48.33
CA LEU A 409 26.69 11.72 47.85
C LEU A 409 25.40 11.39 48.60
N VAL A 410 25.37 11.73 49.89
CA VAL A 410 24.16 11.50 50.71
C VAL A 410 23.12 12.57 50.42
N ALA A 411 23.56 13.83 50.38
CA ALA A 411 22.71 14.96 50.04
C ALA A 411 22.01 14.77 48.69
N LYS A 412 22.75 14.20 47.75
CA LYS A 412 22.25 13.82 46.43
C LYS A 412 20.90 13.08 46.48
N TYR A 413 20.64 12.34 47.56
CA TYR A 413 19.42 11.55 47.66
C TYR A 413 18.31 12.22 48.48
N ARG A 414 18.56 13.46 48.91
CA ARG A 414 17.51 14.35 49.42
C ARG A 414 16.62 13.73 50.51
N PRO A 415 17.21 13.44 51.68
CA PRO A 415 16.40 13.01 52.82
C PRO A 415 15.63 14.18 53.40
N ASN A 416 14.59 13.91 54.20
CA ASN A 416 13.80 14.99 54.77
C ASN A 416 14.22 15.35 56.19
N CYS A 417 15.52 15.22 56.45
CA CYS A 417 16.12 15.59 57.72
C CYS A 417 17.48 16.23 57.43
N PRO A 418 18.04 16.96 58.41
CA PRO A 418 19.37 17.56 58.19
C PRO A 418 20.47 16.51 58.07
N ILE A 419 21.43 16.76 57.20
CA ILE A 419 22.63 15.93 57.12
C ILE A 419 23.76 16.62 57.88
N VAL A 420 24.24 15.97 58.94
CA VAL A 420 25.34 16.49 59.75
C VAL A 420 26.64 15.83 59.33
N CYS A 421 27.49 16.58 58.64
CA CYS A 421 28.79 16.06 58.22
C CYS A 421 29.89 16.36 59.22
N VAL A 422 30.46 15.31 59.83
CA VAL A 422 31.60 15.48 60.72
C VAL A 422 32.89 15.32 59.93
N THR A 423 33.61 16.42 59.74
CA THR A 423 34.80 16.43 58.90
C THR A 423 36.09 16.81 59.65
N THR A 424 37.21 16.23 59.20
CA THR A 424 38.52 16.52 59.78
C THR A 424 39.21 17.71 59.11
N ARG A 425 38.55 18.30 58.12
CA ARG A 425 39.13 19.41 57.36
C ARG A 425 38.23 20.64 57.28
N LEU A 426 38.83 21.79 57.55
CA LEU A 426 38.14 23.09 57.60
C LEU A 426 37.69 23.58 56.22
N GLN A 427 38.46 23.24 55.19
CA GLN A 427 38.12 23.59 53.81
C GLN A 427 36.88 22.82 53.36
N THR A 428 36.74 21.59 53.84
CA THR A 428 35.54 20.78 53.60
C THR A 428 34.30 21.41 54.25
N CYS A 429 34.46 21.97 55.44
CA CYS A 429 33.38 22.73 56.10
C CYS A 429 32.89 23.90 55.24
N ARG A 430 33.85 24.61 54.65
CA ARG A 430 33.55 25.72 53.76
C ARG A 430 32.99 25.24 52.41
N GLN A 431 33.64 24.25 51.80
CA GLN A 431 33.28 23.78 50.47
C GLN A 431 31.87 23.19 50.38
N LEU A 432 31.42 22.58 51.47
CA LEU A 432 30.08 22.00 51.54
C LEU A 432 28.98 23.04 51.73
N ASN A 433 29.36 24.31 51.70
CA ASN A 433 28.40 25.42 51.79
C ASN A 433 27.63 25.65 50.50
N ILE A 434 28.04 24.99 49.43
CA ILE A 434 27.29 25.01 48.17
C ILE A 434 26.49 23.72 47.96
N THR A 435 26.51 22.86 48.97
CA THR A 435 25.74 21.63 48.96
C THR A 435 24.52 21.78 49.88
N GLN A 436 23.36 21.56 49.30
CA GLN A 436 22.08 21.70 49.97
C GLN A 436 21.93 20.70 51.12
N GLY A 437 21.36 21.16 52.23
CA GLY A 437 20.95 20.28 53.32
C GLY A 437 22.02 19.64 54.19
N VAL A 438 23.24 20.16 54.09
CA VAL A 438 24.37 19.63 54.86
C VAL A 438 24.93 20.69 55.81
N GLU A 439 25.13 20.31 57.06
CA GLU A 439 25.83 21.14 58.03
C GLU A 439 27.08 20.40 58.50
N SER A 440 28.21 21.09 58.49
CA SER A 440 29.49 20.49 58.83
C SER A 440 29.86 20.71 60.29
N VAL A 441 30.60 19.75 60.84
CA VAL A 441 31.16 19.84 62.18
C VAL A 441 32.63 19.52 62.06
N PHE A 442 33.48 20.38 62.61
CA PHE A 442 34.92 20.20 62.52
C PHE A 442 35.45 19.32 63.63
N PHE A 443 36.16 18.25 63.25
CA PHE A 443 36.83 17.37 64.19
C PHE A 443 38.35 17.52 64.07
N ASP A 444 38.95 18.13 65.09
CA ASP A 444 40.38 18.38 65.09
C ASP A 444 41.16 17.09 65.40
N ALA A 445 41.46 16.34 64.34
CA ALA A 445 42.22 15.09 64.47
C ALA A 445 43.65 15.32 64.99
N ASP A 446 44.09 16.57 64.95
CA ASP A 446 45.38 16.96 65.48
C ASP A 446 45.42 16.71 67.00
N LYS A 447 44.55 17.41 67.72
CA LYS A 447 44.56 17.35 69.18
C LYS A 447 43.65 16.30 69.81
N LEU A 448 42.64 15.85 69.05
CA LEU A 448 41.68 14.87 69.56
C LEU A 448 42.00 13.42 69.15
N GLY A 449 42.83 13.26 68.13
CA GLY A 449 43.24 11.93 67.67
C GLY A 449 42.65 11.54 66.32
N HIS A 450 43.23 10.52 65.69
CA HIS A 450 42.83 10.09 64.35
C HIS A 450 41.43 9.49 64.27
N ASP A 451 40.99 8.94 65.40
CA ASP A 451 39.65 8.32 65.52
C ASP A 451 39.42 7.20 64.50
N GLU A 452 40.29 6.19 64.55
CA GLU A 452 40.22 5.05 63.63
C GLU A 452 38.97 4.17 63.86
N GLY A 453 38.39 4.28 65.05
CA GLY A 453 37.19 3.53 65.40
C GLY A 453 35.89 4.29 65.16
N LYS A 454 36.02 5.49 64.59
CA LYS A 454 34.88 6.36 64.23
C LYS A 454 34.04 6.88 65.42
N GLU A 455 34.17 6.24 66.58
CA GLU A 455 33.31 6.52 67.75
C GLU A 455 33.23 7.99 68.17
N HIS A 456 34.37 8.69 68.13
CA HIS A 456 34.45 10.07 68.59
C HIS A 456 33.78 11.08 67.65
N ARG A 457 33.96 10.88 66.34
CA ARG A 457 33.38 11.75 65.33
C ARG A 457 31.86 11.59 65.24
N VAL A 458 31.39 10.36 65.39
CA VAL A 458 29.96 10.06 65.45
C VAL A 458 29.33 10.79 66.63
N ALA A 459 29.93 10.64 67.81
CA ALA A 459 29.44 11.28 69.03
C ALA A 459 29.38 12.81 68.92
N ALA A 460 30.23 13.36 68.06
CA ALA A 460 30.32 14.81 67.86
C ALA A 460 29.23 15.26 66.91
N GLY A 461 28.87 14.40 65.97
CA GLY A 461 27.77 14.69 65.03
C GLY A 461 26.45 14.65 65.75
N VAL A 462 26.28 13.64 66.60
CA VAL A 462 25.06 13.45 67.37
C VAL A 462 24.86 14.59 68.38
N GLU A 463 25.95 15.07 68.98
CA GLU A 463 25.89 16.19 69.94
C GLU A 463 25.56 17.51 69.25
N PHE A 464 26.14 17.74 68.07
CA PHE A 464 25.77 18.89 67.24
C PHE A 464 24.27 18.89 66.95
N ALA A 465 23.78 17.78 66.39
CA ALA A 465 22.35 17.60 66.09
C ALA A 465 21.46 17.72 67.34
N LYS A 466 21.98 17.25 68.48
CA LYS A 466 21.33 17.43 69.77
C LYS A 466 21.20 18.91 70.14
N SER A 467 22.31 19.64 70.01
CA SER A 467 22.38 21.05 70.39
C SER A 467 21.59 21.96 69.44
N LYS A 468 21.42 21.51 68.20
CA LYS A 468 20.62 22.25 67.22
C LYS A 468 19.13 21.98 67.38
N GLY A 469 18.81 20.92 68.12
CA GLY A 469 17.42 20.56 68.40
C GLY A 469 16.81 19.69 67.32
N TYR A 470 17.66 19.04 66.53
CA TYR A 470 17.20 18.12 65.48
C TYR A 470 16.75 16.78 66.05
N VAL A 471 17.51 16.27 67.03
CA VAL A 471 17.20 15.01 67.70
C VAL A 471 17.18 15.16 69.22
N GLN A 472 16.31 14.38 69.86
CA GLN A 472 16.23 14.28 71.32
C GLN A 472 16.60 12.87 71.75
N THR A 473 16.67 12.63 73.05
CA THR A 473 16.86 11.29 73.58
C THR A 473 15.72 10.41 73.08
N GLY A 474 16.05 9.23 72.58
CA GLY A 474 15.05 8.28 72.09
C GLY A 474 14.75 8.36 70.60
N ASP A 475 15.28 9.38 69.91
CA ASP A 475 15.12 9.48 68.47
C ASP A 475 16.08 8.55 67.73
N TYR A 476 15.80 8.30 66.46
CA TYR A 476 16.73 7.57 65.60
C TYR A 476 17.61 8.51 64.79
N CYS A 477 18.84 8.08 64.56
CA CYS A 477 19.79 8.85 63.78
C CYS A 477 20.56 7.89 62.88
N VAL A 478 20.51 8.13 61.57
CA VAL A 478 21.16 7.27 60.60
C VAL A 478 22.62 7.70 60.43
N VAL A 479 23.53 6.78 60.68
CA VAL A 479 24.96 7.08 60.66
C VAL A 479 25.67 6.35 59.52
N ILE A 480 26.41 7.12 58.72
CA ILE A 480 27.18 6.59 57.60
C ILE A 480 28.67 6.78 57.80
N HIS A 481 29.42 5.68 57.69
CA HIS A 481 30.88 5.68 57.61
C HIS A 481 31.38 4.27 57.28
N ALA A 482 32.70 4.08 57.30
CA ALA A 482 33.25 2.76 57.01
C ALA A 482 33.27 1.89 58.26
N ASP A 483 33.43 0.58 58.04
CA ASP A 483 33.68 -0.35 59.14
C ASP A 483 35.17 -0.26 59.50
N HIS A 484 35.58 -1.16 60.39
N HIS A 484 35.62 -1.14 60.38
CA HIS A 484 36.94 -1.24 60.93
CA HIS A 484 36.99 -1.05 60.89
C HIS A 484 38.04 -1.41 59.87
C HIS A 484 38.07 -1.60 59.93
N LYS A 485 37.66 -1.96 58.71
CA LYS A 485 38.64 -2.39 57.70
C LYS A 485 38.77 -1.45 56.50
N VAL A 486 37.64 -1.10 55.89
CA VAL A 486 37.60 -0.38 54.62
C VAL A 486 38.20 1.03 54.69
N LYS A 487 38.94 1.40 53.65
CA LYS A 487 39.52 2.75 53.54
C LYS A 487 39.17 3.38 52.19
N GLY A 488 38.94 4.69 52.19
CA GLY A 488 38.66 5.43 50.95
C GLY A 488 37.22 5.84 50.75
N TYR A 489 36.29 5.09 51.35
CA TYR A 489 34.86 5.33 51.19
C TYR A 489 34.07 4.77 52.38
N ALA A 490 32.77 5.06 52.43
CA ALA A 490 31.91 4.53 53.48
C ALA A 490 31.19 3.26 53.00
N ASN A 491 31.49 2.14 53.65
CA ASN A 491 30.90 0.86 53.29
C ASN A 491 29.76 0.40 54.21
N GLN A 492 29.47 1.20 55.24
CA GLN A 492 28.59 0.78 56.32
C GLN A 492 27.54 1.82 56.68
N THR A 493 26.35 1.34 57.07
CA THR A 493 25.28 2.18 57.60
C THR A 493 24.79 1.56 58.92
N ARG A 494 24.49 2.42 59.90
CA ARG A 494 23.84 1.97 61.13
C ARG A 494 22.79 2.94 61.62
N ILE A 495 21.69 2.39 62.10
CA ILE A 495 20.62 3.16 62.72
C ILE A 495 20.80 3.06 64.22
N LEU A 496 21.12 4.18 64.86
CA LEU A 496 21.32 4.16 66.31
C LEU A 496 20.34 5.03 67.09
N LEU A 497 19.98 4.55 68.27
CA LEU A 497 19.07 5.22 69.18
C LEU A 497 19.83 6.29 69.94
N VAL A 498 19.43 7.53 69.79
CA VAL A 498 20.19 8.63 70.38
C VAL A 498 19.90 8.84 71.86
N GLU A 499 20.96 9.12 72.60
CA GLU A 499 20.86 9.30 74.04
C GLU A 499 20.95 10.78 74.39
N SER B 2 4.17 -4.24 34.81
CA SER B 2 3.01 -5.08 35.22
C SER B 2 3.34 -6.56 35.07
N GLN B 3 2.50 -7.41 35.63
CA GLN B 3 2.64 -8.86 35.50
C GLN B 3 2.60 -9.29 34.03
N LEU B 4 1.70 -8.68 33.26
CA LEU B 4 1.52 -9.00 31.84
C LEU B 4 2.78 -8.66 31.04
N ALA B 5 3.31 -7.46 31.25
CA ALA B 5 4.55 -7.02 30.59
C ALA B 5 5.73 -7.92 30.97
N HIS B 6 5.76 -8.35 32.23
CA HIS B 6 6.79 -9.26 32.74
C HIS B 6 6.74 -10.62 32.05
N ASN B 7 5.53 -11.14 31.84
CA ASN B 7 5.34 -12.41 31.14
C ASN B 7 5.94 -12.44 29.74
N LEU B 8 5.91 -11.30 29.07
CA LEU B 8 6.45 -11.16 27.71
C LEU B 8 7.98 -11.19 27.69
N THR B 9 8.61 -11.12 28.86
CA THR B 9 10.07 -11.18 28.96
C THR B 9 10.59 -12.60 29.19
N LEU B 10 9.74 -13.48 29.71
CA LEU B 10 10.13 -14.85 30.07
C LEU B 10 10.47 -15.75 28.89
N SER B 11 11.42 -16.65 29.10
CA SER B 11 11.74 -17.70 28.11
C SER B 11 11.74 -19.07 28.77
N ILE B 12 11.32 -20.10 28.04
CA ILE B 12 11.33 -21.45 28.58
C ILE B 12 12.73 -22.06 28.60
N PHE B 13 13.68 -21.43 27.91
CA PHE B 13 15.06 -21.90 27.90
C PHE B 13 15.97 -21.09 28.83
N ASP B 14 15.39 -20.09 29.50
CA ASP B 14 16.11 -19.30 30.49
C ASP B 14 16.56 -20.21 31.63
N PRO B 15 17.90 -20.41 31.76
CA PRO B 15 18.42 -21.32 32.77
C PRO B 15 17.91 -20.94 34.15
N VAL B 16 17.72 -21.96 35.00
CA VAL B 16 17.22 -21.73 36.35
C VAL B 16 18.33 -21.17 37.25
N ALA B 17 17.94 -20.74 38.46
CA ALA B 17 18.89 -20.16 39.42
C ALA B 17 19.80 -21.22 40.01
N ASN B 18 20.94 -20.77 40.54
CA ASN B 18 21.88 -21.65 41.24
C ASN B 18 21.47 -21.99 42.67
N TYR B 19 20.23 -21.64 43.03
CA TYR B 19 19.64 -21.95 44.33
C TYR B 19 18.12 -22.03 44.26
N ARG B 20 17.55 -22.91 45.08
CA ARG B 20 16.09 -23.04 45.23
C ARG B 20 15.63 -22.37 46.51
N ALA B 21 14.73 -21.39 46.39
CA ALA B 21 14.30 -20.62 47.55
C ALA B 21 13.21 -21.35 48.33
N ALA B 22 12.17 -21.80 47.63
CA ALA B 22 11.08 -22.51 48.28
C ALA B 22 11.55 -23.78 49.02
N ARG B 23 10.78 -24.19 50.04
CA ARG B 23 11.14 -25.30 50.93
C ARG B 23 10.10 -26.43 50.90
N ILE B 24 10.56 -27.68 50.99
CA ILE B 24 9.69 -28.84 50.84
C ILE B 24 9.50 -29.59 52.16
N ILE B 25 8.24 -29.83 52.50
CA ILE B 25 7.89 -30.61 53.68
C ILE B 25 7.36 -31.98 53.20
N CYS B 26 7.84 -33.06 53.84
CA CYS B 26 7.37 -34.41 53.54
C CYS B 26 6.80 -35.06 54.79
N THR B 27 5.60 -35.63 54.68
CA THR B 27 5.08 -36.35 55.85
C THR B 27 5.56 -37.78 55.79
N ILE B 28 6.01 -38.28 56.95
CA ILE B 28 6.72 -39.54 57.04
C ILE B 28 5.79 -40.65 57.49
N GLY B 29 5.72 -41.69 56.68
CA GLY B 29 4.91 -42.86 57.01
C GLY B 29 5.57 -44.13 56.49
N PRO B 30 4.77 -45.22 56.38
CA PRO B 30 5.25 -46.56 56.03
C PRO B 30 6.21 -46.62 54.85
N SER B 31 6.05 -45.72 53.88
CA SER B 31 6.89 -45.70 52.69
C SER B 31 8.22 -45.00 52.91
N THR B 32 8.33 -44.21 53.98
CA THR B 32 9.47 -43.30 54.14
C THR B 32 10.16 -43.31 55.51
N GLN B 33 9.70 -44.17 56.42
CA GLN B 33 10.20 -44.16 57.78
C GLN B 33 11.63 -44.68 57.98
N SER B 34 12.05 -45.66 57.19
CA SER B 34 13.41 -46.20 57.32
C SER B 34 14.44 -45.09 57.13
N VAL B 35 15.61 -45.24 57.73
CA VAL B 35 16.66 -44.23 57.59
C VAL B 35 17.23 -44.18 56.17
N GLU B 36 17.12 -45.28 55.44
CA GLU B 36 17.51 -45.30 54.04
C GLU B 36 16.54 -44.49 53.19
N ALA B 37 15.24 -44.62 53.48
CA ALA B 37 14.21 -43.88 52.78
C ALA B 37 14.36 -42.38 53.02
N LEU B 38 14.66 -42.02 54.27
CA LEU B 38 14.80 -40.61 54.66
C LEU B 38 15.99 -39.94 54.03
N LYS B 39 17.11 -40.67 53.95
CA LYS B 39 18.29 -40.17 53.28
C LYS B 39 17.98 -39.83 51.82
N GLY B 40 17.23 -40.73 51.16
CA GLY B 40 16.76 -40.50 49.80
C GLY B 40 15.92 -39.24 49.67
N LEU B 41 14.99 -39.05 50.60
CA LEU B 41 14.15 -37.86 50.70
C LEU B 41 14.97 -36.58 50.89
N ILE B 42 15.99 -36.65 51.74
CA ILE B 42 16.87 -35.50 51.99
C ILE B 42 17.66 -35.14 50.73
N GLN B 43 18.19 -36.17 50.07
CA GLN B 43 18.92 -35.98 48.84
C GLN B 43 18.00 -35.48 47.73
N SER B 44 16.73 -35.86 47.80
CA SER B 44 15.72 -35.44 46.82
C SER B 44 15.29 -33.99 47.03
N GLY B 45 15.47 -33.46 48.25
CA GLY B 45 15.15 -32.05 48.54
C GLY B 45 14.30 -31.71 49.75
N MET B 46 13.99 -32.71 50.57
CA MET B 46 13.24 -32.47 51.83
C MET B 46 14.02 -31.65 52.85
N SER B 47 13.36 -30.62 53.40
CA SER B 47 13.90 -29.77 54.46
C SER B 47 13.22 -30.03 55.81
N VAL B 48 11.97 -30.49 55.76
CA VAL B 48 11.17 -30.72 56.96
C VAL B 48 10.49 -32.09 56.91
N ALA B 49 10.53 -32.79 58.04
CA ALA B 49 9.84 -34.06 58.22
C ALA B 49 8.60 -33.82 59.07
N ARG B 50 7.44 -34.16 58.53
CA ARG B 50 6.19 -33.97 59.24
C ARG B 50 5.69 -35.29 59.81
N MET B 51 5.35 -35.29 61.09
CA MET B 51 4.76 -36.44 61.74
C MET B 51 3.30 -36.15 62.02
N ASN B 52 2.43 -36.92 61.38
CA ASN B 52 1.00 -36.76 61.57
C ASN B 52 0.50 -37.62 62.74
N PHE B 53 0.19 -36.97 63.85
CA PHE B 53 -0.19 -37.69 65.06
C PHE B 53 -1.65 -38.15 65.06
N SER B 54 -2.33 -37.97 63.93
CA SER B 54 -3.61 -38.61 63.73
C SER B 54 -3.43 -40.08 63.39
N HIS B 55 -2.25 -40.43 62.88
CA HIS B 55 -1.93 -41.81 62.52
C HIS B 55 -0.73 -42.31 63.32
N GLY B 56 -0.72 -43.60 63.62
CA GLY B 56 0.40 -44.19 64.34
C GLY B 56 0.23 -44.19 65.85
N SER B 57 1.31 -43.84 66.55
CA SER B 57 1.40 -43.89 68.01
C SER B 57 2.68 -43.18 68.40
N HIS B 58 2.82 -42.86 69.68
CA HIS B 58 4.04 -42.24 70.17
C HIS B 58 5.24 -43.10 69.81
N GLU B 59 5.11 -44.42 70.03
CA GLU B 59 6.13 -45.39 69.68
C GLU B 59 6.51 -45.31 68.20
N TYR B 60 5.50 -45.31 67.32
CA TYR B 60 5.74 -45.16 65.89
C TYR B 60 6.53 -43.90 65.54
N HIS B 61 6.04 -42.73 65.98
CA HIS B 61 6.69 -41.46 65.67
C HIS B 61 8.06 -41.26 66.33
N GLN B 62 8.34 -42.04 67.37
CA GLN B 62 9.65 -42.04 67.99
C GLN B 62 10.70 -42.61 67.04
N THR B 63 10.34 -43.69 66.34
CA THR B 63 11.19 -44.26 65.30
C THR B 63 11.46 -43.22 64.23
N THR B 64 10.43 -42.47 63.84
CA THR B 64 10.57 -41.38 62.89
C THR B 64 11.60 -40.36 63.40
N ILE B 65 11.41 -39.88 64.63
CA ILE B 65 12.32 -38.92 65.26
C ILE B 65 13.78 -39.42 65.23
N ASN B 66 13.97 -40.66 65.67
CA ASN B 66 15.30 -41.26 65.69
C ASN B 66 15.88 -41.46 64.29
N ASN B 67 15.07 -41.97 63.37
CA ASN B 67 15.51 -42.22 62.00
C ASN B 67 15.83 -40.96 61.23
N VAL B 68 15.03 -39.91 61.42
CA VAL B 68 15.30 -38.59 60.83
C VAL B 68 16.65 -38.03 61.32
N ARG B 69 16.87 -38.08 62.63
CA ARG B 69 18.09 -37.54 63.23
C ARG B 69 19.35 -38.29 62.77
N GLN B 70 19.25 -39.62 62.64
CA GLN B 70 20.34 -40.43 62.12
C GLN B 70 20.63 -40.13 60.65
N ALA B 71 19.56 -40.12 59.84
CA ALA B 71 19.65 -39.78 58.41
C ALA B 71 20.30 -38.42 58.16
N ALA B 72 19.78 -37.39 58.84
CA ALA B 72 20.35 -36.04 58.74
C ALA B 72 21.80 -35.98 59.24
N ALA B 73 22.08 -36.66 60.35
CA ALA B 73 23.44 -36.72 60.91
C ALA B 73 24.44 -37.39 59.97
N GLU B 74 24.07 -38.54 59.41
CA GLU B 74 24.91 -39.23 58.42
C GLU B 74 25.18 -38.38 57.17
N LEU B 75 24.19 -37.63 56.73
CA LEU B 75 24.36 -36.77 55.56
C LEU B 75 24.90 -35.39 55.91
N GLY B 76 25.04 -35.12 57.21
CA GLY B 76 25.61 -33.86 57.69
C GLY B 76 24.79 -32.62 57.37
N VAL B 77 23.47 -32.74 57.56
CA VAL B 77 22.56 -31.60 57.35
C VAL B 77 21.57 -31.45 58.52
N ASN B 78 20.83 -30.36 58.53
CA ASN B 78 19.84 -30.09 59.56
C ASN B 78 18.43 -30.15 59.01
N ILE B 79 17.64 -31.07 59.54
CA ILE B 79 16.27 -31.31 59.08
C ILE B 79 15.33 -31.05 60.23
N ALA B 80 14.35 -30.18 60.00
CA ALA B 80 13.35 -29.88 61.01
C ALA B 80 12.38 -31.04 61.19
N ILE B 81 11.92 -31.22 62.42
CA ILE B 81 10.89 -32.19 62.74
C ILE B 81 9.61 -31.47 63.18
N ALA B 82 8.51 -31.73 62.47
CA ALA B 82 7.23 -31.13 62.75
C ALA B 82 6.23 -32.13 63.32
N LEU B 83 5.50 -31.70 64.35
CA LEU B 83 4.48 -32.53 64.95
C LEU B 83 3.13 -31.97 64.54
N ASP B 84 2.39 -32.77 63.78
CA ASP B 84 1.07 -32.39 63.31
C ASP B 84 0.06 -33.01 64.27
N THR B 85 -0.67 -32.15 64.98
CA THR B 85 -1.60 -32.61 66.04
C THR B 85 -2.90 -33.13 65.46
N LYS B 86 -3.66 -33.85 66.27
CA LYS B 86 -5.02 -34.28 65.93
C LYS B 86 -5.94 -33.05 65.83
N GLY B 87 -6.00 -32.26 66.91
CA GLY B 87 -6.90 -31.10 66.97
C GLY B 87 -8.35 -31.50 67.16
N PRO B 88 -9.27 -30.53 67.06
CA PRO B 88 -10.71 -30.83 67.15
C PRO B 88 -11.24 -31.57 65.93
N GLU B 89 -10.94 -32.87 65.83
CA GLU B 89 -11.20 -33.62 64.61
C GLU B 89 -12.03 -34.90 64.81
N ILE B 90 -12.63 -35.38 63.73
CA ILE B 90 -13.36 -36.63 63.72
C ILE B 90 -12.70 -37.63 62.78
N ARG B 91 -12.52 -38.86 63.26
CA ARG B 91 -11.86 -39.92 62.50
C ARG B 91 -12.72 -41.15 62.46
N THR B 92 -12.56 -41.97 61.43
CA THR B 92 -13.15 -43.30 61.39
C THR B 92 -12.26 -44.25 62.18
N GLY B 93 -12.76 -45.46 62.43
CA GLY B 93 -11.94 -46.52 63.00
C GLY B 93 -11.08 -47.17 61.93
N GLN B 94 -10.53 -48.32 62.25
CA GLN B 94 -9.73 -49.09 61.32
C GLN B 94 -10.62 -50.06 60.58
N PHE B 95 -10.09 -50.63 59.50
CA PHE B 95 -10.82 -51.59 58.68
C PHE B 95 -10.06 -52.91 58.59
N VAL B 96 -10.81 -54.00 58.62
CA VAL B 96 -10.30 -55.33 58.35
C VAL B 96 -9.53 -55.32 57.02
N GLY B 97 -8.26 -55.75 57.06
CA GLY B 97 -7.41 -55.75 55.87
C GLY B 97 -6.72 -54.42 55.54
N GLY B 98 -7.08 -53.36 56.28
CA GLY B 98 -6.41 -52.07 56.14
C GLY B 98 -7.19 -51.03 55.35
N ASP B 99 -8.16 -51.47 54.57
CA ASP B 99 -9.01 -50.58 53.80
C ASP B 99 -10.40 -51.19 53.57
N ALA B 100 -11.34 -50.36 53.10
CA ALA B 100 -12.67 -50.82 52.70
C ALA B 100 -13.05 -50.25 51.35
N VAL B 101 -13.56 -51.10 50.47
CA VAL B 101 -13.95 -50.70 49.11
C VAL B 101 -15.43 -50.30 49.10
N MET B 102 -15.68 -49.00 49.13
CA MET B 102 -17.04 -48.46 49.15
C MET B 102 -17.54 -48.28 47.73
N GLU B 103 -18.72 -48.82 47.46
CA GLU B 103 -19.23 -48.90 46.10
C GLU B 103 -20.50 -48.07 45.99
N ARG B 104 -20.54 -47.24 44.95
CA ARG B 104 -21.68 -46.35 44.69
C ARG B 104 -23.01 -47.10 44.73
N GLY B 105 -23.94 -46.59 45.53
CA GLY B 105 -25.29 -47.16 45.62
C GLY B 105 -25.49 -48.18 46.73
N ALA B 106 -24.39 -48.68 47.30
CA ALA B 106 -24.45 -49.66 48.38
C ALA B 106 -24.92 -49.04 49.68
N THR B 107 -25.49 -49.86 50.55
CA THR B 107 -25.90 -49.40 51.89
C THR B 107 -24.93 -49.89 52.96
N CYS B 108 -24.39 -48.95 53.73
CA CYS B 108 -23.47 -49.28 54.83
C CYS B 108 -23.95 -48.68 56.15
N TYR B 109 -23.37 -49.17 57.25
CA TYR B 109 -23.75 -48.72 58.57
C TYR B 109 -22.58 -48.05 59.30
N VAL B 110 -22.81 -46.82 59.75
CA VAL B 110 -21.79 -46.12 60.56
C VAL B 110 -22.22 -46.09 62.02
N THR B 111 -21.28 -46.41 62.91
CA THR B 111 -21.58 -46.53 64.33
C THR B 111 -20.56 -45.84 65.22
N THR B 112 -21.06 -45.33 66.34
CA THR B 112 -20.26 -44.71 67.40
C THR B 112 -19.90 -45.72 68.49
N ASP B 113 -20.30 -46.98 68.29
CA ASP B 113 -19.96 -48.08 69.19
C ASP B 113 -18.47 -48.41 69.01
N PRO B 114 -17.67 -48.25 70.10
CA PRO B 114 -16.21 -48.43 70.03
C PRO B 114 -15.77 -49.89 69.85
N ALA B 115 -16.72 -50.82 69.94
CA ALA B 115 -16.42 -52.23 69.71
C ALA B 115 -16.02 -52.46 68.25
N PHE B 116 -16.47 -51.57 67.38
CA PHE B 116 -16.25 -51.67 65.93
C PHE B 116 -15.03 -50.88 65.46
N ALA B 117 -14.28 -50.30 66.41
CA ALA B 117 -13.14 -49.43 66.09
C ALA B 117 -12.02 -50.14 65.32
N ASP B 118 -11.78 -51.41 65.61
CA ASP B 118 -10.67 -52.13 65.00
C ASP B 118 -11.16 -53.24 64.06
N LYS B 119 -12.47 -53.25 63.79
CA LYS B 119 -13.08 -54.34 63.03
C LYS B 119 -14.07 -53.83 61.98
N GLY B 120 -13.87 -52.59 61.54
CA GLY B 120 -14.71 -51.98 60.51
C GLY B 120 -14.56 -52.67 59.15
N THR B 121 -15.67 -52.72 58.42
CA THR B 121 -15.68 -53.27 57.07
C THR B 121 -16.41 -52.29 56.15
N LYS B 122 -16.60 -52.67 54.89
CA LYS B 122 -17.39 -51.89 53.96
C LYS B 122 -18.86 -51.86 54.37
N ASP B 123 -19.31 -52.86 55.12
CA ASP B 123 -20.69 -52.96 55.56
C ASP B 123 -21.00 -52.13 56.80
N LYS B 124 -20.06 -52.07 57.74
CA LYS B 124 -20.27 -51.43 59.03
C LYS B 124 -18.93 -50.99 59.62
N PHE B 125 -18.80 -49.70 59.93
CA PHE B 125 -17.56 -49.17 60.51
C PHE B 125 -17.75 -48.03 61.52
N TYR B 126 -16.70 -47.77 62.29
CA TYR B 126 -16.73 -46.85 63.42
C TYR B 126 -16.37 -45.41 63.04
N ILE B 127 -17.09 -44.46 63.62
CA ILE B 127 -16.72 -43.04 63.57
C ILE B 127 -16.64 -42.52 65.01
N ASP B 128 -15.49 -41.94 65.36
CA ASP B 128 -15.13 -41.67 66.76
C ASP B 128 -15.80 -40.45 67.43
N TYR B 129 -16.79 -39.84 66.78
CA TYR B 129 -17.53 -38.74 67.38
C TYR B 129 -18.83 -39.25 68.00
N GLN B 130 -18.82 -39.40 69.31
CA GLN B 130 -19.91 -40.04 70.06
C GLN B 130 -21.29 -39.40 69.91
N ASN B 131 -21.31 -38.11 69.58
CA ASN B 131 -22.57 -37.40 69.43
C ASN B 131 -23.13 -37.36 68.00
N LEU B 132 -22.55 -38.18 67.13
CA LEU B 132 -22.90 -38.21 65.70
C LEU B 132 -24.39 -38.39 65.40
N SER B 133 -25.06 -39.24 66.16
CA SER B 133 -26.46 -39.54 65.92
C SER B 133 -27.39 -38.36 66.23
N LYS B 134 -26.89 -37.39 66.99
CA LYS B 134 -27.68 -36.21 67.36
C LYS B 134 -27.43 -35.05 66.40
N VAL B 135 -26.27 -35.07 65.75
CA VAL B 135 -25.86 -34.00 64.86
C VAL B 135 -26.44 -34.14 63.44
N VAL B 136 -26.52 -35.36 62.93
CA VAL B 136 -27.02 -35.60 61.57
C VAL B 136 -28.44 -36.20 61.55
N ARG B 137 -29.23 -35.79 60.56
CA ARG B 137 -30.60 -36.27 60.35
C ARG B 137 -30.66 -37.09 59.05
N PRO B 138 -31.71 -37.93 58.89
CA PRO B 138 -31.93 -38.56 57.59
C PRO B 138 -31.97 -37.52 56.46
N GLY B 139 -31.15 -37.73 55.44
CA GLY B 139 -31.01 -36.77 54.34
C GLY B 139 -29.65 -36.10 54.33
N ASN B 140 -29.07 -35.92 55.51
CA ASN B 140 -27.75 -35.32 55.68
C ASN B 140 -26.63 -36.12 55.06
N TYR B 141 -25.54 -35.42 54.71
CA TYR B 141 -24.34 -36.05 54.20
C TYR B 141 -23.25 -36.16 55.27
N ILE B 142 -22.50 -37.25 55.22
CA ILE B 142 -21.27 -37.40 56.00
C ILE B 142 -20.09 -37.44 55.00
N TYR B 143 -19.14 -36.53 55.19
CA TYR B 143 -18.02 -36.41 54.26
C TYR B 143 -16.81 -37.18 54.77
N ILE B 144 -16.27 -38.05 53.93
CA ILE B 144 -15.19 -38.94 54.34
C ILE B 144 -13.98 -38.75 53.42
N ASP B 145 -12.80 -38.70 54.05
CA ASP B 145 -11.51 -38.65 53.35
C ASP B 145 -11.31 -37.35 52.58
N ASP B 146 -11.31 -36.23 53.30
CA ASP B 146 -11.22 -34.89 52.71
C ASP B 146 -12.33 -34.64 51.68
N GLY B 147 -13.54 -35.09 52.03
CA GLY B 147 -14.71 -34.88 51.18
C GLY B 147 -14.78 -35.73 49.92
N ILE B 148 -13.78 -36.57 49.68
CA ILE B 148 -13.76 -37.44 48.50
C ILE B 148 -14.99 -38.37 48.42
N LEU B 149 -15.31 -39.00 49.55
CA LEU B 149 -16.45 -39.89 49.66
C LEU B 149 -17.57 -39.24 50.47
N ILE B 150 -18.79 -39.28 49.92
CA ILE B 150 -19.96 -38.78 50.64
C ILE B 150 -20.94 -39.91 50.92
N LEU B 151 -21.34 -40.03 52.18
CA LEU B 151 -22.42 -40.91 52.57
C LEU B 151 -23.66 -40.07 52.85
N GLN B 152 -24.81 -40.54 52.38
CA GLN B 152 -26.08 -39.88 52.68
C GLN B 152 -26.82 -40.68 53.74
N VAL B 153 -27.18 -40.03 54.85
CA VAL B 153 -27.88 -40.68 55.95
C VAL B 153 -29.30 -41.07 55.53
N GLN B 154 -29.62 -42.35 55.71
CA GLN B 154 -30.92 -42.87 55.32
C GLN B 154 -31.89 -43.00 56.50
N SER B 155 -31.40 -43.54 57.62
CA SER B 155 -32.19 -43.70 58.84
C SER B 155 -31.32 -43.94 60.08
N HIS B 156 -31.97 -44.00 61.23
CA HIS B 156 -31.34 -44.43 62.48
C HIS B 156 -31.67 -45.90 62.69
N GLU B 157 -30.64 -46.72 62.85
CA GLU B 157 -30.83 -48.14 63.16
C GLU B 157 -31.10 -48.32 64.64
N ASP B 158 -30.21 -47.76 65.46
CA ASP B 158 -30.42 -47.66 66.90
C ASP B 158 -29.82 -46.35 67.44
N GLU B 159 -29.74 -46.24 68.76
CA GLU B 159 -29.20 -45.05 69.42
C GLU B 159 -27.74 -44.76 69.05
N GLN B 160 -27.11 -45.70 68.32
CA GLN B 160 -25.68 -45.63 68.02
C GLN B 160 -25.34 -45.80 66.55
N THR B 161 -26.31 -46.22 65.74
CA THR B 161 -26.03 -46.67 64.38
C THR B 161 -26.89 -45.97 63.33
N LEU B 162 -26.23 -45.53 62.26
CA LEU B 162 -26.90 -44.89 61.14
C LEU B 162 -26.83 -45.76 59.89
N GLU B 163 -27.98 -45.99 59.26
CA GLU B 163 -28.05 -46.60 57.93
C GLU B 163 -27.73 -45.52 56.90
N CYS B 164 -26.83 -45.84 55.97
CA CYS B 164 -26.39 -44.85 54.98
C CYS B 164 -26.33 -45.42 53.57
N THR B 165 -26.34 -44.51 52.59
CA THR B 165 -26.10 -44.81 51.18
C THR B 165 -24.71 -44.31 50.80
N VAL B 166 -23.98 -45.13 50.06
CA VAL B 166 -22.71 -44.73 49.45
C VAL B 166 -23.05 -44.00 48.14
N THR B 167 -22.80 -42.69 48.11
CA THR B 167 -23.20 -41.87 46.97
C THR B 167 -22.22 -41.96 45.79
N ASN B 168 -20.99 -42.38 46.08
CA ASN B 168 -19.93 -42.51 45.07
C ASN B 168 -18.90 -43.56 45.49
N SER B 169 -18.24 -44.17 44.50
CA SER B 169 -17.27 -45.24 44.76
C SER B 169 -15.89 -44.73 45.16
N HIS B 170 -15.39 -45.22 46.28
CA HIS B 170 -14.07 -44.85 46.80
C HIS B 170 -13.54 -45.88 47.77
N THR B 171 -12.23 -46.10 47.74
CA THR B 171 -11.56 -46.97 48.69
C THR B 171 -10.91 -46.16 49.82
N ILE B 172 -11.25 -46.51 51.05
CA ILE B 172 -10.82 -45.76 52.23
C ILE B 172 -9.93 -46.60 53.15
N SER B 173 -8.84 -46.00 53.61
CA SER B 173 -7.89 -46.64 54.52
C SER B 173 -8.28 -46.35 55.97
N ASP B 174 -7.56 -46.97 56.90
CA ASP B 174 -7.75 -46.77 58.34
C ASP B 174 -7.80 -45.31 58.73
N ARG B 175 -8.75 -44.98 59.60
CA ARG B 175 -8.90 -43.66 60.22
C ARG B 175 -8.88 -42.48 59.25
N ARG B 176 -9.97 -42.40 58.49
CA ARG B 176 -10.24 -41.32 57.55
C ARG B 176 -10.71 -40.10 58.32
N GLY B 177 -10.34 -38.92 57.82
CA GLY B 177 -10.94 -37.68 58.30
C GLY B 177 -12.42 -37.67 57.97
N VAL B 178 -13.25 -37.29 58.92
CA VAL B 178 -14.65 -37.03 58.63
C VAL B 178 -15.02 -35.60 58.95
N ASN B 179 -15.79 -34.98 58.05
CA ASN B 179 -16.20 -33.60 58.20
C ASN B 179 -17.72 -33.52 58.14
N LEU B 180 -18.29 -32.69 59.02
CA LEU B 180 -19.70 -32.31 58.93
C LEU B 180 -19.80 -30.79 58.78
N PRO B 181 -19.63 -30.28 57.54
CA PRO B 181 -19.65 -28.86 57.23
C PRO B 181 -20.90 -28.15 57.75
N GLY B 182 -20.69 -27.10 58.54
CA GLY B 182 -21.76 -26.22 58.99
C GLY B 182 -22.62 -26.75 60.11
N CYS B 183 -22.26 -27.92 60.64
CA CYS B 183 -23.01 -28.55 61.73
C CYS B 183 -22.69 -27.95 63.08
N ASP B 184 -21.43 -27.56 63.26
CA ASP B 184 -20.91 -27.18 64.56
C ASP B 184 -20.90 -28.38 65.51
N VAL B 185 -19.74 -29.01 65.59
CA VAL B 185 -19.52 -30.11 66.49
C VAL B 185 -18.86 -29.54 67.72
N ASP B 186 -19.32 -29.97 68.89
CA ASP B 186 -18.72 -29.50 70.12
C ASP B 186 -17.46 -30.30 70.39
N LEU B 187 -16.32 -29.75 69.97
CA LEU B 187 -15.04 -30.40 70.24
C LEU B 187 -14.04 -29.42 70.83
N PRO B 188 -13.31 -29.84 71.89
CA PRO B 188 -12.43 -28.92 72.63
C PRO B 188 -11.31 -28.38 71.75
N ALA B 189 -11.03 -27.08 71.91
CA ALA B 189 -9.99 -26.40 71.15
C ALA B 189 -8.65 -27.11 71.28
N VAL B 190 -8.32 -27.52 72.51
CA VAL B 190 -7.18 -28.37 72.75
C VAL B 190 -7.62 -29.49 73.69
N SER B 191 -7.54 -30.73 73.22
CA SER B 191 -8.04 -31.87 73.98
C SER B 191 -6.98 -32.49 74.88
N ALA B 192 -7.39 -33.44 75.71
CA ALA B 192 -6.48 -34.20 76.56
C ALA B 192 -5.43 -34.94 75.75
N LYS B 193 -5.86 -35.54 74.62
CA LYS B 193 -4.95 -36.15 73.65
C LYS B 193 -3.94 -35.16 73.09
N ASP B 194 -4.35 -33.91 72.88
CA ASP B 194 -3.45 -32.89 72.34
C ASP B 194 -2.38 -32.55 73.37
N ARG B 195 -2.81 -32.31 74.60
CA ARG B 195 -1.89 -32.06 75.73
C ARG B 195 -0.84 -33.16 75.88
N VAL B 196 -1.29 -34.42 75.80
CA VAL B 196 -0.39 -35.58 75.75
C VAL B 196 0.61 -35.53 74.57
N ASP B 197 0.10 -35.30 73.36
CA ASP B 197 0.95 -35.26 72.16
C ASP B 197 1.92 -34.06 72.18
N LEU B 198 1.42 -32.89 72.56
CA LEU B 198 2.27 -31.70 72.74
C LEU B 198 3.36 -31.92 73.80
N GLN B 199 3.02 -32.59 74.89
CA GLN B 199 4.02 -32.92 75.91
C GLN B 199 5.10 -33.85 75.33
N PHE B 200 4.68 -34.85 74.54
CA PHE B 200 5.61 -35.76 73.84
C PHE B 200 6.61 -34.99 72.99
N GLY B 201 6.11 -34.05 72.19
CA GLY B 201 6.95 -33.18 71.35
C GLY B 201 7.94 -32.33 72.11
N VAL B 202 7.53 -31.83 73.27
CA VAL B 202 8.42 -31.09 74.17
C VAL B 202 9.55 -32.00 74.68
N GLU B 203 9.16 -33.17 75.20
CA GLU B 203 10.12 -34.16 75.71
C GLU B 203 11.11 -34.60 74.65
N GLN B 204 10.63 -34.70 73.40
CA GLN B 204 11.46 -35.19 72.29
C GLN B 204 12.20 -34.09 71.54
N GLY B 205 11.89 -32.84 71.84
CA GLY B 205 12.61 -31.71 71.25
C GLY B 205 12.27 -31.40 69.80
N VAL B 206 11.01 -31.56 69.43
CA VAL B 206 10.59 -31.23 68.07
C VAL B 206 10.72 -29.73 67.84
N ASP B 207 10.85 -29.34 66.57
CA ASP B 207 11.17 -27.96 66.19
C ASP B 207 9.94 -27.08 66.05
N MET B 208 8.83 -27.67 65.63
CA MET B 208 7.61 -26.92 65.38
C MET B 208 6.37 -27.79 65.55
N ILE B 209 5.24 -27.15 65.78
CA ILE B 209 3.97 -27.83 65.83
C ILE B 209 3.16 -27.36 64.64
N PHE B 210 2.67 -28.30 63.84
CA PHE B 210 1.62 -27.99 62.88
C PHE B 210 0.31 -28.25 63.62
N ALA B 211 -0.32 -27.17 64.09
CA ALA B 211 -1.50 -27.27 64.96
C ALA B 211 -2.78 -27.35 64.13
N SER B 212 -3.44 -28.50 64.17
CA SER B 212 -4.61 -28.76 63.33
C SER B 212 -5.88 -28.04 63.77
N PHE B 213 -6.71 -27.67 62.80
CA PHE B 213 -8.00 -27.00 63.01
C PHE B 213 -7.96 -25.81 63.97
N ILE B 214 -7.05 -24.87 63.71
CA ILE B 214 -6.99 -23.64 64.50
C ILE B 214 -8.18 -22.75 64.12
N ARG B 215 -8.99 -22.40 65.12
CA ARG B 215 -10.21 -21.63 64.92
C ARG B 215 -10.13 -20.23 65.54
N SER B 216 -9.23 -20.04 66.49
CA SER B 216 -9.12 -18.78 67.23
C SER B 216 -7.72 -18.51 67.79
N ALA B 217 -7.48 -17.24 68.11
CA ALA B 217 -6.23 -16.79 68.73
C ALA B 217 -6.11 -17.32 70.17
N GLU B 218 -7.26 -17.42 70.85
CA GLU B 218 -7.32 -18.02 72.18
C GLU B 218 -6.76 -19.44 72.17
N GLN B 219 -7.16 -20.24 71.19
CA GLN B 219 -6.72 -21.62 71.05
C GLN B 219 -5.21 -21.73 70.80
N VAL B 220 -4.67 -20.84 69.98
CA VAL B 220 -3.22 -20.75 69.77
C VAL B 220 -2.52 -20.53 71.11
N GLY B 221 -3.08 -19.60 71.90
CA GLY B 221 -2.61 -19.29 73.25
C GLY B 221 -2.63 -20.48 74.18
N ASP B 222 -3.70 -21.27 74.10
CA ASP B 222 -3.79 -22.55 74.80
C ASP B 222 -2.68 -23.50 74.40
N VAL B 223 -2.44 -23.64 73.09
CA VAL B 223 -1.36 -24.49 72.60
C VAL B 223 0.00 -24.01 73.16
N ARG B 224 0.20 -22.69 73.18
CA ARG B 224 1.45 -22.14 73.68
C ARG B 224 1.64 -22.40 75.17
N LYS B 225 0.56 -22.28 75.95
CA LYS B 225 0.56 -22.58 77.38
C LYS B 225 0.79 -24.07 77.62
N ALA B 226 0.23 -24.91 76.75
CA ALA B 226 0.41 -26.35 76.86
C ALA B 226 1.86 -26.77 76.58
N LEU B 227 2.55 -26.02 75.72
CA LEU B 227 3.97 -26.25 75.48
C LEU B 227 4.82 -25.74 76.65
N GLY B 228 4.30 -24.71 77.33
CA GLY B 228 4.92 -24.15 78.52
C GLY B 228 6.28 -23.50 78.33
N PRO B 229 6.88 -23.01 79.43
CA PRO B 229 8.23 -22.47 79.50
C PRO B 229 9.27 -23.28 78.71
N LYS B 230 9.17 -24.60 78.76
CA LYS B 230 10.14 -25.47 78.12
C LYS B 230 9.98 -25.47 76.60
N GLY B 231 8.73 -25.48 76.15
CA GLY B 231 8.43 -25.48 74.71
C GLY B 231 8.26 -24.09 74.11
N ARG B 232 8.79 -23.07 74.78
CA ARG B 232 8.58 -21.68 74.34
C ARG B 232 9.24 -21.34 73.01
N ASP B 233 10.27 -22.08 72.62
CA ASP B 233 10.93 -21.83 71.34
C ASP B 233 10.43 -22.74 70.19
N ILE B 234 9.54 -23.67 70.52
CA ILE B 234 8.88 -24.47 69.51
C ILE B 234 7.87 -23.58 68.75
N MET B 235 8.02 -23.52 67.44
CA MET B 235 7.14 -22.68 66.61
C MET B 235 5.77 -23.30 66.47
N ILE B 236 4.74 -22.48 66.63
CA ILE B 236 3.37 -22.91 66.37
C ILE B 236 2.98 -22.45 64.97
N ILE B 237 2.86 -23.41 64.07
CA ILE B 237 2.35 -23.17 62.74
C ILE B 237 0.88 -23.57 62.77
N CYS B 238 0.01 -22.62 62.45
CA CYS B 238 -1.41 -22.80 62.60
C CYS B 238 -2.07 -23.27 61.32
N LYS B 239 -2.71 -24.43 61.37
CA LYS B 239 -3.39 -24.97 60.20
C LYS B 239 -4.79 -24.39 60.06
N ILE B 240 -5.03 -23.72 58.93
CA ILE B 240 -6.34 -23.16 58.65
C ILE B 240 -7.10 -24.14 57.77
N GLU B 241 -8.13 -24.73 58.36
CA GLU B 241 -8.90 -25.79 57.68
C GLU B 241 -10.41 -25.75 57.94
N ASN B 242 -10.89 -24.62 58.45
CA ASN B 242 -12.33 -24.39 58.57
C ASN B 242 -12.75 -22.93 58.38
N HIS B 243 -14.06 -22.74 58.34
CA HIS B 243 -14.69 -21.43 58.19
C HIS B 243 -14.17 -20.37 59.19
N GLN B 244 -14.22 -20.64 60.49
CA GLN B 244 -13.82 -19.61 61.45
C GLN B 244 -12.31 -19.36 61.53
N GLY B 245 -11.51 -20.37 61.21
CA GLY B 245 -10.08 -20.19 60.99
C GLY B 245 -9.78 -19.13 59.93
N VAL B 246 -10.48 -19.23 58.79
CA VAL B 246 -10.37 -18.24 57.70
C VAL B 246 -10.87 -16.86 58.17
N GLN B 247 -11.98 -16.88 58.90
CA GLN B 247 -12.61 -15.66 59.40
C GLN B 247 -11.76 -14.90 60.42
N ASN B 248 -11.08 -15.62 61.31
CA ASN B 248 -10.27 -15.01 62.37
C ASN B 248 -8.78 -14.97 62.04
N ILE B 249 -8.48 -14.96 60.75
CA ILE B 249 -7.10 -15.10 60.26
C ILE B 249 -6.09 -14.05 60.78
N ASP B 250 -6.50 -12.78 60.86
CA ASP B 250 -5.61 -11.72 61.32
C ASP B 250 -5.12 -11.92 62.76
N SER B 251 -6.06 -12.17 63.67
CA SER B 251 -5.74 -12.41 65.07
C SER B 251 -5.02 -13.74 65.26
N ILE B 252 -5.38 -14.75 64.47
CA ILE B 252 -4.66 -16.03 64.45
C ILE B 252 -3.21 -15.85 64.01
N ILE B 253 -3.01 -15.12 62.90
CA ILE B 253 -1.66 -14.82 62.41
C ILE B 253 -0.85 -14.07 63.47
N GLU B 254 -1.50 -13.16 64.18
CA GLU B 254 -0.86 -12.39 65.23
C GLU B 254 -0.25 -13.28 66.31
N GLU B 255 -1.00 -14.29 66.74
CA GLU B 255 -0.57 -15.19 67.81
C GLU B 255 0.40 -16.30 67.38
N SER B 256 0.34 -16.69 66.11
CA SER B 256 1.10 -17.83 65.62
C SER B 256 2.50 -17.46 65.14
N ASP B 257 3.27 -18.48 64.79
CA ASP B 257 4.61 -18.28 64.25
C ASP B 257 4.61 -18.50 62.73
N GLY B 258 3.43 -18.82 62.20
CA GLY B 258 3.27 -19.12 60.79
C GLY B 258 1.92 -19.75 60.52
N ILE B 259 1.64 -20.00 59.25
CA ILE B 259 0.33 -20.52 58.83
C ILE B 259 0.49 -21.68 57.86
N MET B 260 -0.42 -22.65 57.93
CA MET B 260 -0.60 -23.62 56.87
C MET B 260 -1.96 -23.49 56.22
N VAL B 261 -1.94 -23.44 54.90
CA VAL B 261 -3.16 -23.50 54.08
C VAL B 261 -3.48 -24.98 53.96
N ALA B 262 -4.30 -25.47 54.88
CA ALA B 262 -4.57 -26.91 55.01
C ALA B 262 -5.75 -27.30 54.11
N ARG B 263 -5.45 -27.45 52.83
CA ARG B 263 -6.47 -27.48 51.77
C ARG B 263 -7.38 -28.70 51.75
N GLY B 264 -6.91 -29.81 52.31
CA GLY B 264 -7.69 -31.05 52.38
C GLY B 264 -8.97 -30.81 53.17
N ASP B 265 -8.80 -30.48 54.43
CA ASP B 265 -9.93 -30.18 55.29
C ASP B 265 -10.64 -28.86 54.95
N LEU B 266 -9.88 -27.86 54.52
CA LEU B 266 -10.47 -26.58 54.12
C LEU B 266 -11.47 -26.76 52.97
N GLY B 267 -11.11 -27.62 52.02
CA GLY B 267 -11.87 -27.87 50.79
C GLY B 267 -13.17 -28.65 50.94
N VAL B 268 -13.41 -29.18 52.13
CA VAL B 268 -14.69 -29.82 52.46
C VAL B 268 -15.48 -28.87 53.32
N GLU B 269 -14.74 -28.18 54.18
CA GLU B 269 -15.28 -27.31 55.22
C GLU B 269 -15.87 -26.03 54.62
N ILE B 270 -15.23 -25.52 53.56
CA ILE B 270 -15.80 -24.43 52.75
C ILE B 270 -15.98 -24.94 51.32
N PRO B 271 -16.76 -24.21 50.47
CA PRO B 271 -16.88 -24.66 49.08
C PRO B 271 -15.51 -24.73 48.41
N ALA B 272 -15.26 -25.83 47.68
CA ALA B 272 -13.93 -26.15 47.14
C ALA B 272 -13.31 -25.03 46.34
N GLU B 273 -14.15 -24.35 45.55
CA GLU B 273 -13.70 -23.25 44.71
C GLU B 273 -13.26 -22.01 45.51
N LYS B 274 -13.74 -21.87 46.74
CA LYS B 274 -13.31 -20.76 47.60
C LYS B 274 -11.89 -20.96 48.16
N VAL B 275 -11.34 -22.17 48.04
CA VAL B 275 -10.00 -22.45 48.60
C VAL B 275 -8.91 -21.64 47.91
N VAL B 276 -9.12 -21.36 46.61
CA VAL B 276 -8.17 -20.61 45.79
C VAL B 276 -8.01 -19.17 46.29
N VAL B 277 -9.12 -18.52 46.62
CA VAL B 277 -9.10 -17.16 47.15
C VAL B 277 -8.53 -17.13 48.56
N ALA B 278 -8.93 -18.10 49.38
CA ALA B 278 -8.42 -18.22 50.76
C ALA B 278 -6.91 -18.44 50.77
N GLN B 279 -6.42 -19.27 49.85
CA GLN B 279 -4.99 -19.48 49.69
C GLN B 279 -4.29 -18.16 49.36
N LYS B 280 -4.87 -17.35 48.48
CA LYS B 280 -4.27 -16.06 48.11
C LYS B 280 -4.25 -15.10 49.29
N ILE B 281 -5.37 -15.00 49.98
CA ILE B 281 -5.49 -14.17 51.18
C ILE B 281 -4.47 -14.56 52.25
N LEU B 282 -4.43 -15.84 52.61
CA LEU B 282 -3.61 -16.26 53.74
C LEU B 282 -2.13 -16.12 53.45
N ILE B 283 -1.73 -16.47 52.23
CA ILE B 283 -0.33 -16.39 51.83
C ILE B 283 0.18 -14.94 51.82
N SER B 284 -0.62 -14.04 51.27
CA SER B 284 -0.26 -12.63 51.19
C SER B 284 -0.16 -11.98 52.56
N LYS B 285 -1.12 -12.31 53.45
CA LYS B 285 -1.15 -11.76 54.80
C LYS B 285 0.07 -12.17 55.62
N CYS B 286 0.52 -13.41 55.45
CA CYS B 286 1.74 -13.88 56.12
C CYS B 286 2.98 -13.22 55.57
N ASN B 287 3.01 -13.05 54.24
CA ASN B 287 4.09 -12.32 53.58
C ASN B 287 4.26 -10.91 54.16
N VAL B 288 3.12 -10.24 54.39
CA VAL B 288 3.13 -8.87 54.91
C VAL B 288 3.53 -8.85 56.38
N ALA B 289 3.10 -9.87 57.11
CA ALA B 289 3.40 -10.00 58.53
C ALA B 289 4.83 -10.49 58.78
N GLY B 290 5.42 -11.13 57.76
CA GLY B 290 6.77 -11.68 57.87
C GLY B 290 6.83 -13.05 58.52
N LYS B 291 5.74 -13.81 58.39
CA LYS B 291 5.66 -15.14 58.99
C LYS B 291 5.56 -16.21 57.88
N PRO B 292 6.30 -17.32 58.02
CA PRO B 292 6.28 -18.42 57.05
C PRO B 292 4.87 -18.95 56.73
N VAL B 293 4.64 -19.29 55.47
CA VAL B 293 3.34 -19.83 55.05
C VAL B 293 3.55 -21.08 54.18
N ILE B 294 2.67 -22.06 54.36
CA ILE B 294 2.79 -23.36 53.73
C ILE B 294 1.53 -23.66 52.93
N CYS B 295 1.73 -24.09 51.69
CA CYS B 295 0.62 -24.62 50.90
C CYS B 295 0.63 -26.15 51.01
N ALA B 296 -0.51 -26.73 51.37
CA ALA B 296 -0.57 -28.16 51.61
C ALA B 296 -1.70 -28.90 50.90
N THR B 297 -1.45 -30.18 50.63
CA THR B 297 -2.47 -31.18 50.31
C THR B 297 -2.87 -31.28 48.84
N GLN B 298 -2.66 -32.49 48.30
CA GLN B 298 -3.04 -32.89 46.93
C GLN B 298 -2.27 -32.15 45.86
N MET B 299 -1.07 -31.69 46.21
CA MET B 299 -0.26 -30.93 45.28
C MET B 299 0.26 -31.77 44.12
N LEU B 300 0.74 -32.97 44.41
CA LEU B 300 1.20 -33.92 43.38
C LEU B 300 0.58 -35.28 43.61
N GLU B 301 -0.72 -35.26 43.89
CA GLU B 301 -1.48 -36.40 44.39
C GLU B 301 -1.36 -37.69 43.55
N SER B 302 -1.39 -37.55 42.23
CA SER B 302 -1.33 -38.71 41.34
C SER B 302 0.04 -39.43 41.39
N MET B 303 1.06 -38.75 41.92
CA MET B 303 2.40 -39.33 42.04
C MET B 303 2.54 -40.28 43.22
N THR B 304 1.45 -40.47 43.96
CA THR B 304 1.31 -41.56 44.91
C THR B 304 1.29 -42.91 44.17
N TYR B 305 0.90 -42.89 42.89
CA TYR B 305 0.78 -44.12 42.09
C TYR B 305 1.58 -44.06 40.80
N ASN B 306 1.79 -42.85 40.29
CA ASN B 306 2.47 -42.64 39.02
C ASN B 306 3.85 -42.02 39.18
N PRO B 307 4.79 -42.33 38.27
CA PRO B 307 6.13 -41.75 38.33
C PRO B 307 6.21 -40.29 37.87
N ARG B 308 5.15 -39.77 37.27
CA ARG B 308 5.06 -38.35 36.95
C ARG B 308 3.65 -37.80 37.09
N PRO B 309 3.53 -36.47 37.34
CA PRO B 309 2.26 -35.83 37.73
C PRO B 309 1.39 -35.42 36.53
N THR B 310 0.18 -34.96 36.83
CA THR B 310 -0.72 -34.43 35.83
C THR B 310 -0.35 -32.97 35.55
N ARG B 311 -1.04 -32.34 34.60
CA ARG B 311 -0.71 -30.99 34.20
C ARG B 311 -1.20 -29.99 35.23
N ALA B 312 -2.34 -30.31 35.85
CA ALA B 312 -2.92 -29.50 36.93
C ALA B 312 -2.01 -29.46 38.16
N GLU B 313 -1.41 -30.60 38.47
CA GLU B 313 -0.53 -30.73 39.64
C GLU B 313 0.75 -29.91 39.50
N VAL B 314 1.38 -29.96 38.35
CA VAL B 314 2.57 -29.13 38.09
C VAL B 314 2.21 -27.65 38.24
N SER B 315 1.09 -27.26 37.63
CA SER B 315 0.56 -25.91 37.69
C SER B 315 0.32 -25.45 39.13
N ASP B 316 -0.31 -26.31 39.93
CA ASP B 316 -0.59 -26.04 41.35
C ASP B 316 0.68 -25.74 42.16
N VAL B 317 1.73 -26.53 41.96
CA VAL B 317 2.98 -26.33 42.69
C VAL B 317 3.65 -25.01 42.34
N ALA B 318 3.63 -24.66 41.05
CA ALA B 318 4.26 -23.43 40.59
C ALA B 318 3.50 -22.19 41.05
N ASN B 319 2.17 -22.26 40.98
CA ASN B 319 1.33 -21.15 41.40
C ASN B 319 1.35 -20.90 42.91
N ALA B 320 1.62 -21.94 43.69
CA ALA B 320 1.84 -21.77 45.13
C ALA B 320 3.06 -20.87 45.37
N VAL B 321 4.16 -21.18 44.68
CA VAL B 321 5.36 -20.32 44.66
C VAL B 321 5.05 -18.89 44.15
N PHE B 322 4.25 -18.78 43.09
CA PHE B 322 3.86 -17.46 42.57
C PHE B 322 3.02 -16.68 43.55
N ASN B 323 2.17 -17.39 44.32
CA ASN B 323 1.32 -16.78 45.35
C ASN B 323 2.13 -16.13 46.48
N GLY B 324 3.34 -16.66 46.71
CA GLY B 324 4.22 -16.21 47.77
C GLY B 324 4.52 -17.21 48.87
N ALA B 325 4.18 -18.49 48.67
CA ALA B 325 4.38 -19.53 49.68
C ALA B 325 5.87 -19.72 49.98
N ASP B 326 6.20 -19.86 51.27
CA ASP B 326 7.55 -20.22 51.71
C ASP B 326 7.79 -21.70 51.41
N CYS B 327 6.76 -22.51 51.65
CA CYS B 327 6.84 -23.96 51.61
C CYS B 327 5.69 -24.61 50.87
N VAL B 328 6.01 -25.75 50.28
CA VAL B 328 5.05 -26.69 49.71
C VAL B 328 5.20 -28.05 50.44
N MET B 329 4.10 -28.77 50.56
CA MET B 329 4.05 -29.98 51.36
C MET B 329 3.60 -31.18 50.57
N LEU B 330 4.17 -32.34 50.90
CA LEU B 330 3.73 -33.61 50.34
C LEU B 330 3.14 -34.42 51.48
N SER B 331 1.92 -34.94 51.29
CA SER B 331 1.24 -35.68 52.35
C SER B 331 1.29 -37.19 52.11
N GLY B 332 0.26 -37.75 51.48
CA GLY B 332 0.22 -39.17 51.14
C GLY B 332 1.23 -39.60 50.12
N GLU B 333 1.73 -38.63 49.34
CA GLU B 333 2.76 -38.86 48.30
C GLU B 333 4.06 -39.43 48.86
N THR B 334 4.41 -39.04 50.08
CA THR B 334 5.60 -39.58 50.76
C THR B 334 5.22 -40.55 51.88
N ALA B 335 4.12 -40.28 52.56
CA ALA B 335 3.69 -41.12 53.68
C ALA B 335 3.43 -42.55 53.24
N LYS B 336 2.65 -42.71 52.17
CA LYS B 336 2.26 -44.03 51.73
C LYS B 336 2.44 -44.27 50.22
N GLY B 337 3.15 -43.37 49.55
CA GLY B 337 3.31 -43.41 48.09
C GLY B 337 4.30 -44.41 47.53
N LYS B 338 4.16 -44.67 46.22
CA LYS B 338 5.01 -45.61 45.48
C LYS B 338 6.31 -44.98 45.02
N TYR B 339 6.34 -43.66 44.97
CA TYR B 339 7.48 -42.94 44.37
C TYR B 339 7.93 -41.76 45.24
N PRO B 340 8.35 -42.03 46.49
CA PRO B 340 8.74 -40.93 47.38
C PRO B 340 9.84 -40.02 46.81
N ASN B 341 10.93 -40.59 46.30
CA ASN B 341 12.04 -39.77 45.84
C ASN B 341 11.71 -38.96 44.59
N GLU B 342 10.93 -39.55 43.70
CA GLU B 342 10.57 -38.93 42.45
C GLU B 342 9.64 -37.74 42.68
N VAL B 343 8.71 -37.88 43.61
CA VAL B 343 7.73 -36.83 43.90
C VAL B 343 8.41 -35.59 44.52
N VAL B 344 9.40 -35.82 45.36
CA VAL B 344 10.16 -34.72 45.95
C VAL B 344 11.04 -34.08 44.88
N GLN B 345 11.67 -34.89 44.05
CA GLN B 345 12.51 -34.37 42.96
C GLN B 345 11.71 -33.53 41.97
N TYR B 346 10.52 -34.00 41.62
CA TYR B 346 9.63 -33.23 40.78
C TYR B 346 9.31 -31.86 41.37
N MET B 347 8.86 -31.85 42.62
CA MET B 347 8.47 -30.63 43.32
C MET B 347 9.63 -29.63 43.41
N ALA B 348 10.84 -30.13 43.62
CA ALA B 348 12.02 -29.30 43.67
C ALA B 348 12.23 -28.61 42.33
N ARG B 349 12.12 -29.41 41.27
CA ARG B 349 12.25 -28.99 39.87
C ARG B 349 11.22 -27.92 39.47
N ILE B 350 9.98 -28.12 39.93
CA ILE B 350 8.90 -27.20 39.63
C ILE B 350 9.11 -25.88 40.38
N CYS B 351 9.48 -25.97 41.65
CA CYS B 351 9.79 -24.79 42.46
C CYS B 351 10.89 -23.94 41.81
N LEU B 352 11.96 -24.59 41.37
CA LEU B 352 13.07 -23.93 40.67
C LEU B 352 12.70 -23.25 39.36
N GLU B 353 11.76 -23.83 38.62
CA GLU B 353 11.28 -23.22 37.39
C GLU B 353 10.36 -22.04 37.72
N ALA B 354 9.47 -22.21 38.68
CA ALA B 354 8.58 -21.13 39.11
C ALA B 354 9.38 -19.94 39.66
N GLN B 355 10.51 -20.23 40.30
CA GLN B 355 11.37 -19.20 40.85
C GLN B 355 11.99 -18.34 39.77
N SER B 356 12.29 -18.93 38.61
CA SER B 356 12.83 -18.21 37.46
C SER B 356 11.86 -17.16 36.97
N ALA B 357 10.57 -17.44 37.06
CA ALA B 357 9.54 -16.58 36.47
C ALA B 357 9.03 -15.56 37.48
N LEU B 358 9.44 -15.71 38.73
CA LEU B 358 9.01 -14.85 39.82
C LEU B 358 9.70 -13.51 39.70
N ASN B 359 8.96 -12.44 40.01
CA ASN B 359 9.51 -11.08 39.95
C ASN B 359 9.86 -10.62 41.37
N GLU B 360 11.04 -11.00 41.85
CA GLU B 360 11.42 -10.76 43.25
C GLU B 360 11.44 -9.29 43.64
N TYR B 361 11.81 -8.44 42.68
CA TYR B 361 11.98 -7.01 42.93
C TYR B 361 10.63 -6.33 43.14
N VAL B 362 9.63 -6.78 42.37
CA VAL B 362 8.26 -6.31 42.53
C VAL B 362 7.65 -6.83 43.84
N PHE B 363 7.97 -8.07 44.20
CA PHE B 363 7.58 -8.66 45.48
C PHE B 363 8.16 -7.83 46.64
N PHE B 364 9.45 -7.51 46.53
CA PHE B 364 10.15 -6.65 47.47
C PHE B 364 9.48 -5.28 47.65
N ASN B 365 9.20 -4.60 46.54
CA ASN B 365 8.59 -3.28 46.60
C ASN B 365 7.18 -3.31 47.16
N SER B 366 6.41 -4.33 46.78
CA SER B 366 5.04 -4.45 47.26
C SER B 366 4.95 -4.63 48.76
N ILE B 367 5.84 -5.45 49.32
CA ILE B 367 5.92 -5.71 50.76
C ILE B 367 6.42 -4.48 51.51
N LYS B 368 7.52 -3.90 51.02
CA LYS B 368 8.02 -2.63 51.54
C LYS B 368 6.86 -1.64 51.71
N LYS B 369 6.07 -1.49 50.66
CA LYS B 369 4.96 -0.53 50.63
C LYS B 369 3.80 -0.82 51.57
N LEU B 370 3.65 -2.07 51.99
CA LEU B 370 2.55 -2.43 52.89
C LEU B 370 2.92 -2.40 54.37
N GLN B 371 4.15 -2.00 54.67
CA GLN B 371 4.60 -1.88 56.05
C GLN B 371 4.23 -0.53 56.65
N HIS B 372 3.86 -0.55 57.91
CA HIS B 372 3.49 0.64 58.64
C HIS B 372 4.72 1.50 58.93
N ILE B 373 4.58 2.80 58.68
CA ILE B 373 5.69 3.76 58.90
C ILE B 373 5.39 4.61 60.14
N PRO B 374 6.37 4.68 61.08
CA PRO B 374 7.74 4.20 60.98
C PRO B 374 7.91 2.71 61.27
N MET B 375 8.96 2.13 60.69
CA MET B 375 9.35 0.77 60.99
C MET B 375 10.28 0.78 62.21
N SER B 376 10.46 -0.37 62.82
CA SER B 376 11.48 -0.53 63.86
C SER B 376 12.82 -0.45 63.18
N ALA B 377 13.85 -0.03 63.93
CA ALA B 377 15.20 0.08 63.41
C ALA B 377 15.66 -1.21 62.71
N ASP B 378 15.40 -2.36 63.33
CA ASP B 378 15.86 -3.64 62.78
C ASP B 378 15.17 -4.01 61.47
N GLU B 379 13.89 -3.68 61.35
CA GLU B 379 13.19 -3.91 60.07
C GLU B 379 13.71 -2.99 58.97
N ALA B 380 13.89 -1.71 59.29
CA ALA B 380 14.48 -0.75 58.35
C ALA B 380 15.85 -1.19 57.85
N VAL B 381 16.66 -1.71 58.75
CA VAL B 381 17.98 -2.26 58.42
C VAL B 381 17.87 -3.38 57.37
N CYS B 382 16.96 -4.33 57.60
CA CYS B 382 16.78 -5.46 56.70
C CYS B 382 16.19 -5.02 55.37
N SER B 383 15.25 -4.09 55.44
CA SER B 383 14.58 -3.54 54.26
C SER B 383 15.58 -2.79 53.38
N SER B 384 16.40 -1.96 53.99
CA SER B 384 17.40 -1.18 53.27
C SER B 384 18.54 -2.06 52.76
N ALA B 385 18.83 -3.13 53.51
CA ALA B 385 19.82 -4.13 53.09
C ALA B 385 19.45 -4.81 51.78
N VAL B 386 18.19 -5.24 51.66
CA VAL B 386 17.69 -5.85 50.43
C VAL B 386 17.73 -4.83 49.29
N ASN B 387 17.36 -3.59 49.60
CA ASN B 387 17.44 -2.51 48.62
C ASN B 387 18.87 -2.36 48.07
N SER B 388 19.86 -2.41 48.96
CA SER B 388 21.27 -2.40 48.59
C SER B 388 21.63 -3.53 47.66
N VAL B 389 21.07 -4.72 47.92
CA VAL B 389 21.31 -5.92 47.09
C VAL B 389 20.91 -5.65 45.64
N TYR B 390 19.71 -5.12 45.45
CA TYR B 390 19.23 -4.78 44.12
C TYR B 390 20.04 -3.68 43.48
N GLU B 391 20.35 -2.63 44.25
CA GLU B 391 21.08 -1.48 43.74
C GLU B 391 22.49 -1.83 43.32
N THR B 392 23.08 -2.79 44.00
CA THR B 392 24.49 -3.16 43.81
C THR B 392 24.66 -4.46 43.00
N LYS B 393 23.55 -5.16 42.75
CA LYS B 393 23.54 -6.51 42.17
C LYS B 393 24.40 -7.51 42.97
N ALA B 394 24.27 -7.46 44.30
CA ALA B 394 25.01 -8.34 45.20
C ALA B 394 24.54 -9.76 45.03
N LYS B 395 25.45 -10.72 45.19
CA LYS B 395 25.15 -12.11 44.88
C LYS B 395 24.86 -12.97 46.11
N ALA B 396 25.08 -12.38 47.29
CA ALA B 396 24.78 -13.08 48.54
C ALA B 396 24.56 -12.08 49.68
N MET B 397 23.81 -12.55 50.68
CA MET B 397 23.62 -11.82 51.92
C MET B 397 24.03 -12.70 53.09
N VAL B 398 24.54 -12.07 54.14
CA VAL B 398 24.84 -12.77 55.39
C VAL B 398 24.10 -12.07 56.55
N VAL B 399 23.31 -12.84 57.29
CA VAL B 399 22.74 -12.35 58.56
C VAL B 399 23.16 -13.20 59.74
N LEU B 400 23.71 -12.55 60.76
CA LEU B 400 23.89 -13.22 62.03
C LEU B 400 22.54 -13.24 62.73
N SER B 401 22.06 -14.43 63.08
CA SER B 401 20.80 -14.55 63.80
C SER B 401 20.88 -15.76 64.69
N ASN B 402 20.59 -15.55 65.97
CA ASN B 402 20.61 -16.61 66.97
C ASN B 402 19.22 -17.23 67.15
N THR B 403 18.20 -16.38 67.22
CA THR B 403 16.80 -16.79 67.35
C THR B 403 16.14 -17.13 66.02
N GLY B 404 16.78 -16.74 64.92
CA GLY B 404 16.20 -16.87 63.58
C GLY B 404 15.29 -15.71 63.21
N ARG B 405 15.18 -14.73 64.11
CA ARG B 405 14.30 -13.59 63.93
C ARG B 405 14.81 -12.68 62.80
N SER B 406 16.08 -12.29 62.88
CA SER B 406 16.70 -11.42 61.88
C SER B 406 16.68 -12.03 60.48
N ALA B 407 16.75 -13.35 60.39
CA ALA B 407 16.80 -14.06 59.12
C ALA B 407 15.43 -14.06 58.43
N ARG B 408 14.37 -14.33 59.19
CA ARG B 408 13.00 -14.25 58.69
C ARG B 408 12.63 -12.82 58.27
N LEU B 409 13.25 -11.84 58.92
CA LEU B 409 12.98 -10.44 58.62
C LEU B 409 13.68 -10.00 57.34
N VAL B 410 14.81 -10.63 57.03
CA VAL B 410 15.50 -10.37 55.76
C VAL B 410 14.79 -11.10 54.62
N ALA B 411 14.48 -12.38 54.83
CA ALA B 411 13.77 -13.19 53.85
C ALA B 411 12.41 -12.57 53.53
N LYS B 412 11.88 -11.79 54.47
CA LYS B 412 10.62 -11.11 54.29
C LYS B 412 10.60 -10.24 53.02
N TYR B 413 11.73 -9.61 52.72
CA TYR B 413 11.82 -8.62 51.65
C TYR B 413 12.33 -9.14 50.31
N ARG B 414 12.48 -10.46 50.20
CA ARG B 414 12.65 -11.14 48.92
C ARG B 414 13.77 -10.56 48.04
N PRO B 415 15.03 -10.67 48.51
CA PRO B 415 16.14 -10.32 47.65
C PRO B 415 16.27 -11.35 46.52
N ASN B 416 16.98 -11.00 45.46
CA ASN B 416 17.15 -11.95 44.36
C ASN B 416 18.48 -12.71 44.47
N CYS B 417 18.91 -12.95 45.70
CA CYS B 417 20.11 -13.75 45.97
C CYS B 417 19.91 -14.65 47.21
N PRO B 418 20.78 -15.67 47.39
CA PRO B 418 20.73 -16.47 48.64
C PRO B 418 20.96 -15.64 49.91
N ILE B 419 20.25 -16.00 50.97
CA ILE B 419 20.50 -15.45 52.29
C ILE B 419 21.21 -16.51 53.13
N VAL B 420 22.44 -16.22 53.50
CA VAL B 420 23.20 -17.11 54.37
C VAL B 420 23.04 -16.60 55.79
N CYS B 421 22.33 -17.36 56.61
CA CYS B 421 22.19 -17.02 58.02
C CYS B 421 23.24 -17.76 58.84
N VAL B 422 23.98 -17.02 59.65
CA VAL B 422 24.95 -17.65 60.57
C VAL B 422 24.40 -17.65 61.99
N THR B 423 24.17 -18.85 62.51
CA THR B 423 23.43 -19.02 63.75
C THR B 423 24.17 -19.86 64.80
N THR B 424 23.96 -19.54 66.07
CA THR B 424 24.66 -20.22 67.16
C THR B 424 23.81 -21.34 67.76
N ARG B 425 22.62 -21.52 67.19
CA ARG B 425 21.68 -22.53 67.66
C ARG B 425 21.28 -23.48 66.55
N LEU B 426 21.48 -24.77 66.81
CA LEU B 426 21.16 -25.82 65.84
C LEU B 426 19.65 -25.97 65.60
N GLN B 427 18.84 -25.59 66.58
CA GLN B 427 17.39 -25.57 66.40
C GLN B 427 16.96 -24.48 65.41
N THR B 428 17.67 -23.36 65.42
CA THR B 428 17.41 -22.26 64.49
C THR B 428 17.70 -22.71 63.05
N CYS B 429 18.79 -23.43 62.85
CA CYS B 429 19.06 -24.06 61.56
C CYS B 429 17.84 -24.82 61.07
N ARG B 430 17.28 -25.64 61.95
CA ARG B 430 16.17 -26.50 61.60
C ARG B 430 14.90 -25.67 61.38
N GLN B 431 14.66 -24.70 62.25
CA GLN B 431 13.47 -23.88 62.15
C GLN B 431 13.47 -22.96 60.93
N LEU B 432 14.66 -22.54 60.50
CA LEU B 432 14.75 -21.72 59.31
C LEU B 432 14.43 -22.52 58.04
N ASN B 433 14.39 -23.85 58.18
CA ASN B 433 13.98 -24.73 57.08
C ASN B 433 12.54 -24.52 56.58
N ILE B 434 11.71 -23.78 57.31
CA ILE B 434 10.42 -23.36 56.77
C ILE B 434 10.41 -21.92 56.24
N THR B 435 11.56 -21.27 56.24
CA THR B 435 11.69 -19.94 55.66
C THR B 435 12.37 -19.98 54.28
N GLN B 436 11.67 -19.39 53.31
CA GLN B 436 12.11 -19.28 51.92
C GLN B 436 13.44 -18.54 51.75
N GLY B 437 14.31 -19.06 50.90
CA GLY B 437 15.51 -18.36 50.45
C GLY B 437 16.60 -18.12 51.48
N VAL B 438 16.57 -18.90 52.56
CA VAL B 438 17.57 -18.82 53.63
C VAL B 438 18.30 -20.16 53.74
N GLU B 439 19.62 -20.09 53.83
CA GLU B 439 20.43 -21.26 54.15
C GLU B 439 21.23 -20.99 55.42
N SER B 440 21.20 -21.96 56.34
CA SER B 440 21.78 -21.75 57.66
C SER B 440 23.14 -22.40 57.87
N VAL B 441 24.07 -21.62 58.41
CA VAL B 441 25.39 -22.11 58.81
C VAL B 441 25.44 -22.12 60.32
N PHE B 442 25.76 -23.28 60.90
CA PHE B 442 25.89 -23.39 62.35
C PHE B 442 27.27 -22.94 62.80
N PHE B 443 27.29 -21.94 63.68
CA PHE B 443 28.52 -21.49 64.32
C PHE B 443 28.48 -21.93 65.78
N ASP B 444 29.32 -22.92 66.12
CA ASP B 444 29.31 -23.46 67.47
C ASP B 444 30.05 -22.54 68.42
N ALA B 445 29.30 -21.83 69.24
CA ALA B 445 29.84 -20.82 70.15
C ALA B 445 30.48 -21.44 71.38
N ASP B 446 30.15 -22.69 71.67
CA ASP B 446 30.76 -23.42 72.77
C ASP B 446 32.21 -23.76 72.46
N LYS B 447 32.49 -24.19 71.23
CA LYS B 447 33.84 -24.58 70.84
C LYS B 447 34.63 -23.44 70.19
N LEU B 448 33.94 -22.38 69.79
CA LEU B 448 34.58 -21.29 69.05
C LEU B 448 34.53 -19.91 69.72
N GLY B 449 33.83 -19.81 70.84
CA GLY B 449 33.68 -18.54 71.55
C GLY B 449 32.47 -17.76 71.09
N HIS B 450 32.10 -16.73 71.85
CA HIS B 450 30.85 -15.99 71.60
C HIS B 450 30.93 -15.01 70.45
N ASP B 451 32.15 -14.71 70.00
CA ASP B 451 32.36 -13.89 68.81
C ASP B 451 31.61 -12.57 68.92
N GLU B 452 31.90 -11.84 69.98
CA GLU B 452 31.29 -10.54 70.23
C GLU B 452 31.61 -9.52 69.13
N GLY B 453 32.74 -9.69 68.45
CA GLY B 453 33.15 -8.77 67.39
C GLY B 453 32.59 -9.10 66.03
N LYS B 454 31.82 -10.19 65.97
CA LYS B 454 31.10 -10.65 64.77
C LYS B 454 31.99 -11.18 63.64
N GLU B 455 33.30 -10.97 63.73
CA GLU B 455 34.21 -11.22 62.61
C GLU B 455 34.19 -12.67 62.15
N HIS B 456 34.19 -13.61 63.09
CA HIS B 456 34.33 -15.03 62.78
C HIS B 456 33.08 -15.62 62.15
N ARG B 457 31.92 -15.12 62.57
CA ARG B 457 30.64 -15.58 62.05
C ARG B 457 30.37 -15.04 60.65
N VAL B 458 30.70 -13.77 60.43
CA VAL B 458 30.66 -13.18 59.08
C VAL B 458 31.57 -13.99 58.17
N ALA B 459 32.80 -14.23 58.62
CA ALA B 459 33.75 -15.09 57.91
C ALA B 459 33.13 -16.44 57.54
N ALA B 460 32.45 -17.06 58.50
CA ALA B 460 31.82 -18.36 58.29
C ALA B 460 30.75 -18.31 57.20
N GLY B 461 29.91 -17.28 57.24
CA GLY B 461 28.89 -17.05 56.22
C GLY B 461 29.42 -16.78 54.83
N VAL B 462 30.48 -15.99 54.73
CA VAL B 462 31.10 -15.66 53.45
C VAL B 462 31.78 -16.90 52.87
N GLU B 463 32.43 -17.68 53.72
CA GLU B 463 33.04 -18.94 53.29
C GLU B 463 32.00 -19.93 52.73
N PHE B 464 30.84 -20.03 53.37
CA PHE B 464 29.76 -20.90 52.91
C PHE B 464 29.27 -20.51 51.51
N ALA B 465 29.14 -19.21 51.28
CA ALA B 465 28.69 -18.67 50.01
C ALA B 465 29.68 -19.01 48.90
N LYS B 466 30.96 -18.84 49.18
CA LYS B 466 32.05 -19.20 48.29
C LYS B 466 32.04 -20.70 47.99
N SER B 467 31.75 -21.51 49.00
CA SER B 467 31.75 -22.96 48.86
C SER B 467 30.53 -23.45 48.07
N LYS B 468 29.43 -22.69 48.15
CA LYS B 468 28.23 -22.99 47.36
C LYS B 468 28.29 -22.38 45.96
N GLY B 469 29.33 -21.60 45.69
CA GLY B 469 29.54 -20.97 44.39
C GLY B 469 28.78 -19.67 44.17
N TYR B 470 28.20 -19.11 45.24
CA TYR B 470 27.38 -17.89 45.13
C TYR B 470 28.20 -16.62 44.88
N VAL B 471 29.38 -16.53 45.50
CA VAL B 471 30.25 -15.36 45.33
C VAL B 471 31.70 -15.77 45.02
N GLN B 472 32.40 -14.94 44.26
CA GLN B 472 33.84 -15.07 44.05
C GLN B 472 34.50 -13.73 44.38
N THR B 473 35.81 -13.75 44.62
CA THR B 473 36.58 -12.53 44.85
C THR B 473 36.18 -11.45 43.86
N GLY B 474 35.82 -10.27 44.36
CA GLY B 474 35.40 -9.18 43.50
C GLY B 474 33.90 -8.89 43.56
N ASP B 475 33.12 -9.88 43.97
CA ASP B 475 31.68 -9.70 44.15
C ASP B 475 31.38 -8.95 45.44
N TYR B 476 30.18 -8.37 45.52
CA TYR B 476 29.71 -7.70 46.72
C TYR B 476 28.89 -8.65 47.57
N CYS B 477 28.94 -8.44 48.88
CA CYS B 477 28.15 -9.21 49.80
C CYS B 477 27.51 -8.28 50.82
N VAL B 478 26.19 -8.32 50.91
CA VAL B 478 25.49 -7.50 51.90
C VAL B 478 25.41 -8.24 53.22
N VAL B 479 25.92 -7.60 54.28
CA VAL B 479 26.15 -8.23 55.56
C VAL B 479 25.40 -7.47 56.67
N ILE B 480 24.57 -8.20 57.41
CA ILE B 480 23.71 -7.62 58.43
C ILE B 480 24.04 -8.18 59.81
N HIS B 481 24.23 -7.27 60.77
CA HIS B 481 24.37 -7.60 62.20
C HIS B 481 24.46 -6.33 63.03
N ALA B 482 24.80 -6.45 64.32
CA ALA B 482 24.89 -5.29 65.20
C ALA B 482 26.29 -4.70 65.26
N ASP B 483 26.38 -3.44 65.68
CA ASP B 483 27.67 -2.81 65.95
C ASP B 483 28.24 -3.38 67.25
N HIS B 484 29.33 -2.80 67.74
CA HIS B 484 29.99 -3.33 68.92
C HIS B 484 29.11 -3.23 70.17
N LYS B 485 28.26 -2.21 70.22
CA LYS B 485 27.49 -1.90 71.42
C LYS B 485 26.10 -2.57 71.48
N VAL B 486 25.33 -2.47 70.41
CA VAL B 486 23.92 -2.86 70.41
C VAL B 486 23.70 -4.38 70.55
N LYS B 487 22.80 -4.75 71.45
CA LYS B 487 22.48 -6.15 71.72
C LYS B 487 20.99 -6.40 71.53
N GLY B 488 20.63 -7.52 70.91
CA GLY B 488 19.21 -7.90 70.77
C GLY B 488 18.64 -7.84 69.36
N TYR B 489 19.24 -6.99 68.53
CA TYR B 489 18.84 -6.89 67.14
C TYR B 489 20.01 -6.39 66.33
N ALA B 490 19.86 -6.43 65.01
CA ALA B 490 20.86 -5.92 64.08
C ALA B 490 20.52 -4.47 63.72
N ASN B 491 21.46 -3.58 63.97
CA ASN B 491 21.24 -2.16 63.70
C ASN B 491 22.18 -1.63 62.62
N GLN B 492 22.87 -2.53 61.95
CA GLN B 492 23.94 -2.16 61.04
C GLN B 492 23.98 -3.03 59.77
N THR B 493 24.08 -2.38 58.61
CA THR B 493 24.33 -3.07 57.35
C THR B 493 25.69 -2.64 56.79
N ARG B 494 26.37 -3.57 56.14
CA ARG B 494 27.54 -3.24 55.35
C ARG B 494 27.56 -3.97 54.01
N ILE B 495 28.14 -3.32 53.01
CA ILE B 495 28.40 -3.93 51.71
C ILE B 495 29.89 -4.17 51.64
N LEU B 496 30.29 -5.44 51.57
CA LEU B 496 31.72 -5.73 51.51
C LEU B 496 32.17 -6.51 50.29
N LEU B 497 33.44 -6.28 49.94
CA LEU B 497 34.10 -6.86 48.78
C LEU B 497 34.76 -8.18 49.19
N VAL B 498 34.26 -9.28 48.64
CA VAL B 498 34.73 -10.62 49.03
C VAL B 498 36.15 -10.92 48.54
N GLU B 499 36.88 -11.70 49.33
CA GLU B 499 38.28 -12.02 49.06
C GLU B 499 38.54 -13.52 49.13
N SER C 2 8.44 10.54 35.85
CA SER C 2 8.71 11.59 36.89
C SER C 2 9.07 12.94 36.27
N GLN C 3 8.89 14.01 37.03
CA GLN C 3 9.24 15.35 36.56
C GLN C 3 10.74 15.43 36.27
N LEU C 4 11.54 14.85 37.14
CA LEU C 4 12.99 14.90 37.01
C LEU C 4 13.46 14.23 35.73
N ALA C 5 12.95 13.02 35.47
CA ALA C 5 13.30 12.26 34.27
C ALA C 5 12.86 12.96 33.00
N HIS C 6 11.70 13.61 33.07
CA HIS C 6 11.15 14.37 31.96
C HIS C 6 12.06 15.53 31.58
N ASN C 7 12.61 16.21 32.59
CA ASN C 7 13.51 17.34 32.37
C ASN C 7 14.72 17.00 31.51
N LEU C 8 15.21 15.78 31.65
CA LEU C 8 16.41 15.33 30.90
C LEU C 8 16.12 15.13 29.41
N THR C 9 14.84 14.94 29.06
CA THR C 9 14.43 14.74 27.67
C THR C 9 14.22 16.08 26.95
N LEU C 10 14.29 17.18 27.68
CA LEU C 10 14.06 18.51 27.10
C LEU C 10 15.27 19.01 26.31
N SER C 11 14.99 19.88 25.34
CA SER C 11 16.02 20.58 24.57
C SER C 11 15.62 22.03 24.34
N ILE C 12 16.60 22.93 24.34
CA ILE C 12 16.33 24.35 24.07
C ILE C 12 16.16 24.66 22.58
N PHE C 13 16.81 23.87 21.72
CA PHE C 13 16.73 24.08 20.26
C PHE C 13 15.54 23.36 19.61
N ASP C 14 14.74 22.68 20.42
CA ASP C 14 13.49 22.10 19.95
C ASP C 14 12.53 23.22 19.54
N PRO C 15 11.89 23.09 18.37
CA PRO C 15 10.93 24.11 17.93
C PRO C 15 9.62 24.05 18.73
N VAL C 16 8.89 25.16 18.73
CA VAL C 16 7.66 25.29 19.53
C VAL C 16 6.40 24.86 18.77
N ALA C 17 5.26 24.91 19.44
CA ALA C 17 4.00 24.44 18.87
C ALA C 17 3.39 25.43 17.87
N ASN C 18 2.59 24.90 16.95
CA ASN C 18 1.83 25.71 16.00
C ASN C 18 0.63 26.43 16.62
N TYR C 19 0.45 26.25 17.93
CA TYR C 19 -0.57 26.96 18.69
C TYR C 19 -0.11 27.24 20.12
N ARG C 20 -0.57 28.37 20.67
CA ARG C 20 -0.38 28.67 22.08
C ARG C 20 -1.68 28.35 22.82
N ALA C 21 -1.55 27.61 23.93
CA ALA C 21 -2.71 27.18 24.69
C ALA C 21 -3.14 28.20 25.74
N ALA C 22 -2.16 28.81 26.42
CA ALA C 22 -2.45 29.82 27.45
C ALA C 22 -3.05 31.10 26.86
N ARG C 23 -3.84 31.78 27.67
CA ARG C 23 -4.53 33.01 27.28
C ARG C 23 -4.00 34.24 28.03
N ILE C 24 -3.96 35.36 27.34
CA ILE C 24 -3.44 36.61 27.90
C ILE C 24 -4.52 37.68 28.10
N ILE C 25 -4.60 38.19 29.32
CA ILE C 25 -5.53 39.26 29.68
C ILE C 25 -4.76 40.56 29.83
N CYS C 26 -5.28 41.62 29.21
CA CYS C 26 -4.69 42.95 29.34
C CYS C 26 -5.66 43.94 29.97
N THR C 27 -5.16 44.68 30.95
CA THR C 27 -5.95 45.77 31.54
C THR C 27 -5.74 47.03 30.71
N ILE C 28 -6.84 47.64 30.30
CA ILE C 28 -6.82 48.77 29.37
C ILE C 28 -6.88 50.10 30.13
N GLY C 29 -5.88 50.95 29.88
CA GLY C 29 -5.81 52.29 30.47
C GLY C 29 -5.31 53.32 29.45
N PRO C 30 -4.77 54.45 29.93
CA PRO C 30 -4.30 55.55 29.05
C PRO C 30 -3.31 55.09 27.97
N SER C 31 -2.48 54.09 28.29
CA SER C 31 -1.50 53.56 27.34
C SER C 31 -2.11 52.76 26.20
N THR C 32 -3.32 52.24 26.41
CA THR C 32 -3.87 51.24 25.49
C THR C 32 -5.36 51.38 25.17
N GLN C 33 -5.95 52.55 25.41
CA GLN C 33 -7.39 52.73 25.21
C GLN C 33 -7.78 53.01 23.76
N SER C 34 -6.96 53.77 23.04
CA SER C 34 -7.22 54.08 21.64
C SER C 34 -7.40 52.83 20.79
N VAL C 35 -8.21 52.95 19.75
CA VAL C 35 -8.50 51.85 18.83
C VAL C 35 -7.23 51.23 18.21
N GLU C 36 -6.26 52.07 17.81
CA GLU C 36 -5.03 51.57 17.21
C GLU C 36 -4.09 50.88 18.20
N ALA C 37 -4.13 51.28 19.46
CA ALA C 37 -3.35 50.63 20.51
C ALA C 37 -3.95 49.29 20.91
N LEU C 38 -5.29 49.21 20.82
CA LEU C 38 -6.02 47.98 21.12
C LEU C 38 -5.83 46.94 20.03
N LYS C 39 -5.72 47.41 18.78
CA LYS C 39 -5.42 46.53 17.64
C LYS C 39 -4.01 45.93 17.77
N GLY C 40 -3.06 46.75 18.21
CA GLY C 40 -1.70 46.29 18.47
C GLY C 40 -1.66 45.22 19.54
N LEU C 41 -2.47 45.42 20.59
CA LEU C 41 -2.65 44.45 21.66
C LEU C 41 -3.20 43.12 21.15
N ILE C 42 -4.29 43.18 20.39
CA ILE C 42 -4.90 41.97 19.82
C ILE C 42 -3.89 41.23 18.93
N GLN C 43 -3.21 41.98 18.06
CA GLN C 43 -2.22 41.39 17.16
C GLN C 43 -0.97 40.88 17.89
N SER C 44 -0.68 41.44 19.06
CA SER C 44 0.44 40.98 19.87
C SER C 44 0.07 39.73 20.65
N GLY C 45 -1.21 39.57 20.95
CA GLY C 45 -1.71 38.34 21.55
C GLY C 45 -2.77 38.44 22.62
N MET C 46 -3.38 39.61 22.77
CA MET C 46 -4.46 39.80 23.75
C MET C 46 -5.67 38.95 23.42
N SER C 47 -6.22 38.28 24.42
CA SER C 47 -7.48 37.54 24.32
C SER C 47 -8.60 38.16 25.15
N VAL C 48 -8.24 38.83 26.26
CA VAL C 48 -9.23 39.46 27.13
C VAL C 48 -8.87 40.90 27.54
N ALA C 49 -9.85 41.80 27.44
CA ALA C 49 -9.68 43.19 27.84
C ALA C 49 -10.28 43.45 29.22
N ARG C 50 -9.43 43.82 30.17
CA ARG C 50 -9.86 44.06 31.55
C ARG C 50 -10.03 45.55 31.86
N MET C 51 -11.22 45.89 32.36
CA MET C 51 -11.53 47.24 32.82
C MET C 51 -11.60 47.27 34.32
N ASN C 52 -10.66 47.99 34.93
CA ASN C 52 -10.57 48.11 36.38
C ASN C 52 -11.46 49.24 36.89
N PHE C 53 -12.53 48.90 37.59
CA PHE C 53 -13.50 49.90 38.05
C PHE C 53 -13.12 50.60 39.35
N SER C 54 -11.92 50.31 39.86
CA SER C 54 -11.33 51.11 40.93
C SER C 54 -10.76 52.39 40.36
N HIS C 55 -10.66 52.45 39.03
CA HIS C 55 -10.09 53.58 38.32
C HIS C 55 -11.02 54.06 37.21
N GLY C 56 -10.76 55.27 36.71
CA GLY C 56 -11.59 55.86 35.65
C GLY C 56 -13.00 56.17 36.09
N SER C 57 -13.94 56.07 35.15
CA SER C 57 -15.35 56.31 35.41
C SER C 57 -16.20 55.49 34.43
N HIS C 58 -17.51 55.45 34.67
CA HIS C 58 -18.43 54.77 33.77
C HIS C 58 -18.31 55.25 32.32
N GLU C 59 -18.09 56.56 32.15
CA GLU C 59 -17.85 57.15 30.83
C GLU C 59 -16.50 56.70 30.25
N TYR C 60 -15.47 56.70 31.07
CA TYR C 60 -14.14 56.27 30.63
C TYR C 60 -14.13 54.81 30.15
N HIS C 61 -14.80 53.94 30.89
CA HIS C 61 -14.87 52.51 30.53
C HIS C 61 -15.83 52.26 29.38
N GLN C 62 -16.72 53.23 29.12
CA GLN C 62 -17.58 53.17 27.95
C GLN C 62 -16.73 53.29 26.71
N THR C 63 -15.82 54.26 26.72
CA THR C 63 -14.84 54.45 25.64
C THR C 63 -14.05 53.16 25.39
N THR C 64 -13.66 52.47 26.46
CA THR C 64 -12.96 51.18 26.34
C THR C 64 -13.82 50.10 25.67
N ILE C 65 -15.06 49.96 26.13
CA ILE C 65 -16.01 48.98 25.58
C ILE C 65 -16.21 49.19 24.08
N ASN C 66 -16.52 50.42 23.68
CA ASN C 66 -16.71 50.79 22.28
C ASN C 66 -15.46 50.56 21.42
N ASN C 67 -14.30 50.87 21.98
CA ASN C 67 -13.04 50.76 21.24
C ASN C 67 -12.55 49.32 21.06
N VAL C 68 -12.67 48.51 22.12
CA VAL C 68 -12.32 47.08 22.05
C VAL C 68 -13.15 46.39 20.97
N ARG C 69 -14.46 46.62 21.01
CA ARG C 69 -15.39 46.05 20.04
C ARG C 69 -15.07 46.49 18.61
N GLN C 70 -14.67 47.74 18.46
CA GLN C 70 -14.31 48.28 17.14
C GLN C 70 -12.99 47.73 16.63
N ALA C 71 -12.00 47.62 17.52
CA ALA C 71 -10.69 47.07 17.16
C ALA C 71 -10.82 45.61 16.72
N ALA C 72 -11.63 44.85 17.44
CA ALA C 72 -11.81 43.41 17.21
C ALA C 72 -12.59 43.15 15.93
N ALA C 73 -13.69 43.88 15.73
CA ALA C 73 -14.49 43.76 14.50
C ALA C 73 -13.68 44.07 13.25
N GLU C 74 -12.78 45.06 13.36
CA GLU C 74 -11.90 45.42 12.26
C GLU C 74 -10.87 44.33 11.94
N LEU C 75 -10.55 43.52 12.93
CA LEU C 75 -9.59 42.42 12.77
C LEU C 75 -10.28 41.04 12.64
N GLY C 76 -11.61 41.05 12.68
CA GLY C 76 -12.43 39.85 12.51
C GLY C 76 -12.36 38.84 13.64
N VAL C 77 -11.95 39.29 14.82
CA VAL C 77 -11.78 38.39 15.97
C VAL C 77 -12.75 38.70 17.11
N ASN C 78 -12.94 37.73 18.00
CA ASN C 78 -13.76 37.91 19.21
C ASN C 78 -12.88 38.10 20.44
N ILE C 79 -13.08 39.21 21.14
CA ILE C 79 -12.31 39.55 22.34
C ILE C 79 -13.23 39.72 23.54
N ALA C 80 -12.92 39.02 24.64
CA ALA C 80 -13.70 39.14 25.87
C ALA C 80 -13.53 40.50 26.56
N ILE C 81 -14.61 40.98 27.16
CA ILE C 81 -14.59 42.19 27.96
C ILE C 81 -14.95 41.85 29.40
N ALA C 82 -14.04 42.19 30.31
CA ALA C 82 -14.16 41.86 31.72
C ALA C 82 -14.21 43.09 32.62
N LEU C 83 -15.25 43.16 33.44
CA LEU C 83 -15.40 44.24 34.42
C LEU C 83 -14.76 43.84 35.74
N ASP C 84 -13.70 44.54 36.13
CA ASP C 84 -13.02 44.28 37.41
C ASP C 84 -13.60 45.18 38.50
N THR C 85 -14.24 44.53 39.48
CA THR C 85 -14.99 45.20 40.54
C THR C 85 -14.10 46.00 41.52
N LYS C 86 -14.73 46.85 42.33
CA LYS C 86 -14.05 47.49 43.44
C LYS C 86 -13.99 46.52 44.63
N GLY C 87 -15.16 46.03 45.03
CA GLY C 87 -15.26 45.09 46.16
C GLY C 87 -15.07 45.80 47.50
N PRO C 88 -15.00 45.03 48.59
CA PRO C 88 -14.71 45.59 49.92
C PRO C 88 -13.25 46.06 50.03
N GLU C 89 -12.95 47.19 49.40
CA GLU C 89 -11.58 47.70 49.33
C GLU C 89 -11.40 49.10 49.94
N ILE C 90 -10.15 49.42 50.28
CA ILE C 90 -9.78 50.76 50.71
C ILE C 90 -8.84 51.37 49.67
N ARG C 91 -9.11 52.62 49.31
CA ARG C 91 -8.29 53.36 48.37
C ARG C 91 -7.95 54.74 48.92
N THR C 92 -6.85 55.30 48.45
CA THR C 92 -6.53 56.70 48.72
C THR C 92 -7.36 57.59 47.78
N GLY C 93 -7.28 58.90 47.98
CA GLY C 93 -7.88 59.84 47.04
C GLY C 93 -6.90 60.14 45.90
N GLN C 94 -7.16 61.22 45.18
CA GLN C 94 -6.31 61.66 44.07
C GLN C 94 -5.33 62.74 44.53
N PHE C 95 -4.30 63.00 43.73
CA PHE C 95 -3.24 63.96 44.08
C PHE C 95 -3.10 65.11 43.09
N VAL C 96 -2.54 66.22 43.57
CA VAL C 96 -2.19 67.37 42.72
C VAL C 96 -1.07 66.96 41.74
N GLY C 97 -1.37 67.06 40.45
CA GLY C 97 -0.44 66.65 39.41
C GLY C 97 -0.44 65.16 39.15
N GLY C 98 -1.44 64.46 39.67
CA GLY C 98 -1.64 63.04 39.42
C GLY C 98 -0.84 62.06 40.27
N ASP C 99 0.13 62.56 41.03
CA ASP C 99 0.96 61.70 41.89
C ASP C 99 1.53 62.44 43.12
N ALA C 100 2.15 61.67 44.02
CA ALA C 100 2.86 62.22 45.18
C ALA C 100 4.16 61.47 45.42
N VAL C 101 5.23 62.22 45.69
CA VAL C 101 6.55 61.65 45.92
C VAL C 101 6.78 61.47 47.42
N MET C 102 6.60 60.24 47.89
CA MET C 102 6.77 59.92 49.31
C MET C 102 8.22 59.58 49.59
N GLU C 103 8.83 60.28 50.55
CA GLU C 103 10.26 60.15 50.80
C GLU C 103 10.56 59.64 52.19
N ARG C 104 11.50 58.69 52.27
CA ARG C 104 11.94 58.06 53.52
C ARG C 104 12.25 59.09 54.60
N GLY C 105 11.61 58.94 55.75
CA GLY C 105 11.87 59.80 56.90
C GLY C 105 10.94 61.00 57.02
N ALA C 106 10.22 61.29 55.94
CA ALA C 106 9.28 62.41 55.92
C ALA C 106 8.04 62.08 56.74
N THR C 107 7.34 63.11 57.19
CA THR C 107 6.07 62.90 57.88
C THR C 107 4.92 63.41 57.02
N CYS C 108 3.80 62.69 57.06
CA CYS C 108 2.61 63.07 56.31
C CYS C 108 1.36 62.77 57.13
N TYR C 109 0.27 63.41 56.76
CA TYR C 109 -1.00 63.24 57.44
C TYR C 109 -2.00 62.57 56.51
N VAL C 110 -2.60 61.48 56.99
CA VAL C 110 -3.67 60.82 56.25
C VAL C 110 -5.00 61.13 56.92
N THR C 111 -5.98 61.53 56.11
CA THR C 111 -7.27 61.93 56.65
C THR C 111 -8.43 61.21 55.98
N THR C 112 -9.53 61.10 56.71
CA THR C 112 -10.74 60.47 56.21
C THR C 112 -11.80 61.53 55.90
N ASP C 113 -11.37 62.79 55.88
CA ASP C 113 -12.21 63.92 55.52
C ASP C 113 -12.33 64.00 53.99
N PRO C 114 -13.56 63.84 53.46
CA PRO C 114 -13.79 63.81 52.00
C PRO C 114 -13.50 65.14 51.27
N ALA C 115 -13.24 66.22 52.01
CA ALA C 115 -12.79 67.48 51.44
C ALA C 115 -11.43 67.34 50.77
N PHE C 116 -10.63 66.40 51.28
CA PHE C 116 -9.28 66.15 50.77
C PHE C 116 -9.23 65.07 49.69
N ALA C 117 -10.39 64.61 49.22
CA ALA C 117 -10.48 63.45 48.33
C ALA C 117 -9.89 63.68 46.93
N ASP C 118 -9.84 64.93 46.49
CA ASP C 118 -9.38 65.22 45.12
C ASP C 118 -7.96 65.76 45.04
N LYS C 119 -7.60 66.61 46.00
CA LYS C 119 -6.31 67.31 45.97
C LYS C 119 -5.38 66.92 47.12
N GLY C 120 -4.92 65.68 47.11
CA GLY C 120 -3.93 65.23 48.10
C GLY C 120 -2.54 65.65 47.65
N THR C 121 -1.62 65.70 48.61
CA THR C 121 -0.22 65.99 48.31
C THR C 121 0.67 64.97 49.02
N LYS C 122 1.98 65.15 48.93
CA LYS C 122 2.93 64.31 49.69
C LYS C 122 2.78 64.56 51.19
N ASP C 123 2.14 65.69 51.54
CA ASP C 123 2.00 66.15 52.92
C ASP C 123 0.69 65.75 53.62
N LYS C 124 -0.42 65.74 52.88
CA LYS C 124 -1.74 65.41 53.44
C LYS C 124 -2.63 64.84 52.35
N PHE C 125 -3.07 63.60 52.53
CA PHE C 125 -3.97 62.98 51.56
C PHE C 125 -5.09 62.15 52.17
N TYR C 126 -6.09 61.87 51.34
CA TYR C 126 -7.30 61.16 51.73
C TYR C 126 -7.15 59.64 51.67
N ILE C 127 -7.71 58.96 52.67
CA ILE C 127 -7.94 57.52 52.61
C ILE C 127 -9.43 57.27 52.89
N ASP C 128 -10.06 56.50 52.01
CA ASP C 128 -11.53 56.48 51.93
C ASP C 128 -12.27 55.58 52.90
N TYR C 129 -11.55 55.03 53.88
CA TYR C 129 -12.16 54.20 54.91
C TYR C 129 -12.48 55.02 56.17
N GLN C 130 -13.76 55.36 56.32
CA GLN C 130 -14.22 56.28 57.38
C GLN C 130 -13.83 55.89 58.81
N ASN C 131 -13.72 54.59 59.07
CA ASN C 131 -13.44 54.10 60.42
C ASN C 131 -11.94 53.84 60.67
N LEU C 132 -11.10 54.33 59.75
CA LEU C 132 -9.65 54.13 59.82
C LEU C 132 -9.07 54.45 61.20
N SER C 133 -9.43 55.62 61.74
CA SER C 133 -8.90 56.12 63.01
C SER C 133 -9.20 55.21 64.20
N LYS C 134 -10.28 54.44 64.10
CA LYS C 134 -10.70 53.53 65.17
C LYS C 134 -10.17 52.11 64.97
N VAL C 135 -9.36 51.93 63.93
CA VAL C 135 -8.80 50.62 63.58
C VAL C 135 -7.28 50.60 63.76
N VAL C 136 -6.63 51.74 63.54
CA VAL C 136 -5.17 51.84 63.70
C VAL C 136 -4.75 52.68 64.91
N ARG C 137 -3.67 52.26 65.56
CA ARG C 137 -3.10 52.95 66.72
C ARG C 137 -1.64 53.33 66.44
N PRO C 138 -1.14 54.39 67.11
CA PRO C 138 0.26 54.80 66.96
C PRO C 138 1.24 53.64 67.01
N GLY C 139 1.98 53.43 65.92
CA GLY C 139 2.92 52.32 65.82
C GLY C 139 2.57 51.34 64.73
N ASN C 140 1.27 51.17 64.47
CA ASN C 140 0.79 50.30 63.41
C ASN C 140 1.20 50.79 62.03
N TYR C 141 1.28 49.88 61.06
CA TYR C 141 1.69 50.21 59.71
C TYR C 141 0.50 50.33 58.77
N ILE C 142 0.53 51.32 57.89
CA ILE C 142 -0.45 51.45 56.81
C ILE C 142 0.23 51.12 55.49
N TYR C 143 -0.28 50.10 54.81
CA TYR C 143 0.32 49.60 53.58
C TYR C 143 -0.32 50.25 52.36
N ILE C 144 0.51 50.80 51.48
CA ILE C 144 0.04 51.54 50.30
C ILE C 144 0.63 50.98 49.01
N ASP C 145 -0.22 50.83 47.99
CA ASP C 145 0.20 50.46 46.64
C ASP C 145 0.74 49.03 46.60
N ASP C 146 -0.16 48.05 46.82
CA ASP C 146 0.21 46.64 46.93
C ASP C 146 1.40 46.42 47.88
N GLY C 147 1.45 47.22 48.95
CA GLY C 147 2.46 47.10 49.99
C GLY C 147 3.87 47.46 49.58
N ILE C 148 4.00 48.21 48.48
CA ILE C 148 5.31 48.73 48.06
C ILE C 148 5.76 49.80 49.06
N LEU C 149 4.80 50.61 49.49
CA LEU C 149 5.04 51.71 50.41
C LEU C 149 4.35 51.44 51.75
N ILE C 150 5.08 51.67 52.85
CA ILE C 150 4.53 51.53 54.19
C ILE C 150 4.59 52.85 54.97
N LEU C 151 3.46 53.22 55.56
CA LEU C 151 3.40 54.35 56.49
C LEU C 151 3.24 53.82 57.91
N GLN C 152 3.99 54.36 58.85
CA GLN C 152 3.81 54.02 60.27
C GLN C 152 3.05 55.12 60.99
N VAL C 153 1.98 54.74 61.69
CA VAL C 153 1.17 55.68 62.44
C VAL C 153 1.99 56.23 63.62
N GLN C 154 1.95 57.55 63.78
CA GLN C 154 2.76 58.22 64.78
C GLN C 154 1.87 58.74 65.91
N SER C 155 0.84 59.50 65.54
CA SER C 155 -0.15 60.01 66.49
C SER C 155 -1.50 60.26 65.82
N HIS C 156 -2.52 60.45 66.64
CA HIS C 156 -3.81 60.97 66.16
C HIS C 156 -3.73 62.48 66.19
N GLU C 157 -3.93 63.11 65.05
CA GLU C 157 -3.97 64.57 64.98
C GLU C 157 -5.33 65.10 65.42
N ASP C 158 -6.39 64.47 64.93
CA ASP C 158 -7.75 64.76 65.36
C ASP C 158 -8.64 63.56 65.06
N GLU C 159 -9.94 63.76 65.23
CA GLU C 159 -10.94 62.72 64.98
C GLU C 159 -10.77 62.01 63.64
N GLN C 160 -10.30 62.75 62.63
CA GLN C 160 -10.20 62.24 61.26
C GLN C 160 -8.77 62.08 60.71
N THR C 161 -7.79 62.67 61.39
CA THR C 161 -6.44 62.78 60.82
C THR C 161 -5.37 62.07 61.63
N LEU C 162 -4.48 61.37 60.92
CA LEU C 162 -3.39 60.63 61.52
C LEU C 162 -2.05 61.16 61.04
N GLU C 163 -1.15 61.44 61.98
CA GLU C 163 0.24 61.77 61.65
C GLU C 163 1.02 60.48 61.45
N CYS C 164 1.69 60.37 60.30
CA CYS C 164 2.47 59.18 59.94
C CYS C 164 3.90 59.50 59.57
N THR C 165 4.72 58.46 59.51
CA THR C 165 6.09 58.55 59.00
C THR C 165 6.26 57.67 57.77
N VAL C 166 6.88 58.23 56.74
CA VAL C 166 7.18 57.49 55.53
C VAL C 166 8.41 56.60 55.78
N THR C 167 8.20 55.29 55.68
CA THR C 167 9.24 54.32 56.01
C THR C 167 10.18 54.03 54.84
N ASN C 168 9.71 54.25 53.61
CA ASN C 168 10.54 54.06 52.41
C ASN C 168 10.12 54.95 51.25
N SER C 169 11.07 55.29 50.37
CA SER C 169 10.83 56.24 49.28
C SER C 169 10.15 55.61 48.06
N HIS C 170 9.04 56.23 47.62
CA HIS C 170 8.20 55.70 46.55
C HIS C 170 7.21 56.76 46.06
N THR C 171 7.04 56.84 44.74
CA THR C 171 6.07 57.75 44.14
C THR C 171 4.74 57.03 43.91
N ILE C 172 3.66 57.61 44.42
CA ILE C 172 2.32 57.00 44.31
C ILE C 172 1.37 57.81 43.42
N SER C 173 0.64 57.10 42.56
CA SER C 173 -0.34 57.71 41.67
C SER C 173 -1.71 57.76 42.32
N ASP C 174 -2.68 58.38 41.64
CA ASP C 174 -4.04 58.50 42.14
C ASP C 174 -4.65 57.17 42.57
N ARG C 175 -5.53 57.24 43.58
CA ARG C 175 -6.17 56.09 44.23
C ARG C 175 -5.37 54.78 44.30
N ARG C 176 -4.26 54.86 45.02
CA ARG C 176 -3.50 53.71 45.46
C ARG C 176 -4.34 52.80 46.36
N GLY C 177 -4.17 51.49 46.22
CA GLY C 177 -4.79 50.54 47.12
C GLY C 177 -4.14 50.61 48.49
N VAL C 178 -4.98 50.52 49.53
CA VAL C 178 -4.47 50.46 50.90
C VAL C 178 -4.94 49.18 51.61
N ASN C 179 -3.98 48.55 52.29
CA ASN C 179 -4.20 47.27 52.95
C ASN C 179 -3.90 47.35 54.44
N LEU C 180 -4.81 46.78 55.24
CA LEU C 180 -4.69 46.72 56.70
C LEU C 180 -4.73 45.26 57.15
N PRO C 181 -3.62 44.52 57.00
CA PRO C 181 -3.58 43.08 57.29
C PRO C 181 -3.93 42.78 58.75
N GLY C 182 -4.89 41.87 58.95
CA GLY C 182 -5.35 41.49 60.28
C GLY C 182 -5.90 42.65 61.09
N CYS C 183 -6.70 43.51 60.44
CA CYS C 183 -7.26 44.69 61.09
C CYS C 183 -8.78 44.70 61.15
N ASP C 184 -9.42 43.70 60.54
CA ASP C 184 -10.88 43.54 60.56
C ASP C 184 -11.62 44.78 60.05
N VAL C 185 -11.70 44.89 58.74
CA VAL C 185 -12.41 46.01 58.13
C VAL C 185 -13.88 45.63 57.91
N ASP C 186 -14.76 46.54 58.31
CA ASP C 186 -16.20 46.32 58.30
C ASP C 186 -16.83 46.75 56.96
N LEU C 187 -16.36 46.16 55.86
CA LEU C 187 -16.78 46.56 54.52
C LEU C 187 -17.81 45.58 53.93
N PRO C 188 -18.85 46.12 53.25
CA PRO C 188 -19.94 45.30 52.73
C PRO C 188 -19.48 44.31 51.67
N ALA C 189 -20.15 43.15 51.61
CA ALA C 189 -19.83 42.10 50.65
C ALA C 189 -19.94 42.62 49.22
N VAL C 190 -21.05 43.28 48.91
CA VAL C 190 -21.22 44.02 47.67
C VAL C 190 -21.76 45.41 48.02
N SER C 191 -20.95 46.43 47.74
CA SER C 191 -21.28 47.82 48.10
C SER C 191 -22.31 48.43 47.15
N ALA C 192 -22.87 49.57 47.54
CA ALA C 192 -23.79 50.33 46.70
C ALA C 192 -23.11 50.74 45.39
N LYS C 193 -21.82 51.10 45.46
CA LYS C 193 -20.99 51.35 44.29
C LYS C 193 -20.95 50.11 43.39
N ASP C 194 -20.76 48.94 44.02
CA ASP C 194 -20.67 47.68 43.30
C ASP C 194 -21.96 47.35 42.54
N ARG C 195 -23.10 47.52 43.19
CA ARG C 195 -24.40 47.26 42.55
C ARG C 195 -24.61 48.11 41.31
N VAL C 196 -24.16 49.36 41.37
CA VAL C 196 -24.25 50.30 40.25
C VAL C 196 -23.27 49.93 39.13
N ASP C 197 -22.08 49.47 39.51
CA ASP C 197 -21.07 49.02 38.54
C ASP C 197 -21.48 47.73 37.84
N LEU C 198 -22.05 46.79 38.60
CA LEU C 198 -22.54 45.54 38.04
C LEU C 198 -23.72 45.77 37.12
N GLN C 199 -24.55 46.77 37.45
CA GLN C 199 -25.70 47.13 36.63
C GLN C 199 -25.28 47.67 35.27
N PHE C 200 -24.20 48.46 35.28
CA PHE C 200 -23.61 49.00 34.07
C PHE C 200 -23.06 47.89 33.18
N GLY C 201 -22.41 46.90 33.80
CA GLY C 201 -21.87 45.74 33.10
C GLY C 201 -22.92 44.93 32.34
N VAL C 202 -24.07 44.72 32.98
CA VAL C 202 -25.20 44.03 32.36
C VAL C 202 -25.70 44.82 31.15
N GLU C 203 -26.01 46.10 31.35
CA GLU C 203 -26.46 47.01 30.29
C GLU C 203 -25.51 47.02 29.10
N GLN C 204 -24.22 47.07 29.39
CA GLN C 204 -23.18 47.09 28.34
C GLN C 204 -22.82 45.71 27.78
N GLY C 205 -23.40 44.66 28.35
CA GLY C 205 -23.18 43.29 27.87
C GLY C 205 -21.74 42.79 27.98
N VAL C 206 -21.13 42.99 29.13
CA VAL C 206 -19.79 42.44 29.40
C VAL C 206 -19.88 40.92 29.52
N ASP C 207 -18.74 40.25 29.33
CA ASP C 207 -18.73 38.80 29.24
C ASP C 207 -18.48 38.17 30.61
N MET C 208 -17.72 38.89 31.43
CA MET C 208 -17.33 38.38 32.73
C MET C 208 -17.09 39.50 33.74
N ILE C 209 -17.37 39.19 34.99
CA ILE C 209 -17.01 40.05 36.11
C ILE C 209 -15.78 39.43 36.76
N PHE C 210 -14.77 40.27 37.02
CA PHE C 210 -13.71 39.89 37.95
C PHE C 210 -14.09 40.52 39.27
N ALA C 211 -14.62 39.71 40.18
CA ALA C 211 -15.09 40.22 41.46
C ALA C 211 -13.95 40.31 42.46
N SER C 212 -13.65 41.53 42.88
CA SER C 212 -12.55 41.82 43.80
C SER C 212 -12.88 41.47 45.24
N PHE C 213 -11.85 41.11 45.98
CA PHE C 213 -11.94 40.75 47.41
C PHE C 213 -13.09 39.81 47.76
N ILE C 214 -13.08 38.64 47.12
CA ILE C 214 -14.07 37.61 47.44
C ILE C 214 -13.64 36.87 48.71
N ARG C 215 -14.51 36.94 49.73
CA ARG C 215 -14.22 36.35 51.04
C ARG C 215 -14.99 35.06 51.30
N SER C 216 -16.16 34.94 50.69
CA SER C 216 -17.08 33.83 50.98
C SER C 216 -17.92 33.41 49.78
N ALA C 217 -18.54 32.24 49.91
CA ALA C 217 -19.49 31.71 48.92
C ALA C 217 -20.77 32.52 48.87
N GLU C 218 -21.18 33.01 50.04
CA GLU C 218 -22.38 33.82 50.17
C GLU C 218 -22.25 35.12 49.36
N GLN C 219 -21.07 35.73 49.46
CA GLN C 219 -20.74 36.94 48.71
C GLN C 219 -20.91 36.72 47.21
N VAL C 220 -20.45 35.57 46.72
CA VAL C 220 -20.56 35.20 45.30
C VAL C 220 -22.03 35.10 44.87
N GLY C 221 -22.87 34.57 45.75
CA GLY C 221 -24.31 34.49 45.50
C GLY C 221 -24.99 35.85 45.44
N ASP C 222 -24.47 36.80 46.19
CA ASP C 222 -24.98 38.17 46.20
C ASP C 222 -24.58 38.95 44.96
N VAL C 223 -23.35 38.73 44.50
CA VAL C 223 -22.88 39.30 43.23
C VAL C 223 -23.73 38.78 42.07
N ARG C 224 -24.08 37.50 42.11
CA ARG C 224 -24.94 36.91 41.07
C ARG C 224 -26.37 37.45 41.16
N LYS C 225 -26.87 37.62 42.38
CA LYS C 225 -28.18 38.22 42.61
C LYS C 225 -28.24 39.66 42.09
N ALA C 226 -27.14 40.39 42.26
CA ALA C 226 -27.03 41.78 41.81
C ALA C 226 -26.97 41.89 40.29
N LEU C 227 -26.47 40.85 39.64
CA LEU C 227 -26.45 40.79 38.18
C LEU C 227 -27.84 40.53 37.61
N GLY C 228 -28.71 39.94 38.43
CA GLY C 228 -30.11 39.73 38.07
C GLY C 228 -30.36 38.67 37.00
N PRO C 229 -31.60 38.62 36.47
CA PRO C 229 -31.97 37.65 35.44
C PRO C 229 -31.34 37.99 34.09
N LYS C 230 -31.21 39.29 33.80
CA LYS C 230 -30.56 39.77 32.60
C LYS C 230 -29.08 39.38 32.54
N GLY C 231 -28.45 39.27 33.71
CA GLY C 231 -27.01 38.96 33.81
C GLY C 231 -26.66 37.53 34.16
N ARG C 232 -27.62 36.62 34.03
CA ARG C 232 -27.41 35.20 34.39
C ARG C 232 -26.31 34.49 33.61
N ASP C 233 -26.07 34.91 32.36
CA ASP C 233 -25.08 34.30 31.48
C ASP C 233 -23.68 34.90 31.60
N ILE C 234 -23.54 35.94 32.43
CA ILE C 234 -22.24 36.54 32.69
C ILE C 234 -21.46 35.69 33.71
N MET C 235 -20.18 35.45 33.42
CA MET C 235 -19.33 34.68 34.29
C MET C 235 -18.80 35.51 35.45
N ILE C 236 -18.74 34.90 36.63
CA ILE C 236 -18.15 35.54 37.82
C ILE C 236 -16.83 34.85 38.16
N ILE C 237 -15.73 35.52 37.82
CA ILE C 237 -14.40 35.07 38.17
C ILE C 237 -14.09 35.69 39.52
N CYS C 238 -13.84 34.85 40.53
CA CYS C 238 -13.62 35.34 41.88
C CYS C 238 -12.16 35.66 42.12
N LYS C 239 -11.90 36.87 42.59
CA LYS C 239 -10.55 37.29 42.90
C LYS C 239 -10.24 36.96 44.34
N ILE C 240 -9.24 36.10 44.53
CA ILE C 240 -8.78 35.74 45.86
C ILE C 240 -7.56 36.59 46.19
N GLU C 241 -7.71 37.45 47.19
CA GLU C 241 -6.66 38.41 47.52
C GLU C 241 -6.64 38.78 48.99
N ASN C 242 -7.36 38.01 49.80
CA ASN C 242 -7.27 38.11 51.26
C ASN C 242 -7.30 36.77 51.97
N HIS C 243 -7.10 36.82 53.28
CA HIS C 243 -6.88 35.64 54.12
C HIS C 243 -8.02 34.64 54.08
N GLN C 244 -9.25 35.12 54.19
CA GLN C 244 -10.41 34.23 54.25
C GLN C 244 -10.96 33.83 52.87
N GLY C 245 -10.49 34.51 51.82
CA GLY C 245 -10.72 34.04 50.46
C GLY C 245 -9.99 32.73 50.25
N VAL C 246 -8.75 32.68 50.74
CA VAL C 246 -7.93 31.47 50.74
C VAL C 246 -8.58 30.38 51.62
N GLN C 247 -8.93 30.73 52.86
CA GLN C 247 -9.56 29.77 53.79
C GLN C 247 -10.86 29.15 53.25
N ASN C 248 -11.69 29.96 52.61
CA ASN C 248 -12.96 29.47 52.07
C ASN C 248 -12.90 29.01 50.60
N ILE C 249 -11.69 28.77 50.10
CA ILE C 249 -11.48 28.52 48.67
C ILE C 249 -12.38 27.45 48.02
N ASP C 250 -12.56 26.32 48.69
CA ASP C 250 -13.37 25.22 48.16
C ASP C 250 -14.82 25.64 47.90
N SER C 251 -15.41 26.34 48.87
CA SER C 251 -16.80 26.78 48.78
C SER C 251 -16.96 27.95 47.81
N ILE C 252 -15.90 28.75 47.66
CA ILE C 252 -15.88 29.81 46.67
C ILE C 252 -15.80 29.25 45.25
N ILE C 253 -14.91 28.27 45.04
CA ILE C 253 -14.74 27.62 43.74
C ILE C 253 -16.04 27.00 43.24
N GLU C 254 -16.75 26.34 44.16
CA GLU C 254 -18.05 25.73 43.88
C GLU C 254 -19.09 26.76 43.40
N GLU C 255 -19.02 27.98 43.93
CA GLU C 255 -19.95 29.05 43.58
C GLU C 255 -19.53 29.85 42.36
N SER C 256 -18.23 30.03 42.19
CA SER C 256 -17.68 30.82 41.09
C SER C 256 -17.75 30.10 39.75
N ASP C 257 -17.46 30.86 38.70
CA ASP C 257 -17.26 30.32 37.36
C ASP C 257 -15.77 30.31 37.06
N GLY C 258 -14.96 30.70 38.04
CA GLY C 258 -13.52 30.79 37.87
C GLY C 258 -12.84 31.57 38.97
N ILE C 259 -11.50 31.59 38.95
CA ILE C 259 -10.71 32.16 40.03
C ILE C 259 -9.53 32.99 39.50
N MET C 260 -9.27 34.11 40.18
CA MET C 260 -8.02 34.82 39.98
C MET C 260 -7.16 34.79 41.24
N VAL C 261 -5.91 34.39 41.05
CA VAL C 261 -4.89 34.53 42.08
C VAL C 261 -4.44 35.97 41.96
N ALA C 262 -5.03 36.82 42.80
CA ALA C 262 -4.79 38.27 42.75
C ALA C 262 -3.60 38.64 43.63
N ARG C 263 -2.41 38.35 43.12
CA ARG C 263 -1.16 38.39 43.88
C ARG C 263 -0.77 39.75 44.48
N GLY C 264 -1.25 40.84 43.90
CA GLY C 264 -0.94 42.17 44.41
C GLY C 264 -1.46 42.37 45.82
N ASP C 265 -2.79 42.34 45.95
CA ASP C 265 -3.40 42.49 47.27
C ASP C 265 -3.11 41.29 48.17
N LEU C 266 -3.11 40.09 47.61
CA LEU C 266 -2.82 38.87 48.38
C LEU C 266 -1.44 38.93 49.04
N GLY C 267 -0.45 39.39 48.27
CA GLY C 267 0.93 39.48 48.74
C GLY C 267 1.18 40.46 49.87
N VAL C 268 0.18 41.28 50.19
CA VAL C 268 0.27 42.19 51.35
C VAL C 268 -0.58 41.61 52.47
N GLU C 269 -1.75 41.12 52.08
CA GLU C 269 -2.74 40.61 53.01
C GLU C 269 -2.26 39.34 53.74
N ILE C 270 -1.49 38.51 53.05
CA ILE C 270 -0.78 37.38 53.67
C ILE C 270 0.73 37.59 53.45
N PRO C 271 1.59 36.86 54.20
CA PRO C 271 3.03 37.02 53.99
C PRO C 271 3.45 36.71 52.56
N ALA C 272 4.32 37.56 52.00
CA ALA C 272 4.72 37.45 50.60
C ALA C 272 5.15 36.05 50.15
N GLU C 273 5.95 35.38 50.97
CA GLU C 273 6.46 34.05 50.62
C GLU C 273 5.39 32.96 50.57
N LYS C 274 4.23 33.24 51.17
CA LYS C 274 3.11 32.30 51.22
C LYS C 274 2.29 32.30 49.92
N VAL C 275 2.45 33.35 49.12
CA VAL C 275 1.69 33.52 47.88
C VAL C 275 2.02 32.42 46.87
N VAL C 276 3.28 31.97 46.89
CA VAL C 276 3.77 30.90 46.02
C VAL C 276 2.95 29.61 46.19
N VAL C 277 2.82 29.17 47.43
CA VAL C 277 2.06 27.97 47.77
C VAL C 277 0.56 28.19 47.57
N ALA C 278 0.09 29.40 47.87
CA ALA C 278 -1.30 29.77 47.65
C ALA C 278 -1.66 29.64 46.17
N GLN C 279 -0.77 30.13 45.31
CA GLN C 279 -0.93 30.07 43.87
C GLN C 279 -0.96 28.61 43.37
N LYS C 280 -0.01 27.80 43.85
CA LYS C 280 0.02 26.37 43.57
C LYS C 280 -1.29 25.69 43.95
N ILE C 281 -1.79 25.99 45.14
CA ILE C 281 -3.03 25.40 45.65
C ILE C 281 -4.27 25.80 44.84
N LEU C 282 -4.40 27.10 44.56
CA LEU C 282 -5.60 27.63 43.89
C LEU C 282 -5.69 27.20 42.42
N ILE C 283 -4.54 27.13 41.76
CA ILE C 283 -4.51 26.68 40.37
C ILE C 283 -4.87 25.19 40.26
N SER C 284 -4.18 24.36 41.04
CA SER C 284 -4.45 22.92 41.07
C SER C 284 -5.91 22.60 41.40
N LYS C 285 -6.48 23.30 42.38
CA LYS C 285 -7.88 23.07 42.76
C LYS C 285 -8.84 23.40 41.63
N CYS C 286 -8.56 24.47 40.90
CA CYS C 286 -9.36 24.87 39.76
C CYS C 286 -9.20 23.91 38.59
N ASN C 287 -7.99 23.40 38.39
CA ASN C 287 -7.73 22.41 37.35
C ASN C 287 -8.56 21.15 37.56
N VAL C 288 -8.65 20.73 38.82
CA VAL C 288 -9.37 19.53 39.23
C VAL C 288 -10.88 19.74 39.16
N ALA C 289 -11.32 20.98 39.36
CA ALA C 289 -12.74 21.31 39.34
C ALA C 289 -13.25 21.64 37.93
N GLY C 290 -12.31 21.86 37.01
CA GLY C 290 -12.64 22.19 35.62
C GLY C 290 -13.07 23.63 35.40
N LYS C 291 -12.51 24.54 36.21
CA LYS C 291 -12.86 25.96 36.14
C LYS C 291 -11.61 26.80 35.84
N PRO C 292 -11.77 27.83 34.99
CA PRO C 292 -10.61 28.67 34.61
C PRO C 292 -9.93 29.35 35.80
N VAL C 293 -8.60 29.41 35.76
CA VAL C 293 -7.83 30.08 36.78
C VAL C 293 -6.83 31.00 36.12
N ILE C 294 -6.74 32.22 36.66
CA ILE C 294 -5.90 33.28 36.11
C ILE C 294 -4.79 33.60 37.09
N CYS C 295 -3.55 33.65 36.60
CA CYS C 295 -2.46 34.23 37.38
C CYS C 295 -2.36 35.72 37.07
N ALA C 296 -2.05 36.51 38.09
CA ALA C 296 -2.08 37.97 37.94
C ALA C 296 -1.00 38.71 38.73
N THR C 297 -0.73 39.94 38.27
CA THR C 297 0.00 40.98 39.00
C THR C 297 1.52 40.82 39.10
N GLN C 298 2.21 41.85 38.59
CA GLN C 298 3.67 42.01 38.67
C GLN C 298 4.44 40.93 37.94
N MET C 299 3.83 40.41 36.87
CA MET C 299 4.38 39.28 36.15
C MET C 299 5.53 39.65 35.23
N LEU C 300 5.39 40.79 34.57
CA LEU C 300 6.43 41.36 33.73
C LEU C 300 6.56 42.84 34.08
N GLU C 301 6.66 43.09 35.39
CA GLU C 301 6.59 44.44 35.97
C GLU C 301 7.60 45.45 35.41
N SER C 302 8.87 45.03 35.29
CA SER C 302 9.94 45.91 34.81
C SER C 302 9.77 46.35 33.35
N MET C 303 8.85 45.72 32.62
CA MET C 303 8.59 46.11 31.24
C MET C 303 7.60 47.27 31.13
N THR C 304 7.14 47.78 32.26
CA THR C 304 6.39 49.02 32.30
C THR C 304 7.29 50.17 31.84
N TYR C 305 8.61 50.01 32.06
CA TYR C 305 9.62 51.03 31.77
C TYR C 305 10.70 50.52 30.82
N ASN C 306 10.95 49.22 30.84
CA ASN C 306 11.98 48.62 29.99
C ASN C 306 11.37 47.88 28.80
N PRO C 307 12.10 47.81 27.67
CA PRO C 307 11.65 47.04 26.49
C PRO C 307 11.77 45.52 26.65
N ARG C 308 12.53 45.05 27.65
CA ARG C 308 12.71 43.62 27.89
C ARG C 308 12.82 43.29 29.40
N PRO C 309 12.32 42.10 29.82
CA PRO C 309 12.08 41.84 31.25
C PRO C 309 13.29 41.32 32.02
N THR C 310 13.13 41.24 33.34
CA THR C 310 14.12 40.60 34.20
C THR C 310 14.02 39.08 34.06
N ARG C 311 15.06 38.38 34.50
CA ARG C 311 15.10 36.91 34.49
C ARG C 311 14.03 36.31 35.41
N ALA C 312 13.77 36.97 36.53
CA ALA C 312 12.75 36.54 37.48
C ALA C 312 11.35 36.57 36.88
N GLU C 313 11.08 37.60 36.08
CA GLU C 313 9.78 37.80 35.44
C GLU C 313 9.50 36.74 34.36
N VAL C 314 10.52 36.45 33.55
CA VAL C 314 10.45 35.37 32.57
C VAL C 314 10.09 34.07 33.29
N SER C 315 10.88 33.75 34.31
CA SER C 315 10.69 32.59 35.16
C SER C 315 9.29 32.52 35.76
N ASP C 316 8.80 33.66 36.25
CA ASP C 316 7.47 33.75 36.84
C ASP C 316 6.35 33.33 35.87
N VAL C 317 6.42 33.84 34.65
CA VAL C 317 5.39 33.61 33.63
C VAL C 317 5.36 32.15 33.20
N ALA C 318 6.52 31.59 32.90
CA ALA C 318 6.62 30.18 32.50
C ALA C 318 6.05 29.27 33.57
N ASN C 319 6.46 29.50 34.81
CA ASN C 319 6.04 28.69 35.96
C ASN C 319 4.56 28.83 36.30
N ALA C 320 3.90 29.85 35.77
CA ALA C 320 2.45 29.96 35.91
C ALA C 320 1.78 28.97 34.97
N VAL C 321 2.38 28.79 33.80
CA VAL C 321 1.91 27.82 32.82
C VAL C 321 2.16 26.39 33.33
N PHE C 322 3.36 26.16 33.87
CA PHE C 322 3.69 24.89 34.51
C PHE C 322 2.75 24.58 35.68
N ASN C 323 2.41 25.59 36.47
CA ASN C 323 1.48 25.40 37.58
C ASN C 323 0.10 24.95 37.10
N GLY C 324 -0.27 25.36 35.89
CA GLY C 324 -1.55 24.97 35.31
C GLY C 324 -2.54 26.09 35.05
N ALA C 325 -2.07 27.34 35.09
CA ALA C 325 -2.94 28.49 34.84
C ALA C 325 -3.55 28.47 33.43
N ASP C 326 -4.83 28.81 33.34
CA ASP C 326 -5.49 29.02 32.05
C ASP C 326 -5.03 30.34 31.43
N CYS C 327 -4.93 31.35 32.29
CA CYS C 327 -4.66 32.71 31.87
C CYS C 327 -3.52 33.34 32.65
N VAL C 328 -2.79 34.21 31.98
CA VAL C 328 -1.80 35.07 32.61
C VAL C 328 -2.20 36.52 32.35
N MET C 329 -1.95 37.40 33.31
CA MET C 329 -2.45 38.77 33.23
C MET C 329 -1.40 39.88 33.29
N LEU C 330 -1.63 40.90 32.47
CA LEU C 330 -0.85 42.15 32.49
C LEU C 330 -1.69 43.29 33.04
N SER C 331 -1.10 44.03 33.98
CA SER C 331 -1.79 45.13 34.66
C SER C 331 -1.21 46.47 34.24
N GLY C 332 -0.43 47.10 35.14
CA GLY C 332 0.21 48.39 34.86
C GLY C 332 1.10 48.37 33.64
N GLU C 333 1.48 47.16 33.22
CA GLU C 333 2.28 46.93 32.02
C GLU C 333 1.57 47.41 30.75
N THR C 334 0.27 47.09 30.63
CA THR C 334 -0.53 47.57 29.49
C THR C 334 -1.38 48.80 29.83
N ALA C 335 -1.74 48.95 31.11
CA ALA C 335 -2.59 50.05 31.55
C ALA C 335 -1.90 51.41 31.41
N LYS C 336 -0.64 51.50 31.84
CA LYS C 336 0.09 52.77 31.76
C LYS C 336 1.58 52.65 31.44
N GLY C 337 1.96 51.51 30.83
CA GLY C 337 3.36 51.24 30.47
C GLY C 337 3.87 51.91 29.21
N LYS C 338 5.20 51.89 29.04
CA LYS C 338 5.86 52.43 27.86
C LYS C 338 5.85 51.47 26.67
N TYR C 339 5.75 50.17 26.94
CA TYR C 339 5.91 49.14 25.91
C TYR C 339 4.77 48.13 25.87
N PRO C 340 3.52 48.60 25.63
CA PRO C 340 2.35 47.71 25.74
C PRO C 340 2.33 46.53 24.74
N ASN C 341 2.86 46.74 23.54
CA ASN C 341 2.92 45.67 22.54
C ASN C 341 4.02 44.65 22.83
N GLU C 342 5.20 45.16 23.18
CA GLU C 342 6.36 44.32 23.46
C GLU C 342 6.14 43.38 24.64
N VAL C 343 5.41 43.88 25.64
CA VAL C 343 5.13 43.10 26.86
C VAL C 343 4.16 41.94 26.60
N VAL C 344 3.10 42.21 25.84
CA VAL C 344 2.17 41.16 25.42
C VAL C 344 2.88 40.12 24.55
N GLN C 345 3.73 40.59 23.63
CA GLN C 345 4.55 39.77 22.75
C GLN C 345 5.52 38.87 23.50
N TYR C 346 6.16 39.41 24.53
CA TYR C 346 7.04 38.63 25.40
C TYR C 346 6.28 37.54 26.15
N MET C 347 5.11 37.90 26.69
CA MET C 347 4.29 36.97 27.44
C MET C 347 3.83 35.80 26.60
N ALA C 348 3.44 36.06 25.36
CA ALA C 348 3.03 35.02 24.42
C ALA C 348 4.19 34.06 24.13
N ARG C 349 5.38 34.63 23.93
CA ARG C 349 6.59 33.89 23.61
C ARG C 349 7.05 33.00 24.77
N ILE C 350 6.87 33.48 25.99
CA ILE C 350 7.24 32.70 27.18
C ILE C 350 6.24 31.57 27.38
N CYS C 351 4.95 31.89 27.24
CA CYS C 351 3.88 30.89 27.33
C CYS C 351 4.04 29.77 26.32
N LEU C 352 4.45 30.13 25.11
CA LEU C 352 4.62 29.18 24.03
C LEU C 352 5.82 28.27 24.31
N GLU C 353 6.87 28.84 24.91
CA GLU C 353 8.07 28.10 25.26
C GLU C 353 7.82 27.12 26.41
N ALA C 354 7.09 27.60 27.42
CA ALA C 354 6.72 26.79 28.57
C ALA C 354 5.87 25.60 28.11
N GLN C 355 4.97 25.87 27.17
CA GLN C 355 4.10 24.85 26.60
C GLN C 355 4.90 23.71 25.98
N SER C 356 6.06 24.03 25.40
CA SER C 356 6.98 23.01 24.88
C SER C 356 7.45 22.02 25.96
N ALA C 357 7.74 22.53 27.16
CA ALA C 357 8.27 21.72 28.24
C ALA C 357 7.17 21.05 29.04
N LEU C 358 5.97 21.60 28.96
CA LEU C 358 4.81 21.06 29.68
C LEU C 358 4.49 19.63 29.23
N ASN C 359 4.29 18.76 30.21
CA ASN C 359 3.98 17.36 29.96
C ASN C 359 2.48 17.12 30.07
N GLU C 360 1.77 17.35 28.96
CA GLU C 360 0.30 17.35 28.95
C GLU C 360 -0.30 16.01 29.34
N TYR C 361 0.36 14.93 28.93
CA TYR C 361 -0.11 13.58 29.21
C TYR C 361 -0.18 13.28 30.71
N VAL C 362 0.87 13.66 31.44
CA VAL C 362 0.91 13.54 32.91
C VAL C 362 -0.20 14.38 33.52
N PHE C 363 -0.34 15.61 33.03
CA PHE C 363 -1.40 16.53 33.44
C PHE C 363 -2.76 15.84 33.31
N PHE C 364 -3.01 15.29 32.12
CA PHE C 364 -4.24 14.56 31.80
C PHE C 364 -4.53 13.41 32.77
N ASN C 365 -3.54 12.57 33.00
CA ASN C 365 -3.74 11.41 33.86
C ASN C 365 -3.96 11.80 35.32
N SER C 366 -3.27 12.85 35.74
CA SER C 366 -3.41 13.37 37.09
C SER C 366 -4.82 13.90 37.36
N ILE C 367 -5.35 14.69 36.42
CA ILE C 367 -6.71 15.22 36.51
C ILE C 367 -7.76 14.13 36.52
N LYS C 368 -7.55 13.10 35.71
CA LYS C 368 -8.48 11.97 35.62
C LYS C 368 -8.56 11.21 36.97
N LYS C 369 -7.41 10.90 37.54
CA LYS C 369 -7.31 10.19 38.83
C LYS C 369 -7.97 10.89 40.02
N LEU C 370 -8.14 12.22 39.93
CA LEU C 370 -8.66 13.02 41.04
C LEU C 370 -10.15 13.38 40.92
N GLN C 371 -10.86 12.67 40.05
CA GLN C 371 -12.28 12.90 39.85
C GLN C 371 -13.08 11.83 40.59
N HIS C 372 -14.15 12.26 41.24
CA HIS C 372 -15.05 11.31 41.89
C HIS C 372 -15.59 10.32 40.86
N ILE C 373 -15.51 9.03 41.22
CA ILE C 373 -16.11 7.98 40.40
C ILE C 373 -17.35 7.48 41.15
N PRO C 374 -18.49 7.34 40.45
CA PRO C 374 -18.63 7.45 38.99
C PRO C 374 -18.72 8.88 38.49
N MET C 375 -18.23 9.10 37.26
CA MET C 375 -18.39 10.35 36.54
C MET C 375 -19.78 10.38 35.92
N SER C 376 -20.22 11.58 35.54
CA SER C 376 -21.40 11.75 34.72
C SER C 376 -21.05 11.36 33.29
N ALA C 377 -22.07 11.06 32.50
CA ALA C 377 -21.89 10.67 31.10
C ALA C 377 -21.08 11.69 30.28
N ASP C 378 -21.41 12.98 30.44
CA ASP C 378 -20.77 14.02 29.64
C ASP C 378 -19.30 14.20 29.98
N GLU C 379 -18.96 14.06 31.26
CA GLU C 379 -17.56 14.13 31.67
C GLU C 379 -16.75 12.90 31.26
N ALA C 380 -17.35 11.71 31.40
CA ALA C 380 -16.69 10.47 30.96
C ALA C 380 -16.37 10.52 29.47
N VAL C 381 -17.33 11.01 28.67
CA VAL C 381 -17.16 11.25 27.25
C VAL C 381 -15.94 12.13 26.93
N CYS C 382 -15.84 13.28 27.60
CA CYS C 382 -14.73 14.21 27.34
C CYS C 382 -13.37 13.63 27.73
N SER C 383 -13.36 12.91 28.84
CA SER C 383 -12.17 12.26 29.35
C SER C 383 -11.73 11.11 28.44
N SER C 384 -12.70 10.33 27.96
CA SER C 384 -12.39 9.22 27.07
C SER C 384 -12.00 9.70 25.68
N ALA C 385 -12.52 10.86 25.27
CA ALA C 385 -12.15 11.51 24.03
C ALA C 385 -10.69 11.94 24.04
N VAL C 386 -10.27 12.62 25.10
CA VAL C 386 -8.89 13.06 25.25
C VAL C 386 -7.96 11.84 25.28
N ASN C 387 -8.41 10.77 25.94
CA ASN C 387 -7.72 9.49 25.89
C ASN C 387 -7.43 9.04 24.45
N SER C 388 -8.47 9.09 23.62
CA SER C 388 -8.40 8.77 22.18
C SER C 388 -7.38 9.61 21.41
N VAL C 389 -7.28 10.89 21.75
CA VAL C 389 -6.28 11.79 21.17
C VAL C 389 -4.86 11.28 21.40
N TYR C 390 -4.54 10.92 22.64
CA TYR C 390 -3.21 10.42 22.97
C TYR C 390 -2.93 9.08 22.31
N GLU C 391 -3.95 8.23 22.24
CA GLU C 391 -3.81 6.88 21.69
C GLU C 391 -3.59 6.86 20.18
N THR C 392 -4.22 7.81 19.49
CA THR C 392 -4.16 7.89 18.02
C THR C 392 -3.21 8.97 17.48
N LYS C 393 -2.70 9.82 18.38
CA LYS C 393 -1.94 11.01 18.02
C LYS C 393 -2.75 11.94 17.10
N ALA C 394 -4.05 12.05 17.42
CA ALA C 394 -4.96 12.96 16.75
C ALA C 394 -4.42 14.39 16.88
N LYS C 395 -4.61 15.19 15.83
CA LYS C 395 -3.99 16.52 15.75
C LYS C 395 -4.95 17.69 16.02
N ALA C 396 -6.21 17.36 16.28
CA ALA C 396 -7.19 18.36 16.70
C ALA C 396 -8.43 17.69 17.25
N MET C 397 -9.14 18.39 18.14
CA MET C 397 -10.44 17.95 18.61
C MET C 397 -11.46 18.99 18.17
N VAL C 398 -12.67 18.57 17.89
CA VAL C 398 -13.77 19.48 17.59
C VAL C 398 -14.87 19.22 18.61
N VAL C 399 -15.38 20.28 19.24
N VAL C 399 -15.36 20.28 19.24
CA VAL C 399 -16.45 20.16 20.22
CA VAL C 399 -16.44 20.20 20.23
C VAL C 399 -17.57 21.15 19.97
C VAL C 399 -17.57 21.12 19.82
N LEU C 400 -18.80 20.65 19.96
CA LEU C 400 -19.96 21.51 19.79
C LEU C 400 -20.42 21.91 21.18
N SER C 401 -20.35 23.20 21.46
CA SER C 401 -20.84 23.72 22.71
C SER C 401 -21.48 25.05 22.45
N ASN C 402 -22.71 25.20 22.96
CA ASN C 402 -23.45 26.44 22.82
C ASN C 402 -23.27 27.34 24.05
N THR C 403 -23.27 26.73 25.24
CA THR C 403 -23.10 27.45 26.50
C THR C 403 -21.63 27.54 26.90
N GLY C 404 -20.79 26.73 26.28
CA GLY C 404 -19.36 26.72 26.58
C GLY C 404 -18.94 25.63 27.56
N ARG C 405 -19.94 24.97 28.16
CA ARG C 405 -19.70 23.90 29.15
C ARG C 405 -18.81 22.77 28.64
N SER C 406 -19.23 22.13 27.54
CA SER C 406 -18.52 21.00 26.95
C SER C 406 -17.08 21.35 26.58
N ALA C 407 -16.88 22.58 26.08
CA ALA C 407 -15.56 23.05 25.64
C ALA C 407 -14.61 23.16 26.82
N ARG C 408 -15.11 23.67 27.94
CA ARG C 408 -14.36 23.75 29.19
C ARG C 408 -14.15 22.36 29.78
N LEU C 409 -15.13 21.49 29.59
CA LEU C 409 -15.05 20.12 30.08
C LEU C 409 -14.00 19.29 29.35
N VAL C 410 -13.83 19.52 28.05
CA VAL C 410 -12.78 18.84 27.28
C VAL C 410 -11.40 19.40 27.59
N ALA C 411 -11.33 20.73 27.71
CA ALA C 411 -10.09 21.44 27.99
C ALA C 411 -9.56 21.10 29.37
N LYS C 412 -10.48 20.79 30.29
CA LYS C 412 -10.12 20.33 31.63
C LYS C 412 -9.10 19.18 31.59
N TYR C 413 -9.28 18.28 30.62
CA TYR C 413 -8.50 17.05 30.55
C TYR C 413 -7.22 17.17 29.71
N ARG C 414 -6.88 18.40 29.33
CA ARG C 414 -5.59 18.76 28.73
C ARG C 414 -5.07 17.82 27.61
N PRO C 415 -5.71 17.85 26.43
CA PRO C 415 -5.16 17.12 25.28
C PRO C 415 -3.93 17.85 24.73
N ASN C 416 -3.06 17.12 24.02
CA ASN C 416 -1.84 17.73 23.48
C ASN C 416 -2.00 18.22 22.04
N CYS C 417 -3.24 18.54 21.69
CA CYS C 417 -3.56 19.10 20.39
C CYS C 417 -4.50 20.28 20.63
N PRO C 418 -4.66 21.17 19.63
CA PRO C 418 -5.65 22.25 19.75
C PRO C 418 -7.08 21.73 19.85
N ILE C 419 -7.91 22.44 20.61
CA ILE C 419 -9.34 22.16 20.67
C ILE C 419 -10.07 23.24 19.89
N VAL C 420 -10.91 22.81 18.95
CA VAL C 420 -11.70 23.72 18.17
C VAL C 420 -13.14 23.64 18.68
N CYS C 421 -13.64 24.74 19.24
CA CYS C 421 -15.03 24.77 19.64
C CYS C 421 -15.88 25.42 18.57
N VAL C 422 -16.92 24.71 18.12
CA VAL C 422 -17.91 25.32 17.23
C VAL C 422 -19.15 25.68 18.04
N THR C 423 -19.40 26.98 18.16
CA THR C 423 -20.50 27.50 18.98
C THR C 423 -21.48 28.38 18.19
N THR C 424 -22.72 28.40 18.64
CA THR C 424 -23.77 29.21 18.00
C THR C 424 -24.02 30.52 18.75
N ARG C 425 -23.20 30.80 19.76
CA ARG C 425 -23.26 32.05 20.51
C ARG C 425 -21.92 32.78 20.50
N LEU C 426 -21.95 34.04 20.06
CA LEU C 426 -20.75 34.86 19.92
C LEU C 426 -20.12 35.20 21.28
N GLN C 427 -20.95 35.29 22.32
CA GLN C 427 -20.45 35.51 23.68
C GLN C 427 -19.60 34.34 24.18
N THR C 428 -20.05 33.12 23.88
CA THR C 428 -19.32 31.90 24.20
C THR C 428 -17.92 31.93 23.58
N CYS C 429 -17.82 32.36 22.33
CA CYS C 429 -16.53 32.63 21.69
C CYS C 429 -15.64 33.52 22.55
N ARG C 430 -16.18 34.67 22.96
CA ARG C 430 -15.47 35.60 23.84
C ARG C 430 -15.15 34.98 25.20
N GLN C 431 -16.15 34.36 25.82
CA GLN C 431 -16.03 33.74 27.15
C GLN C 431 -15.00 32.61 27.21
N LEU C 432 -14.90 31.82 26.14
CA LEU C 432 -13.90 30.75 26.09
C LEU C 432 -12.46 31.28 25.90
N ASN C 433 -12.31 32.61 25.92
CA ASN C 433 -11.01 33.29 25.86
C ASN C 433 -10.25 33.26 27.18
N ILE C 434 -10.91 32.82 28.25
CA ILE C 434 -10.24 32.57 29.51
C ILE C 434 -9.96 31.07 29.74
N THR C 435 -10.33 30.26 28.74
CA THR C 435 -10.08 28.82 28.79
C THR C 435 -8.91 28.40 27.89
N GLN C 436 -7.90 27.82 28.52
CA GLN C 436 -6.66 27.36 27.91
C GLN C 436 -6.90 26.35 26.78
N GLY C 437 -6.15 26.50 25.68
CA GLY C 437 -6.12 25.50 24.61
C GLY C 437 -7.32 25.40 23.68
N VAL C 438 -8.23 26.36 23.75
CA VAL C 438 -9.47 26.35 22.97
C VAL C 438 -9.51 27.51 21.97
N GLU C 439 -9.99 27.23 20.77
CA GLU C 439 -10.30 28.27 19.79
C GLU C 439 -11.71 28.09 19.27
N SER C 440 -12.47 29.20 19.26
CA SER C 440 -13.88 29.15 18.93
C SER C 440 -14.18 29.53 17.50
N VAL C 441 -15.11 28.80 16.90
CA VAL C 441 -15.64 29.10 15.58
C VAL C 441 -17.13 29.38 15.73
N PHE C 442 -17.55 30.57 15.28
CA PHE C 442 -18.95 30.94 15.35
C PHE C 442 -19.71 30.30 14.20
N PHE C 443 -20.84 29.71 14.53
CA PHE C 443 -21.71 29.11 13.52
C PHE C 443 -23.05 29.82 13.61
N ASP C 444 -23.31 30.67 12.62
CA ASP C 444 -24.51 31.50 12.64
C ASP C 444 -25.75 30.67 12.33
N ALA C 445 -26.35 30.12 13.39
CA ALA C 445 -27.53 29.28 13.29
C ALA C 445 -28.75 30.03 12.74
N ASP C 446 -28.73 31.36 12.83
CA ASP C 446 -29.82 32.19 12.31
C ASP C 446 -29.93 32.15 10.79
N LYS C 447 -28.78 32.11 10.11
CA LYS C 447 -28.76 32.03 8.65
C LYS C 447 -28.54 30.60 8.13
N LEU C 448 -27.72 29.82 8.83
CA LEU C 448 -27.29 28.49 8.35
C LEU C 448 -28.22 27.34 8.76
N GLY C 449 -29.00 27.54 9.82
CA GLY C 449 -29.91 26.52 10.31
C GLY C 449 -29.47 25.94 11.65
N HIS C 450 -30.39 25.21 12.30
CA HIS C 450 -30.15 24.65 13.62
C HIS C 450 -29.18 23.45 13.65
N ASP C 451 -28.89 22.88 12.48
CA ASP C 451 -27.92 21.79 12.32
C ASP C 451 -28.04 20.71 13.41
N GLU C 452 -29.24 20.14 13.50
N GLU C 452 -29.24 20.13 13.54
CA GLU C 452 -29.55 19.09 14.48
CA GLU C 452 -29.46 19.09 14.55
C GLU C 452 -28.88 17.76 14.12
C GLU C 452 -28.86 17.75 14.14
N GLY C 453 -28.35 17.68 12.91
CA GLY C 453 -27.60 16.51 12.43
C GLY C 453 -26.12 16.63 12.76
N LYS C 454 -25.72 17.82 13.23
CA LYS C 454 -24.34 18.16 13.67
C LYS C 454 -23.28 18.23 12.56
N GLU C 455 -23.62 17.78 11.36
CA GLU C 455 -22.69 17.69 10.23
C GLU C 455 -22.05 19.02 9.82
N HIS C 456 -22.88 20.07 9.72
CA HIS C 456 -22.38 21.37 9.27
C HIS C 456 -21.45 22.00 10.29
N ARG C 457 -21.82 21.93 11.56
CA ARG C 457 -21.00 22.47 12.62
C ARG C 457 -19.66 21.71 12.72
N VAL C 458 -19.72 20.38 12.66
CA VAL C 458 -18.50 19.56 12.66
C VAL C 458 -17.59 19.94 11.49
N ALA C 459 -18.17 20.08 10.30
CA ALA C 459 -17.44 20.47 9.08
C ALA C 459 -16.71 21.80 9.23
N ALA C 460 -17.35 22.80 9.85
CA ALA C 460 -16.73 24.10 10.11
C ALA C 460 -15.56 23.98 11.10
N GLY C 461 -15.67 23.04 12.04
CA GLY C 461 -14.59 22.78 12.98
C GLY C 461 -13.35 22.30 12.27
N VAL C 462 -13.52 21.34 11.38
CA VAL C 462 -12.42 20.69 10.67
C VAL C 462 -11.76 21.62 9.62
N GLU C 463 -12.59 22.38 8.91
CA GLU C 463 -12.06 23.36 7.95
C GLU C 463 -11.22 24.44 8.64
N PHE C 464 -11.67 24.86 9.83
CA PHE C 464 -10.90 25.80 10.63
C PHE C 464 -9.56 25.17 11.03
N ALA C 465 -9.62 23.93 11.52
CA ALA C 465 -8.43 23.16 11.87
C ALA C 465 -7.47 22.97 10.69
N LYS C 466 -8.02 22.73 9.50
CA LYS C 466 -7.24 22.62 8.27
C LYS C 466 -6.59 23.95 7.86
N SER C 467 -7.38 25.02 7.86
CA SER C 467 -6.90 26.34 7.45
C SER C 467 -5.85 26.89 8.42
N LYS C 468 -5.87 26.38 9.66
CA LYS C 468 -4.88 26.72 10.67
C LYS C 468 -3.64 25.83 10.59
N GLY C 469 -3.72 24.79 9.77
CA GLY C 469 -2.64 23.84 9.59
C GLY C 469 -2.47 22.87 10.73
N TYR C 470 -3.53 22.67 11.51
CA TYR C 470 -3.48 21.71 12.61
C TYR C 470 -3.61 20.28 12.07
N VAL C 471 -4.50 20.10 11.10
CA VAL C 471 -4.72 18.80 10.46
C VAL C 471 -4.55 18.88 8.95
N GLN C 472 -4.10 17.77 8.37
CA GLN C 472 -4.01 17.60 6.92
C GLN C 472 -4.74 16.32 6.56
N THR C 473 -4.86 16.08 5.26
CA THR C 473 -5.40 14.84 4.72
C THR C 473 -4.72 13.66 5.41
N GLY C 474 -5.52 12.71 5.87
CA GLY C 474 -5.00 11.47 6.44
C GLY C 474 -4.73 11.50 7.92
N ASP C 475 -4.89 12.68 8.54
CA ASP C 475 -4.80 12.87 9.98
C ASP C 475 -6.09 12.46 10.68
N TYR C 476 -6.00 12.25 11.99
CA TYR C 476 -7.16 11.92 12.83
C TYR C 476 -7.71 13.12 13.57
N CYS C 477 -9.03 13.22 13.60
CA CYS C 477 -9.72 14.24 14.37
C CYS C 477 -10.72 13.62 15.35
N VAL C 478 -10.62 13.98 16.63
CA VAL C 478 -11.55 13.48 17.63
C VAL C 478 -12.67 14.50 17.83
N VAL C 479 -13.91 14.05 17.68
CA VAL C 479 -15.06 14.96 17.64
C VAL C 479 -16.08 14.62 18.74
N ILE C 480 -16.46 15.64 19.50
CA ILE C 480 -17.37 15.49 20.62
C ILE C 480 -18.65 16.28 20.40
N HIS C 481 -19.78 15.58 20.49
CA HIS C 481 -21.11 16.20 20.51
C HIS C 481 -22.15 15.14 20.91
N ALA C 482 -23.42 15.39 20.62
CA ALA C 482 -24.46 14.43 20.98
C ALA C 482 -24.89 13.62 19.78
N ASP C 483 -25.54 12.49 20.03
CA ASP C 483 -26.22 11.73 18.97
C ASP C 483 -27.51 12.46 18.56
N HIS C 484 -28.37 11.80 17.80
CA HIS C 484 -29.59 12.47 17.32
C HIS C 484 -30.63 12.75 18.41
N LYS C 485 -30.66 11.92 19.45
CA LYS C 485 -31.73 11.94 20.45
C LYS C 485 -31.42 12.72 21.73
N VAL C 486 -30.19 12.61 22.21
CA VAL C 486 -29.78 13.25 23.46
C VAL C 486 -29.65 14.78 23.33
N LYS C 487 -30.37 15.51 24.19
CA LYS C 487 -30.27 16.98 24.23
C LYS C 487 -29.71 17.46 25.57
N GLY C 488 -28.86 18.50 25.53
CA GLY C 488 -28.35 19.13 26.76
C GLY C 488 -26.88 18.91 27.07
N TYR C 489 -26.33 17.80 26.60
CA TYR C 489 -24.91 17.49 26.78
C TYR C 489 -24.42 16.60 25.64
N ALA C 490 -23.10 16.50 25.49
CA ALA C 490 -22.49 15.60 24.52
C ALA C 490 -22.38 14.20 25.11
N ASN C 491 -22.96 13.21 24.44
CA ASN C 491 -22.88 11.83 24.91
C ASN C 491 -22.11 10.91 23.95
N GLN C 492 -21.43 11.51 22.98
CA GLN C 492 -20.81 10.77 21.90
C GLN C 492 -19.46 11.34 21.48
N THR C 493 -18.47 10.47 21.29
CA THR C 493 -17.25 10.85 20.56
C THR C 493 -17.02 9.95 19.37
N ARG C 494 -16.54 10.55 18.29
CA ARG C 494 -16.09 9.79 17.14
C ARG C 494 -14.67 10.19 16.76
N ILE C 495 -13.95 9.25 16.15
CA ILE C 495 -12.66 9.55 15.56
C ILE C 495 -12.83 9.51 14.05
N LEU C 496 -12.48 10.59 13.38
CA LEU C 496 -12.63 10.64 11.94
C LEU C 496 -11.36 11.01 11.20
N LEU C 497 -11.24 10.44 10.00
CA LEU C 497 -10.13 10.68 9.09
C LEU C 497 -10.43 11.94 8.30
N VAL C 498 -9.54 12.92 8.38
CA VAL C 498 -9.79 14.18 7.70
C VAL C 498 -9.40 14.07 6.23
N GLU C 499 -10.28 14.59 5.39
CA GLU C 499 -10.07 14.66 3.95
C GLU C 499 -9.31 15.92 3.61
N SER D 2 -0.66 -2.99 43.76
CA SER D 2 0.05 -4.27 43.44
C SER D 2 -0.87 -5.48 43.60
N GLN D 3 -0.43 -6.62 43.06
CA GLN D 3 -1.14 -7.89 43.24
C GLN D 3 -1.29 -8.19 44.72
N LEU D 4 -0.16 -8.12 45.43
CA LEU D 4 -0.11 -8.34 46.87
C LEU D 4 -1.21 -7.55 47.59
N ALA D 5 -1.20 -6.23 47.40
CA ALA D 5 -2.17 -5.34 48.02
C ALA D 5 -3.61 -5.69 47.65
N HIS D 6 -3.83 -6.09 46.40
CA HIS D 6 -5.14 -6.52 45.95
C HIS D 6 -5.66 -7.73 46.74
N ASN D 7 -4.79 -8.72 46.94
CA ASN D 7 -5.14 -9.94 47.67
C ASN D 7 -5.67 -9.66 49.07
N LEU D 8 -5.20 -8.58 49.70
CA LEU D 8 -5.66 -8.20 51.03
C LEU D 8 -7.10 -7.67 51.05
N THR D 9 -7.58 -7.21 49.90
CA THR D 9 -8.94 -6.68 49.81
C THR D 9 -9.97 -7.77 49.51
N LEU D 10 -9.48 -8.98 49.21
CA LEU D 10 -10.35 -10.09 48.83
C LEU D 10 -11.04 -10.71 50.03
N SER D 11 -12.21 -11.27 49.80
CA SER D 11 -12.89 -12.10 50.81
C SER D 11 -13.50 -13.34 50.17
N ILE D 12 -13.59 -14.41 50.96
CA ILE D 12 -14.23 -15.64 50.50
C ILE D 12 -15.74 -15.47 50.43
N PHE D 13 -16.28 -14.51 51.18
CA PHE D 13 -17.71 -14.20 51.17
C PHE D 13 -18.15 -13.30 50.01
N ASP D 14 -17.17 -12.68 49.35
CA ASP D 14 -17.43 -11.76 48.24
C ASP D 14 -18.36 -12.38 47.22
N PRO D 15 -19.48 -11.68 46.90
CA PRO D 15 -20.49 -12.22 45.99
C PRO D 15 -19.94 -12.32 44.58
N VAL D 16 -20.24 -13.42 43.89
CA VAL D 16 -19.82 -13.61 42.50
C VAL D 16 -20.67 -12.74 41.57
N ALA D 17 -20.19 -12.53 40.35
CA ALA D 17 -20.89 -11.70 39.38
C ALA D 17 -22.16 -12.39 38.86
N ASN D 18 -23.04 -11.60 38.23
CA ASN D 18 -24.23 -12.12 37.55
C ASN D 18 -23.96 -12.68 36.13
N TYR D 19 -22.69 -12.73 35.75
CA TYR D 19 -22.28 -13.28 34.46
C TYR D 19 -20.93 -13.97 34.61
N ARG D 20 -20.70 -15.01 33.83
CA ARG D 20 -19.40 -15.69 33.76
C ARG D 20 -18.68 -15.29 32.48
N ALA D 21 -17.45 -14.80 32.61
CA ALA D 21 -16.68 -14.31 31.47
C ALA D 21 -15.94 -15.39 30.66
N ALA D 22 -15.33 -16.34 31.35
CA ALA D 22 -14.62 -17.45 30.72
C ALA D 22 -15.58 -18.43 30.06
N ARG D 23 -15.06 -19.12 29.04
CA ARG D 23 -15.85 -20.00 28.19
C ARG D 23 -15.34 -21.43 28.26
N ILE D 24 -16.26 -22.39 28.23
CA ILE D 24 -15.92 -23.79 28.42
C ILE D 24 -16.08 -24.60 27.14
N ILE D 25 -15.06 -25.41 26.86
CA ILE D 25 -15.05 -26.29 25.71
C ILE D 25 -15.07 -27.73 26.19
N CYS D 26 -15.94 -28.53 25.58
CA CYS D 26 -16.07 -29.92 25.94
C CYS D 26 -15.83 -30.74 24.71
N THR D 27 -15.01 -31.77 24.84
CA THR D 27 -14.85 -32.67 23.72
C THR D 27 -15.89 -33.77 23.83
N ILE D 28 -16.54 -34.08 22.70
CA ILE D 28 -17.67 -34.99 22.67
C ILE D 28 -17.23 -36.42 22.32
N GLY D 29 -17.60 -37.36 23.17
CA GLY D 29 -17.30 -38.77 22.96
C GLY D 29 -18.47 -39.64 23.39
N PRO D 30 -18.23 -40.96 23.58
CA PRO D 30 -19.27 -41.93 23.97
C PRO D 30 -20.12 -41.49 25.14
N SER D 31 -19.50 -40.85 26.14
CA SER D 31 -20.19 -40.34 27.32
C SER D 31 -21.18 -39.20 27.02
N THR D 32 -20.96 -38.47 25.93
CA THR D 32 -21.66 -37.20 25.70
C THR D 32 -22.23 -36.96 24.30
N GLN D 33 -22.32 -38.01 23.48
CA GLN D 33 -22.71 -37.82 22.09
C GLN D 33 -24.22 -37.68 21.85
N SER D 34 -25.03 -38.26 22.72
CA SER D 34 -26.48 -38.19 22.55
C SER D 34 -26.98 -36.73 22.62
N VAL D 35 -28.15 -36.48 22.03
CA VAL D 35 -28.78 -35.16 22.13
C VAL D 35 -29.12 -34.86 23.61
N GLU D 36 -29.54 -35.88 24.35
CA GLU D 36 -29.86 -35.74 25.77
C GLU D 36 -28.63 -35.31 26.58
N ALA D 37 -27.51 -35.98 26.38
CA ALA D 37 -26.27 -35.67 27.08
C ALA D 37 -25.76 -34.29 26.70
N LEU D 38 -25.84 -33.94 25.43
CA LEU D 38 -25.40 -32.63 24.96
C LEU D 38 -26.20 -31.49 25.59
N LYS D 39 -27.50 -31.68 25.74
CA LYS D 39 -28.36 -30.70 26.39
C LYS D 39 -27.92 -30.50 27.84
N GLY D 40 -27.61 -31.60 28.52
CA GLY D 40 -27.04 -31.54 29.87
C GLY D 40 -25.78 -30.71 29.90
N LEU D 41 -24.86 -30.98 28.96
CA LEU D 41 -23.62 -30.22 28.82
C LEU D 41 -23.83 -28.73 28.57
N ILE D 42 -24.82 -28.39 27.75
CA ILE D 42 -25.14 -27.00 27.44
C ILE D 42 -25.65 -26.27 28.69
N GLN D 43 -26.56 -26.92 29.43
CA GLN D 43 -27.14 -26.35 30.63
C GLN D 43 -26.13 -26.22 31.77
N SER D 44 -25.13 -27.09 31.76
CA SER D 44 -24.06 -27.07 32.74
C SER D 44 -23.03 -25.98 32.46
N GLY D 45 -23.03 -25.46 31.23
CA GLY D 45 -22.18 -24.33 30.86
C GLY D 45 -21.28 -24.44 29.62
N MET D 46 -21.47 -25.49 28.81
CA MET D 46 -20.68 -25.65 27.57
C MET D 46 -21.01 -24.59 26.51
N SER D 47 -19.97 -24.00 25.93
CA SER D 47 -20.11 -23.02 24.86
C SER D 47 -19.59 -23.54 23.52
N VAL D 48 -18.70 -24.53 23.56
CA VAL D 48 -18.06 -25.07 22.37
C VAL D 48 -17.97 -26.60 22.44
N ALA D 49 -18.42 -27.26 21.37
CA ALA D 49 -18.27 -28.71 21.23
C ALA D 49 -17.05 -29.02 20.38
N ARG D 50 -16.10 -29.75 20.95
CA ARG D 50 -14.87 -30.14 20.28
C ARG D 50 -14.99 -31.57 19.77
N MET D 51 -14.68 -31.77 18.49
CA MET D 51 -14.69 -33.08 17.87
C MET D 51 -13.27 -33.45 17.56
N ASN D 52 -12.83 -34.56 18.13
CA ASN D 52 -11.45 -34.97 18.00
C ASN D 52 -11.27 -35.99 16.89
N PHE D 53 -10.67 -35.53 15.80
CA PHE D 53 -10.54 -36.35 14.59
C PHE D 53 -9.38 -37.34 14.63
N SER D 54 -8.77 -37.50 15.80
CA SER D 54 -7.83 -38.60 16.05
C SER D 54 -8.59 -39.86 16.38
N HIS D 55 -9.88 -39.70 16.71
CA HIS D 55 -10.75 -40.81 17.07
C HIS D 55 -12.05 -40.73 16.29
N GLY D 56 -12.72 -41.85 16.13
CA GLY D 56 -13.96 -41.89 15.37
C GLY D 56 -13.78 -41.61 13.89
N SER D 57 -14.83 -41.91 13.13
CA SER D 57 -14.85 -41.69 11.70
C SER D 57 -15.59 -40.39 11.38
N HIS D 58 -15.63 -40.02 10.09
CA HIS D 58 -16.48 -38.94 9.62
C HIS D 58 -17.93 -39.21 9.97
N GLU D 59 -18.33 -40.48 9.88
CA GLU D 59 -19.69 -40.89 10.24
C GLU D 59 -19.97 -40.60 11.71
N TYR D 60 -19.02 -40.97 12.59
CA TYR D 60 -19.16 -40.70 14.02
C TYR D 60 -19.35 -39.22 14.27
N HIS D 61 -18.41 -38.41 13.78
CA HIS D 61 -18.43 -36.97 14.05
C HIS D 61 -19.62 -36.26 13.40
N GLN D 62 -20.17 -36.83 12.33
CA GLN D 62 -21.39 -36.32 11.70
C GLN D 62 -22.58 -36.37 12.66
N THR D 63 -22.67 -37.47 13.41
CA THR D 63 -23.69 -37.66 14.45
C THR D 63 -23.53 -36.62 15.55
N THR D 64 -22.28 -36.30 15.90
CA THR D 64 -22.01 -35.24 16.84
C THR D 64 -22.55 -33.92 16.28
N ILE D 65 -22.06 -33.52 15.10
CA ILE D 65 -22.55 -32.32 14.41
C ILE D 65 -24.08 -32.24 14.45
N ASN D 66 -24.75 -33.28 13.97
CA ASN D 66 -26.22 -33.32 13.98
C ASN D 66 -26.82 -33.14 15.36
N ASN D 67 -26.32 -33.91 16.33
CA ASN D 67 -26.82 -33.87 17.71
C ASN D 67 -26.57 -32.54 18.43
N VAL D 68 -25.41 -31.92 18.21
CA VAL D 68 -25.10 -30.60 18.75
C VAL D 68 -26.10 -29.57 18.23
N ARG D 69 -26.29 -29.56 16.91
CA ARG D 69 -27.24 -28.66 16.26
C ARG D 69 -28.68 -28.89 16.72
N GLN D 70 -29.04 -30.14 17.00
CA GLN D 70 -30.38 -30.45 17.50
C GLN D 70 -30.55 -30.03 18.96
N ALA D 71 -29.56 -30.35 19.79
CA ALA D 71 -29.52 -29.95 21.18
C ALA D 71 -29.61 -28.43 21.32
N ALA D 72 -28.72 -27.71 20.65
CA ALA D 72 -28.66 -26.26 20.73
C ALA D 72 -29.93 -25.57 20.23
N ALA D 73 -30.53 -26.11 19.17
CA ALA D 73 -31.78 -25.55 18.61
C ALA D 73 -32.95 -25.73 19.57
N GLU D 74 -32.97 -26.87 20.26
CA GLU D 74 -34.02 -27.18 21.22
C GLU D 74 -33.96 -26.33 22.48
N LEU D 75 -32.75 -25.93 22.87
CA LEU D 75 -32.59 -25.01 23.99
C LEU D 75 -32.58 -23.54 23.56
N GLY D 76 -32.60 -23.31 22.24
CA GLY D 76 -32.58 -21.97 21.67
C GLY D 76 -31.29 -21.21 21.89
N VAL D 77 -30.16 -21.89 21.74
CA VAL D 77 -28.84 -21.26 21.93
C VAL D 77 -27.89 -21.54 20.76
N ASN D 78 -26.81 -20.79 20.68
CA ASN D 78 -25.80 -20.97 19.64
C ASN D 78 -24.54 -21.60 20.21
N ILE D 79 -24.17 -22.76 19.67
CA ILE D 79 -23.01 -23.51 20.14
C ILE D 79 -21.99 -23.70 19.01
N ALA D 80 -20.76 -23.30 19.27
CA ALA D 80 -19.69 -23.45 18.29
C ALA D 80 -19.28 -24.91 18.17
N ILE D 81 -19.02 -25.33 16.92
CA ILE D 81 -18.54 -26.66 16.64
C ILE D 81 -17.11 -26.58 16.14
N ALA D 82 -16.21 -27.28 16.84
CA ALA D 82 -14.77 -27.23 16.57
C ALA D 82 -14.22 -28.57 16.09
N LEU D 83 -13.48 -28.53 14.98
CA LEU D 83 -12.87 -29.72 14.42
C LEU D 83 -11.39 -29.76 14.83
N ASP D 84 -11.05 -30.73 15.69
CA ASP D 84 -9.68 -30.91 16.14
C ASP D 84 -9.02 -31.94 15.21
N THR D 85 -7.99 -31.49 14.50
CA THR D 85 -7.33 -32.30 13.47
C THR D 85 -6.35 -33.32 14.03
N LYS D 86 -5.90 -34.26 13.20
CA LYS D 86 -4.86 -35.20 13.60
C LYS D 86 -3.49 -34.54 13.66
N GLY D 87 -3.12 -33.83 12.59
CA GLY D 87 -1.83 -33.17 12.53
C GLY D 87 -0.69 -34.15 12.40
N PRO D 88 0.57 -33.66 12.39
CA PRO D 88 1.75 -34.49 12.23
C PRO D 88 1.97 -35.31 13.48
N GLU D 89 1.16 -36.35 13.66
CA GLU D 89 1.14 -37.11 14.91
C GLU D 89 1.41 -38.60 14.73
N ILE D 90 1.83 -39.22 15.81
CA ILE D 90 2.00 -40.66 15.88
C ILE D 90 0.97 -41.21 16.86
N ARG D 91 0.36 -42.33 16.50
CA ARG D 91 -0.60 -43.02 17.37
C ARG D 91 -0.26 -44.50 17.42
N THR D 92 -0.75 -45.16 18.46
CA THR D 92 -0.71 -46.61 18.51
C THR D 92 -1.94 -47.14 17.75
N GLY D 93 -2.00 -48.45 17.58
CA GLY D 93 -3.17 -49.07 16.96
C GLY D 93 -4.28 -49.33 17.97
N GLN D 94 -5.11 -50.32 17.67
CA GLN D 94 -6.20 -50.73 18.52
C GLN D 94 -5.84 -51.98 19.33
N PHE D 95 -6.59 -52.24 20.39
CA PHE D 95 -6.36 -53.38 21.28
C PHE D 95 -7.59 -54.27 21.38
N VAL D 96 -7.36 -55.57 21.47
CA VAL D 96 -8.44 -56.54 21.64
C VAL D 96 -9.12 -56.28 22.98
N GLY D 97 -10.42 -55.99 22.92
CA GLY D 97 -11.20 -55.67 24.12
C GLY D 97 -11.17 -54.20 24.52
N GLY D 98 -10.58 -53.36 23.68
CA GLY D 98 -10.57 -51.91 23.90
C GLY D 98 -9.30 -51.35 24.53
N ASP D 99 -8.73 -52.05 25.51
CA ASP D 99 -7.54 -51.56 26.19
C ASP D 99 -6.49 -52.65 26.42
N ALA D 100 -5.32 -52.24 26.93
CA ALA D 100 -4.25 -53.16 27.29
C ALA D 100 -3.67 -52.76 28.65
N VAL D 101 -3.60 -53.73 29.56
CA VAL D 101 -3.09 -53.47 30.90
C VAL D 101 -1.58 -53.67 30.93
N MET D 102 -0.85 -52.56 30.84
CA MET D 102 0.61 -52.59 30.82
C MET D 102 1.15 -52.64 32.24
N GLU D 103 2.14 -53.50 32.46
CA GLU D 103 2.64 -53.78 33.80
C GLU D 103 4.13 -53.50 33.92
N ARG D 104 4.50 -52.73 34.95
CA ARG D 104 5.89 -52.42 35.28
C ARG D 104 6.74 -53.71 35.34
N GLY D 105 7.84 -53.71 34.59
CA GLY D 105 8.74 -54.86 34.52
C GLY D 105 8.48 -55.76 33.33
N ALA D 106 7.26 -55.72 32.80
CA ALA D 106 6.85 -56.56 31.67
C ALA D 106 7.61 -56.26 30.40
N THR D 107 7.63 -57.23 29.50
CA THR D 107 8.26 -57.07 28.19
C THR D 107 7.22 -57.11 27.07
N CYS D 108 7.15 -56.03 26.31
CA CYS D 108 6.22 -55.91 25.21
C CYS D 108 6.95 -55.66 23.89
N TYR D 109 6.22 -55.85 22.79
CA TYR D 109 6.76 -55.63 21.46
C TYR D 109 5.95 -54.57 20.72
N VAL D 110 6.65 -53.55 20.24
CA VAL D 110 6.00 -52.55 19.38
C VAL D 110 6.38 -52.80 17.94
N THR D 111 5.38 -52.79 17.06
CA THR D 111 5.60 -53.05 15.65
C THR D 111 4.98 -51.97 14.76
N THR D 112 5.60 -51.77 13.60
CA THR D 112 5.07 -50.86 12.58
C THR D 112 4.39 -51.65 11.45
N ASP D 113 4.09 -52.92 11.73
CA ASP D 113 3.37 -53.78 10.79
C ASP D 113 1.86 -53.55 10.93
N PRO D 114 1.22 -53.00 9.88
CA PRO D 114 -0.19 -52.62 9.94
C PRO D 114 -1.16 -53.80 10.07
N ALA D 115 -0.63 -55.02 9.96
CA ALA D 115 -1.40 -56.23 10.20
C ALA D 115 -1.80 -56.37 11.68
N PHE D 116 -1.06 -55.69 12.55
CA PHE D 116 -1.33 -55.73 13.98
C PHE D 116 -2.07 -54.49 14.48
N ALA D 117 -2.53 -53.65 13.56
CA ALA D 117 -3.17 -52.36 13.88
C ALA D 117 -4.50 -52.52 14.61
N ASP D 118 -5.24 -53.57 14.25
CA ASP D 118 -6.57 -53.80 14.82
C ASP D 118 -6.58 -54.92 15.86
N LYS D 119 -5.40 -55.46 16.17
CA LYS D 119 -5.28 -56.62 17.05
C LYS D 119 -4.13 -56.50 18.05
N GLY D 120 -4.05 -55.34 18.72
CA GLY D 120 -3.02 -55.11 19.72
C GLY D 120 -3.32 -55.76 21.06
N THR D 121 -2.27 -56.09 21.80
CA THR D 121 -2.39 -56.63 23.15
C THR D 121 -1.27 -56.06 24.01
N LYS D 122 -1.33 -56.34 25.31
CA LYS D 122 -0.25 -55.97 26.24
C LYS D 122 1.13 -56.46 25.78
N ASP D 123 1.15 -57.54 25.01
CA ASP D 123 2.39 -58.19 24.56
C ASP D 123 2.90 -57.66 23.22
N LYS D 124 1.97 -57.32 22.33
CA LYS D 124 2.32 -56.88 20.97
C LYS D 124 1.26 -55.92 20.42
N PHE D 125 1.68 -54.71 20.06
CA PHE D 125 0.78 -53.72 19.47
C PHE D 125 1.47 -52.79 18.45
N TYR D 126 0.64 -52.07 17.69
CA TYR D 126 1.07 -51.30 16.53
C TYR D 126 1.34 -49.84 16.85
N ILE D 127 2.38 -49.28 16.23
CA ILE D 127 2.63 -47.84 16.20
C ILE D 127 2.76 -47.38 14.73
N ASP D 128 2.07 -46.30 14.38
CA ASP D 128 1.86 -45.94 12.97
C ASP D 128 2.96 -45.11 12.27
N TYR D 129 4.08 -44.87 12.97
CA TYR D 129 5.20 -44.17 12.38
C TYR D 129 6.18 -45.19 11.78
N GLN D 130 6.19 -45.27 10.46
CA GLN D 130 6.89 -46.34 9.74
C GLN D 130 8.40 -46.45 9.99
N ASN D 131 9.09 -45.31 10.04
CA ASN D 131 10.54 -45.34 10.28
C ASN D 131 10.92 -45.14 11.75
N LEU D 132 10.06 -45.65 12.64
CA LEU D 132 10.29 -45.65 14.08
C LEU D 132 11.60 -46.34 14.48
N SER D 133 11.95 -47.42 13.77
CA SER D 133 13.16 -48.20 14.04
C SER D 133 14.45 -47.45 13.67
N LYS D 134 14.34 -46.51 12.73
CA LYS D 134 15.48 -45.71 12.30
C LYS D 134 15.66 -44.46 13.17
N VAL D 135 14.67 -44.20 14.02
CA VAL D 135 14.64 -43.01 14.86
C VAL D 135 15.08 -43.33 16.29
N VAL D 136 14.74 -44.53 16.77
CA VAL D 136 15.10 -44.96 18.14
C VAL D 136 16.15 -46.08 18.17
N ARG D 137 16.99 -46.03 19.21
CA ARG D 137 18.03 -47.01 19.47
C ARG D 137 17.68 -47.75 20.76
N PRO D 138 18.36 -48.88 21.04
CA PRO D 138 18.24 -49.50 22.37
C PRO D 138 18.61 -48.52 23.50
N GLY D 139 17.82 -48.52 24.57
CA GLY D 139 18.04 -47.60 25.69
C GLY D 139 17.23 -46.31 25.62
N ASN D 140 16.62 -46.04 24.47
CA ASN D 140 15.78 -44.87 24.27
C ASN D 140 14.37 -45.11 24.78
N TYR D 141 13.62 -44.01 24.96
CA TYR D 141 12.25 -44.08 25.42
C TYR D 141 11.22 -43.78 24.35
N ILE D 142 10.10 -44.48 24.42
CA ILE D 142 8.91 -44.18 23.63
C ILE D 142 7.84 -43.79 24.65
N TYR D 143 7.34 -42.57 24.54
CA TYR D 143 6.34 -42.07 25.47
C TYR D 143 4.95 -42.35 24.93
N ILE D 144 4.07 -42.86 25.79
CA ILE D 144 2.74 -43.30 25.37
C ILE D 144 1.68 -42.66 26.28
N ASP D 145 0.60 -42.19 25.66
CA ASP D 145 -0.56 -41.61 26.36
C ASP D 145 -0.18 -40.34 27.10
N ASP D 146 0.20 -39.30 26.35
CA ASP D 146 0.68 -38.04 26.91
C ASP D 146 1.77 -38.26 27.97
N GLY D 147 2.65 -39.22 27.68
CA GLY D 147 3.83 -39.47 28.50
C GLY D 147 3.56 -40.09 29.85
N ILE D 148 2.34 -40.59 30.04
CA ILE D 148 1.97 -41.26 31.27
C ILE D 148 2.71 -42.59 31.36
N LEU D 149 2.73 -43.32 30.25
CA LEU D 149 3.49 -44.56 30.14
C LEU D 149 4.76 -44.33 29.32
N ILE D 150 5.86 -44.94 29.78
CA ILE D 150 7.11 -44.93 29.05
C ILE D 150 7.56 -46.37 28.83
N LEU D 151 8.01 -46.65 27.61
CA LEU D 151 8.65 -47.93 27.30
C LEU D 151 10.11 -47.69 26.96
N GLN D 152 10.99 -48.52 27.52
CA GLN D 152 12.41 -48.47 27.16
C GLN D 152 12.76 -49.53 26.11
N VAL D 153 13.26 -49.06 24.96
CA VAL D 153 13.71 -49.96 23.89
C VAL D 153 14.84 -50.84 24.40
N GLN D 154 14.73 -52.14 24.11
CA GLN D 154 15.71 -53.12 24.54
C GLN D 154 16.54 -53.64 23.38
N SER D 155 15.87 -53.91 22.26
CA SER D 155 16.51 -54.34 21.02
C SER D 155 15.52 -54.35 19.85
N HIS D 156 16.05 -54.54 18.64
CA HIS D 156 15.25 -54.80 17.46
C HIS D 156 15.04 -56.30 17.34
N GLU D 157 13.78 -56.74 17.33
CA GLU D 157 13.48 -58.15 17.08
C GLU D 157 13.62 -58.46 15.59
N ASP D 158 12.95 -57.67 14.75
CA ASP D 158 13.16 -57.70 13.31
C ASP D 158 13.17 -56.27 12.73
N GLU D 159 12.98 -56.17 11.42
CA GLU D 159 13.02 -54.89 10.70
C GLU D 159 11.87 -53.96 11.08
N GLN D 160 10.81 -54.52 11.68
CA GLN D 160 9.61 -53.76 12.02
C GLN D 160 9.22 -53.84 13.51
N THR D 161 9.82 -54.78 14.23
CA THR D 161 9.48 -55.02 15.63
C THR D 161 10.58 -54.51 16.55
N LEU D 162 10.17 -53.96 17.70
CA LEU D 162 11.08 -53.55 18.75
C LEU D 162 10.73 -54.22 20.06
N GLU D 163 11.73 -54.80 20.72
CA GLU D 163 11.56 -55.38 22.06
C GLU D 163 11.63 -54.26 23.08
N CYS D 164 10.62 -54.18 23.96
CA CYS D 164 10.53 -53.09 24.93
C CYS D 164 10.25 -53.52 26.38
N THR D 165 10.67 -52.66 27.31
CA THR D 165 10.37 -52.81 28.73
C THR D 165 9.33 -51.78 29.16
N VAL D 166 8.25 -52.26 29.77
CA VAL D 166 7.25 -51.40 30.38
C VAL D 166 7.83 -50.88 31.70
N THR D 167 8.09 -49.58 31.77
CA THR D 167 8.78 -49.00 32.93
C THR D 167 7.84 -48.66 34.09
N ASN D 168 6.55 -48.52 33.79
CA ASN D 168 5.55 -48.22 34.81
C ASN D 168 4.18 -48.81 34.46
N SER D 169 3.42 -49.21 35.48
CA SER D 169 2.09 -49.75 35.28
C SER D 169 1.11 -48.70 34.77
N HIS D 170 0.36 -49.06 33.73
CA HIS D 170 -0.66 -48.18 33.14
C HIS D 170 -1.58 -48.94 32.18
N THR D 171 -2.87 -48.65 32.24
CA THR D 171 -3.85 -49.22 31.31
C THR D 171 -4.11 -48.24 30.17
N ILE D 172 -3.88 -48.70 28.94
CA ILE D 172 -3.99 -47.86 27.74
C ILE D 172 -5.12 -48.31 26.80
N SER D 173 -5.92 -47.35 26.33
CA SER D 173 -7.01 -47.60 25.38
C SER D 173 -6.57 -47.46 23.92
N ASP D 174 -7.50 -47.77 23.01
CA ASP D 174 -7.26 -47.66 21.56
C ASP D 174 -6.72 -46.28 21.17
N ARG D 175 -5.78 -46.29 20.21
CA ARG D 175 -5.15 -45.08 19.66
C ARG D 175 -4.62 -44.10 20.71
N ARG D 176 -3.65 -44.56 21.49
CA ARG D 176 -2.87 -43.71 22.38
C ARG D 176 -1.91 -42.86 21.56
N GLY D 177 -1.75 -41.60 21.97
CA GLY D 177 -0.72 -40.75 21.39
C GLY D 177 0.67 -41.20 21.79
N VAL D 178 1.61 -41.14 20.86
CA VAL D 178 3.02 -41.44 21.13
C VAL D 178 3.94 -40.26 20.77
N ASN D 179 4.91 -40.00 21.65
CA ASN D 179 5.86 -38.90 21.48
C ASN D 179 7.30 -39.40 21.50
N LEU D 180 8.12 -38.77 20.66
CA LEU D 180 9.56 -39.01 20.63
C LEU D 180 10.25 -37.65 20.71
N PRO D 181 10.36 -37.08 21.93
CA PRO D 181 10.93 -35.75 22.13
C PRO D 181 12.39 -35.65 21.69
N GLY D 182 12.71 -34.56 20.99
CA GLY D 182 14.06 -34.30 20.49
C GLY D 182 14.52 -35.26 19.41
N CYS D 183 13.58 -35.68 18.55
CA CYS D 183 13.91 -36.59 17.45
C CYS D 183 13.75 -35.98 16.07
N ASP D 184 12.90 -34.97 15.96
CA ASP D 184 12.58 -34.32 14.67
C ASP D 184 12.09 -35.37 13.68
N VAL D 185 10.80 -35.69 13.76
CA VAL D 185 10.19 -36.73 12.93
C VAL D 185 9.68 -36.16 11.61
N ASP D 186 9.86 -36.92 10.54
CA ASP D 186 9.45 -36.45 9.22
C ASP D 186 7.96 -36.73 9.03
N LEU D 187 7.13 -35.76 9.44
CA LEU D 187 5.70 -35.82 9.21
C LEU D 187 5.19 -34.51 8.61
N PRO D 188 4.37 -34.61 7.54
CA PRO D 188 3.97 -33.43 6.78
C PRO D 188 3.17 -32.41 7.60
N ALA D 189 3.36 -31.13 7.26
CA ALA D 189 2.62 -30.01 7.83
C ALA D 189 1.12 -30.27 7.81
N VAL D 190 0.61 -30.56 6.60
CA VAL D 190 -0.78 -30.96 6.41
C VAL D 190 -0.79 -32.29 5.66
N SER D 191 -1.28 -33.32 6.32
CA SER D 191 -1.30 -34.67 5.74
C SER D 191 -2.49 -34.86 4.80
N ALA D 192 -2.49 -35.99 4.09
CA ALA D 192 -3.59 -36.40 3.23
C ALA D 192 -4.90 -36.53 4.00
N LYS D 193 -4.84 -37.20 5.16
CA LYS D 193 -5.97 -37.29 6.07
C LYS D 193 -6.45 -35.92 6.50
N ASP D 194 -5.51 -35.01 6.81
CA ASP D 194 -5.85 -33.65 7.25
C ASP D 194 -6.65 -32.92 6.16
N ARG D 195 -6.17 -32.99 4.92
CA ARG D 195 -6.85 -32.40 3.77
C ARG D 195 -8.29 -32.91 3.62
N VAL D 196 -8.46 -34.22 3.80
CA VAL D 196 -9.78 -34.84 3.79
C VAL D 196 -10.67 -34.37 4.96
N ASP D 197 -10.07 -34.28 6.14
CA ASP D 197 -10.81 -33.90 7.34
C ASP D 197 -11.22 -32.42 7.30
N LEU D 198 -10.33 -31.57 6.80
CA LEU D 198 -10.66 -30.15 6.65
C LEU D 198 -11.73 -29.91 5.57
N GLN D 199 -11.73 -30.71 4.52
CA GLN D 199 -12.76 -30.57 3.49
C GLN D 199 -14.13 -31.00 4.04
N PHE D 200 -14.14 -32.06 4.83
CA PHE D 200 -15.33 -32.46 5.58
C PHE D 200 -15.84 -31.32 6.47
N GLY D 201 -14.93 -30.64 7.16
CA GLY D 201 -15.28 -29.50 8.01
C GLY D 201 -15.86 -28.30 7.28
N VAL D 202 -15.35 -28.05 6.08
CA VAL D 202 -15.87 -26.98 5.21
C VAL D 202 -17.29 -27.30 4.72
N GLU D 203 -17.48 -28.53 4.24
CA GLU D 203 -18.78 -29.00 3.75
C GLU D 203 -19.84 -29.01 4.84
N GLN D 204 -19.41 -29.30 6.08
CA GLN D 204 -20.34 -29.41 7.22
C GLN D 204 -20.55 -28.10 7.98
N GLY D 205 -19.82 -27.07 7.59
CA GLY D 205 -19.97 -25.74 8.15
C GLY D 205 -19.49 -25.58 9.58
N VAL D 206 -18.36 -26.20 9.92
CA VAL D 206 -17.80 -26.03 11.27
C VAL D 206 -17.33 -24.60 11.47
N ASP D 207 -17.32 -24.16 12.72
CA ASP D 207 -17.02 -22.77 13.06
C ASP D 207 -15.53 -22.49 13.18
N MET D 208 -14.76 -23.53 13.51
CA MET D 208 -13.34 -23.37 13.81
C MET D 208 -12.57 -24.68 13.70
N ILE D 209 -11.27 -24.56 13.46
CA ILE D 209 -10.36 -25.68 13.38
C ILE D 209 -9.42 -25.56 14.57
N PHE D 210 -9.32 -26.64 15.34
CA PHE D 210 -8.28 -26.76 16.36
C PHE D 210 -7.13 -27.54 15.71
N ALA D 211 -6.16 -26.80 15.20
CA ALA D 211 -5.13 -27.39 14.34
C ALA D 211 -3.97 -27.97 15.14
N SER D 212 -3.91 -29.30 15.17
CA SER D 212 -2.92 -30.03 15.98
C SER D 212 -1.48 -29.86 15.54
N PHE D 213 -0.57 -29.82 16.51
CA PHE D 213 0.88 -29.74 16.28
C PHE D 213 1.32 -28.65 15.31
N ILE D 214 0.86 -27.43 15.54
CA ILE D 214 1.25 -26.30 14.71
C ILE D 214 2.67 -25.89 15.09
N ARG D 215 3.58 -25.92 14.12
CA ARG D 215 5.02 -25.73 14.35
C ARG D 215 5.62 -24.48 13.70
N SER D 216 4.95 -23.97 12.66
CA SER D 216 5.45 -22.86 11.88
C SER D 216 4.29 -22.02 11.35
N ALA D 217 4.58 -20.78 10.96
CA ALA D 217 3.58 -19.91 10.34
C ALA D 217 3.19 -20.39 8.93
N GLU D 218 4.15 -20.96 8.20
CA GLU D 218 3.90 -21.56 6.89
C GLU D 218 2.83 -22.65 6.97
N GLN D 219 2.91 -23.47 8.01
CA GLN D 219 1.95 -24.54 8.26
C GLN D 219 0.54 -24.01 8.49
N VAL D 220 0.43 -22.89 9.19
CA VAL D 220 -0.85 -22.18 9.36
C VAL D 220 -1.39 -21.76 8.00
N GLY D 221 -0.51 -21.28 7.13
CA GLY D 221 -0.87 -20.92 5.76
C GLY D 221 -1.36 -22.11 4.96
N ASP D 222 -0.67 -23.25 5.11
CA ASP D 222 -1.07 -24.50 4.47
C ASP D 222 -2.48 -24.93 4.84
N VAL D 223 -2.82 -24.78 6.13
CA VAL D 223 -4.15 -25.12 6.64
C VAL D 223 -5.18 -24.16 6.04
N ARG D 224 -4.84 -22.88 5.99
CA ARG D 224 -5.72 -21.86 5.44
C ARG D 224 -6.00 -22.11 3.95
N LYS D 225 -4.94 -22.45 3.22
CA LYS D 225 -5.03 -22.82 1.80
C LYS D 225 -5.89 -24.06 1.59
N ALA D 226 -5.79 -25.03 2.51
CA ALA D 226 -6.59 -26.25 2.41
C ALA D 226 -8.09 -26.00 2.63
N LEU D 227 -8.43 -25.01 3.44
CA LEU D 227 -9.83 -24.61 3.63
C LEU D 227 -10.29 -23.78 2.44
N GLY D 228 -9.37 -23.00 1.88
CA GLY D 228 -9.62 -22.23 0.67
C GLY D 228 -10.59 -21.08 0.90
N PRO D 229 -11.13 -20.52 -0.20
CA PRO D 229 -12.04 -19.38 -0.12
C PRO D 229 -13.39 -19.72 0.51
N LYS D 230 -13.85 -20.95 0.35
CA LYS D 230 -15.11 -21.36 0.98
C LYS D 230 -14.95 -21.36 2.50
N GLY D 231 -13.77 -21.74 2.96
CA GLY D 231 -13.50 -21.81 4.38
C GLY D 231 -12.68 -20.66 4.91
N ARG D 232 -12.77 -19.49 4.27
CA ARG D 232 -12.02 -18.32 4.71
C ARG D 232 -12.53 -17.71 6.03
N ASP D 233 -13.80 -17.92 6.34
CA ASP D 233 -14.36 -17.42 7.60
C ASP D 233 -14.35 -18.43 8.75
N ILE D 234 -13.75 -19.61 8.52
CA ILE D 234 -13.50 -20.58 9.59
C ILE D 234 -12.24 -20.15 10.35
N MET D 235 -12.34 -20.14 11.69
CA MET D 235 -11.22 -19.73 12.53
C MET D 235 -10.22 -20.85 12.69
N ILE D 236 -8.94 -20.52 12.53
CA ILE D 236 -7.86 -21.48 12.71
C ILE D 236 -7.21 -21.22 14.06
N ILE D 237 -7.47 -22.13 15.01
CA ILE D 237 -6.90 -22.06 16.34
C ILE D 237 -5.70 -23.01 16.40
N CYS D 238 -4.53 -22.42 16.60
CA CYS D 238 -3.28 -23.19 16.54
C CYS D 238 -2.91 -23.83 17.87
N LYS D 239 -2.74 -25.15 17.85
CA LYS D 239 -2.39 -25.88 19.06
C LYS D 239 -0.87 -25.93 19.18
N ILE D 240 -0.36 -25.34 20.25
CA ILE D 240 1.08 -25.37 20.55
C ILE D 240 1.38 -26.55 21.47
N GLU D 241 2.02 -27.57 20.90
CA GLU D 241 2.32 -28.81 21.61
C GLU D 241 3.72 -29.36 21.32
N ASN D 242 4.59 -28.52 20.79
CA ASN D 242 6.00 -28.90 20.63
C ASN D 242 6.98 -27.75 20.83
N HIS D 243 8.26 -28.09 20.77
CA HIS D 243 9.33 -27.15 21.02
C HIS D 243 9.34 -26.03 19.98
N GLN D 244 9.25 -26.39 18.70
CA GLN D 244 9.23 -25.39 17.62
C GLN D 244 7.96 -24.51 17.59
N GLY D 245 6.83 -25.07 18.00
CA GLY D 245 5.60 -24.29 18.16
C GLY D 245 5.75 -23.16 19.17
N VAL D 246 6.39 -23.46 20.31
CA VAL D 246 6.68 -22.46 21.34
C VAL D 246 7.73 -21.49 20.81
N GLN D 247 8.73 -22.04 20.13
CA GLN D 247 9.80 -21.28 19.52
C GLN D 247 9.26 -20.26 18.50
N ASN D 248 8.34 -20.69 17.65
CA ASN D 248 7.83 -19.84 16.58
C ASN D 248 6.53 -19.13 16.91
N ILE D 249 6.25 -18.96 18.20
CA ILE D 249 4.94 -18.49 18.65
C ILE D 249 4.49 -17.10 18.13
N ASP D 250 5.44 -16.18 17.94
CA ASP D 250 5.10 -14.83 17.47
C ASP D 250 4.54 -14.82 16.06
N SER D 251 5.21 -15.53 15.15
CA SER D 251 4.75 -15.65 13.77
C SER D 251 3.48 -16.51 13.69
N ILE D 252 3.42 -17.55 14.50
CA ILE D 252 2.24 -18.41 14.58
C ILE D 252 1.02 -17.62 15.04
N ILE D 253 1.16 -16.83 16.10
CA ILE D 253 0.08 -15.95 16.58
C ILE D 253 -0.40 -15.01 15.47
N GLU D 254 0.56 -14.39 14.77
CA GLU D 254 0.26 -13.45 13.71
C GLU D 254 -0.59 -14.06 12.59
N GLU D 255 -0.29 -15.31 12.21
CA GLU D 255 -1.02 -16.00 11.14
C GLU D 255 -2.35 -16.59 11.61
N SER D 256 -2.43 -16.93 12.89
CA SER D 256 -3.57 -17.68 13.43
C SER D 256 -4.70 -16.76 13.89
N ASP D 257 -5.85 -17.36 14.17
CA ASP D 257 -7.01 -16.66 14.70
C ASP D 257 -7.09 -16.83 16.23
N GLY D 258 -6.07 -17.47 16.80
CA GLY D 258 -6.09 -17.84 18.21
C GLY D 258 -5.16 -19.01 18.49
N ILE D 259 -4.96 -19.29 19.78
CA ILE D 259 -4.01 -20.30 20.24
C ILE D 259 -4.61 -21.23 21.30
N MET D 260 -4.25 -22.51 21.23
CA MET D 260 -4.53 -23.45 22.33
C MET D 260 -3.22 -23.89 22.98
N VAL D 261 -3.16 -23.77 24.31
CA VAL D 261 -2.05 -24.30 25.09
C VAL D 261 -2.36 -25.77 25.31
N ALA D 262 -1.86 -26.60 24.39
CA ALA D 262 -2.16 -28.04 24.40
C ALA D 262 -1.17 -28.80 25.27
N ARG D 263 -1.41 -28.73 26.57
CA ARG D 263 -0.46 -29.17 27.60
C ARG D 263 -0.16 -30.66 27.62
N GLY D 264 -1.11 -31.48 27.18
CA GLY D 264 -0.91 -32.93 27.08
C GLY D 264 0.35 -33.28 26.31
N ASP D 265 0.34 -33.05 25.00
CA ASP D 265 1.53 -33.27 24.19
C ASP D 265 2.70 -32.37 24.59
N LEU D 266 2.42 -31.10 24.89
CA LEU D 266 3.45 -30.14 25.29
C LEU D 266 4.24 -30.60 26.51
N GLY D 267 3.53 -31.14 27.49
CA GLY D 267 4.14 -31.64 28.73
C GLY D 267 4.95 -32.92 28.59
N VAL D 268 5.03 -33.46 27.37
CA VAL D 268 5.91 -34.60 27.08
C VAL D 268 7.03 -34.14 26.15
N GLU D 269 6.66 -33.23 25.26
CA GLU D 269 7.57 -32.72 24.24
C GLU D 269 8.63 -31.77 24.84
N ILE D 270 8.23 -30.95 25.80
CA ILE D 270 9.16 -30.16 26.61
C ILE D 270 9.07 -30.63 28.06
N PRO D 271 10.09 -30.35 28.90
CA PRO D 271 10.02 -30.73 30.31
C PRO D 271 8.75 -30.21 30.97
N ALA D 272 8.10 -31.06 31.77
CA ALA D 272 6.79 -30.75 32.30
C ALA D 272 6.71 -29.41 33.03
N GLU D 273 7.78 -29.05 33.75
CA GLU D 273 7.78 -27.80 34.52
C GLU D 273 7.92 -26.54 33.66
N LYS D 274 8.37 -26.67 32.41
CA LYS D 274 8.46 -25.51 31.51
C LYS D 274 7.09 -25.14 30.93
N VAL D 275 6.11 -26.04 31.09
CA VAL D 275 4.76 -25.83 30.57
C VAL D 275 4.08 -24.64 31.30
N VAL D 276 4.36 -24.51 32.59
CA VAL D 276 3.85 -23.44 33.43
C VAL D 276 4.22 -22.07 32.85
N VAL D 277 5.48 -21.93 32.46
CA VAL D 277 6.00 -20.69 31.90
C VAL D 277 5.51 -20.49 30.46
N ALA D 278 5.58 -21.56 29.66
CA ALA D 278 5.00 -21.56 28.34
C ALA D 278 3.55 -21.10 28.36
N GLN D 279 2.76 -21.62 29.30
CA GLN D 279 1.35 -21.23 29.44
C GLN D 279 1.21 -19.71 29.68
N LYS D 280 2.08 -19.17 30.52
CA LYS D 280 2.03 -17.76 30.90
C LYS D 280 2.34 -16.88 29.69
N ILE D 281 3.35 -17.27 28.92
CA ILE D 281 3.82 -16.53 27.76
C ILE D 281 2.79 -16.55 26.62
N LEU D 282 2.23 -17.72 26.34
CA LEU D 282 1.30 -17.86 25.22
C LEU D 282 0.00 -17.12 25.47
N ILE D 283 -0.49 -17.18 26.70
CA ILE D 283 -1.74 -16.53 27.09
C ILE D 283 -1.60 -15.01 27.07
N SER D 284 -0.53 -14.49 27.68
CA SER D 284 -0.29 -13.05 27.71
C SER D 284 -0.04 -12.47 26.32
N LYS D 285 0.74 -13.18 25.50
CA LYS D 285 0.98 -12.76 24.11
C LYS D 285 -0.31 -12.70 23.28
N CYS D 286 -1.19 -13.68 23.45
CA CYS D 286 -2.49 -13.67 22.78
C CYS D 286 -3.34 -12.52 23.28
N ASN D 287 -3.35 -12.31 24.59
CA ASN D 287 -4.04 -11.19 25.22
C ASN D 287 -3.68 -9.85 24.60
N VAL D 288 -2.38 -9.60 24.44
CA VAL D 288 -1.85 -8.36 23.88
C VAL D 288 -2.21 -8.23 22.39
N ALA D 289 -2.25 -9.37 21.70
CA ALA D 289 -2.55 -9.42 20.28
C ALA D 289 -4.05 -9.38 20.03
N GLY D 290 -4.83 -9.64 21.08
CA GLY D 290 -6.28 -9.57 21.00
C GLY D 290 -6.90 -10.77 20.31
N LYS D 291 -6.29 -11.94 20.49
CA LYS D 291 -6.79 -13.18 19.91
C LYS D 291 -7.17 -14.16 21.01
N PRO D 292 -8.22 -14.97 20.81
CA PRO D 292 -8.65 -15.95 21.81
C PRO D 292 -7.59 -17.01 22.12
N VAL D 293 -7.48 -17.36 23.40
CA VAL D 293 -6.49 -18.34 23.85
C VAL D 293 -7.13 -19.37 24.80
N ILE D 294 -6.79 -20.63 24.59
CA ILE D 294 -7.40 -21.74 25.30
C ILE D 294 -6.34 -22.46 26.13
N CYS D 295 -6.69 -22.76 27.38
CA CYS D 295 -5.87 -23.63 28.22
C CYS D 295 -6.51 -25.02 28.26
N ALA D 296 -5.74 -26.03 27.86
CA ALA D 296 -6.29 -27.37 27.70
C ALA D 296 -5.56 -28.47 28.45
N THR D 297 -6.28 -29.57 28.67
CA THR D 297 -5.75 -30.88 29.06
C THR D 297 -5.44 -31.07 30.54
N GLN D 298 -6.20 -32.01 31.14
CA GLN D 298 -6.02 -32.49 32.51
C GLN D 298 -6.33 -31.46 33.58
N MET D 299 -7.16 -30.49 33.23
CA MET D 299 -7.56 -29.47 34.19
C MET D 299 -8.43 -30.05 35.32
N LEU D 300 -9.33 -30.97 34.99
CA LEU D 300 -10.17 -31.61 36.00
C LEU D 300 -10.14 -33.13 35.84
N GLU D 301 -8.97 -33.63 35.45
CA GLU D 301 -8.73 -35.03 35.11
C GLU D 301 -9.44 -36.08 35.99
N SER D 302 -9.31 -35.95 37.31
CA SER D 302 -9.83 -36.95 38.22
C SER D 302 -11.36 -37.04 38.22
N MET D 303 -12.01 -36.01 37.72
CA MET D 303 -13.47 -36.00 37.60
C MET D 303 -13.97 -36.87 36.44
N THR D 304 -13.04 -37.49 35.72
CA THR D 304 -13.37 -38.59 34.81
C THR D 304 -14.02 -39.72 35.60
N TYR D 305 -13.54 -39.95 36.83
CA TYR D 305 -13.99 -41.07 37.68
C TYR D 305 -14.70 -40.62 38.98
N ASN D 306 -14.40 -39.42 39.46
CA ASN D 306 -14.91 -38.96 40.75
C ASN D 306 -15.83 -37.74 40.59
N PRO D 307 -16.90 -37.66 41.41
CA PRO D 307 -17.88 -36.57 41.29
C PRO D 307 -17.37 -35.19 41.70
N ARG D 308 -16.17 -35.13 42.29
CA ARG D 308 -15.56 -33.84 42.61
C ARG D 308 -14.02 -33.87 42.49
N PRO D 309 -13.40 -32.69 42.28
CA PRO D 309 -11.98 -32.63 41.90
C PRO D 309 -10.97 -32.69 43.05
N THR D 310 -9.68 -32.69 42.70
CA THR D 310 -8.61 -32.54 43.68
C THR D 310 -8.33 -31.05 43.84
N ARG D 311 -7.56 -30.71 44.87
CA ARG D 311 -7.18 -29.33 45.15
C ARG D 311 -6.35 -28.71 44.04
N ALA D 312 -5.43 -29.48 43.47
CA ALA D 312 -4.58 -29.00 42.37
C ALA D 312 -5.40 -28.71 41.10
N GLU D 313 -6.50 -29.42 40.94
CA GLU D 313 -7.37 -29.22 39.79
C GLU D 313 -8.23 -27.95 39.90
N VAL D 314 -8.74 -27.68 41.09
CA VAL D 314 -9.44 -26.44 41.34
C VAL D 314 -8.48 -25.28 41.11
N SER D 315 -7.28 -25.39 41.67
CA SER D 315 -6.20 -24.44 41.50
C SER D 315 -5.89 -24.16 40.03
N ASP D 316 -5.69 -25.23 39.26
CA ASP D 316 -5.33 -25.12 37.85
C ASP D 316 -6.34 -24.33 37.02
N VAL D 317 -7.61 -24.60 37.24
CA VAL D 317 -8.69 -23.91 36.53
C VAL D 317 -8.72 -22.44 36.88
N ALA D 318 -8.75 -22.12 38.18
CA ALA D 318 -8.73 -20.72 38.63
C ALA D 318 -7.50 -19.96 38.12
N ASN D 319 -6.33 -20.58 38.21
CA ASN D 319 -5.10 -19.92 37.75
C ASN D 319 -5.03 -19.69 36.23
N ALA D 320 -5.74 -20.53 35.46
CA ALA D 320 -5.84 -20.33 34.01
C ALA D 320 -6.55 -19.00 33.73
N VAL D 321 -7.66 -18.78 34.41
CA VAL D 321 -8.42 -17.53 34.38
C VAL D 321 -7.54 -16.31 34.76
N PHE D 322 -6.87 -16.40 35.92
CA PHE D 322 -5.96 -15.36 36.37
C PHE D 322 -4.85 -15.06 35.35
N ASN D 323 -4.43 -16.10 34.62
CA ASN D 323 -3.40 -15.97 33.57
C ASN D 323 -3.90 -15.12 32.40
N GLY D 324 -5.20 -15.16 32.16
CA GLY D 324 -5.82 -14.41 31.06
C GLY D 324 -6.46 -15.25 29.97
N ALA D 325 -6.70 -16.53 30.26
CA ALA D 325 -7.32 -17.43 29.31
C ALA D 325 -8.72 -16.97 28.95
N ASP D 326 -9.04 -17.01 27.67
CA ASP D 326 -10.40 -16.84 27.22
C ASP D 326 -11.20 -18.08 27.60
N CYS D 327 -10.65 -19.26 27.30
CA CYS D 327 -11.39 -20.51 27.48
C CYS D 327 -10.62 -21.53 28.26
N VAL D 328 -11.37 -22.35 28.97
CA VAL D 328 -10.84 -23.57 29.56
C VAL D 328 -11.51 -24.77 28.89
N MET D 329 -10.75 -25.86 28.77
CA MET D 329 -11.21 -27.03 28.02
C MET D 329 -11.32 -28.30 28.87
N LEU D 330 -12.30 -29.14 28.51
CA LEU D 330 -12.40 -30.49 29.07
C LEU D 330 -12.19 -31.50 27.94
N SER D 331 -11.46 -32.59 28.23
CA SER D 331 -11.15 -33.61 27.23
C SER D 331 -11.77 -34.97 27.56
N GLY D 332 -11.01 -35.83 28.24
CA GLY D 332 -11.49 -37.14 28.63
C GLY D 332 -12.61 -37.05 29.65
N GLU D 333 -12.58 -35.97 30.43
CA GLU D 333 -13.58 -35.70 31.46
C GLU D 333 -15.00 -35.75 30.88
N THR D 334 -15.17 -35.26 29.64
CA THR D 334 -16.48 -35.26 28.97
C THR D 334 -16.63 -36.30 27.87
N ALA D 335 -15.53 -36.59 27.17
CA ALA D 335 -15.54 -37.58 26.09
C ALA D 335 -15.78 -38.99 26.62
N LYS D 336 -15.09 -39.37 27.69
CA LYS D 336 -15.18 -40.74 28.17
C LYS D 336 -15.46 -40.85 29.68
N GLY D 337 -15.79 -39.73 30.31
CA GLY D 337 -15.94 -39.67 31.76
C GLY D 337 -17.30 -40.07 32.30
N LYS D 338 -17.36 -40.27 33.61
CA LYS D 338 -18.57 -40.74 34.31
C LYS D 338 -19.46 -39.64 34.85
N TYR D 339 -18.94 -38.40 34.85
CA TYR D 339 -19.64 -37.27 35.44
C TYR D 339 -19.57 -36.03 34.54
N PRO D 340 -20.02 -36.14 33.28
CA PRO D 340 -19.83 -35.03 32.34
C PRO D 340 -20.49 -33.73 32.76
N ASN D 341 -21.71 -33.79 33.28
CA ASN D 341 -22.41 -32.56 33.68
C ASN D 341 -21.77 -31.93 34.89
N GLU D 342 -21.38 -32.76 35.85
CA GLU D 342 -20.81 -32.28 37.09
C GLU D 342 -19.48 -31.61 36.84
N VAL D 343 -18.67 -32.19 35.95
CA VAL D 343 -17.35 -31.63 35.64
C VAL D 343 -17.46 -30.22 35.02
N VAL D 344 -18.40 -30.06 34.09
CA VAL D 344 -18.70 -28.77 33.48
C VAL D 344 -19.23 -27.77 34.52
N GLN D 345 -20.13 -28.24 35.38
CA GLN D 345 -20.68 -27.45 36.47
C GLN D 345 -19.61 -26.97 37.44
N TYR D 346 -18.68 -27.85 37.77
CA TYR D 346 -17.56 -27.47 38.62
C TYR D 346 -16.67 -26.47 37.94
N MET D 347 -16.36 -26.71 36.67
CA MET D 347 -15.53 -25.80 35.88
C MET D 347 -16.14 -24.40 35.83
N ALA D 348 -17.44 -24.32 35.59
CA ALA D 348 -18.14 -23.04 35.53
C ALA D 348 -18.13 -22.32 36.87
N ARG D 349 -18.35 -23.08 37.95
CA ARG D 349 -18.31 -22.57 39.32
C ARG D 349 -16.94 -21.98 39.69
N ILE D 350 -15.88 -22.72 39.37
CA ILE D 350 -14.51 -22.26 39.59
C ILE D 350 -14.18 -21.01 38.78
N CYS D 351 -14.64 -20.94 37.54
CA CYS D 351 -14.42 -19.75 36.71
C CYS D 351 -15.09 -18.50 37.29
N LEU D 352 -16.35 -18.63 37.73
CA LEU D 352 -17.06 -17.55 38.43
C LEU D 352 -16.32 -17.04 39.65
N GLU D 353 -15.67 -17.97 40.37
CA GLU D 353 -15.01 -17.66 41.61
C GLU D 353 -13.72 -16.89 41.33
N ALA D 354 -12.92 -17.40 40.39
CA ALA D 354 -11.70 -16.74 39.98
C ALA D 354 -11.97 -15.33 39.44
N GLN D 355 -13.06 -15.20 38.67
CA GLN D 355 -13.46 -13.94 38.07
C GLN D 355 -13.65 -12.85 39.13
N SER D 356 -14.26 -13.20 40.26
CA SER D 356 -14.38 -12.32 41.43
C SER D 356 -13.07 -11.78 41.98
N ALA D 357 -12.00 -12.54 41.85
CA ALA D 357 -10.72 -12.13 42.40
C ALA D 357 -9.87 -11.45 41.33
N LEU D 358 -10.26 -11.65 40.08
CA LEU D 358 -9.54 -11.10 38.94
C LEU D 358 -9.64 -9.57 38.94
N ASN D 359 -8.49 -8.91 38.83
CA ASN D 359 -8.46 -7.45 38.80
C ASN D 359 -8.54 -6.92 37.36
N GLU D 360 -9.77 -6.80 36.85
CA GLU D 360 -10.00 -6.42 35.47
C GLU D 360 -9.42 -5.06 35.11
N TYR D 361 -9.52 -4.11 36.05
CA TYR D 361 -9.03 -2.75 35.80
C TYR D 361 -7.52 -2.72 35.54
N VAL D 362 -6.77 -3.50 36.30
CA VAL D 362 -5.32 -3.61 36.11
C VAL D 362 -5.00 -4.30 34.77
N PHE D 363 -5.68 -5.42 34.52
CA PHE D 363 -5.64 -6.13 33.23
C PHE D 363 -5.85 -5.14 32.07
N PHE D 364 -6.94 -4.38 32.13
CA PHE D 364 -7.27 -3.33 31.15
C PHE D 364 -6.13 -2.34 30.91
N ASN D 365 -5.61 -1.77 32.00
CA ASN D 365 -4.50 -0.83 31.89
C ASN D 365 -3.21 -1.46 31.41
N SER D 366 -2.95 -2.71 31.82
CA SER D 366 -1.74 -3.40 31.41
C SER D 366 -1.69 -3.62 29.90
N ILE D 367 -2.82 -4.06 29.34
CA ILE D 367 -2.94 -4.30 27.90
C ILE D 367 -2.79 -3.00 27.12
N LYS D 368 -3.55 -1.98 27.50
CA LYS D 368 -3.48 -0.67 26.90
C LYS D 368 -2.02 -0.19 26.78
N LYS D 369 -1.27 -0.28 27.88
CA LYS D 369 0.14 0.12 27.95
C LYS D 369 1.05 -0.60 26.96
N LEU D 370 0.60 -1.74 26.46
CA LEU D 370 1.43 -2.59 25.62
C LEU D 370 1.11 -2.49 24.13
N GLN D 371 0.07 -1.74 23.80
CA GLN D 371 -0.29 -1.55 22.39
C GLN D 371 0.64 -0.53 21.77
N HIS D 372 0.93 -0.69 20.49
CA HIS D 372 1.79 0.26 19.78
C HIS D 372 1.02 1.54 19.51
N ILE D 373 1.67 2.66 19.79
CA ILE D 373 1.10 3.97 19.54
C ILE D 373 1.80 4.59 18.33
N PRO D 374 1.02 5.15 17.38
CA PRO D 374 -0.44 5.32 17.45
C PRO D 374 -1.26 4.05 17.20
N MET D 375 -2.42 3.99 17.85
CA MET D 375 -3.39 2.94 17.59
C MET D 375 -4.18 3.29 16.34
N SER D 376 -4.79 2.28 15.72
CA SER D 376 -5.77 2.53 14.68
C SER D 376 -7.01 3.13 15.34
N ALA D 377 -7.85 3.78 14.55
CA ALA D 377 -9.05 4.44 15.07
C ALA D 377 -9.94 3.47 15.84
N ASP D 378 -10.27 2.33 15.22
CA ASP D 378 -11.20 1.37 15.82
C ASP D 378 -10.70 0.78 17.14
N GLU D 379 -9.39 0.56 17.24
CA GLU D 379 -8.79 0.11 18.48
C GLU D 379 -8.91 1.19 19.56
N ALA D 380 -8.57 2.43 19.21
CA ALA D 380 -8.70 3.55 20.15
C ALA D 380 -10.14 3.67 20.66
N VAL D 381 -11.10 3.41 19.78
CA VAL D 381 -12.52 3.51 20.11
C VAL D 381 -12.92 2.50 21.19
N CYS D 382 -12.53 1.24 21.00
CA CYS D 382 -12.84 0.18 21.95
C CYS D 382 -12.15 0.42 23.27
N SER D 383 -10.87 0.76 23.18
CA SER D 383 -10.05 1.06 24.34
C SER D 383 -10.65 2.18 25.17
N SER D 384 -10.95 3.30 24.53
CA SER D 384 -11.53 4.45 25.22
C SER D 384 -12.97 4.21 25.69
N ALA D 385 -13.65 3.24 25.08
CA ALA D 385 -15.01 2.90 25.50
C ALA D 385 -14.99 2.03 26.75
N VAL D 386 -13.99 1.16 26.86
CA VAL D 386 -13.79 0.42 28.10
C VAL D 386 -13.43 1.40 29.24
N ASN D 387 -12.56 2.37 28.93
CA ASN D 387 -12.25 3.46 29.87
C ASN D 387 -13.51 4.14 30.40
N SER D 388 -14.47 4.35 29.51
CA SER D 388 -15.77 4.93 29.85
C SER D 388 -16.56 4.12 30.86
N VAL D 389 -16.53 2.79 30.70
CA VAL D 389 -17.26 1.88 31.59
C VAL D 389 -16.77 2.05 33.01
N TYR D 390 -15.46 2.09 33.18
CA TYR D 390 -14.85 2.20 34.49
C TYR D 390 -15.05 3.57 35.13
N GLU D 391 -14.98 4.62 34.31
CA GLU D 391 -15.19 5.99 34.79
C GLU D 391 -16.62 6.23 35.20
N THR D 392 -17.54 5.45 34.64
CA THR D 392 -18.95 5.73 34.70
C THR D 392 -19.68 4.63 35.50
N LYS D 393 -18.97 3.52 35.75
CA LYS D 393 -19.54 2.28 36.30
C LYS D 393 -20.73 1.78 35.49
N ALA D 394 -20.60 1.78 34.16
CA ALA D 394 -21.65 1.27 33.28
C ALA D 394 -21.83 -0.23 33.52
N LYS D 395 -23.08 -0.66 33.51
CA LYS D 395 -23.42 -2.03 33.87
C LYS D 395 -23.47 -2.98 32.67
N ALA D 396 -23.38 -2.42 31.46
CA ALA D 396 -23.33 -3.21 30.22
C ALA D 396 -22.69 -2.44 29.08
N MET D 397 -22.35 -3.19 28.03
CA MET D 397 -21.68 -2.65 26.86
C MET D 397 -22.30 -3.30 25.64
N VAL D 398 -22.52 -2.51 24.59
CA VAL D 398 -23.07 -3.01 23.32
C VAL D 398 -22.15 -2.69 22.14
N VAL D 399 -21.67 -3.71 21.43
CA VAL D 399 -20.99 -3.56 20.13
C VAL D 399 -21.81 -4.10 18.99
N LEU D 400 -21.79 -3.40 17.85
CA LEU D 400 -22.27 -3.98 16.62
C LEU D 400 -21.08 -4.60 15.91
N SER D 401 -21.20 -5.88 15.56
CA SER D 401 -20.11 -6.57 14.89
C SER D 401 -20.69 -7.66 14.01
N ASN D 402 -20.29 -7.67 12.76
CA ASN D 402 -20.84 -8.65 11.83
C ASN D 402 -19.90 -9.83 11.66
N THR D 403 -18.61 -9.52 11.64
CA THR D 403 -17.56 -10.53 11.48
C THR D 403 -17.08 -11.00 12.85
N GLY D 404 -17.40 -10.24 13.89
CA GLY D 404 -16.95 -10.53 15.25
C GLY D 404 -15.70 -9.78 15.66
N ARG D 405 -15.11 -9.05 14.72
CA ARG D 405 -13.87 -8.29 14.93
C ARG D 405 -13.95 -7.27 16.06
N SER D 406 -14.93 -6.37 15.95
CA SER D 406 -15.11 -5.31 16.94
C SER D 406 -15.38 -5.89 18.32
N ALA D 407 -16.05 -7.05 18.35
CA ALA D 407 -16.36 -7.73 19.61
C ALA D 407 -15.10 -8.22 20.32
N ARG D 408 -14.18 -8.81 19.58
CA ARG D 408 -12.93 -9.31 20.16
C ARG D 408 -12.02 -8.15 20.56
N LEU D 409 -12.14 -7.04 19.85
CA LEU D 409 -11.35 -5.83 20.13
C LEU D 409 -11.77 -5.17 21.43
N VAL D 410 -13.07 -5.17 21.71
CA VAL D 410 -13.59 -4.66 22.97
C VAL D 410 -13.20 -5.59 24.13
N ALA D 411 -13.47 -6.89 23.97
CA ALA D 411 -13.14 -7.90 24.95
C ALA D 411 -11.64 -7.97 25.27
N LYS D 412 -10.81 -7.62 24.30
CA LYS D 412 -9.37 -7.49 24.49
C LYS D 412 -9.04 -6.60 25.70
N TYR D 413 -9.85 -5.54 25.89
CA TYR D 413 -9.61 -4.52 26.91
C TYR D 413 -10.29 -4.78 28.27
N ARG D 414 -10.87 -5.97 28.42
CA ARG D 414 -11.33 -6.45 29.73
C ARG D 414 -12.14 -5.44 30.57
N PRO D 415 -13.33 -5.04 30.07
CA PRO D 415 -14.22 -4.27 30.91
C PRO D 415 -14.70 -5.12 32.09
N ASN D 416 -15.20 -4.49 33.14
CA ASN D 416 -15.75 -5.21 34.28
C ASN D 416 -17.28 -5.29 34.23
N CYS D 417 -17.81 -5.44 33.03
CA CYS D 417 -19.24 -5.66 32.80
C CYS D 417 -19.44 -6.54 31.56
N PRO D 418 -20.65 -7.12 31.39
CA PRO D 418 -20.91 -7.94 30.20
C PRO D 418 -20.87 -7.12 28.91
N ILE D 419 -20.20 -7.66 27.88
CA ILE D 419 -20.23 -7.13 26.53
C ILE D 419 -21.33 -7.84 25.74
N VAL D 420 -22.25 -7.06 25.16
CA VAL D 420 -23.32 -7.61 24.34
C VAL D 420 -23.05 -7.29 22.86
N CYS D 421 -22.82 -8.34 22.07
CA CYS D 421 -22.54 -8.17 20.65
C CYS D 421 -23.80 -8.44 19.87
N VAL D 422 -24.25 -7.43 19.12
CA VAL D 422 -25.34 -7.61 18.18
C VAL D 422 -24.78 -7.85 16.78
N THR D 423 -25.07 -9.04 16.24
CA THR D 423 -24.51 -9.44 14.96
C THR D 423 -25.57 -9.92 13.97
N THR D 424 -25.24 -9.81 12.70
CA THR D 424 -26.12 -10.19 11.61
C THR D 424 -25.72 -11.57 11.04
N ARG D 425 -24.64 -12.13 11.58
CA ARG D 425 -24.22 -13.48 11.21
C ARG D 425 -24.29 -14.43 12.40
N LEU D 426 -25.15 -15.44 12.26
CA LEU D 426 -25.32 -16.49 13.28
C LEU D 426 -24.02 -17.27 13.54
N GLN D 427 -23.15 -17.36 12.54
CA GLN D 427 -21.85 -18.02 12.72
C GLN D 427 -20.96 -17.20 13.63
N THR D 428 -21.09 -15.87 13.56
CA THR D 428 -20.37 -14.97 14.47
C THR D 428 -20.80 -15.21 15.93
N CYS D 429 -22.10 -15.42 16.14
CA CYS D 429 -22.61 -15.86 17.44
C CYS D 429 -21.87 -17.09 17.96
N ARG D 430 -21.69 -18.08 17.10
CA ARG D 430 -20.98 -19.29 17.48
C ARG D 430 -19.48 -19.05 17.69
N GLN D 431 -18.90 -18.19 16.85
CA GLN D 431 -17.45 -17.97 16.87
C GLN D 431 -16.97 -17.14 18.06
N LEU D 432 -17.87 -16.32 18.58
CA LEU D 432 -17.61 -15.51 19.77
C LEU D 432 -17.73 -16.33 21.07
N ASN D 433 -18.15 -17.59 20.94
CA ASN D 433 -18.13 -18.50 22.09
C ASN D 433 -16.73 -18.87 22.58
N ILE D 434 -15.69 -18.49 21.84
CA ILE D 434 -14.32 -18.67 22.33
C ILE D 434 -13.70 -17.36 22.81
N THR D 435 -14.52 -16.32 22.84
CA THR D 435 -14.08 -15.02 23.32
C THR D 435 -14.76 -14.75 24.67
N GLN D 436 -13.90 -14.48 25.64
CA GLN D 436 -14.24 -14.18 27.01
C GLN D 436 -15.15 -12.96 27.16
N GLY D 437 -16.13 -13.04 28.06
CA GLY D 437 -16.91 -11.89 28.48
C GLY D 437 -17.94 -11.34 27.51
N VAL D 438 -18.13 -12.03 26.38
CA VAL D 438 -19.04 -11.57 25.34
C VAL D 438 -20.28 -12.46 25.27
N GLU D 439 -21.44 -11.84 25.05
CA GLU D 439 -22.67 -12.55 24.73
C GLU D 439 -23.27 -12.01 23.45
N SER D 440 -23.63 -12.93 22.55
CA SER D 440 -24.07 -12.54 21.21
C SER D 440 -25.56 -12.62 21.01
N VAL D 441 -26.09 -11.60 20.34
CA VAL D 441 -27.50 -11.52 19.98
C VAL D 441 -27.59 -11.43 18.48
N PHE D 442 -28.37 -12.32 17.88
CA PHE D 442 -28.55 -12.36 16.43
C PHE D 442 -29.62 -11.37 15.98
N PHE D 443 -29.26 -10.52 15.03
CA PHE D 443 -30.18 -9.60 14.37
C PHE D 443 -30.37 -10.07 12.94
N ASP D 444 -31.54 -10.66 12.66
CA ASP D 444 -31.85 -11.19 11.34
C ASP D 444 -32.11 -10.06 10.35
N ALA D 445 -31.05 -9.61 9.68
CA ALA D 445 -31.12 -8.47 8.76
C ALA D 445 -31.96 -8.77 7.51
N ASP D 446 -32.06 -10.04 7.16
CA ASP D 446 -32.87 -10.48 6.03
C ASP D 446 -34.35 -10.18 6.23
N LYS D 447 -34.85 -10.39 7.46
CA LYS D 447 -36.27 -10.15 7.74
C LYS D 447 -36.58 -8.88 8.54
N LEU D 448 -35.55 -8.13 8.92
CA LEU D 448 -35.74 -6.91 9.70
C LEU D 448 -35.14 -5.67 9.05
N GLY D 449 -34.42 -5.85 7.94
CA GLY D 449 -33.75 -4.75 7.27
C GLY D 449 -32.30 -4.58 7.67
N HIS D 450 -31.57 -3.76 6.95
CA HIS D 450 -30.12 -3.61 7.15
C HIS D 450 -29.72 -2.63 8.26
N ASP D 451 -30.71 -1.94 8.82
CA ASP D 451 -30.53 -1.06 9.97
C ASP D 451 -29.28 -0.19 9.85
N GLU D 452 -29.29 0.70 8.86
CA GLU D 452 -28.16 1.58 8.57
C GLU D 452 -28.06 2.79 9.54
N GLY D 453 -29.15 3.03 10.29
CA GLY D 453 -29.13 4.04 11.36
C GLY D 453 -28.72 3.42 12.70
N LYS D 454 -28.40 2.13 12.65
CA LYS D 454 -27.94 1.33 13.81
C LYS D 454 -28.95 1.16 14.96
N GLU D 455 -30.05 1.92 14.94
CA GLU D 455 -30.96 1.99 16.09
C GLU D 455 -31.60 0.67 16.49
N HIS D 456 -31.98 -0.13 15.50
CA HIS D 456 -32.65 -1.41 15.75
C HIS D 456 -31.74 -2.44 16.40
N ARG D 457 -30.49 -2.50 15.92
CA ARG D 457 -29.50 -3.40 16.51
C ARG D 457 -29.10 -2.96 17.90
N VAL D 458 -28.95 -1.65 18.09
CA VAL D 458 -28.65 -1.07 19.41
C VAL D 458 -29.80 -1.31 20.40
N ALA D 459 -31.04 -1.08 19.96
CA ALA D 459 -32.21 -1.40 20.78
C ALA D 459 -32.26 -2.90 21.14
N ALA D 460 -31.92 -3.76 20.18
CA ALA D 460 -31.93 -5.22 20.38
C ALA D 460 -30.93 -5.67 21.45
N GLY D 461 -29.75 -5.03 21.45
CA GLY D 461 -28.68 -5.34 22.40
C GLY D 461 -28.96 -4.83 23.80
N VAL D 462 -29.46 -3.60 23.90
CA VAL D 462 -29.87 -3.03 25.18
C VAL D 462 -30.98 -3.87 25.82
N GLU D 463 -31.96 -4.28 25.01
CA GLU D 463 -33.09 -5.08 25.48
C GLU D 463 -32.68 -6.47 26.00
N PHE D 464 -31.65 -7.06 25.38
CA PHE D 464 -31.10 -8.34 25.82
C PHE D 464 -30.41 -8.18 27.18
N ALA D 465 -29.65 -7.09 27.33
CA ALA D 465 -29.01 -6.73 28.59
C ALA D 465 -30.05 -6.48 29.69
N LYS D 466 -31.22 -5.99 29.31
CA LYS D 466 -32.32 -5.79 30.24
C LYS D 466 -32.88 -7.14 30.69
N SER D 467 -33.10 -8.04 29.73
CA SER D 467 -33.71 -9.34 30.00
C SER D 467 -32.82 -10.20 30.89
N LYS D 468 -31.51 -10.05 30.73
CA LYS D 468 -30.54 -10.76 31.54
C LYS D 468 -30.35 -10.12 32.91
N GLY D 469 -30.89 -8.91 33.07
CA GLY D 469 -30.82 -8.20 34.34
C GLY D 469 -29.50 -7.50 34.56
N TYR D 470 -28.75 -7.27 33.48
CA TYR D 470 -27.49 -6.52 33.55
C TYR D 470 -27.73 -5.04 33.78
N VAL D 471 -28.78 -4.49 33.16
CA VAL D 471 -29.14 -3.07 33.34
C VAL D 471 -30.62 -2.90 33.63
N GLN D 472 -30.95 -1.87 34.42
CA GLN D 472 -32.33 -1.41 34.60
C GLN D 472 -32.36 0.07 34.24
N THR D 473 -33.56 0.64 34.13
CA THR D 473 -33.73 2.07 33.87
C THR D 473 -32.81 2.90 34.75
N GLY D 474 -32.18 3.91 34.15
CA GLY D 474 -31.29 4.80 34.88
C GLY D 474 -29.84 4.34 34.90
N ASP D 475 -29.59 3.17 34.32
CA ASP D 475 -28.22 2.67 34.17
C ASP D 475 -27.59 3.23 32.92
N TYR D 476 -26.26 3.35 32.94
CA TYR D 476 -25.52 3.74 31.77
C TYR D 476 -25.16 2.50 30.95
N CYS D 477 -25.09 2.71 29.65
CA CYS D 477 -24.69 1.67 28.73
C CYS D 477 -23.76 2.27 27.68
N VAL D 478 -22.56 1.72 27.56
CA VAL D 478 -21.59 2.18 26.58
C VAL D 478 -21.81 1.42 25.27
N VAL D 479 -22.10 2.18 24.21
CA VAL D 479 -22.46 1.62 22.91
C VAL D 479 -21.39 1.91 21.84
N ILE D 480 -20.95 0.87 21.14
CA ILE D 480 -19.91 1.01 20.13
C ILE D 480 -20.37 0.56 18.74
N HIS D 481 -20.35 1.50 17.79
CA HIS D 481 -20.56 1.21 16.38
C HIS D 481 -19.99 2.34 15.50
N ALA D 482 -20.40 2.45 14.24
CA ALA D 482 -19.93 3.53 13.39
C ALA D 482 -20.97 4.64 13.27
N ASP D 483 -20.52 5.83 12.86
CA ASP D 483 -21.45 6.90 12.48
C ASP D 483 -22.06 6.55 11.12
N HIS D 484 -22.88 7.43 10.57
N HIS D 484 -22.90 7.41 10.57
CA HIS D 484 -23.63 7.14 9.33
CA HIS D 484 -23.62 7.11 9.31
C HIS D 484 -22.78 7.15 8.06
C HIS D 484 -22.66 6.88 8.15
N LYS D 485 -21.51 7.56 8.17
CA LYS D 485 -20.60 7.57 7.02
C LYS D 485 -19.66 6.37 6.94
N VAL D 486 -18.97 6.09 8.04
CA VAL D 486 -17.83 5.16 8.06
C VAL D 486 -18.26 3.68 7.92
N LYS D 487 -17.50 2.92 7.13
CA LYS D 487 -17.79 1.50 6.89
C LYS D 487 -16.58 0.61 7.12
N GLY D 488 -16.80 -0.55 7.73
CA GLY D 488 -15.73 -1.53 7.91
C GLY D 488 -15.28 -1.70 9.33
N TYR D 489 -15.51 -0.66 10.14
CA TYR D 489 -15.13 -0.63 11.53
C TYR D 489 -15.99 0.37 12.30
N ALA D 490 -15.87 0.35 13.63
CA ALA D 490 -16.60 1.27 14.49
C ALA D 490 -15.71 2.47 14.80
N ASN D 491 -16.21 3.66 14.53
CA ASN D 491 -15.43 4.88 14.84
C ASN D 491 -16.06 5.75 15.93
N GLN D 492 -17.06 5.21 16.61
CA GLN D 492 -17.91 6.00 17.49
C GLN D 492 -18.29 5.25 18.76
N THR D 493 -18.22 5.97 19.89
CA THR D 493 -18.80 5.48 21.13
C THR D 493 -19.85 6.47 21.58
N ARG D 494 -20.85 5.94 22.27
CA ARG D 494 -21.79 6.79 22.98
C ARG D 494 -22.12 6.17 24.32
N ILE D 495 -22.26 7.04 25.32
CA ILE D 495 -22.70 6.62 26.64
C ILE D 495 -24.17 6.98 26.75
N LEU D 496 -25.02 5.96 26.92
CA LEU D 496 -26.44 6.25 27.01
C LEU D 496 -27.16 5.64 28.19
N LEU D 497 -28.19 6.35 28.63
CA LEU D 497 -28.97 6.03 29.81
C LEU D 497 -30.12 5.12 29.41
N VAL D 498 -30.13 3.90 29.94
CA VAL D 498 -31.19 2.95 29.58
C VAL D 498 -32.55 3.36 30.16
N GLU D 499 -33.61 3.18 29.36
CA GLU D 499 -34.95 3.64 29.73
C GLU D 499 -35.82 2.53 30.31
N SER E 2 -67.01 21.09 -16.32
CA SER E 2 -67.12 22.41 -17.00
C SER E 2 -65.91 23.30 -16.69
N GLN E 3 -65.84 24.45 -17.38
CA GLN E 3 -64.76 25.41 -17.17
C GLN E 3 -64.70 25.89 -15.71
N LEU E 4 -65.86 25.96 -15.06
CA LEU E 4 -65.94 26.36 -13.65
C LEU E 4 -65.41 25.27 -12.72
N ALA E 5 -65.78 24.02 -12.99
CA ALA E 5 -65.34 22.88 -12.17
C ALA E 5 -63.87 22.58 -12.36
N HIS E 6 -63.37 22.85 -13.57
CA HIS E 6 -61.97 22.60 -13.90
C HIS E 6 -61.06 23.61 -13.21
N ASN E 7 -61.55 24.84 -13.01
CA ASN E 7 -60.78 25.87 -12.33
C ASN E 7 -60.52 25.53 -10.85
N LEU E 8 -61.40 24.72 -10.27
CA LEU E 8 -61.30 24.32 -8.86
C LEU E 8 -60.26 23.22 -8.64
N THR E 9 -59.80 22.60 -9.72
CA THR E 9 -58.83 21.51 -9.66
C THR E 9 -57.40 21.98 -9.94
N LEU E 10 -57.27 23.23 -10.39
CA LEU E 10 -55.96 23.84 -10.67
C LEU E 10 -55.27 24.27 -9.40
N SER E 11 -53.94 24.38 -9.46
CA SER E 11 -53.15 24.93 -8.37
C SER E 11 -51.91 25.66 -8.92
N ILE E 12 -51.34 26.55 -8.11
CA ILE E 12 -50.18 27.33 -8.52
C ILE E 12 -48.87 26.54 -8.38
N PHE E 13 -48.88 25.50 -7.56
CA PHE E 13 -47.68 24.71 -7.28
C PHE E 13 -47.39 23.67 -8.36
N ASP E 14 -48.39 23.40 -9.20
CA ASP E 14 -48.30 22.36 -10.24
C ASP E 14 -47.26 22.72 -11.31
N PRO E 15 -46.12 21.97 -11.32
CA PRO E 15 -45.02 22.22 -12.25
C PRO E 15 -45.45 22.23 -13.72
N VAL E 16 -44.70 22.95 -14.55
CA VAL E 16 -45.02 23.11 -15.97
C VAL E 16 -44.53 21.93 -16.81
N ALA E 17 -45.04 21.81 -18.04
CA ALA E 17 -44.68 20.72 -18.95
C ALA E 17 -43.27 20.87 -19.52
N ASN E 18 -42.73 19.78 -20.04
CA ASN E 18 -41.40 19.78 -20.64
C ASN E 18 -41.33 20.37 -22.03
N TYR E 19 -42.48 20.81 -22.55
CA TYR E 19 -42.59 21.40 -23.88
C TYR E 19 -43.59 22.57 -23.90
N ARG E 20 -43.30 23.59 -24.69
CA ARG E 20 -44.22 24.71 -24.90
C ARG E 20 -44.91 24.56 -26.24
N ALA E 21 -46.24 24.55 -26.22
CA ALA E 21 -47.06 24.39 -27.40
C ALA E 21 -47.11 25.64 -28.26
N ALA E 22 -47.41 26.78 -27.63
CA ALA E 22 -47.55 28.06 -28.31
C ALA E 22 -46.26 28.53 -28.96
N ARG E 23 -46.39 29.33 -30.02
CA ARG E 23 -45.27 29.83 -30.78
C ARG E 23 -45.20 31.36 -30.72
N ILE E 24 -43.98 31.89 -30.74
CA ILE E 24 -43.76 33.34 -30.60
C ILE E 24 -43.24 33.97 -31.90
N ILE E 25 -43.81 35.13 -32.27
CA ILE E 25 -43.42 35.86 -33.48
C ILE E 25 -42.85 37.23 -33.11
N CYS E 26 -41.62 37.50 -33.52
CA CYS E 26 -40.95 38.77 -33.21
C CYS E 26 -40.80 39.58 -34.47
N THR E 27 -41.06 40.89 -34.38
CA THR E 27 -40.77 41.77 -35.52
C THR E 27 -39.37 42.34 -35.38
N ILE E 28 -38.64 42.33 -36.48
CA ILE E 28 -37.23 42.71 -36.49
C ILE E 28 -37.10 44.16 -36.94
N GLY E 29 -36.39 44.94 -36.13
CA GLY E 29 -36.08 46.33 -36.44
C GLY E 29 -34.68 46.67 -35.95
N PRO E 30 -34.40 47.97 -35.74
CA PRO E 30 -33.09 48.44 -35.26
C PRO E 30 -32.60 47.70 -34.03
N SER E 31 -33.50 47.38 -33.10
CA SER E 31 -33.13 46.71 -31.85
C SER E 31 -32.68 45.26 -31.99
N THR E 32 -33.11 44.61 -33.08
CA THR E 32 -32.94 43.15 -33.19
C THR E 32 -32.40 42.65 -34.53
N GLN E 33 -32.02 43.55 -35.43
CA GLN E 33 -31.63 43.17 -36.79
C GLN E 33 -30.23 42.56 -36.92
N SER E 34 -29.36 42.82 -35.94
CA SER E 34 -28.00 42.28 -35.98
C SER E 34 -28.04 40.77 -35.82
N VAL E 35 -26.99 40.10 -36.30
CA VAL E 35 -26.91 38.65 -36.22
C VAL E 35 -26.84 38.17 -34.74
N GLU E 36 -25.99 38.82 -33.94
CA GLU E 36 -25.92 38.53 -32.51
C GLU E 36 -27.25 38.79 -31.79
N ALA E 37 -27.96 39.84 -32.18
CA ALA E 37 -29.23 40.21 -31.55
C ALA E 37 -30.34 39.22 -31.90
N LEU E 38 -30.28 38.66 -33.09
CA LEU E 38 -31.22 37.64 -33.53
C LEU E 38 -30.98 36.30 -32.83
N LYS E 39 -29.71 35.92 -32.67
CA LYS E 39 -29.34 34.70 -31.92
C LYS E 39 -29.96 34.72 -30.52
N GLY E 40 -29.91 35.89 -29.86
CA GLY E 40 -30.54 36.09 -28.56
C GLY E 40 -32.04 35.86 -28.59
N LEU E 41 -32.71 36.40 -29.59
CA LEU E 41 -34.14 36.19 -29.79
C LEU E 41 -34.47 34.70 -29.95
N ILE E 42 -33.68 34.02 -30.77
CA ILE E 42 -33.84 32.58 -31.00
C ILE E 42 -33.67 31.78 -29.71
N GLN E 43 -32.56 31.99 -29.01
CA GLN E 43 -32.33 31.29 -27.74
C GLN E 43 -33.40 31.65 -26.70
N SER E 44 -34.00 32.83 -26.86
CA SER E 44 -35.01 33.32 -25.93
C SER E 44 -36.39 32.72 -26.19
N GLY E 45 -36.69 32.41 -27.45
CA GLY E 45 -37.95 31.76 -27.81
C GLY E 45 -38.58 32.10 -29.14
N MET E 46 -37.95 32.99 -29.92
CA MET E 46 -38.48 33.34 -31.24
C MET E 46 -38.57 32.14 -32.19
N SER E 47 -39.71 32.01 -32.87
CA SER E 47 -39.91 30.95 -33.87
C SER E 47 -40.09 31.53 -35.27
N VAL E 48 -40.55 32.78 -35.33
CA VAL E 48 -40.89 33.45 -36.58
C VAL E 48 -40.37 34.88 -36.55
N ALA E 49 -39.62 35.25 -37.59
CA ALA E 49 -39.19 36.63 -37.75
C ALA E 49 -40.14 37.40 -38.69
N ARG E 50 -40.82 38.41 -38.14
CA ARG E 50 -41.73 39.26 -38.90
C ARG E 50 -40.97 40.45 -39.50
N MET E 51 -41.14 40.65 -40.81
CA MET E 51 -40.57 41.80 -41.50
C MET E 51 -41.70 42.73 -41.92
N ASN E 52 -41.79 43.89 -41.27
CA ASN E 52 -42.82 44.85 -41.60
C ASN E 52 -42.41 45.78 -42.75
N PHE E 53 -43.04 45.57 -43.90
CA PHE E 53 -42.74 46.32 -45.12
C PHE E 53 -43.43 47.69 -45.21
N SER E 54 -44.06 48.13 -44.12
CA SER E 54 -44.55 49.50 -44.03
C SER E 54 -43.41 50.44 -43.63
N HIS E 55 -42.43 49.89 -42.90
CA HIS E 55 -41.26 50.62 -42.46
C HIS E 55 -40.01 50.06 -43.14
N GLY E 56 -39.21 50.94 -43.74
CA GLY E 56 -37.91 50.55 -44.29
C GLY E 56 -37.90 50.36 -45.80
N SER E 57 -36.95 49.57 -46.26
CA SER E 57 -36.74 49.33 -47.70
C SER E 57 -36.46 47.86 -48.00
N HIS E 58 -36.48 47.50 -49.28
CA HIS E 58 -36.13 46.16 -49.73
C HIS E 58 -34.71 45.78 -49.29
N GLU E 59 -33.81 46.75 -49.33
CA GLU E 59 -32.42 46.57 -48.93
C GLU E 59 -32.33 46.28 -47.42
N TYR E 60 -33.11 47.01 -46.63
CA TYR E 60 -33.14 46.85 -45.18
C TYR E 60 -33.64 45.46 -44.76
N HIS E 61 -34.69 44.98 -45.43
CA HIS E 61 -35.22 43.65 -45.12
C HIS E 61 -34.36 42.52 -45.72
N GLN E 62 -33.62 42.81 -46.78
CA GLN E 62 -32.61 41.88 -47.25
C GLN E 62 -31.59 41.61 -46.13
N THR E 63 -31.15 42.66 -45.45
CA THR E 63 -30.31 42.54 -44.26
C THR E 63 -30.94 41.61 -43.21
N THR E 64 -32.24 41.77 -42.97
CA THR E 64 -32.98 40.92 -42.03
C THR E 64 -33.02 39.45 -42.48
N ILE E 65 -33.38 39.22 -43.74
CA ILE E 65 -33.44 37.88 -44.33
C ILE E 65 -32.09 37.14 -44.26
N ASN E 66 -31.01 37.86 -44.58
CA ASN E 66 -29.66 37.28 -44.49
C ASN E 66 -29.29 36.95 -43.05
N ASN E 67 -29.42 37.94 -42.17
CA ASN E 67 -29.04 37.80 -40.77
C ASN E 67 -29.81 36.70 -40.04
N VAL E 68 -31.12 36.63 -40.27
CA VAL E 68 -31.95 35.54 -39.74
C VAL E 68 -31.45 34.15 -40.19
N ARG E 69 -31.14 34.02 -41.47
CA ARG E 69 -30.68 32.77 -42.04
C ARG E 69 -29.32 32.35 -41.45
N GLN E 70 -28.46 33.33 -41.22
CA GLN E 70 -27.15 33.07 -40.62
C GLN E 70 -27.30 32.70 -39.15
N ALA E 71 -28.19 33.42 -38.47
CA ALA E 71 -28.44 33.21 -37.05
C ALA E 71 -28.95 31.80 -36.78
N ALA E 72 -29.95 31.38 -37.55
CA ALA E 72 -30.48 30.02 -37.46
C ALA E 72 -29.42 28.97 -37.86
N ALA E 73 -28.71 29.21 -38.95
CA ALA E 73 -27.66 28.29 -39.39
C ALA E 73 -26.66 28.03 -38.27
N GLU E 74 -26.16 29.11 -37.66
CA GLU E 74 -25.20 29.04 -36.56
C GLU E 74 -25.70 28.24 -35.37
N LEU E 75 -27.01 28.30 -35.12
CA LEU E 75 -27.60 27.58 -34.00
C LEU E 75 -28.19 26.22 -34.38
N GLY E 76 -28.16 25.88 -35.67
CA GLY E 76 -28.74 24.63 -36.18
C GLY E 76 -30.25 24.52 -35.95
N VAL E 77 -30.98 25.62 -36.15
CA VAL E 77 -32.45 25.61 -36.02
C VAL E 77 -33.09 26.09 -37.32
N ASN E 78 -34.43 26.01 -37.38
CA ASN E 78 -35.19 26.45 -38.56
C ASN E 78 -36.18 27.55 -38.22
N ILE E 79 -35.90 28.76 -38.70
CA ILE E 79 -36.70 29.92 -38.34
C ILE E 79 -37.49 30.44 -39.53
N ALA E 80 -38.81 30.54 -39.35
CA ALA E 80 -39.70 31.09 -40.35
C ALA E 80 -39.41 32.57 -40.59
N ILE E 81 -39.40 32.97 -41.86
CA ILE E 81 -39.32 34.37 -42.23
C ILE E 81 -40.67 34.79 -42.84
N ALA E 82 -41.28 35.80 -42.23
CA ALA E 82 -42.59 36.30 -42.65
C ALA E 82 -42.49 37.72 -43.23
N LEU E 83 -43.28 37.96 -44.27
CA LEU E 83 -43.33 39.28 -44.90
C LEU E 83 -44.67 39.94 -44.61
N ASP E 84 -44.63 41.06 -43.90
CA ASP E 84 -45.82 41.81 -43.55
C ASP E 84 -46.00 42.96 -44.53
N THR E 85 -47.05 42.87 -45.36
CA THR E 85 -47.28 43.81 -46.46
C THR E 85 -47.81 45.15 -45.97
N LYS E 86 -47.78 46.15 -46.84
CA LYS E 86 -48.40 47.44 -46.55
C LYS E 86 -49.93 47.30 -46.54
N GLY E 87 -50.47 46.68 -47.58
CA GLY E 87 -51.91 46.57 -47.75
C GLY E 87 -52.54 47.92 -48.03
N PRO E 88 -53.87 47.95 -48.24
CA PRO E 88 -54.59 49.20 -48.47
C PRO E 88 -54.63 50.08 -47.21
N GLU E 89 -53.48 50.68 -46.88
CA GLU E 89 -53.30 51.43 -45.64
C GLU E 89 -53.01 52.92 -45.86
N ILE E 90 -53.08 53.69 -44.79
CA ILE E 90 -52.67 55.09 -44.80
C ILE E 90 -51.59 55.32 -43.73
N ARG E 91 -50.49 55.95 -44.15
CA ARG E 91 -49.39 56.25 -43.24
C ARG E 91 -49.05 57.74 -43.26
N THR E 92 -48.49 58.23 -42.15
CA THR E 92 -47.94 59.59 -42.11
C THR E 92 -46.57 59.58 -42.76
N GLY E 93 -46.00 60.77 -42.97
CA GLY E 93 -44.66 60.89 -43.55
C GLY E 93 -43.56 60.75 -42.50
N GLN E 94 -42.37 61.21 -42.87
CA GLN E 94 -41.23 61.22 -41.94
C GLN E 94 -41.12 62.55 -41.22
N PHE E 95 -40.47 62.53 -40.06
CA PHE E 95 -40.31 63.71 -39.22
C PHE E 95 -38.84 64.07 -39.02
N VAL E 96 -38.55 65.37 -39.08
CA VAL E 96 -37.20 65.88 -38.85
C VAL E 96 -36.76 65.52 -37.43
N GLY E 97 -35.68 64.75 -37.34
CA GLY E 97 -35.16 64.29 -36.05
C GLY E 97 -35.60 62.88 -35.72
N GLY E 98 -36.55 62.34 -36.47
CA GLY E 98 -37.08 61.01 -36.23
C GLY E 98 -38.48 61.03 -35.65
N ASP E 99 -38.64 61.71 -34.52
CA ASP E 99 -39.95 61.84 -33.88
C ASP E 99 -40.43 63.29 -33.71
N ALA E 100 -41.74 63.45 -33.53
CA ALA E 100 -42.34 64.75 -33.24
C ALA E 100 -43.18 64.66 -31.98
N VAL E 101 -42.97 65.61 -31.06
CA VAL E 101 -43.73 65.67 -29.82
C VAL E 101 -45.04 66.43 -30.05
N MET E 102 -46.15 65.73 -29.91
CA MET E 102 -47.48 66.36 -30.05
C MET E 102 -48.03 66.65 -28.65
N GLU E 103 -48.36 67.91 -28.40
CA GLU E 103 -48.86 68.34 -27.09
C GLU E 103 -50.35 68.63 -27.16
N ARG E 104 -51.07 68.31 -26.08
CA ARG E 104 -52.51 68.53 -26.00
C ARG E 104 -52.85 70.01 -26.18
N GLY E 105 -53.77 70.28 -27.10
CA GLY E 105 -54.27 71.64 -27.34
C GLY E 105 -53.51 72.40 -28.42
N ALA E 106 -52.38 71.86 -28.86
CA ALA E 106 -51.56 72.48 -29.90
C ALA E 106 -52.25 72.39 -31.27
N THR E 107 -51.93 73.32 -32.16
CA THR E 107 -52.47 73.32 -33.51
C THR E 107 -51.42 72.84 -34.52
N CYS E 108 -51.84 71.96 -35.43
CA CYS E 108 -50.93 71.41 -36.44
C CYS E 108 -51.58 71.29 -37.81
N TYR E 109 -50.74 71.14 -38.84
CA TYR E 109 -51.21 71.11 -40.22
C TYR E 109 -50.81 69.81 -40.92
N VAL E 110 -51.79 69.19 -41.56
CA VAL E 110 -51.57 67.95 -42.31
C VAL E 110 -51.79 68.20 -43.81
N THR E 111 -50.82 67.82 -44.63
CA THR E 111 -50.87 68.11 -46.06
C THR E 111 -50.91 66.87 -46.96
N THR E 112 -51.27 67.09 -48.23
CA THR E 112 -51.27 66.04 -49.25
C THR E 112 -50.00 66.10 -50.09
N ASP E 113 -49.17 67.12 -49.84
CA ASP E 113 -47.99 67.41 -50.65
C ASP E 113 -46.78 66.54 -50.28
N PRO E 114 -46.31 65.71 -51.24
CA PRO E 114 -45.16 64.80 -51.06
C PRO E 114 -43.83 65.49 -50.76
N ALA E 115 -43.80 66.82 -50.86
CA ALA E 115 -42.59 67.60 -50.58
C ALA E 115 -42.31 67.71 -49.08
N PHE E 116 -43.28 67.30 -48.28
CA PHE E 116 -43.17 67.33 -46.81
C PHE E 116 -43.10 65.93 -46.23
N ALA E 117 -42.87 64.94 -47.09
CA ALA E 117 -42.79 63.53 -46.69
C ALA E 117 -41.46 63.18 -46.02
N ASP E 118 -40.49 64.09 -46.07
CA ASP E 118 -39.20 63.89 -45.42
C ASP E 118 -38.82 65.07 -44.51
N LYS E 119 -39.70 66.07 -44.45
CA LYS E 119 -39.49 67.24 -43.61
C LYS E 119 -40.73 67.56 -42.76
N GLY E 120 -41.16 66.60 -41.94
CA GLY E 120 -42.30 66.79 -41.06
C GLY E 120 -41.89 67.23 -39.67
N THR E 121 -42.76 67.99 -39.01
CA THR E 121 -42.54 68.43 -37.64
C THR E 121 -43.82 68.28 -36.82
N LYS E 122 -43.79 68.81 -35.60
CA LYS E 122 -44.96 68.86 -34.71
C LYS E 122 -46.04 69.77 -35.29
N ASP E 123 -45.62 70.78 -36.04
CA ASP E 123 -46.52 71.81 -36.56
C ASP E 123 -47.07 71.49 -37.95
N LYS E 124 -46.26 70.81 -38.77
CA LYS E 124 -46.68 70.43 -40.12
C LYS E 124 -46.04 69.13 -40.58
N PHE E 125 -46.87 68.17 -40.99
CA PHE E 125 -46.39 66.90 -41.54
C PHE E 125 -47.30 66.34 -42.64
N TYR E 126 -46.89 65.21 -43.21
CA TYR E 126 -47.48 64.64 -44.42
C TYR E 126 -48.32 63.39 -44.16
N ILE E 127 -49.41 63.25 -44.90
CA ILE E 127 -50.23 62.04 -44.89
C ILE E 127 -50.47 61.59 -46.34
N ASP E 128 -50.14 60.33 -46.62
CA ASP E 128 -50.01 59.84 -48.01
C ASP E 128 -51.31 59.57 -48.79
N TYR E 129 -52.45 59.56 -48.11
CA TYR E 129 -53.74 59.42 -48.79
C TYR E 129 -54.08 60.70 -49.54
N GLN E 130 -54.59 60.55 -50.77
CA GLN E 130 -54.77 61.69 -51.66
C GLN E 130 -56.02 62.51 -51.38
N ASN E 131 -57.19 61.95 -51.68
CA ASN E 131 -58.45 62.69 -51.50
C ASN E 131 -59.01 62.58 -50.08
N LEU E 132 -58.14 62.74 -49.08
CA LEU E 132 -58.55 62.74 -47.68
C LEU E 132 -59.32 64.01 -47.34
N SER E 133 -59.00 65.10 -48.03
CA SER E 133 -59.67 66.38 -47.86
C SER E 133 -61.12 66.34 -48.36
N LYS E 134 -61.39 65.42 -49.29
CA LYS E 134 -62.74 65.19 -49.78
C LYS E 134 -63.47 64.11 -48.98
N VAL E 135 -62.76 63.54 -48.00
CA VAL E 135 -63.31 62.51 -47.13
C VAL E 135 -63.64 63.08 -45.74
N VAL E 136 -62.65 63.69 -45.09
CA VAL E 136 -62.83 64.27 -43.75
C VAL E 136 -63.37 65.71 -43.80
N ARG E 137 -64.11 66.09 -42.76
CA ARG E 137 -64.72 67.41 -42.66
C ARG E 137 -64.39 68.08 -41.31
N PRO E 138 -64.66 69.40 -41.19
CA PRO E 138 -64.44 70.11 -39.92
C PRO E 138 -65.22 69.51 -38.76
N GLY E 139 -64.49 69.06 -37.73
CA GLY E 139 -65.09 68.44 -36.56
C GLY E 139 -64.83 66.94 -36.44
N ASN E 140 -64.30 66.35 -37.52
CA ASN E 140 -64.01 64.91 -37.53
C ASN E 140 -62.62 64.58 -36.98
N TYR E 141 -62.46 63.36 -36.49
CA TYR E 141 -61.20 62.91 -35.89
C TYR E 141 -60.32 62.15 -36.87
N ILE E 142 -59.03 62.47 -36.86
CA ILE E 142 -58.03 61.68 -37.57
C ILE E 142 -57.22 60.92 -36.52
N TYR E 143 -57.10 59.61 -36.73
CA TYR E 143 -56.46 58.74 -35.75
C TYR E 143 -55.03 58.44 -36.18
N ILE E 144 -54.08 58.64 -35.27
CA ILE E 144 -52.66 58.47 -35.55
C ILE E 144 -52.06 57.46 -34.56
N ASP E 145 -51.18 56.61 -35.06
CA ASP E 145 -50.43 55.64 -34.25
C ASP E 145 -51.35 54.67 -33.51
N ASP E 146 -52.10 53.87 -34.28
CA ASP E 146 -53.09 52.90 -33.78
C ASP E 146 -54.12 53.52 -32.82
N GLY E 147 -54.53 54.74 -33.12
CA GLY E 147 -55.54 55.43 -32.32
C GLY E 147 -55.05 56.02 -31.01
N ILE E 148 -53.74 55.98 -30.77
CA ILE E 148 -53.17 56.55 -29.55
C ILE E 148 -53.25 58.08 -29.59
N LEU E 149 -53.03 58.65 -30.78
CA LEU E 149 -53.13 60.10 -30.97
C LEU E 149 -54.29 60.45 -31.90
N ILE E 150 -55.04 61.49 -31.52
CA ILE E 150 -56.16 61.99 -32.32
C ILE E 150 -55.99 63.47 -32.65
N LEU E 151 -56.26 63.83 -33.90
CA LEU E 151 -56.31 65.21 -34.34
C LEU E 151 -57.69 65.54 -34.87
N GLN E 152 -58.31 66.59 -34.35
CA GLN E 152 -59.61 67.03 -34.85
C GLN E 152 -59.45 68.08 -35.92
N VAL E 153 -60.06 67.84 -37.08
CA VAL E 153 -60.00 68.76 -38.21
C VAL E 153 -60.77 70.04 -37.87
N GLN E 154 -60.18 71.18 -38.20
CA GLN E 154 -60.77 72.47 -37.89
C GLN E 154 -61.22 73.19 -39.17
N SER E 155 -60.28 73.40 -40.10
CA SER E 155 -60.55 74.10 -41.35
C SER E 155 -59.59 73.72 -42.48
N HIS E 156 -59.97 74.04 -43.71
CA HIS E 156 -59.12 73.82 -44.88
C HIS E 156 -58.25 75.04 -45.16
N GLU E 157 -56.93 74.86 -45.13
CA GLU E 157 -56.00 75.93 -45.46
C GLU E 157 -55.98 76.19 -46.97
N ASP E 158 -55.65 75.15 -47.73
CA ASP E 158 -55.75 75.19 -49.20
C ASP E 158 -56.27 73.85 -49.74
N GLU E 159 -55.92 73.57 -51.00
CA GLU E 159 -56.40 72.37 -51.70
C GLU E 159 -55.73 71.08 -51.21
N GLN E 160 -54.78 71.21 -50.27
CA GLN E 160 -54.01 70.07 -49.78
C GLN E 160 -53.81 70.07 -48.26
N THR E 161 -53.82 71.26 -47.65
CA THR E 161 -53.53 71.40 -46.22
C THR E 161 -54.79 71.52 -45.37
N LEU E 162 -54.73 70.98 -44.14
CA LEU E 162 -55.82 71.08 -43.18
C LEU E 162 -55.31 71.61 -41.84
N GLU E 163 -56.11 72.47 -41.21
CA GLU E 163 -55.82 72.94 -39.86
C GLU E 163 -56.41 71.97 -38.85
N CYS E 164 -55.58 71.49 -37.93
CA CYS E 164 -56.00 70.50 -36.94
C CYS E 164 -55.67 70.93 -35.51
N THR E 165 -56.37 70.32 -34.56
CA THR E 165 -56.07 70.48 -33.14
C THR E 165 -55.64 69.14 -32.56
N VAL E 166 -54.56 69.17 -31.77
CA VAL E 166 -54.08 67.99 -31.07
C VAL E 166 -54.91 67.80 -29.79
N THR E 167 -55.61 66.67 -29.70
CA THR E 167 -56.54 66.43 -28.60
C THR E 167 -55.89 65.75 -27.39
N ASN E 168 -54.70 65.17 -27.60
CA ASN E 168 -53.94 64.52 -26.53
C ASN E 168 -52.43 64.52 -26.78
N SER E 169 -51.66 64.45 -25.69
CA SER E 169 -50.19 64.51 -25.76
C SER E 169 -49.59 63.14 -26.07
N HIS E 170 -48.78 63.09 -27.13
CA HIS E 170 -48.11 61.86 -27.56
C HIS E 170 -46.95 62.15 -28.50
N THR E 171 -45.83 61.46 -28.28
CA THR E 171 -44.68 61.52 -29.18
C THR E 171 -44.83 60.48 -30.29
N ILE E 172 -44.75 60.93 -31.54
CA ILE E 172 -44.91 60.05 -32.69
C ILE E 172 -43.64 59.94 -33.55
N SER E 173 -43.32 58.71 -33.96
CA SER E 173 -42.15 58.44 -34.79
C SER E 173 -42.50 58.50 -36.28
N ASP E 174 -41.50 58.21 -37.11
CA ASP E 174 -41.69 58.19 -38.57
C ASP E 174 -42.80 57.24 -39.00
N ARG E 175 -43.53 57.66 -40.03
CA ARG E 175 -44.63 56.90 -40.66
C ARG E 175 -45.57 56.15 -39.71
N ARG E 176 -46.47 56.90 -39.08
CA ARG E 176 -47.49 56.38 -38.18
C ARG E 176 -48.70 55.89 -38.96
N GLY E 177 -49.32 54.82 -38.48
CA GLY E 177 -50.54 54.30 -39.09
C GLY E 177 -51.70 55.25 -38.84
N VAL E 178 -52.40 55.63 -39.91
CA VAL E 178 -53.57 56.50 -39.78
C VAL E 178 -54.86 55.80 -40.24
N ASN E 179 -55.88 55.88 -39.38
CA ASN E 179 -57.14 55.17 -39.56
C ASN E 179 -58.30 56.15 -39.61
N LEU E 180 -59.22 55.94 -40.54
CA LEU E 180 -60.45 56.75 -40.62
C LEU E 180 -61.71 55.88 -40.61
N PRO E 181 -62.14 55.43 -39.40
CA PRO E 181 -63.26 54.49 -39.27
C PRO E 181 -64.61 55.13 -39.64
N GLY E 182 -65.42 54.38 -40.38
CA GLY E 182 -66.71 54.86 -40.86
C GLY E 182 -66.62 55.61 -42.18
N CYS E 183 -65.40 55.96 -42.57
CA CYS E 183 -65.13 56.56 -43.88
C CYS E 183 -64.80 55.45 -44.86
N ASP E 184 -65.34 55.55 -46.06
CA ASP E 184 -65.05 54.58 -47.11
C ASP E 184 -63.84 55.02 -47.92
N VAL E 185 -62.68 54.46 -47.57
CA VAL E 185 -61.43 54.74 -48.27
C VAL E 185 -61.37 53.97 -49.60
N ASP E 186 -60.85 54.63 -50.63
CA ASP E 186 -60.81 54.04 -51.97
C ASP E 186 -59.42 53.52 -52.33
N LEU E 187 -58.94 52.55 -51.54
CA LEU E 187 -57.63 51.95 -51.79
C LEU E 187 -57.77 50.53 -52.34
N PRO E 188 -56.93 50.17 -53.35
CA PRO E 188 -57.02 48.87 -54.01
C PRO E 188 -56.72 47.69 -53.08
N ALA E 189 -57.36 46.55 -53.37
CA ALA E 189 -57.18 45.32 -52.61
C ALA E 189 -55.69 44.95 -52.50
N VAL E 190 -55.02 44.93 -53.64
CA VAL E 190 -53.58 44.77 -53.71
C VAL E 190 -53.03 45.89 -54.60
N SER E 191 -52.14 46.70 -54.03
CA SER E 191 -51.63 47.89 -54.71
C SER E 191 -50.38 47.62 -55.55
N ALA E 192 -49.92 48.66 -56.25
CA ALA E 192 -48.70 48.58 -57.06
C ALA E 192 -47.48 48.19 -56.22
N LYS E 193 -47.30 48.87 -55.09
CA LYS E 193 -46.20 48.56 -54.18
C LYS E 193 -46.35 47.19 -53.53
N ASP E 194 -47.60 46.78 -53.28
CA ASP E 194 -47.89 45.45 -52.75
C ASP E 194 -47.35 44.36 -53.67
N ARG E 195 -47.56 44.53 -54.98
CA ARG E 195 -47.10 43.56 -55.98
C ARG E 195 -45.58 43.50 -56.06
N VAL E 196 -44.94 44.66 -55.91
CA VAL E 196 -43.48 44.78 -55.86
C VAL E 196 -42.92 44.04 -54.63
N ASP E 197 -43.59 44.23 -53.49
CA ASP E 197 -43.19 43.59 -52.24
C ASP E 197 -43.39 42.08 -52.29
N LEU E 198 -44.53 41.64 -52.79
CA LEU E 198 -44.86 40.22 -52.94
C LEU E 198 -43.87 39.48 -53.86
N GLN E 199 -43.43 40.16 -54.92
CA GLN E 199 -42.46 39.58 -55.83
C GLN E 199 -41.08 39.45 -55.18
N PHE E 200 -40.67 40.48 -54.43
CA PHE E 200 -39.44 40.44 -53.63
C PHE E 200 -39.43 39.21 -52.72
N GLY E 201 -40.56 39.00 -52.02
CA GLY E 201 -40.75 37.85 -51.15
C GLY E 201 -40.60 36.51 -51.84
N VAL E 202 -41.23 36.37 -53.02
CA VAL E 202 -41.11 35.15 -53.82
C VAL E 202 -39.65 34.94 -54.22
N GLU E 203 -39.01 36.01 -54.72
CA GLU E 203 -37.60 35.99 -55.11
C GLU E 203 -36.66 35.60 -53.97
N GLN E 204 -37.00 36.03 -52.76
CA GLN E 204 -36.14 35.80 -51.59
C GLN E 204 -36.54 34.59 -50.74
N GLY E 205 -37.62 33.91 -51.13
CA GLY E 205 -38.03 32.66 -50.49
C GLY E 205 -38.53 32.82 -49.07
N VAL E 206 -39.36 33.83 -48.84
CA VAL E 206 -40.06 33.97 -47.56
C VAL E 206 -41.05 32.80 -47.40
N ASP E 207 -41.36 32.48 -46.15
CA ASP E 207 -42.18 31.30 -45.86
C ASP E 207 -43.67 31.61 -45.79
N MET E 208 -43.99 32.86 -45.45
CA MET E 208 -45.37 33.30 -45.30
C MET E 208 -45.50 34.79 -45.48
N ILE E 209 -46.68 35.19 -45.94
CA ILE E 209 -47.03 36.59 -46.11
C ILE E 209 -48.03 36.96 -45.02
N PHE E 210 -47.70 37.98 -44.23
CA PHE E 210 -48.70 38.57 -43.35
C PHE E 210 -49.39 39.68 -44.15
N ALA E 211 -50.57 39.36 -44.68
CA ALA E 211 -51.28 40.25 -45.60
C ALA E 211 -52.18 41.23 -44.85
N SER E 212 -51.79 42.51 -44.88
CA SER E 212 -52.47 43.57 -44.13
C SER E 212 -53.81 43.98 -44.73
N PHE E 213 -54.73 44.35 -43.86
CA PHE E 213 -56.07 44.88 -44.22
C PHE E 213 -56.83 44.02 -45.22
N ILE E 214 -56.90 42.72 -44.96
CA ILE E 214 -57.67 41.80 -45.80
C ILE E 214 -59.16 41.95 -45.46
N ARG E 215 -59.95 42.29 -46.49
CA ARG E 215 -61.35 42.62 -46.30
C ARG E 215 -62.30 41.67 -47.04
N SER E 216 -61.77 40.90 -47.99
CA SER E 216 -62.59 39.97 -48.78
C SER E 216 -61.80 38.76 -49.27
N ALA E 217 -62.54 37.68 -49.57
CA ALA E 217 -61.98 36.45 -50.12
C ALA E 217 -61.32 36.68 -51.50
N GLU E 218 -61.88 37.62 -52.25
CA GLU E 218 -61.35 38.02 -53.55
C GLU E 218 -59.95 38.63 -53.40
N GLN E 219 -59.82 39.56 -52.46
CA GLN E 219 -58.52 40.13 -52.10
C GLN E 219 -57.47 39.04 -51.81
N VAL E 220 -57.89 37.99 -51.08
CA VAL E 220 -57.02 36.83 -50.81
C VAL E 220 -56.61 36.16 -52.13
N GLY E 221 -57.58 35.98 -53.02
CA GLY E 221 -57.31 35.49 -54.38
C GLY E 221 -56.31 36.35 -55.13
N ASP E 222 -56.48 37.68 -55.03
CA ASP E 222 -55.57 38.64 -55.65
C ASP E 222 -54.12 38.50 -55.16
N VAL E 223 -53.95 38.31 -53.85
CA VAL E 223 -52.63 38.07 -53.25
C VAL E 223 -52.02 36.78 -53.79
N ARG E 224 -52.80 35.71 -53.79
CA ARG E 224 -52.34 34.42 -54.29
C ARG E 224 -51.92 34.49 -55.76
N LYS E 225 -52.70 35.23 -56.55
CA LYS E 225 -52.45 35.41 -57.98
C LYS E 225 -51.13 36.13 -58.21
N ALA E 226 -50.86 37.14 -57.37
CA ALA E 226 -49.63 37.93 -57.45
C ALA E 226 -48.40 37.15 -56.97
N LEU E 227 -48.60 36.18 -56.08
CA LEU E 227 -47.51 35.29 -55.70
C LEU E 227 -47.23 34.34 -56.86
N GLY E 228 -48.30 33.86 -57.48
CA GLY E 228 -48.19 33.05 -58.69
C GLY E 228 -47.74 31.62 -58.43
N PRO E 229 -47.52 30.85 -59.51
CA PRO E 229 -47.09 29.46 -59.41
C PRO E 229 -45.82 29.28 -58.57
N LYS E 230 -44.85 30.17 -58.71
CA LYS E 230 -43.62 30.11 -57.92
C LYS E 230 -43.84 30.23 -56.42
N GLY E 231 -44.84 31.02 -56.02
CA GLY E 231 -45.15 31.21 -54.62
C GLY E 231 -46.42 30.51 -54.19
N ARG E 232 -46.71 29.38 -54.83
CA ARG E 232 -47.93 28.61 -54.52
C ARG E 232 -47.85 27.87 -53.18
N ASP E 233 -46.63 27.71 -52.66
CA ASP E 233 -46.42 27.07 -51.36
C ASP E 233 -46.15 28.07 -50.22
N ILE E 234 -46.02 29.35 -50.56
CA ILE E 234 -45.97 30.41 -49.58
C ILE E 234 -47.37 30.57 -48.96
N MET E 235 -47.43 30.56 -47.63
CA MET E 235 -48.68 30.71 -46.92
C MET E 235 -49.11 32.17 -46.85
N ILE E 236 -50.42 32.39 -46.93
CA ILE E 236 -50.98 33.74 -46.83
C ILE E 236 -51.76 33.83 -45.52
N ILE E 237 -51.20 34.53 -44.55
CA ILE E 237 -51.85 34.74 -43.27
C ILE E 237 -52.57 36.07 -43.36
N CYS E 238 -53.90 36.02 -43.31
CA CYS E 238 -54.69 37.22 -43.48
C CYS E 238 -54.83 37.98 -42.16
N LYS E 239 -54.51 39.26 -42.21
CA LYS E 239 -54.64 40.14 -41.04
C LYS E 239 -55.99 40.83 -41.05
N ILE E 240 -56.82 40.52 -40.07
CA ILE E 240 -58.13 41.11 -39.95
C ILE E 240 -58.04 42.34 -39.06
N GLU E 241 -58.28 43.51 -39.65
CA GLU E 241 -58.04 44.77 -38.95
C GLU E 241 -58.94 45.93 -39.40
N ASN E 242 -60.07 45.57 -40.01
CA ASN E 242 -61.09 46.55 -40.36
C ASN E 242 -62.49 45.94 -40.25
N HIS E 243 -63.50 46.76 -40.49
CA HIS E 243 -64.90 46.35 -40.38
C HIS E 243 -65.22 45.15 -41.27
N GLN E 244 -64.84 45.24 -42.54
CA GLN E 244 -65.16 44.23 -43.54
C GLN E 244 -64.51 42.88 -43.29
N GLY E 245 -63.24 42.91 -42.87
CA GLY E 245 -62.48 41.69 -42.57
C GLY E 245 -63.19 40.77 -41.59
N VAL E 246 -63.81 41.37 -40.58
CA VAL E 246 -64.61 40.62 -39.61
C VAL E 246 -65.88 40.12 -40.28
N GLN E 247 -66.57 41.02 -40.99
CA GLN E 247 -67.83 40.67 -41.67
C GLN E 247 -67.65 39.46 -42.58
N ASN E 248 -66.59 39.46 -43.37
CA ASN E 248 -66.30 38.40 -44.33
C ASN E 248 -65.32 37.34 -43.82
N ILE E 249 -65.28 37.14 -42.51
CA ILE E 249 -64.33 36.20 -41.88
C ILE E 249 -64.36 34.77 -42.46
N ASP E 250 -65.56 34.21 -42.66
CA ASP E 250 -65.72 32.84 -43.16
C ASP E 250 -65.12 32.63 -44.55
N SER E 251 -65.50 33.47 -45.51
CA SER E 251 -64.96 33.41 -46.86
C SER E 251 -63.45 33.68 -46.89
N ILE E 252 -62.98 34.55 -46.00
CA ILE E 252 -61.54 34.82 -45.85
C ILE E 252 -60.79 33.60 -45.33
N ILE E 253 -61.30 32.99 -44.25
CA ILE E 253 -60.67 31.79 -43.68
C ILE E 253 -60.56 30.68 -44.72
N GLU E 254 -61.67 30.43 -45.42
CA GLU E 254 -61.73 29.45 -46.48
C GLU E 254 -60.62 29.65 -47.51
N GLU E 255 -60.38 30.89 -47.91
CA GLU E 255 -59.37 31.19 -48.92
C GLU E 255 -57.95 31.23 -48.37
N SER E 256 -57.81 31.71 -47.13
CA SER E 256 -56.50 31.93 -46.52
C SER E 256 -55.79 30.65 -46.04
N ASP E 257 -54.58 30.84 -45.53
CA ASP E 257 -53.80 29.78 -44.92
C ASP E 257 -53.77 29.93 -43.40
N GLY E 258 -54.33 31.03 -42.91
CA GLY E 258 -54.33 31.37 -41.49
C GLY E 258 -54.77 32.80 -41.25
N ILE E 259 -55.00 33.13 -39.98
CA ILE E 259 -55.49 34.45 -39.61
C ILE E 259 -54.58 35.09 -38.57
N MET E 260 -54.40 36.40 -38.70
CA MET E 260 -53.85 37.21 -37.63
C MET E 260 -54.93 38.16 -37.13
N VAL E 261 -55.19 38.08 -35.83
CA VAL E 261 -56.01 39.05 -35.12
C VAL E 261 -55.16 40.31 -34.91
N ALA E 262 -55.14 41.18 -35.92
CA ALA E 262 -54.33 42.40 -35.91
C ALA E 262 -54.98 43.50 -35.06
N ARG E 263 -54.83 43.36 -33.75
CA ARG E 263 -55.55 44.18 -32.77
C ARG E 263 -55.19 45.67 -32.81
N GLY E 264 -53.99 46.00 -33.28
CA GLY E 264 -53.55 47.40 -33.40
C GLY E 264 -54.51 48.26 -34.20
N ASP E 265 -54.60 47.98 -35.50
CA ASP E 265 -55.51 48.69 -36.40
C ASP E 265 -56.98 48.34 -36.13
N LEU E 266 -57.23 47.16 -35.55
CA LEU E 266 -58.61 46.70 -35.33
C LEU E 266 -59.30 47.52 -34.26
N GLY E 267 -58.54 47.94 -33.25
CA GLY E 267 -59.05 48.72 -32.12
C GLY E 267 -59.45 50.14 -32.48
N VAL E 268 -58.99 50.62 -33.62
CA VAL E 268 -59.32 51.96 -34.10
C VAL E 268 -60.49 51.89 -35.08
N GLU E 269 -60.46 50.88 -35.94
CA GLU E 269 -61.44 50.71 -37.01
C GLU E 269 -62.76 50.16 -36.46
N ILE E 270 -62.66 49.40 -35.37
CA ILE E 270 -63.77 48.81 -34.65
C ILE E 270 -63.66 49.25 -33.18
N PRO E 271 -64.80 49.55 -32.53
CA PRO E 271 -64.74 50.00 -31.13
C PRO E 271 -63.85 49.10 -30.28
N ALA E 272 -62.93 49.71 -29.54
CA ALA E 272 -61.85 49.02 -28.81
C ALA E 272 -62.29 47.76 -28.06
N GLU E 273 -63.44 47.84 -27.39
CA GLU E 273 -63.97 46.74 -26.59
C GLU E 273 -64.53 45.57 -27.43
N LYS E 274 -64.76 45.83 -28.71
CA LYS E 274 -65.26 44.80 -29.65
C LYS E 274 -64.14 43.88 -30.12
N VAL E 275 -62.90 44.30 -29.88
CA VAL E 275 -61.72 43.51 -30.26
C VAL E 275 -61.74 42.19 -29.49
N VAL E 276 -62.03 42.27 -28.19
CA VAL E 276 -62.12 41.10 -27.31
C VAL E 276 -63.01 39.98 -27.87
N VAL E 277 -64.15 40.36 -28.43
CA VAL E 277 -65.11 39.44 -29.00
C VAL E 277 -64.64 38.96 -30.36
N ALA E 278 -64.18 39.89 -31.17
CA ALA E 278 -63.56 39.58 -32.45
C ALA E 278 -62.49 38.51 -32.25
N GLN E 279 -61.63 38.71 -31.26
CA GLN E 279 -60.52 37.80 -30.99
C GLN E 279 -61.01 36.39 -30.68
N LYS E 280 -62.06 36.29 -29.86
CA LYS E 280 -62.67 35.01 -29.51
C LYS E 280 -63.22 34.28 -30.73
N ILE E 281 -63.84 35.04 -31.62
CA ILE E 281 -64.48 34.51 -32.82
C ILE E 281 -63.45 33.97 -33.81
N LEU E 282 -62.48 34.81 -34.15
CA LEU E 282 -61.52 34.47 -35.19
C LEU E 282 -60.67 33.27 -34.81
N ILE E 283 -60.26 33.22 -33.54
CA ILE E 283 -59.43 32.14 -33.04
C ILE E 283 -60.18 30.81 -33.02
N SER E 284 -61.42 30.82 -32.56
CA SER E 284 -62.25 29.63 -32.51
C SER E 284 -62.62 29.12 -33.90
N LYS E 285 -62.88 30.05 -34.82
CA LYS E 285 -63.21 29.71 -36.20
C LYS E 285 -62.00 29.08 -36.89
N CYS E 286 -60.80 29.57 -36.56
CA CYS E 286 -59.57 28.97 -37.09
C CYS E 286 -59.26 27.61 -36.50
N ASN E 287 -59.43 27.46 -35.19
CA ASN E 287 -59.25 26.17 -34.51
C ASN E 287 -60.15 25.10 -35.13
N VAL E 288 -61.43 25.41 -35.29
CA VAL E 288 -62.39 24.52 -35.95
C VAL E 288 -62.00 24.19 -37.39
N ALA E 289 -61.48 25.18 -38.12
CA ALA E 289 -61.04 24.96 -39.51
C ALA E 289 -59.64 24.35 -39.64
N GLY E 290 -58.92 24.25 -38.52
CA GLY E 290 -57.60 23.65 -38.52
C GLY E 290 -56.59 24.48 -39.26
N LYS E 291 -56.74 25.80 -39.19
CA LYS E 291 -55.78 26.74 -39.73
C LYS E 291 -55.12 27.55 -38.61
N PRO E 292 -53.83 27.90 -38.77
CA PRO E 292 -53.10 28.66 -37.75
C PRO E 292 -53.73 30.02 -37.48
N VAL E 293 -53.64 30.48 -36.24
CA VAL E 293 -54.17 31.78 -35.86
C VAL E 293 -53.24 32.47 -34.86
N ILE E 294 -53.04 33.78 -35.10
CA ILE E 294 -52.12 34.60 -34.34
C ILE E 294 -52.85 35.73 -33.60
N CYS E 295 -52.60 35.85 -32.31
CA CYS E 295 -52.96 37.06 -31.58
C CYS E 295 -51.77 38.03 -31.58
N ALA E 296 -52.04 39.29 -31.96
CA ALA E 296 -50.99 40.26 -32.18
C ALA E 296 -51.27 41.63 -31.56
N THR E 297 -50.18 42.37 -31.31
CA THR E 297 -50.20 43.81 -30.98
C THR E 297 -50.46 44.18 -29.52
N GLN E 298 -49.50 44.91 -28.95
CA GLN E 298 -49.58 45.51 -27.61
C GLN E 298 -49.76 44.49 -26.46
N MET E 299 -49.32 43.25 -26.68
CA MET E 299 -49.47 42.19 -25.68
C MET E 299 -48.57 42.35 -24.46
N LEU E 300 -47.34 42.79 -24.68
CA LEU E 300 -46.41 43.08 -23.60
C LEU E 300 -45.79 44.46 -23.83
N GLU E 301 -46.65 45.39 -24.25
CA GLU E 301 -46.28 46.74 -24.67
C GLU E 301 -45.29 47.47 -23.73
N SER E 302 -45.52 47.35 -22.42
CA SER E 302 -44.73 48.09 -21.43
C SER E 302 -43.26 47.64 -21.36
N MET E 303 -43.01 46.41 -21.80
CA MET E 303 -41.65 45.84 -21.79
C MET E 303 -40.76 46.38 -22.92
N THR E 304 -41.27 47.34 -23.67
CA THR E 304 -40.48 48.10 -24.65
C THR E 304 -39.52 49.04 -23.91
N TYR E 305 -39.91 49.45 -22.70
CA TYR E 305 -39.13 50.37 -21.85
C TYR E 305 -38.90 49.84 -20.44
N ASN E 306 -39.70 48.85 -20.02
CA ASN E 306 -39.59 48.27 -18.69
C ASN E 306 -39.10 46.81 -18.73
N PRO E 307 -38.27 46.41 -17.75
CA PRO E 307 -37.78 45.02 -17.68
C PRO E 307 -38.83 44.01 -17.19
N ARG E 308 -40.00 44.52 -16.78
CA ARG E 308 -41.11 43.72 -16.26
C ARG E 308 -42.45 44.22 -16.81
N PRO E 309 -43.43 43.31 -16.98
CA PRO E 309 -44.71 43.73 -17.57
C PRO E 309 -45.78 44.09 -16.52
N THR E 310 -46.86 44.71 -16.98
CA THR E 310 -48.00 44.99 -16.11
C THR E 310 -48.84 43.72 -15.95
N ARG E 311 -49.67 43.68 -14.91
CA ARG E 311 -50.52 42.52 -14.63
C ARG E 311 -51.51 42.25 -15.75
N ALA E 312 -51.96 43.32 -16.40
CA ALA E 312 -52.89 43.22 -17.53
C ALA E 312 -52.26 42.52 -18.73
N GLU E 313 -50.96 42.73 -18.91
CA GLU E 313 -50.23 42.22 -20.05
C GLU E 313 -49.90 40.74 -19.92
N VAL E 314 -49.54 40.33 -18.70
CA VAL E 314 -49.35 38.91 -18.39
C VAL E 314 -50.68 38.17 -18.61
N SER E 315 -51.76 38.75 -18.11
CA SER E 315 -53.10 38.22 -18.26
C SER E 315 -53.47 38.07 -19.73
N ASP E 316 -53.18 39.10 -20.52
CA ASP E 316 -53.48 39.15 -21.94
C ASP E 316 -52.80 38.02 -22.73
N VAL E 317 -51.54 37.74 -22.38
CA VAL E 317 -50.79 36.67 -23.05
C VAL E 317 -51.42 35.31 -22.72
N ALA E 318 -51.57 35.02 -21.43
CA ALA E 318 -52.16 33.76 -20.98
C ALA E 318 -53.55 33.51 -21.58
N ASN E 319 -54.36 34.56 -21.66
CA ASN E 319 -55.72 34.41 -22.19
C ASN E 319 -55.76 34.15 -23.68
N ALA E 320 -54.84 34.75 -24.43
CA ALA E 320 -54.66 34.41 -25.84
C ALA E 320 -54.45 32.90 -25.98
N VAL E 321 -53.54 32.35 -25.18
CA VAL E 321 -53.29 30.91 -25.13
C VAL E 321 -54.58 30.15 -24.76
N PHE E 322 -55.27 30.61 -23.73
CA PHE E 322 -56.57 30.04 -23.36
C PHE E 322 -57.57 30.10 -24.52
N ASN E 323 -57.66 31.25 -25.18
CA ASN E 323 -58.54 31.45 -26.34
C ASN E 323 -58.43 30.37 -27.40
N GLY E 324 -57.23 29.78 -27.52
CA GLY E 324 -56.95 28.74 -28.50
C GLY E 324 -55.96 29.17 -29.56
N ALA E 325 -55.27 30.28 -29.33
CA ALA E 325 -54.28 30.80 -30.27
C ALA E 325 -53.13 29.82 -30.50
N ASP E 326 -52.67 29.79 -31.74
CA ASP E 326 -51.47 29.03 -32.11
C ASP E 326 -50.24 29.85 -31.77
N CYS E 327 -50.33 31.15 -32.01
CA CYS E 327 -49.21 32.06 -31.84
C CYS E 327 -49.57 33.30 -31.07
N VAL E 328 -48.56 33.82 -30.37
CA VAL E 328 -48.56 35.17 -29.82
C VAL E 328 -47.43 35.95 -30.47
N MET E 329 -47.61 37.26 -30.62
CA MET E 329 -46.69 38.09 -31.38
C MET E 329 -46.13 39.29 -30.61
N LEU E 330 -44.90 39.67 -30.95
CA LEU E 330 -44.29 40.88 -30.41
C LEU E 330 -43.99 41.83 -31.56
N SER E 331 -44.30 43.11 -31.35
CA SER E 331 -44.14 44.14 -32.37
C SER E 331 -43.04 45.14 -31.98
N GLY E 332 -43.44 46.23 -31.32
CA GLY E 332 -42.49 47.25 -30.87
C GLY E 332 -41.55 46.76 -29.78
N GLU E 333 -42.01 45.77 -29.03
CA GLU E 333 -41.25 45.14 -27.95
C GLU E 333 -39.90 44.57 -28.46
N THR E 334 -39.92 44.05 -29.68
CA THR E 334 -38.70 43.51 -30.29
C THR E 334 -38.06 44.41 -31.34
N ALA E 335 -38.89 45.13 -32.09
CA ALA E 335 -38.43 46.02 -33.18
C ALA E 335 -37.59 47.19 -32.69
N LYS E 336 -38.05 47.86 -31.64
CA LYS E 336 -37.33 48.98 -31.07
C LYS E 336 -37.30 48.97 -29.55
N GLY E 337 -37.66 47.83 -28.96
CA GLY E 337 -37.65 47.65 -27.50
C GLY E 337 -36.26 47.66 -26.89
N LYS E 338 -36.20 47.96 -25.59
CA LYS E 338 -34.95 48.00 -24.85
C LYS E 338 -34.60 46.63 -24.27
N TYR E 339 -35.61 45.78 -24.10
CA TYR E 339 -35.42 44.45 -23.53
C TYR E 339 -35.95 43.35 -24.46
N PRO E 340 -35.33 43.19 -25.64
CA PRO E 340 -35.83 42.23 -26.64
C PRO E 340 -35.89 40.79 -26.13
N ASN E 341 -34.80 40.34 -25.50
CA ASN E 341 -34.69 38.97 -24.99
C ASN E 341 -35.58 38.69 -23.79
N GLU E 342 -35.63 39.65 -22.87
CA GLU E 342 -36.43 39.50 -21.67
C GLU E 342 -37.91 39.39 -22.02
N VAL E 343 -38.36 40.22 -22.96
CA VAL E 343 -39.76 40.22 -23.40
C VAL E 343 -40.17 38.92 -24.11
N VAL E 344 -39.20 38.29 -24.79
CA VAL E 344 -39.43 37.00 -25.44
C VAL E 344 -39.41 35.86 -24.41
N GLN E 345 -38.52 35.99 -23.42
CA GLN E 345 -38.40 35.00 -22.34
C GLN E 345 -39.64 34.99 -21.47
N TYR E 346 -40.15 36.18 -21.19
CA TYR E 346 -41.32 36.35 -20.32
C TYR E 346 -42.55 35.79 -21.01
N MET E 347 -42.72 36.12 -22.29
CA MET E 347 -43.80 35.58 -23.12
C MET E 347 -43.79 34.05 -23.10
N ALA E 348 -42.61 33.46 -23.30
CA ALA E 348 -42.46 32.00 -23.25
C ALA E 348 -42.92 31.43 -21.91
N ARG E 349 -42.46 32.06 -20.82
CA ARG E 349 -42.79 31.66 -19.46
C ARG E 349 -44.30 31.69 -19.19
N ILE E 350 -44.97 32.74 -19.67
CA ILE E 350 -46.41 32.91 -19.50
C ILE E 350 -47.19 31.87 -20.31
N CYS E 351 -46.79 31.66 -21.57
CA CYS E 351 -47.38 30.63 -22.42
C CYS E 351 -47.27 29.25 -21.78
N LEU E 352 -46.07 28.92 -21.30
CA LEU E 352 -45.82 27.67 -20.58
C LEU E 352 -46.70 27.54 -19.34
N GLU E 353 -47.03 28.68 -18.72
CA GLU E 353 -47.86 28.69 -17.54
C GLU E 353 -49.33 28.46 -17.88
N ALA E 354 -49.83 29.16 -18.89
CA ALA E 354 -51.22 29.03 -19.32
C ALA E 354 -51.50 27.62 -19.84
N GLN E 355 -50.54 27.07 -20.57
CA GLN E 355 -50.61 25.69 -21.08
C GLN E 355 -50.96 24.70 -19.98
N SER E 356 -50.44 24.95 -18.77
CA SER E 356 -50.72 24.13 -17.58
C SER E 356 -52.19 24.19 -17.15
N ALA E 357 -52.82 25.34 -17.34
CA ALA E 357 -54.21 25.55 -16.94
C ALA E 357 -55.20 25.24 -18.06
N LEU E 358 -54.66 24.92 -19.23
CA LEU E 358 -55.44 24.65 -20.42
C LEU E 358 -55.89 23.19 -20.41
N ASN E 359 -57.16 22.95 -20.70
CA ASN E 359 -57.69 21.59 -20.74
C ASN E 359 -57.72 21.07 -22.17
N GLU E 360 -56.63 20.41 -22.59
CA GLU E 360 -56.49 19.94 -23.98
C GLU E 360 -57.52 18.87 -24.34
N TYR E 361 -57.89 18.03 -23.37
CA TYR E 361 -58.85 16.96 -23.62
C TYR E 361 -60.26 17.49 -23.94
N VAL E 362 -60.65 18.55 -23.27
CA VAL E 362 -61.91 19.25 -23.58
C VAL E 362 -61.79 19.92 -24.95
N PHE E 363 -60.64 20.53 -25.19
CA PHE E 363 -60.34 21.20 -26.45
C PHE E 363 -60.51 20.20 -27.58
N PHE E 364 -59.84 19.06 -27.44
CA PHE E 364 -59.91 17.93 -28.40
C PHE E 364 -61.35 17.53 -28.70
N ASN E 365 -62.11 17.20 -27.67
CA ASN E 365 -63.51 16.82 -27.82
C ASN E 365 -64.36 17.91 -28.48
N SER E 366 -64.09 19.17 -28.13
CA SER E 366 -64.82 20.30 -28.70
C SER E 366 -64.57 20.47 -30.19
N ILE E 367 -63.31 20.36 -30.61
CA ILE E 367 -62.95 20.41 -32.02
C ILE E 367 -63.58 19.25 -32.78
N LYS E 368 -63.49 18.05 -32.19
CA LYS E 368 -64.04 16.84 -32.82
C LYS E 368 -65.54 16.95 -33.08
N LYS E 369 -66.28 17.45 -32.09
CA LYS E 369 -67.74 17.57 -32.16
C LYS E 369 -68.23 18.51 -33.26
N LEU E 370 -67.39 19.46 -33.66
CA LEU E 370 -67.81 20.51 -34.60
C LEU E 370 -67.40 20.22 -36.04
N GLN E 371 -66.78 19.06 -36.27
CA GLN E 371 -66.38 18.67 -37.61
C GLN E 371 -67.54 18.03 -38.34
N HIS E 372 -67.65 18.33 -39.64
CA HIS E 372 -68.66 17.71 -40.49
C HIS E 372 -68.41 16.20 -40.65
N ILE E 373 -69.45 15.41 -40.44
CA ILE E 373 -69.41 13.96 -40.63
C ILE E 373 -70.20 13.59 -41.88
N PRO E 374 -69.64 12.73 -42.76
CA PRO E 374 -68.36 12.01 -42.65
C PRO E 374 -67.13 12.87 -42.82
N MET E 375 -66.13 12.64 -41.97
CA MET E 375 -64.81 13.25 -42.15
C MET E 375 -64.08 12.50 -43.25
N SER E 376 -63.12 13.15 -43.89
CA SER E 376 -62.21 12.44 -44.78
C SER E 376 -61.39 11.44 -43.97
N ALA E 377 -60.84 10.43 -44.63
CA ALA E 377 -60.04 9.39 -43.97
C ALA E 377 -58.83 9.94 -43.24
N ASP E 378 -58.10 10.87 -43.86
CA ASP E 378 -56.90 11.42 -43.22
C ASP E 378 -57.20 12.23 -41.95
N GLU E 379 -58.38 12.84 -41.89
CA GLU E 379 -58.76 13.54 -40.68
C GLU E 379 -59.21 12.58 -39.58
N ALA E 380 -59.92 11.52 -39.96
CA ALA E 380 -60.29 10.46 -39.04
C ALA E 380 -59.06 9.74 -38.46
N VAL E 381 -58.03 9.58 -39.27
CA VAL E 381 -56.76 9.00 -38.82
C VAL E 381 -56.16 9.86 -37.70
N CYS E 382 -56.14 11.18 -37.91
CA CYS E 382 -55.54 12.10 -36.96
C CYS E 382 -56.38 12.23 -35.70
N SER E 383 -57.69 12.36 -35.91
CA SER E 383 -58.66 12.43 -34.85
C SER E 383 -58.52 11.22 -33.92
N SER E 384 -58.55 10.02 -34.51
CA SER E 384 -58.48 8.78 -33.74
C SER E 384 -57.13 8.52 -33.09
N ALA E 385 -56.07 9.07 -33.67
CA ALA E 385 -54.72 8.91 -33.13
C ALA E 385 -54.54 9.74 -31.87
N VAL E 386 -55.05 10.97 -31.90
CA VAL E 386 -55.10 11.85 -30.72
C VAL E 386 -55.94 11.18 -29.62
N ASN E 387 -57.02 10.51 -30.04
CA ASN E 387 -57.88 9.73 -29.13
C ASN E 387 -57.09 8.62 -28.43
N SER E 388 -56.23 7.95 -29.20
CA SER E 388 -55.37 6.87 -28.68
C SER E 388 -54.33 7.38 -27.70
N VAL E 389 -53.96 8.66 -27.84
CA VAL E 389 -52.96 9.27 -26.97
C VAL E 389 -53.55 9.46 -25.57
N TYR E 390 -54.79 9.95 -25.51
CA TYR E 390 -55.45 10.19 -24.22
C TYR E 390 -55.78 8.88 -23.53
N GLU E 391 -56.18 7.88 -24.31
CA GLU E 391 -56.59 6.59 -23.78
C GLU E 391 -55.43 5.75 -23.26
N THR E 392 -54.25 5.98 -23.84
CA THR E 392 -53.08 5.18 -23.54
C THR E 392 -52.06 5.97 -22.72
N LYS E 393 -52.27 7.30 -22.65
CA LYS E 393 -51.33 8.25 -22.04
C LYS E 393 -49.96 8.19 -22.72
N ALA E 394 -49.96 8.28 -24.04
CA ALA E 394 -48.74 8.29 -24.82
C ALA E 394 -48.03 9.60 -24.55
N LYS E 395 -46.71 9.59 -24.64
CA LYS E 395 -45.92 10.76 -24.23
C LYS E 395 -45.42 11.56 -25.43
N ALA E 396 -45.59 11.01 -26.62
CA ALA E 396 -45.27 11.73 -27.87
C ALA E 396 -46.06 11.19 -29.05
N MET E 397 -46.20 12.03 -30.08
CA MET E 397 -46.74 11.63 -31.37
C MET E 397 -45.69 11.84 -32.45
N VAL E 398 -45.64 10.93 -33.41
CA VAL E 398 -44.80 11.10 -34.59
C VAL E 398 -45.67 11.12 -35.85
N VAL E 399 -45.67 12.25 -36.55
CA VAL E 399 -46.36 12.35 -37.84
C VAL E 399 -45.36 12.61 -38.98
N LEU E 400 -45.50 11.86 -40.07
CA LEU E 400 -44.76 12.14 -41.31
C LEU E 400 -45.58 13.09 -42.19
N SER E 401 -44.96 14.19 -42.58
CA SER E 401 -45.64 15.19 -43.38
C SER E 401 -44.61 15.91 -44.21
N ASN E 402 -44.80 15.89 -45.53
CA ASN E 402 -43.89 16.56 -46.44
C ASN E 402 -44.31 18.00 -46.71
N THR E 403 -45.61 18.21 -46.83
CA THR E 403 -46.17 19.56 -47.06
C THR E 403 -46.43 20.32 -45.75
N GLY E 404 -46.67 19.58 -44.67
CA GLY E 404 -47.03 20.15 -43.38
C GLY E 404 -48.51 19.94 -43.09
N ARG E 405 -49.23 19.52 -44.12
CA ARG E 405 -50.68 19.31 -44.06
C ARG E 405 -51.03 18.38 -42.90
N SER E 406 -50.37 17.22 -42.85
CA SER E 406 -50.67 16.21 -41.85
C SER E 406 -50.38 16.68 -40.43
N ALA E 407 -49.28 17.40 -40.25
CA ALA E 407 -48.88 17.95 -38.95
C ALA E 407 -49.92 18.92 -38.39
N ARG E 408 -50.41 19.82 -39.25
CA ARG E 408 -51.47 20.76 -38.87
C ARG E 408 -52.78 20.04 -38.57
N LEU E 409 -53.01 18.92 -39.25
CA LEU E 409 -54.24 18.13 -39.07
C LEU E 409 -54.25 17.42 -37.71
N VAL E 410 -53.07 16.97 -37.27
CA VAL E 410 -52.88 16.38 -35.94
C VAL E 410 -52.96 17.47 -34.85
N ALA E 411 -52.14 18.51 -35.01
CA ALA E 411 -52.11 19.64 -34.07
C ALA E 411 -53.50 20.24 -33.85
N LYS E 412 -54.34 20.17 -34.89
CA LYS E 412 -55.72 20.63 -34.85
C LYS E 412 -56.51 19.99 -33.70
N TYR E 413 -56.17 18.75 -33.35
CA TYR E 413 -56.93 18.02 -32.34
C TYR E 413 -56.34 18.10 -30.93
N ARG E 414 -55.33 18.97 -30.77
CA ARG E 414 -54.75 19.29 -29.46
C ARG E 414 -54.57 18.07 -28.54
N PRO E 415 -53.62 17.18 -28.86
CA PRO E 415 -53.23 16.15 -27.89
C PRO E 415 -52.52 16.78 -26.70
N ASN E 416 -52.37 16.03 -25.61
CA ASN E 416 -51.67 16.53 -24.42
C ASN E 416 -50.17 16.19 -24.40
N CYS E 417 -49.60 15.91 -25.57
CA CYS E 417 -48.17 15.60 -25.70
C CYS E 417 -47.54 16.31 -26.90
N PRO E 418 -46.19 16.33 -26.98
CA PRO E 418 -45.54 16.95 -28.15
C PRO E 418 -45.85 16.20 -29.44
N ILE E 419 -45.96 16.93 -30.53
CA ILE E 419 -46.10 16.32 -31.85
C ILE E 419 -44.80 16.49 -32.62
N VAL E 420 -44.09 15.39 -32.83
CA VAL E 420 -42.88 15.39 -33.65
C VAL E 420 -43.27 15.15 -35.10
N CYS E 421 -43.01 16.15 -35.94
CA CYS E 421 -43.24 16.05 -37.37
C CYS E 421 -41.93 15.73 -38.07
N VAL E 422 -41.86 14.61 -38.78
CA VAL E 422 -40.69 14.33 -39.61
C VAL E 422 -41.02 14.70 -41.06
N THR E 423 -40.30 15.70 -41.56
CA THR E 423 -40.56 16.24 -42.90
C THR E 423 -39.30 16.17 -43.77
N THR E 424 -39.52 16.11 -45.08
CA THR E 424 -38.43 16.06 -46.05
C THR E 424 -38.18 17.43 -46.68
N ARG E 425 -39.03 18.39 -46.32
CA ARG E 425 -38.91 19.77 -46.80
C ARG E 425 -38.56 20.73 -45.68
N LEU E 426 -37.45 21.45 -45.88
CA LEU E 426 -36.93 22.41 -44.90
C LEU E 426 -37.85 23.63 -44.76
N GLN E 427 -38.54 24.00 -45.84
CA GLN E 427 -39.55 25.07 -45.78
C GLN E 427 -40.75 24.67 -44.92
N THR E 428 -41.06 23.38 -44.88
CA THR E 428 -42.11 22.86 -44.01
C THR E 428 -41.70 22.97 -42.54
N CYS E 429 -40.46 22.60 -42.22
CA CYS E 429 -39.89 22.87 -40.90
C CYS E 429 -40.16 24.32 -40.48
N ARG E 430 -39.77 25.27 -41.32
CA ARG E 430 -39.99 26.68 -41.03
C ARG E 430 -41.48 27.01 -40.89
N GLN E 431 -42.27 26.61 -41.88
CA GLN E 431 -43.70 26.96 -41.91
C GLN E 431 -44.53 26.38 -40.79
N LEU E 432 -44.07 25.27 -40.21
CA LEU E 432 -44.76 24.68 -39.06
C LEU E 432 -44.55 25.48 -37.78
N ASN E 433 -43.56 26.38 -37.78
CA ASN E 433 -43.31 27.29 -36.66
C ASN E 433 -44.48 28.21 -36.26
N ILE E 434 -45.54 28.24 -37.06
CA ILE E 434 -46.75 28.97 -36.69
C ILE E 434 -47.87 28.02 -36.25
N THR E 435 -47.54 26.73 -36.17
CA THR E 435 -48.47 25.73 -35.64
C THR E 435 -48.09 25.33 -34.20
N GLN E 436 -49.06 25.53 -33.31
CA GLN E 436 -48.99 25.18 -31.91
C GLN E 436 -48.71 23.70 -31.68
N GLY E 437 -47.81 23.41 -30.73
CA GLY E 437 -47.59 22.04 -30.24
C GLY E 437 -46.77 21.10 -31.11
N VAL E 438 -46.20 21.63 -32.19
CA VAL E 438 -45.47 20.81 -33.16
C VAL E 438 -43.99 21.15 -33.18
N GLU E 439 -43.16 20.10 -33.27
CA GLU E 439 -41.72 20.27 -33.47
C GLU E 439 -41.30 19.45 -34.68
N SER E 440 -40.42 20.01 -35.52
CA SER E 440 -40.09 19.41 -36.81
C SER E 440 -38.68 18.85 -36.92
N VAL E 441 -38.58 17.65 -37.48
CA VAL E 441 -37.31 16.99 -37.74
C VAL E 441 -37.13 16.84 -39.25
N PHE E 442 -35.98 17.31 -39.75
CA PHE E 442 -35.66 17.20 -41.16
C PHE E 442 -35.04 15.85 -41.49
N PHE E 443 -35.61 15.20 -42.50
CA PHE E 443 -35.09 13.97 -43.04
C PHE E 443 -34.64 14.26 -44.47
N ASP E 444 -33.34 14.22 -44.70
CA ASP E 444 -32.78 14.57 -46.01
C ASP E 444 -32.92 13.40 -46.99
N ALA E 445 -34.01 13.42 -47.74
CA ALA E 445 -34.32 12.37 -48.73
C ALA E 445 -33.29 12.27 -49.86
N ASP E 446 -32.69 13.40 -50.22
CA ASP E 446 -31.75 13.45 -51.34
C ASP E 446 -30.47 12.66 -51.10
N LYS E 447 -30.13 12.44 -49.82
CA LYS E 447 -28.97 11.62 -49.49
C LYS E 447 -29.32 10.34 -48.74
N LEU E 448 -30.46 10.32 -48.05
CA LEU E 448 -30.86 9.17 -47.24
C LEU E 448 -31.86 8.23 -47.92
N GLY E 449 -32.39 8.65 -49.07
CA GLY E 449 -33.38 7.86 -49.79
C GLY E 449 -34.80 8.34 -49.55
N HIS E 450 -35.76 7.73 -50.26
CA HIS E 450 -37.16 8.17 -50.19
C HIS E 450 -37.92 7.53 -49.04
N ASP E 451 -37.33 6.49 -48.45
CA ASP E 451 -37.86 5.81 -47.27
C ASP E 451 -39.32 5.37 -47.45
N GLU E 452 -39.55 4.61 -48.52
CA GLU E 452 -40.77 3.84 -48.66
C GLU E 452 -40.67 2.78 -47.57
N GLY E 453 -41.77 2.52 -46.87
CA GLY E 453 -41.69 1.61 -45.74
C GLY E 453 -41.63 2.37 -44.43
N LYS E 454 -41.31 3.66 -44.53
CA LYS E 454 -41.50 4.65 -43.47
C LYS E 454 -40.62 4.47 -42.23
N GLU E 455 -39.89 3.35 -42.17
CA GLU E 455 -39.11 2.96 -40.99
C GLU E 455 -38.10 4.02 -40.52
N HIS E 456 -37.36 4.58 -41.47
CA HIS E 456 -36.26 5.49 -41.15
C HIS E 456 -36.73 6.86 -40.67
N ARG E 457 -37.84 7.33 -41.22
CA ARG E 457 -38.44 8.59 -40.79
C ARG E 457 -39.02 8.47 -39.37
N VAL E 458 -39.66 7.33 -39.08
CA VAL E 458 -40.23 7.08 -37.75
C VAL E 458 -39.12 6.99 -36.70
N ALA E 459 -38.10 6.17 -36.99
CA ALA E 459 -36.94 6.07 -36.13
C ALA E 459 -36.37 7.46 -35.82
N ALA E 460 -36.22 8.28 -36.87
CA ALA E 460 -35.72 9.65 -36.76
C ALA E 460 -36.55 10.53 -35.82
N GLY E 461 -37.86 10.31 -35.79
CA GLY E 461 -38.76 11.07 -34.94
C GLY E 461 -38.83 10.56 -33.50
N VAL E 462 -38.80 9.23 -33.35
CA VAL E 462 -38.78 8.60 -32.04
C VAL E 462 -37.51 8.98 -31.30
N GLU E 463 -36.38 9.01 -32.01
CA GLU E 463 -35.09 9.39 -31.43
C GLU E 463 -35.06 10.86 -31.02
N PHE E 464 -35.63 11.73 -31.85
CA PHE E 464 -35.75 13.15 -31.48
C PHE E 464 -36.56 13.32 -30.20
N ALA E 465 -37.63 12.53 -30.07
CA ALA E 465 -38.48 12.57 -28.88
C ALA E 465 -37.76 11.97 -27.67
N LYS E 466 -36.91 10.97 -27.93
CA LYS E 466 -36.04 10.39 -26.91
C LYS E 466 -35.01 11.43 -26.46
N SER E 467 -34.36 12.08 -27.43
CA SER E 467 -33.31 13.06 -27.16
C SER E 467 -33.84 14.29 -26.41
N LYS E 468 -35.13 14.57 -26.57
CA LYS E 468 -35.75 15.73 -25.91
C LYS E 468 -36.27 15.38 -24.52
N GLY E 469 -36.31 14.09 -24.20
CA GLY E 469 -36.75 13.61 -22.90
C GLY E 469 -38.25 13.38 -22.78
N TYR E 470 -38.96 13.44 -23.91
CA TYR E 470 -40.38 13.18 -23.95
C TYR E 470 -40.70 11.71 -23.71
N VAL E 471 -39.85 10.83 -24.21
CA VAL E 471 -40.09 9.39 -24.10
C VAL E 471 -38.88 8.58 -23.62
N GLN E 472 -39.14 7.67 -22.68
N GLN E 472 -39.13 7.67 -22.69
CA GLN E 472 -38.14 6.72 -22.19
CA GLN E 472 -38.13 6.72 -22.21
C GLN E 472 -38.56 5.32 -22.63
C GLN E 472 -38.57 5.32 -22.63
N THR E 473 -37.65 4.35 -22.48
CA THR E 473 -37.97 2.96 -22.78
C THR E 473 -39.20 2.52 -21.98
N GLY E 474 -40.18 1.97 -22.67
CA GLY E 474 -41.40 1.50 -22.03
C GLY E 474 -42.60 2.43 -22.17
N ASP E 475 -42.35 3.61 -22.75
CA ASP E 475 -43.42 4.58 -22.99
C ASP E 475 -44.16 4.22 -24.27
N TYR E 476 -45.36 4.77 -24.43
CA TYR E 476 -46.10 4.61 -25.68
C TYR E 476 -45.87 5.82 -26.57
N CYS E 477 -45.73 5.55 -27.87
CA CYS E 477 -45.64 6.59 -28.87
C CYS E 477 -46.66 6.27 -29.96
N VAL E 478 -47.37 7.30 -30.40
CA VAL E 478 -48.41 7.17 -31.42
C VAL E 478 -47.91 7.73 -32.76
N VAL E 479 -47.84 6.85 -33.76
CA VAL E 479 -47.21 7.16 -35.04
C VAL E 479 -48.22 7.21 -36.19
N ILE E 480 -48.19 8.31 -36.94
CA ILE E 480 -49.10 8.51 -38.06
C ILE E 480 -48.37 8.68 -39.39
N HIS E 481 -48.62 7.76 -40.32
CA HIS E 481 -48.21 7.87 -41.71
C HIS E 481 -49.09 6.97 -42.57
N ALA E 482 -48.66 6.67 -43.78
CA ALA E 482 -49.41 5.79 -44.67
C ALA E 482 -48.85 4.37 -44.66
N ASP E 483 -49.66 3.41 -45.12
CA ASP E 483 -49.19 2.06 -45.38
C ASP E 483 -48.36 2.06 -46.68
N HIS E 484 -47.95 0.88 -47.16
CA HIS E 484 -47.05 0.85 -48.31
C HIS E 484 -47.70 1.24 -49.64
N LYS E 485 -49.03 1.14 -49.71
CA LYS E 485 -49.76 1.43 -50.95
C LYS E 485 -50.15 2.91 -51.08
N VAL E 486 -50.95 3.39 -50.13
CA VAL E 486 -51.55 4.73 -50.16
C VAL E 486 -50.53 5.87 -50.36
N LYS E 487 -50.84 6.77 -51.31
CA LYS E 487 -50.02 7.96 -51.58
C LYS E 487 -50.82 9.26 -51.45
N GLY E 488 -50.20 10.26 -50.85
CA GLY E 488 -50.82 11.59 -50.76
C GLY E 488 -51.39 11.99 -49.41
N TYR E 489 -51.55 11.01 -48.52
CA TYR E 489 -52.08 11.24 -47.17
C TYR E 489 -51.80 10.04 -46.26
N ALA E 490 -51.99 10.24 -44.95
CA ALA E 490 -51.76 9.20 -43.95
C ALA E 490 -53.04 8.44 -43.66
N ASN E 491 -53.00 7.11 -43.83
CA ASN E 491 -54.17 6.27 -43.63
C ASN E 491 -54.02 5.26 -42.48
N GLN E 492 -52.95 5.41 -41.72
CA GLN E 492 -52.53 4.41 -40.73
C GLN E 492 -52.09 5.05 -39.42
N THR E 493 -52.57 4.50 -38.30
CA THR E 493 -52.01 4.82 -36.99
C THR E 493 -51.48 3.56 -36.34
N ARG E 494 -50.40 3.70 -35.59
CA ARG E 494 -49.88 2.59 -34.79
C ARG E 494 -49.43 3.09 -33.44
N ILE E 495 -49.72 2.29 -32.41
CA ILE E 495 -49.24 2.54 -31.07
C ILE E 495 -48.05 1.62 -30.86
N LEU E 496 -46.86 2.20 -30.83
CA LEU E 496 -45.69 1.39 -30.60
C LEU E 496 -45.06 1.66 -29.24
N LEU E 497 -44.34 0.66 -28.76
CA LEU E 497 -43.62 0.75 -27.50
C LEU E 497 -42.21 1.20 -27.82
N VAL E 498 -41.75 2.28 -27.19
CA VAL E 498 -40.41 2.80 -27.46
C VAL E 498 -39.34 2.00 -26.72
N GLU E 499 -38.24 1.75 -27.43
CA GLU E 499 -37.20 0.84 -26.96
C GLU E 499 -36.08 1.56 -26.20
N SER F 2 -80.04 12.34 -25.83
CA SER F 2 -80.82 11.51 -24.87
C SER F 2 -81.54 10.38 -25.60
N GLN F 3 -81.88 9.32 -24.86
CA GLN F 3 -82.69 8.23 -25.39
C GLN F 3 -84.01 8.74 -25.97
N LEU F 4 -84.64 9.66 -25.24
CA LEU F 4 -85.93 10.22 -25.63
C LEU F 4 -85.87 10.93 -26.98
N ALA F 5 -84.86 11.78 -27.16
CA ALA F 5 -84.69 12.53 -28.40
C ALA F 5 -84.40 11.62 -29.60
N HIS F 6 -83.64 10.56 -29.36
CA HIS F 6 -83.34 9.55 -30.38
C HIS F 6 -84.59 8.83 -30.87
N ASN F 7 -85.54 8.60 -29.97
CA ASN F 7 -86.82 7.95 -30.31
C ASN F 7 -87.63 8.73 -31.34
N LEU F 8 -87.62 10.05 -31.23
CA LEU F 8 -88.37 10.93 -32.13
C LEU F 8 -87.85 10.90 -33.57
N THR F 9 -86.55 10.65 -33.73
CA THR F 9 -85.91 10.58 -35.04
C THR F 9 -86.14 9.24 -35.75
N LEU F 10 -86.61 8.24 -35.00
CA LEU F 10 -86.88 6.91 -35.56
C LEU F 10 -88.01 6.91 -36.59
N SER F 11 -87.98 5.92 -37.48
CA SER F 11 -89.10 5.65 -38.39
C SER F 11 -89.22 4.14 -38.62
N ILE F 12 -90.45 3.67 -38.78
CA ILE F 12 -90.68 2.24 -39.00
C ILE F 12 -90.62 1.83 -40.47
N PHE F 13 -90.90 2.77 -41.37
CA PHE F 13 -90.99 2.49 -42.81
C PHE F 13 -89.62 2.42 -43.52
N ASP F 14 -88.56 2.78 -42.82
CA ASP F 14 -87.19 2.72 -43.37
C ASP F 14 -86.66 1.29 -43.45
N PRO F 15 -85.89 0.97 -44.52
CA PRO F 15 -85.29 -0.36 -44.69
C PRO F 15 -84.34 -0.74 -43.55
N VAL F 16 -84.31 -2.03 -43.20
CA VAL F 16 -83.41 -2.53 -42.15
C VAL F 16 -81.98 -2.72 -42.65
N ALA F 17 -81.09 -3.10 -41.73
CA ALA F 17 -79.66 -3.27 -42.04
C ALA F 17 -79.40 -4.46 -42.96
N ASN F 18 -78.24 -4.46 -43.62
CA ASN F 18 -77.80 -5.58 -44.46
C ASN F 18 -77.26 -6.77 -43.66
N TYR F 19 -77.14 -6.60 -42.36
CA TYR F 19 -76.60 -7.64 -41.48
C TYR F 19 -77.30 -7.64 -40.13
N ARG F 20 -77.32 -8.81 -39.50
CA ARG F 20 -77.83 -8.96 -38.14
C ARG F 20 -76.66 -9.20 -37.19
N ALA F 21 -76.57 -8.36 -36.15
CA ALA F 21 -75.49 -8.43 -35.18
C ALA F 21 -75.71 -9.49 -34.10
N ALA F 22 -76.94 -9.60 -33.61
CA ALA F 22 -77.26 -10.53 -32.54
C ALA F 22 -77.25 -11.99 -33.03
N ARG F 23 -76.82 -12.88 -32.14
CA ARG F 23 -76.68 -14.30 -32.47
C ARG F 23 -77.76 -15.16 -31.82
N ILE F 24 -78.15 -16.23 -32.51
CA ILE F 24 -79.23 -17.11 -32.03
C ILE F 24 -78.71 -18.50 -31.64
N ILE F 25 -79.05 -18.90 -30.42
CA ILE F 25 -78.75 -20.23 -29.90
C ILE F 25 -80.03 -21.05 -29.82
N CYS F 26 -79.99 -22.25 -30.39
CA CYS F 26 -81.11 -23.19 -30.35
C CYS F 26 -80.71 -24.41 -29.54
N THR F 27 -81.56 -24.81 -28.61
CA THR F 27 -81.37 -26.07 -27.90
C THR F 27 -81.89 -27.19 -28.79
N ILE F 28 -81.07 -28.22 -28.94
CA ILE F 28 -81.43 -29.34 -29.82
C ILE F 28 -82.14 -30.44 -29.04
N GLY F 29 -83.35 -30.76 -29.49
CA GLY F 29 -84.17 -31.82 -28.90
C GLY F 29 -84.79 -32.67 -29.99
N PRO F 30 -85.78 -33.51 -29.64
CA PRO F 30 -86.42 -34.46 -30.56
C PRO F 30 -86.98 -33.85 -31.85
N SER F 31 -87.37 -32.57 -31.81
CA SER F 31 -87.94 -31.90 -32.99
C SER F 31 -86.89 -31.38 -33.96
N THR F 32 -85.64 -31.32 -33.51
CA THR F 32 -84.58 -30.67 -34.27
C THR F 32 -83.28 -31.46 -34.44
N GLN F 33 -83.28 -32.73 -34.01
CA GLN F 33 -82.04 -33.52 -34.02
C GLN F 33 -81.60 -34.03 -35.39
N SER F 34 -82.57 -34.33 -36.25
CA SER F 34 -82.29 -34.84 -37.59
C SER F 34 -81.48 -33.83 -38.41
N VAL F 35 -80.57 -34.33 -39.23
CA VAL F 35 -79.71 -33.51 -40.07
C VAL F 35 -80.50 -32.49 -40.92
N GLU F 36 -81.70 -32.89 -41.36
CA GLU F 36 -82.59 -32.03 -42.15
C GLU F 36 -83.17 -30.88 -41.34
N ALA F 37 -83.56 -31.18 -40.11
CA ALA F 37 -84.10 -30.18 -39.18
C ALA F 37 -83.02 -29.18 -38.77
N LEU F 38 -81.79 -29.66 -38.65
CA LEU F 38 -80.64 -28.81 -38.31
C LEU F 38 -80.30 -27.86 -39.44
N LYS F 39 -80.37 -28.36 -40.68
CA LYS F 39 -80.14 -27.53 -41.86
C LYS F 39 -81.20 -26.44 -41.97
N GLY F 40 -82.44 -26.79 -41.63
CA GLY F 40 -83.51 -25.82 -41.52
C GLY F 40 -83.16 -24.74 -40.53
N LEU F 41 -82.68 -25.16 -39.35
CA LEU F 41 -82.25 -24.25 -38.29
C LEU F 41 -81.12 -23.29 -38.68
N ILE F 42 -80.05 -23.84 -39.26
CA ILE F 42 -78.92 -23.03 -39.69
C ILE F 42 -79.39 -21.98 -40.70
N GLN F 43 -80.12 -22.45 -41.72
CA GLN F 43 -80.69 -21.58 -42.76
C GLN F 43 -81.67 -20.54 -42.23
N SER F 44 -82.36 -20.88 -41.15
CA SER F 44 -83.30 -19.96 -40.50
C SER F 44 -82.58 -18.91 -39.68
N GLY F 45 -81.40 -19.24 -39.16
CA GLY F 45 -80.56 -18.29 -38.46
C GLY F 45 -79.88 -18.75 -37.17
N MET F 46 -79.78 -20.07 -36.98
CA MET F 46 -79.04 -20.62 -35.82
C MET F 46 -77.52 -20.46 -35.99
N SER F 47 -76.83 -20.20 -34.88
CA SER F 47 -75.38 -20.08 -34.86
C SER F 47 -74.71 -21.02 -33.87
N VAL F 48 -75.46 -21.45 -32.85
CA VAL F 48 -74.95 -22.34 -31.80
C VAL F 48 -75.97 -23.44 -31.48
N ALA F 49 -75.50 -24.68 -31.38
CA ALA F 49 -76.34 -25.79 -30.93
C ALA F 49 -76.13 -26.06 -29.44
N ARG F 50 -77.16 -25.75 -28.64
CA ARG F 50 -77.14 -26.05 -27.20
C ARG F 50 -77.57 -27.49 -26.94
N MET F 51 -76.80 -28.18 -26.10
CA MET F 51 -77.11 -29.56 -25.72
C MET F 51 -77.33 -29.67 -24.21
N ASN F 52 -78.60 -29.77 -23.81
CA ASN F 52 -78.97 -29.84 -22.40
C ASN F 52 -78.77 -31.25 -21.86
N PHE F 53 -77.81 -31.41 -20.97
CA PHE F 53 -77.47 -32.71 -20.40
C PHE F 53 -78.28 -33.08 -19.15
N SER F 54 -79.34 -32.32 -18.91
CA SER F 54 -80.36 -32.68 -17.93
C SER F 54 -81.32 -33.69 -18.54
N HIS F 55 -81.37 -33.70 -19.88
CA HIS F 55 -82.21 -34.61 -20.64
C HIS F 55 -81.34 -35.39 -21.61
N GLY F 56 -81.92 -36.42 -22.23
CA GLY F 56 -81.18 -37.30 -23.15
C GLY F 56 -80.07 -38.09 -22.48
N SER F 57 -79.18 -38.67 -23.28
CA SER F 57 -78.01 -39.39 -22.78
C SER F 57 -76.81 -39.07 -23.66
N HIS F 58 -75.61 -39.48 -23.22
CA HIS F 58 -74.40 -39.32 -24.01
C HIS F 58 -74.60 -39.80 -25.44
N GLU F 59 -75.28 -40.94 -25.58
CA GLU F 59 -75.62 -41.51 -26.89
C GLU F 59 -76.55 -40.60 -27.69
N TYR F 60 -77.58 -40.05 -27.03
CA TYR F 60 -78.51 -39.13 -27.68
C TYR F 60 -77.80 -37.84 -28.14
N HIS F 61 -77.05 -37.23 -27.24
CA HIS F 61 -76.33 -35.99 -27.54
C HIS F 61 -75.16 -36.20 -28.50
N GLN F 62 -74.64 -37.43 -28.58
CA GLN F 62 -73.58 -37.76 -29.54
C GLN F 62 -74.11 -37.68 -30.96
N THR F 63 -75.34 -38.16 -31.17
CA THR F 63 -76.01 -38.06 -32.47
C THR F 63 -76.07 -36.59 -32.89
N THR F 64 -76.48 -35.73 -31.96
CA THR F 64 -76.54 -34.27 -32.16
C THR F 64 -75.20 -33.73 -32.64
N ILE F 65 -74.13 -34.04 -31.91
CA ILE F 65 -72.76 -33.66 -32.30
C ILE F 65 -72.42 -34.07 -33.74
N ASN F 66 -72.68 -35.33 -34.07
CA ASN F 66 -72.43 -35.85 -35.42
C ASN F 66 -73.29 -35.21 -36.49
N ASN F 67 -74.57 -35.01 -36.17
CA ASN F 67 -75.53 -34.42 -37.10
C ASN F 67 -75.28 -32.94 -37.35
N VAL F 68 -74.98 -32.19 -36.28
CA VAL F 68 -74.70 -30.75 -36.37
C VAL F 68 -73.53 -30.48 -37.30
N ARG F 69 -72.45 -31.24 -37.12
CA ARG F 69 -71.25 -31.12 -37.93
C ARG F 69 -71.51 -31.50 -39.38
N GLN F 70 -72.35 -32.51 -39.60
CA GLN F 70 -72.74 -32.92 -40.94
C GLN F 70 -73.56 -31.81 -41.62
N ALA F 71 -74.57 -31.32 -40.90
CA ALA F 71 -75.41 -30.22 -41.40
C ALA F 71 -74.59 -28.98 -41.74
N ALA F 72 -73.68 -28.62 -40.84
CA ALA F 72 -72.80 -27.46 -41.03
C ALA F 72 -71.88 -27.65 -42.24
N ALA F 73 -71.36 -28.87 -42.42
CA ALA F 73 -70.48 -29.18 -43.54
C ALA F 73 -71.19 -29.01 -44.87
N GLU F 74 -72.45 -29.45 -44.94
CA GLU F 74 -73.21 -29.44 -46.18
C GLU F 74 -73.68 -28.04 -46.59
N LEU F 75 -73.81 -27.15 -45.61
CA LEU F 75 -74.19 -25.78 -45.88
C LEU F 75 -72.97 -24.86 -46.01
N GLY F 76 -71.80 -25.39 -45.66
CA GLY F 76 -70.54 -24.65 -45.76
C GLY F 76 -70.35 -23.53 -44.74
N VAL F 77 -70.90 -23.71 -43.54
CA VAL F 77 -70.70 -22.75 -42.45
C VAL F 77 -70.16 -23.40 -41.17
N ASN F 78 -69.76 -22.56 -40.22
CA ASN F 78 -69.25 -23.01 -38.93
C ASN F 78 -70.25 -22.77 -37.79
N ILE F 79 -70.72 -23.86 -37.19
CA ILE F 79 -71.69 -23.81 -36.09
C ILE F 79 -71.04 -24.25 -34.77
N ALA F 80 -71.17 -23.42 -33.75
CA ALA F 80 -70.65 -23.73 -32.43
C ALA F 80 -71.46 -24.84 -31.77
N ILE F 81 -70.77 -25.70 -31.02
CA ILE F 81 -71.43 -26.76 -30.24
C ILE F 81 -71.23 -26.49 -28.75
N ALA F 82 -72.35 -26.33 -28.05
CA ALA F 82 -72.35 -25.96 -26.62
C ALA F 82 -72.95 -27.06 -25.75
N LEU F 83 -72.24 -27.39 -24.68
CA LEU F 83 -72.68 -28.40 -23.71
C LEU F 83 -73.24 -27.73 -22.46
N ASP F 84 -74.53 -27.95 -22.19
CA ASP F 84 -75.18 -27.35 -21.03
C ASP F 84 -75.27 -28.41 -19.92
N THR F 85 -74.59 -28.13 -18.81
CA THR F 85 -74.45 -29.10 -17.72
C THR F 85 -75.69 -29.26 -16.86
N LYS F 86 -75.67 -30.29 -16.00
CA LYS F 86 -76.67 -30.45 -14.96
C LYS F 86 -76.49 -29.36 -13.91
N GLY F 87 -75.27 -29.28 -13.35
CA GLY F 87 -74.97 -28.35 -12.26
C GLY F 87 -75.64 -28.77 -10.95
N PRO F 88 -75.45 -27.97 -9.88
CA PRO F 88 -76.09 -28.29 -8.59
C PRO F 88 -77.60 -28.01 -8.64
N GLU F 89 -78.35 -28.95 -9.23
CA GLU F 89 -79.78 -28.79 -9.49
C GLU F 89 -80.66 -29.91 -8.90
N ILE F 90 -81.97 -29.67 -8.91
CA ILE F 90 -82.96 -30.67 -8.52
C ILE F 90 -83.92 -30.94 -9.68
N ARG F 91 -83.99 -32.20 -10.10
CA ARG F 91 -84.93 -32.62 -11.13
C ARG F 91 -85.95 -33.60 -10.54
N THR F 92 -87.11 -33.70 -11.19
CA THR F 92 -88.06 -34.75 -10.87
C THR F 92 -87.68 -36.00 -11.67
N GLY F 93 -88.28 -37.13 -11.32
CA GLY F 93 -88.06 -38.38 -12.05
C GLY F 93 -88.83 -38.42 -13.37
N GLN F 94 -89.12 -39.63 -13.82
CA GLN F 94 -89.85 -39.86 -15.06
C GLN F 94 -91.31 -40.23 -14.77
N PHE F 95 -92.12 -40.28 -15.82
CA PHE F 95 -93.56 -40.53 -15.69
C PHE F 95 -94.04 -41.66 -16.61
N VAL F 96 -95.11 -42.33 -16.18
CA VAL F 96 -95.73 -43.39 -16.98
C VAL F 96 -96.58 -42.76 -18.09
N GLY F 97 -96.23 -43.07 -19.34
CA GLY F 97 -96.92 -42.52 -20.49
C GLY F 97 -96.25 -41.29 -21.06
N GLY F 98 -95.18 -40.83 -20.39
CA GLY F 98 -94.41 -39.67 -20.84
C GLY F 98 -94.68 -38.39 -20.07
N ASP F 99 -95.85 -38.29 -19.46
CA ASP F 99 -96.26 -37.09 -18.71
C ASP F 99 -97.34 -37.34 -17.66
N ALA F 100 -97.59 -36.33 -16.82
CA ALA F 100 -98.66 -36.36 -15.83
C ALA F 100 -99.48 -35.08 -15.86
N VAL F 101 -100.80 -35.23 -15.96
CA VAL F 101 -101.73 -34.10 -15.94
C VAL F 101 -102.12 -33.79 -14.48
N MET F 102 -101.54 -32.70 -13.95
CA MET F 102 -101.80 -32.28 -12.58
C MET F 102 -102.99 -31.33 -12.55
N GLU F 103 -103.94 -31.60 -11.65
CA GLU F 103 -105.15 -30.78 -11.53
C GLU F 103 -105.22 -30.01 -10.22
N ARG F 104 -105.68 -28.76 -10.30
CA ARG F 104 -105.79 -27.86 -9.16
C ARG F 104 -106.69 -28.43 -8.06
N GLY F 105 -106.17 -28.47 -6.84
CA GLY F 105 -106.90 -28.96 -5.68
C GLY F 105 -106.68 -30.43 -5.36
N ALA F 106 -106.21 -31.19 -6.34
CA ALA F 106 -106.00 -32.64 -6.19
C ALA F 106 -104.77 -32.94 -5.34
N THR F 107 -104.89 -33.95 -4.48
CA THR F 107 -103.78 -34.35 -3.61
C THR F 107 -102.76 -35.21 -4.37
N CYS F 108 -101.48 -34.93 -4.16
CA CYS F 108 -100.40 -35.70 -4.79
C CYS F 108 -99.27 -35.98 -3.81
N TYR F 109 -98.54 -37.06 -4.04
CA TYR F 109 -97.45 -37.45 -3.16
C TYR F 109 -96.10 -37.39 -3.88
N VAL F 110 -95.19 -36.58 -3.35
CA VAL F 110 -93.82 -36.53 -3.85
C VAL F 110 -92.93 -37.41 -2.98
N THR F 111 -92.07 -38.19 -3.63
CA THR F 111 -91.24 -39.19 -2.93
C THR F 111 -89.74 -39.02 -3.19
N THR F 112 -88.94 -39.49 -2.24
CA THR F 112 -87.48 -39.40 -2.30
C THR F 112 -86.87 -40.76 -2.65
N ASP F 113 -87.70 -41.80 -2.62
CA ASP F 113 -87.28 -43.17 -2.92
C ASP F 113 -87.05 -43.37 -4.43
N PRO F 114 -85.81 -43.74 -4.81
CA PRO F 114 -85.42 -43.94 -6.22
C PRO F 114 -86.20 -45.04 -6.95
N ALA F 115 -86.96 -45.85 -6.21
CA ALA F 115 -87.78 -46.91 -6.80
C ALA F 115 -88.98 -46.39 -7.59
N PHE F 116 -89.29 -45.11 -7.42
CA PHE F 116 -90.40 -44.46 -8.13
C PHE F 116 -89.90 -43.50 -9.20
N ALA F 117 -88.61 -43.59 -9.54
CA ALA F 117 -87.97 -42.67 -10.48
C ALA F 117 -88.37 -42.92 -11.93
N ASP F 118 -88.33 -44.19 -12.35
CA ASP F 118 -88.64 -44.55 -13.73
C ASP F 118 -90.14 -44.55 -14.04
N LYS F 119 -90.96 -44.71 -13.00
CA LYS F 119 -92.42 -44.75 -13.16
C LYS F 119 -93.14 -43.84 -12.15
N GLY F 120 -93.72 -42.76 -12.67
CA GLY F 120 -94.48 -41.82 -11.85
C GLY F 120 -95.82 -41.45 -12.48
N THR F 121 -96.77 -41.02 -11.66
CA THR F 121 -98.07 -40.55 -12.15
C THR F 121 -98.46 -39.24 -11.47
N LYS F 122 -99.57 -38.65 -11.93
CA LYS F 122 -100.17 -37.47 -11.30
C LYS F 122 -100.32 -37.62 -9.78
N ASP F 123 -100.42 -38.85 -9.31
CA ASP F 123 -100.67 -39.17 -7.91
C ASP F 123 -99.39 -39.33 -7.07
N LYS F 124 -98.36 -39.94 -7.65
CA LYS F 124 -97.10 -40.18 -6.93
C LYS F 124 -95.90 -40.17 -7.88
N PHE F 125 -95.01 -39.21 -7.68
CA PHE F 125 -93.80 -39.09 -8.50
C PHE F 125 -92.52 -38.75 -7.71
N TYR F 126 -91.38 -38.99 -8.35
CA TYR F 126 -90.07 -38.91 -7.69
C TYR F 126 -89.40 -37.54 -7.83
N ILE F 127 -88.65 -37.17 -6.78
CA ILE F 127 -87.75 -36.02 -6.81
C ILE F 127 -86.34 -36.47 -6.35
N ASP F 128 -85.30 -36.06 -7.08
CA ASP F 128 -83.95 -36.57 -6.83
C ASP F 128 -83.09 -35.80 -5.81
N TYR F 129 -83.72 -35.02 -4.94
CA TYR F 129 -82.97 -34.32 -3.89
C TYR F 129 -82.96 -35.11 -2.58
N GLN F 130 -81.74 -35.45 -2.16
CA GLN F 130 -81.47 -36.41 -1.07
C GLN F 130 -82.39 -36.29 0.14
N ASN F 131 -82.53 -35.07 0.66
CA ASN F 131 -83.42 -34.83 1.80
C ASN F 131 -84.14 -33.48 1.75
N LEU F 132 -85.24 -33.45 1.00
CA LEU F 132 -86.12 -32.28 0.97
C LEU F 132 -87.09 -32.31 2.16
N SER F 133 -87.27 -33.49 2.75
CA SER F 133 -88.11 -33.64 3.96
C SER F 133 -87.55 -32.86 5.13
N LYS F 134 -86.22 -32.75 5.18
CA LYS F 134 -85.55 -31.92 6.17
C LYS F 134 -85.54 -30.45 5.74
N VAL F 135 -85.71 -30.23 4.44
CA VAL F 135 -85.61 -28.90 3.83
C VAL F 135 -86.95 -28.11 3.85
N VAL F 136 -88.07 -28.81 3.72
CA VAL F 136 -89.39 -28.16 3.70
C VAL F 136 -90.31 -28.64 4.81
N ARG F 137 -91.15 -27.74 5.29
CA ARG F 137 -92.15 -28.00 6.32
C ARG F 137 -93.57 -27.98 5.72
N PRO F 138 -94.59 -28.45 6.47
CA PRO F 138 -95.98 -28.31 6.02
C PRO F 138 -96.40 -26.84 5.90
N GLY F 139 -96.72 -26.42 4.69
CA GLY F 139 -97.08 -25.04 4.41
C GLY F 139 -96.18 -24.40 3.37
N ASN F 140 -94.96 -24.92 3.26
CA ASN F 140 -93.99 -24.47 2.25
C ASN F 140 -94.42 -24.87 0.83
N TYR F 141 -93.87 -24.17 -0.16
CA TYR F 141 -94.13 -24.48 -1.56
C TYR F 141 -93.00 -25.27 -2.22
N ILE F 142 -93.37 -26.09 -3.20
CA ILE F 142 -92.41 -26.79 -4.07
C ILE F 142 -92.70 -26.40 -5.52
N TYR F 143 -91.81 -25.61 -6.10
CA TYR F 143 -91.99 -25.09 -7.45
C TYR F 143 -91.51 -26.09 -8.49
N ILE F 144 -92.33 -26.31 -9.52
CA ILE F 144 -92.06 -27.32 -10.53
C ILE F 144 -92.12 -26.70 -11.93
N ASP F 145 -91.17 -27.10 -12.77
CA ASP F 145 -91.08 -26.70 -14.18
C ASP F 145 -90.99 -25.16 -14.30
N ASP F 146 -89.86 -24.63 -13.87
CA ASP F 146 -89.60 -23.18 -13.88
C ASP F 146 -90.72 -22.35 -13.23
N GLY F 147 -91.24 -22.85 -12.11
CA GLY F 147 -92.23 -22.12 -11.32
C GLY F 147 -93.66 -22.12 -11.84
N ILE F 148 -93.89 -22.75 -12.99
CA ILE F 148 -95.22 -22.84 -13.59
C ILE F 148 -96.17 -23.59 -12.65
N LEU F 149 -95.73 -24.78 -12.22
CA LEU F 149 -96.48 -25.57 -11.25
C LEU F 149 -95.98 -25.32 -9.83
N ILE F 150 -96.92 -25.14 -8.91
CA ILE F 150 -96.62 -25.00 -7.50
C ILE F 150 -97.39 -26.06 -6.73
N LEU F 151 -96.67 -26.82 -5.90
CA LEU F 151 -97.28 -27.77 -4.98
C LEU F 151 -97.12 -27.22 -3.57
N GLN F 152 -98.06 -27.55 -2.68
CA GLN F 152 -97.95 -27.13 -1.29
C GLN F 152 -97.85 -28.33 -0.36
N VAL F 153 -96.80 -28.34 0.47
CA VAL F 153 -96.58 -29.43 1.42
C VAL F 153 -97.66 -29.40 2.49
N GLN F 154 -98.41 -30.50 2.59
CA GLN F 154 -99.51 -30.60 3.54
C GLN F 154 -99.10 -31.36 4.79
N SER F 155 -98.30 -32.42 4.61
CA SER F 155 -97.75 -33.19 5.73
C SER F 155 -96.62 -34.14 5.28
N HIS F 156 -95.99 -34.78 6.26
CA HIS F 156 -95.07 -35.87 6.02
C HIS F 156 -95.83 -37.20 6.13
N GLU F 157 -95.93 -37.91 5.01
CA GLU F 157 -96.59 -39.22 4.98
C GLU F 157 -95.74 -40.29 5.63
N ASP F 158 -94.44 -40.25 5.35
CA ASP F 158 -93.45 -41.06 6.06
C ASP F 158 -92.11 -40.33 6.09
N GLU F 159 -91.03 -41.09 6.32
CA GLU F 159 -89.68 -40.54 6.32
C GLU F 159 -89.31 -39.96 4.94
N GLN F 160 -89.81 -40.58 3.87
CA GLN F 160 -89.40 -40.23 2.51
C GLN F 160 -90.49 -39.61 1.62
N THR F 161 -91.74 -39.58 2.08
CA THR F 161 -92.86 -39.13 1.25
C THR F 161 -93.61 -37.93 1.84
N LEU F 162 -93.92 -36.96 0.99
CA LEU F 162 -94.63 -35.75 1.39
C LEU F 162 -96.04 -35.71 0.82
N GLU F 163 -97.03 -35.45 1.67
CA GLU F 163 -98.39 -35.17 1.21
C GLU F 163 -98.45 -33.75 0.67
N CYS F 164 -98.97 -33.61 -0.56
CA CYS F 164 -99.01 -32.31 -1.23
C CYS F 164 -100.34 -32.02 -1.89
N THR F 165 -100.58 -30.74 -2.15
CA THR F 165 -101.73 -30.28 -2.92
C THR F 165 -101.21 -29.54 -4.16
N VAL F 166 -101.81 -29.84 -5.30
CA VAL F 166 -101.54 -29.12 -6.54
C VAL F 166 -102.30 -27.79 -6.47
N THR F 167 -101.58 -26.67 -6.56
CA THR F 167 -102.20 -25.34 -6.41
C THR F 167 -102.79 -24.81 -7.72
N ASN F 168 -102.23 -25.27 -8.84
CA ASN F 168 -102.71 -24.89 -10.17
C ASN F 168 -102.59 -26.04 -11.19
N SER F 169 -103.43 -25.98 -12.22
CA SER F 169 -103.50 -27.03 -13.25
C SER F 169 -102.41 -26.84 -14.30
N HIS F 170 -101.68 -27.92 -14.58
CA HIS F 170 -100.54 -27.90 -15.51
C HIS F 170 -100.04 -29.32 -15.81
N THR F 171 -99.74 -29.59 -17.07
CA THR F 171 -99.18 -30.88 -17.48
C THR F 171 -97.65 -30.79 -17.59
N ILE F 172 -96.97 -31.71 -16.92
CA ILE F 172 -95.51 -31.71 -16.83
C ILE F 172 -94.88 -32.95 -17.49
N SER F 173 -93.81 -32.74 -18.25
CA SER F 173 -93.07 -33.83 -18.89
C SER F 173 -92.10 -34.52 -17.92
N ASP F 174 -91.26 -35.41 -18.46
CA ASP F 174 -90.24 -36.10 -17.68
C ASP F 174 -89.16 -35.17 -17.17
N ARG F 175 -88.54 -35.54 -16.05
CA ARG F 175 -87.41 -34.82 -15.44
C ARG F 175 -87.55 -33.28 -15.44
N ARG F 176 -88.66 -32.82 -14.86
CA ARG F 176 -88.94 -31.40 -14.64
C ARG F 176 -87.95 -30.76 -13.69
N GLY F 177 -87.63 -29.49 -13.92
CA GLY F 177 -86.84 -28.71 -12.97
C GLY F 177 -87.67 -28.38 -11.74
N VAL F 178 -87.06 -28.51 -10.57
CA VAL F 178 -87.70 -28.14 -9.30
C VAL F 178 -86.84 -27.16 -8.49
N ASN F 179 -87.51 -26.19 -7.87
CA ASN F 179 -86.85 -25.10 -7.15
C ASN F 179 -87.36 -24.89 -5.73
N LEU F 180 -86.42 -24.65 -4.81
CA LEU F 180 -86.75 -24.37 -3.41
C LEU F 180 -86.08 -23.07 -2.98
N PRO F 181 -86.70 -21.91 -3.31
CA PRO F 181 -86.12 -20.58 -3.09
C PRO F 181 -85.83 -20.27 -1.62
N GLY F 182 -84.59 -19.83 -1.35
CA GLY F 182 -84.13 -19.49 -0.02
C GLY F 182 -84.14 -20.66 0.96
N CYS F 183 -83.63 -21.80 0.51
CA CYS F 183 -83.60 -23.00 1.33
C CYS F 183 -82.19 -23.55 1.56
N ASP F 184 -81.21 -22.90 0.94
CA ASP F 184 -79.83 -23.39 0.93
C ASP F 184 -79.78 -24.89 0.63
N VAL F 185 -79.83 -25.21 -0.66
CA VAL F 185 -79.71 -26.59 -1.11
C VAL F 185 -78.23 -26.98 -1.13
N ASP F 186 -77.86 -27.85 -0.20
CA ASP F 186 -76.46 -28.24 -0.04
C ASP F 186 -76.05 -29.23 -1.12
N LEU F 187 -75.70 -28.71 -2.29
CA LEU F 187 -75.29 -29.54 -3.43
C LEU F 187 -73.91 -29.14 -3.94
N PRO F 188 -73.05 -30.13 -4.24
CA PRO F 188 -71.66 -29.89 -4.69
C PRO F 188 -71.55 -28.90 -5.85
N ALA F 189 -70.58 -27.99 -5.74
CA ALA F 189 -70.25 -27.02 -6.79
C ALA F 189 -70.12 -27.69 -8.16
N VAL F 190 -69.31 -28.74 -8.22
CA VAL F 190 -69.28 -29.64 -9.36
C VAL F 190 -69.46 -31.08 -8.86
N SER F 191 -70.42 -31.78 -9.42
CA SER F 191 -70.66 -33.17 -9.07
C SER F 191 -69.77 -34.10 -9.89
N ALA F 192 -69.75 -35.38 -9.51
CA ALA F 192 -69.09 -36.43 -10.27
C ALA F 192 -69.82 -36.65 -11.60
N LYS F 193 -71.14 -36.43 -11.58
CA LYS F 193 -72.02 -36.58 -12.73
C LYS F 193 -71.76 -35.49 -13.77
N ASP F 194 -71.32 -34.32 -13.30
CA ASP F 194 -70.90 -33.23 -14.18
C ASP F 194 -69.51 -33.48 -14.73
N ARG F 195 -68.65 -34.09 -13.92
CA ARG F 195 -67.29 -34.45 -14.34
C ARG F 195 -67.28 -35.46 -15.50
N VAL F 196 -68.26 -36.37 -15.49
CA VAL F 196 -68.50 -37.31 -16.59
C VAL F 196 -68.95 -36.57 -17.85
N ASP F 197 -69.79 -35.55 -17.66
CA ASP F 197 -70.30 -34.73 -18.77
C ASP F 197 -69.23 -33.82 -19.36
N LEU F 198 -68.43 -33.21 -18.49
CA LEU F 198 -67.37 -32.28 -18.92
C LEU F 198 -66.26 -32.97 -19.69
N GLN F 199 -65.92 -34.20 -19.28
CA GLN F 199 -64.89 -34.98 -19.96
C GLN F 199 -65.37 -35.44 -21.34
N PHE F 200 -66.66 -35.71 -21.46
CA PHE F 200 -67.27 -36.13 -22.73
C PHE F 200 -67.17 -35.04 -23.79
N GLY F 201 -67.37 -33.79 -23.38
CA GLY F 201 -67.29 -32.64 -24.28
C GLY F 201 -65.87 -32.31 -24.72
N VAL F 202 -64.90 -32.55 -23.84
CA VAL F 202 -63.50 -32.38 -24.17
C VAL F 202 -63.12 -33.40 -25.23
N GLU F 203 -63.57 -34.64 -25.02
CA GLU F 203 -63.33 -35.74 -25.94
C GLU F 203 -63.93 -35.48 -27.32
N GLN F 204 -65.17 -34.99 -27.34
CA GLN F 204 -65.88 -34.72 -28.59
C GLN F 204 -65.59 -33.32 -29.13
N GLY F 205 -64.76 -32.57 -28.41
CA GLY F 205 -64.29 -31.27 -28.85
C GLY F 205 -65.37 -30.22 -29.01
N VAL F 206 -66.17 -30.04 -27.96
CA VAL F 206 -67.12 -28.93 -27.93
C VAL F 206 -66.38 -27.60 -27.85
N ASP F 207 -67.05 -26.54 -28.28
CA ASP F 207 -66.42 -25.23 -28.35
C ASP F 207 -66.59 -24.45 -27.05
N MET F 208 -67.70 -24.71 -26.36
CA MET F 208 -68.05 -24.01 -25.13
C MET F 208 -68.92 -24.84 -24.18
N ILE F 209 -68.91 -24.46 -22.91
CA ILE F 209 -69.76 -25.07 -21.89
C ILE F 209 -70.74 -24.03 -21.33
N PHE F 210 -72.01 -24.42 -21.23
CA PHE F 210 -72.99 -23.63 -20.50
C PHE F 210 -73.14 -24.19 -19.09
N ALA F 211 -72.33 -23.69 -18.16
CA ALA F 211 -72.32 -24.19 -16.78
C ALA F 211 -73.55 -23.75 -15.97
N SER F 212 -74.34 -24.74 -15.56
CA SER F 212 -75.59 -24.49 -14.85
C SER F 212 -75.38 -24.16 -13.38
N PHE F 213 -76.23 -23.25 -12.89
CA PHE F 213 -76.22 -22.81 -11.49
C PHE F 213 -74.83 -22.46 -10.98
N ILE F 214 -74.21 -21.45 -11.58
CA ILE F 214 -72.93 -21.00 -11.10
C ILE F 214 -73.17 -19.93 -10.07
N ARG F 215 -72.65 -20.12 -8.87
CA ARG F 215 -72.92 -19.31 -7.69
C ARG F 215 -71.69 -18.66 -7.08
N SER F 216 -70.51 -19.10 -7.51
CA SER F 216 -69.24 -18.54 -7.05
C SER F 216 -68.15 -18.63 -8.12
N ALA F 217 -67.12 -17.80 -7.99
CA ALA F 217 -65.96 -17.85 -8.87
C ALA F 217 -65.09 -19.09 -8.59
N GLU F 218 -65.17 -19.62 -7.37
CA GLU F 218 -64.49 -20.85 -7.00
C GLU F 218 -65.03 -22.02 -7.83
N GLN F 219 -66.36 -22.05 -7.99
CA GLN F 219 -67.07 -23.06 -8.78
C GLN F 219 -66.68 -22.99 -10.27
N VAL F 220 -66.40 -21.79 -10.77
CA VAL F 220 -65.97 -21.58 -12.15
C VAL F 220 -64.55 -22.14 -12.35
N GLY F 221 -63.67 -21.84 -11.40
CA GLY F 221 -62.32 -22.39 -11.36
C GLY F 221 -62.35 -23.91 -11.24
N ASP F 222 -63.34 -24.41 -10.49
CA ASP F 222 -63.57 -25.85 -10.35
C ASP F 222 -63.96 -26.52 -11.67
N VAL F 223 -64.82 -25.85 -12.44
CA VAL F 223 -65.21 -26.32 -13.77
C VAL F 223 -64.03 -26.25 -14.74
N ARG F 224 -63.18 -25.24 -14.57
CA ARG F 224 -61.97 -25.07 -15.39
C ARG F 224 -60.94 -26.18 -15.12
N LYS F 225 -60.77 -26.53 -13.84
CA LYS F 225 -59.92 -27.66 -13.46
C LYS F 225 -60.40 -28.95 -14.11
N ALA F 226 -61.72 -29.15 -14.14
CA ALA F 226 -62.34 -30.38 -14.65
C ALA F 226 -62.10 -30.63 -16.15
N LEU F 227 -62.04 -29.58 -16.95
CA LEU F 227 -61.73 -29.69 -18.38
C LEU F 227 -60.26 -30.10 -18.62
N GLY F 228 -59.46 -30.06 -17.55
CA GLY F 228 -58.05 -30.44 -17.61
C GLY F 228 -57.22 -29.54 -18.52
N PRO F 229 -55.99 -29.99 -18.85
CA PRO F 229 -55.11 -29.25 -19.77
C PRO F 229 -55.59 -29.29 -21.22
N LYS F 230 -56.29 -30.37 -21.59
CA LYS F 230 -56.69 -30.65 -22.97
C LYS F 230 -57.74 -29.65 -23.48
N GLY F 231 -58.71 -29.35 -22.63
CA GLY F 231 -59.79 -28.43 -22.98
C GLY F 231 -59.63 -27.05 -22.36
N ARG F 232 -58.39 -26.55 -22.36
CA ARG F 232 -58.13 -25.22 -21.83
C ARG F 232 -58.58 -24.15 -22.81
N ASP F 233 -58.70 -24.53 -24.08
CA ASP F 233 -59.18 -23.64 -25.13
C ASP F 233 -60.72 -23.61 -25.28
N ILE F 234 -61.40 -24.34 -24.40
CA ILE F 234 -62.86 -24.34 -24.37
C ILE F 234 -63.34 -23.18 -23.48
N MET F 235 -64.46 -22.57 -23.86
CA MET F 235 -64.99 -21.42 -23.13
C MET F 235 -66.01 -21.83 -22.07
N ILE F 236 -65.97 -21.13 -20.94
CA ILE F 236 -66.90 -21.40 -19.86
C ILE F 236 -67.91 -20.26 -19.75
N ILE F 237 -69.11 -20.52 -20.25
CA ILE F 237 -70.21 -19.56 -20.16
C ILE F 237 -70.99 -19.89 -18.90
N CYS F 238 -71.00 -18.95 -17.96
CA CYS F 238 -71.65 -19.19 -16.67
C CYS F 238 -73.11 -18.77 -16.65
N LYS F 239 -73.96 -19.72 -16.30
CA LYS F 239 -75.38 -19.49 -16.20
C LYS F 239 -75.72 -18.97 -14.80
N ILE F 240 -76.39 -17.82 -14.76
CA ILE F 240 -76.81 -17.22 -13.51
C ILE F 240 -78.30 -17.47 -13.34
N GLU F 241 -78.63 -18.37 -12.41
CA GLU F 241 -80.01 -18.79 -12.21
C GLU F 241 -80.39 -18.98 -10.75
N ASN F 242 -79.57 -18.42 -9.84
CA ASN F 242 -79.90 -18.37 -8.42
C ASN F 242 -79.50 -17.05 -7.76
N HIS F 243 -79.83 -16.91 -6.47
CA HIS F 243 -79.59 -15.69 -5.69
C HIS F 243 -78.09 -15.39 -5.51
N GLN F 244 -77.31 -16.42 -5.20
CA GLN F 244 -75.85 -16.31 -5.03
C GLN F 244 -75.14 -15.89 -6.31
N GLY F 245 -75.59 -16.42 -7.44
CA GLY F 245 -75.04 -16.08 -8.76
C GLY F 245 -75.09 -14.59 -9.02
N VAL F 246 -76.26 -14.01 -8.81
CA VAL F 246 -76.47 -12.57 -8.96
C VAL F 246 -75.61 -11.80 -7.96
N GLN F 247 -75.50 -12.35 -6.76
CA GLN F 247 -74.73 -11.74 -5.68
C GLN F 247 -73.22 -11.76 -5.95
N ASN F 248 -72.73 -12.84 -6.57
CA ASN F 248 -71.30 -13.01 -6.83
C ASN F 248 -70.90 -12.65 -8.26
N ILE F 249 -71.81 -11.98 -8.97
CA ILE F 249 -71.66 -11.72 -10.40
C ILE F 249 -70.31 -11.13 -10.85
N ASP F 250 -69.78 -10.16 -10.10
CA ASP F 250 -68.52 -9.48 -10.45
C ASP F 250 -67.34 -10.44 -10.48
N SER F 251 -67.18 -11.21 -9.41
CA SER F 251 -66.10 -12.20 -9.31
C SER F 251 -66.30 -13.33 -10.31
N ILE F 252 -67.55 -13.72 -10.52
CA ILE F 252 -67.92 -14.72 -11.53
C ILE F 252 -67.50 -14.25 -12.93
N ILE F 253 -67.93 -13.04 -13.30
CA ILE F 253 -67.58 -12.43 -14.58
C ILE F 253 -66.07 -12.49 -14.87
N GLU F 254 -65.26 -12.11 -13.88
CA GLU F 254 -63.80 -12.14 -14.01
C GLU F 254 -63.25 -13.52 -14.40
N GLU F 255 -63.80 -14.57 -13.79
CA GLU F 255 -63.36 -15.95 -14.05
C GLU F 255 -63.94 -16.54 -15.34
N SER F 256 -65.18 -16.18 -15.65
CA SER F 256 -65.90 -16.73 -16.80
C SER F 256 -65.40 -16.16 -18.12
N ASP F 257 -65.81 -16.80 -19.22
CA ASP F 257 -65.58 -16.28 -20.56
C ASP F 257 -66.85 -15.59 -21.07
N GLY F 258 -67.98 -15.90 -20.45
CA GLY F 258 -69.27 -15.33 -20.81
C GLY F 258 -70.33 -15.61 -19.77
N ILE F 259 -71.49 -14.96 -19.91
CA ILE F 259 -72.59 -15.10 -18.96
C ILE F 259 -73.93 -15.32 -19.66
N MET F 260 -74.68 -16.33 -19.18
CA MET F 260 -76.06 -16.51 -19.60
C MET F 260 -76.98 -16.00 -18.50
N VAL F 261 -77.93 -15.14 -18.86
CA VAL F 261 -78.99 -14.76 -17.95
C VAL F 261 -80.02 -15.88 -18.07
N ALA F 262 -79.84 -16.92 -17.28
CA ALA F 262 -80.73 -18.08 -17.29
C ALA F 262 -82.03 -17.76 -16.53
N ARG F 263 -82.96 -17.13 -17.25
CA ARG F 263 -84.14 -16.51 -16.64
C ARG F 263 -85.19 -17.49 -16.11
N GLY F 264 -85.20 -18.71 -16.63
CA GLY F 264 -86.14 -19.74 -16.20
C GLY F 264 -86.01 -20.09 -14.72
N ASP F 265 -84.81 -20.52 -14.33
CA ASP F 265 -84.51 -20.87 -12.93
C ASP F 265 -84.40 -19.63 -12.04
N LEU F 266 -83.71 -18.61 -12.54
CA LEU F 266 -83.58 -17.33 -11.85
C LEU F 266 -84.95 -16.72 -11.54
N GLY F 267 -85.91 -16.95 -12.43
CA GLY F 267 -87.27 -16.43 -12.27
C GLY F 267 -88.09 -17.13 -11.19
N VAL F 268 -87.51 -18.18 -10.60
CA VAL F 268 -88.10 -18.85 -9.44
C VAL F 268 -87.31 -18.54 -8.17
N GLU F 269 -85.99 -18.47 -8.31
CA GLU F 269 -85.09 -18.26 -7.17
C GLU F 269 -85.19 -16.84 -6.58
N ILE F 270 -85.40 -15.87 -7.46
CA ILE F 270 -85.69 -14.50 -7.06
C ILE F 270 -87.09 -14.17 -7.57
N PRO F 271 -87.75 -13.15 -6.98
CA PRO F 271 -89.06 -12.75 -7.52
C PRO F 271 -88.97 -12.46 -9.01
N ALA F 272 -90.00 -12.91 -9.74
CA ALA F 272 -90.04 -12.84 -11.21
C ALA F 272 -89.80 -11.44 -11.77
N GLU F 273 -90.35 -10.42 -11.08
CA GLU F 273 -90.18 -9.03 -11.51
C GLU F 273 -88.74 -8.52 -11.40
N LYS F 274 -87.96 -9.13 -10.50
CA LYS F 274 -86.54 -8.75 -10.30
C LYS F 274 -85.65 -9.14 -11.48
N VAL F 275 -86.08 -10.15 -12.23
CA VAL F 275 -85.35 -10.66 -13.39
C VAL F 275 -85.04 -9.54 -14.39
N VAL F 276 -85.97 -8.59 -14.53
CA VAL F 276 -85.82 -7.49 -15.49
C VAL F 276 -84.60 -6.64 -15.17
N VAL F 277 -84.50 -6.21 -13.92
CA VAL F 277 -83.37 -5.39 -13.46
C VAL F 277 -82.06 -6.20 -13.42
N ALA F 278 -82.15 -7.46 -12.99
CA ALA F 278 -81.02 -8.38 -12.97
C ALA F 278 -80.45 -8.54 -14.38
N GLN F 279 -81.33 -8.78 -15.34
CA GLN F 279 -80.95 -8.85 -16.75
C GLN F 279 -80.22 -7.57 -17.18
N LYS F 280 -80.79 -6.41 -16.85
CA LYS F 280 -80.17 -5.11 -17.14
C LYS F 280 -78.75 -5.04 -16.56
N ILE F 281 -78.60 -5.45 -15.30
CA ILE F 281 -77.32 -5.42 -14.57
C ILE F 281 -76.28 -6.35 -15.20
N LEU F 282 -76.63 -7.62 -15.38
CA LEU F 282 -75.66 -8.63 -15.84
C LEU F 282 -75.17 -8.38 -17.27
N ILE F 283 -76.11 -8.02 -18.16
CA ILE F 283 -75.77 -7.68 -19.55
C ILE F 283 -74.80 -6.50 -19.63
N SER F 284 -75.12 -5.41 -18.94
CA SER F 284 -74.29 -4.20 -18.93
C SER F 284 -72.90 -4.45 -18.37
N LYS F 285 -72.82 -5.21 -17.28
CA LYS F 285 -71.55 -5.52 -16.67
C LYS F 285 -70.64 -6.31 -17.61
N CYS F 286 -71.22 -7.21 -18.40
CA CYS F 286 -70.49 -8.00 -19.40
C CYS F 286 -70.01 -7.16 -20.57
N ASN F 287 -70.84 -6.21 -20.97
CA ASN F 287 -70.49 -5.25 -22.01
C ASN F 287 -69.26 -4.41 -21.64
N VAL F 288 -69.13 -4.08 -20.35
CA VAL F 288 -67.95 -3.36 -19.87
C VAL F 288 -66.74 -4.27 -19.80
N ALA F 289 -66.96 -5.50 -19.32
CA ALA F 289 -65.89 -6.49 -19.22
C ALA F 289 -65.37 -6.92 -20.58
N GLY F 290 -66.23 -6.88 -21.59
CA GLY F 290 -65.88 -7.31 -22.94
C GLY F 290 -66.06 -8.80 -23.15
N LYS F 291 -67.02 -9.38 -22.43
CA LYS F 291 -67.30 -10.81 -22.51
C LYS F 291 -68.72 -11.08 -22.99
N PRO F 292 -68.91 -12.15 -23.80
CA PRO F 292 -70.23 -12.55 -24.31
C PRO F 292 -71.30 -12.67 -23.22
N VAL F 293 -72.53 -12.30 -23.58
CA VAL F 293 -73.67 -12.43 -22.67
C VAL F 293 -74.91 -12.91 -23.42
N ILE F 294 -75.63 -13.85 -22.82
CA ILE F 294 -76.83 -14.44 -23.42
C ILE F 294 -78.06 -14.15 -22.57
N CYS F 295 -79.13 -13.72 -23.23
CA CYS F 295 -80.46 -13.65 -22.59
C CYS F 295 -81.28 -14.87 -23.03
N ALA F 296 -81.93 -15.52 -22.07
CA ALA F 296 -82.52 -16.84 -22.32
C ALA F 296 -83.89 -17.09 -21.68
N THR F 297 -84.57 -18.11 -22.23
CA THR F 297 -85.76 -18.75 -21.65
C THR F 297 -87.09 -18.02 -21.82
N GLN F 298 -88.01 -18.71 -22.47
CA GLN F 298 -89.39 -18.26 -22.68
C GLN F 298 -89.49 -16.95 -23.45
N MET F 299 -88.55 -16.74 -24.36
CA MET F 299 -88.50 -15.51 -25.14
C MET F 299 -89.53 -15.51 -26.25
N LEU F 300 -89.66 -16.63 -26.96
CA LEU F 300 -90.73 -16.82 -27.94
C LEU F 300 -91.55 -18.08 -27.59
N GLU F 301 -91.85 -18.22 -26.30
CA GLU F 301 -92.52 -19.38 -25.73
C GLU F 301 -93.73 -19.90 -26.51
N SER F 302 -94.67 -19.00 -26.82
CA SER F 302 -95.93 -19.37 -27.48
C SER F 302 -95.73 -19.98 -28.88
N MET F 303 -94.58 -19.71 -29.47
CA MET F 303 -94.24 -20.29 -30.78
C MET F 303 -93.81 -21.77 -30.71
N THR F 304 -93.90 -22.34 -29.51
CA THR F 304 -93.76 -23.78 -29.32
C THR F 304 -94.99 -24.48 -29.91
N TYR F 305 -96.12 -23.78 -29.88
CA TYR F 305 -97.41 -24.31 -30.34
C TYR F 305 -97.95 -23.52 -31.52
N ASN F 306 -97.65 -22.23 -31.56
CA ASN F 306 -98.19 -21.32 -32.57
C ASN F 306 -97.17 -20.87 -33.60
N PRO F 307 -97.60 -20.71 -34.87
CA PRO F 307 -96.74 -20.17 -35.93
C PRO F 307 -96.33 -18.70 -35.75
N ARG F 308 -97.11 -17.97 -34.95
CA ARG F 308 -96.85 -16.55 -34.70
C ARG F 308 -96.74 -16.27 -33.20
N PRO F 309 -95.88 -15.30 -32.81
CA PRO F 309 -95.63 -14.96 -31.40
C PRO F 309 -96.60 -13.91 -30.85
N THR F 310 -96.63 -13.76 -29.51
CA THR F 310 -97.40 -12.71 -28.86
C THR F 310 -96.68 -11.37 -28.95
N ARG F 311 -97.37 -10.31 -28.53
CA ARG F 311 -96.82 -8.96 -28.55
C ARG F 311 -95.72 -8.81 -27.50
N ALA F 312 -95.94 -9.41 -26.32
CA ALA F 312 -94.95 -9.47 -25.24
C ALA F 312 -93.64 -10.12 -25.68
N GLU F 313 -93.76 -11.23 -26.42
CA GLU F 313 -92.62 -12.00 -26.90
C GLU F 313 -91.78 -11.20 -27.88
N VAL F 314 -92.42 -10.59 -28.87
CA VAL F 314 -91.75 -9.71 -29.84
C VAL F 314 -90.97 -8.61 -29.08
N SER F 315 -91.68 -7.96 -28.16
CA SER F 315 -91.13 -6.94 -27.28
C SER F 315 -89.91 -7.44 -26.50
N ASP F 316 -90.04 -8.63 -25.92
CA ASP F 316 -88.99 -9.17 -25.07
C ASP F 316 -87.68 -9.47 -25.82
N VAL F 317 -87.78 -10.12 -26.98
CA VAL F 317 -86.60 -10.38 -27.82
C VAL F 317 -85.90 -9.07 -28.20
N ALA F 318 -86.69 -8.10 -28.69
CA ALA F 318 -86.18 -6.79 -29.10
C ALA F 318 -85.48 -6.02 -27.97
N ASN F 319 -86.01 -6.15 -26.75
CA ASN F 319 -85.42 -5.47 -25.60
C ASN F 319 -84.15 -6.12 -25.07
N ALA F 320 -83.98 -7.42 -25.31
CA ALA F 320 -82.71 -8.08 -25.02
C ALA F 320 -81.59 -7.47 -25.86
N VAL F 321 -81.86 -7.31 -27.16
CA VAL F 321 -80.95 -6.59 -28.07
C VAL F 321 -80.73 -5.15 -27.57
N PHE F 322 -81.80 -4.47 -27.19
CA PHE F 322 -81.72 -3.09 -26.68
C PHE F 322 -80.88 -2.99 -25.41
N ASN F 323 -81.01 -3.98 -24.53
CA ASN F 323 -80.20 -4.08 -23.31
C ASN F 323 -78.73 -4.24 -23.64
N GLY F 324 -78.45 -4.98 -24.71
CA GLY F 324 -77.10 -5.15 -25.21
C GLY F 324 -76.59 -6.57 -25.14
N ALA F 325 -77.50 -7.53 -25.30
CA ALA F 325 -77.13 -8.95 -25.34
C ALA F 325 -76.33 -9.27 -26.60
N ASP F 326 -75.36 -10.17 -26.46
CA ASP F 326 -74.67 -10.73 -27.62
C ASP F 326 -75.58 -11.74 -28.30
N CYS F 327 -76.25 -12.56 -27.48
CA CYS F 327 -77.04 -13.67 -27.97
C CYS F 327 -78.46 -13.70 -27.43
N VAL F 328 -79.33 -14.33 -28.20
CA VAL F 328 -80.69 -14.61 -27.79
C VAL F 328 -80.91 -16.12 -27.95
N MET F 329 -81.54 -16.74 -26.96
CA MET F 329 -81.65 -18.19 -26.93
C MET F 329 -83.07 -18.72 -27.18
N LEU F 330 -83.12 -19.94 -27.72
CA LEU F 330 -84.36 -20.69 -27.90
C LEU F 330 -84.24 -22.03 -27.20
N SER F 331 -85.20 -22.34 -26.34
CA SER F 331 -85.20 -23.58 -25.56
C SER F 331 -86.21 -24.60 -26.11
N GLY F 332 -87.35 -24.71 -25.46
CA GLY F 332 -88.41 -25.63 -25.87
C GLY F 332 -88.93 -25.34 -27.27
N GLU F 333 -88.90 -24.08 -27.66
CA GLU F 333 -89.31 -23.64 -29.00
C GLU F 333 -88.68 -24.50 -30.11
N THR F 334 -87.40 -24.85 -29.92
CA THR F 334 -86.67 -25.65 -30.90
C THR F 334 -86.50 -27.11 -30.47
N ALA F 335 -86.39 -27.33 -29.16
CA ALA F 335 -86.19 -28.69 -28.62
C ALA F 335 -87.37 -29.60 -28.91
N LYS F 336 -88.58 -29.16 -28.56
CA LYS F 336 -89.79 -29.96 -28.79
C LYS F 336 -91.00 -29.16 -29.31
N GLY F 337 -90.74 -28.15 -30.14
CA GLY F 337 -91.80 -27.32 -30.70
C GLY F 337 -92.28 -27.73 -32.08
N LYS F 338 -93.46 -27.23 -32.44
CA LYS F 338 -94.08 -27.50 -33.75
C LYS F 338 -93.50 -26.67 -34.90
N TYR F 339 -92.85 -25.55 -34.59
CA TYR F 339 -92.38 -24.63 -35.62
C TYR F 339 -90.93 -24.16 -35.42
N PRO F 340 -89.97 -25.11 -35.49
CA PRO F 340 -88.55 -24.79 -35.26
C PRO F 340 -87.98 -23.72 -36.19
N ASN F 341 -88.20 -23.86 -37.50
CA ASN F 341 -87.69 -22.91 -38.49
C ASN F 341 -88.35 -21.54 -38.38
N GLU F 342 -89.67 -21.53 -38.20
CA GLU F 342 -90.45 -20.29 -38.14
C GLU F 342 -90.13 -19.44 -36.89
N VAL F 343 -89.78 -20.10 -35.78
CA VAL F 343 -89.42 -19.40 -34.55
C VAL F 343 -88.04 -18.71 -34.66
N VAL F 344 -87.07 -19.40 -35.23
CA VAL F 344 -85.74 -18.84 -35.50
C VAL F 344 -85.86 -17.68 -36.48
N GLN F 345 -86.69 -17.86 -37.50
CA GLN F 345 -86.91 -16.84 -38.53
C GLN F 345 -87.47 -15.54 -37.96
N TYR F 346 -88.44 -15.66 -37.05
CA TYR F 346 -88.99 -14.50 -36.35
C TYR F 346 -87.94 -13.85 -35.45
N MET F 347 -87.21 -14.66 -34.70
CA MET F 347 -86.15 -14.15 -33.81
C MET F 347 -85.10 -13.36 -34.59
N ALA F 348 -84.76 -13.84 -35.79
CA ALA F 348 -83.82 -13.13 -36.67
C ALA F 348 -84.41 -11.80 -37.16
N ARG F 349 -85.69 -11.85 -37.53
CA ARG F 349 -86.45 -10.70 -38.01
C ARG F 349 -86.64 -9.63 -36.93
N ILE F 350 -86.81 -10.07 -35.68
CA ILE F 350 -87.00 -9.14 -34.56
C ILE F 350 -85.69 -8.46 -34.18
N CYS F 351 -84.62 -9.25 -34.14
CA CYS F 351 -83.29 -8.74 -33.82
C CYS F 351 -82.81 -7.70 -34.83
N LEU F 352 -82.97 -8.02 -36.12
CA LEU F 352 -82.61 -7.12 -37.24
C LEU F 352 -83.31 -5.76 -37.13
N GLU F 353 -84.61 -5.80 -36.82
CA GLU F 353 -85.44 -4.60 -36.68
C GLU F 353 -85.03 -3.77 -35.46
N ALA F 354 -84.82 -4.44 -34.32
CA ALA F 354 -84.39 -3.77 -33.09
C ALA F 354 -83.01 -3.13 -33.25
N GLN F 355 -82.17 -3.79 -34.03
CA GLN F 355 -80.83 -3.29 -34.36
C GLN F 355 -80.89 -1.97 -35.12
N SER F 356 -81.93 -1.80 -35.95
CA SER F 356 -82.17 -0.55 -36.67
C SER F 356 -82.46 0.61 -35.73
N ALA F 357 -83.14 0.32 -34.62
CA ALA F 357 -83.54 1.33 -33.64
C ALA F 357 -82.48 1.52 -32.55
N LEU F 358 -81.52 0.60 -32.49
CA LEU F 358 -80.46 0.64 -31.48
C LEU F 358 -79.52 1.81 -31.70
N ASN F 359 -79.38 2.64 -30.67
CA ASN F 359 -78.40 3.73 -30.70
C ASN F 359 -77.02 3.18 -30.39
N GLU F 360 -76.25 2.91 -31.43
CA GLU F 360 -74.96 2.27 -31.30
C GLU F 360 -73.84 3.24 -30.93
N TYR F 361 -73.92 4.47 -31.44
CA TYR F 361 -72.88 5.48 -31.20
C TYR F 361 -72.81 5.85 -29.73
N VAL F 362 -73.97 5.86 -29.07
CA VAL F 362 -74.05 6.10 -27.64
C VAL F 362 -73.53 4.87 -26.88
N PHE F 363 -73.89 3.68 -27.35
CA PHE F 363 -73.40 2.42 -26.80
C PHE F 363 -71.87 2.40 -26.79
N PHE F 364 -71.29 2.73 -27.94
CA PHE F 364 -69.84 2.83 -28.11
C PHE F 364 -69.22 3.81 -27.10
N ASN F 365 -69.73 5.04 -27.06
CA ASN F 365 -69.17 6.08 -26.22
C ASN F 365 -69.34 5.81 -24.73
N SER F 366 -70.44 5.15 -24.37
CA SER F 366 -70.72 4.82 -22.97
C SER F 366 -69.77 3.77 -22.41
N ILE F 367 -69.39 2.81 -23.25
CA ILE F 367 -68.48 1.72 -22.88
C ILE F 367 -67.07 2.25 -22.74
N LYS F 368 -66.64 3.00 -23.75
CA LYS F 368 -65.35 3.69 -23.79
C LYS F 368 -65.13 4.50 -22.52
N LYS F 369 -66.19 5.18 -22.07
CA LYS F 369 -66.16 5.99 -20.86
C LYS F 369 -65.89 5.16 -19.61
N LEU F 370 -66.26 3.89 -19.63
CA LEU F 370 -66.27 3.07 -18.42
C LEU F 370 -65.09 2.08 -18.36
N GLN F 371 -64.03 2.44 -19.07
CA GLN F 371 -62.81 1.65 -19.12
C GLN F 371 -61.72 2.38 -18.33
N HIS F 372 -60.89 1.61 -17.65
CA HIS F 372 -59.77 2.17 -16.91
C HIS F 372 -58.71 2.74 -17.84
N ILE F 373 -58.17 3.90 -17.48
CA ILE F 373 -57.13 4.58 -18.25
C ILE F 373 -55.85 4.69 -17.42
N PRO F 374 -54.67 4.38 -18.00
CA PRO F 374 -54.41 4.05 -19.41
C PRO F 374 -54.94 2.68 -19.84
N MET F 375 -55.14 2.53 -21.15
CA MET F 375 -55.50 1.26 -21.75
C MET F 375 -54.25 0.59 -22.29
N SER F 376 -54.36 -0.69 -22.60
CA SER F 376 -53.30 -1.40 -23.31
C SER F 376 -53.28 -0.91 -24.75
N ALA F 377 -52.09 -0.81 -25.33
CA ALA F 377 -51.93 -0.48 -26.75
C ALA F 377 -53.00 -1.24 -27.55
N ASP F 378 -52.99 -2.55 -27.36
CA ASP F 378 -54.05 -3.48 -27.73
C ASP F 378 -55.46 -2.87 -27.80
N GLU F 379 -56.05 -2.58 -26.65
CA GLU F 379 -57.44 -2.15 -26.57
C GLU F 379 -57.70 -0.73 -27.05
N ALA F 380 -56.72 0.15 -26.88
CA ALA F 380 -56.80 1.51 -27.41
C ALA F 380 -56.89 1.52 -28.93
N VAL F 381 -56.31 0.49 -29.55
CA VAL F 381 -56.35 0.31 -31.01
C VAL F 381 -57.78 0.03 -31.49
N CYS F 382 -58.48 -0.84 -30.76
CA CYS F 382 -59.84 -1.22 -31.13
C CYS F 382 -60.82 -0.09 -30.88
N SER F 383 -60.69 0.54 -29.72
CA SER F 383 -61.48 1.72 -29.36
C SER F 383 -61.37 2.83 -30.41
N SER F 384 -60.16 3.11 -30.86
CA SER F 384 -59.94 4.21 -31.79
C SER F 384 -60.29 3.81 -33.24
N ALA F 385 -60.23 2.51 -33.52
CA ALA F 385 -60.64 1.97 -34.80
C ALA F 385 -62.14 2.10 -34.99
N VAL F 386 -62.90 1.89 -33.92
CA VAL F 386 -64.35 2.04 -33.95
C VAL F 386 -64.71 3.53 -33.97
N ASN F 387 -63.91 4.36 -33.31
CA ASN F 387 -64.04 5.81 -33.44
C ASN F 387 -63.96 6.22 -34.91
N SER F 388 -62.96 5.67 -35.61
CA SER F 388 -62.75 5.90 -37.03
C SER F 388 -63.96 5.53 -37.90
N VAL F 389 -64.59 4.40 -37.57
CA VAL F 389 -65.76 3.91 -38.28
C VAL F 389 -66.88 4.95 -38.30
N TYR F 390 -67.19 5.49 -37.12
CA TYR F 390 -68.23 6.50 -37.00
C TYR F 390 -67.85 7.80 -37.69
N GLU F 391 -66.57 8.17 -37.59
CA GLU F 391 -66.07 9.42 -38.16
C GLU F 391 -66.15 9.43 -39.70
N THR F 392 -65.89 8.28 -40.32
CA THR F 392 -65.81 8.18 -41.78
C THR F 392 -67.06 7.57 -42.43
N LYS F 393 -67.94 7.02 -41.60
CA LYS F 393 -69.09 6.22 -42.06
C LYS F 393 -68.64 4.95 -42.78
N ALA F 394 -67.54 4.35 -42.28
CA ALA F 394 -67.04 3.07 -42.78
C ALA F 394 -68.14 2.01 -42.76
N LYS F 395 -68.14 1.14 -43.78
CA LYS F 395 -69.22 0.17 -43.92
C LYS F 395 -68.79 -1.26 -43.59
N ALA F 396 -67.50 -1.45 -43.34
CA ALA F 396 -66.97 -2.74 -42.88
C ALA F 396 -65.73 -2.57 -42.00
N MET F 397 -65.44 -3.62 -41.24
CA MET F 397 -64.25 -3.66 -40.40
C MET F 397 -63.61 -5.02 -40.57
N VAL F 398 -62.29 -5.04 -40.70
CA VAL F 398 -61.56 -6.29 -40.84
C VAL F 398 -60.56 -6.43 -39.69
N VAL F 399 -60.70 -7.51 -38.91
CA VAL F 399 -59.79 -7.81 -37.81
C VAL F 399 -59.11 -9.15 -38.01
N LEU F 400 -57.80 -9.18 -37.79
CA LEU F 400 -57.08 -10.44 -37.77
C LEU F 400 -57.00 -10.95 -36.34
N SER F 401 -57.41 -12.20 -36.13
CA SER F 401 -57.44 -12.79 -34.81
C SER F 401 -57.41 -14.31 -34.94
N ASN F 402 -56.45 -14.95 -34.28
CA ASN F 402 -56.35 -16.41 -34.30
C ASN F 402 -57.07 -17.04 -33.11
N THR F 403 -56.89 -16.45 -31.93
CA THR F 403 -57.50 -16.94 -30.69
C THR F 403 -58.94 -16.46 -30.54
N GLY F 404 -59.29 -15.41 -31.28
CA GLY F 404 -60.60 -14.77 -31.15
C GLY F 404 -60.60 -13.53 -30.26
N ARG F 405 -59.51 -13.35 -29.51
CA ARG F 405 -59.35 -12.23 -28.57
C ARG F 405 -59.63 -10.85 -29.19
N SER F 406 -58.87 -10.49 -30.22
CA SER F 406 -59.00 -9.17 -30.87
C SER F 406 -60.37 -8.97 -31.49
N ALA F 407 -60.95 -10.04 -32.01
CA ALA F 407 -62.29 -10.01 -32.59
C ALA F 407 -63.33 -9.57 -31.55
N ARG F 408 -63.22 -10.12 -30.34
CA ARG F 408 -64.11 -9.77 -29.23
C ARG F 408 -63.82 -8.38 -28.66
N LEU F 409 -62.54 -8.01 -28.68
CA LEU F 409 -62.09 -6.71 -28.22
C LEU F 409 -62.72 -5.58 -29.06
N VAL F 410 -62.71 -5.75 -30.39
CA VAL F 410 -63.36 -4.81 -31.31
C VAL F 410 -64.88 -4.81 -31.15
N ALA F 411 -65.48 -6.00 -31.14
CA ALA F 411 -66.93 -6.14 -30.97
C ALA F 411 -67.42 -5.46 -29.70
N LYS F 412 -66.57 -5.50 -28.68
CA LYS F 412 -66.85 -4.88 -27.38
C LYS F 412 -67.27 -3.41 -27.53
N TYR F 413 -66.70 -2.73 -28.51
CA TYR F 413 -66.92 -1.31 -28.72
C TYR F 413 -68.08 -0.94 -29.66
N ARG F 414 -68.78 -1.94 -30.17
CA ARG F 414 -70.06 -1.74 -30.89
C ARG F 414 -70.04 -0.72 -32.02
N PRO F 415 -69.31 -1.02 -33.13
CA PRO F 415 -69.42 -0.20 -34.34
C PRO F 415 -70.76 -0.39 -35.04
N ASN F 416 -71.15 0.57 -35.88
CA ASN F 416 -72.42 0.50 -36.61
C ASN F 416 -72.31 -0.20 -37.97
N CYS F 417 -71.26 -1.02 -38.14
CA CYS F 417 -71.06 -1.79 -39.36
C CYS F 417 -70.64 -3.23 -39.01
N PRO F 418 -70.70 -4.16 -39.98
CA PRO F 418 -70.27 -5.54 -39.74
C PRO F 418 -68.77 -5.65 -39.46
N ILE F 419 -68.40 -6.52 -38.52
CA ILE F 419 -67.01 -6.82 -38.23
C ILE F 419 -66.64 -8.16 -38.85
N VAL F 420 -65.71 -8.12 -39.79
CA VAL F 420 -65.24 -9.34 -40.42
C VAL F 420 -63.94 -9.75 -39.74
N CYS F 421 -63.95 -10.93 -39.11
CA CYS F 421 -62.75 -11.48 -38.51
C CYS F 421 -62.16 -12.55 -39.41
N VAL F 422 -60.89 -12.39 -39.73
CA VAL F 422 -60.16 -13.39 -40.50
C VAL F 422 -59.29 -14.19 -39.53
N THR F 423 -59.57 -15.49 -39.45
CA THR F 423 -58.94 -16.34 -38.47
C THR F 423 -58.29 -17.55 -39.11
N THR F 424 -57.29 -18.09 -38.43
CA THR F 424 -56.55 -19.25 -38.91
C THR F 424 -57.01 -20.52 -38.20
N ARG F 425 -57.96 -20.36 -37.28
CA ARG F 425 -58.48 -21.48 -36.48
C ARG F 425 -59.99 -21.62 -36.61
N LEU F 426 -60.40 -22.80 -37.07
CA LEU F 426 -61.79 -23.13 -37.33
C LEU F 426 -62.63 -23.08 -36.04
N GLN F 427 -62.04 -23.50 -34.93
CA GLN F 427 -62.69 -23.43 -33.63
C GLN F 427 -62.99 -21.98 -33.24
N THR F 428 -62.11 -21.07 -33.65
CA THR F 428 -62.33 -19.64 -33.44
C THR F 428 -63.50 -19.13 -34.27
N CYS F 429 -63.68 -19.68 -35.47
CA CYS F 429 -64.85 -19.38 -36.29
C CYS F 429 -66.15 -19.74 -35.57
N ARG F 430 -66.10 -20.83 -34.80
CA ARG F 430 -67.24 -21.34 -34.06
C ARG F 430 -67.42 -20.59 -32.74
N GLN F 431 -66.31 -20.29 -32.08
CA GLN F 431 -66.34 -19.62 -30.78
C GLN F 431 -66.75 -18.14 -30.86
N LEU F 432 -66.65 -17.55 -32.05
CA LEU F 432 -67.14 -16.19 -32.27
C LEU F 432 -68.63 -16.12 -32.62
N ASN F 433 -69.29 -17.29 -32.64
CA ASN F 433 -70.73 -17.36 -32.88
C ASN F 433 -71.56 -16.93 -31.68
N ILE F 434 -70.93 -16.74 -30.53
CA ILE F 434 -71.61 -16.16 -29.38
C ILE F 434 -71.21 -14.70 -29.15
N THR F 435 -70.36 -14.19 -30.04
CA THR F 435 -70.00 -12.79 -30.04
C THR F 435 -70.79 -12.04 -31.11
N GLN F 436 -71.29 -10.87 -30.74
CA GLN F 436 -72.24 -10.11 -31.53
C GLN F 436 -71.56 -9.31 -32.63
N GLY F 437 -72.21 -9.25 -33.80
CA GLY F 437 -71.78 -8.38 -34.91
C GLY F 437 -70.47 -8.75 -35.58
N VAL F 438 -70.02 -9.98 -35.36
CA VAL F 438 -68.78 -10.49 -35.92
C VAL F 438 -69.09 -11.68 -36.82
N GLU F 439 -68.43 -11.72 -37.97
CA GLU F 439 -68.50 -12.85 -38.88
C GLU F 439 -67.09 -13.30 -39.23
N SER F 440 -66.89 -14.62 -39.20
CA SER F 440 -65.55 -15.20 -39.33
C SER F 440 -65.26 -15.77 -40.71
N VAL F 441 -64.04 -15.56 -41.16
CA VAL F 441 -63.53 -16.14 -42.40
C VAL F 441 -62.31 -17.00 -42.04
N PHE F 442 -62.30 -18.23 -42.53
CA PHE F 442 -61.20 -19.14 -42.29
C PHE F 442 -60.12 -18.97 -43.35
N PHE F 443 -58.94 -18.56 -42.90
CA PHE F 443 -57.75 -18.51 -43.75
C PHE F 443 -56.85 -19.70 -43.40
N ASP F 444 -56.71 -20.63 -44.34
CA ASP F 444 -55.95 -21.86 -44.09
C ASP F 444 -54.45 -21.62 -44.28
N ALA F 445 -53.77 -21.32 -43.16
CA ALA F 445 -52.33 -21.03 -43.16
C ALA F 445 -51.48 -22.22 -43.59
N ASP F 446 -52.01 -23.42 -43.40
CA ASP F 446 -51.32 -24.67 -43.74
C ASP F 446 -51.07 -24.85 -45.22
N LYS F 447 -51.95 -24.31 -46.06
CA LYS F 447 -51.74 -24.36 -47.51
C LYS F 447 -51.51 -23.00 -48.15
N LEU F 448 -52.06 -21.94 -47.55
CA LEU F 448 -51.93 -20.60 -48.10
C LEU F 448 -50.72 -19.82 -47.56
N GLY F 449 -50.00 -20.41 -46.61
CA GLY F 449 -48.85 -19.75 -45.99
C GLY F 449 -49.25 -18.92 -44.79
N HIS F 450 -48.26 -18.52 -44.00
CA HIS F 450 -48.51 -17.85 -42.72
C HIS F 450 -48.81 -16.34 -42.83
N ASP F 451 -48.59 -15.78 -44.02
CA ASP F 451 -48.99 -14.40 -44.33
C ASP F 451 -48.53 -13.41 -43.25
N GLU F 452 -47.21 -13.35 -43.04
CA GLU F 452 -46.62 -12.46 -42.02
C GLU F 452 -46.79 -10.99 -42.39
N GLY F 453 -46.90 -10.72 -43.70
CA GLY F 453 -47.15 -9.36 -44.20
C GLY F 453 -48.60 -8.94 -44.09
N LYS F 454 -49.46 -9.85 -43.62
CA LYS F 454 -50.90 -9.61 -43.36
C LYS F 454 -51.78 -9.35 -44.58
N GLU F 455 -51.17 -9.12 -45.75
CA GLU F 455 -51.92 -8.68 -46.95
C GLU F 455 -52.95 -9.68 -47.46
N HIS F 456 -52.64 -10.97 -47.37
CA HIS F 456 -53.51 -12.00 -47.91
C HIS F 456 -54.78 -12.19 -47.08
N ARG F 457 -54.64 -12.19 -45.76
CA ARG F 457 -55.77 -12.31 -44.84
C ARG F 457 -56.69 -11.08 -44.91
N VAL F 458 -56.10 -9.89 -44.96
CA VAL F 458 -56.88 -8.66 -45.12
C VAL F 458 -57.69 -8.69 -46.43
N ALA F 459 -57.03 -9.07 -47.52
CA ALA F 459 -57.69 -9.22 -48.82
C ALA F 459 -58.85 -10.21 -48.75
N ALA F 460 -58.64 -11.31 -48.01
CA ALA F 460 -59.67 -12.32 -47.80
C ALA F 460 -60.89 -11.75 -47.07
N GLY F 461 -60.63 -10.86 -46.10
CA GLY F 461 -61.69 -10.22 -45.33
C GLY F 461 -62.46 -9.17 -46.12
N VAL F 462 -61.74 -8.37 -46.89
CA VAL F 462 -62.35 -7.38 -47.77
C VAL F 462 -63.21 -8.06 -48.85
N GLU F 463 -62.68 -9.14 -49.42
CA GLU F 463 -63.38 -9.92 -50.44
C GLU F 463 -64.69 -10.51 -49.93
N PHE F 464 -64.67 -11.02 -48.69
CA PHE F 464 -65.87 -11.53 -48.01
C PHE F 464 -66.88 -10.40 -47.81
N ALA F 465 -66.40 -9.25 -47.33
CA ALA F 465 -67.23 -8.06 -47.12
C ALA F 465 -67.88 -7.62 -48.43
N LYS F 466 -67.07 -7.54 -49.48
CA LYS F 466 -67.54 -7.26 -50.83
C LYS F 466 -68.65 -8.22 -51.27
N SER F 467 -68.39 -9.52 -51.14
CA SER F 467 -69.32 -10.57 -51.57
C SER F 467 -70.63 -10.56 -50.79
N LYS F 468 -70.56 -10.23 -49.51
CA LYS F 468 -71.74 -10.11 -48.68
C LYS F 468 -72.51 -8.82 -48.96
N GLY F 469 -71.85 -7.88 -49.64
CA GLY F 469 -72.49 -6.64 -50.05
C GLY F 469 -72.33 -5.52 -49.06
N TYR F 470 -71.47 -5.74 -48.06
CA TYR F 470 -71.21 -4.75 -47.01
C TYR F 470 -70.49 -3.53 -47.56
N VAL F 471 -69.51 -3.77 -48.43
CA VAL F 471 -68.78 -2.68 -49.09
C VAL F 471 -68.87 -2.77 -50.62
N GLN F 472 -69.07 -1.60 -51.25
CA GLN F 472 -68.96 -1.46 -52.71
C GLN F 472 -67.65 -0.72 -52.98
N THR F 473 -67.24 -0.69 -54.25
CA THR F 473 -66.10 0.12 -54.67
C THR F 473 -66.29 1.55 -54.17
N GLY F 474 -65.30 2.07 -53.47
CA GLY F 474 -65.30 3.46 -53.03
C GLY F 474 -65.64 3.70 -51.58
N ASP F 475 -66.11 2.65 -50.90
CA ASP F 475 -66.42 2.72 -49.48
C ASP F 475 -65.15 2.67 -48.64
N TYR F 476 -65.27 3.05 -47.37
CA TYR F 476 -64.17 2.87 -46.42
C TYR F 476 -64.32 1.57 -45.64
N CYS F 477 -63.18 0.96 -45.36
CA CYS F 477 -63.09 -0.25 -44.56
C CYS F 477 -61.98 -0.03 -43.52
N VAL F 478 -62.29 -0.22 -42.24
CA VAL F 478 -61.30 -0.05 -41.17
C VAL F 478 -60.67 -1.40 -40.80
N VAL F 479 -59.35 -1.50 -40.96
CA VAL F 479 -58.62 -2.75 -40.83
C VAL F 479 -57.72 -2.76 -39.58
N ILE F 480 -57.85 -3.82 -38.77
CA ILE F 480 -57.05 -3.96 -37.54
C ILE F 480 -56.18 -5.21 -37.55
N HIS F 481 -54.87 -4.99 -37.45
CA HIS F 481 -53.89 -6.05 -37.20
C HIS F 481 -52.60 -5.43 -36.66
N ALA F 482 -51.49 -6.15 -36.76
CA ALA F 482 -50.20 -5.63 -36.31
C ALA F 482 -49.36 -5.15 -37.48
N ASP F 483 -48.35 -4.32 -37.19
CA ASP F 483 -47.33 -3.96 -38.17
C ASP F 483 -46.40 -5.13 -38.47
N HIS F 484 -45.34 -4.87 -39.22
CA HIS F 484 -44.40 -5.91 -39.67
C HIS F 484 -43.52 -6.48 -38.56
N LYS F 485 -43.56 -5.87 -37.38
CA LYS F 485 -42.64 -6.18 -36.28
C LYS F 485 -43.33 -6.81 -35.08
N VAL F 486 -44.33 -6.10 -34.56
CA VAL F 486 -45.04 -6.49 -33.33
C VAL F 486 -45.72 -7.84 -33.49
N LYS F 487 -45.55 -8.70 -32.49
CA LYS F 487 -46.20 -10.01 -32.48
C LYS F 487 -47.09 -10.15 -31.27
N GLY F 488 -48.19 -10.90 -31.42
CA GLY F 488 -49.01 -11.30 -30.29
C GLY F 488 -50.27 -10.50 -30.04
N TYR F 489 -50.35 -9.29 -30.61
CA TYR F 489 -51.54 -8.44 -30.51
C TYR F 489 -51.58 -7.46 -31.68
N ALA F 490 -52.71 -6.75 -31.82
CA ALA F 490 -52.91 -5.77 -32.89
C ALA F 490 -52.57 -4.36 -32.42
N ASN F 491 -51.57 -3.74 -33.06
CA ASN F 491 -51.14 -2.39 -32.70
C ASN F 491 -51.36 -1.33 -33.81
N GLN F 492 -52.14 -1.70 -34.81
CA GLN F 492 -52.28 -0.88 -36.00
C GLN F 492 -53.71 -0.88 -36.51
N THR F 493 -54.21 0.32 -36.83
CA THR F 493 -55.39 0.46 -37.68
C THR F 493 -55.03 1.28 -38.91
N ARG F 494 -55.62 0.91 -40.04
CA ARG F 494 -55.58 1.74 -41.23
C ARG F 494 -57.00 1.85 -41.78
N ILE F 495 -57.28 2.98 -42.44
CA ILE F 495 -58.56 3.16 -43.12
C ILE F 495 -58.35 2.91 -44.60
N LEU F 496 -59.14 1.98 -45.13
CA LEU F 496 -58.94 1.52 -46.50
C LEU F 496 -60.06 1.91 -47.45
N LEU F 497 -59.67 2.49 -48.58
CA LEU F 497 -60.60 2.73 -49.68
C LEU F 497 -60.73 1.44 -50.46
N VAL F 498 -61.90 0.82 -50.42
CA VAL F 498 -62.05 -0.50 -51.07
C VAL F 498 -62.11 -0.37 -52.59
N GLU F 499 -61.50 -1.35 -53.26
CA GLU F 499 -61.47 -1.41 -54.72
C GLU F 499 -62.46 -2.46 -55.21
N SER G 2 -70.36 23.43 -25.94
CA SER G 2 -69.00 23.80 -25.45
C SER G 2 -68.71 25.29 -25.61
N GLN G 3 -67.71 25.78 -24.89
CA GLN G 3 -67.21 27.15 -25.02
C GLN G 3 -66.81 27.45 -26.47
N LEU G 4 -66.25 26.44 -27.13
CA LEU G 4 -65.79 26.58 -28.51
C LEU G 4 -66.95 26.79 -29.47
N ALA G 5 -67.99 25.97 -29.32
CA ALA G 5 -69.19 26.07 -30.14
C ALA G 5 -69.84 27.44 -29.97
N HIS G 6 -69.87 27.91 -28.73
CA HIS G 6 -70.49 29.19 -28.40
C HIS G 6 -69.81 30.39 -29.05
N ASN G 7 -68.48 30.37 -29.07
CA ASN G 7 -67.68 31.43 -29.69
C ASN G 7 -68.06 31.67 -31.16
N LEU G 8 -68.54 30.61 -31.83
CA LEU G 8 -68.88 30.68 -33.24
C LEU G 8 -70.23 31.35 -33.48
N THR G 9 -71.05 31.46 -32.43
CA THR G 9 -72.36 32.11 -32.52
C THR G 9 -72.31 33.60 -32.19
N LEU G 10 -71.17 34.05 -31.66
CA LEU G 10 -71.01 35.44 -31.24
C LEU G 10 -71.00 36.41 -32.42
N SER G 11 -71.32 37.67 -32.14
CA SER G 11 -71.36 38.71 -33.16
C SER G 11 -70.86 40.04 -32.59
N ILE G 12 -70.14 40.80 -33.42
CA ILE G 12 -69.66 42.14 -33.02
C ILE G 12 -70.63 43.25 -33.46
N PHE G 13 -71.44 42.98 -34.48
CA PHE G 13 -72.36 43.98 -35.00
C PHE G 13 -73.65 44.08 -34.20
N ASP G 14 -73.82 43.19 -33.22
CA ASP G 14 -75.04 43.12 -32.43
C ASP G 14 -75.14 44.22 -31.37
N PRO G 15 -76.37 44.70 -31.09
CA PRO G 15 -76.62 45.64 -30.00
C PRO G 15 -76.27 45.04 -28.64
N VAL G 16 -75.74 45.87 -27.75
CA VAL G 16 -75.39 45.45 -26.39
C VAL G 16 -76.61 45.49 -25.46
N ALA G 17 -76.48 44.90 -24.27
CA ALA G 17 -77.56 44.86 -23.29
C ALA G 17 -77.94 46.24 -22.76
N ASN G 18 -79.17 46.37 -22.27
CA ASN G 18 -79.63 47.62 -21.66
C ASN G 18 -79.19 47.78 -20.20
N TYR G 19 -78.41 46.82 -19.72
CA TYR G 19 -77.88 46.85 -18.36
C TYR G 19 -76.46 46.31 -18.30
N ARG G 20 -75.65 46.92 -17.45
CA ARG G 20 -74.29 46.48 -17.16
C ARG G 20 -74.30 45.67 -15.87
N ALA G 21 -73.96 44.39 -15.97
CA ALA G 21 -74.00 43.49 -14.82
C ALA G 21 -72.85 43.75 -13.84
N ALA G 22 -71.65 43.95 -14.36
CA ALA G 22 -70.46 44.14 -13.53
C ALA G 22 -70.43 45.51 -12.85
N ARG G 23 -69.79 45.56 -11.68
CA ARG G 23 -69.75 46.77 -10.86
C ARG G 23 -68.34 47.36 -10.80
N ILE G 24 -68.24 48.68 -10.82
CA ILE G 24 -66.94 49.37 -10.86
C ILE G 24 -66.58 50.05 -9.54
N ILE G 25 -65.43 49.66 -8.98
CA ILE G 25 -64.89 50.29 -7.78
C ILE G 25 -63.77 51.28 -8.14
N CYS G 26 -63.88 52.50 -7.63
CA CYS G 26 -62.87 53.54 -7.86
C CYS G 26 -62.20 53.93 -6.55
N THR G 27 -60.87 53.85 -6.51
CA THR G 27 -60.12 54.32 -5.34
C THR G 27 -59.98 55.83 -5.39
N ILE G 28 -60.20 56.48 -4.26
CA ILE G 28 -60.22 57.93 -4.20
C ILE G 28 -58.91 58.49 -3.65
N GLY G 29 -58.28 59.34 -4.45
CA GLY G 29 -57.08 60.06 -4.05
C GLY G 29 -57.21 61.51 -4.48
N PRO G 30 -56.07 62.23 -4.57
CA PRO G 30 -56.03 63.65 -4.94
C PRO G 30 -56.82 64.01 -6.21
N SER G 31 -56.91 63.07 -7.15
CA SER G 31 -57.53 63.32 -8.45
C SER G 31 -59.06 63.31 -8.45
N THR G 32 -59.66 62.68 -7.43
CA THR G 32 -61.09 62.39 -7.45
C THR G 32 -61.89 62.78 -6.20
N GLN G 33 -61.21 63.32 -5.20
CA GLN G 33 -61.82 63.60 -3.89
C GLN G 33 -62.88 64.70 -3.89
N SER G 34 -62.70 65.71 -4.76
CA SER G 34 -63.65 66.82 -4.88
C SER G 34 -65.07 66.35 -5.20
N VAL G 35 -66.05 67.12 -4.73
CA VAL G 35 -67.46 66.75 -4.83
C VAL G 35 -67.97 66.70 -6.28
N GLU G 36 -67.35 67.50 -7.15
CA GLU G 36 -67.76 67.57 -8.56
C GLU G 36 -67.18 66.42 -9.39
N ALA G 37 -65.98 65.97 -9.03
CA ALA G 37 -65.31 64.87 -9.71
C ALA G 37 -65.99 63.53 -9.43
N LEU G 38 -66.56 63.42 -8.23
CA LEU G 38 -67.31 62.23 -7.83
C LEU G 38 -68.64 62.13 -8.57
N LYS G 39 -69.31 63.27 -8.73
CA LYS G 39 -70.55 63.33 -9.51
C LYS G 39 -70.33 62.88 -10.94
N GLY G 40 -69.19 63.28 -11.51
CA GLY G 40 -68.77 62.81 -12.82
C GLY G 40 -68.47 61.33 -12.82
N LEU G 41 -67.82 60.86 -11.75
CA LEU G 41 -67.50 59.43 -11.57
C LEU G 41 -68.73 58.53 -11.46
N ILE G 42 -69.71 58.97 -10.68
CA ILE G 42 -70.96 58.23 -10.52
C ILE G 42 -71.66 58.09 -11.86
N GLN G 43 -71.83 59.22 -12.57
CA GLN G 43 -72.47 59.23 -13.89
C GLN G 43 -71.66 58.48 -14.95
N SER G 44 -70.36 58.35 -14.73
CA SER G 44 -69.50 57.56 -15.60
C SER G 44 -69.70 56.05 -15.38
N GLY G 45 -69.89 55.66 -14.12
CA GLY G 45 -70.20 54.27 -13.79
C GLY G 45 -69.73 53.75 -12.45
N MET G 46 -69.33 54.65 -11.55
CA MET G 46 -68.87 54.26 -10.22
C MET G 46 -70.00 53.70 -9.35
N SER G 47 -69.70 52.61 -8.66
CA SER G 47 -70.62 52.01 -7.70
C SER G 47 -70.05 52.04 -6.28
N VAL G 48 -68.73 51.98 -6.17
CA VAL G 48 -68.04 51.93 -4.88
C VAL G 48 -66.85 52.87 -4.86
N ALA G 49 -66.63 53.50 -3.71
CA ALA G 49 -65.45 54.33 -3.47
C ALA G 49 -64.49 53.64 -2.49
N ARG G 50 -63.24 53.48 -2.90
CA ARG G 50 -62.22 52.84 -2.06
C ARG G 50 -61.26 53.86 -1.46
N MET G 51 -60.91 53.66 -0.19
CA MET G 51 -59.97 54.50 0.52
C MET G 51 -58.85 53.63 1.07
N ASN G 52 -57.62 53.96 0.69
CA ASN G 52 -56.46 53.19 1.13
C ASN G 52 -55.81 53.83 2.35
N PHE G 53 -55.93 53.15 3.50
CA PHE G 53 -55.38 53.66 4.75
C PHE G 53 -53.87 53.44 4.86
N SER G 54 -53.25 53.16 3.72
CA SER G 54 -51.80 53.13 3.60
C SER G 54 -51.26 54.53 3.36
N HIS G 55 -52.10 55.41 2.83
CA HIS G 55 -51.70 56.78 2.50
C HIS G 55 -52.54 57.82 3.24
N GLY G 56 -51.85 58.76 3.87
CA GLY G 56 -52.50 59.79 4.68
C GLY G 56 -53.05 59.22 5.98
N SER G 57 -54.05 59.91 6.54
CA SER G 57 -54.67 59.49 7.80
C SER G 57 -56.16 59.81 7.83
N HIS G 58 -56.73 59.83 9.03
CA HIS G 58 -58.18 59.89 9.22
C HIS G 58 -58.86 61.16 8.73
N GLU G 59 -58.15 62.28 8.80
CA GLU G 59 -58.74 63.57 8.40
C GLU G 59 -58.95 63.67 6.88
N TYR G 60 -57.98 63.18 6.13
CA TYR G 60 -58.06 63.15 4.67
C TYR G 60 -59.17 62.22 4.18
N HIS G 61 -59.21 61.02 4.76
CA HIS G 61 -60.22 60.02 4.42
C HIS G 61 -61.64 60.45 4.82
N GLN G 62 -61.72 61.33 5.82
CA GLN G 62 -63.00 61.87 6.28
C GLN G 62 -63.70 62.68 5.18
N THR G 63 -62.93 63.48 4.45
CA THR G 63 -63.47 64.33 3.39
C THR G 63 -64.03 63.49 2.24
N THR G 64 -63.42 62.33 2.01
CA THR G 64 -63.92 61.36 1.04
C THR G 64 -65.33 60.93 1.46
N ILE G 65 -65.45 60.42 2.68
CA ILE G 65 -66.74 60.00 3.24
C ILE G 65 -67.80 61.10 3.11
N ASN G 66 -67.40 62.34 3.41
CA ASN G 66 -68.30 63.49 3.33
C ASN G 66 -68.78 63.83 1.93
N ASN G 67 -67.84 63.93 0.98
CA ASN G 67 -68.15 64.31 -0.40
C ASN G 67 -68.91 63.23 -1.19
N VAL G 68 -68.61 61.97 -0.92
CA VAL G 68 -69.31 60.84 -1.56
C VAL G 68 -70.80 60.90 -1.24
N ARG G 69 -71.12 61.08 0.04
CA ARG G 69 -72.51 61.14 0.51
C ARG G 69 -73.26 62.35 -0.03
N GLN G 70 -72.55 63.47 -0.19
CA GLN G 70 -73.10 64.68 -0.80
C GLN G 70 -73.37 64.48 -2.30
N ALA G 71 -72.40 63.91 -3.01
CA ALA G 71 -72.51 63.67 -4.45
C ALA G 71 -73.61 62.65 -4.80
N ALA G 72 -73.70 61.58 -4.00
CA ALA G 72 -74.73 60.56 -4.18
C ALA G 72 -76.12 61.11 -3.89
N ALA G 73 -76.18 62.08 -2.97
CA ALA G 73 -77.44 62.69 -2.55
C ALA G 73 -78.07 63.56 -3.63
N GLU G 74 -77.24 64.31 -4.36
CA GLU G 74 -77.72 65.20 -5.43
C GLU G 74 -78.24 64.45 -6.66
N LEU G 75 -77.66 63.28 -6.93
CA LEU G 75 -78.03 62.50 -8.10
C LEU G 75 -79.13 61.47 -7.79
N GLY G 76 -79.54 61.41 -6.54
CA GLY G 76 -80.57 60.47 -6.08
C GLY G 76 -80.15 59.02 -6.28
N VAL G 77 -78.93 58.71 -5.86
CA VAL G 77 -78.39 57.34 -5.95
C VAL G 77 -77.71 56.92 -4.64
N ASN G 78 -77.51 55.61 -4.48
CA ASN G 78 -76.82 55.07 -3.31
C ASN G 78 -75.48 54.45 -3.68
N ILE G 79 -74.42 54.95 -3.05
CA ILE G 79 -73.04 54.54 -3.37
C ILE G 79 -72.32 53.99 -2.14
N ALA G 80 -71.67 52.84 -2.31
CA ALA G 80 -70.91 52.19 -1.24
C ALA G 80 -69.60 52.88 -0.93
N ILE G 81 -69.16 52.76 0.33
CA ILE G 81 -67.86 53.27 0.78
C ILE G 81 -67.08 52.13 1.46
N ALA G 82 -65.83 51.95 1.06
CA ALA G 82 -65.02 50.83 1.51
C ALA G 82 -63.73 51.27 2.20
N LEU G 83 -63.33 50.51 3.22
CA LEU G 83 -62.12 50.82 3.98
C LEU G 83 -61.04 49.77 3.71
N ASP G 84 -60.01 50.14 2.96
CA ASP G 84 -58.87 49.26 2.73
C ASP G 84 -57.82 49.50 3.81
N THR G 85 -57.57 48.45 4.59
CA THR G 85 -56.69 48.53 5.76
C THR G 85 -55.23 48.70 5.38
N LYS G 86 -54.43 49.16 6.32
CA LYS G 86 -52.98 49.17 6.20
C LYS G 86 -52.49 47.73 6.07
N GLY G 87 -52.94 46.86 6.97
CA GLY G 87 -52.61 45.44 6.95
C GLY G 87 -51.17 45.13 7.33
N PRO G 88 -50.88 43.84 7.62
CA PRO G 88 -49.50 43.43 7.89
C PRO G 88 -48.62 43.63 6.66
N GLU G 89 -47.98 44.80 6.57
CA GLU G 89 -47.22 45.18 5.39
C GLU G 89 -45.90 45.86 5.74
N ILE G 90 -45.01 45.92 4.76
CA ILE G 90 -43.77 46.68 4.85
C ILE G 90 -43.82 47.79 3.80
N ARG G 91 -43.46 49.01 4.20
CA ARG G 91 -43.45 50.15 3.28
C ARG G 91 -42.18 50.99 3.42
N THR G 92 -41.84 51.74 2.38
CA THR G 92 -40.69 52.65 2.41
C THR G 92 -41.06 53.94 3.13
N GLY G 93 -40.13 54.89 3.14
CA GLY G 93 -40.37 56.18 3.78
C GLY G 93 -40.87 57.26 2.84
N GLN G 94 -41.10 58.45 3.41
CA GLN G 94 -41.46 59.63 2.65
C GLN G 94 -40.21 60.21 1.99
N PHE G 95 -40.38 60.81 0.82
CA PHE G 95 -39.26 61.44 0.10
C PHE G 95 -39.43 62.95 -0.01
N VAL G 96 -38.32 63.66 0.15
CA VAL G 96 -38.29 65.11 -0.01
C VAL G 96 -38.45 65.46 -1.49
N GLY G 97 -39.34 66.41 -1.78
CA GLY G 97 -39.61 66.84 -3.15
C GLY G 97 -40.76 66.11 -3.83
N GLY G 98 -41.49 65.31 -3.07
CA GLY G 98 -42.66 64.61 -3.58
C GLY G 98 -42.39 63.23 -4.16
N ASP G 99 -41.16 63.00 -4.62
CA ASP G 99 -40.77 61.74 -5.27
C ASP G 99 -39.26 61.45 -5.15
N ALA G 100 -38.82 60.34 -5.74
CA ALA G 100 -37.41 59.97 -5.77
C ALA G 100 -37.05 59.16 -7.01
N VAL G 101 -36.26 59.77 -7.90
CA VAL G 101 -35.82 59.12 -9.14
C VAL G 101 -34.70 58.12 -8.85
N MET G 102 -34.91 56.86 -9.26
CA MET G 102 -33.88 55.83 -9.16
C MET G 102 -33.38 55.48 -10.56
N GLU G 103 -32.10 55.12 -10.65
CA GLU G 103 -31.48 54.80 -11.94
C GLU G 103 -30.65 53.53 -11.89
N ARG G 104 -30.63 52.78 -12.99
CA ARG G 104 -29.87 51.53 -13.09
C ARG G 104 -28.38 51.73 -12.87
N GLY G 105 -27.82 50.97 -11.93
CA GLY G 105 -26.39 51.01 -11.61
C GLY G 105 -26.04 51.89 -10.43
N ALA G 106 -26.99 52.73 -10.00
CA ALA G 106 -26.77 53.67 -8.90
C ALA G 106 -26.66 52.97 -7.54
N THR G 107 -26.06 53.67 -6.57
CA THR G 107 -25.92 53.16 -5.22
C THR G 107 -26.95 53.79 -4.27
N CYS G 108 -27.50 52.96 -3.37
CA CYS G 108 -28.49 53.41 -2.39
C CYS G 108 -28.41 52.60 -1.10
N TYR G 109 -28.70 53.26 0.02
CA TYR G 109 -28.63 52.63 1.34
C TYR G 109 -30.00 52.54 1.99
N VAL G 110 -30.27 51.40 2.63
CA VAL G 110 -31.54 51.16 3.33
C VAL G 110 -31.34 50.99 4.83
N THR G 111 -32.15 51.68 5.63
CA THR G 111 -31.94 51.74 7.08
C THR G 111 -33.18 51.36 7.90
N THR G 112 -32.94 50.98 9.16
CA THR G 112 -33.98 50.60 10.11
C THR G 112 -34.44 51.80 10.97
N ASP G 113 -33.58 52.81 11.04
CA ASP G 113 -33.78 53.97 11.92
C ASP G 113 -34.97 54.85 11.52
N PRO G 114 -35.97 54.98 12.41
CA PRO G 114 -37.22 55.73 12.16
C PRO G 114 -37.04 57.23 11.93
N ALA G 115 -35.82 57.74 12.15
CA ALA G 115 -35.52 59.15 11.95
C ALA G 115 -35.50 59.53 10.46
N PHE G 116 -35.14 58.57 9.61
CA PHE G 116 -35.05 58.79 8.17
C PHE G 116 -36.39 58.62 7.43
N ALA G 117 -37.48 58.63 8.18
CA ALA G 117 -38.83 58.46 7.61
C ALA G 117 -39.30 59.70 6.85
N ASP G 118 -39.28 60.84 7.52
CA ASP G 118 -39.71 62.12 6.93
C ASP G 118 -38.76 62.58 5.82
N LYS G 119 -37.45 62.53 6.10
CA LYS G 119 -36.43 62.88 5.13
C LYS G 119 -35.90 61.66 4.39
N GLY G 120 -36.29 61.53 3.12
CA GLY G 120 -35.85 60.43 2.28
C GLY G 120 -35.29 60.91 0.96
N THR G 121 -34.13 60.39 0.58
CA THR G 121 -33.47 60.75 -0.67
C THR G 121 -33.31 59.53 -1.58
N LYS G 122 -32.84 59.76 -2.81
CA LYS G 122 -32.59 58.67 -3.77
C LYS G 122 -31.40 57.80 -3.37
N ASP G 123 -30.50 58.34 -2.55
CA ASP G 123 -29.30 57.62 -2.12
C ASP G 123 -29.41 56.99 -0.73
N LYS G 124 -30.40 57.43 0.03
CA LYS G 124 -30.65 56.89 1.37
C LYS G 124 -32.14 57.05 1.73
N PHE G 125 -32.77 55.95 2.11
CA PHE G 125 -34.19 55.97 2.51
C PHE G 125 -34.59 54.91 3.55
N TYR G 126 -35.80 55.05 4.09
CA TYR G 126 -36.27 54.27 5.23
C TYR G 126 -37.20 53.11 4.86
N ILE G 127 -37.06 52.01 5.58
CA ILE G 127 -37.95 50.86 5.47
C ILE G 127 -38.49 50.51 6.87
N ASP G 128 -39.82 50.47 7.01
CA ASP G 128 -40.47 50.33 8.31
C ASP G 128 -40.32 48.95 8.99
N TYR G 129 -39.85 47.96 8.25
CA TYR G 129 -39.57 46.64 8.83
C TYR G 129 -38.28 46.70 9.65
N GLN G 130 -38.30 46.08 10.83
CA GLN G 130 -37.23 46.24 11.82
C GLN G 130 -36.03 45.31 11.63
N ASN G 131 -36.25 44.00 11.81
CA ASN G 131 -35.15 43.03 11.74
C ASN G 131 -34.89 42.49 10.33
N LEU G 132 -34.93 43.39 9.34
CA LEU G 132 -34.72 43.02 7.93
C LEU G 132 -33.30 42.51 7.67
N SER G 133 -32.33 43.03 8.42
CA SER G 133 -30.93 42.62 8.28
C SER G 133 -30.72 41.16 8.69
N LYS G 134 -31.57 40.68 9.59
CA LYS G 134 -31.53 39.28 10.04
C LYS G 134 -32.25 38.35 9.06
N VAL G 135 -33.03 38.93 8.15
CA VAL G 135 -33.80 38.17 7.16
C VAL G 135 -33.11 38.15 5.79
N VAL G 136 -32.56 39.28 5.36
CA VAL G 136 -31.86 39.36 4.07
C VAL G 136 -30.40 38.94 4.17
N ARG G 137 -29.86 38.40 3.07
CA ARG G 137 -28.49 37.92 3.01
C ARG G 137 -27.72 38.71 1.95
N PRO G 138 -26.38 38.75 2.04
CA PRO G 138 -25.57 39.34 0.96
C PRO G 138 -25.73 38.58 -0.36
N GLY G 139 -26.58 39.12 -1.24
CA GLY G 139 -26.90 38.48 -2.51
C GLY G 139 -28.39 38.54 -2.84
N ASN G 140 -29.21 38.68 -1.80
CA ASN G 140 -30.68 38.71 -1.93
C ASN G 140 -31.19 39.99 -2.60
N TYR G 141 -32.43 39.90 -3.13
CA TYR G 141 -33.06 41.04 -3.79
C TYR G 141 -34.14 41.67 -2.89
N ILE G 142 -34.35 42.98 -3.05
CA ILE G 142 -35.43 43.68 -2.37
C ILE G 142 -36.37 44.30 -3.41
N TYR G 143 -37.67 44.07 -3.25
CA TYR G 143 -38.67 44.45 -4.25
C TYR G 143 -39.47 45.68 -3.85
N ILE G 144 -39.22 46.79 -4.54
CA ILE G 144 -39.88 48.07 -4.26
C ILE G 144 -40.98 48.35 -5.28
N ASP G 145 -42.16 48.70 -4.78
CA ASP G 145 -43.31 49.11 -5.60
C ASP G 145 -43.84 47.98 -6.50
N ASP G 146 -44.66 47.11 -5.92
CA ASP G 146 -45.27 45.98 -6.64
C ASP G 146 -44.29 45.24 -7.56
N GLY G 147 -43.03 45.19 -7.14
CA GLY G 147 -41.99 44.46 -7.86
C GLY G 147 -41.41 45.15 -9.09
N ILE G 148 -41.80 46.41 -9.31
CA ILE G 148 -41.28 47.18 -10.43
C ILE G 148 -39.79 47.48 -10.24
N LEU G 149 -39.42 47.93 -9.04
CA LEU G 149 -38.03 48.22 -8.71
C LEU G 149 -37.38 47.08 -7.91
N ILE G 150 -36.21 46.65 -8.36
CA ILE G 150 -35.44 45.62 -7.66
C ILE G 150 -34.08 46.17 -7.26
N LEU G 151 -33.69 45.92 -6.01
CA LEU G 151 -32.38 46.30 -5.49
C LEU G 151 -31.63 45.07 -4.99
N GLN G 152 -30.38 44.95 -5.39
CA GLN G 152 -29.54 43.80 -5.02
C GLN G 152 -28.63 44.14 -3.84
N VAL G 153 -28.84 43.41 -2.74
CA VAL G 153 -28.04 43.58 -1.51
C VAL G 153 -26.61 43.13 -1.76
N GLN G 154 -25.66 44.04 -1.49
CA GLN G 154 -24.25 43.78 -1.78
C GLN G 154 -23.46 43.42 -0.52
N SER G 155 -23.58 44.25 0.52
CA SER G 155 -22.86 44.03 1.77
C SER G 155 -23.55 44.71 2.96
N HIS G 156 -23.10 44.34 4.17
CA HIS G 156 -23.60 44.95 5.41
C HIS G 156 -22.68 46.10 5.84
N GLU G 157 -23.26 47.27 6.08
CA GLU G 157 -22.50 48.43 6.53
C GLU G 157 -22.25 48.39 8.03
N ASP G 158 -23.30 48.09 8.79
CA ASP G 158 -23.21 47.97 10.24
C ASP G 158 -24.08 46.84 10.79
N GLU G 159 -25.34 47.16 11.09
CA GLU G 159 -26.29 46.19 11.62
C GLU G 159 -27.72 46.59 11.23
N GLN G 160 -27.87 47.82 10.75
CA GLN G 160 -29.17 48.36 10.37
C GLN G 160 -29.18 48.99 8.97
N THR G 161 -27.99 49.33 8.48
CA THR G 161 -27.85 49.93 7.14
C THR G 161 -27.17 48.97 6.17
N LEU G 162 -27.71 48.88 4.96
CA LEU G 162 -27.23 47.95 3.93
C LEU G 162 -26.76 48.64 2.66
N GLU G 163 -25.70 48.10 2.06
CA GLU G 163 -25.19 48.59 0.77
C GLU G 163 -25.91 47.86 -0.37
N CYS G 164 -26.69 48.62 -1.13
CA CYS G 164 -27.51 48.06 -2.21
C CYS G 164 -27.20 48.68 -3.58
N THR G 165 -27.44 47.90 -4.63
CA THR G 165 -27.27 48.37 -6.00
C THR G 165 -28.61 48.31 -6.73
N VAL G 166 -28.95 49.40 -7.41
CA VAL G 166 -30.17 49.48 -8.22
C VAL G 166 -29.97 48.71 -9.51
N THR G 167 -30.94 47.85 -9.85
CA THR G 167 -30.85 47.01 -11.03
C THR G 167 -31.51 47.65 -12.26
N ASN G 168 -32.54 48.46 -12.02
CA ASN G 168 -33.28 49.14 -13.10
C ASN G 168 -33.82 50.52 -12.71
N SER G 169 -33.98 51.39 -13.69
CA SER G 169 -34.46 52.75 -13.48
C SER G 169 -35.96 52.82 -13.25
N HIS G 170 -36.36 53.60 -12.24
CA HIS G 170 -37.77 53.77 -11.88
C HIS G 170 -37.97 54.83 -10.79
N THR G 171 -38.93 55.72 -11.01
CA THR G 171 -39.25 56.79 -10.06
C THR G 171 -40.39 56.35 -9.13
N ILE G 172 -40.19 56.54 -7.83
CA ILE G 172 -41.15 56.11 -6.81
C ILE G 172 -41.63 57.27 -5.90
N SER G 173 -42.91 57.23 -5.54
CA SER G 173 -43.50 58.24 -4.66
C SER G 173 -43.48 57.81 -3.18
N ASP G 174 -44.31 58.45 -2.35
CA ASP G 174 -44.36 58.20 -0.91
C ASP G 174 -44.68 56.76 -0.52
N ARG G 175 -43.98 56.28 0.51
CA ARG G 175 -44.18 54.94 1.11
C ARG G 175 -44.56 53.82 0.13
N ARG G 176 -43.57 53.35 -0.61
CA ARG G 176 -43.76 52.31 -1.63
C ARG G 176 -43.74 50.92 -1.03
N GLY G 177 -44.64 50.07 -1.53
CA GLY G 177 -44.77 48.70 -1.05
C GLY G 177 -43.51 47.90 -1.29
N VAL G 178 -42.85 47.50 -0.21
CA VAL G 178 -41.67 46.64 -0.30
C VAL G 178 -42.02 45.19 0.06
N ASN G 179 -41.58 44.27 -0.79
CA ASN G 179 -41.95 42.86 -0.67
C ASN G 179 -40.76 41.93 -0.52
N LEU G 180 -40.87 40.99 0.42
CA LEU G 180 -39.83 40.00 0.68
C LEU G 180 -40.39 38.58 0.46
N PRO G 181 -40.19 38.04 -0.76
CA PRO G 181 -40.73 36.73 -1.14
C PRO G 181 -39.94 35.57 -0.52
N GLY G 182 -40.67 34.64 0.08
CA GLY G 182 -40.08 33.45 0.72
C GLY G 182 -39.13 33.79 1.84
N CYS G 183 -39.50 34.78 2.65
CA CYS G 183 -38.64 35.30 3.72
C CYS G 183 -39.18 35.03 5.11
N ASP G 184 -40.50 34.92 5.24
CA ASP G 184 -41.20 34.79 6.52
C ASP G 184 -40.98 36.04 7.38
N VAL G 185 -41.88 37.02 7.24
CA VAL G 185 -41.78 38.27 7.97
C VAL G 185 -42.29 38.15 9.41
N ASP G 186 -41.84 39.06 10.26
CA ASP G 186 -42.18 39.05 11.68
C ASP G 186 -43.33 40.02 11.98
N LEU G 187 -44.53 39.70 11.48
CA LEU G 187 -45.72 40.51 11.72
C LEU G 187 -46.91 39.64 12.12
N PRO G 188 -47.51 39.92 13.29
CA PRO G 188 -48.71 39.22 13.77
C PRO G 188 -49.94 39.37 12.86
N ALA G 189 -51.03 38.70 13.21
CA ALA G 189 -52.27 38.72 12.41
C ALA G 189 -52.87 40.12 12.30
N VAL G 190 -53.09 40.77 13.45
CA VAL G 190 -53.66 42.11 13.50
C VAL G 190 -52.78 43.06 14.32
N SER G 191 -52.68 44.32 13.89
CA SER G 191 -51.84 45.32 14.55
C SER G 191 -52.63 46.32 15.40
N ALA G 192 -51.91 47.11 16.19
CA ALA G 192 -52.49 48.21 16.94
C ALA G 192 -52.80 49.39 16.02
N LYS G 193 -51.95 49.59 15.01
CA LYS G 193 -52.11 50.67 14.03
C LYS G 193 -53.34 50.45 13.13
N ASP G 194 -53.79 49.19 13.05
CA ASP G 194 -54.96 48.83 12.27
C ASP G 194 -56.30 48.99 13.01
N ARG G 195 -56.29 48.73 14.32
CA ARG G 195 -57.48 48.93 15.15
C ARG G 195 -57.86 50.40 15.29
N VAL G 196 -56.87 51.28 15.14
CA VAL G 196 -57.11 52.73 15.14
C VAL G 196 -57.73 53.17 13.80
N ASP G 197 -57.76 52.25 12.84
CA ASP G 197 -58.40 52.51 11.54
C ASP G 197 -59.80 51.90 11.44
N LEU G 198 -59.97 50.69 11.99
CA LEU G 198 -61.24 49.96 11.90
C LEU G 198 -62.37 50.61 12.71
N GLN G 199 -62.10 50.91 13.98
CA GLN G 199 -63.06 51.57 14.89
C GLN G 199 -63.58 52.89 14.30
N PHE G 200 -62.76 53.51 13.46
CA PHE G 200 -63.08 54.79 12.81
C PHE G 200 -64.17 54.62 11.74
N GLY G 201 -64.07 53.53 10.97
CA GLY G 201 -65.05 53.21 9.94
C GLY G 201 -66.42 52.89 10.51
N VAL G 202 -66.43 52.06 11.56
CA VAL G 202 -67.65 51.68 12.27
C VAL G 202 -68.43 52.93 12.70
N GLU G 203 -67.72 53.90 13.26
CA GLU G 203 -68.30 55.17 13.68
C GLU G 203 -68.77 56.00 12.48
N GLN G 204 -67.93 56.05 11.44
CA GLN G 204 -68.23 56.84 10.25
C GLN G 204 -69.24 56.17 9.31
N GLY G 205 -69.58 54.92 9.60
CA GLY G 205 -70.62 54.21 8.87
C GLY G 205 -70.22 53.70 7.50
N VAL G 206 -69.02 53.11 7.43
CA VAL G 206 -68.56 52.46 6.20
C VAL G 206 -69.41 51.22 5.91
N ASP G 207 -69.41 50.78 4.66
CA ASP G 207 -70.24 49.66 4.25
C ASP G 207 -69.48 48.34 4.26
N MET G 208 -68.20 48.38 3.91
CA MET G 208 -67.37 47.18 3.83
C MET G 208 -65.88 47.46 4.11
N ILE G 209 -65.14 46.41 4.41
CA ILE G 209 -63.71 46.49 4.70
C ILE G 209 -62.92 45.66 3.68
N PHE G 210 -61.85 46.22 3.15
CA PHE G 210 -60.91 45.45 2.33
C PHE G 210 -59.67 45.08 3.15
N ALA G 211 -59.79 43.99 3.91
CA ALA G 211 -58.72 43.55 4.82
C ALA G 211 -57.48 43.04 4.08
N SER G 212 -56.37 43.77 4.22
CA SER G 212 -55.13 43.47 3.50
C SER G 212 -54.33 42.29 4.07
N PHE G 213 -53.58 41.63 3.19
CA PHE G 213 -52.61 40.57 3.55
C PHE G 213 -53.16 39.44 4.44
N ILE G 214 -54.38 39.00 4.15
CA ILE G 214 -55.00 37.89 4.86
C ILE G 214 -54.26 36.58 4.59
N ARG G 215 -53.71 35.98 5.64
CA ARG G 215 -52.95 34.72 5.52
C ARG G 215 -53.75 33.50 5.98
N SER G 216 -54.66 33.69 6.94
CA SER G 216 -55.43 32.59 7.52
C SER G 216 -56.85 32.98 7.92
N ALA G 217 -57.67 31.97 8.21
CA ALA G 217 -59.05 32.16 8.67
C ALA G 217 -59.09 32.75 10.07
N GLU G 218 -58.06 32.42 10.88
CA GLU G 218 -57.91 32.94 12.23
C GLU G 218 -57.78 34.47 12.24
N GLN G 219 -57.07 35.00 11.24
CA GLN G 219 -56.89 36.43 11.08
C GLN G 219 -58.19 37.16 10.72
N VAL G 220 -59.01 36.54 9.87
CA VAL G 220 -60.28 37.11 9.43
C VAL G 220 -61.21 37.39 10.61
N GLY G 221 -61.31 36.42 11.52
CA GLY G 221 -62.12 36.55 12.74
C GLY G 221 -61.64 37.65 13.67
N ASP G 222 -60.31 37.81 13.73
CA ASP G 222 -59.69 38.85 14.54
C ASP G 222 -60.11 40.25 14.11
N VAL G 223 -60.30 40.43 12.80
CA VAL G 223 -60.77 41.70 12.24
C VAL G 223 -62.24 41.95 12.56
N ARG G 224 -63.05 40.88 12.57
CA ARG G 224 -64.48 40.97 12.88
C ARG G 224 -64.71 41.26 14.36
N LYS G 225 -63.94 40.59 15.22
CA LYS G 225 -64.01 40.81 16.66
C LYS G 225 -63.48 42.20 17.02
N ALA G 226 -62.48 42.66 16.26
CA ALA G 226 -61.96 44.02 16.40
C ALA G 226 -62.98 45.08 15.98
N LEU G 227 -63.89 44.72 15.08
CA LEU G 227 -64.97 45.62 14.66
C LEU G 227 -66.03 45.77 15.76
N GLY G 228 -66.08 44.79 16.66
CA GLY G 228 -67.03 44.81 17.78
C GLY G 228 -68.46 44.57 17.35
N PRO G 229 -69.41 44.77 18.29
CA PRO G 229 -70.84 44.58 18.01
C PRO G 229 -71.49 45.77 17.30
N LYS G 230 -70.81 46.92 17.31
CA LYS G 230 -71.33 48.16 16.72
C LYS G 230 -71.27 48.12 15.18
N GLY G 231 -70.36 47.33 14.64
CA GLY G 231 -70.22 47.18 13.20
C GLY G 231 -70.20 45.73 12.76
N ARG G 232 -71.26 45.01 13.10
CA ARG G 232 -71.36 43.59 12.75
C ARG G 232 -71.91 43.37 11.33
N ASP G 233 -72.62 44.35 10.80
CA ASP G 233 -73.22 44.27 9.47
C ASP G 233 -72.24 44.62 8.35
N ILE G 234 -71.22 45.43 8.69
CA ILE G 234 -70.18 45.83 7.74
C ILE G 234 -69.44 44.60 7.20
N MET G 235 -69.42 44.45 5.88
CA MET G 235 -68.84 43.29 5.20
C MET G 235 -67.31 43.28 5.27
N ILE G 236 -66.74 42.08 5.29
CA ILE G 236 -65.28 41.91 5.27
C ILE G 236 -64.83 41.22 3.98
N ILE G 237 -64.09 41.95 3.15
CA ILE G 237 -63.56 41.42 1.90
C ILE G 237 -62.06 41.16 2.06
N CYS G 238 -61.68 39.89 1.96
CA CYS G 238 -60.31 39.47 2.27
C CYS G 238 -59.36 39.48 1.08
N LYS G 239 -58.34 40.32 1.18
CA LYS G 239 -57.39 40.53 0.08
C LYS G 239 -56.29 39.48 0.08
N ILE G 240 -56.24 38.71 -1.00
CA ILE G 240 -55.22 37.68 -1.16
C ILE G 240 -54.05 38.26 -1.93
N GLU G 241 -52.91 38.36 -1.25
CA GLU G 241 -51.71 38.94 -1.85
C GLU G 241 -50.41 38.31 -1.37
N ASN G 242 -50.50 37.10 -0.83
CA ASN G 242 -49.30 36.36 -0.39
C ASN G 242 -49.43 34.85 -0.60
N HIS G 243 -48.27 34.18 -0.52
CA HIS G 243 -48.15 32.73 -0.72
C HIS G 243 -49.08 31.92 0.18
N GLN G 244 -49.10 32.26 1.47
CA GLN G 244 -49.95 31.59 2.46
C GLN G 244 -51.43 31.88 2.26
N GLY G 245 -51.75 33.12 1.89
CA GLY G 245 -53.13 33.53 1.59
C GLY G 245 -53.76 32.70 0.48
N VAL G 246 -52.96 32.33 -0.51
CA VAL G 246 -53.38 31.43 -1.57
C VAL G 246 -53.47 30.00 -1.03
N GLN G 247 -52.45 29.60 -0.27
CA GLN G 247 -52.35 28.25 0.29
C GLN G 247 -53.53 27.86 1.19
N ASN G 248 -54.11 28.84 1.88
CA ASN G 248 -55.20 28.59 2.83
C ASN G 248 -56.53 29.16 2.36
N ILE G 249 -56.78 29.13 1.06
CA ILE G 249 -57.96 29.75 0.47
C ILE G 249 -59.28 29.03 0.83
N ASP G 250 -59.19 27.72 1.06
CA ASP G 250 -60.35 26.91 1.44
C ASP G 250 -60.69 26.98 2.94
N SER G 251 -60.42 28.13 3.54
CA SER G 251 -60.79 28.42 4.93
C SER G 251 -61.11 29.90 5.09
N ILE G 252 -60.49 30.72 4.26
CA ILE G 252 -60.64 32.17 4.31
C ILE G 252 -61.98 32.64 3.72
N ILE G 253 -62.39 32.02 2.61
CA ILE G 253 -63.67 32.35 1.94
C ILE G 253 -64.86 31.99 2.82
N GLU G 254 -64.70 30.93 3.62
CA GLU G 254 -65.69 30.52 4.62
C GLU G 254 -66.01 31.67 5.58
N GLU G 255 -64.98 32.35 6.06
CA GLU G 255 -65.12 33.40 7.07
C GLU G 255 -65.44 34.78 6.51
N SER G 256 -64.96 35.06 5.30
CA SER G 256 -65.10 36.38 4.69
C SER G 256 -66.45 36.60 4.03
N ASP G 257 -66.73 37.85 3.70
CA ASP G 257 -67.94 38.21 2.94
C ASP G 257 -67.61 38.41 1.46
N GLY G 258 -66.37 38.10 1.09
CA GLY G 258 -65.91 38.23 -0.28
C GLY G 258 -64.40 38.21 -0.39
N ILE G 259 -63.90 38.02 -1.61
CA ILE G 259 -62.46 37.96 -1.84
C ILE G 259 -62.02 39.06 -2.80
N MET G 260 -60.80 39.55 -2.61
CA MET G 260 -60.16 40.41 -3.60
C MET G 260 -58.89 39.75 -4.10
N VAL G 261 -58.73 39.72 -5.42
CA VAL G 261 -57.50 39.24 -6.05
C VAL G 261 -56.56 40.44 -6.16
N ALA G 262 -55.70 40.59 -5.15
CA ALA G 262 -54.80 41.72 -5.05
C ALA G 262 -53.51 41.46 -5.82
N ARG G 263 -53.59 41.63 -7.14
CA ARG G 263 -52.51 41.28 -8.07
C ARG G 263 -51.24 42.09 -7.86
N GLY G 264 -51.40 43.31 -7.34
CA GLY G 264 -50.27 44.19 -7.05
C GLY G 264 -49.18 43.54 -6.23
N ASP G 265 -49.50 43.20 -4.98
CA ASP G 265 -48.54 42.52 -4.11
C ASP G 265 -48.36 41.05 -4.48
N LEU G 266 -49.47 40.41 -4.86
CA LEU G 266 -49.48 38.99 -5.23
C LEU G 266 -48.51 38.71 -6.37
N GLY G 267 -48.39 39.64 -7.31
CA GLY G 267 -47.48 39.52 -8.45
C GLY G 267 -46.00 39.53 -8.10
N VAL G 268 -45.67 39.88 -6.86
CA VAL G 268 -44.28 39.94 -6.40
C VAL G 268 -43.94 38.78 -5.48
N GLU G 269 -44.91 38.41 -4.64
CA GLU G 269 -44.79 37.27 -3.74
C GLU G 269 -44.79 35.98 -4.54
N ILE G 270 -45.67 35.95 -5.54
CA ILE G 270 -45.83 34.82 -6.44
C ILE G 270 -45.29 35.22 -7.80
N PRO G 271 -44.65 34.29 -8.53
CA PRO G 271 -44.18 34.60 -9.89
C PRO G 271 -45.31 35.16 -10.74
N ALA G 272 -45.04 36.28 -11.41
CA ALA G 272 -46.05 37.07 -12.15
C ALA G 272 -47.07 36.26 -12.96
N GLU G 273 -46.59 35.22 -13.63
CA GLU G 273 -47.43 34.41 -14.53
C GLU G 273 -48.43 33.51 -13.80
N LYS G 274 -48.14 33.19 -12.54
CA LYS G 274 -49.04 32.37 -11.72
C LYS G 274 -50.27 33.16 -11.28
N VAL G 275 -50.20 34.48 -11.39
CA VAL G 275 -51.30 35.37 -10.97
C VAL G 275 -52.58 35.12 -11.78
N VAL G 276 -52.42 34.88 -13.08
CA VAL G 276 -53.53 34.57 -13.98
C VAL G 276 -54.32 33.35 -13.48
N VAL G 277 -53.58 32.33 -13.04
CA VAL G 277 -54.15 31.07 -12.57
C VAL G 277 -54.87 31.27 -11.24
N ALA G 278 -54.20 31.90 -10.29
CA ALA G 278 -54.79 32.26 -9.00
C ALA G 278 -56.08 33.04 -9.19
N GLN G 279 -56.04 34.02 -10.10
CA GLN G 279 -57.22 34.81 -10.44
C GLN G 279 -58.41 33.91 -10.81
N LYS G 280 -58.16 32.93 -11.69
CA LYS G 280 -59.17 31.96 -12.11
C LYS G 280 -59.76 31.18 -10.92
N ILE G 281 -58.87 30.69 -10.04
CA ILE G 281 -59.27 29.85 -8.92
C ILE G 281 -60.11 30.61 -7.88
N LEU G 282 -59.62 31.78 -7.46
CA LEU G 282 -60.30 32.57 -6.45
C LEU G 282 -61.72 32.93 -6.90
N ILE G 283 -61.83 33.43 -8.14
CA ILE G 283 -63.10 33.90 -8.68
C ILE G 283 -64.12 32.76 -8.77
N SER G 284 -63.67 31.60 -9.26
CA SER G 284 -64.52 30.42 -9.37
C SER G 284 -65.00 29.93 -8.00
N LYS G 285 -64.07 29.75 -7.07
CA LYS G 285 -64.40 29.38 -5.70
C LYS G 285 -65.43 30.35 -5.09
N CYS G 286 -65.23 31.64 -5.33
CA CYS G 286 -66.17 32.67 -4.88
C CYS G 286 -67.53 32.56 -5.56
N ASN G 287 -67.52 32.27 -6.86
CA ASN G 287 -68.76 32.09 -7.62
C ASN G 287 -69.60 30.92 -7.06
N VAL G 288 -68.91 29.88 -6.62
CA VAL G 288 -69.54 28.68 -6.05
C VAL G 288 -70.09 28.98 -4.66
N ALA G 289 -69.33 29.72 -3.86
CA ALA G 289 -69.74 30.09 -2.51
C ALA G 289 -70.84 31.16 -2.52
N GLY G 290 -70.93 31.92 -3.61
CA GLY G 290 -71.95 32.96 -3.74
C GLY G 290 -71.55 34.25 -3.04
N LYS G 291 -70.23 34.48 -2.99
CA LYS G 291 -69.67 35.67 -2.35
C LYS G 291 -69.04 36.57 -3.40
N PRO G 292 -69.29 37.89 -3.30
CA PRO G 292 -68.73 38.86 -4.25
C PRO G 292 -67.21 38.76 -4.34
N VAL G 293 -66.69 38.75 -5.56
CA VAL G 293 -65.24 38.67 -5.77
C VAL G 293 -64.77 39.85 -6.63
N ILE G 294 -63.60 40.39 -6.27
CA ILE G 294 -63.04 41.57 -6.93
C ILE G 294 -61.70 41.27 -7.59
N CYS G 295 -61.53 41.79 -8.81
CA CYS G 295 -60.23 41.77 -9.49
C CYS G 295 -59.65 43.18 -9.46
N ALA G 296 -58.42 43.30 -8.93
CA ALA G 296 -57.82 44.61 -8.68
C ALA G 296 -56.46 44.81 -9.35
N THR G 297 -56.06 46.08 -9.43
CA THR G 297 -54.69 46.52 -9.78
C THR G 297 -54.27 46.33 -11.24
N GLN G 298 -53.91 47.45 -11.87
CA GLN G 298 -53.29 47.51 -13.20
C GLN G 298 -54.17 46.99 -14.34
N MET G 299 -55.48 47.09 -14.17
CA MET G 299 -56.43 46.65 -15.20
C MET G 299 -56.44 47.60 -16.39
N LEU G 300 -56.38 48.90 -16.11
CA LEU G 300 -56.32 49.93 -17.15
C LEU G 300 -55.21 50.93 -16.86
N GLU G 301 -54.09 50.40 -16.35
CA GLU G 301 -52.97 51.19 -15.82
C GLU G 301 -52.53 52.39 -16.66
N SER G 302 -52.37 52.20 -17.95
CA SER G 302 -51.88 53.27 -18.83
C SER G 302 -52.85 54.46 -18.96
N MET G 303 -54.13 54.23 -18.65
CA MET G 303 -55.13 55.30 -18.72
C MET G 303 -55.00 56.33 -17.59
N THR G 304 -54.03 56.11 -16.70
CA THR G 304 -53.64 57.10 -15.71
C THR G 304 -52.96 58.28 -16.42
N TYR G 305 -52.43 57.99 -17.61
CA TYR G 305 -51.65 58.96 -18.38
C TYR G 305 -52.29 59.26 -19.74
N ASN G 306 -53.08 58.32 -20.25
CA ASN G 306 -53.65 58.38 -21.60
C ASN G 306 -55.18 58.35 -21.62
N PRO G 307 -55.80 59.06 -22.59
CA PRO G 307 -57.27 59.03 -22.74
C PRO G 307 -57.83 57.68 -23.21
N ARG G 308 -56.97 56.81 -23.72
CA ARG G 308 -57.37 55.49 -24.21
C ARG G 308 -56.38 54.39 -23.77
N PRO G 309 -56.89 53.17 -23.51
CA PRO G 309 -56.06 52.08 -22.97
C PRO G 309 -55.36 51.25 -24.05
N THR G 310 -54.53 50.29 -23.62
CA THR G 310 -53.92 49.33 -24.55
C THR G 310 -54.83 48.12 -24.77
N ARG G 311 -54.47 47.29 -25.76
CA ARG G 311 -55.23 46.10 -26.10
C ARG G 311 -55.16 45.07 -24.99
N ALA G 312 -54.01 45.01 -24.30
CA ALA G 312 -53.84 44.13 -23.16
C ALA G 312 -54.80 44.50 -22.03
N GLU G 313 -54.89 45.80 -21.74
CA GLU G 313 -55.75 46.31 -20.68
C GLU G 313 -57.24 46.01 -20.92
N VAL G 314 -57.71 46.27 -22.15
CA VAL G 314 -59.08 45.99 -22.56
C VAL G 314 -59.37 44.50 -22.43
N SER G 315 -58.45 43.69 -22.95
CA SER G 315 -58.49 42.23 -22.85
C SER G 315 -58.57 41.77 -21.38
N ASP G 316 -57.77 42.40 -20.52
CA ASP G 316 -57.67 42.04 -19.11
C ASP G 316 -58.98 42.27 -18.35
N VAL G 317 -59.64 43.40 -18.64
CA VAL G 317 -60.90 43.76 -17.98
C VAL G 317 -62.02 42.81 -18.39
N ALA G 318 -62.12 42.53 -19.68
CA ALA G 318 -63.13 41.62 -20.21
C ALA G 318 -62.97 40.21 -19.66
N ASN G 319 -61.71 39.78 -19.52
CA ASN G 319 -61.39 38.44 -19.05
C ASN G 319 -61.69 38.21 -17.58
N ALA G 320 -61.64 39.28 -16.79
CA ALA G 320 -62.05 39.23 -15.39
C ALA G 320 -63.56 38.99 -15.31
N VAL G 321 -64.31 39.66 -16.19
CA VAL G 321 -65.75 39.44 -16.31
C VAL G 321 -66.05 38.02 -16.79
N PHE G 322 -65.25 37.54 -17.75
CA PHE G 322 -65.39 36.17 -18.24
C PHE G 322 -65.06 35.14 -17.17
N ASN G 323 -64.17 35.50 -16.25
CA ASN G 323 -63.79 34.65 -15.14
C ASN G 323 -64.93 34.52 -14.15
N GLY G 324 -65.79 35.55 -14.10
CA GLY G 324 -66.98 35.53 -13.29
C GLY G 324 -66.88 36.48 -12.11
N ALA G 325 -66.02 37.49 -12.24
CA ALA G 325 -65.84 38.50 -11.20
C ALA G 325 -67.07 39.38 -11.13
N ASP G 326 -67.45 39.75 -9.90
CA ASP G 326 -68.56 40.68 -9.70
C ASP G 326 -68.10 42.09 -9.97
N CYS G 327 -66.91 42.41 -9.46
CA CYS G 327 -66.36 43.77 -9.50
C CYS G 327 -65.01 43.85 -10.19
N VAL G 328 -64.75 45.01 -10.75
CA VAL G 328 -63.46 45.34 -11.35
C VAL G 328 -62.99 46.63 -10.70
N MET G 329 -61.71 46.67 -10.34
CA MET G 329 -61.18 47.79 -9.55
C MET G 329 -60.24 48.71 -10.34
N LEU G 330 -60.17 49.96 -9.90
CA LEU G 330 -59.23 50.94 -10.41
C LEU G 330 -58.48 51.53 -9.24
N SER G 331 -57.18 51.25 -9.14
CA SER G 331 -56.33 51.80 -8.09
C SER G 331 -55.78 53.18 -8.48
N GLY G 332 -54.49 53.24 -8.81
CA GLY G 332 -53.83 54.48 -9.20
C GLY G 332 -54.47 55.26 -10.34
N GLU G 333 -55.21 54.55 -11.19
CA GLU G 333 -55.90 55.13 -12.36
C GLU G 333 -56.89 56.25 -12.00
N THR G 334 -57.56 56.09 -10.86
CA THR G 334 -58.53 57.07 -10.37
C THR G 334 -58.00 57.91 -9.20
N ALA G 335 -57.16 57.30 -8.36
CA ALA G 335 -56.59 57.97 -7.18
C ALA G 335 -55.67 59.14 -7.56
N LYS G 336 -54.68 58.87 -8.40
CA LYS G 336 -53.77 59.93 -8.87
C LYS G 336 -53.75 60.06 -10.40
N GLY G 337 -54.88 59.73 -11.03
CA GLY G 337 -54.98 59.71 -12.48
C GLY G 337 -55.17 61.07 -13.14
N LYS G 338 -55.00 61.09 -14.46
CA LYS G 338 -55.24 62.28 -15.27
C LYS G 338 -56.59 62.23 -15.99
N TYR G 339 -57.11 61.02 -16.18
CA TYR G 339 -58.39 60.83 -16.86
C TYR G 339 -59.36 60.04 -15.98
N PRO G 340 -60.03 60.74 -15.04
CA PRO G 340 -60.88 60.09 -14.03
C PRO G 340 -62.18 59.51 -14.59
N ASN G 341 -62.93 60.32 -15.34
CA ASN G 341 -64.22 59.91 -15.88
C ASN G 341 -64.07 58.94 -17.04
N GLU G 342 -63.10 59.22 -17.90
CA GLU G 342 -62.84 58.44 -19.10
C GLU G 342 -62.51 56.98 -18.78
N VAL G 343 -61.66 56.77 -17.77
CA VAL G 343 -61.22 55.43 -17.38
C VAL G 343 -62.39 54.56 -16.89
N VAL G 344 -63.33 55.18 -16.19
CA VAL G 344 -64.53 54.48 -15.73
C VAL G 344 -65.49 54.23 -16.90
N GLN G 345 -65.68 55.26 -17.74
CA GLN G 345 -66.52 55.14 -18.94
C GLN G 345 -66.04 54.04 -19.88
N TYR G 346 -64.72 53.91 -20.00
CA TYR G 346 -64.13 52.84 -20.80
C TYR G 346 -64.33 51.47 -20.14
N MET G 347 -64.07 51.40 -18.83
CA MET G 347 -64.27 50.16 -18.07
C MET G 347 -65.72 49.68 -18.13
N ALA G 348 -66.66 50.63 -18.10
CA ALA G 348 -68.09 50.31 -18.22
C ALA G 348 -68.42 49.81 -19.63
N ARG G 349 -67.84 50.45 -20.64
CA ARG G 349 -68.01 50.09 -22.04
C ARG G 349 -67.50 48.67 -22.30
N ILE G 350 -66.36 48.34 -21.69
CA ILE G 350 -65.71 47.03 -21.85
C ILE G 350 -66.50 45.91 -21.15
N CYS G 351 -66.97 46.17 -19.93
CA CYS G 351 -67.77 45.20 -19.17
C CYS G 351 -69.09 44.87 -19.89
N LEU G 352 -69.73 45.89 -20.44
CA LEU G 352 -70.99 45.74 -21.19
C LEU G 352 -70.80 44.84 -22.42
N GLU G 353 -69.66 45.00 -23.09
CA GLU G 353 -69.34 44.20 -24.27
C GLU G 353 -68.99 42.76 -23.92
N ALA G 354 -68.34 42.57 -22.78
CA ALA G 354 -68.00 41.24 -22.28
C ALA G 354 -69.26 40.47 -21.90
N GLN G 355 -70.20 41.17 -21.28
CA GLN G 355 -71.50 40.64 -20.87
C GLN G 355 -72.28 40.06 -22.05
N SER G 356 -72.21 40.75 -23.19
CA SER G 356 -72.90 40.34 -24.41
C SER G 356 -72.33 39.05 -25.00
N ALA G 357 -71.02 38.87 -24.84
CA ALA G 357 -70.33 37.68 -25.30
C ALA G 357 -70.35 36.57 -24.25
N LEU G 358 -70.67 36.94 -23.02
CA LEU G 358 -70.71 36.00 -21.90
C LEU G 358 -71.85 35.01 -22.07
N ASN G 359 -71.56 33.74 -21.78
CA ASN G 359 -72.56 32.68 -21.87
C ASN G 359 -73.22 32.46 -20.49
N GLU G 360 -74.25 33.24 -20.22
CA GLU G 360 -74.93 33.23 -18.91
C GLU G 360 -75.60 31.91 -18.58
N TYR G 361 -76.21 31.29 -19.59
CA TYR G 361 -76.95 30.04 -19.40
C TYR G 361 -76.06 28.85 -19.01
N VAL G 362 -74.87 28.77 -19.59
CA VAL G 362 -73.87 27.75 -19.21
C VAL G 362 -73.30 28.05 -17.82
N PHE G 363 -72.99 29.32 -17.57
CA PHE G 363 -72.57 29.77 -16.25
C PHE G 363 -73.58 29.34 -15.18
N PHE G 364 -74.86 29.61 -15.45
CA PHE G 364 -75.96 29.21 -14.58
C PHE G 364 -75.97 27.70 -14.27
N ASN G 365 -76.02 26.86 -15.31
CA ASN G 365 -76.10 25.41 -15.11
C ASN G 365 -74.87 24.83 -14.42
N SER G 366 -73.72 25.46 -14.64
CA SER G 366 -72.44 25.05 -14.06
C SER G 366 -72.38 25.23 -12.53
N ILE G 367 -72.90 26.36 -12.05
CA ILE G 367 -72.97 26.62 -10.60
C ILE G 367 -73.89 25.61 -9.92
N LYS G 368 -75.09 25.41 -10.48
CA LYS G 368 -76.08 24.46 -9.95
C LYS G 368 -75.47 23.06 -9.76
N LYS G 369 -74.66 22.64 -10.73
CA LYS G 369 -73.98 21.34 -10.71
C LYS G 369 -73.05 21.18 -9.51
N LEU G 370 -72.48 22.29 -9.06
CA LEU G 370 -71.43 22.26 -8.05
C LEU G 370 -71.95 22.33 -6.62
N GLN G 371 -73.17 22.83 -6.46
CA GLN G 371 -73.79 22.94 -5.13
C GLN G 371 -74.15 21.56 -4.60
N HIS G 372 -73.91 21.36 -3.31
CA HIS G 372 -74.27 20.11 -2.62
C HIS G 372 -75.79 19.97 -2.51
N ILE G 373 -76.27 18.75 -2.75
CA ILE G 373 -77.70 18.43 -2.69
C ILE G 373 -77.98 17.57 -1.44
N PRO G 374 -79.03 17.92 -0.66
CA PRO G 374 -80.03 18.95 -0.94
C PRO G 374 -79.59 20.37 -0.61
N MET G 375 -80.07 21.31 -1.41
CA MET G 375 -79.90 22.73 -1.14
C MET G 375 -81.01 23.15 -0.20
N SER G 376 -80.90 24.34 0.39
CA SER G 376 -81.97 24.91 1.21
C SER G 376 -83.10 25.38 0.30
N ALA G 377 -84.32 25.40 0.85
CA ALA G 377 -85.50 25.88 0.13
C ALA G 377 -85.30 27.32 -0.36
N ASP G 378 -84.49 28.06 0.39
CA ASP G 378 -84.02 29.39 0.02
C ASP G 378 -83.29 29.34 -1.32
N GLU G 379 -82.20 28.56 -1.35
CA GLU G 379 -81.33 28.45 -2.53
C GLU G 379 -82.03 27.83 -3.73
N ALA G 380 -82.81 26.79 -3.50
CA ALA G 380 -83.56 26.10 -4.57
C ALA G 380 -84.55 27.02 -5.27
N VAL G 381 -85.18 27.92 -4.51
CA VAL G 381 -86.13 28.89 -5.06
C VAL G 381 -85.42 29.85 -6.03
N CYS G 382 -84.30 30.42 -5.60
CA CYS G 382 -83.49 31.31 -6.45
C CYS G 382 -82.97 30.58 -7.69
N SER G 383 -82.48 29.37 -7.48
CA SER G 383 -82.03 28.50 -8.57
C SER G 383 -83.13 28.22 -9.58
N SER G 384 -84.31 27.82 -9.07
CA SER G 384 -85.47 27.54 -9.91
C SER G 384 -86.07 28.81 -10.52
N ALA G 385 -85.82 29.95 -9.88
CA ALA G 385 -86.32 31.23 -10.37
C ALA G 385 -85.55 31.68 -11.60
N VAL G 386 -84.23 31.54 -11.54
CA VAL G 386 -83.37 31.81 -12.67
C VAL G 386 -83.72 30.82 -13.79
N ASN G 387 -83.88 29.55 -13.45
CA ASN G 387 -84.32 28.53 -14.40
C ASN G 387 -85.56 28.99 -15.18
N SER G 388 -86.58 29.45 -14.44
CA SER G 388 -87.83 29.97 -15.00
C SER G 388 -87.62 31.12 -15.98
N VAL G 389 -86.61 31.95 -15.73
CA VAL G 389 -86.30 33.10 -16.57
C VAL G 389 -85.88 32.64 -17.96
N TYR G 390 -84.89 31.75 -18.02
CA TYR G 390 -84.42 31.17 -19.28
C TYR G 390 -85.54 30.45 -20.04
N GLU G 391 -86.30 29.65 -19.31
CA GLU G 391 -87.41 28.88 -19.88
C GLU G 391 -88.54 29.74 -20.44
N THR G 392 -88.71 30.93 -19.87
CA THR G 392 -89.84 31.81 -20.22
C THR G 392 -89.37 33.05 -20.99
N LYS G 393 -88.06 33.22 -21.11
CA LYS G 393 -87.44 34.43 -21.65
C LYS G 393 -87.91 35.71 -20.95
N ALA G 394 -87.89 35.69 -19.61
CA ALA G 394 -88.25 36.85 -18.79
C ALA G 394 -87.24 37.98 -18.97
N LYS G 395 -87.69 39.22 -18.81
CA LYS G 395 -86.80 40.36 -19.01
C LYS G 395 -86.43 41.05 -17.69
N ALA G 396 -86.98 40.54 -16.59
CA ALA G 396 -86.72 41.08 -15.25
C ALA G 396 -86.94 40.08 -14.13
N MET G 397 -86.26 40.31 -13.02
CA MET G 397 -86.48 39.60 -11.76
C MET G 397 -86.72 40.63 -10.68
N VAL G 398 -87.60 40.31 -9.74
CA VAL G 398 -87.81 41.14 -8.54
C VAL G 398 -87.67 40.26 -7.31
N VAL G 399 -86.74 40.63 -6.43
CA VAL G 399 -86.52 39.93 -5.18
C VAL G 399 -86.60 40.89 -3.99
N LEU G 400 -87.47 40.58 -3.04
CA LEU G 400 -87.54 41.34 -1.80
C LEU G 400 -86.42 40.86 -0.89
N SER G 401 -85.66 41.82 -0.35
CA SER G 401 -84.54 41.50 0.54
C SER G 401 -84.18 42.68 1.43
N ASN G 402 -84.27 42.46 2.75
CA ASN G 402 -83.91 43.46 3.74
C ASN G 402 -82.43 43.46 4.05
N THR G 403 -81.82 42.26 4.06
CA THR G 403 -80.41 42.10 4.43
C THR G 403 -79.46 41.99 3.23
N GLY G 404 -80.00 41.56 2.08
CA GLY G 404 -79.22 41.41 0.86
C GLY G 404 -78.83 39.97 0.56
N ARG G 405 -79.06 39.09 1.53
CA ARG G 405 -78.73 37.66 1.40
C ARG G 405 -79.49 37.01 0.26
N SER G 406 -80.78 37.33 0.14
CA SER G 406 -81.62 36.81 -0.95
C SER G 406 -81.23 37.39 -2.30
N ALA G 407 -80.85 38.67 -2.30
CA ALA G 407 -80.37 39.33 -3.52
C ALA G 407 -79.11 38.68 -4.05
N ARG G 408 -78.17 38.38 -3.16
CA ARG G 408 -76.90 37.74 -3.53
C ARG G 408 -77.09 36.31 -4.02
N LEU G 409 -78.12 35.65 -3.49
CA LEU G 409 -78.41 34.25 -3.81
C LEU G 409 -78.88 34.10 -5.25
N VAL G 410 -79.79 34.97 -5.69
CA VAL G 410 -80.26 34.96 -7.08
C VAL G 410 -79.16 35.41 -8.03
N ALA G 411 -78.40 36.42 -7.61
CA ALA G 411 -77.24 36.92 -8.36
C ALA G 411 -76.18 35.83 -8.57
N LYS G 412 -76.10 34.91 -7.61
CA LYS G 412 -75.20 33.76 -7.65
C LYS G 412 -75.49 32.81 -8.81
N TYR G 413 -76.75 32.75 -9.25
CA TYR G 413 -77.14 31.82 -10.31
C TYR G 413 -77.28 32.46 -11.69
N ARG G 414 -76.79 33.68 -11.83
CA ARG G 414 -76.62 34.34 -13.13
C ARG G 414 -77.80 34.24 -14.10
N PRO G 415 -78.90 34.94 -13.80
CA PRO G 415 -79.96 35.09 -14.80
C PRO G 415 -79.52 35.98 -15.95
N ASN G 416 -80.15 35.83 -17.12
CA ASN G 416 -79.77 36.64 -18.29
C ASN G 416 -80.60 37.92 -18.43
N CYS G 417 -81.00 38.48 -17.29
CA CYS G 417 -81.76 39.72 -17.24
C CYS G 417 -81.45 40.44 -15.92
N PRO G 418 -81.76 41.74 -15.84
CA PRO G 418 -81.58 42.51 -14.60
C PRO G 418 -82.27 41.90 -13.38
N ILE G 419 -81.62 42.04 -12.23
CA ILE G 419 -82.24 41.72 -10.94
C ILE G 419 -82.59 43.03 -10.23
N VAL G 420 -83.84 43.14 -9.80
CA VAL G 420 -84.32 44.31 -9.08
C VAL G 420 -84.59 43.93 -7.62
N CYS G 421 -83.75 44.42 -6.73
CA CYS G 421 -83.90 44.14 -5.30
C CYS G 421 -84.66 45.28 -4.63
N VAL G 422 -85.86 44.97 -4.16
CA VAL G 422 -86.65 45.93 -3.41
C VAL G 422 -86.30 45.76 -1.94
N THR G 423 -85.70 46.80 -1.36
CA THR G 423 -85.20 46.72 0.01
C THR G 423 -85.70 47.85 0.92
N THR G 424 -85.87 47.52 2.20
CA THR G 424 -86.37 48.46 3.20
C THR G 424 -85.25 49.14 3.98
N ARG G 425 -84.01 48.90 3.55
CA ARG G 425 -82.84 49.42 4.24
C ARG G 425 -81.87 50.10 3.28
N LEU G 426 -81.19 51.12 3.78
CA LEU G 426 -80.34 51.98 2.95
C LEU G 426 -78.95 51.38 2.69
N GLN G 427 -78.40 50.71 3.70
CA GLN G 427 -77.07 50.09 3.60
C GLN G 427 -77.09 48.91 2.64
N THR G 428 -78.22 48.22 2.59
CA THR G 428 -78.44 47.10 1.66
C THR G 428 -78.25 47.54 0.21
N CYS G 429 -78.71 48.75 -0.12
CA CYS G 429 -78.51 49.34 -1.45
C CYS G 429 -77.03 49.55 -1.77
N ARG G 430 -76.26 49.94 -0.76
CA ARG G 430 -74.83 50.23 -0.92
C ARG G 430 -73.99 48.96 -0.94
N GLN G 431 -74.30 48.03 -0.04
CA GLN G 431 -73.58 46.76 0.05
C GLN G 431 -73.80 45.83 -1.15
N LEU G 432 -74.92 46.03 -1.85
CA LEU G 432 -75.22 45.27 -3.07
C LEU G 432 -74.49 45.80 -4.31
N ASN G 433 -73.83 46.96 -4.16
CA ASN G 433 -73.00 47.53 -5.22
C ASN G 433 -71.73 46.70 -5.51
N ILE G 434 -71.50 45.66 -4.72
CA ILE G 434 -70.40 44.72 -5.01
C ILE G 434 -70.85 43.35 -5.52
N THR G 435 -72.16 43.13 -5.59
CA THR G 435 -72.70 41.94 -6.25
C THR G 435 -73.18 42.33 -7.65
N GLN G 436 -72.82 41.51 -8.64
CA GLN G 436 -73.11 41.78 -10.04
C GLN G 436 -74.61 41.60 -10.38
N GLY G 437 -75.06 42.37 -11.37
CA GLY G 437 -76.38 42.19 -11.98
C GLY G 437 -77.57 42.63 -11.14
N VAL G 438 -77.29 43.32 -10.04
CA VAL G 438 -78.32 43.71 -9.08
C VAL G 438 -78.52 45.22 -9.09
N GLU G 439 -79.78 45.64 -9.13
CA GLU G 439 -80.13 47.04 -8.90
C GLU G 439 -81.13 47.14 -7.76
N SER G 440 -80.83 48.05 -6.83
CA SER G 440 -81.59 48.14 -5.59
C SER G 440 -82.59 49.30 -5.60
N VAL G 441 -83.80 49.03 -5.10
CA VAL G 441 -84.84 50.04 -4.95
C VAL G 441 -85.20 50.17 -3.48
N PHE G 442 -85.24 51.42 -2.98
CA PHE G 442 -85.58 51.67 -1.59
C PHE G 442 -87.09 51.77 -1.36
N PHE G 443 -87.55 51.11 -0.29
CA PHE G 443 -88.93 51.15 0.14
C PHE G 443 -88.94 51.51 1.64
N ASP G 444 -89.62 52.60 2.00
CA ASP G 444 -89.60 53.08 3.37
C ASP G 444 -90.75 52.50 4.20
N ALA G 445 -90.43 51.48 5.00
CA ALA G 445 -91.41 50.75 5.80
C ALA G 445 -92.04 51.58 6.94
N ASP G 446 -91.40 52.69 7.31
CA ASP G 446 -91.92 53.56 8.35
C ASP G 446 -93.13 54.36 7.87
N LYS G 447 -93.02 54.96 6.68
CA LYS G 447 -94.10 55.79 6.13
C LYS G 447 -95.04 55.09 5.15
N LEU G 448 -94.75 53.83 4.83
CA LEU G 448 -95.61 53.07 3.92
C LEU G 448 -96.12 51.73 4.47
N GLY G 449 -95.57 51.31 5.61
CA GLY G 449 -95.95 50.05 6.25
C GLY G 449 -94.94 48.95 6.00
N HIS G 450 -95.03 47.89 6.80
CA HIS G 450 -94.08 46.77 6.72
C HIS G 450 -94.33 45.82 5.54
N ASP G 451 -95.44 46.06 4.85
CA ASP G 451 -95.80 45.38 3.59
C ASP G 451 -95.89 43.86 3.69
N GLU G 452 -96.92 43.39 4.41
CA GLU G 452 -97.35 42.00 4.33
C GLU G 452 -98.38 41.90 3.22
N GLY G 453 -98.31 40.81 2.45
CA GLY G 453 -99.05 40.73 1.20
C GLY G 453 -98.09 41.02 0.06
N LYS G 454 -97.04 41.78 0.39
CA LYS G 454 -95.85 41.96 -0.44
C LYS G 454 -96.04 42.80 -1.71
N GLU G 455 -97.28 43.08 -2.08
CA GLU G 455 -97.61 43.69 -3.38
C GLU G 455 -97.01 45.08 -3.62
N HIS G 456 -97.00 45.92 -2.59
CA HIS G 456 -96.50 47.29 -2.70
C HIS G 456 -95.01 47.34 -3.08
N ARG G 457 -94.22 46.46 -2.47
CA ARG G 457 -92.79 46.33 -2.78
C ARG G 457 -92.58 45.76 -4.18
N VAL G 458 -93.32 44.71 -4.51
CA VAL G 458 -93.27 44.08 -5.83
C VAL G 458 -93.55 45.12 -6.93
N ALA G 459 -94.66 45.85 -6.77
CA ALA G 459 -95.10 46.87 -7.72
C ALA G 459 -94.05 47.96 -7.98
N ALA G 460 -93.38 48.41 -6.92
CA ALA G 460 -92.29 49.39 -7.03
C ALA G 460 -91.12 48.80 -7.82
N GLY G 461 -90.83 47.53 -7.59
CA GLY G 461 -89.75 46.83 -8.28
C GLY G 461 -90.06 46.67 -9.76
N VAL G 462 -91.32 46.38 -10.05
CA VAL G 462 -91.81 46.26 -11.42
C VAL G 462 -91.83 47.63 -12.10
N GLU G 463 -92.26 48.65 -11.37
CA GLU G 463 -92.26 50.02 -11.89
C GLU G 463 -90.85 50.51 -12.23
N PHE G 464 -89.90 50.24 -11.34
CA PHE G 464 -88.50 50.61 -11.57
C PHE G 464 -87.99 49.99 -12.86
N ALA G 465 -88.37 48.74 -13.11
CA ALA G 465 -87.96 48.00 -14.30
C ALA G 465 -88.57 48.61 -15.56
N LYS G 466 -89.82 49.06 -15.45
CA LYS G 466 -90.52 49.75 -16.52
C LYS G 466 -89.84 51.07 -16.86
N SER G 467 -89.47 51.83 -15.83
CA SER G 467 -88.82 53.14 -15.98
C SER G 467 -87.45 53.03 -16.64
N LYS G 468 -86.74 51.94 -16.39
CA LYS G 468 -85.42 51.69 -16.98
C LYS G 468 -85.55 51.02 -18.34
N GLY G 469 -86.76 50.64 -18.71
CA GLY G 469 -87.05 50.02 -20.00
C GLY G 469 -86.63 48.57 -20.09
N TYR G 470 -86.70 47.87 -18.96
CA TYR G 470 -86.41 46.43 -18.93
C TYR G 470 -87.61 45.60 -19.38
N VAL G 471 -88.79 45.95 -18.88
CA VAL G 471 -90.04 45.28 -19.25
C VAL G 471 -91.04 46.26 -19.86
N GLN G 472 -91.78 45.79 -20.85
CA GLN G 472 -92.94 46.51 -21.37
C GLN G 472 -94.19 45.73 -21.04
N THR G 473 -95.34 46.35 -21.27
CA THR G 473 -96.62 45.68 -21.20
C THR G 473 -96.56 44.35 -21.96
N GLY G 474 -96.86 43.26 -21.26
CA GLY G 474 -96.90 41.93 -21.86
C GLY G 474 -95.66 41.08 -21.63
N ASP G 475 -94.56 41.71 -21.21
CA ASP G 475 -93.33 40.99 -20.88
C ASP G 475 -93.52 40.19 -19.60
N TYR G 476 -92.75 39.11 -19.47
CA TYR G 476 -92.78 38.31 -18.26
C TYR G 476 -91.81 38.82 -17.21
N CYS G 477 -92.17 38.61 -15.94
CA CYS G 477 -91.35 38.99 -14.82
C CYS G 477 -91.36 37.88 -13.77
N VAL G 478 -90.19 37.54 -13.26
CA VAL G 478 -90.08 36.53 -12.20
C VAL G 478 -89.87 37.21 -10.84
N VAL G 479 -90.76 36.90 -9.91
CA VAL G 479 -90.79 37.57 -8.61
C VAL G 479 -90.54 36.60 -7.45
N ILE G 480 -89.62 36.97 -6.56
CA ILE G 480 -89.21 36.12 -5.43
C ILE G 480 -89.45 36.79 -4.08
N HIS G 481 -90.21 36.12 -3.22
CA HIS G 481 -90.37 36.49 -1.81
C HIS G 481 -91.05 35.34 -1.06
N ALA G 482 -91.40 35.57 0.21
CA ALA G 482 -92.08 34.56 1.00
C ALA G 482 -93.59 34.60 0.75
N ASP G 483 -94.25 33.51 1.09
CA ASP G 483 -95.71 33.48 1.13
C ASP G 483 -96.21 34.24 2.37
N HIS G 484 -97.36 33.86 2.90
CA HIS G 484 -97.97 34.59 4.01
C HIS G 484 -97.53 34.09 5.39
N LYS G 485 -97.03 32.86 5.44
CA LYS G 485 -96.60 32.22 6.69
C LYS G 485 -95.11 32.42 6.95
N VAL G 486 -94.30 32.20 5.91
CA VAL G 486 -92.85 32.11 6.05
C VAL G 486 -92.17 33.42 6.45
N LYS G 487 -91.38 33.35 7.52
CA LYS G 487 -90.57 34.48 7.98
C LYS G 487 -89.08 34.15 7.95
N GLY G 488 -88.27 35.10 7.46
CA GLY G 488 -86.82 34.96 7.47
C GLY G 488 -86.18 34.80 6.11
N TYR G 489 -86.87 34.09 5.22
CA TYR G 489 -86.37 33.80 3.87
C TYR G 489 -87.49 33.77 2.84
N ALA G 490 -87.10 33.73 1.57
CA ALA G 490 -88.05 33.65 0.45
C ALA G 490 -88.24 32.20 0.00
N ASN G 491 -89.48 31.72 0.06
CA ASN G 491 -89.78 30.33 -0.28
C ASN G 491 -90.69 30.18 -1.50
N GLN G 492 -90.87 31.27 -2.24
CA GLN G 492 -91.88 31.33 -3.29
C GLN G 492 -91.38 32.06 -4.52
N THR G 493 -91.67 31.50 -5.69
CA THR G 493 -91.43 32.17 -6.97
C THR G 493 -92.75 32.37 -7.68
N ARG G 494 -92.84 33.42 -8.48
CA ARG G 494 -94.01 33.65 -9.32
C ARG G 494 -93.62 34.33 -10.62
N ILE G 495 -94.24 33.89 -11.71
CA ILE G 495 -94.05 34.52 -13.01
C ILE G 495 -95.28 35.37 -13.31
N LEU G 496 -95.09 36.69 -13.33
CA LEU G 496 -96.19 37.58 -13.67
C LEU G 496 -95.97 38.41 -14.94
N LEU G 497 -97.10 38.64 -15.61
CA LEU G 497 -97.19 39.42 -16.82
C LEU G 497 -97.26 40.88 -16.40
N VAL G 498 -96.30 41.70 -16.85
CA VAL G 498 -96.32 43.11 -16.47
C VAL G 498 -97.27 43.91 -17.36
N GLU G 499 -98.00 44.83 -16.75
CA GLU G 499 -98.98 45.66 -17.43
C GLU G 499 -98.33 46.90 -18.03
N SER H 2 -74.81 8.13 -18.58
CA SER H 2 -75.34 7.21 -19.63
C SER H 2 -76.21 6.12 -19.02
N GLN H 3 -77.08 5.53 -19.85
CA GLN H 3 -77.91 4.40 -19.45
C GLN H 3 -77.06 3.23 -18.94
N LEU H 4 -75.97 2.95 -19.65
CA LEU H 4 -75.08 1.84 -19.31
C LEU H 4 -74.40 2.04 -17.95
N ALA H 5 -73.94 3.26 -17.67
CA ALA H 5 -73.35 3.59 -16.37
C ALA H 5 -74.39 3.48 -15.25
N HIS H 6 -75.60 3.95 -15.53
CA HIS H 6 -76.71 3.91 -14.56
C HIS H 6 -77.09 2.47 -14.21
N ASN H 7 -77.05 1.59 -15.21
CA ASN H 7 -77.39 0.17 -15.01
C ASN H 7 -76.50 -0.54 -14.00
N LEU H 8 -75.24 -0.11 -13.93
CA LEU H 8 -74.26 -0.71 -13.03
C LEU H 8 -74.54 -0.37 -11.56
N THR H 9 -75.17 0.79 -11.35
CA THR H 9 -75.51 1.26 -10.01
C THR H 9 -76.81 0.64 -9.49
N LEU H 10 -77.56 -0.02 -10.37
CA LEU H 10 -78.83 -0.64 -10.00
C LEU H 10 -78.60 -1.89 -9.15
N SER H 11 -79.50 -2.13 -8.21
CA SER H 11 -79.46 -3.33 -7.38
C SER H 11 -80.86 -3.90 -7.21
N ILE H 12 -80.93 -5.23 -7.07
CA ILE H 12 -82.22 -5.94 -7.03
C ILE H 12 -82.81 -6.04 -5.61
N PHE H 13 -81.97 -5.80 -4.60
CA PHE H 13 -82.31 -6.07 -3.21
C PHE H 13 -82.98 -4.90 -2.48
N ASP H 14 -82.65 -3.69 -2.89
CA ASP H 14 -83.11 -2.47 -2.23
C ASP H 14 -84.60 -2.24 -2.46
N PRO H 15 -85.40 -2.18 -1.36
CA PRO H 15 -86.87 -2.05 -1.36
C PRO H 15 -87.42 -1.09 -2.42
N VAL H 16 -88.62 -1.41 -2.90
CA VAL H 16 -89.30 -0.59 -3.91
C VAL H 16 -89.88 0.70 -3.31
N ALA H 17 -90.49 1.53 -4.17
CA ALA H 17 -91.04 2.81 -3.77
C ALA H 17 -92.37 2.68 -3.00
N ASN H 18 -92.69 3.71 -2.22
CA ASN H 18 -93.95 3.77 -1.47
C ASN H 18 -95.17 4.20 -2.31
N TYR H 19 -94.93 4.39 -3.61
CA TYR H 19 -95.99 4.72 -4.57
C TYR H 19 -95.68 4.15 -5.96
N ARG H 20 -96.72 3.68 -6.64
CA ARG H 20 -96.64 3.19 -8.00
C ARG H 20 -97.16 4.27 -8.95
N ALA H 21 -96.28 4.77 -9.82
CA ALA H 21 -96.60 5.86 -10.76
C ALA H 21 -97.51 5.44 -11.92
N ALA H 22 -97.22 4.28 -12.52
CA ALA H 22 -98.00 3.74 -13.65
C ALA H 22 -99.41 3.33 -13.28
N ARG H 23 -100.31 3.38 -14.26
CA ARG H 23 -101.73 3.15 -14.05
C ARG H 23 -102.17 1.90 -14.81
N ILE H 24 -103.16 1.19 -14.26
CA ILE H 24 -103.64 -0.07 -14.84
C ILE H 24 -105.06 0.05 -15.39
N ILE H 25 -105.21 -0.25 -16.67
CA ILE H 25 -106.53 -0.33 -17.31
C ILE H 25 -106.89 -1.79 -17.57
N CYS H 26 -108.08 -2.18 -17.12
CA CYS H 26 -108.62 -3.52 -17.32
C CYS H 26 -109.87 -3.43 -18.18
N THR H 27 -109.98 -4.30 -19.19
CA THR H 27 -111.24 -4.37 -19.93
C THR H 27 -112.23 -5.34 -19.28
N ILE H 28 -113.44 -4.85 -19.04
CA ILE H 28 -114.43 -5.58 -18.27
C ILE H 28 -115.28 -6.47 -19.18
N GLY H 29 -115.42 -7.73 -18.80
CA GLY H 29 -116.24 -8.69 -19.53
C GLY H 29 -116.92 -9.66 -18.58
N PRO H 30 -117.35 -10.83 -19.09
CA PRO H 30 -118.04 -11.88 -18.32
C PRO H 30 -117.33 -12.33 -17.04
N SER H 31 -116.00 -12.28 -17.04
CA SER H 31 -115.21 -12.69 -15.88
C SER H 31 -115.21 -11.64 -14.76
N THR H 32 -115.43 -10.38 -15.12
CA THR H 32 -115.25 -9.27 -14.18
C THR H 32 -116.36 -8.20 -14.17
N GLN H 33 -117.59 -8.57 -14.52
CA GLN H 33 -118.69 -7.61 -14.58
C GLN H 33 -119.45 -7.45 -13.26
N SER H 34 -119.36 -8.45 -12.38
CA SER H 34 -119.98 -8.36 -11.07
C SER H 34 -119.31 -7.27 -10.22
N VAL H 35 -120.10 -6.66 -9.33
CA VAL H 35 -119.62 -5.64 -8.40
C VAL H 35 -118.48 -6.16 -7.50
N GLU H 36 -118.57 -7.44 -7.10
CA GLU H 36 -117.56 -8.07 -6.24
C GLU H 36 -116.22 -8.29 -6.96
N ALA H 37 -116.28 -8.76 -8.20
CA ALA H 37 -115.09 -8.95 -9.04
C ALA H 37 -114.48 -7.61 -9.46
N LEU H 38 -115.33 -6.59 -9.59
CA LEU H 38 -114.87 -5.22 -9.87
C LEU H 38 -114.13 -4.62 -8.67
N LYS H 39 -114.64 -4.89 -7.47
CA LYS H 39 -113.99 -4.49 -6.22
C LYS H 39 -112.61 -5.13 -6.08
N GLY H 40 -112.55 -6.44 -6.30
CA GLY H 40 -111.29 -7.19 -6.29
C GLY H 40 -110.26 -6.65 -7.28
N LEU H 41 -110.75 -6.17 -8.43
CA LEU H 41 -109.92 -5.48 -9.40
C LEU H 41 -109.37 -4.15 -8.87
N ILE H 42 -110.24 -3.35 -8.25
CA ILE H 42 -109.84 -2.06 -7.67
C ILE H 42 -108.75 -2.25 -6.60
N GLN H 43 -109.00 -3.16 -5.66
CA GLN H 43 -108.04 -3.46 -4.59
C GLN H 43 -106.73 -4.03 -5.11
N SER H 44 -106.80 -4.77 -6.22
CA SER H 44 -105.60 -5.31 -6.86
C SER H 44 -104.80 -4.19 -7.52
N GLY H 45 -105.51 -3.16 -7.98
CA GLY H 45 -104.89 -1.96 -8.51
C GLY H 45 -105.36 -1.53 -9.88
N MET H 46 -106.67 -1.66 -10.12
CA MET H 46 -107.29 -1.10 -11.32
C MET H 46 -107.64 0.37 -11.10
N SER H 47 -107.38 1.19 -12.13
CA SER H 47 -107.69 2.62 -12.08
C SER H 47 -108.71 3.03 -13.15
N VAL H 48 -108.79 2.26 -14.24
CA VAL H 48 -109.67 2.58 -15.37
C VAL H 48 -110.38 1.33 -15.87
N ALA H 49 -111.70 1.41 -15.96
CA ALA H 49 -112.54 0.32 -16.48
C ALA H 49 -112.86 0.51 -17.97
N ARG H 50 -112.28 -0.34 -18.81
CA ARG H 50 -112.46 -0.28 -20.26
C ARG H 50 -113.70 -1.05 -20.70
N MET H 51 -114.56 -0.37 -21.46
CA MET H 51 -115.71 -1.02 -22.07
C MET H 51 -115.51 -1.10 -23.56
N ASN H 52 -115.42 -2.32 -24.06
CA ASN H 52 -115.19 -2.58 -25.48
C ASN H 52 -116.52 -2.74 -26.22
N PHE H 53 -116.85 -1.75 -27.05
CA PHE H 53 -118.14 -1.72 -27.74
C PHE H 53 -118.19 -2.58 -29.02
N SER H 54 -117.15 -3.36 -29.25
CA SER H 54 -117.17 -4.39 -30.29
C SER H 54 -117.87 -5.65 -29.78
N HIS H 55 -118.06 -5.71 -28.47
CA HIS H 55 -118.71 -6.84 -27.81
C HIS H 55 -119.71 -6.34 -26.78
N GLY H 56 -120.85 -7.01 -26.67
CA GLY H 56 -121.90 -6.62 -25.73
C GLY H 56 -122.72 -5.45 -26.24
N SER H 57 -123.95 -5.34 -25.73
CA SER H 57 -124.87 -4.30 -26.14
C SER H 57 -124.73 -3.05 -25.26
N HIS H 58 -125.57 -2.05 -25.51
CA HIS H 58 -125.68 -0.87 -24.64
C HIS H 58 -126.19 -1.28 -23.26
N GLU H 59 -127.08 -2.26 -23.22
CA GLU H 59 -127.63 -2.81 -21.98
C GLU H 59 -126.55 -3.54 -21.18
N TYR H 60 -125.73 -4.32 -21.88
CA TYR H 60 -124.63 -5.02 -21.23
C TYR H 60 -123.65 -4.05 -20.60
N HIS H 61 -123.24 -3.04 -21.36
CA HIS H 61 -122.29 -2.03 -20.89
C HIS H 61 -122.90 -1.08 -19.86
N GLN H 62 -124.22 -0.92 -19.90
CA GLN H 62 -124.94 -0.19 -18.86
C GLN H 62 -124.76 -0.87 -17.51
N THR H 63 -124.88 -2.21 -17.50
CA THR H 63 -124.56 -3.02 -16.32
C THR H 63 -123.16 -2.68 -15.78
N THR H 64 -122.17 -2.74 -16.66
CA THR H 64 -120.78 -2.40 -16.31
C THR H 64 -120.67 -1.00 -15.67
N ILE H 65 -121.15 0.02 -16.39
CA ILE H 65 -121.13 1.40 -15.90
C ILE H 65 -121.73 1.47 -14.48
N ASN H 66 -122.94 0.93 -14.32
CA ASN H 66 -123.59 0.88 -13.01
C ASN H 66 -122.73 0.21 -11.94
N ASN H 67 -122.22 -0.97 -12.27
CA ASN H 67 -121.45 -1.78 -11.30
C ASN H 67 -120.12 -1.16 -10.90
N VAL H 68 -119.45 -0.52 -11.84
CA VAL H 68 -118.16 0.12 -11.58
C VAL H 68 -118.33 1.27 -10.60
N ARG H 69 -119.36 2.09 -10.82
CA ARG H 69 -119.65 3.23 -9.96
C ARG H 69 -120.01 2.78 -8.54
N GLN H 70 -120.71 1.67 -8.44
CA GLN H 70 -121.09 1.09 -7.16
C GLN H 70 -119.87 0.57 -6.40
N ALA H 71 -119.05 -0.23 -7.07
CA ALA H 71 -117.86 -0.82 -6.47
C ALA H 71 -116.91 0.27 -5.95
N ALA H 72 -116.67 1.28 -6.77
CA ALA H 72 -115.86 2.47 -6.44
C ALA H 72 -116.41 3.25 -5.25
N ALA H 73 -117.74 3.43 -5.21
CA ALA H 73 -118.38 4.14 -4.11
C ALA H 73 -118.17 3.39 -2.79
N GLU H 74 -118.24 2.07 -2.86
CA GLU H 74 -118.14 1.20 -1.70
C GLU H 74 -116.74 1.14 -1.08
N LEU H 75 -115.73 1.44 -1.88
CA LEU H 75 -114.35 1.48 -1.37
C LEU H 75 -113.83 2.91 -1.29
N GLY H 76 -114.74 3.87 -1.50
CA GLY H 76 -114.43 5.30 -1.43
C GLY H 76 -113.30 5.73 -2.37
N VAL H 77 -113.36 5.29 -3.62
CA VAL H 77 -112.37 5.70 -4.63
C VAL H 77 -113.05 6.23 -5.90
N ASN H 78 -112.25 6.85 -6.77
CA ASN H 78 -112.71 7.39 -8.05
C ASN H 78 -112.12 6.63 -9.22
N ILE H 79 -112.97 5.88 -9.92
CA ILE H 79 -112.53 5.04 -11.04
C ILE H 79 -113.09 5.56 -12.37
N ALA H 80 -112.18 5.69 -13.35
CA ALA H 80 -112.52 6.15 -14.69
C ALA H 80 -113.24 5.09 -15.51
N ILE H 81 -114.14 5.55 -16.38
CA ILE H 81 -114.82 4.67 -17.32
C ILE H 81 -114.48 5.12 -18.74
N ALA H 82 -113.92 4.19 -19.51
CA ALA H 82 -113.51 4.46 -20.88
C ALA H 82 -114.35 3.63 -21.86
N LEU H 83 -114.94 4.30 -22.83
CA LEU H 83 -115.74 3.64 -23.87
C LEU H 83 -114.87 3.35 -25.08
N ASP H 84 -114.62 2.06 -25.32
CA ASP H 84 -113.78 1.66 -26.45
C ASP H 84 -114.64 1.50 -27.69
N THR H 85 -114.40 2.41 -28.64
CA THR H 85 -115.17 2.55 -29.88
C THR H 85 -114.99 1.35 -30.82
N LYS H 86 -116.05 1.02 -31.58
CA LYS H 86 -115.96 0.02 -32.64
C LYS H 86 -114.98 0.46 -33.73
N GLY H 87 -115.27 1.62 -34.33
CA GLY H 87 -114.42 2.22 -35.35
C GLY H 87 -114.58 1.57 -36.71
N PRO H 88 -113.79 2.04 -37.70
CA PRO H 88 -113.77 1.45 -39.04
C PRO H 88 -113.15 0.05 -39.03
N GLU H 89 -113.82 -0.88 -38.36
CA GLU H 89 -113.30 -2.24 -38.18
C GLU H 89 -114.09 -3.28 -38.97
N ILE H 90 -113.47 -4.45 -39.17
CA ILE H 90 -114.13 -5.60 -39.76
C ILE H 90 -114.20 -6.71 -38.70
N ARG H 91 -115.41 -7.24 -38.49
CA ARG H 91 -115.65 -8.28 -37.49
C ARG H 91 -116.28 -9.51 -38.12
N THR H 92 -116.11 -10.67 -37.48
CA THR H 92 -116.81 -11.88 -37.91
C THR H 92 -118.20 -11.95 -37.25
N GLY H 93 -118.95 -12.98 -37.60
CA GLY H 93 -120.24 -13.23 -36.95
C GLY H 93 -120.06 -14.05 -35.68
N GLN H 94 -121.18 -14.42 -35.08
CA GLN H 94 -121.20 -15.31 -33.93
C GLN H 94 -121.12 -16.76 -34.38
N PHE H 95 -120.66 -17.64 -33.47
CA PHE H 95 -120.59 -19.07 -33.74
C PHE H 95 -121.55 -19.85 -32.86
N VAL H 96 -122.09 -20.95 -33.42
CA VAL H 96 -122.99 -21.85 -32.70
C VAL H 96 -122.24 -22.49 -31.53
N GLY H 97 -122.76 -22.30 -30.32
CA GLY H 97 -122.14 -22.84 -29.12
C GLY H 97 -121.35 -21.81 -28.33
N GLY H 98 -120.62 -20.96 -29.04
CA GLY H 98 -119.78 -19.94 -28.43
C GLY H 98 -118.40 -19.83 -29.04
N ASP H 99 -117.97 -20.89 -29.73
CA ASP H 99 -116.67 -20.94 -30.38
C ASP H 99 -116.64 -21.88 -31.60
N ALA H 100 -115.60 -21.75 -32.41
CA ALA H 100 -115.36 -22.65 -33.54
C ALA H 100 -113.91 -23.12 -33.56
N VAL H 101 -113.72 -24.43 -33.42
CA VAL H 101 -112.39 -25.04 -33.43
C VAL H 101 -111.93 -25.24 -34.89
N MET H 102 -110.90 -24.49 -35.28
CA MET H 102 -110.38 -24.51 -36.64
C MET H 102 -109.15 -25.39 -36.76
N GLU H 103 -109.15 -26.30 -37.71
CA GLU H 103 -108.05 -27.25 -37.91
C GLU H 103 -107.17 -26.87 -39.09
N ARG H 104 -105.86 -26.94 -38.88
CA ARG H 104 -104.88 -26.74 -39.95
C ARG H 104 -105.11 -27.73 -41.09
N GLY H 105 -105.39 -27.20 -42.28
CA GLY H 105 -105.66 -28.02 -43.46
C GLY H 105 -107.12 -28.14 -43.83
N ALA H 106 -108.00 -27.76 -42.90
CA ALA H 106 -109.46 -27.82 -43.13
C ALA H 106 -109.91 -26.78 -44.15
N THR H 107 -110.93 -27.13 -44.93
CA THR H 107 -111.48 -26.23 -45.95
C THR H 107 -112.80 -25.60 -45.49
N CYS H 108 -112.76 -24.30 -45.22
CA CYS H 108 -113.90 -23.56 -44.69
C CYS H 108 -114.37 -22.46 -45.64
N TYR H 109 -115.58 -21.96 -45.40
CA TYR H 109 -116.18 -20.93 -46.24
C TYR H 109 -116.49 -19.66 -45.45
N VAL H 110 -116.14 -18.51 -46.01
CA VAL H 110 -116.48 -17.21 -45.43
C VAL H 110 -117.47 -16.47 -46.33
N THR H 111 -118.52 -15.92 -45.72
CA THR H 111 -119.62 -15.32 -46.48
C THR H 111 -119.96 -13.88 -46.08
N THR H 112 -120.53 -13.14 -47.03
CA THR H 112 -121.01 -11.78 -46.80
C THR H 112 -122.52 -11.80 -46.58
N ASP H 113 -123.11 -12.99 -46.55
CA ASP H 113 -124.55 -13.15 -46.36
C ASP H 113 -124.95 -12.87 -44.90
N PRO H 114 -125.81 -11.84 -44.70
CA PRO H 114 -126.19 -11.36 -43.37
C PRO H 114 -126.95 -12.39 -42.52
N ALA H 115 -127.58 -13.36 -43.17
CA ALA H 115 -128.35 -14.41 -42.50
C ALA H 115 -127.48 -15.38 -41.71
N PHE H 116 -126.21 -15.48 -42.08
CA PHE H 116 -125.26 -16.38 -41.42
C PHE H 116 -124.52 -15.75 -40.24
N ALA H 117 -124.99 -14.58 -39.79
CA ALA H 117 -124.34 -13.83 -38.72
C ALA H 117 -124.46 -14.48 -37.34
N ASP H 118 -125.66 -14.98 -37.02
CA ASP H 118 -125.91 -15.62 -35.72
C ASP H 118 -125.76 -17.14 -35.78
N LYS H 119 -125.72 -17.68 -37.00
CA LYS H 119 -125.49 -19.11 -37.23
C LYS H 119 -124.14 -19.32 -37.91
N GLY H 120 -123.11 -19.61 -37.11
CA GLY H 120 -121.75 -19.76 -37.63
C GLY H 120 -121.03 -21.00 -37.13
N THR H 121 -120.33 -21.66 -38.05
CA THR H 121 -119.54 -22.86 -37.72
C THR H 121 -118.17 -22.81 -38.39
N LYS H 122 -117.35 -23.83 -38.12
CA LYS H 122 -116.02 -23.96 -38.70
C LYS H 122 -116.03 -24.15 -40.23
N ASP H 123 -117.20 -24.53 -40.76
CA ASP H 123 -117.36 -24.81 -42.19
C ASP H 123 -117.87 -23.62 -42.98
N LYS H 124 -118.72 -22.80 -42.35
CA LYS H 124 -119.30 -21.62 -42.99
C LYS H 124 -119.65 -20.57 -41.94
N PHE H 125 -119.07 -19.38 -42.06
CA PHE H 125 -119.38 -18.28 -41.15
C PHE H 125 -119.31 -16.90 -41.81
N TYR H 126 -119.88 -15.91 -41.13
CA TYR H 126 -120.10 -14.58 -41.67
C TYR H 126 -118.97 -13.58 -41.36
N ILE H 127 -118.68 -12.71 -42.32
CA ILE H 127 -117.77 -11.58 -42.13
C ILE H 127 -118.47 -10.29 -42.54
N ASP H 128 -118.50 -9.32 -41.62
CA ASP H 128 -119.38 -8.15 -41.73
C ASP H 128 -118.97 -7.08 -42.74
N TYR H 129 -117.79 -7.23 -43.35
CA TYR H 129 -117.33 -6.26 -44.34
C TYR H 129 -118.23 -6.23 -45.56
N GLN H 130 -118.70 -5.03 -45.89
CA GLN H 130 -119.67 -4.77 -46.96
C GLN H 130 -119.48 -5.66 -48.19
N ASN H 131 -118.26 -5.68 -48.72
CA ASN H 131 -117.92 -6.50 -49.88
C ASN H 131 -116.44 -6.87 -49.94
N LEU H 132 -116.07 -7.92 -49.20
CA LEU H 132 -114.71 -8.47 -49.24
C LEU H 132 -114.48 -9.35 -50.48
N SER H 133 -115.51 -9.43 -51.33
CA SER H 133 -115.46 -10.20 -52.57
C SER H 133 -114.59 -9.52 -53.63
N LYS H 134 -114.71 -8.20 -53.73
CA LYS H 134 -113.96 -7.41 -54.71
C LYS H 134 -112.70 -6.78 -54.12
N VAL H 135 -112.22 -7.34 -53.01
CA VAL H 135 -111.03 -6.82 -52.31
C VAL H 135 -109.87 -7.84 -52.34
N VAL H 136 -110.21 -9.13 -52.30
CA VAL H 136 -109.20 -10.21 -52.31
C VAL H 136 -109.27 -11.13 -53.53
N ARG H 137 -108.10 -11.59 -53.98
CA ARG H 137 -107.98 -12.55 -55.08
C ARG H 137 -107.68 -13.96 -54.55
N PRO H 138 -107.88 -15.01 -55.37
CA PRO H 138 -107.48 -16.36 -54.96
C PRO H 138 -105.97 -16.47 -54.68
N GLY H 139 -105.63 -16.76 -53.44
CA GLY H 139 -104.23 -16.83 -53.00
C GLY H 139 -103.93 -15.90 -51.83
N ASN H 140 -104.78 -14.89 -51.65
CA ASN H 140 -104.66 -13.89 -50.59
C ASN H 140 -104.90 -14.45 -49.19
N TYR H 141 -104.43 -13.72 -48.17
CA TYR H 141 -104.61 -14.10 -46.78
C TYR H 141 -105.71 -13.29 -46.10
N ILE H 142 -106.48 -13.95 -45.24
CA ILE H 142 -107.43 -13.27 -44.37
C ILE H 142 -107.00 -13.52 -42.92
N TYR H 143 -106.80 -12.44 -42.18
CA TYR H 143 -106.28 -12.50 -40.82
C TYR H 143 -107.40 -12.43 -39.80
N ILE H 144 -107.49 -13.46 -38.97
CA ILE H 144 -108.56 -13.59 -37.97
C ILE H 144 -107.97 -13.61 -36.55
N ASP H 145 -108.62 -12.87 -35.65
CA ASP H 145 -108.28 -12.85 -34.22
C ASP H 145 -106.88 -12.26 -33.96
N ASP H 146 -106.69 -11.00 -34.35
CA ASP H 146 -105.39 -10.32 -34.28
C ASP H 146 -104.26 -11.07 -35.01
N GLY H 147 -104.59 -11.66 -36.17
CA GLY H 147 -103.61 -12.35 -37.01
C GLY H 147 -103.05 -13.64 -36.44
N ILE H 148 -103.73 -14.20 -35.44
CA ILE H 148 -103.35 -15.49 -34.85
C ILE H 148 -103.76 -16.64 -35.79
N LEU H 149 -104.96 -16.52 -36.35
CA LEU H 149 -105.46 -17.45 -37.37
C LEU H 149 -105.39 -16.81 -38.75
N ILE H 150 -104.72 -17.48 -39.68
CA ILE H 150 -104.63 -17.02 -41.06
C ILE H 150 -105.43 -17.94 -41.99
N LEU H 151 -106.26 -17.35 -42.85
CA LEU H 151 -107.01 -18.09 -43.86
C LEU H 151 -106.52 -17.70 -45.24
N GLN H 152 -106.31 -18.70 -46.09
CA GLN H 152 -105.88 -18.47 -47.46
C GLN H 152 -107.05 -18.71 -48.42
N VAL H 153 -107.33 -17.72 -49.26
CA VAL H 153 -108.42 -17.81 -50.25
C VAL H 153 -108.04 -18.74 -51.39
N GLN H 154 -108.88 -19.77 -51.60
CA GLN H 154 -108.64 -20.76 -52.63
C GLN H 154 -109.43 -20.46 -53.91
N SER H 155 -110.72 -20.13 -53.74
CA SER H 155 -111.58 -19.76 -54.87
C SER H 155 -112.85 -19.03 -54.41
N HIS H 156 -113.40 -18.20 -55.30
CA HIS H 156 -114.70 -17.57 -55.08
C HIS H 156 -115.79 -18.61 -55.30
N GLU H 157 -116.63 -18.82 -54.29
CA GLU H 157 -117.76 -19.75 -54.42
C GLU H 157 -118.90 -19.12 -55.22
N ASP H 158 -119.32 -17.93 -54.79
CA ASP H 158 -120.30 -17.13 -55.53
C ASP H 158 -120.02 -15.63 -55.36
N GLU H 159 -121.07 -14.82 -55.41
CA GLU H 159 -120.94 -13.37 -55.29
C GLU H 159 -120.55 -12.95 -53.86
N GLN H 160 -120.86 -13.80 -52.89
CA GLN H 160 -120.57 -13.53 -51.48
C GLN H 160 -119.63 -14.57 -50.86
N THR H 161 -119.99 -15.85 -50.99
CA THR H 161 -119.25 -16.95 -50.39
C THR H 161 -117.89 -17.17 -51.08
N LEU H 162 -116.88 -17.48 -50.28
CA LEU H 162 -115.53 -17.77 -50.76
C LEU H 162 -115.01 -19.06 -50.12
N GLU H 163 -114.21 -19.81 -50.87
CA GLU H 163 -113.60 -21.04 -50.35
C GLU H 163 -112.20 -20.77 -49.78
N CYS H 164 -112.02 -21.08 -48.49
CA CYS H 164 -110.77 -20.80 -47.80
C CYS H 164 -110.07 -22.03 -47.23
N THR H 165 -108.79 -21.88 -46.91
CA THR H 165 -108.00 -22.93 -46.28
C THR H 165 -107.50 -22.44 -44.92
N VAL H 166 -107.77 -23.25 -43.89
CA VAL H 166 -107.29 -22.96 -42.55
C VAL H 166 -105.81 -23.36 -42.47
N THR H 167 -104.94 -22.37 -42.25
CA THR H 167 -103.49 -22.59 -42.33
C THR H 167 -102.85 -23.03 -41.01
N ASN H 168 -103.54 -22.79 -39.90
CA ASN H 168 -103.07 -23.21 -38.58
C ASN H 168 -104.20 -23.54 -37.62
N SER H 169 -103.91 -24.35 -36.61
CA SER H 169 -104.90 -24.74 -35.59
C SER H 169 -105.11 -23.62 -34.57
N HIS H 170 -106.35 -23.17 -34.45
CA HIS H 170 -106.72 -22.10 -33.51
C HIS H 170 -108.22 -22.10 -33.20
N THR H 171 -108.57 -21.86 -31.94
CA THR H 171 -109.96 -21.79 -31.50
C THR H 171 -110.39 -20.33 -31.31
N ILE H 172 -111.44 -19.93 -32.03
CA ILE H 172 -111.90 -18.54 -32.05
C ILE H 172 -113.30 -18.35 -31.44
N SER H 173 -113.48 -17.24 -30.73
CA SER H 173 -114.79 -16.91 -30.12
C SER H 173 -115.67 -16.07 -31.05
N ASP H 174 -116.76 -15.54 -30.51
CA ASP H 174 -117.71 -14.75 -31.30
C ASP H 174 -117.16 -13.36 -31.63
N ARG H 175 -117.44 -12.89 -32.84
CA ARG H 175 -117.05 -11.56 -33.32
C ARG H 175 -115.54 -11.33 -33.21
N ARG H 176 -114.79 -12.06 -34.03
CA ARG H 176 -113.33 -11.92 -34.13
C ARG H 176 -112.96 -10.70 -34.97
N GLY H 177 -111.82 -10.10 -34.63
CA GLY H 177 -111.25 -9.03 -35.45
C GLY H 177 -110.57 -9.62 -36.69
N VAL H 178 -111.02 -9.17 -37.86
CA VAL H 178 -110.39 -9.58 -39.11
C VAL H 178 -109.62 -8.42 -39.76
N ASN H 179 -108.40 -8.69 -40.21
CA ASN H 179 -107.54 -7.68 -40.81
C ASN H 179 -107.21 -8.00 -42.26
N LEU H 180 -107.35 -6.99 -43.13
CA LEU H 180 -106.86 -7.07 -44.50
C LEU H 180 -105.80 -5.99 -44.72
N PRO H 181 -104.52 -6.31 -44.41
CA PRO H 181 -103.41 -5.36 -44.44
C PRO H 181 -103.04 -4.90 -45.87
N GLY H 182 -102.99 -3.59 -46.06
CA GLY H 182 -102.65 -3.00 -47.35
C GLY H 182 -103.69 -3.23 -48.44
N CYS H 183 -104.95 -3.34 -48.02
CA CYS H 183 -106.06 -3.61 -48.94
C CYS H 183 -106.94 -2.39 -49.24
N ASP H 184 -106.69 -1.29 -48.53
CA ASP H 184 -107.45 -0.05 -48.69
C ASP H 184 -108.95 -0.25 -48.50
N VAL H 185 -109.35 -0.44 -47.23
CA VAL H 185 -110.76 -0.63 -46.88
C VAL H 185 -111.50 0.71 -46.85
N ASP H 186 -112.66 0.75 -47.50
CA ASP H 186 -113.43 1.99 -47.64
C ASP H 186 -114.47 2.14 -46.53
N LEU H 187 -114.01 2.04 -45.29
CA LEU H 187 -114.88 2.18 -44.12
C LEU H 187 -114.85 3.62 -43.60
N PRO H 188 -116.02 4.14 -43.16
CA PRO H 188 -116.11 5.55 -42.73
C PRO H 188 -115.28 5.86 -41.49
N ALA H 189 -114.85 7.11 -41.38
CA ALA H 189 -114.05 7.61 -40.25
C ALA H 189 -114.83 7.48 -38.94
N VAL H 190 -116.07 7.96 -38.94
CA VAL H 190 -117.00 7.78 -37.82
C VAL H 190 -118.32 7.22 -38.38
N SER H 191 -118.58 5.95 -38.08
CA SER H 191 -119.75 5.25 -38.64
C SER H 191 -121.06 5.61 -37.93
N ALA H 192 -122.16 5.11 -38.48
CA ALA H 192 -123.48 5.30 -37.90
C ALA H 192 -123.57 4.72 -36.49
N LYS H 193 -123.01 3.51 -36.32
CA LYS H 193 -123.00 2.85 -35.03
C LYS H 193 -122.06 3.57 -34.06
N ASP H 194 -120.94 4.07 -34.59
CA ASP H 194 -119.98 4.87 -33.81
C ASP H 194 -120.68 6.08 -33.21
N ARG H 195 -121.42 6.80 -34.05
CA ARG H 195 -122.20 7.97 -33.62
C ARG H 195 -123.23 7.63 -32.54
N VAL H 196 -123.92 6.49 -32.72
CA VAL H 196 -124.90 6.00 -31.75
C VAL H 196 -124.23 5.69 -30.40
N ASP H 197 -123.09 5.01 -30.46
CA ASP H 197 -122.35 4.62 -29.26
C ASP H 197 -121.72 5.82 -28.55
N LEU H 198 -121.26 6.81 -29.32
CA LEU H 198 -120.70 8.05 -28.75
C LEU H 198 -121.74 8.89 -28.01
N GLN H 199 -122.95 8.94 -28.57
CA GLN H 199 -124.06 9.65 -27.93
C GLN H 199 -124.46 8.96 -26.62
N PHE H 200 -124.40 7.63 -26.63
CA PHE H 200 -124.64 6.81 -25.43
C PHE H 200 -123.64 7.12 -24.31
N GLY H 201 -122.36 7.27 -24.69
CA GLY H 201 -121.31 7.65 -23.76
C GLY H 201 -121.54 8.99 -23.08
N VAL H 202 -121.88 10.00 -23.87
CA VAL H 202 -122.18 11.34 -23.34
C VAL H 202 -123.32 11.27 -22.30
N GLU H 203 -124.42 10.62 -22.68
CA GLU H 203 -125.58 10.41 -21.81
C GLU H 203 -125.21 9.71 -20.51
N GLN H 204 -124.27 8.76 -20.59
CA GLN H 204 -123.87 7.96 -19.44
C GLN H 204 -122.72 8.61 -18.66
N GLY H 205 -122.14 9.66 -19.24
CA GLY H 205 -121.10 10.42 -18.57
C GLY H 205 -119.78 9.69 -18.43
N VAL H 206 -119.38 8.99 -19.48
CA VAL H 206 -118.03 8.41 -19.57
C VAL H 206 -116.98 9.51 -19.54
N ASP H 207 -115.77 9.16 -19.12
CA ASP H 207 -114.70 10.14 -18.87
C ASP H 207 -113.79 10.30 -20.07
N MET H 208 -113.69 9.24 -20.87
CA MET H 208 -112.84 9.22 -22.04
C MET H 208 -113.33 8.21 -23.09
N ILE H 209 -113.09 8.53 -24.35
CA ILE H 209 -113.35 7.60 -25.46
C ILE H 209 -112.03 6.97 -25.91
N PHE H 210 -111.99 5.65 -25.98
CA PHE H 210 -110.92 4.94 -26.67
C PHE H 210 -111.35 4.75 -28.13
N ALA H 211 -110.89 5.65 -28.99
CA ALA H 211 -111.31 5.68 -30.39
C ALA H 211 -110.48 4.74 -31.26
N SER H 212 -111.14 3.75 -31.87
CA SER H 212 -110.44 2.68 -32.60
C SER H 212 -110.10 3.05 -34.04
N PHE H 213 -108.96 2.54 -34.51
CA PHE H 213 -108.44 2.78 -35.86
C PHE H 213 -108.47 4.25 -36.26
N ILE H 214 -107.83 5.11 -35.47
CA ILE H 214 -107.68 6.51 -35.83
C ILE H 214 -106.60 6.64 -36.91
N ARG H 215 -107.00 7.14 -38.08
N ARG H 215 -107.00 7.13 -38.08
CA ARG H 215 -106.14 7.21 -39.26
CA ARG H 215 -106.13 7.21 -39.26
C ARG H 215 -105.66 8.63 -39.59
C ARG H 215 -105.67 8.63 -39.60
N SER H 216 -106.44 9.64 -39.19
CA SER H 216 -106.13 11.03 -39.52
C SER H 216 -106.60 12.03 -38.47
N ALA H 217 -106.02 13.23 -38.51
CA ALA H 217 -106.41 14.35 -37.65
C ALA H 217 -107.87 14.76 -37.88
N GLU H 218 -108.31 14.69 -39.14
CA GLU H 218 -109.68 15.03 -39.53
C GLU H 218 -110.71 14.09 -38.87
N GLN H 219 -110.31 12.83 -38.67
CA GLN H 219 -111.15 11.85 -38.01
C GLN H 219 -111.32 12.15 -36.51
N VAL H 220 -110.23 12.54 -35.83
CA VAL H 220 -110.28 12.91 -34.42
C VAL H 220 -111.29 14.04 -34.24
N GLY H 221 -111.26 15.01 -35.14
CA GLY H 221 -112.22 16.11 -35.15
C GLY H 221 -113.66 15.65 -35.35
N ASP H 222 -113.83 14.60 -36.15
CA ASP H 222 -115.17 14.04 -36.41
C ASP H 222 -115.76 13.41 -35.15
N VAL H 223 -114.91 12.73 -34.38
CA VAL H 223 -115.29 12.17 -33.08
C VAL H 223 -115.68 13.28 -32.12
N ARG H 224 -114.87 14.34 -32.10
CA ARG H 224 -115.09 15.49 -31.21
C ARG H 224 -116.35 16.27 -31.57
N LYS H 225 -116.62 16.41 -32.87
CA LYS H 225 -117.83 17.07 -33.35
C LYS H 225 -119.05 16.19 -33.07
N ALA H 226 -118.84 14.88 -33.02
CA ALA H 226 -119.88 13.92 -32.67
C ALA H 226 -120.22 13.96 -31.19
N LEU H 227 -119.20 14.20 -30.35
CA LEU H 227 -119.42 14.30 -28.91
C LEU H 227 -120.16 15.59 -28.55
N GLY H 228 -120.00 16.61 -29.40
CA GLY H 228 -120.72 17.87 -29.26
C GLY H 228 -120.23 18.76 -28.14
N PRO H 229 -120.93 19.89 -27.90
CA PRO H 229 -120.61 20.79 -26.79
C PRO H 229 -120.77 20.12 -25.42
N LYS H 230 -121.73 19.18 -25.31
CA LYS H 230 -121.95 18.45 -24.06
C LYS H 230 -120.82 17.49 -23.69
N GLY H 231 -120.15 16.94 -24.69
CA GLY H 231 -119.04 16.01 -24.47
C GLY H 231 -117.68 16.63 -24.77
N ARG H 232 -117.53 17.92 -24.49
CA ARG H 232 -116.28 18.62 -24.78
C ARG H 232 -115.18 18.33 -23.77
N ASP H 233 -115.56 17.94 -22.56
CA ASP H 233 -114.57 17.60 -21.52
C ASP H 233 -114.31 16.10 -21.45
N ILE H 234 -114.98 15.33 -22.32
CA ILE H 234 -114.64 13.92 -22.50
C ILE H 234 -113.36 13.81 -23.33
N MET H 235 -112.37 13.13 -22.77
CA MET H 235 -111.07 12.96 -23.42
C MET H 235 -111.16 11.95 -24.57
N ILE H 236 -110.57 12.30 -25.71
CA ILE H 236 -110.48 11.35 -26.84
C ILE H 236 -109.08 10.78 -26.90
N ILE H 237 -108.98 9.49 -26.58
CA ILE H 237 -107.73 8.74 -26.65
C ILE H 237 -107.71 8.01 -27.98
N CYS H 238 -106.70 8.33 -28.79
CA CYS H 238 -106.63 7.82 -30.16
C CYS H 238 -105.84 6.52 -30.28
N LYS H 239 -106.52 5.46 -30.68
CA LYS H 239 -105.90 4.15 -30.85
C LYS H 239 -105.23 4.02 -32.21
N ILE H 240 -103.91 3.84 -32.17
CA ILE H 240 -103.09 3.73 -33.38
C ILE H 240 -102.84 2.26 -33.64
N GLU H 241 -103.53 1.73 -34.65
CA GLU H 241 -103.48 0.29 -34.94
C GLU H 241 -103.48 -0.02 -36.44
N ASN H 242 -103.08 0.97 -37.23
CA ASN H 242 -102.85 0.77 -38.66
C ASN H 242 -101.72 1.63 -39.21
N HIS H 243 -101.54 1.58 -40.52
CA HIS H 243 -100.47 2.28 -41.22
C HIS H 243 -100.64 3.80 -41.19
N GLN H 244 -101.80 4.29 -41.64
CA GLN H 244 -102.09 5.72 -41.66
C GLN H 244 -101.88 6.38 -40.30
N GLY H 245 -102.36 5.72 -39.25
CA GLY H 245 -102.24 6.22 -37.88
C GLY H 245 -100.80 6.47 -37.43
N VAL H 246 -99.92 5.53 -37.74
CA VAL H 246 -98.49 5.68 -37.42
C VAL H 246 -97.87 6.80 -38.25
N GLN H 247 -98.21 6.82 -39.53
CA GLN H 247 -97.71 7.82 -40.48
C GLN H 247 -98.11 9.25 -40.07
N ASN H 248 -99.38 9.41 -39.68
CA ASN H 248 -99.95 10.73 -39.36
C ASN H 248 -99.91 11.08 -37.88
N ILE H 249 -99.05 10.40 -37.12
CA ILE H 249 -99.05 10.48 -35.66
C ILE H 249 -98.93 11.91 -35.09
N ASP H 250 -98.12 12.75 -35.73
CA ASP H 250 -97.91 14.13 -35.30
C ASP H 250 -99.20 14.94 -35.30
N SER H 251 -99.96 14.85 -36.40
CA SER H 251 -101.22 15.58 -36.54
C SER H 251 -102.33 14.99 -35.67
N ILE H 252 -102.23 13.69 -35.40
CA ILE H 252 -103.18 12.98 -34.53
C ILE H 252 -102.95 13.33 -33.06
N ILE H 253 -101.69 13.29 -32.61
CA ILE H 253 -101.35 13.69 -31.24
C ILE H 253 -101.86 15.11 -30.94
N GLU H 254 -101.66 16.00 -31.92
CA GLU H 254 -102.09 17.40 -31.84
C GLU H 254 -103.59 17.55 -31.53
N GLU H 255 -104.41 16.72 -32.16
CA GLU H 255 -105.87 16.81 -31.99
C GLU H 255 -106.40 16.00 -30.81
N SER H 256 -105.71 14.92 -30.46
CA SER H 256 -106.16 14.01 -29.39
C SER H 256 -105.91 14.52 -27.96
N ASP H 257 -106.53 13.85 -27.00
CA ASP H 257 -106.25 14.08 -25.59
C ASP H 257 -105.27 13.02 -25.07
N GLY H 258 -104.83 12.15 -25.98
CA GLY H 258 -103.90 11.06 -25.65
C GLY H 258 -103.82 10.03 -26.77
N ILE H 259 -102.99 9.01 -26.57
CA ILE H 259 -102.75 7.98 -27.58
C ILE H 259 -102.73 6.58 -26.95
N MET H 260 -103.24 5.60 -27.69
CA MET H 260 -103.03 4.19 -27.34
C MET H 260 -102.23 3.47 -28.43
N VAL H 261 -101.19 2.77 -28.00
CA VAL H 261 -100.48 1.84 -28.87
C VAL H 261 -101.30 0.55 -28.84
N ALA H 262 -102.31 0.50 -29.71
CA ALA H 262 -103.21 -0.65 -29.81
C ALA H 262 -102.53 -1.79 -30.57
N ARG H 263 -101.62 -2.48 -29.88
CA ARG H 263 -100.67 -3.43 -30.48
C ARG H 263 -101.29 -4.67 -31.13
N GLY H 264 -102.50 -5.03 -30.70
CA GLY H 264 -103.23 -6.17 -31.25
C GLY H 264 -103.40 -6.08 -32.76
N ASP H 265 -104.15 -5.08 -33.20
CA ASP H 265 -104.37 -4.87 -34.62
C ASP H 265 -103.11 -4.36 -35.34
N LEU H 266 -102.34 -3.50 -34.66
CA LEU H 266 -101.12 -2.92 -35.21
C LEU H 266 -100.14 -4.00 -35.67
N GLY H 267 -100.00 -5.04 -34.85
CA GLY H 267 -99.14 -6.19 -35.15
C GLY H 267 -99.59 -7.02 -36.33
N VAL H 268 -100.82 -6.77 -36.81
CA VAL H 268 -101.34 -7.44 -38.00
C VAL H 268 -101.23 -6.51 -39.20
N GLU H 269 -101.68 -5.26 -39.03
CA GLU H 269 -101.73 -4.28 -40.10
C GLU H 269 -100.32 -3.85 -40.53
N ILE H 270 -99.37 -4.05 -39.62
CA ILE H 270 -97.96 -3.71 -39.80
C ILE H 270 -97.13 -4.91 -39.35
N PRO H 271 -95.98 -5.18 -40.02
CA PRO H 271 -95.11 -6.26 -39.54
C PRO H 271 -94.95 -6.22 -38.02
N ALA H 272 -95.14 -7.36 -37.36
CA ALA H 272 -95.16 -7.45 -35.90
C ALA H 272 -93.88 -6.91 -35.23
N GLU H 273 -92.73 -7.13 -35.85
CA GLU H 273 -91.45 -6.63 -35.33
C GLU H 273 -91.36 -5.09 -35.34
N LYS H 274 -92.02 -4.44 -36.30
CA LYS H 274 -92.07 -2.97 -36.38
C LYS H 274 -92.88 -2.33 -35.23
N VAL H 275 -93.59 -3.16 -34.47
CA VAL H 275 -94.45 -2.67 -33.37
C VAL H 275 -93.61 -2.15 -32.19
N VAL H 276 -92.52 -2.85 -31.91
CA VAL H 276 -91.54 -2.44 -30.90
C VAL H 276 -91.06 -1.00 -31.13
N VAL H 277 -90.68 -0.71 -32.37
CA VAL H 277 -90.23 0.63 -32.78
C VAL H 277 -91.37 1.65 -32.71
N ALA H 278 -92.49 1.34 -33.34
CA ALA H 278 -93.67 2.23 -33.31
C ALA H 278 -94.09 2.55 -31.88
N GLN H 279 -94.01 1.56 -31.00
CA GLN H 279 -94.26 1.77 -29.58
C GLN H 279 -93.35 2.86 -28.98
N LYS H 280 -92.05 2.74 -29.25
CA LYS H 280 -91.07 3.72 -28.77
C LYS H 280 -91.35 5.14 -29.27
N ILE H 281 -91.75 5.24 -30.54
CA ILE H 281 -92.04 6.51 -31.19
C ILE H 281 -93.31 7.16 -30.59
N LEU H 282 -94.39 6.39 -30.53
CA LEU H 282 -95.67 6.91 -30.03
C LEU H 282 -95.57 7.41 -28.59
N ILE H 283 -94.89 6.64 -27.75
CA ILE H 283 -94.76 6.97 -26.33
C ILE H 283 -93.92 8.23 -26.11
N SER H 284 -92.79 8.31 -26.79
CA SER H 284 -91.88 9.44 -26.64
C SER H 284 -92.45 10.74 -27.21
N LYS H 285 -93.23 10.63 -28.29
CA LYS H 285 -93.88 11.79 -28.87
C LYS H 285 -94.96 12.29 -27.92
N CYS H 286 -95.60 11.36 -27.21
CA CYS H 286 -96.61 11.71 -26.21
C CYS H 286 -96.01 12.29 -24.94
N ASN H 287 -94.84 11.79 -24.55
CA ASN H 287 -94.11 12.36 -23.41
C ASN H 287 -93.72 13.83 -23.63
N VAL H 288 -93.21 14.12 -24.83
CA VAL H 288 -92.80 15.47 -25.22
C VAL H 288 -93.99 16.41 -25.37
N ALA H 289 -95.10 15.88 -25.87
CA ALA H 289 -96.34 16.64 -25.98
C ALA H 289 -97.02 16.82 -24.64
N GLY H 290 -96.73 15.91 -23.71
CA GLY H 290 -97.33 15.90 -22.38
C GLY H 290 -98.78 15.44 -22.37
N LYS H 291 -99.08 14.45 -23.21
CA LYS H 291 -100.40 13.81 -23.24
C LYS H 291 -100.27 12.34 -22.84
N PRO H 292 -101.25 11.82 -22.07
CA PRO H 292 -101.24 10.43 -21.59
C PRO H 292 -101.11 9.38 -22.71
N VAL H 293 -100.28 8.35 -22.48
CA VAL H 293 -100.10 7.30 -23.48
C VAL H 293 -100.18 5.89 -22.87
N ILE H 294 -100.96 5.04 -23.53
CA ILE H 294 -101.24 3.67 -23.08
C ILE H 294 -100.53 2.62 -23.96
N CYS H 295 -99.89 1.63 -23.33
CA CYS H 295 -99.44 0.43 -24.03
C CYS H 295 -100.48 -0.68 -23.83
N ALA H 296 -100.83 -1.38 -24.91
CA ALA H 296 -101.96 -2.32 -24.86
C ALA H 296 -101.71 -3.68 -25.54
N THR H 297 -102.52 -4.66 -25.17
CA THR H 297 -102.65 -5.96 -25.86
C THR H 297 -101.52 -6.99 -25.63
N GLN H 298 -101.94 -8.15 -25.11
CA GLN H 298 -101.09 -9.35 -24.94
C GLN H 298 -99.86 -9.12 -24.04
N MET H 299 -100.00 -8.22 -23.07
CA MET H 299 -98.91 -7.87 -22.18
C MET H 299 -98.66 -8.94 -21.13
N LEU H 300 -99.73 -9.56 -20.67
CA LEU H 300 -99.66 -10.72 -19.77
C LEU H 300 -100.63 -11.78 -20.29
N GLU H 301 -100.55 -12.04 -21.59
CA GLU H 301 -101.48 -12.92 -22.32
C GLU H 301 -101.72 -14.30 -21.68
N SER H 302 -100.64 -14.97 -21.28
CA SER H 302 -100.73 -16.33 -20.75
C SER H 302 -101.43 -16.40 -19.40
N MET H 303 -101.49 -15.27 -18.70
CA MET H 303 -102.13 -15.21 -17.40
C MET H 303 -103.66 -15.21 -17.45
N THR H 304 -104.19 -15.31 -18.67
CA THR H 304 -105.62 -15.54 -18.91
C THR H 304 -106.01 -16.93 -18.41
N TYR H 305 -105.06 -17.87 -18.46
CA TYR H 305 -105.30 -19.25 -18.04
C TYR H 305 -104.37 -19.68 -16.90
N ASN H 306 -103.25 -18.97 -16.74
CA ASN H 306 -102.24 -19.33 -15.74
C ASN H 306 -102.09 -18.32 -14.61
N PRO H 307 -101.83 -18.81 -13.38
CA PRO H 307 -101.66 -17.95 -12.20
C PRO H 307 -100.35 -17.13 -12.22
N ARG H 308 -99.44 -17.50 -13.12
CA ARG H 308 -98.15 -16.82 -13.25
C ARG H 308 -97.79 -16.55 -14.71
N PRO H 309 -97.18 -15.40 -14.99
CA PRO H 309 -96.78 -15.00 -16.34
C PRO H 309 -95.49 -15.64 -16.81
N THR H 310 -95.22 -15.56 -18.11
CA THR H 310 -93.95 -15.98 -18.69
C THR H 310 -92.87 -14.90 -18.49
N ARG H 311 -91.61 -15.25 -18.79
CA ARG H 311 -90.49 -14.32 -18.66
C ARG H 311 -90.57 -13.15 -19.65
N ALA H 312 -91.13 -13.42 -20.82
CA ALA H 312 -91.32 -12.41 -21.86
C ALA H 312 -92.37 -11.36 -21.49
N GLU H 313 -93.38 -11.80 -20.74
CA GLU H 313 -94.50 -10.93 -20.38
C GLU H 313 -94.13 -9.97 -19.25
N VAL H 314 -93.46 -10.50 -18.22
CA VAL H 314 -92.88 -9.70 -17.15
C VAL H 314 -92.02 -8.57 -17.74
N SER H 315 -91.18 -8.96 -18.70
CA SER H 315 -90.31 -8.04 -19.43
C SER H 315 -91.09 -6.99 -20.23
N ASP H 316 -92.18 -7.42 -20.88
CA ASP H 316 -93.02 -6.54 -21.67
C ASP H 316 -93.56 -5.38 -20.82
N VAL H 317 -94.14 -5.73 -19.68
CA VAL H 317 -94.73 -4.75 -18.76
C VAL H 317 -93.65 -3.82 -18.22
N ALA H 318 -92.49 -4.37 -17.91
CA ALA H 318 -91.38 -3.60 -17.34
C ALA H 318 -90.81 -2.59 -18.33
N ASN H 319 -90.50 -3.06 -19.54
CA ASN H 319 -89.95 -2.20 -20.59
C ASN H 319 -90.94 -1.13 -21.07
N ALA H 320 -92.24 -1.41 -20.94
CA ALA H 320 -93.27 -0.43 -21.28
C ALA H 320 -93.21 0.76 -20.31
N VAL H 321 -92.91 0.46 -19.04
CA VAL H 321 -92.69 1.49 -18.03
C VAL H 321 -91.41 2.27 -18.36
N PHE H 322 -90.37 1.53 -18.74
CA PHE H 322 -89.09 2.12 -19.11
C PHE H 322 -89.22 3.02 -20.32
N ASN H 323 -90.08 2.62 -21.27
CA ASN H 323 -90.32 3.37 -22.50
C ASN H 323 -90.85 4.78 -22.26
N GLY H 324 -91.70 4.90 -21.24
CA GLY H 324 -92.27 6.18 -20.82
C GLY H 324 -93.78 6.20 -20.86
N ALA H 325 -94.39 5.02 -20.83
CA ALA H 325 -95.83 4.89 -20.91
C ALA H 325 -96.51 5.35 -19.62
N ASP H 326 -97.62 6.08 -19.75
CA ASP H 326 -98.43 6.46 -18.61
C ASP H 326 -99.13 5.21 -18.11
N CYS H 327 -99.76 4.51 -19.04
CA CYS H 327 -100.63 3.39 -18.73
C CYS H 327 -100.20 2.09 -19.37
N VAL H 328 -100.49 1.01 -18.65
CA VAL H 328 -100.42 -0.34 -19.17
C VAL H 328 -101.84 -0.90 -19.08
N MET H 329 -102.18 -1.82 -19.99
CA MET H 329 -103.55 -2.29 -20.11
C MET H 329 -103.68 -3.82 -20.22
N LEU H 330 -104.79 -4.33 -19.69
CA LEU H 330 -105.12 -5.75 -19.75
C LEU H 330 -106.44 -5.92 -20.51
N SER H 331 -106.46 -6.90 -21.43
CA SER H 331 -107.63 -7.13 -22.27
C SER H 331 -108.40 -8.40 -21.89
N GLY H 332 -108.10 -9.51 -22.56
CA GLY H 332 -108.76 -10.79 -22.26
C GLY H 332 -108.46 -11.32 -20.87
N GLU H 333 -107.32 -10.88 -20.33
CA GLU H 333 -106.87 -11.27 -18.99
C GLU H 333 -107.88 -10.93 -17.90
N THR H 334 -108.54 -9.78 -18.06
CA THR H 334 -109.63 -9.38 -17.16
C THR H 334 -111.02 -9.59 -17.78
N ALA H 335 -111.08 -9.56 -19.12
CA ALA H 335 -112.34 -9.73 -19.84
C ALA H 335 -112.92 -11.14 -19.70
N LYS H 336 -112.13 -12.15 -20.04
CA LYS H 336 -112.59 -13.55 -19.92
C LYS H 336 -111.57 -14.48 -19.23
N GLY H 337 -110.62 -13.90 -18.50
CA GLY H 337 -109.58 -14.67 -17.81
C GLY H 337 -110.02 -15.41 -16.55
N LYS H 338 -109.21 -16.39 -16.16
CA LYS H 338 -109.44 -17.20 -14.95
C LYS H 338 -108.81 -16.60 -13.70
N TYR H 339 -107.91 -15.63 -13.88
CA TYR H 339 -107.19 -15.01 -12.77
C TYR H 339 -107.15 -13.48 -12.88
N PRO H 340 -108.33 -12.83 -12.83
CA PRO H 340 -108.40 -11.37 -12.95
C PRO H 340 -107.62 -10.60 -11.87
N ASN H 341 -107.76 -11.00 -10.61
CA ASN H 341 -107.04 -10.35 -9.51
C ASN H 341 -105.53 -10.55 -9.58
N GLU H 342 -105.13 -11.79 -9.83
CA GLU H 342 -103.72 -12.16 -9.89
C GLU H 342 -102.99 -11.40 -10.99
N VAL H 343 -103.62 -11.29 -12.16
CA VAL H 343 -103.03 -10.59 -13.31
C VAL H 343 -102.88 -9.07 -13.06
N VAL H 344 -103.82 -8.48 -12.31
CA VAL H 344 -103.73 -7.07 -11.94
C VAL H 344 -102.67 -6.89 -10.83
N GLN H 345 -102.58 -7.88 -9.95
CA GLN H 345 -101.61 -7.85 -8.85
C GLN H 345 -100.18 -7.93 -9.38
N TYR H 346 -99.96 -8.87 -10.31
CA TYR H 346 -98.66 -9.00 -10.96
C TYR H 346 -98.29 -7.74 -11.73
N MET H 347 -99.22 -7.24 -12.54
CA MET H 347 -98.99 -6.02 -13.33
C MET H 347 -98.55 -4.86 -12.43
N ALA H 348 -99.20 -4.73 -11.28
CA ALA H 348 -98.86 -3.71 -10.28
C ALA H 348 -97.44 -3.92 -9.73
N ARG H 349 -97.14 -5.16 -9.35
CA ARG H 349 -95.84 -5.56 -8.81
C ARG H 349 -94.68 -5.30 -9.78
N ILE H 350 -94.90 -5.63 -11.06
CA ILE H 350 -93.89 -5.43 -12.09
C ILE H 350 -93.66 -3.94 -12.37
N CYS H 351 -94.76 -3.17 -12.41
CA CYS H 351 -94.69 -1.73 -12.62
C CYS H 351 -93.89 -1.05 -11.50
N LEU H 352 -94.14 -1.49 -10.27
CA LEU H 352 -93.50 -0.92 -9.09
C LEU H 352 -92.00 -1.22 -9.07
N GLU H 353 -91.65 -2.44 -9.47
CA GLU H 353 -90.25 -2.85 -9.57
C GLU H 353 -89.50 -2.07 -10.65
N ALA H 354 -90.16 -1.90 -11.81
CA ALA H 354 -89.63 -1.16 -12.96
C ALA H 354 -89.37 0.30 -12.61
N GLN H 355 -90.27 0.88 -11.81
CA GLN H 355 -90.14 2.25 -11.31
C GLN H 355 -88.86 2.46 -10.49
N SER H 356 -88.43 1.43 -9.76
CA SER H 356 -87.19 1.48 -8.96
C SER H 356 -85.95 1.75 -9.81
N ALA H 357 -85.89 1.12 -10.99
CA ALA H 357 -84.76 1.31 -11.90
C ALA H 357 -84.90 2.61 -12.69
N LEU H 358 -86.11 2.90 -13.14
CA LEU H 358 -86.40 4.07 -13.97
C LEU H 358 -85.68 5.33 -13.48
N ASN H 359 -84.91 5.96 -14.37
CA ASN H 359 -84.16 7.18 -14.06
C ASN H 359 -84.97 8.46 -14.32
N GLU H 360 -85.79 8.84 -13.34
CA GLU H 360 -86.65 10.02 -13.45
C GLU H 360 -85.90 11.34 -13.72
N TYR H 361 -84.78 11.53 -13.03
CA TYR H 361 -84.00 12.76 -13.22
C TYR H 361 -83.59 13.01 -14.67
N VAL H 362 -83.08 11.95 -15.32
CA VAL H 362 -82.71 11.97 -16.73
C VAL H 362 -83.93 12.23 -17.61
N PHE H 363 -85.04 11.55 -17.28
CA PHE H 363 -86.33 11.74 -17.92
C PHE H 363 -86.75 13.22 -17.86
N PHE H 364 -86.75 13.78 -16.65
CA PHE H 364 -87.05 15.19 -16.41
C PHE H 364 -86.23 16.12 -17.30
N ASN H 365 -84.91 15.93 -17.28
CA ASN H 365 -83.99 16.71 -18.10
C ASN H 365 -84.24 16.55 -19.60
N SER H 366 -84.55 15.33 -20.02
CA SER H 366 -84.73 15.01 -21.44
C SER H 366 -85.98 15.63 -22.06
N ILE H 367 -87.05 15.70 -21.28
CA ILE H 367 -88.30 16.34 -21.69
C ILE H 367 -88.12 17.86 -21.77
N LYS H 368 -87.49 18.41 -20.74
CA LYS H 368 -87.22 19.83 -20.62
C LYS H 368 -86.43 20.36 -21.82
N LYS H 369 -85.49 19.55 -22.30
CA LYS H 369 -84.67 19.87 -23.47
C LYS H 369 -85.47 19.99 -24.77
N LEU H 370 -86.56 19.24 -24.86
CA LEU H 370 -87.31 19.13 -26.11
C LEU H 370 -88.57 20.00 -26.15
N GLN H 371 -88.59 21.04 -25.33
CA GLN H 371 -89.69 22.00 -25.33
C GLN H 371 -89.29 23.26 -26.09
N HIS H 372 -90.26 23.89 -26.76
CA HIS H 372 -90.01 25.16 -27.41
C HIS H 372 -89.87 26.28 -26.38
N ILE H 373 -88.83 27.08 -26.56
CA ILE H 373 -88.57 28.25 -25.71
C ILE H 373 -88.83 29.52 -26.55
N PRO H 374 -89.59 30.48 -25.98
CA PRO H 374 -90.12 30.52 -24.61
C PRO H 374 -91.29 29.58 -24.33
N MET H 375 -91.29 28.98 -23.15
CA MET H 375 -92.44 28.25 -22.67
C MET H 375 -93.43 29.28 -22.12
N SER H 376 -94.70 28.88 -22.04
CA SER H 376 -95.70 29.71 -21.38
C SER H 376 -95.39 29.82 -19.88
N ALA H 377 -96.01 30.78 -19.21
CA ALA H 377 -95.86 30.95 -17.76
C ALA H 377 -96.21 29.68 -16.98
N ASP H 378 -97.38 29.11 -17.26
CA ASP H 378 -97.84 27.94 -16.52
C ASP H 378 -96.97 26.70 -16.73
N GLU H 379 -96.41 26.52 -17.91
CA GLU H 379 -95.49 25.39 -18.13
C GLU H 379 -94.15 25.61 -17.42
N ALA H 380 -93.62 26.84 -17.51
CA ALA H 380 -92.34 27.19 -16.86
C ALA H 380 -92.41 26.96 -15.35
N VAL H 381 -93.57 27.28 -14.78
CA VAL H 381 -93.85 27.06 -13.36
C VAL H 381 -93.72 25.57 -13.00
N CYS H 382 -94.39 24.71 -13.77
CA CYS H 382 -94.39 23.27 -13.52
C CYS H 382 -93.01 22.69 -13.66
N SER H 383 -92.33 23.13 -14.72
CA SER H 383 -90.97 22.72 -15.03
C SER H 383 -90.03 23.01 -13.87
N SER H 384 -90.14 24.22 -13.33
CA SER H 384 -89.23 24.69 -12.29
C SER H 384 -89.62 24.17 -10.91
N ALA H 385 -90.89 23.84 -10.74
CA ALA H 385 -91.37 23.16 -9.54
C ALA H 385 -90.75 21.78 -9.40
N VAL H 386 -90.74 21.02 -10.50
CA VAL H 386 -90.07 19.71 -10.53
C VAL H 386 -88.57 19.87 -10.34
N ASN H 387 -88.03 20.99 -10.84
CA ASN H 387 -86.62 21.31 -10.62
C ASN H 387 -86.35 21.53 -9.13
N SER H 388 -87.29 22.20 -8.45
CA SER H 388 -87.24 22.41 -6.99
C SER H 388 -87.30 21.09 -6.24
N VAL H 389 -88.12 20.17 -6.73
CA VAL H 389 -88.28 18.84 -6.14
C VAL H 389 -86.96 18.08 -6.04
N TYR H 390 -86.15 18.15 -7.10
CA TYR H 390 -84.87 17.45 -7.13
C TYR H 390 -83.79 18.14 -6.30
N GLU H 391 -83.80 19.47 -6.30
CA GLU H 391 -82.77 20.24 -5.60
C GLU H 391 -82.92 20.15 -4.09
N THR H 392 -84.16 20.06 -3.62
CA THR H 392 -84.47 20.00 -2.20
C THR H 392 -84.68 18.57 -1.69
N LYS H 393 -84.91 17.65 -2.61
CA LYS H 393 -85.35 16.28 -2.29
C LYS H 393 -86.72 16.30 -1.59
N ALA H 394 -87.64 17.05 -2.20
CA ALA H 394 -89.01 17.15 -1.71
C ALA H 394 -89.65 15.77 -1.76
N LYS H 395 -90.41 15.44 -0.72
CA LYS H 395 -91.00 14.10 -0.61
C LYS H 395 -92.44 14.01 -1.13
N ALA H 396 -93.02 15.16 -1.47
CA ALA H 396 -94.33 15.21 -2.10
C ALA H 396 -94.51 16.46 -2.95
N MET H 397 -95.61 16.48 -3.72
CA MET H 397 -95.97 17.63 -4.54
C MET H 397 -97.49 17.83 -4.46
N VAL H 398 -97.92 19.07 -4.33
CA VAL H 398 -99.35 19.37 -4.34
C VAL H 398 -99.67 20.36 -5.46
N VAL H 399 -100.60 19.97 -6.33
N VAL H 399 -100.61 19.98 -6.32
CA VAL H 399 -101.08 20.84 -7.40
CA VAL H 399 -101.05 20.85 -7.41
C VAL H 399 -102.60 21.04 -7.34
C VAL H 399 -102.58 21.02 -7.42
N LEU H 400 -103.03 22.26 -7.60
CA LEU H 400 -104.46 22.59 -7.64
C LEU H 400 -104.92 22.57 -9.10
N SER H 401 -105.74 21.60 -9.46
CA SER H 401 -106.23 21.50 -10.82
C SER H 401 -107.73 21.18 -10.88
N ASN H 402 -108.52 22.11 -11.43
CA ASN H 402 -109.94 21.90 -11.66
C ASN H 402 -110.17 21.05 -12.91
N THR H 403 -109.70 21.53 -14.06
CA THR H 403 -109.49 20.68 -15.22
C THR H 403 -108.16 19.99 -14.93
N GLY H 404 -107.96 18.79 -15.44
CA GLY H 404 -106.70 18.07 -15.16
C GLY H 404 -105.40 18.66 -15.69
N ARG H 405 -105.45 19.90 -16.19
CA ARG H 405 -104.34 20.53 -16.90
C ARG H 405 -103.03 20.65 -16.11
N SER H 406 -103.07 21.41 -15.01
CA SER H 406 -101.88 21.71 -14.21
C SER H 406 -101.19 20.43 -13.76
N ALA H 407 -102.00 19.45 -13.36
CA ALA H 407 -101.53 18.16 -12.87
C ALA H 407 -100.80 17.35 -13.94
N ARG H 408 -101.35 17.35 -15.16
CA ARG H 408 -100.71 16.67 -16.30
C ARG H 408 -99.43 17.39 -16.72
N LEU H 409 -99.45 18.72 -16.57
CA LEU H 409 -98.32 19.58 -16.88
C LEU H 409 -97.16 19.37 -15.88
N VAL H 410 -97.49 19.01 -14.64
CA VAL H 410 -96.48 18.64 -13.65
C VAL H 410 -95.95 17.23 -13.94
N ALA H 411 -96.86 16.25 -13.98
CA ALA H 411 -96.53 14.86 -14.31
C ALA H 411 -95.69 14.74 -15.59
N LYS H 412 -95.92 15.66 -16.52
CA LYS H 412 -95.12 15.76 -17.75
C LYS H 412 -93.63 15.77 -17.46
N TYR H 413 -93.23 16.45 -16.37
CA TYR H 413 -91.81 16.63 -16.06
C TYR H 413 -91.23 15.61 -15.08
N ARG H 414 -91.98 14.54 -14.82
CA ARG H 414 -91.50 13.35 -14.12
C ARG H 414 -90.65 13.64 -12.88
N PRO H 415 -91.29 14.12 -11.81
CA PRO H 415 -90.57 14.22 -10.54
C PRO H 415 -90.32 12.85 -9.94
N ASN H 416 -89.52 12.78 -8.88
CA ASN H 416 -89.21 11.51 -8.24
C ASN H 416 -89.90 11.37 -6.88
N CYS H 417 -91.08 11.97 -6.78
CA CYS H 417 -91.95 11.89 -5.60
C CYS H 417 -93.41 11.88 -6.09
N PRO H 418 -94.37 11.47 -5.22
CA PRO H 418 -95.78 11.52 -5.62
C PRO H 418 -96.29 12.93 -5.93
N ILE H 419 -97.23 13.02 -6.87
CA ILE H 419 -97.93 14.27 -7.17
C ILE H 419 -99.36 14.18 -6.65
N VAL H 420 -99.69 15.01 -5.67
CA VAL H 420 -101.04 15.05 -5.11
C VAL H 420 -101.81 16.21 -5.76
N CYS H 421 -102.86 15.87 -6.49
CA CYS H 421 -103.66 16.85 -7.19
C CYS H 421 -104.97 17.09 -6.47
N VAL H 422 -105.14 18.30 -5.96
CA VAL H 422 -106.37 18.68 -5.30
C VAL H 422 -107.28 19.30 -6.35
N THR H 423 -108.47 18.76 -6.48
CA THR H 423 -109.38 19.15 -7.55
C THR H 423 -110.81 19.39 -7.07
N THR H 424 -111.51 20.31 -7.75
CA THR H 424 -112.91 20.63 -7.45
C THR H 424 -113.86 19.77 -8.30
N ARG H 425 -113.31 19.03 -9.24
CA ARG H 425 -114.10 18.20 -10.14
C ARG H 425 -113.82 16.70 -9.98
N LEU H 426 -114.90 15.95 -9.77
CA LEU H 426 -114.86 14.51 -9.55
C LEU H 426 -114.50 13.76 -10.84
N GLN H 427 -114.84 14.37 -11.97
CA GLN H 427 -114.49 13.83 -13.28
C GLN H 427 -113.00 13.95 -13.53
N THR H 428 -112.42 15.03 -12.99
CA THR H 428 -110.98 15.27 -13.08
C THR H 428 -110.20 14.21 -12.28
N CYS H 429 -110.75 13.81 -11.13
CA CYS H 429 -110.22 12.68 -10.36
C CYS H 429 -110.16 11.41 -11.21
N ARG H 430 -111.24 11.12 -11.92
CA ARG H 430 -111.32 9.92 -12.75
C ARG H 430 -110.42 10.01 -13.99
N GLN H 431 -110.42 11.17 -14.63
CA GLN H 431 -109.66 11.38 -15.85
C GLN H 431 -108.14 11.33 -15.63
N LEU H 432 -107.68 11.76 -14.46
CA LEU H 432 -106.24 11.75 -14.14
C LEU H 432 -105.72 10.35 -13.81
N ASN H 433 -106.62 9.37 -13.79
CA ASN H 433 -106.25 7.96 -13.62
C ASN H 433 -105.56 7.35 -14.84
N ILE H 434 -105.40 8.11 -15.92
CA ILE H 434 -104.58 7.70 -17.07
C ILE H 434 -103.25 8.49 -17.15
N THR H 435 -102.99 9.29 -16.13
CA THR H 435 -101.76 10.05 -16.04
C THR H 435 -100.90 9.47 -14.93
N GLN H 436 -99.69 9.08 -15.33
CA GLN H 436 -98.70 8.50 -14.44
C GLN H 436 -98.34 9.42 -13.26
N GLY H 437 -98.16 8.82 -12.08
CA GLY H 437 -97.59 9.50 -10.91
C GLY H 437 -98.42 10.58 -10.26
N VAL H 438 -99.71 10.63 -10.59
CA VAL H 438 -100.63 11.62 -10.02
C VAL H 438 -101.71 10.93 -9.20
N GLU H 439 -101.95 11.46 -7.99
CA GLU H 439 -103.03 10.99 -7.12
C GLU H 439 -103.96 12.15 -6.81
N SER H 440 -105.26 11.88 -6.81
CA SER H 440 -106.25 12.94 -6.73
C SER H 440 -107.09 13.00 -5.44
N VAL H 441 -107.13 14.20 -4.87
CA VAL H 441 -107.97 14.54 -3.72
C VAL H 441 -109.08 15.44 -4.25
N PHE H 442 -110.32 15.14 -3.88
CA PHE H 442 -111.47 15.95 -4.28
C PHE H 442 -111.90 16.92 -3.19
N PHE H 443 -111.91 18.20 -3.56
CA PHE H 443 -112.37 19.27 -2.69
C PHE H 443 -113.76 19.68 -3.17
N ASP H 444 -114.76 19.52 -2.29
CA ASP H 444 -116.13 19.90 -2.62
C ASP H 444 -116.34 21.39 -2.34
N ALA H 445 -116.17 22.21 -3.37
CA ALA H 445 -116.35 23.66 -3.27
C ALA H 445 -117.81 24.06 -3.03
N ASP H 446 -118.73 23.14 -3.33
CA ASP H 446 -120.15 23.38 -3.13
C ASP H 446 -120.55 23.33 -1.65
N LYS H 447 -119.80 22.59 -0.84
CA LYS H 447 -120.08 22.54 0.59
C LYS H 447 -118.94 23.00 1.50
N LEU H 448 -117.84 23.45 0.90
CA LEU H 448 -116.73 24.01 1.69
C LEU H 448 -116.30 25.41 1.25
N GLY H 449 -116.78 25.86 0.09
CA GLY H 449 -116.49 27.19 -0.42
C GLY H 449 -115.52 27.18 -1.59
N HIS H 450 -115.50 28.28 -2.35
CA HIS H 450 -114.67 28.37 -3.55
C HIS H 450 -113.16 28.49 -3.27
N ASP H 451 -112.81 28.59 -1.98
CA ASP H 451 -111.42 28.63 -1.51
C ASP H 451 -110.52 29.44 -2.44
N GLU H 452 -110.82 30.73 -2.53
CA GLU H 452 -110.11 31.64 -3.43
C GLU H 452 -108.67 31.93 -2.98
N GLY H 453 -108.42 31.78 -1.67
CA GLY H 453 -107.09 32.00 -1.10
C GLY H 453 -106.19 30.78 -1.10
N LYS H 454 -106.66 29.70 -1.72
CA LYS H 454 -105.89 28.44 -1.95
C LYS H 454 -105.65 27.59 -0.69
N GLU H 455 -105.81 28.19 0.49
CA GLU H 455 -105.38 27.60 1.77
C GLU H 455 -105.92 26.19 2.06
N HIS H 456 -107.24 26.02 1.94
CA HIS H 456 -107.90 24.75 2.27
C HIS H 456 -107.48 23.62 1.35
N ARG H 457 -107.38 23.93 0.06
CA ARG H 457 -107.02 22.94 -0.96
C ARG H 457 -105.58 22.45 -0.78
N VAL H 458 -104.68 23.39 -0.47
CA VAL H 458 -103.28 23.05 -0.17
C VAL H 458 -103.22 22.20 1.11
N ALA H 459 -103.99 22.60 2.12
CA ALA H 459 -104.08 21.87 3.40
C ALA H 459 -104.55 20.43 3.23
N ALA H 460 -105.49 20.23 2.30
CA ALA H 460 -106.04 18.90 2.01
C ALA H 460 -105.04 17.96 1.32
N GLY H 461 -104.19 18.53 0.45
CA GLY H 461 -103.18 17.76 -0.26
C GLY H 461 -102.03 17.31 0.61
N VAL H 462 -101.58 18.20 1.49
CA VAL H 462 -100.49 17.92 2.44
C VAL H 462 -100.93 16.86 3.44
N GLU H 463 -102.19 16.94 3.86
CA GLU H 463 -102.79 15.95 4.77
C GLU H 463 -102.87 14.57 4.13
N PHE H 464 -103.22 14.54 2.85
CA PHE H 464 -103.30 13.29 2.09
C PHE H 464 -101.91 12.66 1.89
N ALA H 465 -100.93 13.53 1.64
CA ALA H 465 -99.53 13.11 1.56
C ALA H 465 -99.02 12.67 2.93
N LYS H 466 -99.43 13.40 3.97
CA LYS H 466 -99.15 13.02 5.35
C LYS H 466 -99.80 11.67 5.69
N SER H 467 -101.05 11.50 5.28
CA SER H 467 -101.81 10.29 5.56
C SER H 467 -101.23 9.06 4.87
N LYS H 468 -100.76 9.25 3.64
CA LYS H 468 -100.18 8.16 2.84
C LYS H 468 -98.74 7.84 3.26
N GLY H 469 -98.15 8.70 4.07
CA GLY H 469 -96.79 8.49 4.59
C GLY H 469 -95.68 8.98 3.66
N TYR H 470 -96.03 9.87 2.75
CA TYR H 470 -95.06 10.48 1.84
C TYR H 470 -94.23 11.57 2.52
N VAL H 471 -94.87 12.29 3.46
CA VAL H 471 -94.21 13.36 4.22
C VAL H 471 -94.41 13.25 5.74
N GLN H 472 -93.39 13.65 6.49
CA GLN H 472 -93.45 13.82 7.95
C GLN H 472 -93.08 15.26 8.29
N THR H 473 -93.07 15.58 9.59
CA THR H 473 -92.63 16.89 10.06
C THR H 473 -91.15 17.08 9.75
N GLY H 474 -90.85 18.11 8.96
CA GLY H 474 -89.46 18.42 8.59
C GLY H 474 -89.10 18.14 7.14
N ASP H 475 -90.01 17.48 6.41
CA ASP H 475 -89.82 17.23 4.98
C ASP H 475 -90.29 18.44 4.18
N TYR H 476 -89.86 18.52 2.92
CA TYR H 476 -90.31 19.57 2.03
C TYR H 476 -91.46 19.09 1.16
N CYS H 477 -92.29 20.02 0.71
CA CYS H 477 -93.37 19.74 -0.21
C CYS H 477 -93.54 20.92 -1.17
N VAL H 478 -93.51 20.61 -2.47
CA VAL H 478 -93.56 21.63 -3.50
C VAL H 478 -94.99 21.84 -4.00
N VAL H 479 -95.53 23.03 -3.70
CA VAL H 479 -96.93 23.34 -3.92
C VAL H 479 -97.14 24.31 -5.09
N ILE H 480 -97.99 23.91 -6.05
CA ILE H 480 -98.25 24.70 -7.25
C ILE H 480 -99.69 25.20 -7.35
N HIS H 481 -99.85 26.51 -7.46
CA HIS H 481 -101.12 27.17 -7.76
C HIS H 481 -100.86 28.62 -8.19
N ALA H 482 -101.91 29.41 -8.33
CA ALA H 482 -101.76 30.83 -8.66
C ALA H 482 -101.66 31.69 -7.40
N ASP H 483 -101.24 32.95 -7.59
CA ASP H 483 -101.35 33.95 -6.52
C ASP H 483 -102.80 34.44 -6.45
N HIS H 484 -103.00 35.65 -5.94
CA HIS H 484 -104.36 36.17 -5.75
C HIS H 484 -104.95 36.78 -7.01
N LYS H 485 -104.12 37.47 -7.78
CA LYS H 485 -104.56 38.16 -8.98
C LYS H 485 -104.90 37.19 -10.12
N VAL H 486 -104.03 36.22 -10.34
CA VAL H 486 -104.09 35.37 -11.52
C VAL H 486 -105.21 34.31 -11.46
N LYS H 487 -106.04 34.31 -12.50
CA LYS H 487 -107.06 33.29 -12.68
C LYS H 487 -106.83 32.56 -13.99
N GLY H 488 -106.99 31.23 -13.98
CA GLY H 488 -106.90 30.45 -15.19
C GLY H 488 -105.80 29.42 -15.16
N TYR H 489 -104.61 29.84 -14.76
CA TYR H 489 -103.45 28.96 -14.71
C TYR H 489 -102.66 29.19 -13.41
N ALA H 490 -101.83 28.22 -13.06
CA ALA H 490 -100.96 28.35 -11.89
C ALA H 490 -99.71 29.12 -12.29
N ASN H 491 -99.44 30.20 -11.58
CA ASN H 491 -98.27 31.05 -11.87
C ASN H 491 -97.28 31.14 -10.70
N GLN H 492 -97.49 30.32 -9.67
CA GLN H 492 -96.76 30.43 -8.41
C GLN H 492 -96.36 29.06 -7.88
N THR H 493 -95.13 28.97 -7.39
CA THR H 493 -94.65 27.77 -6.71
C THR H 493 -94.06 28.17 -5.39
N ARG H 494 -94.33 27.37 -4.37
CA ARG H 494 -93.72 27.58 -3.07
C ARG H 494 -93.22 26.26 -2.48
N ILE H 495 -92.10 26.34 -1.76
CA ILE H 495 -91.59 25.19 -1.04
C ILE H 495 -91.95 25.38 0.42
N LEU H 496 -92.93 24.60 0.90
CA LEU H 496 -93.31 24.67 2.30
C LEU H 496 -92.74 23.50 3.11
N LEU H 497 -92.44 23.77 4.37
CA LEU H 497 -92.02 22.72 5.29
C LEU H 497 -93.27 22.23 6.02
N VAL H 498 -93.50 20.93 5.98
CA VAL H 498 -94.67 20.34 6.63
C VAL H 498 -94.45 20.20 8.14
N GLU H 499 -95.44 20.66 8.91
CA GLU H 499 -95.40 20.61 10.37
C GLU H 499 -95.90 19.27 10.89
N SER I 2 2.50 -23.89 -36.50
CA SER I 2 3.41 -22.72 -36.40
C SER I 2 2.62 -21.44 -36.64
N GLN I 3 3.16 -20.31 -36.16
CA GLN I 3 2.50 -19.02 -36.36
C GLN I 3 2.53 -18.64 -37.84
N LEU I 4 3.66 -18.90 -38.49
CA LEU I 4 3.83 -18.66 -39.92
C LEU I 4 2.77 -19.38 -40.74
N ALA I 5 2.63 -20.70 -40.47
CA ALA I 5 1.67 -21.54 -41.18
C ALA I 5 0.24 -21.08 -40.96
N HIS I 6 -0.06 -20.63 -39.74
CA HIS I 6 -1.41 -20.14 -39.38
C HIS I 6 -1.76 -18.83 -40.07
N ASN I 7 -0.75 -17.99 -40.32
CA ASN I 7 -0.99 -16.70 -41.00
C ASN I 7 -1.44 -16.90 -42.42
N LEU I 8 -0.95 -17.97 -43.04
CA LEU I 8 -1.30 -18.27 -44.42
C LEU I 8 -2.74 -18.76 -44.58
N THR I 9 -3.38 -19.14 -43.47
CA THR I 9 -4.77 -19.62 -43.49
C THR I 9 -5.76 -18.49 -43.19
N LEU I 10 -5.27 -17.27 -43.10
CA LEU I 10 -6.12 -16.12 -42.78
C LEU I 10 -6.72 -15.50 -44.05
N SER I 11 -7.82 -14.78 -43.89
CA SER I 11 -8.33 -13.92 -44.97
C SER I 11 -8.87 -12.63 -44.36
N ILE I 12 -8.81 -11.54 -45.11
CA ILE I 12 -9.45 -10.28 -44.67
C ILE I 12 -10.96 -10.39 -44.68
N PHE I 13 -11.51 -11.18 -45.61
CA PHE I 13 -12.97 -11.30 -45.80
C PHE I 13 -13.66 -12.17 -44.74
N ASP I 14 -12.89 -12.95 -43.99
CA ASP I 14 -13.42 -13.82 -42.92
C ASP I 14 -14.48 -13.12 -42.04
N PRO I 15 -15.57 -13.83 -41.68
CA PRO I 15 -16.58 -13.22 -40.80
C PRO I 15 -16.13 -13.24 -39.34
N VAL I 16 -16.37 -12.14 -38.64
CA VAL I 16 -16.00 -12.02 -37.23
C VAL I 16 -16.98 -12.78 -36.34
N ALA I 17 -16.52 -13.16 -35.14
CA ALA I 17 -17.35 -13.93 -34.22
C ALA I 17 -18.61 -13.18 -33.77
N ASN I 18 -19.58 -13.92 -33.24
CA ASN I 18 -20.81 -13.34 -32.68
C ASN I 18 -20.63 -12.77 -31.28
N TYR I 19 -19.36 -12.59 -30.88
CA TYR I 19 -18.98 -12.10 -29.56
C TYR I 19 -17.51 -11.63 -29.51
N ARG I 20 -17.30 -10.52 -28.80
CA ARG I 20 -15.97 -9.96 -28.59
C ARG I 20 -15.45 -10.51 -27.27
N ALA I 21 -14.26 -11.10 -27.28
CA ALA I 21 -13.68 -11.65 -26.06
C ALA I 21 -13.11 -10.56 -25.16
N ALA I 22 -12.21 -9.75 -25.73
CA ALA I 22 -11.55 -8.62 -25.06
C ALA I 22 -12.50 -7.57 -24.48
N ARG I 23 -12.08 -6.96 -23.39
CA ARG I 23 -12.88 -5.99 -22.65
C ARG I 23 -12.25 -4.59 -22.69
N ILE I 24 -13.11 -3.58 -22.59
CA ILE I 24 -12.66 -2.18 -22.73
C ILE I 24 -12.86 -1.36 -21.47
N ILE I 25 -11.75 -0.81 -20.96
CA ILE I 25 -11.77 0.13 -19.85
C ILE I 25 -11.71 1.55 -20.42
N CYS I 26 -12.63 2.40 -19.96
CA CYS I 26 -12.63 3.82 -20.33
C CYS I 26 -12.44 4.67 -19.09
N THR I 27 -11.54 5.65 -19.17
CA THR I 27 -11.41 6.55 -18.04
C THR I 27 -12.34 7.75 -18.20
N ILE I 28 -13.04 8.07 -17.12
CA ILE I 28 -14.09 9.08 -17.14
C ILE I 28 -13.52 10.44 -16.71
N GLY I 29 -13.84 11.45 -17.51
CA GLY I 29 -13.49 12.83 -17.23
C GLY I 29 -14.53 13.72 -17.88
N PRO I 30 -14.21 15.03 -18.04
CA PRO I 30 -15.16 16.05 -18.49
C PRO I 30 -15.93 15.70 -19.78
N SER I 31 -15.28 15.01 -20.71
CA SER I 31 -15.93 14.59 -21.96
C SER I 31 -16.98 13.51 -21.75
N THR I 32 -16.89 12.79 -20.64
CA THR I 32 -17.67 11.55 -20.48
C THR I 32 -18.46 11.38 -19.20
N GLN I 33 -18.53 12.41 -18.35
CA GLN I 33 -19.12 12.24 -17.03
C GLN I 33 -20.65 12.23 -16.93
N SER I 34 -21.33 12.97 -17.80
CA SER I 34 -22.81 12.99 -17.80
C SER I 34 -23.35 11.60 -18.02
N VAL I 35 -24.57 11.33 -17.57
CA VAL I 35 -25.13 9.98 -17.70
C VAL I 35 -25.39 9.64 -19.15
N GLU I 36 -25.74 10.65 -19.96
CA GLU I 36 -25.99 10.43 -21.37
C GLU I 36 -24.71 10.04 -22.12
N ALA I 37 -23.59 10.69 -21.78
CA ALA I 37 -22.31 10.34 -22.38
C ALA I 37 -21.92 8.91 -22.00
N LEU I 38 -22.11 8.56 -20.73
CA LEU I 38 -21.83 7.20 -20.24
C LEU I 38 -22.67 6.13 -20.93
N LYS I 39 -23.97 6.41 -21.12
CA LYS I 39 -24.81 5.52 -21.93
C LYS I 39 -24.18 5.30 -23.33
N GLY I 40 -23.67 6.35 -23.94
CA GLY I 40 -23.02 6.25 -25.24
C GLY I 40 -21.83 5.32 -25.19
N LEU I 41 -21.05 5.48 -24.14
CA LEU I 41 -19.87 4.64 -23.88
C LEU I 41 -20.23 3.18 -23.66
N ILE I 42 -21.27 2.92 -22.87
CA ILE I 42 -21.68 1.55 -22.62
C ILE I 42 -22.07 0.89 -23.94
N GLN I 43 -22.94 1.56 -24.69
CA GLN I 43 -23.43 1.04 -25.96
C GLN I 43 -22.33 0.92 -27.01
N SER I 44 -21.31 1.77 -26.91
CA SER I 44 -20.12 1.66 -27.78
C SER I 44 -19.24 0.46 -27.41
N GLY I 45 -19.35 -0.01 -26.17
CA GLY I 45 -18.68 -1.21 -25.71
C GLY I 45 -17.76 -1.08 -24.49
N MET I 46 -18.01 -0.10 -23.62
CA MET I 46 -17.27 0.03 -22.35
C MET I 46 -17.82 -0.98 -21.33
N SER I 47 -16.90 -1.62 -20.60
CA SER I 47 -17.30 -2.56 -19.54
C SER I 47 -16.85 -2.07 -18.17
N VAL I 48 -15.78 -1.28 -18.15
CA VAL I 48 -15.18 -0.75 -16.92
C VAL I 48 -14.99 0.77 -16.99
N ALA I 49 -15.53 1.48 -15.98
CA ALA I 49 -15.30 2.92 -15.82
C ALA I 49 -14.12 3.16 -14.88
N ARG I 50 -13.10 3.88 -15.34
CA ARG I 50 -11.95 4.18 -14.50
C ARG I 50 -11.99 5.63 -14.01
N MET I 51 -11.87 5.81 -12.69
CA MET I 51 -11.76 7.14 -12.09
C MET I 51 -10.30 7.38 -11.69
N ASN I 52 -9.65 8.33 -12.35
CA ASN I 52 -8.27 8.71 -12.02
C ASN I 52 -8.24 9.69 -10.86
N PHE I 53 -7.74 9.24 -9.72
CA PHE I 53 -7.73 10.07 -8.50
C PHE I 53 -6.54 11.01 -8.39
N SER I 54 -5.70 11.05 -9.42
CA SER I 54 -4.70 12.11 -9.58
C SER I 54 -5.34 13.43 -10.01
N HIS I 55 -6.58 13.36 -10.51
CA HIS I 55 -7.35 14.54 -10.93
C HIS I 55 -8.72 14.51 -10.25
N GLY I 56 -9.32 15.67 -10.04
CA GLY I 56 -10.65 15.77 -9.44
C GLY I 56 -10.73 15.44 -7.96
N SER I 57 -11.75 15.98 -7.30
CA SER I 57 -12.00 15.72 -5.88
C SER I 57 -12.79 14.43 -5.68
N HIS I 58 -12.96 14.05 -4.42
CA HIS I 58 -13.90 12.98 -4.05
C HIS I 58 -15.32 13.29 -4.54
N GLU I 59 -15.69 14.57 -4.48
CA GLU I 59 -17.00 15.05 -4.90
C GLU I 59 -17.22 14.88 -6.41
N TYR I 60 -16.15 15.09 -7.18
CA TYR I 60 -16.18 14.89 -8.62
C TYR I 60 -16.38 13.41 -8.97
N HIS I 61 -15.63 12.55 -8.27
CA HIS I 61 -15.69 11.12 -8.52
C HIS I 61 -16.97 10.46 -7.97
N GLN I 62 -17.61 11.10 -7.00
CA GLN I 62 -18.95 10.72 -6.57
C GLN I 62 -19.98 10.87 -7.69
N THR I 63 -19.81 11.91 -8.50
CA THR I 63 -20.69 12.17 -9.64
C THR I 63 -20.51 11.05 -10.65
N THR I 64 -19.27 10.73 -10.97
CA THR I 64 -18.96 9.60 -11.85
C THR I 64 -19.64 8.32 -11.37
N ILE I 65 -19.43 7.98 -10.08
CA ILE I 65 -20.01 6.78 -9.48
C ILE I 65 -21.51 6.73 -9.65
N ASN I 66 -22.21 7.78 -9.25
CA ASN I 66 -23.67 7.84 -9.32
C ASN I 66 -24.15 7.78 -10.76
N ASN I 67 -23.40 8.44 -11.65
CA ASN I 67 -23.75 8.52 -13.05
C ASN I 67 -23.52 7.21 -13.79
N VAL I 68 -22.40 6.54 -13.52
CA VAL I 68 -22.16 5.20 -14.04
C VAL I 68 -23.30 4.27 -13.64
N ARG I 69 -23.64 4.28 -12.37
CA ARG I 69 -24.64 3.38 -11.84
C ARG I 69 -26.03 3.67 -12.40
N GLN I 70 -26.32 4.94 -12.68
CA GLN I 70 -27.60 5.32 -13.29
C GLN I 70 -27.66 4.87 -14.76
N ALA I 71 -26.60 5.20 -15.49
CA ALA I 71 -26.39 4.79 -16.87
C ALA I 71 -26.51 3.28 -17.06
N ALA I 72 -25.78 2.52 -16.24
CA ALA I 72 -25.84 1.06 -16.31
C ALA I 72 -27.26 0.54 -16.01
N ALA I 73 -27.91 1.13 -15.02
CA ALA I 73 -29.23 0.70 -14.57
C ALA I 73 -30.29 0.87 -15.65
N GLU I 74 -30.24 2.01 -16.34
CA GLU I 74 -31.19 2.34 -17.41
C GLU I 74 -31.02 1.46 -18.63
N LEU I 75 -29.78 1.07 -18.92
CA LEU I 75 -29.51 0.16 -20.03
C LEU I 75 -29.68 -1.31 -19.63
N GLY I 76 -29.81 -1.56 -18.32
CA GLY I 76 -29.99 -2.90 -17.80
C GLY I 76 -28.71 -3.74 -17.81
N VAL I 77 -27.57 -3.11 -17.52
CA VAL I 77 -26.29 -3.81 -17.53
C VAL I 77 -25.47 -3.57 -16.25
N ASN I 78 -24.41 -4.36 -16.07
CA ASN I 78 -23.50 -4.26 -14.91
C ASN I 78 -22.14 -3.76 -15.34
N ILE I 79 -21.81 -2.53 -14.97
CA ILE I 79 -20.52 -1.92 -15.32
C ILE I 79 -19.64 -1.87 -14.08
N ALA I 80 -18.38 -2.24 -14.22
CA ALA I 80 -17.44 -2.19 -13.11
C ALA I 80 -16.95 -0.76 -12.89
N ILE I 81 -16.65 -0.44 -11.65
CA ILE I 81 -16.05 0.86 -11.30
C ILE I 81 -14.69 0.66 -10.64
N ALA I 82 -13.68 1.28 -11.26
CA ALA I 82 -12.29 1.16 -10.86
C ALA I 82 -11.75 2.49 -10.33
N LEU I 83 -11.13 2.45 -9.16
CA LEU I 83 -10.50 3.63 -8.57
C LEU I 83 -9.01 3.58 -8.87
N ASP I 84 -8.53 4.54 -9.67
CA ASP I 84 -7.11 4.60 -9.98
C ASP I 84 -6.40 5.56 -9.01
N THR I 85 -5.48 5.03 -8.21
CA THR I 85 -4.88 5.79 -7.11
C THR I 85 -3.81 6.76 -7.57
N LYS I 86 -3.55 7.80 -6.78
CA LYS I 86 -2.39 8.65 -7.01
C LYS I 86 -1.08 7.86 -6.94
N GLY I 87 -0.90 7.12 -5.86
CA GLY I 87 0.34 6.37 -5.65
C GLY I 87 1.52 7.27 -5.33
N PRO I 88 2.73 6.68 -5.28
CA PRO I 88 3.96 7.46 -5.06
C PRO I 88 4.38 8.22 -6.32
N GLU I 89 3.67 9.30 -6.61
CA GLU I 89 3.86 10.04 -7.86
C GLU I 89 4.24 11.50 -7.65
N ILE I 90 4.79 12.12 -8.69
CA ILE I 90 5.08 13.54 -8.70
C ILE I 90 4.22 14.21 -9.78
N ARG I 91 3.54 15.28 -9.40
CA ARG I 91 2.71 16.06 -10.32
C ARG I 91 3.12 17.53 -10.32
N THR I 92 2.79 18.23 -11.40
CA THR I 92 2.94 19.68 -11.44
C THR I 92 1.71 20.29 -10.77
N GLY I 93 1.74 21.60 -10.57
CA GLY I 93 0.57 22.32 -10.07
C GLY I 93 -0.43 22.63 -11.17
N GLN I 94 -1.38 23.50 -10.86
CA GLN I 94 -2.32 24.02 -11.84
C GLN I 94 -1.72 25.19 -12.60
N PHE I 95 -2.31 25.49 -13.76
CA PHE I 95 -1.88 26.61 -14.59
C PHE I 95 -3.03 27.61 -14.74
N VAL I 96 -2.67 28.89 -14.85
CA VAL I 96 -3.62 29.97 -15.07
C VAL I 96 -4.22 29.83 -16.48
N GLY I 97 -5.54 29.72 -16.54
CA GLY I 97 -6.25 29.47 -17.79
C GLY I 97 -6.30 28.01 -18.18
N GLY I 98 -5.88 27.13 -17.26
CA GLY I 98 -5.97 25.68 -17.45
C GLY I 98 -4.77 25.03 -18.13
N ASP I 99 -3.97 25.82 -18.83
CA ASP I 99 -2.80 25.28 -19.56
C ASP I 99 -1.64 26.27 -19.73
N ALA I 100 -0.50 25.75 -20.15
CA ALA I 100 0.70 26.55 -20.42
C ALA I 100 1.35 26.12 -21.73
N VAL I 101 1.60 27.09 -22.60
CA VAL I 101 2.26 26.82 -23.87
C VAL I 101 3.78 26.95 -23.69
N MET I 102 4.48 25.80 -23.71
CA MET I 102 5.93 25.77 -23.59
C MET I 102 6.56 25.72 -24.98
N GLU I 103 7.57 26.57 -25.21
CA GLU I 103 8.22 26.67 -26.53
C GLU I 103 9.70 26.27 -26.48
N ARG I 104 10.15 25.54 -27.50
CA ARG I 104 11.56 25.11 -27.61
C ARG I 104 12.52 26.31 -27.59
N GLY I 105 13.38 26.34 -26.57
CA GLY I 105 14.37 27.41 -26.41
C GLY I 105 14.11 28.29 -25.20
N ALA I 106 12.88 28.26 -24.70
CA ALA I 106 12.45 29.10 -23.57
C ALA I 106 13.10 28.70 -22.25
N THR I 107 13.25 29.68 -21.37
CA THR I 107 13.78 29.45 -20.03
C THR I 107 12.66 29.59 -18.99
N CYS I 108 12.30 28.48 -18.35
CA CYS I 108 11.26 28.47 -17.34
C CYS I 108 11.78 28.13 -15.95
N TYR I 109 10.99 28.44 -14.93
CA TYR I 109 11.39 28.20 -13.54
C TYR I 109 10.43 27.23 -12.82
N VAL I 110 10.94 26.05 -12.49
CA VAL I 110 10.17 25.09 -11.68
C VAL I 110 10.43 25.32 -10.18
N THR I 111 9.36 25.32 -9.40
CA THR I 111 9.44 25.67 -7.98
C THR I 111 8.79 24.64 -7.07
N THR I 112 9.37 24.45 -5.88
CA THR I 112 8.85 23.55 -4.86
C THR I 112 7.85 24.29 -3.96
N ASP I 113 7.85 25.61 -4.06
CA ASP I 113 7.00 26.48 -3.24
C ASP I 113 5.51 26.25 -3.56
N PRO I 114 4.72 25.80 -2.55
CA PRO I 114 3.31 25.48 -2.74
C PRO I 114 2.40 26.72 -2.91
N ALA I 115 2.97 27.92 -2.79
CA ALA I 115 2.26 29.16 -3.07
C ALA I 115 1.95 29.30 -4.57
N PHE I 116 2.74 28.62 -5.40
CA PHE I 116 2.59 28.66 -6.85
C PHE I 116 1.76 27.48 -7.41
N ALA I 117 1.27 26.63 -6.50
CA ALA I 117 0.54 25.42 -6.90
C ALA I 117 -0.74 25.71 -7.68
N ASP I 118 -1.31 26.89 -7.47
CA ASP I 118 -2.58 27.27 -8.08
C ASP I 118 -2.42 28.31 -9.19
N LYS I 119 -1.21 28.83 -9.36
CA LYS I 119 -0.96 29.94 -10.28
C LYS I 119 0.26 29.74 -11.19
N GLY I 120 0.34 28.56 -11.82
CA GLY I 120 1.43 28.25 -12.72
C GLY I 120 1.32 28.93 -14.06
N THR I 121 2.46 29.30 -14.63
CA THR I 121 2.53 29.86 -15.98
C THR I 121 3.64 29.15 -16.75
N LYS I 122 3.71 29.42 -18.05
CA LYS I 122 4.79 28.92 -18.90
C LYS I 122 6.17 29.37 -18.40
N ASP I 123 6.19 30.41 -17.58
CA ASP I 123 7.44 30.96 -17.04
C ASP I 123 7.81 30.39 -15.67
N LYS I 124 6.81 30.05 -14.87
CA LYS I 124 7.03 29.62 -13.49
C LYS I 124 5.87 28.75 -13.01
N PHE I 125 6.16 27.51 -12.62
CA PHE I 125 5.14 26.59 -12.11
C PHE I 125 5.62 25.60 -11.06
N TYR I 126 4.66 25.00 -10.38
CA TYR I 126 4.87 24.14 -9.22
C TYR I 126 5.14 22.68 -9.58
N ILE I 127 6.01 22.04 -8.79
CA ILE I 127 6.21 20.58 -8.79
C ILE I 127 6.22 20.09 -7.34
N ASP I 128 5.36 19.13 -7.04
CA ASP I 128 5.04 18.76 -5.65
C ASP I 128 6.04 17.87 -4.90
N TYR I 129 7.14 17.47 -5.55
CA TYR I 129 8.15 16.67 -4.86
C TYR I 129 9.06 17.52 -3.99
N GLN I 130 8.94 17.33 -2.68
CA GLN I 130 9.54 18.22 -1.68
C GLN I 130 11.05 18.47 -1.83
N ASN I 131 11.81 17.41 -2.09
CA ASN I 131 13.27 17.56 -2.19
C ASN I 131 13.82 17.42 -3.62
N LEU I 132 13.06 17.98 -4.56
CA LEU I 132 13.44 18.05 -5.97
C LEU I 132 14.80 18.73 -6.18
N SER I 133 15.01 19.84 -5.47
CA SER I 133 16.23 20.63 -5.58
C SER I 133 17.48 19.86 -5.13
N LYS I 134 17.27 18.83 -4.32
CA LYS I 134 18.34 17.94 -3.87
C LYS I 134 18.64 16.82 -4.88
N VAL I 135 17.63 16.48 -5.68
CA VAL I 135 17.68 15.31 -6.57
C VAL I 135 18.36 15.56 -7.94
N VAL I 136 18.18 16.75 -8.50
CA VAL I 136 18.76 17.10 -9.81
C VAL I 136 19.90 18.12 -9.73
N ARG I 137 20.90 17.94 -10.60
CA ARG I 137 21.99 18.89 -10.79
C ARG I 137 21.76 19.62 -12.11
N PRO I 138 22.42 20.77 -12.32
CA PRO I 138 22.47 21.36 -13.66
C PRO I 138 22.87 20.35 -14.74
N GLY I 139 22.14 20.36 -15.86
CA GLY I 139 22.39 19.43 -16.95
C GLY I 139 21.39 18.29 -17.01
N ASN I 140 20.84 17.92 -15.85
CA ASN I 140 19.85 16.84 -15.76
C ASN I 140 18.51 17.19 -16.37
N TYR I 141 17.72 16.16 -16.68
CA TYR I 141 16.40 16.35 -17.26
C TYR I 141 15.27 16.16 -16.27
N ILE I 142 14.22 16.95 -16.44
CA ILE I 142 12.95 16.75 -15.76
C ILE I 142 11.91 16.42 -16.82
N TYR I 143 11.31 15.24 -16.68
CA TYR I 143 10.37 14.71 -17.67
C TYR I 143 8.94 15.08 -17.29
N ILE I 144 8.24 15.71 -18.22
CA ILE I 144 6.89 16.19 -17.97
C ILE I 144 5.93 15.51 -18.93
N ASP I 145 4.76 15.11 -18.41
CA ASP I 145 3.63 14.62 -19.21
C ASP I 145 3.96 13.30 -19.93
N ASP I 146 4.17 12.25 -19.16
CA ASP I 146 4.64 10.95 -19.71
C ASP I 146 5.82 11.17 -20.66
N GLY I 147 6.71 12.09 -20.27
CA GLY I 147 7.95 12.35 -20.99
C GLY I 147 7.82 12.98 -22.37
N ILE I 148 6.63 13.49 -22.69
CA ILE I 148 6.42 14.25 -23.93
C ILE I 148 7.25 15.53 -23.89
N LEU I 149 7.26 16.20 -22.74
CA LEU I 149 8.08 17.38 -22.53
C LEU I 149 9.31 17.08 -21.64
N ILE I 150 10.47 17.54 -22.09
CA ILE I 150 11.70 17.46 -21.31
C ILE I 150 12.26 18.87 -21.03
N LEU I 151 12.55 19.15 -19.76
CA LEU I 151 13.22 20.38 -19.37
C LEU I 151 14.63 20.06 -18.92
N GLN I 152 15.59 20.92 -19.29
CA GLN I 152 16.96 20.75 -18.84
C GLN I 152 17.34 21.79 -17.79
N VAL I 153 17.73 21.31 -16.62
CA VAL I 153 18.15 22.16 -15.51
C VAL I 153 19.44 22.90 -15.91
N GLN I 154 19.47 24.20 -15.63
CA GLN I 154 20.63 25.04 -15.90
C GLN I 154 21.33 25.42 -14.60
N SER I 155 20.55 25.85 -13.61
CA SER I 155 21.05 26.26 -12.30
C SER I 155 19.93 26.37 -11.27
N HIS I 156 20.30 26.76 -10.06
CA HIS I 156 19.33 27.03 -8.99
C HIS I 156 19.14 28.54 -8.84
N GLU I 157 17.88 28.97 -8.77
CA GLU I 157 17.57 30.36 -8.41
C GLU I 157 17.72 30.53 -6.90
N ASP I 158 17.15 29.57 -6.16
CA ASP I 158 17.32 29.47 -4.71
C ASP I 158 17.18 28.01 -4.28
N GLU I 159 17.04 27.79 -2.98
CA GLU I 159 16.92 26.44 -2.43
C GLU I 159 15.59 25.75 -2.78
N GLN I 160 14.69 26.49 -3.44
CA GLN I 160 13.39 25.96 -3.85
C GLN I 160 13.12 26.05 -5.36
N THR I 161 13.76 27.00 -6.03
CA THR I 161 13.51 27.24 -7.46
C THR I 161 14.71 26.83 -8.32
N LEU I 162 14.41 26.33 -9.51
CA LEU I 162 15.44 25.91 -10.47
C LEU I 162 15.22 26.60 -11.81
N GLU I 163 16.29 27.16 -12.38
CA GLU I 163 16.25 27.74 -13.71
C GLU I 163 16.43 26.63 -14.76
N CYS I 164 15.44 26.49 -15.64
CA CYS I 164 15.41 25.42 -16.64
C CYS I 164 15.37 25.91 -18.09
N THR I 165 15.56 24.97 -19.00
CA THR I 165 15.45 25.21 -20.44
C THR I 165 14.43 24.24 -21.03
N VAL I 166 13.45 24.78 -21.75
CA VAL I 166 12.44 23.98 -22.44
C VAL I 166 13.05 23.40 -23.71
N THR I 167 13.25 22.08 -23.75
CA THR I 167 13.97 21.44 -24.86
C THR I 167 13.11 21.14 -26.09
N ASN I 168 11.79 21.05 -25.89
CA ASN I 168 10.85 20.86 -27.00
C ASN I 168 9.51 21.56 -26.75
N SER I 169 8.86 21.97 -27.84
CA SER I 169 7.57 22.67 -27.73
C SER I 169 6.43 21.72 -27.38
N HIS I 170 5.68 22.05 -26.33
CA HIS I 170 4.53 21.26 -25.88
C HIS I 170 3.60 22.04 -24.98
N THR I 171 2.30 21.95 -25.25
CA THR I 171 1.27 22.58 -24.40
C THR I 171 0.83 21.60 -23.31
N ILE I 172 0.88 22.06 -22.06
CA ILE I 172 0.62 21.21 -20.90
C ILE I 172 -0.54 21.69 -20.03
N SER I 173 -1.35 20.74 -19.55
CA SER I 173 -2.48 21.00 -18.67
C SER I 173 -2.08 20.94 -17.21
N ASP I 174 -3.01 21.32 -16.34
CA ASP I 174 -2.86 21.14 -14.89
C ASP I 174 -2.47 19.70 -14.55
N ARG I 175 -1.58 19.58 -13.56
CA ARG I 175 -1.22 18.29 -12.94
C ARG I 175 -0.60 17.28 -13.92
N ARG I 176 0.41 17.74 -14.65
CA ARG I 176 1.20 16.89 -15.53
C ARG I 176 2.03 15.96 -14.67
N GLY I 177 2.14 14.69 -15.07
CA GLY I 177 3.01 13.75 -14.39
C GLY I 177 4.47 14.15 -14.58
N VAL I 178 5.28 14.00 -13.54
CA VAL I 178 6.72 14.18 -13.67
C VAL I 178 7.48 12.90 -13.31
N ASN I 179 8.49 12.59 -14.11
CA ASN I 179 9.29 11.40 -13.89
C ASN I 179 10.77 11.77 -13.75
N LEU I 180 11.44 11.10 -12.83
CA LEU I 180 12.89 11.19 -12.70
C LEU I 180 13.49 9.78 -12.76
N PRO I 181 13.74 9.27 -13.99
CA PRO I 181 14.34 7.95 -14.17
C PRO I 181 15.75 7.88 -13.56
N GLY I 182 16.06 6.75 -12.93
CA GLY I 182 17.39 6.52 -12.35
C GLY I 182 17.65 7.24 -11.04
N CYS I 183 16.79 8.19 -10.70
CA CYS I 183 16.84 8.86 -9.42
C CYS I 183 16.04 8.07 -8.41
N ASP I 184 16.58 7.95 -7.19
CA ASP I 184 15.85 7.36 -6.08
C ASP I 184 14.93 8.42 -5.45
N VAL I 185 13.68 8.43 -5.88
CA VAL I 185 12.68 9.29 -5.24
C VAL I 185 12.15 8.57 -4.01
N ASP I 186 12.18 9.25 -2.87
CA ASP I 186 11.70 8.67 -1.62
C ASP I 186 10.25 9.04 -1.38
N LEU I 187 9.34 8.18 -1.87
CA LEU I 187 7.91 8.37 -1.64
C LEU I 187 7.28 7.12 -1.03
N PRO I 188 6.33 7.30 -0.09
CA PRO I 188 5.77 6.17 0.66
C PRO I 188 4.95 5.22 -0.20
N ALA I 189 5.02 3.93 0.11
CA ALA I 189 4.27 2.90 -0.61
C ALA I 189 2.78 3.19 -0.66
N VAL I 190 2.22 3.60 0.48
CA VAL I 190 0.83 4.07 0.54
C VAL I 190 0.74 5.37 1.36
N SER I 191 0.51 6.48 0.66
CA SER I 191 0.53 7.82 1.26
C SER I 191 -0.73 8.13 2.07
N ALA I 192 -0.78 9.33 2.63
CA ALA I 192 -1.93 9.79 3.41
C ALA I 192 -3.16 9.99 2.52
N LYS I 193 -2.96 10.50 1.32
CA LYS I 193 -4.05 10.67 0.36
C LYS I 193 -4.56 9.31 -0.11
N ASP I 194 -3.63 8.38 -0.33
CA ASP I 194 -3.96 7.01 -0.76
C ASP I 194 -4.96 6.38 0.17
N ARG I 195 -4.70 6.51 1.47
CA ARG I 195 -5.54 5.95 2.52
C ARG I 195 -6.93 6.54 2.51
N VAL I 196 -6.99 7.86 2.34
CA VAL I 196 -8.25 8.60 2.29
C VAL I 196 -9.07 8.15 1.08
N ASP I 197 -8.43 8.07 -0.09
CA ASP I 197 -9.07 7.63 -1.34
C ASP I 197 -9.52 6.16 -1.31
N LEU I 198 -8.68 5.29 -0.74
CA LEU I 198 -9.01 3.86 -0.63
C LEU I 198 -10.22 3.64 0.27
N GLN I 199 -10.31 4.43 1.34
CA GLN I 199 -11.42 4.32 2.26
C GLN I 199 -12.71 4.80 1.61
N PHE I 200 -12.61 5.89 0.84
CA PHE I 200 -13.70 6.39 0.01
C PHE I 200 -14.21 5.28 -0.91
N GLY I 201 -13.29 4.63 -1.61
CA GLY I 201 -13.60 3.45 -2.42
C GLY I 201 -14.33 2.32 -1.69
N VAL I 202 -13.92 2.04 -0.46
CA VAL I 202 -14.58 1.01 0.35
C VAL I 202 -16.01 1.46 0.69
N GLU I 203 -16.13 2.71 1.15
CA GLU I 203 -17.43 3.31 1.46
C GLU I 203 -18.37 3.34 0.24
N GLN I 204 -17.81 3.58 -0.94
CA GLN I 204 -18.61 3.72 -2.15
C GLN I 204 -18.84 2.43 -2.92
N GLY I 205 -18.19 1.35 -2.52
CA GLY I 205 -18.45 0.05 -3.13
C GLY I 205 -17.79 -0.15 -4.47
N VAL I 206 -16.58 0.38 -4.64
CA VAL I 206 -15.85 0.14 -5.89
C VAL I 206 -15.52 -1.35 -6.01
N ASP I 207 -15.36 -1.81 -7.25
CA ASP I 207 -15.18 -3.21 -7.55
C ASP I 207 -13.71 -3.57 -7.64
N MET I 208 -12.87 -2.56 -7.92
CA MET I 208 -11.43 -2.75 -8.03
C MET I 208 -10.65 -1.44 -7.85
N ILE I 209 -9.38 -1.61 -7.46
CA ILE I 209 -8.43 -0.52 -7.32
C ILE I 209 -7.33 -0.75 -8.34
N PHE I 210 -7.05 0.28 -9.14
CA PHE I 210 -5.88 0.28 -10.03
C PHE I 210 -4.75 0.98 -9.29
N ALA I 211 -3.92 0.19 -8.60
CA ALA I 211 -2.89 0.75 -7.73
C ALA I 211 -1.68 1.25 -8.51
N SER I 212 -1.47 2.56 -8.50
CA SER I 212 -0.39 3.19 -9.25
C SER I 212 0.99 2.98 -8.63
N PHE I 213 2.00 2.90 -9.50
CA PHE I 213 3.40 2.74 -9.11
C PHE I 213 3.64 1.66 -8.07
N ILE I 214 3.19 0.44 -8.38
CA ILE I 214 3.42 -0.68 -7.49
C ILE I 214 4.84 -1.18 -7.73
N ARG I 215 5.64 -1.17 -6.66
CA ARG I 215 7.07 -1.44 -6.76
C ARG I 215 7.48 -2.78 -6.15
N SER I 216 6.62 -3.37 -5.33
CA SER I 216 6.96 -4.57 -4.58
C SER I 216 5.73 -5.30 -4.05
N ALA I 217 5.90 -6.60 -3.79
CA ALA I 217 4.87 -7.42 -3.14
C ALA I 217 4.39 -6.87 -1.79
N GLU I 218 5.33 -6.40 -0.96
CA GLU I 218 4.96 -5.80 0.33
C GLU I 218 4.01 -4.59 0.17
N GLN I 219 4.30 -3.72 -0.79
CA GLN I 219 3.44 -2.57 -1.10
C GLN I 219 2.00 -2.99 -1.45
N VAL I 220 1.84 -4.11 -2.15
CA VAL I 220 0.52 -4.68 -2.47
C VAL I 220 -0.20 -5.07 -1.17
N GLY I 221 0.53 -5.75 -0.28
CA GLY I 221 0.05 -6.10 1.05
C GLY I 221 -0.43 -4.91 1.87
N ASP I 222 0.26 -3.77 1.74
CA ASP I 222 -0.13 -2.52 2.36
C ASP I 222 -1.45 -1.98 1.80
N VAL I 223 -1.61 -2.02 0.47
CA VAL I 223 -2.88 -1.65 -0.16
C VAL I 223 -4.02 -2.51 0.40
N ARG I 224 -3.85 -3.83 0.34
CA ARG I 224 -4.84 -4.79 0.86
C ARG I 224 -5.15 -4.56 2.35
N LYS I 225 -4.11 -4.25 3.12
CA LYS I 225 -4.23 -3.91 4.53
C LYS I 225 -5.11 -2.67 4.73
N ALA I 226 -4.82 -1.61 3.97
CA ALA I 226 -5.60 -0.37 4.01
C ALA I 226 -7.04 -0.52 3.53
N LEU I 227 -7.29 -1.48 2.66
CA LEU I 227 -8.67 -1.80 2.28
C LEU I 227 -9.34 -2.57 3.41
N GLY I 228 -8.59 -3.53 3.96
CA GLY I 228 -9.00 -4.26 5.15
C GLY I 228 -10.10 -5.26 4.90
N PRO I 229 -10.54 -5.95 5.97
CA PRO I 229 -11.61 -6.95 5.92
C PRO I 229 -12.84 -6.54 5.12
N LYS I 230 -13.23 -5.27 5.20
CA LYS I 230 -14.40 -4.77 4.49
C LYS I 230 -14.19 -4.69 2.98
N GLY I 231 -12.99 -4.30 2.57
CA GLY I 231 -12.65 -4.28 1.16
C GLY I 231 -11.85 -5.50 0.72
N ARG I 232 -12.11 -6.65 1.35
CA ARG I 232 -11.35 -7.87 1.05
C ARG I 232 -11.74 -8.48 -0.29
N ASP I 233 -12.95 -8.17 -0.75
CA ASP I 233 -13.43 -8.63 -2.05
C ASP I 233 -13.25 -7.59 -3.14
N ILE I 234 -12.49 -6.54 -2.85
CA ILE I 234 -12.14 -5.55 -3.84
C ILE I 234 -10.84 -6.01 -4.48
N MET I 235 -10.84 -6.08 -5.82
CA MET I 235 -9.66 -6.56 -6.55
C MET I 235 -8.59 -5.49 -6.58
N ILE I 236 -7.36 -5.91 -6.33
CA ILE I 236 -6.22 -5.01 -6.45
C ILE I 236 -5.48 -5.33 -7.74
N ILE I 237 -5.60 -4.41 -8.71
CA ILE I 237 -4.90 -4.51 -9.98
C ILE I 237 -3.65 -3.63 -9.89
N CYS I 238 -2.48 -4.26 -9.98
CA CYS I 238 -1.22 -3.54 -9.79
C CYS I 238 -0.67 -2.94 -11.07
N LYS I 239 -0.58 -1.62 -11.10
CA LYS I 239 -0.03 -0.91 -12.23
C LYS I 239 1.49 -0.97 -12.15
N ILE I 240 2.09 -1.51 -13.20
CA ILE I 240 3.54 -1.60 -13.33
C ILE I 240 4.01 -0.45 -14.23
N GLU I 241 4.81 0.44 -13.65
CA GLU I 241 5.23 1.66 -14.33
C GLU I 241 6.60 2.17 -13.92
N ASN I 242 7.37 1.34 -13.22
CA ASN I 242 8.77 1.65 -12.95
C ASN I 242 9.66 0.43 -13.09
N HIS I 243 10.96 0.66 -12.93
CA HIS I 243 11.98 -0.36 -13.08
C HIS I 243 11.77 -1.55 -12.15
N GLN I 244 11.39 -1.27 -10.90
CA GLN I 244 11.33 -2.31 -9.90
C GLN I 244 9.98 -2.99 -9.80
N GLY I 245 9.00 -2.46 -10.53
CA GLY I 245 7.75 -3.18 -10.75
C GLY I 245 8.04 -4.32 -11.70
N VAL I 246 8.78 -4.02 -12.75
CA VAL I 246 9.13 -5.00 -13.77
C VAL I 246 10.07 -6.02 -13.15
N GLN I 247 11.01 -5.54 -12.35
CA GLN I 247 11.98 -6.39 -11.68
C GLN I 247 11.32 -7.36 -10.69
N ASN I 248 10.35 -6.86 -9.93
CA ASN I 248 9.64 -7.67 -8.93
C ASN I 248 8.33 -8.26 -9.43
N ILE I 249 8.19 -8.39 -10.74
CA ILE I 249 6.91 -8.77 -11.31
C ILE I 249 6.31 -10.10 -10.78
N ASP I 250 7.14 -11.11 -10.62
CA ASP I 250 6.68 -12.42 -10.19
C ASP I 250 5.98 -12.38 -8.84
N SER I 251 6.61 -11.74 -7.85
CA SER I 251 6.05 -11.65 -6.51
C SER I 251 4.87 -10.68 -6.43
N ILE I 252 4.91 -9.61 -7.22
CA ILE I 252 3.78 -8.70 -7.33
C ILE I 252 2.55 -9.42 -7.87
N ILE I 253 2.73 -10.22 -8.93
CA ILE I 253 1.64 -10.99 -9.53
C ILE I 253 0.98 -11.93 -8.49
N GLU I 254 1.81 -12.62 -7.70
CA GLU I 254 1.32 -13.55 -6.69
C GLU I 254 0.46 -12.87 -5.60
N GLU I 255 0.80 -11.63 -5.26
CA GLU I 255 0.03 -10.87 -4.27
C GLU I 255 -1.21 -10.17 -4.82
N SER I 256 -1.12 -9.68 -6.06
CA SER I 256 -2.19 -8.89 -6.68
C SER I 256 -3.32 -9.76 -7.25
N ASP I 257 -4.40 -9.11 -7.67
CA ASP I 257 -5.51 -9.79 -8.34
C ASP I 257 -5.44 -9.65 -9.86
N GLY I 258 -4.37 -9.03 -10.34
CA GLY I 258 -4.23 -8.66 -11.74
C GLY I 258 -3.16 -7.60 -11.95
N ILE I 259 -2.98 -7.23 -13.21
CA ILE I 259 -1.86 -6.36 -13.60
C ILE I 259 -2.28 -5.38 -14.69
N MET I 260 -1.81 -4.14 -14.57
CA MET I 260 -1.89 -3.19 -15.68
C MET I 260 -0.50 -2.85 -16.16
N VAL I 261 -0.28 -3.02 -17.47
CA VAL I 261 0.95 -2.52 -18.08
C VAL I 261 0.66 -1.05 -18.34
N ALA I 262 1.13 -0.21 -17.43
CA ALA I 262 0.85 1.23 -17.45
C ALA I 262 1.93 1.92 -18.27
N ARG I 263 1.73 1.95 -19.60
CA ARG I 263 2.83 2.25 -20.53
C ARG I 263 3.28 3.71 -20.55
N GLY I 264 2.41 4.60 -20.08
CA GLY I 264 2.73 6.03 -20.00
C GLY I 264 3.94 6.29 -19.12
N ASP I 265 3.80 5.99 -17.83
CA ASP I 265 4.91 6.16 -16.89
C ASP I 265 6.05 5.18 -17.16
N LEU I 266 5.71 3.92 -17.48
CA LEU I 266 6.73 2.92 -17.79
C LEU I 266 7.67 3.41 -18.89
N GLY I 267 7.09 3.96 -19.96
CA GLY I 267 7.83 4.43 -21.14
C GLY I 267 8.72 5.64 -20.96
N VAL I 268 8.71 6.21 -19.76
CA VAL I 268 9.65 7.27 -19.37
C VAL I 268 10.62 6.68 -18.37
N GLU I 269 10.07 5.88 -17.47
CA GLU I 269 10.79 5.20 -16.40
C GLU I 269 11.84 4.20 -16.92
N ILE I 270 11.51 3.52 -18.02
CA ILE I 270 12.46 2.65 -18.74
C ILE I 270 12.53 3.09 -20.21
N PRO I 271 13.60 2.72 -20.94
CA PRO I 271 13.71 3.10 -22.35
C PRO I 271 12.47 2.71 -23.14
N ALA I 272 11.97 3.63 -23.95
CA ALA I 272 10.69 3.45 -24.66
C ALA I 272 10.62 2.12 -25.41
N GLU I 273 11.70 1.74 -26.07
CA GLU I 273 11.69 0.54 -26.90
C GLU I 273 11.63 -0.77 -26.10
N LYS I 274 11.96 -0.69 -24.80
CA LYS I 274 11.93 -1.85 -23.93
C LYS I 274 10.52 -2.13 -23.39
N VAL I 275 9.61 -1.21 -23.63
CA VAL I 275 8.23 -1.35 -23.20
C VAL I 275 7.53 -2.50 -23.95
N VAL I 276 7.91 -2.69 -25.21
CA VAL I 276 7.35 -3.76 -26.04
C VAL I 276 7.61 -5.13 -25.39
N VAL I 277 8.84 -5.36 -24.98
CA VAL I 277 9.22 -6.60 -24.31
C VAL I 277 8.63 -6.72 -22.90
N ALA I 278 8.69 -5.64 -22.13
CA ALA I 278 8.04 -5.62 -20.83
C ALA I 278 6.56 -6.01 -20.96
N GLN I 279 5.88 -5.49 -21.98
CA GLN I 279 4.48 -5.82 -22.25
C GLN I 279 4.22 -7.30 -22.62
N LYS I 280 5.08 -7.87 -23.46
CA LYS I 280 4.95 -9.28 -23.85
C LYS I 280 5.10 -10.17 -22.63
N ILE I 281 6.12 -9.86 -21.82
CA ILE I 281 6.45 -10.60 -20.61
C ILE I 281 5.34 -10.51 -19.57
N LEU I 282 4.90 -9.30 -19.27
CA LEU I 282 3.89 -9.10 -18.23
C LEU I 282 2.60 -9.82 -18.56
N ILE I 283 2.19 -9.75 -19.83
CA ILE I 283 0.93 -10.36 -20.28
C ILE I 283 1.02 -11.88 -20.24
N SER I 284 2.12 -12.42 -20.71
CA SER I 284 2.31 -13.86 -20.72
C SER I 284 2.33 -14.46 -19.30
N LYS I 285 3.04 -13.80 -18.39
CA LYS I 285 3.09 -14.24 -17.00
C LYS I 285 1.72 -14.25 -16.35
N CYS I 286 0.92 -13.21 -16.62
CA CYS I 286 -0.44 -13.13 -16.11
C CYS I 286 -1.37 -14.17 -16.72
N ASN I 287 -1.14 -14.52 -17.98
CA ASN I 287 -1.89 -15.57 -18.66
C ASN I 287 -1.66 -16.94 -18.03
N VAL I 288 -0.39 -17.26 -17.77
CA VAL I 288 0.01 -18.54 -17.18
C VAL I 288 -0.57 -18.67 -15.76
N ALA I 289 -0.65 -17.54 -15.06
CA ALA I 289 -1.08 -17.52 -13.67
C ALA I 289 -2.60 -17.41 -13.54
N GLY I 290 -3.27 -17.06 -14.64
CA GLY I 290 -4.73 -17.00 -14.64
C GLY I 290 -5.27 -15.75 -13.98
N LYS I 291 -4.51 -14.66 -14.08
CA LYS I 291 -4.93 -13.38 -13.54
C LYS I 291 -5.15 -12.38 -14.67
N PRO I 292 -6.25 -11.59 -14.60
CA PRO I 292 -6.52 -10.56 -15.63
C PRO I 292 -5.37 -9.56 -15.79
N VAL I 293 -5.11 -9.19 -17.04
CA VAL I 293 -4.05 -8.24 -17.39
C VAL I 293 -4.56 -7.17 -18.36
N ILE I 294 -4.13 -5.93 -18.13
CA ILE I 294 -4.60 -4.76 -18.88
C ILE I 294 -3.45 -4.08 -19.61
N CYS I 295 -3.62 -3.85 -20.92
CA CYS I 295 -2.71 -2.96 -21.67
C CYS I 295 -3.24 -1.52 -21.65
N ALA I 296 -2.35 -0.57 -21.39
CA ALA I 296 -2.82 0.81 -21.22
C ALA I 296 -1.96 1.88 -21.86
N THR I 297 -2.62 2.94 -22.34
CA THR I 297 -2.01 4.24 -22.56
C THR I 297 -1.48 4.45 -23.98
N GLN I 298 -2.02 5.50 -24.62
CA GLN I 298 -1.66 5.93 -25.97
C GLN I 298 -2.04 4.92 -27.06
N MET I 299 -2.98 4.04 -26.73
CA MET I 299 -3.41 3.05 -27.69
C MET I 299 -4.10 3.65 -28.90
N LEU I 300 -5.11 4.48 -28.68
CA LEU I 300 -5.78 5.19 -29.78
C LEU I 300 -5.64 6.71 -29.59
N GLU I 301 -4.40 7.14 -29.33
CA GLU I 301 -4.10 8.48 -28.87
C GLU I 301 -4.65 9.62 -29.74
N SER I 302 -4.51 9.50 -31.06
CA SER I 302 -4.88 10.59 -31.98
C SER I 302 -6.39 10.78 -32.08
N MET I 303 -7.14 9.74 -31.74
CA MET I 303 -8.60 9.80 -31.71
C MET I 303 -9.14 10.65 -30.55
N THR I 304 -8.23 11.30 -29.83
CA THR I 304 -8.58 12.34 -28.88
C THR I 304 -9.03 13.56 -29.69
N TYR I 305 -8.38 13.75 -30.85
CA TYR I 305 -8.64 14.87 -31.76
C TYR I 305 -9.31 14.48 -33.08
N ASN I 306 -9.17 13.21 -33.48
CA ASN I 306 -9.59 12.70 -34.79
C ASN I 306 -10.63 11.60 -34.71
N PRO I 307 -11.54 11.53 -35.70
CA PRO I 307 -12.59 10.48 -35.68
C PRO I 307 -12.14 9.09 -36.16
N ARG I 308 -10.92 9.01 -36.69
CA ARG I 308 -10.31 7.76 -37.19
C ARG I 308 -8.86 7.69 -36.68
N PRO I 309 -8.37 6.47 -36.33
CA PRO I 309 -7.02 6.38 -35.75
C PRO I 309 -5.96 6.30 -36.83
N THR I 310 -4.69 6.28 -36.41
CA THR I 310 -3.56 6.11 -37.31
C THR I 310 -3.28 4.62 -37.50
N ARG I 311 -2.43 4.32 -38.49
CA ARG I 311 -2.06 2.95 -38.80
C ARG I 311 -1.43 2.25 -37.60
N ALA I 312 -0.56 2.97 -36.87
CA ALA I 312 0.20 2.40 -35.77
C ALA I 312 -0.71 2.13 -34.56
N GLU I 313 -1.68 2.99 -34.36
CA GLU I 313 -2.61 2.80 -33.25
C GLU I 313 -3.49 1.57 -33.44
N VAL I 314 -3.94 1.35 -34.67
CA VAL I 314 -4.70 0.13 -35.02
C VAL I 314 -3.90 -1.15 -34.77
N SER I 315 -2.64 -1.19 -35.19
CA SER I 315 -1.82 -2.35 -34.99
C SER I 315 -1.47 -2.52 -33.52
N ASP I 316 -1.31 -1.42 -32.79
CA ASP I 316 -1.12 -1.50 -31.34
C ASP I 316 -2.26 -2.24 -30.63
N VAL I 317 -3.49 -1.84 -30.91
CA VAL I 317 -4.65 -2.48 -30.25
C VAL I 317 -4.75 -3.97 -30.64
N ALA I 318 -4.52 -4.29 -31.91
CA ALA I 318 -4.61 -5.66 -32.38
C ALA I 318 -3.50 -6.52 -31.77
N ASN I 319 -2.29 -5.99 -31.73
CA ASN I 319 -1.17 -6.73 -31.16
C ASN I 319 -1.27 -6.95 -29.65
N ALA I 320 -2.02 -6.11 -28.95
CA ALA I 320 -2.27 -6.28 -27.52
C ALA I 320 -3.15 -7.50 -27.30
N VAL I 321 -4.18 -7.64 -28.11
CA VAL I 321 -5.05 -8.81 -28.10
C VAL I 321 -4.26 -10.09 -28.47
N PHE I 322 -3.46 -10.03 -29.55
CA PHE I 322 -2.60 -11.15 -29.93
C PHE I 322 -1.69 -11.52 -28.77
N ASN I 323 -1.10 -10.51 -28.12
CA ASN I 323 -0.18 -10.67 -26.97
C ASN I 323 -0.81 -11.50 -25.85
N GLY I 324 -2.14 -11.49 -25.76
CA GLY I 324 -2.88 -12.20 -24.73
C GLY I 324 -3.62 -11.33 -23.72
N ALA I 325 -3.78 -10.03 -24.00
CA ALA I 325 -4.39 -9.14 -23.01
C ALA I 325 -5.89 -9.41 -22.86
N ASP I 326 -6.36 -9.36 -21.61
CA ASP I 326 -7.79 -9.46 -21.31
C ASP I 326 -8.44 -8.14 -21.69
N CYS I 327 -7.78 -7.04 -21.32
CA CYS I 327 -8.33 -5.70 -21.50
C CYS I 327 -7.42 -4.72 -22.19
N VAL I 328 -8.05 -3.79 -22.88
CA VAL I 328 -7.36 -2.63 -23.42
C VAL I 328 -7.99 -1.34 -22.87
N MET I 329 -7.14 -0.36 -22.63
CA MET I 329 -7.58 0.83 -21.93
C MET I 329 -7.52 2.10 -22.77
N LEU I 330 -8.47 3.00 -22.49
CA LEU I 330 -8.51 4.33 -23.11
C LEU I 330 -8.36 5.34 -21.99
N SER I 331 -7.41 6.27 -22.15
CA SER I 331 -7.13 7.28 -21.13
C SER I 331 -7.76 8.64 -21.45
N GLY I 332 -6.95 9.57 -21.98
CA GLY I 332 -7.43 10.88 -22.42
C GLY I 332 -8.43 10.86 -23.57
N GLU I 333 -8.37 9.80 -24.39
CA GLU I 333 -9.28 9.60 -25.51
C GLU I 333 -10.76 9.72 -25.08
N THR I 334 -11.07 9.15 -23.92
CA THR I 334 -12.43 9.24 -23.37
C THR I 334 -12.56 10.27 -22.25
N ALA I 335 -11.46 10.56 -21.56
CA ALA I 335 -11.48 11.50 -20.44
C ALA I 335 -11.75 12.92 -20.92
N LYS I 336 -11.02 13.35 -21.95
CA LYS I 336 -11.06 14.73 -22.42
C LYS I 336 -11.13 14.86 -23.95
N GLY I 337 -11.38 13.76 -24.65
CA GLY I 337 -11.37 13.74 -26.11
C GLY I 337 -12.63 14.21 -26.83
N LYS I 338 -12.50 14.40 -28.14
CA LYS I 338 -13.58 14.95 -28.98
C LYS I 338 -14.50 13.88 -29.53
N TYR I 339 -14.02 12.64 -29.53
CA TYR I 339 -14.73 11.52 -30.13
C TYR I 339 -14.81 10.31 -29.20
N PRO I 340 -15.37 10.49 -27.98
CA PRO I 340 -15.44 9.40 -27.01
C PRO I 340 -16.12 8.12 -27.52
N ASN I 341 -17.24 8.25 -28.24
CA ASN I 341 -17.98 7.07 -28.70
C ASN I 341 -17.29 6.35 -29.85
N GLU I 342 -16.70 7.14 -30.73
CA GLU I 342 -16.06 6.63 -31.91
C GLU I 342 -14.80 5.87 -31.54
N VAL I 343 -14.00 6.44 -30.62
CA VAL I 343 -12.82 5.75 -30.09
C VAL I 343 -13.15 4.40 -29.45
N VAL I 344 -14.23 4.33 -28.67
CA VAL I 344 -14.64 3.06 -28.06
C VAL I 344 -15.17 2.08 -29.11
N GLN I 345 -15.76 2.61 -30.17
CA GLN I 345 -16.32 1.78 -31.23
C GLN I 345 -15.22 1.20 -32.09
N TYR I 346 -14.21 2.03 -32.36
CA TYR I 346 -13.04 1.60 -33.10
C TYR I 346 -12.24 0.52 -32.37
N MET I 347 -11.99 0.74 -31.09
CA MET I 347 -11.28 -0.21 -30.25
C MET I 347 -11.98 -1.58 -30.25
N ALA I 348 -13.30 -1.57 -30.07
CA ALA I 348 -14.11 -2.79 -30.05
C ALA I 348 -14.00 -3.54 -31.37
N ARG I 349 -14.10 -2.79 -32.46
CA ARG I 349 -13.99 -3.29 -33.83
C ARG I 349 -12.61 -3.93 -34.08
N ILE I 350 -11.55 -3.25 -33.66
CA ILE I 350 -10.17 -3.79 -33.80
C ILE I 350 -9.98 -5.06 -32.97
N CYS I 351 -10.58 -5.09 -31.78
CA CYS I 351 -10.53 -6.25 -30.89
C CYS I 351 -11.24 -7.47 -31.47
N LEU I 352 -12.36 -7.23 -32.15
CA LEU I 352 -13.14 -8.28 -32.79
C LEU I 352 -12.40 -8.85 -34.02
N GLU I 353 -11.78 -7.97 -34.78
CA GLU I 353 -11.03 -8.38 -35.96
C GLU I 353 -9.87 -9.29 -35.57
N ALA I 354 -8.99 -8.80 -34.69
CA ALA I 354 -7.82 -9.56 -34.19
C ALA I 354 -8.19 -10.90 -33.53
N GLN I 355 -9.31 -10.91 -32.81
CA GLN I 355 -9.85 -12.13 -32.22
C GLN I 355 -10.06 -13.22 -33.27
N SER I 356 -10.60 -12.83 -34.43
CA SER I 356 -10.81 -13.79 -35.49
C SER I 356 -9.48 -14.35 -36.03
N ALA I 357 -8.38 -13.60 -35.92
CA ALA I 357 -7.05 -14.09 -36.35
C ALA I 357 -6.26 -14.77 -35.23
N LEU I 358 -6.75 -14.62 -33.99
CA LEU I 358 -6.12 -15.20 -32.82
C LEU I 358 -6.30 -16.73 -32.84
N ASN I 359 -5.24 -17.49 -32.59
CA ASN I 359 -5.34 -18.95 -32.53
C ASN I 359 -5.64 -19.44 -31.09
N GLU I 360 -6.91 -19.49 -30.70
CA GLU I 360 -7.23 -19.81 -29.30
C GLU I 360 -6.85 -21.24 -28.91
N TYR I 361 -6.91 -22.16 -29.85
CA TYR I 361 -6.52 -23.55 -29.58
C TYR I 361 -5.05 -23.67 -29.16
N VAL I 362 -4.17 -22.98 -29.88
CA VAL I 362 -2.74 -22.99 -29.59
C VAL I 362 -2.48 -22.28 -28.27
N PHE I 363 -3.15 -21.14 -28.07
CA PHE I 363 -3.16 -20.44 -26.79
C PHE I 363 -3.49 -21.39 -25.65
N PHE I 364 -4.61 -22.10 -25.79
CA PHE I 364 -5.09 -23.06 -24.82
C PHE I 364 -4.00 -24.13 -24.50
N ASN I 365 -3.45 -24.74 -25.55
CA ASN I 365 -2.43 -25.77 -25.37
C ASN I 365 -1.15 -25.25 -24.72
N SER I 366 -0.78 -24.02 -25.04
CA SER I 366 0.41 -23.37 -24.48
C SER I 366 0.27 -23.09 -22.99
N ILE I 367 -0.90 -22.57 -22.60
CA ILE I 367 -1.18 -22.32 -21.20
C ILE I 367 -1.17 -23.61 -20.39
N LYS I 368 -1.83 -24.65 -20.92
CA LYS I 368 -1.83 -25.98 -20.29
C LYS I 368 -0.44 -26.53 -20.02
N LYS I 369 0.44 -26.45 -21.01
CA LYS I 369 1.80 -26.97 -20.90
C LYS I 369 2.61 -26.32 -19.79
N LEU I 370 2.29 -25.08 -19.46
CA LEU I 370 3.11 -24.30 -18.54
C LEU I 370 2.64 -24.38 -17.08
N GLN I 371 1.59 -25.15 -16.84
CA GLN I 371 1.07 -25.37 -15.50
C GLN I 371 1.82 -26.51 -14.82
N HIS I 372 2.13 -26.33 -13.55
CA HIS I 372 2.73 -27.37 -12.74
C HIS I 372 1.75 -28.51 -12.51
N ILE I 373 2.24 -29.74 -12.74
CA ILE I 373 1.49 -30.95 -12.50
C ILE I 373 1.99 -31.53 -11.17
N PRO I 374 1.07 -31.99 -10.30
CA PRO I 374 -0.38 -32.08 -10.51
C PRO I 374 -1.12 -30.75 -10.40
N MET I 375 -2.13 -30.57 -11.24
CA MET I 375 -3.03 -29.43 -11.06
C MET I 375 -3.96 -29.79 -9.91
N SER I 376 -4.50 -28.78 -9.24
CA SER I 376 -5.59 -29.04 -8.29
C SER I 376 -6.78 -29.56 -9.09
N ALA I 377 -7.73 -30.20 -8.41
CA ALA I 377 -8.89 -30.77 -9.07
C ALA I 377 -9.70 -29.74 -9.85
N ASP I 378 -9.92 -28.58 -9.24
CA ASP I 378 -10.77 -27.54 -9.83
C ASP I 378 -10.19 -27.02 -11.13
N GLU I 379 -8.88 -26.82 -11.15
CA GLU I 379 -8.18 -26.37 -12.32
C GLU I 379 -8.19 -27.44 -13.40
N ALA I 380 -8.05 -28.70 -13.01
CA ALA I 380 -8.11 -29.80 -13.98
C ALA I 380 -9.49 -29.91 -14.62
N VAL I 381 -10.54 -29.70 -13.83
CA VAL I 381 -11.91 -29.67 -14.32
C VAL I 381 -12.10 -28.59 -15.38
N CYS I 382 -11.54 -27.40 -15.15
CA CYS I 382 -11.63 -26.29 -16.09
C CYS I 382 -10.82 -26.53 -17.35
N SER I 383 -9.58 -26.97 -17.16
CA SER I 383 -8.71 -27.27 -18.27
C SER I 383 -9.30 -28.34 -19.17
N SER I 384 -9.82 -29.41 -18.59
CA SER I 384 -10.37 -30.51 -19.38
C SER I 384 -11.74 -30.21 -19.98
N ALA I 385 -12.47 -29.25 -19.40
CA ALA I 385 -13.74 -28.82 -19.97
C ALA I 385 -13.53 -28.04 -21.27
N VAL I 386 -12.46 -27.23 -21.31
CA VAL I 386 -12.11 -26.50 -22.52
C VAL I 386 -11.68 -27.49 -23.59
N ASN I 387 -10.94 -28.48 -23.18
CA ASN I 387 -10.59 -29.58 -24.02
C ASN I 387 -11.80 -30.23 -24.68
N SER I 388 -12.84 -30.41 -23.91
CA SER I 388 -14.13 -30.91 -24.40
C SER I 388 -14.84 -29.99 -25.38
N VAL I 389 -14.71 -28.69 -25.15
CA VAL I 389 -15.26 -27.69 -26.06
C VAL I 389 -14.67 -27.90 -27.45
N TYR I 390 -13.34 -27.90 -27.54
CA TYR I 390 -12.64 -28.11 -28.79
C TYR I 390 -12.92 -29.48 -29.43
N GLU I 391 -12.99 -30.53 -28.61
CA GLU I 391 -13.25 -31.88 -29.10
C GLU I 391 -14.65 -32.08 -29.69
N THR I 392 -15.64 -31.34 -29.17
CA THR I 392 -17.04 -31.46 -29.65
C THR I 392 -17.48 -30.28 -30.50
N LYS I 393 -16.60 -29.28 -30.64
CA LYS I 393 -16.97 -27.97 -31.18
C LYS I 393 -18.23 -27.45 -30.49
N ALA I 394 -18.25 -27.43 -29.16
CA ALA I 394 -19.40 -26.90 -28.45
C ALA I 394 -19.43 -25.37 -28.60
N LYS I 395 -20.61 -24.79 -28.59
CA LYS I 395 -20.77 -23.38 -28.95
C LYS I 395 -20.97 -22.44 -27.76
N ALA I 396 -21.12 -23.01 -26.57
CA ALA I 396 -21.09 -22.24 -25.32
C ALA I 396 -20.57 -23.08 -24.15
N MET I 397 -20.07 -22.40 -23.14
CA MET I 397 -19.78 -22.99 -21.84
C MET I 397 -20.60 -22.27 -20.80
N VAL I 398 -20.93 -22.98 -19.74
CA VAL I 398 -21.61 -22.40 -18.60
C VAL I 398 -20.88 -22.83 -17.32
N VAL I 399 -20.38 -21.85 -16.58
N VAL I 399 -20.44 -21.86 -16.54
CA VAL I 399 -19.86 -22.07 -15.24
CA VAL I 399 -19.82 -22.11 -15.25
C VAL I 399 -20.75 -21.42 -14.22
C VAL I 399 -20.57 -21.36 -14.16
N LEU I 400 -20.90 -22.05 -13.06
CA LEU I 400 -21.48 -21.40 -11.90
C LEU I 400 -20.31 -20.88 -11.05
N SER I 401 -20.32 -19.59 -10.76
CA SER I 401 -19.28 -19.00 -9.93
C SER I 401 -19.84 -17.85 -9.11
N ASN I 402 -19.57 -17.88 -7.80
CA ASN I 402 -20.09 -16.88 -6.88
C ASN I 402 -19.06 -15.81 -6.61
N THR I 403 -17.80 -16.23 -6.46
CA THR I 403 -16.71 -15.32 -6.23
C THR I 403 -16.14 -14.82 -7.54
N GLY I 404 -16.41 -15.55 -8.62
CA GLY I 404 -15.77 -15.30 -9.92
C GLY I 404 -14.51 -16.12 -10.14
N ARG I 405 -14.09 -16.85 -9.11
CA ARG I 405 -12.88 -17.69 -9.15
C ARG I 405 -12.94 -18.75 -10.26
N SER I 406 -14.04 -19.49 -10.32
CA SER I 406 -14.19 -20.53 -11.34
C SER I 406 -14.28 -19.98 -12.77
N ALA I 407 -14.86 -18.79 -12.91
CA ALA I 407 -15.03 -18.17 -14.22
C ALA I 407 -13.70 -17.71 -14.79
N ARG I 408 -12.86 -17.10 -13.94
CA ARG I 408 -11.52 -16.70 -14.33
C ARG I 408 -10.68 -17.93 -14.68
N LEU I 409 -11.02 -19.06 -14.08
CA LEU I 409 -10.23 -20.28 -14.20
C LEU I 409 -10.47 -20.95 -15.54
N VAL I 410 -11.72 -20.97 -15.99
CA VAL I 410 -12.06 -21.42 -17.34
C VAL I 410 -11.49 -20.47 -18.38
N ALA I 411 -11.77 -19.17 -18.22
CA ALA I 411 -11.30 -18.16 -19.16
C ALA I 411 -9.82 -18.27 -19.40
N LYS I 412 -9.07 -18.59 -18.34
CA LYS I 412 -7.62 -18.81 -18.43
C LYS I 412 -7.21 -19.80 -19.56
N TYR I 413 -8.12 -20.71 -19.91
CA TYR I 413 -7.80 -21.79 -20.86
C TYR I 413 -8.23 -21.51 -22.30
N ARG I 414 -8.74 -20.29 -22.53
CA ARG I 414 -9.00 -19.74 -23.87
C ARG I 414 -9.76 -20.67 -24.81
N PRO I 415 -11.01 -20.98 -24.45
CA PRO I 415 -11.86 -21.76 -25.35
C PRO I 415 -12.25 -20.92 -26.56
N ASN I 416 -12.65 -21.56 -27.66
CA ASN I 416 -13.11 -20.81 -28.84
C ASN I 416 -14.62 -20.56 -28.84
N CYS I 417 -15.21 -20.42 -27.66
CA CYS I 417 -16.63 -20.11 -27.56
C CYS I 417 -16.88 -19.17 -26.40
N PRO I 418 -18.08 -18.58 -26.30
CA PRO I 418 -18.39 -17.76 -25.13
C PRO I 418 -18.54 -18.57 -23.84
N ILE I 419 -17.94 -18.07 -22.77
CA ILE I 419 -18.14 -18.55 -21.42
C ILE I 419 -19.24 -17.73 -20.78
N VAL I 420 -20.27 -18.41 -20.27
CA VAL I 420 -21.37 -17.76 -19.57
C VAL I 420 -21.25 -18.10 -18.09
N CYS I 421 -21.17 -17.07 -17.26
CA CYS I 421 -21.06 -17.25 -15.82
C CYS I 421 -22.38 -16.93 -15.14
N VAL I 422 -22.92 -17.91 -14.42
CA VAL I 422 -24.12 -17.69 -13.62
C VAL I 422 -23.67 -17.46 -12.19
N THR I 423 -23.94 -16.26 -11.69
CA THR I 423 -23.43 -15.85 -10.41
C THR I 423 -24.52 -15.29 -9.51
N THR I 424 -24.32 -15.45 -8.20
CA THR I 424 -25.30 -15.02 -7.21
C THR I 424 -24.90 -13.66 -6.63
N ARG I 425 -23.86 -13.06 -7.20
CA ARG I 425 -23.35 -11.76 -6.76
C ARG I 425 -23.24 -10.76 -7.93
N LEU I 426 -23.96 -9.64 -7.81
CA LEU I 426 -23.82 -8.51 -8.74
C LEU I 426 -22.38 -8.03 -8.84
N GLN I 427 -21.66 -7.99 -7.71
CA GLN I 427 -20.29 -7.53 -7.73
C GLN I 427 -19.41 -8.40 -8.61
N THR I 428 -19.66 -9.71 -8.56
CA THR I 428 -18.97 -10.68 -9.39
C THR I 428 -19.24 -10.44 -10.87
N CYS I 429 -20.49 -10.15 -11.25
CA CYS I 429 -20.79 -9.68 -12.60
C CYS I 429 -19.89 -8.52 -13.02
N ARG I 430 -19.83 -7.50 -12.17
CA ARG I 430 -19.04 -6.31 -12.45
C ARG I 430 -17.54 -6.62 -12.51
N GLN I 431 -17.07 -7.51 -11.64
CA GLN I 431 -15.65 -7.81 -11.55
C GLN I 431 -15.16 -8.73 -12.64
N LEU I 432 -16.07 -9.50 -13.24
CA LEU I 432 -15.71 -10.34 -14.39
C LEU I 432 -15.56 -9.52 -15.67
N ASN I 433 -15.97 -8.26 -15.62
CA ASN I 433 -15.81 -7.31 -16.72
C ASN I 433 -14.35 -7.03 -17.10
N ILE I 434 -13.40 -7.42 -16.27
CA ILE I 434 -11.97 -7.33 -16.66
C ILE I 434 -11.41 -8.69 -17.11
N THR I 435 -12.29 -9.68 -17.17
CA THR I 435 -11.92 -11.02 -17.65
C THR I 435 -12.46 -11.27 -19.06
N GLN I 436 -11.52 -11.55 -19.95
CA GLN I 436 -11.74 -11.82 -21.36
C GLN I 436 -12.65 -13.04 -21.58
N GLY I 437 -13.53 -12.94 -22.58
CA GLY I 437 -14.31 -14.09 -23.03
C GLY I 437 -15.41 -14.63 -22.14
N VAL I 438 -15.83 -13.82 -21.17
CA VAL I 438 -16.82 -14.21 -20.16
C VAL I 438 -17.97 -13.22 -20.13
N GLU I 439 -19.18 -13.73 -19.91
CA GLU I 439 -20.39 -12.94 -19.86
C GLU I 439 -21.27 -13.41 -18.69
N SER I 440 -21.62 -12.48 -17.82
CA SER I 440 -22.20 -12.83 -16.53
C SER I 440 -23.71 -12.66 -16.46
N VAL I 441 -24.37 -13.67 -15.87
CA VAL I 441 -25.81 -13.69 -15.65
C VAL I 441 -26.02 -13.70 -14.15
N PHE I 442 -26.87 -12.79 -13.66
CA PHE I 442 -27.19 -12.73 -12.24
C PHE I 442 -28.35 -13.66 -11.92
N PHE I 443 -28.11 -14.58 -10.98
CA PHE I 443 -29.16 -15.40 -10.40
C PHE I 443 -29.39 -14.93 -8.98
N ASP I 444 -30.56 -14.34 -8.73
CA ASP I 444 -30.88 -13.81 -7.41
C ASP I 444 -31.33 -14.92 -6.47
N ALA I 445 -30.40 -15.38 -5.63
CA ALA I 445 -30.65 -16.49 -4.69
C ALA I 445 -31.60 -16.12 -3.54
N ASP I 446 -31.77 -14.81 -3.31
CA ASP I 446 -32.74 -14.33 -2.34
C ASP I 446 -34.17 -14.60 -2.83
N LYS I 447 -34.46 -14.16 -4.06
CA LYS I 447 -35.82 -14.31 -4.59
C LYS I 447 -36.12 -15.71 -5.15
N LEU I 448 -35.08 -16.46 -5.52
CA LEU I 448 -35.25 -17.73 -6.24
C LEU I 448 -34.74 -18.98 -5.51
N GLY I 449 -34.13 -18.80 -4.34
CA GLY I 449 -33.60 -19.92 -3.57
C GLY I 449 -32.14 -20.18 -3.85
N HIS I 450 -31.52 -21.08 -3.09
CA HIS I 450 -30.07 -21.31 -3.19
C HIS I 450 -29.65 -22.33 -4.24
N ASP I 451 -30.63 -23.00 -4.86
CA ASP I 451 -30.40 -23.86 -6.01
C ASP I 451 -29.27 -24.87 -5.73
N GLU I 452 -29.47 -25.65 -4.69
CA GLU I 452 -28.47 -26.61 -4.23
C GLU I 452 -28.26 -27.76 -5.23
N GLY I 453 -29.26 -27.99 -6.08
CA GLY I 453 -29.16 -28.97 -7.16
C GLY I 453 -28.58 -28.43 -8.46
N LYS I 454 -28.19 -27.16 -8.45
CA LYS I 454 -27.52 -26.49 -9.59
C LYS I 454 -28.37 -26.31 -10.86
N GLU I 455 -29.57 -26.88 -10.89
CA GLU I 455 -30.36 -26.96 -12.12
C GLU I 455 -30.94 -25.63 -12.60
N HIS I 456 -31.40 -24.79 -11.68
CA HIS I 456 -31.96 -23.49 -12.05
C HIS I 456 -30.93 -22.52 -12.60
N ARG I 457 -29.73 -22.52 -12.01
CA ARG I 457 -28.67 -21.66 -12.45
C ARG I 457 -28.14 -22.07 -13.82
N VAL I 458 -28.02 -23.38 -14.06
CA VAL I 458 -27.62 -23.92 -15.36
C VAL I 458 -28.65 -23.57 -16.43
N ALA I 459 -29.93 -23.79 -16.13
CA ALA I 459 -31.00 -23.40 -17.04
C ALA I 459 -30.88 -21.92 -17.42
N ALA I 460 -30.65 -21.06 -16.42
CA ALA I 460 -30.55 -19.63 -16.63
C ALA I 460 -29.36 -19.24 -17.52
N GLY I 461 -28.27 -20.01 -17.41
CA GLY I 461 -27.11 -19.79 -18.27
C GLY I 461 -27.28 -20.31 -19.68
N VAL I 462 -27.97 -21.44 -19.82
CA VAL I 462 -28.26 -22.00 -21.14
C VAL I 462 -29.20 -21.06 -21.91
N GLU I 463 -30.23 -20.58 -21.21
CA GLU I 463 -31.19 -19.66 -21.78
C GLU I 463 -30.56 -18.32 -22.22
N PHE I 464 -29.61 -17.81 -21.45
CA PHE I 464 -28.89 -16.62 -21.85
C PHE I 464 -28.10 -16.83 -23.14
N ALA I 465 -27.42 -17.97 -23.22
CA ALA I 465 -26.67 -18.36 -24.43
C ALA I 465 -27.59 -18.52 -25.63
N LYS I 466 -28.83 -18.97 -25.39
CA LYS I 466 -29.87 -19.04 -26.42
C LYS I 466 -30.31 -17.65 -26.90
N SER I 467 -30.54 -16.73 -25.98
CA SER I 467 -31.00 -15.39 -26.32
C SER I 467 -29.94 -14.62 -27.10
N LYS I 468 -28.67 -14.93 -26.84
CA LYS I 468 -27.57 -14.29 -27.55
C LYS I 468 -27.32 -14.96 -28.90
N GLY I 469 -27.98 -16.09 -29.12
CA GLY I 469 -27.84 -16.85 -30.36
C GLY I 469 -26.56 -17.68 -30.42
N TYR I 470 -25.97 -17.97 -29.25
CA TYR I 470 -24.74 -18.74 -29.20
C TYR I 470 -25.02 -20.21 -29.49
N VAL I 471 -26.12 -20.73 -28.95
CA VAL I 471 -26.52 -22.12 -29.14
C VAL I 471 -27.99 -22.21 -29.56
N GLN I 472 -28.31 -23.26 -30.33
CA GLN I 472 -29.69 -23.60 -30.66
C GLN I 472 -29.87 -25.08 -30.35
N THR I 473 -31.11 -25.54 -30.45
CA THR I 473 -31.46 -26.95 -30.26
C THR I 473 -30.46 -27.85 -30.99
N GLY I 474 -29.94 -28.85 -30.27
CA GLY I 474 -29.02 -29.84 -30.85
C GLY I 474 -27.55 -29.48 -30.72
N ASP I 475 -27.26 -28.25 -30.33
CA ASP I 475 -25.89 -27.83 -30.08
C ASP I 475 -25.41 -28.43 -28.78
N TYR I 476 -24.10 -28.46 -28.57
CA TYR I 476 -23.54 -28.89 -27.30
C TYR I 476 -23.20 -27.70 -26.44
N CYS I 477 -23.33 -27.91 -25.14
CA CYS I 477 -22.96 -26.92 -24.15
C CYS I 477 -22.15 -27.64 -23.06
N VAL I 478 -20.98 -27.09 -22.75
CA VAL I 478 -20.14 -27.66 -21.71
C VAL I 478 -20.40 -26.92 -20.42
N VAL I 479 -20.84 -27.65 -19.40
CA VAL I 479 -21.32 -27.07 -18.14
C VAL I 479 -20.42 -27.48 -16.95
N ILE I 480 -20.01 -26.50 -16.16
CA ILE I 480 -19.13 -26.71 -15.02
C ILE I 480 -19.75 -26.23 -13.70
N HIS I 481 -19.75 -27.12 -12.71
CA HIS I 481 -20.12 -26.81 -11.33
C HIS I 481 -19.76 -28.02 -10.45
N ALA I 482 -20.24 -28.05 -9.21
CA ALA I 482 -19.92 -29.17 -8.32
C ALA I 482 -20.98 -30.25 -8.42
N ASP I 483 -20.67 -31.44 -7.89
CA ASP I 483 -21.70 -32.46 -7.68
C ASP I 483 -22.54 -32.03 -6.46
N HIS I 484 -23.31 -32.95 -5.89
N HIS I 484 -23.35 -32.93 -5.90
CA HIS I 484 -24.24 -32.63 -4.81
CA HIS I 484 -24.24 -32.56 -4.78
C HIS I 484 -23.60 -32.67 -3.41
C HIS I 484 -23.45 -32.33 -3.48
N LYS I 485 -22.33 -33.02 -3.35
CA LYS I 485 -21.59 -33.05 -2.09
C LYS I 485 -20.55 -31.93 -1.98
N VAL I 486 -19.71 -31.80 -3.00
CA VAL I 486 -18.53 -30.93 -2.95
C VAL I 486 -18.91 -29.45 -2.82
N LYS I 487 -18.15 -28.72 -1.99
CA LYS I 487 -18.40 -27.30 -1.72
C LYS I 487 -17.11 -26.50 -1.83
N GLY I 488 -17.18 -25.35 -2.49
CA GLY I 488 -16.04 -24.45 -2.60
C GLY I 488 -15.36 -24.38 -3.95
N TYR I 489 -15.67 -25.34 -4.82
CA TYR I 489 -15.09 -25.40 -6.14
C TYR I 489 -15.93 -26.32 -7.01
N ALA I 490 -15.66 -26.24 -8.31
CA ALA I 490 -16.29 -27.10 -9.29
C ALA I 490 -15.47 -28.38 -9.48
N ASN I 491 -16.08 -29.52 -9.30
CA ASN I 491 -15.42 -30.79 -9.43
C ASN I 491 -16.01 -31.63 -10.54
N GLN I 492 -16.87 -31.04 -11.32
CA GLN I 492 -17.68 -31.78 -12.25
C GLN I 492 -17.80 -31.02 -13.57
N THR I 493 -17.64 -31.74 -14.68
CA THR I 493 -18.07 -31.20 -15.96
C THR I 493 -19.13 -32.10 -16.61
N ARG I 494 -20.07 -31.51 -17.32
CA ARG I 494 -21.01 -32.26 -18.14
C ARG I 494 -21.16 -31.64 -19.51
N ILE I 495 -21.35 -32.49 -20.51
CA ILE I 495 -21.58 -32.02 -21.85
C ILE I 495 -23.02 -32.29 -22.17
N LEU I 496 -23.78 -31.23 -22.36
CA LEU I 496 -25.20 -31.42 -22.62
C LEU I 496 -25.69 -30.84 -23.91
N LEU I 497 -26.78 -31.44 -24.38
CA LEU I 497 -27.42 -31.11 -25.64
C LEU I 497 -28.50 -30.08 -25.35
N VAL I 498 -28.37 -28.89 -25.93
CA VAL I 498 -29.36 -27.85 -25.62
C VAL I 498 -30.70 -28.18 -26.28
N GLU I 499 -31.77 -27.90 -25.54
CA GLU I 499 -33.13 -28.11 -26.01
C GLU I 499 -33.78 -26.79 -26.39
N SER J 2 10.27 -37.55 -27.82
CA SER J 2 10.48 -38.55 -28.90
C SER J 2 10.67 -39.94 -28.28
N GLN J 3 10.35 -40.99 -29.04
CA GLN J 3 10.59 -42.35 -28.55
C GLN J 3 12.07 -42.58 -28.21
N LEU J 4 12.97 -41.94 -28.96
CA LEU J 4 14.43 -42.09 -28.70
C LEU J 4 14.84 -41.45 -27.37
N ALA J 5 14.22 -40.32 -27.02
CA ALA J 5 14.54 -39.58 -25.80
C ALA J 5 13.98 -40.30 -24.59
N HIS J 6 12.78 -40.84 -24.75
CA HIS J 6 12.10 -41.61 -23.72
C HIS J 6 12.90 -42.85 -23.31
N ASN J 7 13.54 -43.52 -24.27
CA ASN J 7 14.36 -44.68 -23.96
C ASN J 7 15.47 -44.37 -22.96
N LEU J 8 15.97 -43.14 -23.00
CA LEU J 8 17.07 -42.72 -22.13
C LEU J 8 16.63 -42.44 -20.70
N THR J 9 15.31 -42.33 -20.50
CA THR J 9 14.74 -42.09 -19.17
C THR J 9 14.46 -43.38 -18.40
N LEU J 10 14.80 -44.53 -19.02
CA LEU J 10 14.46 -45.82 -18.45
C LEU J 10 15.62 -46.46 -17.68
N SER J 11 15.28 -47.19 -16.63
CA SER J 11 16.23 -48.05 -15.93
C SER J 11 15.65 -49.45 -15.73
N ILE J 12 16.54 -50.44 -15.63
CA ILE J 12 16.13 -51.80 -15.37
C ILE J 12 15.60 -51.97 -13.93
N PHE J 13 16.09 -51.12 -13.02
CA PHE J 13 15.75 -51.20 -11.60
C PHE J 13 14.35 -50.65 -11.26
N ASP J 14 13.83 -49.77 -12.11
CA ASP J 14 12.53 -49.10 -11.91
C ASP J 14 11.41 -50.08 -11.57
N PRO J 15 10.85 -49.98 -10.34
CA PRO J 15 9.79 -50.90 -9.89
C PRO J 15 8.57 -50.87 -10.80
N VAL J 16 8.00 -52.05 -11.05
CA VAL J 16 6.86 -52.20 -11.94
C VAL J 16 5.57 -51.69 -11.28
N ALA J 17 4.53 -51.51 -12.08
CA ALA J 17 3.25 -50.99 -11.57
C ALA J 17 2.57 -51.98 -10.63
N ASN J 18 1.59 -51.50 -9.85
CA ASN J 18 0.81 -52.36 -8.95
C ASN J 18 -0.40 -53.03 -9.64
N TYR J 19 -0.52 -52.81 -10.94
CA TYR J 19 -1.52 -53.48 -11.77
C TYR J 19 -0.93 -53.81 -13.14
N ARG J 20 -1.39 -54.92 -13.72
CA ARG J 20 -1.07 -55.26 -15.11
C ARG J 20 -2.24 -54.85 -15.99
N ALA J 21 -1.95 -54.15 -17.08
CA ALA J 21 -2.99 -53.69 -17.99
C ALA J 21 -3.35 -54.75 -19.04
N ALA J 22 -2.34 -55.36 -19.66
CA ALA J 22 -2.56 -56.38 -20.70
C ALA J 22 -3.30 -57.59 -20.15
N ARG J 23 -4.08 -58.24 -21.02
CA ARG J 23 -4.83 -59.43 -20.66
C ARG J 23 -4.28 -60.67 -21.36
N ILE J 24 -4.42 -61.82 -20.70
CA ILE J 24 -3.89 -63.10 -21.16
C ILE J 24 -5.00 -64.09 -21.50
N ILE J 25 -4.95 -64.62 -22.72
CA ILE J 25 -5.85 -65.67 -23.20
C ILE J 25 -5.12 -67.00 -23.27
N CYS J 26 -5.73 -68.02 -22.63
CA CYS J 26 -5.21 -69.39 -22.65
C CYS J 26 -6.16 -70.28 -23.42
N THR J 27 -5.61 -71.05 -24.35
CA THR J 27 -6.44 -72.03 -25.02
C THR J 27 -6.40 -73.34 -24.21
N ILE J 28 -7.58 -73.92 -24.01
CA ILE J 28 -7.70 -75.05 -23.10
C ILE J 28 -7.72 -76.37 -23.86
N GLY J 29 -6.76 -77.23 -23.52
CA GLY J 29 -6.65 -78.57 -24.08
C GLY J 29 -6.38 -79.60 -22.99
N PRO J 30 -5.92 -80.81 -23.38
CA PRO J 30 -5.63 -81.90 -22.44
C PRO J 30 -4.78 -81.52 -21.23
N SER J 31 -3.78 -80.65 -21.42
CA SER J 31 -2.93 -80.20 -20.32
C SER J 31 -3.66 -79.37 -19.26
N THR J 32 -4.75 -78.74 -19.66
CA THR J 32 -5.35 -77.70 -18.84
C THR J 32 -6.87 -77.78 -18.59
N GLN J 33 -7.50 -78.91 -18.94
CA GLN J 33 -8.96 -79.01 -18.86
C GLN J 33 -9.54 -79.30 -17.48
N SER J 34 -8.76 -79.97 -16.63
CA SER J 34 -9.22 -80.28 -15.27
C SER J 34 -9.40 -78.99 -14.50
N VAL J 35 -10.38 -78.97 -13.59
CA VAL J 35 -10.66 -77.75 -12.83
C VAL J 35 -9.47 -77.32 -11.98
N GLU J 36 -8.62 -78.27 -11.58
CA GLU J 36 -7.45 -77.92 -10.78
C GLU J 36 -6.36 -77.26 -11.63
N ALA J 37 -6.27 -77.66 -12.90
CA ALA J 37 -5.33 -77.04 -13.82
C ALA J 37 -5.77 -75.62 -14.16
N LEU J 38 -7.09 -75.45 -14.25
CA LEU J 38 -7.69 -74.17 -14.58
C LEU J 38 -7.57 -73.17 -13.46
N LYS J 39 -7.70 -73.65 -12.21
CA LYS J 39 -7.47 -72.82 -11.03
C LYS J 39 -6.04 -72.30 -11.03
N GLY J 40 -5.08 -73.19 -11.27
CA GLY J 40 -3.69 -72.81 -11.46
C GLY J 40 -3.51 -71.74 -12.53
N LEU J 41 -4.25 -71.90 -13.62
CA LEU J 41 -4.17 -71.02 -14.79
C LEU J 41 -4.74 -69.62 -14.48
N ILE J 42 -5.90 -69.59 -13.82
CA ILE J 42 -6.49 -68.33 -13.33
C ILE J 42 -5.53 -67.63 -12.36
N GLN J 43 -4.98 -68.40 -11.41
CA GLN J 43 -4.09 -67.85 -10.41
C GLN J 43 -2.77 -67.35 -11.00
N SER J 44 -2.36 -67.95 -12.11
CA SER J 44 -1.17 -67.53 -12.84
C SER J 44 -1.37 -66.25 -13.69
N GLY J 45 -2.61 -65.98 -14.10
CA GLY J 45 -2.95 -64.74 -14.80
C GLY J 45 -3.92 -64.81 -15.98
N MET J 46 -4.59 -65.94 -16.14
CA MET J 46 -5.57 -66.13 -17.22
C MET J 46 -6.83 -65.30 -16.99
N SER J 47 -7.27 -64.62 -18.04
CA SER J 47 -8.53 -63.88 -18.03
C SER J 47 -9.58 -64.49 -18.94
N VAL J 48 -9.13 -65.11 -20.04
CA VAL J 48 -9.99 -65.69 -21.07
C VAL J 48 -9.60 -67.15 -21.36
N ALA J 49 -10.57 -68.05 -21.28
CA ALA J 49 -10.39 -69.41 -21.74
C ALA J 49 -10.88 -69.58 -23.18
N ARG J 50 -9.97 -69.96 -24.07
CA ARG J 50 -10.28 -70.18 -25.48
C ARG J 50 -10.46 -71.67 -25.82
N MET J 51 -11.66 -72.00 -26.33
CA MET J 51 -11.97 -73.34 -26.81
C MET J 51 -11.85 -73.40 -28.32
N ASN J 52 -10.89 -74.17 -28.81
CA ASN J 52 -10.68 -74.29 -30.26
C ASN J 52 -11.51 -75.41 -30.89
N PHE J 53 -12.55 -75.04 -31.64
CA PHE J 53 -13.46 -76.04 -32.21
C PHE J 53 -12.90 -76.77 -33.44
N SER J 54 -11.66 -76.47 -33.83
CA SER J 54 -10.94 -77.30 -34.81
C SER J 54 -10.59 -78.66 -34.21
N HIS J 55 -10.62 -78.72 -32.88
CA HIS J 55 -10.17 -79.89 -32.13
C HIS J 55 -11.24 -80.30 -31.13
N GLY J 56 -11.22 -81.55 -30.71
CA GLY J 56 -12.21 -82.05 -29.74
C GLY J 56 -13.58 -82.27 -30.34
N SER J 57 -14.61 -82.02 -29.53
CA SER J 57 -16.02 -82.17 -29.91
C SER J 57 -16.87 -81.32 -28.96
N HIS J 58 -18.13 -81.13 -29.29
CA HIS J 58 -19.05 -80.41 -28.40
C HIS J 58 -19.03 -80.99 -26.99
N GLU J 59 -18.91 -82.32 -26.91
CA GLU J 59 -18.82 -83.03 -25.64
C GLU J 59 -17.56 -82.62 -24.87
N TYR J 60 -16.41 -82.63 -25.53
CA TYR J 60 -15.14 -82.24 -24.94
C TYR J 60 -15.17 -80.78 -24.47
N HIS J 61 -15.66 -79.88 -25.32
CA HIS J 61 -15.73 -78.47 -24.95
C HIS J 61 -16.77 -78.17 -23.88
N GLN J 62 -17.83 -78.98 -23.81
CA GLN J 62 -18.80 -78.84 -22.73
C GLN J 62 -18.11 -79.02 -21.38
N THR J 63 -17.21 -80.00 -21.31
CA THR J 63 -16.42 -80.24 -20.10
C THR J 63 -15.57 -79.02 -19.74
N THR J 64 -15.01 -78.35 -20.73
CA THR J 64 -14.23 -77.12 -20.49
C THR J 64 -15.13 -76.00 -19.95
N ILE J 65 -16.22 -75.75 -20.66
CA ILE J 65 -17.21 -74.75 -20.24
C ILE J 65 -17.58 -74.95 -18.78
N ASN J 66 -17.98 -76.18 -18.42
CA ASN J 66 -18.33 -76.53 -17.04
C ASN J 66 -17.19 -76.38 -16.03
N ASN J 67 -15.97 -76.75 -16.42
CA ASN J 67 -14.82 -76.68 -15.52
C ASN J 67 -14.32 -75.26 -15.27
N VAL J 68 -14.21 -74.47 -16.36
CA VAL J 68 -13.86 -73.05 -16.24
C VAL J 68 -14.82 -72.37 -15.26
N ARG J 69 -16.12 -72.52 -15.50
CA ARG J 69 -17.13 -71.99 -14.60
C ARG J 69 -16.97 -72.44 -13.15
N GLN J 70 -16.66 -73.72 -12.93
CA GLN J 70 -16.46 -74.22 -11.56
C GLN J 70 -15.22 -73.62 -10.90
N ALA J 71 -14.10 -73.66 -11.62
CA ALA J 71 -12.84 -73.10 -11.15
C ALA J 71 -12.96 -71.59 -10.86
N ALA J 72 -13.70 -70.88 -11.71
CA ALA J 72 -13.92 -69.45 -11.50
C ALA J 72 -14.80 -69.17 -10.28
N ALA J 73 -15.79 -70.04 -10.05
CA ALA J 73 -16.67 -69.92 -8.88
C ALA J 73 -15.90 -70.13 -7.59
N GLU J 74 -14.95 -71.07 -7.59
CA GLU J 74 -14.22 -71.43 -6.38
C GLU J 74 -13.18 -70.39 -6.03
N LEU J 75 -12.70 -69.68 -7.04
CA LEU J 75 -11.75 -68.60 -6.84
C LEU J 75 -12.43 -67.22 -6.76
N GLY J 76 -13.73 -67.20 -7.03
CA GLY J 76 -14.55 -65.99 -6.93
C GLY J 76 -14.27 -64.93 -7.97
N VAL J 77 -13.89 -65.37 -9.18
CA VAL J 77 -13.54 -64.46 -10.27
C VAL J 77 -14.41 -64.70 -11.49
N ASN J 78 -14.35 -63.77 -12.44
CA ASN J 78 -15.11 -63.85 -13.68
C ASN J 78 -14.18 -64.11 -14.85
N ILE J 79 -14.36 -65.24 -15.52
CA ILE J 79 -13.49 -65.61 -16.64
C ILE J 79 -14.30 -65.64 -17.93
N ALA J 80 -13.79 -64.99 -18.98
CA ALA J 80 -14.45 -65.04 -20.28
C ALA J 80 -14.27 -66.42 -20.93
N ILE J 81 -15.28 -66.84 -21.67
CA ILE J 81 -15.20 -68.09 -22.44
C ILE J 81 -15.38 -67.78 -23.92
N ALA J 82 -14.38 -68.12 -24.71
CA ALA J 82 -14.38 -67.86 -26.13
C ALA J 82 -14.48 -69.16 -26.92
N LEU J 83 -15.43 -69.24 -27.85
CA LEU J 83 -15.49 -70.32 -28.82
C LEU J 83 -14.65 -69.92 -30.05
N ASP J 84 -13.60 -70.67 -30.37
CA ASP J 84 -12.78 -70.35 -31.55
C ASP J 84 -13.22 -71.27 -32.68
N THR J 85 -13.80 -70.68 -33.73
CA THR J 85 -14.52 -71.46 -34.75
C THR J 85 -13.57 -72.14 -35.71
N LYS J 86 -14.08 -73.13 -36.43
CA LYS J 86 -13.31 -73.72 -37.52
C LYS J 86 -13.18 -72.74 -38.66
N GLY J 87 -14.33 -72.25 -39.15
CA GLY J 87 -14.36 -71.40 -40.33
C GLY J 87 -13.81 -72.05 -41.60
N PRO J 88 -13.62 -71.25 -42.66
CA PRO J 88 -13.25 -71.72 -44.00
C PRO J 88 -11.85 -72.30 -44.01
N GLU J 89 -11.66 -73.41 -43.30
CA GLU J 89 -10.33 -73.97 -43.10
C GLU J 89 -10.13 -75.35 -43.74
N ILE J 90 -8.86 -75.75 -43.86
CA ILE J 90 -8.43 -77.07 -44.30
C ILE J 90 -7.59 -77.73 -43.20
N ARG J 91 -7.94 -78.98 -42.88
CA ARG J 91 -7.25 -79.76 -41.87
C ARG J 91 -6.83 -81.10 -42.44
N THR J 92 -5.82 -81.71 -41.84
CA THR J 92 -5.54 -83.12 -42.08
C THR J 92 -6.46 -83.94 -41.19
N GLY J 93 -6.50 -85.25 -41.42
CA GLY J 93 -7.22 -86.15 -40.53
C GLY J 93 -6.40 -86.55 -39.31
N GLN J 94 -6.86 -87.60 -38.64
CA GLN J 94 -6.17 -88.15 -37.48
C GLN J 94 -5.12 -89.19 -37.89
N PHE J 95 -4.21 -89.49 -36.96
CA PHE J 95 -3.12 -90.43 -37.19
C PHE J 95 -3.15 -91.61 -36.22
N VAL J 96 -2.67 -92.77 -36.69
CA VAL J 96 -2.50 -93.92 -35.81
C VAL J 96 -1.50 -93.54 -34.71
N GLY J 97 -1.93 -93.70 -33.46
CA GLY J 97 -1.11 -93.35 -32.30
C GLY J 97 -0.98 -91.86 -32.01
N GLY J 98 -1.80 -91.05 -32.69
CA GLY J 98 -1.91 -89.63 -32.41
C GLY J 98 -0.98 -88.68 -33.16
N ASP J 99 0.06 -89.21 -33.79
CA ASP J 99 1.00 -88.40 -34.56
C ASP J 99 1.67 -89.17 -35.71
N ALA J 100 2.47 -88.46 -36.53
CA ALA J 100 3.17 -89.06 -37.66
C ALA J 100 4.55 -88.43 -37.85
N VAL J 101 5.59 -89.25 -37.81
CA VAL J 101 6.96 -88.74 -37.90
C VAL J 101 7.36 -88.60 -39.37
N MET J 102 7.16 -87.40 -39.92
CA MET J 102 7.53 -87.13 -41.31
C MET J 102 9.04 -86.88 -41.38
N GLU J 103 9.73 -87.56 -42.28
CA GLU J 103 11.19 -87.45 -42.41
C GLU J 103 11.61 -86.94 -43.78
N ARG J 104 12.66 -86.12 -43.81
CA ARG J 104 13.14 -85.44 -45.01
C ARG J 104 13.53 -86.46 -46.08
N GLY J 105 12.89 -86.36 -47.24
CA GLY J 105 13.19 -87.22 -48.38
C GLY J 105 12.24 -88.38 -48.56
N ALA J 106 11.35 -88.56 -47.58
CA ALA J 106 10.37 -89.64 -47.63
C ALA J 106 9.26 -89.29 -48.61
N THR J 107 8.70 -90.31 -49.24
CA THR J 107 7.56 -90.16 -50.11
C THR J 107 6.31 -90.51 -49.30
N CYS J 108 5.34 -89.60 -49.26
CA CYS J 108 4.07 -89.90 -48.61
C CYS J 108 2.90 -89.60 -49.53
N TYR J 109 1.76 -90.21 -49.24
CA TYR J 109 0.57 -90.05 -50.07
C TYR J 109 -0.49 -89.28 -49.32
N VAL J 110 -0.96 -88.17 -49.90
CA VAL J 110 -2.07 -87.45 -49.30
C VAL J 110 -3.38 -87.75 -50.05
N THR J 111 -4.45 -87.99 -49.30
CA THR J 111 -5.69 -88.40 -49.94
C THR J 111 -6.94 -87.64 -49.46
N THR J 112 -7.91 -87.60 -50.35
CA THR J 112 -9.13 -86.85 -50.17
C THR J 112 -10.28 -87.83 -49.84
N ASP J 113 -9.94 -89.11 -49.81
CA ASP J 113 -10.84 -90.19 -49.43
C ASP J 113 -11.05 -90.20 -47.91
N PRO J 114 -12.30 -89.96 -47.46
CA PRO J 114 -12.61 -89.91 -46.02
C PRO J 114 -12.40 -91.24 -45.28
N ALA J 115 -12.29 -92.35 -46.01
CA ALA J 115 -11.89 -93.64 -45.41
C ALA J 115 -10.53 -93.58 -44.70
N PHE J 116 -9.72 -92.58 -45.00
CA PHE J 116 -8.41 -92.43 -44.34
C PHE J 116 -8.39 -91.35 -43.26
N ALA J 117 -9.57 -90.82 -42.93
CA ALA J 117 -9.68 -89.68 -42.00
C ALA J 117 -9.20 -89.97 -40.57
N ASP J 118 -9.49 -91.16 -40.06
CA ASP J 118 -9.18 -91.52 -38.67
C ASP J 118 -7.83 -92.22 -38.46
N LYS J 119 -7.37 -92.97 -39.45
CA LYS J 119 -6.18 -93.79 -39.28
C LYS J 119 -5.07 -93.47 -40.28
N GLY J 120 -4.71 -92.19 -40.37
CA GLY J 120 -3.60 -91.76 -41.21
C GLY J 120 -2.26 -92.18 -40.63
N THR J 121 -1.24 -92.26 -41.48
CA THR J 121 0.11 -92.61 -41.04
C THR J 121 1.09 -91.67 -41.76
N LYS J 122 2.38 -91.79 -41.46
CA LYS J 122 3.40 -91.05 -42.17
C LYS J 122 3.38 -91.34 -43.67
N ASP J 123 3.01 -92.56 -44.03
CA ASP J 123 3.00 -93.02 -45.41
C ASP J 123 1.79 -92.54 -46.21
N LYS J 124 0.61 -92.53 -45.59
CA LYS J 124 -0.60 -92.08 -46.27
C LYS J 124 -1.60 -91.50 -45.27
N PHE J 125 -2.03 -90.26 -45.53
CA PHE J 125 -3.02 -89.61 -44.67
C PHE J 125 -4.01 -88.71 -45.41
N TYR J 126 -5.01 -88.26 -44.68
CA TYR J 126 -6.15 -87.54 -45.24
C TYR J 126 -6.06 -86.02 -45.06
N ILE J 127 -6.49 -85.30 -46.10
CA ILE J 127 -6.73 -83.86 -46.04
C ILE J 127 -8.18 -83.62 -46.48
N ASP J 128 -8.92 -82.82 -45.71
CA ASP J 128 -10.38 -82.71 -45.85
C ASP J 128 -10.90 -81.82 -46.99
N TYR J 129 -9.99 -81.25 -47.76
CA TYR J 129 -10.38 -80.40 -48.89
C TYR J 129 -10.63 -81.25 -50.14
N GLN J 130 -11.90 -81.45 -50.45
CA GLN J 130 -12.31 -82.39 -51.51
C GLN J 130 -11.83 -82.08 -52.93
N ASN J 131 -11.58 -80.79 -53.19
N ASN J 131 -11.63 -80.80 -53.25
CA ASN J 131 -11.12 -80.34 -54.49
CA ASN J 131 -11.09 -80.46 -54.57
C ASN J 131 -9.61 -80.08 -54.56
C ASN J 131 -9.61 -80.07 -54.53
N LEU J 132 -8.86 -80.69 -53.64
CA LEU J 132 -7.40 -80.49 -53.53
C LEU J 132 -6.65 -80.87 -54.82
N SER J 133 -6.98 -82.03 -55.39
CA SER J 133 -6.33 -82.51 -56.63
C SER J 133 -6.53 -81.56 -57.81
N LYS J 134 -7.68 -80.91 -57.86
CA LYS J 134 -7.99 -79.96 -58.92
C LYS J 134 -7.32 -78.60 -58.68
N VAL J 135 -6.61 -78.47 -57.56
CA VAL J 135 -6.06 -77.17 -57.16
C VAL J 135 -4.52 -77.15 -57.05
N VAL J 136 -3.91 -78.32 -56.97
CA VAL J 136 -2.45 -78.43 -56.94
C VAL J 136 -1.92 -79.25 -58.11
N ARG J 137 -0.73 -78.89 -58.59
CA ARG J 137 -0.04 -79.61 -59.66
C ARG J 137 1.25 -80.24 -59.13
N PRO J 138 1.81 -81.23 -59.85
CA PRO J 138 3.18 -81.63 -59.55
C PRO J 138 4.12 -80.42 -59.54
N GLY J 139 4.91 -80.30 -58.48
CA GLY J 139 5.80 -79.15 -58.33
C GLY J 139 5.29 -78.20 -57.27
N ASN J 140 3.98 -78.19 -57.05
CA ASN J 140 3.37 -77.33 -56.03
C ASN J 140 3.71 -77.81 -54.63
N TYR J 141 3.64 -76.88 -53.68
CA TYR J 141 3.83 -77.21 -52.28
C TYR J 141 2.51 -77.28 -51.53
N ILE J 142 2.43 -78.22 -50.60
CA ILE J 142 1.39 -78.24 -49.59
C ILE J 142 2.05 -77.90 -48.25
N TYR J 143 1.49 -76.90 -47.56
CA TYR J 143 2.01 -76.42 -46.28
C TYR J 143 1.21 -77.03 -45.13
N ILE J 144 1.90 -77.65 -44.18
CA ILE J 144 1.24 -78.34 -43.04
C ILE J 144 1.75 -77.80 -41.71
N ASP J 145 0.83 -77.62 -40.75
CA ASP J 145 1.17 -77.19 -39.39
C ASP J 145 1.76 -75.77 -39.37
N ASP J 146 0.93 -74.79 -39.71
CA ASP J 146 1.36 -73.38 -39.83
C ASP J 146 2.62 -73.25 -40.66
N GLY J 147 2.71 -74.07 -41.71
CA GLY J 147 3.81 -74.04 -42.66
C GLY J 147 5.16 -74.48 -42.12
N ILE J 148 5.19 -75.15 -40.96
CA ILE J 148 6.42 -75.71 -40.42
C ILE J 148 6.94 -76.81 -41.34
N LEU J 149 5.99 -77.58 -41.86
CA LEU J 149 6.27 -78.70 -42.75
C LEU J 149 5.75 -78.40 -44.15
N ILE J 150 6.59 -78.65 -45.15
CA ILE J 150 6.21 -78.48 -46.55
C ILE J 150 6.34 -79.79 -47.33
N LEU J 151 5.26 -80.21 -47.98
CA LEU J 151 5.29 -81.33 -48.91
C LEU J 151 5.31 -80.83 -50.35
N GLN J 152 6.05 -81.54 -51.20
CA GLN J 152 6.09 -81.22 -52.62
C GLN J 152 5.30 -82.28 -53.38
N VAL J 153 4.29 -81.84 -54.12
CA VAL J 153 3.49 -82.75 -54.97
C VAL J 153 4.35 -83.29 -56.11
N GLN J 154 4.38 -84.62 -56.23
CA GLN J 154 5.12 -85.32 -57.27
C GLN J 154 4.26 -85.72 -58.47
N SER J 155 3.03 -86.21 -58.18
CA SER J 155 2.13 -86.70 -59.21
C SER J 155 0.74 -87.01 -58.64
N HIS J 156 -0.22 -87.20 -59.55
CA HIS J 156 -1.57 -87.66 -59.19
C HIS J 156 -1.61 -89.18 -59.26
N GLU J 157 -1.76 -89.82 -58.10
CA GLU J 157 -1.91 -91.27 -58.03
C GLU J 157 -3.24 -91.71 -58.63
N ASP J 158 -4.30 -91.00 -58.26
CA ASP J 158 -5.61 -91.15 -58.88
C ASP J 158 -6.42 -89.88 -58.63
N GLU J 159 -7.73 -89.96 -58.87
CA GLU J 159 -8.66 -88.84 -58.69
C GLU J 159 -8.61 -88.22 -57.28
N GLN J 160 -8.25 -89.02 -56.29
CA GLN J 160 -8.28 -88.59 -54.89
C GLN J 160 -6.92 -88.51 -54.21
N THR J 161 -5.88 -89.07 -54.83
CA THR J 161 -4.62 -89.26 -54.13
C THR J 161 -3.46 -88.55 -54.81
N LEU J 162 -2.59 -87.96 -53.98
CA LEU J 162 -1.39 -87.29 -54.46
C LEU J 162 -0.17 -87.91 -53.82
N GLU J 163 0.80 -88.25 -54.65
CA GLU J 163 2.13 -88.66 -54.23
C GLU J 163 2.97 -87.41 -53.95
N CYS J 164 3.53 -87.33 -52.74
CA CYS J 164 4.31 -86.16 -52.33
C CYS J 164 5.67 -86.54 -51.72
N THR J 165 6.58 -85.57 -51.68
CA THR J 165 7.85 -85.72 -50.96
C THR J 165 7.85 -84.85 -49.72
N VAL J 166 8.53 -85.31 -48.67
CA VAL J 166 8.67 -84.55 -47.44
C VAL J 166 9.92 -83.71 -47.57
N THR J 167 9.78 -82.39 -47.51
CA THR J 167 10.93 -81.49 -47.75
C THR J 167 11.78 -81.21 -46.52
N ASN J 168 11.16 -81.32 -45.35
CA ASN J 168 11.86 -81.16 -44.09
C ASN J 168 11.30 -82.13 -43.05
N SER J 169 12.07 -82.46 -42.02
CA SER J 169 11.61 -83.41 -41.00
C SER J 169 10.73 -82.73 -39.95
N HIS J 170 9.63 -83.38 -39.59
CA HIS J 170 8.69 -82.83 -38.60
C HIS J 170 7.70 -83.90 -38.12
N THR J 171 7.41 -83.89 -36.82
CA THR J 171 6.35 -84.73 -36.25
C THR J 171 5.06 -83.92 -36.16
N ILE J 172 3.99 -84.44 -36.77
CA ILE J 172 2.71 -83.76 -36.85
C ILE J 172 1.63 -84.52 -36.08
N SER J 173 0.82 -83.80 -35.31
CA SER J 173 -0.29 -84.38 -34.55
C SER J 173 -1.61 -84.40 -35.31
N ASP J 174 -2.61 -85.04 -34.72
CA ASP J 174 -3.96 -85.08 -35.31
C ASP J 174 -4.44 -83.69 -35.76
N ARG J 175 -5.06 -83.65 -36.94
CA ARG J 175 -5.75 -82.45 -37.45
C ARG J 175 -4.87 -81.20 -37.56
N ARG J 176 -3.76 -81.34 -38.28
CA ARG J 176 -2.89 -80.21 -38.60
C ARG J 176 -3.64 -79.29 -39.56
N GLY J 177 -3.40 -78.00 -39.42
CA GLY J 177 -3.90 -77.04 -40.39
C GLY J 177 -3.12 -77.20 -41.67
N VAL J 178 -3.80 -77.07 -42.81
CA VAL J 178 -3.11 -77.01 -44.10
C VAL J 178 -3.37 -75.69 -44.82
N ASN J 179 -2.37 -75.21 -45.56
CA ASN J 179 -2.46 -73.92 -46.24
C ASN J 179 -1.96 -73.99 -47.67
N LEU J 180 -2.74 -73.43 -48.59
CA LEU J 180 -2.37 -73.33 -49.99
C LEU J 180 -2.37 -71.87 -50.43
N PRO J 181 -1.27 -71.14 -50.17
CA PRO J 181 -1.16 -69.73 -50.58
C PRO J 181 -1.20 -69.56 -52.09
N GLY J 182 -2.01 -68.62 -52.56
CA GLY J 182 -2.15 -68.36 -53.99
C GLY J 182 -3.24 -69.16 -54.69
N CYS J 183 -3.62 -70.30 -54.12
CA CYS J 183 -4.72 -71.11 -54.63
C CYS J 183 -6.05 -70.52 -54.17
N ASP J 184 -7.03 -70.51 -55.06
CA ASP J 184 -8.36 -70.06 -54.68
C ASP J 184 -9.13 -71.21 -54.06
N VAL J 185 -9.20 -71.20 -52.74
CA VAL J 185 -9.92 -72.22 -52.00
C VAL J 185 -11.23 -71.64 -51.47
N ASP J 186 -12.19 -71.45 -52.37
CA ASP J 186 -13.49 -70.92 -51.98
C ASP J 186 -14.24 -71.94 -51.09
N LEU J 187 -13.96 -71.88 -49.79
CA LEU J 187 -14.73 -72.61 -48.80
C LEU J 187 -15.74 -71.62 -48.28
N PRO J 188 -16.95 -72.09 -47.93
CA PRO J 188 -18.01 -71.15 -47.56
C PRO J 188 -17.62 -70.24 -46.40
N ALA J 189 -18.06 -68.99 -46.46
CA ALA J 189 -17.77 -68.00 -45.42
C ALA J 189 -18.27 -68.47 -44.05
N VAL J 190 -19.44 -69.10 -44.04
CA VAL J 190 -19.96 -69.80 -42.85
C VAL J 190 -20.54 -71.17 -43.25
N SER J 191 -19.86 -72.23 -42.83
CA SER J 191 -20.24 -73.61 -43.18
C SER J 191 -21.33 -74.19 -42.27
N ALA J 192 -21.85 -75.35 -42.65
CA ALA J 192 -22.85 -76.07 -41.86
C ALA J 192 -22.30 -76.48 -40.49
N LYS J 193 -21.04 -76.92 -40.45
CA LYS J 193 -20.35 -77.14 -39.17
C LYS J 193 -20.32 -75.84 -38.35
N ASP J 194 -19.97 -74.73 -39.01
CA ASP J 194 -19.87 -73.42 -38.34
C ASP J 194 -21.21 -73.05 -37.70
N ARG J 195 -22.28 -73.18 -38.45
CA ARG J 195 -23.61 -72.88 -37.92
C ARG J 195 -23.94 -73.72 -36.71
N VAL J 196 -23.48 -74.98 -36.73
CA VAL J 196 -23.68 -75.91 -35.62
C VAL J 196 -22.88 -75.51 -34.37
N ASP J 197 -21.60 -75.19 -34.57
CA ASP J 197 -20.73 -74.74 -33.49
C ASP J 197 -21.20 -73.42 -32.84
N LEU J 198 -21.61 -72.45 -33.65
CA LEU J 198 -22.08 -71.17 -33.14
C LEU J 198 -23.35 -71.31 -32.30
N GLN J 199 -24.27 -72.15 -32.76
CA GLN J 199 -25.54 -72.38 -32.07
C GLN J 199 -25.34 -73.01 -30.71
N PHE J 200 -24.40 -73.95 -30.65
CA PHE J 200 -23.92 -74.53 -29.40
C PHE J 200 -23.40 -73.42 -28.48
N GLY J 201 -22.52 -72.57 -29.01
CA GLY J 201 -22.01 -71.41 -28.28
C GLY J 201 -23.10 -70.52 -27.70
N VAL J 202 -24.16 -70.33 -28.48
CA VAL J 202 -25.26 -69.50 -28.04
C VAL J 202 -25.98 -70.22 -26.91
N GLU J 203 -26.37 -71.46 -27.17
CA GLU J 203 -27.06 -72.32 -26.19
C GLU J 203 -26.34 -72.39 -24.86
N GLN J 204 -25.02 -72.39 -24.92
CA GLN J 204 -24.12 -72.56 -23.78
C GLN J 204 -23.71 -71.27 -23.09
N GLY J 205 -24.13 -70.13 -23.64
CA GLY J 205 -23.82 -68.82 -23.04
C GLY J 205 -22.36 -68.37 -23.14
N VAL J 206 -21.69 -68.73 -24.22
CA VAL J 206 -20.32 -68.25 -24.39
C VAL J 206 -20.32 -66.71 -24.56
N ASP J 207 -19.20 -66.08 -24.21
CA ASP J 207 -19.18 -64.63 -24.14
C ASP J 207 -18.71 -63.99 -25.43
N MET J 208 -17.88 -64.70 -26.19
CA MET J 208 -17.32 -64.19 -27.43
C MET J 208 -16.97 -65.30 -28.43
N ILE J 209 -16.96 -64.95 -29.70
CA ILE J 209 -16.59 -65.89 -30.74
C ILE J 209 -15.29 -65.41 -31.37
N PHE J 210 -14.33 -66.33 -31.53
CA PHE J 210 -13.11 -66.04 -32.27
C PHE J 210 -13.25 -66.61 -33.67
N ALA J 211 -13.89 -65.84 -34.54
CA ALA J 211 -14.21 -66.27 -35.90
C ALA J 211 -12.95 -66.47 -36.72
N SER J 212 -12.69 -67.71 -37.15
CA SER J 212 -11.51 -68.02 -37.93
C SER J 212 -11.66 -67.63 -39.40
N PHE J 213 -10.52 -67.29 -40.01
CA PHE J 213 -10.42 -66.93 -41.41
C PHE J 213 -11.51 -65.94 -41.88
N ILE J 214 -11.57 -64.77 -41.25
CA ILE J 214 -12.44 -63.72 -41.73
C ILE J 214 -11.80 -63.03 -42.92
N ARG J 215 -12.55 -62.99 -44.03
CA ARG J 215 -12.09 -62.44 -45.30
C ARG J 215 -12.83 -61.15 -45.69
N SER J 216 -14.03 -60.95 -45.14
CA SER J 216 -14.91 -59.86 -45.55
C SER J 216 -15.90 -59.43 -44.48
N ALA J 217 -16.38 -58.20 -44.60
CA ALA J 217 -17.38 -57.67 -43.71
C ALA J 217 -18.69 -58.42 -43.89
N GLU J 218 -18.99 -58.83 -45.12
CA GLU J 218 -20.19 -59.63 -45.41
C GLU J 218 -20.21 -60.95 -44.63
N GLN J 219 -19.03 -61.56 -44.48
CA GLN J 219 -18.84 -62.78 -43.71
C GLN J 219 -19.04 -62.57 -42.22
N VAL J 220 -18.70 -61.37 -41.73
CA VAL J 220 -18.89 -61.01 -40.32
C VAL J 220 -20.38 -60.96 -40.03
N GLY J 221 -21.13 -60.36 -40.97
CA GLY J 221 -22.59 -60.24 -40.86
C GLY J 221 -23.30 -61.57 -40.91
N ASP J 222 -22.71 -62.53 -41.63
CA ASP J 222 -23.21 -63.90 -41.69
C ASP J 222 -23.02 -64.61 -40.35
N VAL J 223 -21.89 -64.38 -39.70
CA VAL J 223 -21.65 -64.97 -38.38
C VAL J 223 -22.66 -64.43 -37.36
N ARG J 224 -22.85 -63.11 -37.37
CA ARG J 224 -23.81 -62.47 -36.47
C ARG J 224 -25.23 -63.00 -36.69
N LYS J 225 -25.59 -63.18 -37.97
CA LYS J 225 -26.91 -63.70 -38.34
C LYS J 225 -27.10 -65.15 -37.87
N ALA J 226 -26.04 -65.95 -37.99
CA ALA J 226 -26.03 -67.32 -37.49
C ALA J 226 -26.20 -67.42 -35.96
N LEU J 227 -25.65 -66.45 -35.23
CA LEU J 227 -25.79 -66.39 -33.78
C LEU J 227 -27.22 -66.06 -33.35
N GLY J 228 -27.94 -65.33 -34.20
CA GLY J 228 -29.36 -65.06 -34.00
C GLY J 228 -29.69 -64.11 -32.87
N PRO J 229 -30.99 -63.86 -32.65
CA PRO J 229 -31.50 -62.96 -31.59
C PRO J 229 -31.03 -63.33 -30.18
N LYS J 230 -30.91 -64.63 -29.88
CA LYS J 230 -30.46 -65.08 -28.57
C LYS J 230 -28.96 -64.79 -28.35
N GLY J 231 -28.23 -64.61 -29.45
CA GLY J 231 -26.80 -64.38 -29.36
C GLY J 231 -26.33 -63.02 -29.84
N ARG J 232 -27.16 -61.98 -29.65
CA ARG J 232 -26.83 -60.61 -30.08
C ARG J 232 -25.78 -59.91 -29.23
N ASP J 233 -25.67 -60.30 -27.96
CA ASP J 233 -24.68 -59.69 -27.05
C ASP J 233 -23.34 -60.40 -27.03
N ILE J 234 -23.21 -61.46 -27.83
CA ILE J 234 -21.95 -62.19 -27.89
C ILE J 234 -21.02 -61.44 -28.85
N MET J 235 -19.80 -61.15 -28.38
CA MET J 235 -18.82 -60.44 -29.18
C MET J 235 -18.26 -61.29 -30.33
N ILE J 236 -18.07 -60.66 -31.49
CA ILE J 236 -17.41 -61.35 -32.61
C ILE J 236 -16.02 -60.76 -32.81
N ILE J 237 -15.01 -61.55 -32.48
CA ILE J 237 -13.61 -61.13 -32.60
C ILE J 237 -13.11 -61.79 -33.87
N CYS J 238 -12.67 -60.99 -34.83
CA CYS J 238 -12.36 -61.49 -36.16
C CYS J 238 -10.87 -61.81 -36.31
N LYS J 239 -10.60 -63.03 -36.77
CA LYS J 239 -9.26 -63.54 -36.90
C LYS J 239 -8.75 -63.23 -38.31
N ILE J 240 -7.79 -62.33 -38.37
CA ILE J 240 -7.18 -61.99 -39.65
C ILE J 240 -6.05 -62.96 -39.83
N GLU J 241 -6.19 -63.85 -40.80
CA GLU J 241 -5.16 -64.87 -41.06
C GLU J 241 -5.04 -65.27 -42.52
N ASN J 242 -5.49 -64.41 -43.42
CA ASN J 242 -5.11 -64.52 -44.83
C ASN J 242 -5.08 -63.17 -45.52
N HIS J 243 -4.59 -63.19 -46.76
CA HIS J 243 -4.39 -62.01 -47.59
C HIS J 243 -5.61 -61.09 -47.70
N GLN J 244 -6.77 -61.64 -48.06
CA GLN J 244 -7.91 -60.78 -48.29
C GLN J 244 -8.53 -60.20 -47.02
N GLY J 245 -8.39 -60.92 -45.91
CA GLY J 245 -8.74 -60.39 -44.58
C GLY J 245 -7.92 -59.15 -44.22
N VAL J 246 -6.62 -59.21 -44.51
CA VAL J 246 -5.71 -58.08 -44.33
C VAL J 246 -6.13 -56.92 -45.22
N GLN J 247 -6.30 -57.21 -46.50
CA GLN J 247 -6.70 -56.21 -47.50
C GLN J 247 -8.04 -55.51 -47.15
N ASN J 248 -8.99 -56.29 -46.63
CA ASN J 248 -10.33 -55.78 -46.29
C ASN J 248 -10.48 -55.34 -44.84
N ILE J 249 -9.36 -55.08 -44.19
CA ILE J 249 -9.33 -54.84 -42.75
C ILE J 249 -10.21 -53.70 -42.20
N ASP J 250 -10.28 -52.57 -42.89
CA ASP J 250 -11.05 -51.44 -42.38
C ASP J 250 -12.52 -51.82 -42.22
N SER J 251 -13.11 -52.34 -43.29
CA SER J 251 -14.51 -52.74 -43.27
C SER J 251 -14.75 -53.92 -42.33
N ILE J 252 -13.73 -54.77 -42.14
CA ILE J 252 -13.84 -55.87 -41.18
C ILE J 252 -13.84 -55.33 -39.73
N ILE J 253 -12.92 -54.40 -39.43
CA ILE J 253 -12.85 -53.76 -38.11
C ILE J 253 -14.17 -53.08 -37.76
N GLU J 254 -14.74 -52.41 -38.75
CA GLU J 254 -15.99 -51.69 -38.60
C GLU J 254 -17.16 -52.60 -38.25
N GLU J 255 -17.18 -53.81 -38.79
CA GLU J 255 -18.27 -54.77 -38.51
C GLU J 255 -18.01 -55.59 -37.27
N SER J 256 -16.74 -55.88 -36.98
CA SER J 256 -16.36 -56.70 -35.84
C SER J 256 -16.53 -56.01 -34.48
N ASP J 257 -16.33 -56.79 -33.41
CA ASP J 257 -16.19 -56.26 -32.06
C ASP J 257 -14.71 -56.26 -31.64
N GLY J 258 -13.81 -56.63 -32.55
CA GLY J 258 -12.38 -56.70 -32.25
C GLY J 258 -11.65 -57.58 -33.24
N ILE J 259 -10.30 -57.58 -33.17
CA ILE J 259 -9.46 -58.33 -34.11
C ILE J 259 -8.48 -59.25 -33.37
N MET J 260 -8.20 -60.41 -33.94
CA MET J 260 -7.03 -61.20 -33.53
C MET J 260 -6.03 -61.23 -34.70
N VAL J 261 -4.78 -60.90 -34.43
CA VAL J 261 -3.73 -61.03 -35.45
C VAL J 261 -3.26 -62.48 -35.37
N ALA J 262 -3.89 -63.34 -36.17
CA ALA J 262 -3.70 -64.80 -36.08
C ALA J 262 -2.42 -65.18 -36.80
N ARG J 263 -1.30 -65.03 -36.11
CA ARG J 263 0.00 -65.07 -36.79
C ARG J 263 0.40 -66.44 -37.35
N GLY J 264 -0.22 -67.49 -36.82
CA GLY J 264 0.05 -68.86 -37.25
C GLY J 264 -0.29 -69.05 -38.71
N ASP J 265 -1.58 -69.01 -39.02
CA ASP J 265 -2.03 -69.11 -40.40
C ASP J 265 -1.57 -67.91 -41.26
N LEU J 266 -1.53 -66.71 -40.67
CA LEU J 266 -1.16 -65.47 -41.38
C LEU J 266 0.21 -65.57 -42.03
N GLY J 267 1.21 -66.03 -41.28
CA GLY J 267 2.59 -66.14 -41.76
C GLY J 267 2.88 -67.33 -42.66
N VAL J 268 1.82 -68.02 -43.11
CA VAL J 268 1.96 -68.99 -44.19
C VAL J 268 1.26 -68.42 -45.41
N GLU J 269 0.05 -67.89 -45.19
CA GLU J 269 -0.72 -67.21 -46.23
C GLU J 269 0.00 -66.00 -46.86
N ILE J 270 0.61 -65.16 -46.03
CA ILE J 270 1.44 -64.06 -46.52
C ILE J 270 2.86 -64.34 -46.02
N PRO J 271 3.89 -63.81 -46.69
CA PRO J 271 5.28 -64.04 -46.22
C PRO J 271 5.50 -63.74 -44.74
N ALA J 272 6.17 -64.68 -44.06
CA ALA J 272 6.50 -64.57 -42.64
C ALA J 272 6.94 -63.16 -42.19
N GLU J 273 7.85 -62.55 -42.94
CA GLU J 273 8.43 -61.26 -42.54
C GLU J 273 7.43 -60.10 -42.61
N LYS J 274 6.37 -60.26 -43.39
CA LYS J 274 5.34 -59.23 -43.55
C LYS J 274 4.27 -59.28 -42.45
N VAL J 275 4.39 -60.28 -41.56
CA VAL J 275 3.52 -60.36 -40.37
C VAL J 275 3.86 -59.22 -39.43
N VAL J 276 5.13 -58.83 -39.38
CA VAL J 276 5.58 -57.78 -38.47
C VAL J 276 4.82 -56.46 -38.71
N VAL J 277 4.74 -56.07 -39.97
CA VAL J 277 4.04 -54.87 -40.43
C VAL J 277 2.52 -55.01 -40.34
N ALA J 278 2.00 -56.18 -40.71
CA ALA J 278 0.57 -56.46 -40.62
C ALA J 278 0.10 -56.35 -39.18
N GLN J 279 0.94 -56.84 -38.26
CA GLN J 279 0.68 -56.73 -36.83
C GLN J 279 0.65 -55.27 -36.35
N LYS J 280 1.64 -54.46 -36.76
CA LYS J 280 1.64 -53.02 -36.42
C LYS J 280 0.37 -52.33 -36.94
N ILE J 281 0.06 -52.58 -38.20
CA ILE J 281 -1.11 -51.99 -38.86
C ILE J 281 -2.43 -52.31 -38.17
N LEU J 282 -2.69 -53.60 -37.90
CA LEU J 282 -4.00 -54.01 -37.38
C LEU J 282 -4.19 -53.59 -35.94
N ILE J 283 -3.10 -53.59 -35.19
CA ILE J 283 -3.14 -53.17 -33.79
C ILE J 283 -3.44 -51.67 -33.73
N SER J 284 -2.66 -50.85 -34.44
CA SER J 284 -2.89 -49.40 -34.46
C SER J 284 -4.32 -49.02 -34.90
N LYS J 285 -4.82 -49.67 -35.95
CA LYS J 285 -6.17 -49.43 -36.46
C LYS J 285 -7.24 -49.76 -35.44
N CYS J 286 -7.04 -50.84 -34.68
CA CYS J 286 -7.94 -51.15 -33.55
C CYS J 286 -7.80 -50.18 -32.38
N ASN J 287 -6.58 -49.75 -32.09
CA ASN J 287 -6.39 -48.72 -31.07
C ASN J 287 -7.20 -47.47 -31.41
N VAL J 288 -7.01 -46.97 -32.63
CA VAL J 288 -7.73 -45.79 -33.13
C VAL J 288 -9.28 -45.97 -33.12
N ALA J 289 -9.75 -47.18 -33.42
CA ALA J 289 -11.20 -47.47 -33.42
C ALA J 289 -11.78 -47.75 -32.04
N GLY J 290 -10.91 -47.97 -31.06
CA GLY J 290 -11.34 -48.33 -29.71
C GLY J 290 -11.91 -49.73 -29.66
N LYS J 291 -11.27 -50.65 -30.39
CA LYS J 291 -11.70 -52.05 -30.40
C LYS J 291 -10.57 -52.99 -29.94
N PRO J 292 -10.90 -53.96 -29.06
CA PRO J 292 -9.94 -54.97 -28.58
C PRO J 292 -9.11 -55.65 -29.67
N VAL J 293 -7.80 -55.77 -29.46
CA VAL J 293 -6.95 -56.42 -30.44
C VAL J 293 -6.05 -57.43 -29.73
N ILE J 294 -6.03 -58.65 -30.27
CA ILE J 294 -5.29 -59.76 -29.69
C ILE J 294 -4.09 -60.14 -30.55
N CYS J 295 -2.92 -60.24 -29.92
CA CYS J 295 -1.73 -60.76 -30.60
C CYS J 295 -1.57 -62.25 -30.25
N ALA J 296 -1.50 -63.11 -31.27
CA ALA J 296 -1.56 -64.54 -31.04
C ALA J 296 -0.49 -65.34 -31.72
N THR J 297 -0.15 -66.47 -31.09
CA THR J 297 0.49 -67.60 -31.73
C THR J 297 2.02 -67.61 -31.67
N GLN J 298 2.57 -68.69 -31.13
CA GLN J 298 4.03 -68.92 -31.04
C GLN J 298 4.79 -67.87 -30.22
N MET J 299 4.04 -67.13 -29.39
CA MET J 299 4.59 -66.04 -28.60
C MET J 299 5.59 -66.56 -27.58
N LEU J 300 5.27 -67.69 -26.96
CA LEU J 300 6.16 -68.34 -26.02
C LEU J 300 6.26 -69.84 -26.32
N GLU J 301 6.41 -70.16 -27.61
CA GLU J 301 6.41 -71.53 -28.15
C GLU J 301 7.29 -72.55 -27.40
N SER J 302 8.54 -72.18 -27.12
CA SER J 302 9.48 -73.12 -26.53
C SER J 302 9.10 -73.55 -25.11
N MET J 303 8.13 -72.86 -24.50
CA MET J 303 7.70 -73.17 -23.15
C MET J 303 6.62 -74.24 -23.12
N THR J 304 6.32 -74.79 -24.29
CA THR J 304 5.53 -76.02 -24.38
C THR J 304 6.38 -77.18 -23.84
N TYR J 305 7.70 -77.09 -23.98
CA TYR J 305 8.63 -78.17 -23.63
C TYR J 305 9.68 -77.77 -22.58
N ASN J 306 9.97 -76.47 -22.50
CA ASN J 306 10.97 -75.94 -21.56
C ASN J 306 10.34 -75.06 -20.48
N PRO J 307 10.96 -74.99 -19.28
CA PRO J 307 10.44 -74.14 -18.20
C PRO J 307 10.77 -72.64 -18.34
N ARG J 308 11.59 -72.31 -19.33
CA ARG J 308 12.01 -70.93 -19.57
C ARG J 308 11.97 -70.57 -21.06
N PRO J 309 11.54 -69.33 -21.37
CA PRO J 309 11.40 -68.91 -22.77
C PRO J 309 12.76 -68.57 -23.39
N THR J 310 12.79 -68.38 -24.72
CA THR J 310 13.99 -67.87 -25.38
C THR J 310 13.99 -66.35 -25.37
N ARG J 311 15.14 -65.76 -25.70
CA ARG J 311 15.32 -64.31 -25.77
C ARG J 311 14.37 -63.65 -26.74
N ALA J 312 14.14 -64.29 -27.89
CA ALA J 312 13.21 -63.79 -28.90
C ALA J 312 11.76 -63.81 -28.43
N GLU J 313 11.42 -64.79 -27.58
CA GLU J 313 10.04 -64.97 -27.13
C GLU J 313 9.66 -63.93 -26.08
N VAL J 314 10.57 -63.64 -25.15
CA VAL J 314 10.40 -62.54 -24.19
C VAL J 314 10.22 -61.24 -24.97
N SER J 315 11.15 -60.99 -25.89
CA SER J 315 11.12 -59.84 -26.78
C SER J 315 9.77 -59.66 -27.50
N ASP J 316 9.21 -60.75 -28.00
CA ASP J 316 7.96 -60.74 -28.78
C ASP J 316 6.72 -60.43 -27.94
N VAL J 317 6.69 -60.91 -26.70
CA VAL J 317 5.58 -60.60 -25.78
C VAL J 317 5.60 -59.10 -25.41
N ALA J 318 6.81 -58.60 -25.12
CA ALA J 318 7.01 -57.21 -24.73
C ALA J 318 6.60 -56.26 -25.85
N ASN J 319 7.09 -56.55 -27.05
CA ASN J 319 6.75 -55.74 -28.22
C ASN J 319 5.26 -55.84 -28.65
N ALA J 320 4.59 -56.95 -28.37
CA ALA J 320 3.11 -56.95 -28.54
C ALA J 320 2.50 -55.85 -27.69
N VAL J 321 2.97 -55.73 -26.45
CA VAL J 321 2.49 -54.71 -25.51
C VAL J 321 2.87 -53.31 -26.02
N PHE J 322 4.12 -53.14 -26.44
CA PHE J 322 4.54 -51.86 -27.02
C PHE J 322 3.73 -51.49 -28.26
N ASN J 323 3.39 -52.50 -29.08
CA ASN J 323 2.61 -52.31 -30.30
C ASN J 323 1.24 -51.70 -30.04
N GLY J 324 0.66 -52.04 -28.87
CA GLY J 324 -0.65 -51.55 -28.47
C GLY J 324 -1.75 -52.58 -28.23
N ALA J 325 -1.39 -53.86 -28.15
CA ALA J 325 -2.38 -54.93 -28.00
C ALA J 325 -3.03 -54.93 -26.62
N ASP J 326 -4.36 -55.14 -26.61
CA ASP J 326 -5.10 -55.36 -25.37
C ASP J 326 -4.69 -56.71 -24.77
N CYS J 327 -4.51 -57.69 -25.66
CA CYS J 327 -4.32 -59.08 -25.28
C CYS J 327 -3.13 -59.75 -25.90
N VAL J 328 -2.54 -60.68 -25.14
CA VAL J 328 -1.63 -61.67 -25.67
C VAL J 328 -2.18 -63.06 -25.44
N MET J 329 -1.87 -63.98 -26.37
CA MET J 329 -2.46 -65.30 -26.36
C MET J 329 -1.47 -66.44 -26.27
N LEU J 330 -1.88 -67.48 -25.57
CA LEU J 330 -1.15 -68.73 -25.48
C LEU J 330 -1.98 -69.84 -26.11
N SER J 331 -1.34 -70.61 -26.98
CA SER J 331 -2.05 -71.60 -27.77
C SER J 331 -1.71 -73.04 -27.32
N GLY J 332 -0.74 -73.66 -27.98
CA GLY J 332 -0.28 -74.99 -27.61
C GLY J 332 0.55 -74.99 -26.34
N GLU J 333 1.06 -73.81 -25.96
CA GLU J 333 1.75 -73.63 -24.68
C GLU J 333 0.86 -74.07 -23.50
N THR J 334 -0.45 -73.86 -23.62
CA THR J 334 -1.39 -74.23 -22.53
C THR J 334 -2.30 -75.41 -22.88
N ALA J 335 -2.60 -75.56 -24.17
CA ALA J 335 -3.41 -76.68 -24.68
C ALA J 335 -2.78 -78.05 -24.45
N LYS J 336 -1.47 -78.16 -24.65
CA LYS J 336 -0.80 -79.47 -24.57
C LYS J 336 0.65 -79.39 -24.04
N GLY J 337 0.97 -78.29 -23.36
CA GLY J 337 2.34 -78.05 -22.89
C GLY J 337 2.70 -78.64 -21.54
N LYS J 338 4.00 -78.74 -21.28
CA LYS J 338 4.54 -79.30 -20.03
C LYS J 338 4.48 -78.33 -18.86
N TYR J 339 4.29 -77.04 -19.16
CA TYR J 339 4.39 -76.02 -18.13
C TYR J 339 3.31 -74.94 -18.22
N PRO J 340 2.03 -75.32 -18.13
CA PRO J 340 0.95 -74.35 -18.33
C PRO J 340 1.02 -73.15 -17.38
N ASN J 341 1.21 -73.41 -16.08
CA ASN J 341 1.31 -72.33 -15.08
C ASN J 341 2.53 -71.44 -15.28
N GLU J 342 3.68 -72.06 -15.50
CA GLU J 342 4.93 -71.32 -15.65
C GLU J 342 4.89 -70.40 -16.85
N VAL J 343 4.31 -70.88 -17.96
CA VAL J 343 4.21 -70.06 -19.17
C VAL J 343 3.29 -68.82 -18.99
N VAL J 344 2.19 -68.99 -18.26
CA VAL J 344 1.27 -67.88 -17.98
C VAL J 344 1.91 -66.90 -16.99
N GLN J 345 2.62 -67.44 -16.00
CA GLN J 345 3.38 -66.61 -15.07
C GLN J 345 4.42 -65.77 -15.80
N TYR J 346 5.14 -66.37 -16.74
CA TYR J 346 6.16 -65.65 -17.50
C TYR J 346 5.57 -64.54 -18.35
N MET J 347 4.45 -64.84 -19.01
CA MET J 347 3.80 -63.89 -19.87
C MET J 347 3.29 -62.67 -19.09
N ALA J 348 2.76 -62.92 -17.90
CA ALA J 348 2.27 -61.86 -17.03
C ALA J 348 3.42 -60.98 -16.56
N ARG J 349 4.55 -61.60 -16.25
CA ARG J 349 5.75 -60.91 -15.79
C ARG J 349 6.32 -60.01 -16.88
N ILE J 350 6.25 -60.47 -18.12
CA ILE J 350 6.82 -59.74 -19.26
C ILE J 350 5.94 -58.56 -19.64
N CYS J 351 4.63 -58.76 -19.55
CA CYS J 351 3.66 -57.71 -19.88
C CYS J 351 3.81 -56.57 -18.89
N LEU J 352 3.85 -56.90 -17.61
CA LEU J 352 4.04 -55.93 -16.52
C LEU J 352 5.33 -55.09 -16.68
N GLU J 353 6.41 -55.75 -17.11
CA GLU J 353 7.69 -55.10 -17.34
C GLU J 353 7.60 -54.13 -18.51
N ALA J 354 6.95 -54.58 -19.59
CA ALA J 354 6.74 -53.77 -20.78
C ALA J 354 5.92 -52.53 -20.44
N GLN J 355 4.92 -52.73 -19.58
CA GLN J 355 4.06 -51.67 -19.11
C GLN J 355 4.84 -50.53 -18.46
N SER J 356 5.90 -50.89 -17.71
CA SER J 356 6.82 -49.90 -17.14
C SER J 356 7.39 -48.96 -18.20
N ALA J 357 7.83 -49.55 -19.31
CA ALA J 357 8.54 -48.83 -20.36
C ALA J 357 7.57 -48.14 -21.31
N LEU J 358 6.31 -48.55 -21.26
CA LEU J 358 5.28 -48.02 -22.12
C LEU J 358 5.01 -46.57 -21.77
N ASN J 359 4.89 -45.73 -22.79
CA ASN J 359 4.65 -44.31 -22.58
C ASN J 359 3.17 -43.99 -22.79
N GLU J 360 2.36 -44.23 -21.76
CA GLU J 360 0.90 -44.11 -21.85
C GLU J 360 0.42 -42.73 -22.28
N TYR J 361 1.11 -41.68 -21.82
CA TYR J 361 0.74 -40.31 -22.13
C TYR J 361 0.81 -39.99 -23.62
N VAL J 362 1.92 -40.37 -24.25
CA VAL J 362 2.12 -40.23 -25.68
C VAL J 362 1.07 -41.05 -26.46
N PHE J 363 0.82 -42.26 -25.96
CA PHE J 363 -0.20 -43.15 -26.49
C PHE J 363 -1.55 -42.42 -26.43
N PHE J 364 -1.86 -41.85 -25.28
CA PHE J 364 -3.11 -41.08 -25.06
C PHE J 364 -3.28 -39.97 -26.12
N ASN J 365 -2.30 -39.08 -26.19
CA ASN J 365 -2.34 -37.95 -27.10
C ASN J 365 -2.42 -38.35 -28.57
N SER J 366 -1.70 -39.40 -28.94
CA SER J 366 -1.72 -39.92 -30.30
C SER J 366 -3.11 -40.40 -30.71
N ILE J 367 -3.79 -41.10 -29.81
CA ILE J 367 -5.13 -41.62 -30.08
C ILE J 367 -6.08 -40.45 -30.26
N LYS J 368 -6.02 -39.52 -29.30
CA LYS J 368 -6.76 -38.26 -29.31
C LYS J 368 -6.67 -37.52 -30.64
N LYS J 369 -5.45 -37.39 -31.16
CA LYS J 369 -5.20 -36.63 -32.39
C LYS J 369 -5.77 -37.30 -33.62
N LEU J 370 -6.09 -38.59 -33.53
CA LEU J 370 -6.48 -39.37 -34.69
C LEU J 370 -7.98 -39.55 -34.86
N GLN J 371 -8.76 -39.13 -33.85
CA GLN J 371 -10.22 -39.16 -33.91
C GLN J 371 -10.79 -38.06 -34.78
N HIS J 372 -11.81 -38.39 -35.55
CA HIS J 372 -12.57 -37.37 -36.26
C HIS J 372 -13.18 -36.39 -35.28
N ILE J 373 -13.11 -35.10 -35.62
CA ILE J 373 -13.72 -34.04 -34.82
C ILE J 373 -14.82 -33.36 -35.64
N PRO J 374 -16.01 -33.14 -35.05
CA PRO J 374 -16.42 -33.29 -33.65
C PRO J 374 -16.60 -34.73 -33.15
N MET J 375 -16.07 -35.01 -31.96
CA MET J 375 -16.35 -36.26 -31.27
C MET J 375 -17.79 -36.20 -30.74
N SER J 376 -18.36 -37.37 -30.44
CA SER J 376 -19.65 -37.44 -29.77
C SER J 376 -19.48 -37.07 -28.30
N ALA J 377 -20.57 -36.75 -27.62
CA ALA J 377 -20.53 -36.32 -26.23
C ALA J 377 -19.87 -37.36 -25.33
N ASP J 378 -20.36 -38.60 -25.38
CA ASP J 378 -19.75 -39.70 -24.62
C ASP J 378 -18.24 -39.84 -24.89
N GLU J 379 -17.83 -39.78 -26.16
CA GLU J 379 -16.40 -39.92 -26.48
C GLU J 379 -15.55 -38.78 -25.92
N ALA J 380 -16.04 -37.55 -25.99
CA ALA J 380 -15.33 -36.38 -25.47
C ALA J 380 -15.16 -36.45 -23.97
N VAL J 381 -16.16 -37.04 -23.33
CA VAL J 381 -16.19 -37.19 -21.89
C VAL J 381 -15.11 -38.16 -21.43
N CYS J 382 -14.92 -39.24 -22.16
CA CYS J 382 -13.86 -40.20 -21.81
C CYS J 382 -12.47 -39.62 -22.04
N SER J 383 -12.25 -39.10 -23.24
CA SER J 383 -11.02 -38.37 -23.59
C SER J 383 -10.63 -37.31 -22.55
N SER J 384 -11.60 -36.49 -22.13
CA SER J 384 -11.33 -35.42 -21.20
C SER J 384 -11.14 -35.91 -19.75
N ALA J 385 -11.83 -37.00 -19.41
CA ALA J 385 -11.61 -37.65 -18.13
C ALA J 385 -10.17 -38.15 -18.01
N VAL J 386 -9.67 -38.74 -19.10
CA VAL J 386 -8.32 -39.29 -19.12
C VAL J 386 -7.29 -38.17 -19.05
N ASN J 387 -7.55 -37.10 -19.74
CA ASN J 387 -6.79 -35.90 -19.59
C ASN J 387 -6.73 -35.38 -18.15
N SER J 388 -7.85 -35.42 -17.46
CA SER J 388 -7.90 -35.05 -16.05
C SER J 388 -7.03 -35.95 -15.16
N VAL J 389 -7.01 -37.25 -15.48
CA VAL J 389 -6.17 -38.22 -14.80
C VAL J 389 -4.71 -37.77 -14.81
N TYR J 390 -4.17 -37.48 -15.99
CA TYR J 390 -2.78 -37.07 -16.14
C TYR J 390 -2.48 -35.74 -15.46
N GLU J 391 -3.45 -34.84 -15.53
CA GLU J 391 -3.28 -33.49 -15.00
C GLU J 391 -3.28 -33.46 -13.48
N THR J 392 -4.11 -34.29 -12.85
CA THR J 392 -4.19 -34.39 -11.38
C THR J 392 -3.32 -35.52 -10.84
N LYS J 393 -2.82 -36.37 -11.74
CA LYS J 393 -2.16 -37.62 -11.35
C LYS J 393 -3.09 -38.44 -10.46
N ALA J 394 -4.33 -38.60 -10.93
CA ALA J 394 -5.31 -39.46 -10.27
C ALA J 394 -4.81 -40.90 -10.33
N LYS J 395 -5.21 -41.72 -9.35
CA LYS J 395 -4.58 -43.03 -9.15
C LYS J 395 -5.54 -44.17 -9.43
N ALA J 396 -6.77 -43.81 -9.76
CA ALA J 396 -7.77 -44.74 -10.25
C ALA J 396 -8.85 -43.98 -11.00
N MET J 397 -9.62 -44.71 -11.78
CA MET J 397 -10.70 -44.17 -12.58
C MET J 397 -11.88 -45.09 -12.33
N VAL J 398 -13.07 -44.52 -12.20
CA VAL J 398 -14.28 -45.34 -12.06
C VAL J 398 -15.28 -45.01 -13.17
N VAL J 399 -15.73 -46.04 -13.88
N VAL J 399 -15.76 -46.03 -13.88
CA VAL J 399 -16.77 -45.91 -14.89
CA VAL J 399 -16.76 -45.84 -14.93
C VAL J 399 -17.95 -46.81 -14.57
C VAL J 399 -17.93 -46.83 -14.79
N LEU J 400 -19.15 -46.29 -14.80
CA LEU J 400 -20.36 -47.12 -14.77
C LEU J 400 -20.69 -47.55 -16.20
N SER J 401 -20.70 -48.85 -16.46
CA SER J 401 -21.03 -49.35 -17.78
C SER J 401 -21.76 -50.68 -17.70
N ASN J 402 -22.95 -50.72 -18.28
CA ASN J 402 -23.76 -51.92 -18.26
C ASN J 402 -23.47 -52.81 -19.44
N THR J 403 -23.39 -52.19 -20.62
CA THR J 403 -23.12 -52.93 -21.86
C THR J 403 -21.63 -53.18 -22.06
N GLY J 404 -20.79 -52.42 -21.36
CA GLY J 404 -19.33 -52.49 -21.54
C GLY J 404 -18.77 -51.38 -22.43
N ARG J 405 -19.65 -50.70 -23.17
CA ARG J 405 -19.26 -49.62 -24.09
C ARG J 405 -18.40 -48.52 -23.45
N SER J 406 -18.88 -47.95 -22.34
CA SER J 406 -18.20 -46.80 -21.74
C SER J 406 -16.80 -47.17 -21.23
N ALA J 407 -16.67 -48.42 -20.76
CA ALA J 407 -15.40 -48.95 -20.29
C ALA J 407 -14.36 -49.09 -21.40
N ARG J 408 -14.75 -49.65 -22.55
CA ARG J 408 -13.85 -49.74 -23.71
C ARG J 408 -13.53 -48.35 -24.25
N LEU J 409 -14.49 -47.44 -24.09
CA LEU J 409 -14.32 -46.06 -24.52
C LEU J 409 -13.32 -45.30 -23.66
N VAL J 410 -13.33 -45.53 -22.36
CA VAL J 410 -12.29 -44.97 -21.48
C VAL J 410 -10.93 -45.63 -21.73
N ALA J 411 -10.92 -46.97 -21.80
CA ALA J 411 -9.68 -47.72 -21.98
C ALA J 411 -8.98 -47.35 -23.28
N LYS J 412 -9.78 -47.04 -24.30
CA LYS J 412 -9.31 -46.52 -25.58
C LYS J 412 -8.24 -45.44 -25.40
N TYR J 413 -8.39 -44.59 -24.38
CA TYR J 413 -7.55 -43.40 -24.24
C TYR J 413 -6.32 -43.60 -23.35
N ARG J 414 -6.16 -44.81 -22.84
CA ARG J 414 -4.94 -45.25 -22.15
C ARG J 414 -4.48 -44.32 -21.03
N PRO J 415 -5.22 -44.27 -19.91
CA PRO J 415 -4.71 -43.60 -18.73
C PRO J 415 -3.54 -44.39 -18.15
N ASN J 416 -2.83 -43.79 -17.20
CA ASN J 416 -1.70 -44.46 -16.56
C ASN J 416 -2.09 -44.92 -15.16
N CYS J 417 -3.38 -45.19 -15.00
CA CYS J 417 -3.92 -45.73 -13.76
C CYS J 417 -4.98 -46.80 -14.08
N PRO J 418 -5.36 -47.63 -13.09
CA PRO J 418 -6.40 -48.62 -13.37
C PRO J 418 -7.77 -48.01 -13.60
N ILE J 419 -8.52 -48.60 -14.53
CA ILE J 419 -9.93 -48.25 -14.74
C ILE J 419 -10.76 -49.30 -14.02
N VAL J 420 -11.58 -48.85 -13.07
CA VAL J 420 -12.48 -49.73 -12.34
C VAL J 420 -13.86 -49.56 -12.96
N CYS J 421 -14.37 -50.62 -13.58
CA CYS J 421 -15.69 -50.60 -14.18
C CYS J 421 -16.73 -51.23 -13.26
N VAL J 422 -17.76 -50.47 -12.91
CA VAL J 422 -18.87 -51.01 -12.12
C VAL J 422 -20.04 -51.33 -13.07
N THR J 423 -20.42 -52.60 -13.10
CA THR J 423 -21.42 -53.05 -14.07
C THR J 423 -22.52 -53.86 -13.41
N THR J 424 -23.68 -53.87 -14.05
CA THR J 424 -24.84 -54.59 -13.52
C THR J 424 -25.02 -55.95 -14.21
N ARG J 425 -24.04 -56.34 -15.02
CA ARG J 425 -24.08 -57.56 -15.80
C ARG J 425 -22.81 -58.39 -15.64
N LEU J 426 -22.97 -59.65 -15.24
CA LEU J 426 -21.87 -60.62 -15.15
C LEU J 426 -21.16 -60.84 -16.49
N GLN J 427 -21.93 -60.94 -17.58
CA GLN J 427 -21.34 -61.09 -18.91
C GLN J 427 -20.42 -59.95 -19.27
N THR J 428 -20.82 -58.73 -18.91
CA THR J 428 -19.98 -57.55 -19.08
C THR J 428 -18.65 -57.70 -18.36
N CYS J 429 -18.69 -58.10 -17.09
CA CYS J 429 -17.46 -58.44 -16.37
C CYS J 429 -16.59 -59.39 -17.21
N ARG J 430 -17.22 -60.45 -17.73
CA ARG J 430 -16.48 -61.44 -18.53
C ARG J 430 -15.96 -60.83 -19.83
N GLN J 431 -16.83 -60.13 -20.56
CA GLN J 431 -16.51 -59.56 -21.88
C GLN J 431 -15.42 -58.49 -21.86
N LEU J 432 -15.33 -57.75 -20.75
CA LEU J 432 -14.29 -56.74 -20.57
C LEU J 432 -12.92 -57.35 -20.29
N ASN J 433 -12.86 -58.68 -20.21
CA ASN J 433 -11.62 -59.42 -19.96
C ASN J 433 -10.67 -59.44 -21.15
N ILE J 434 -11.13 -58.98 -22.31
CA ILE J 434 -10.23 -58.74 -23.45
C ILE J 434 -9.86 -57.26 -23.61
N THR J 435 -10.23 -56.44 -22.63
CA THR J 435 -9.93 -55.01 -22.70
C THR J 435 -8.84 -54.66 -21.69
N GLN J 436 -7.75 -54.12 -22.23
CA GLN J 436 -6.58 -53.68 -21.51
C GLN J 436 -6.93 -52.69 -20.39
N GLY J 437 -6.26 -52.82 -19.25
CA GLY J 437 -6.30 -51.82 -18.18
C GLY J 437 -7.58 -51.68 -17.37
N VAL J 438 -8.54 -52.56 -17.62
CA VAL J 438 -9.86 -52.48 -16.99
C VAL J 438 -10.07 -53.67 -16.04
N GLU J 439 -10.64 -53.37 -14.87
CA GLU J 439 -11.08 -54.37 -13.91
C GLU J 439 -12.55 -54.12 -13.57
N SER J 440 -13.34 -55.18 -13.51
CA SER J 440 -14.80 -55.01 -13.36
C SER J 440 -15.32 -55.40 -11.99
N VAL J 441 -16.31 -54.67 -11.51
CA VAL J 441 -16.98 -54.94 -10.24
C VAL J 441 -18.46 -55.12 -10.55
N PHE J 442 -19.02 -56.24 -10.09
CA PHE J 442 -20.43 -56.56 -10.34
C PHE J 442 -21.30 -55.96 -9.26
N PHE J 443 -22.25 -55.13 -9.68
CA PHE J 443 -23.22 -54.55 -8.78
C PHE J 443 -24.55 -55.24 -9.05
N ASP J 444 -25.02 -56.01 -8.08
CA ASP J 444 -26.24 -56.77 -8.25
C ASP J 444 -27.45 -55.87 -8.07
N ALA J 445 -27.95 -55.34 -9.17
CA ALA J 445 -29.11 -54.45 -9.17
C ALA J 445 -30.41 -55.13 -8.74
N ASP J 446 -30.48 -56.46 -8.82
CA ASP J 446 -31.68 -57.19 -8.42
C ASP J 446 -31.84 -57.22 -6.90
N LYS J 447 -30.74 -57.40 -6.18
CA LYS J 447 -30.77 -57.34 -4.73
C LYS J 447 -30.46 -55.96 -4.15
N LEU J 448 -29.79 -55.10 -4.92
CA LEU J 448 -29.36 -53.80 -4.39
C LEU J 448 -30.15 -52.59 -4.89
N GLY J 449 -30.92 -52.76 -5.95
CA GLY J 449 -31.69 -51.66 -6.53
C GLY J 449 -31.05 -51.14 -7.81
N HIS J 450 -31.79 -50.31 -8.53
CA HIS J 450 -31.34 -49.82 -9.84
C HIS J 450 -30.32 -48.67 -9.79
N ASP J 451 -30.19 -48.05 -8.62
CA ASP J 451 -29.22 -46.99 -8.35
C ASP J 451 -29.36 -45.83 -9.34
N GLU J 452 -30.53 -45.21 -9.35
CA GLU J 452 -30.83 -44.09 -10.24
C GLU J 452 -29.85 -42.93 -10.04
N GLY J 453 -29.45 -42.69 -8.78
CA GLY J 453 -28.56 -41.57 -8.42
C GLY J 453 -27.07 -41.83 -8.59
N LYS J 454 -26.72 -43.04 -9.04
CA LYS J 454 -25.34 -43.49 -9.35
C LYS J 454 -24.36 -43.66 -8.18
N GLU J 455 -24.75 -43.24 -6.97
CA GLU J 455 -23.81 -43.17 -5.82
C GLU J 455 -23.35 -44.52 -5.27
N HIS J 456 -24.26 -45.49 -5.23
CA HIS J 456 -23.92 -46.81 -4.70
C HIS J 456 -22.90 -47.53 -5.58
N ARG J 457 -23.14 -47.53 -6.89
CA ARG J 457 -22.17 -48.06 -7.86
C ARG J 457 -20.81 -47.34 -7.81
N VAL J 458 -20.82 -46.01 -7.75
CA VAL J 458 -19.58 -45.24 -7.58
C VAL J 458 -18.86 -45.65 -6.30
N ALA J 459 -19.61 -45.77 -5.21
CA ALA J 459 -19.05 -46.17 -3.90
C ALA J 459 -18.39 -47.53 -3.98
N ALA J 460 -19.02 -48.46 -4.71
CA ALA J 460 -18.49 -49.82 -4.90
C ALA J 460 -17.23 -49.83 -5.76
N GLY J 461 -17.15 -48.89 -6.70
CA GLY J 461 -15.97 -48.72 -7.54
C GLY J 461 -14.76 -48.25 -6.76
N VAL J 462 -14.97 -47.22 -5.92
CA VAL J 462 -13.92 -46.65 -5.07
C VAL J 462 -13.48 -47.64 -3.99
N GLU J 463 -14.44 -48.33 -3.36
CA GLU J 463 -14.12 -49.35 -2.35
C GLU J 463 -13.24 -50.45 -2.94
N PHE J 464 -13.51 -50.85 -4.18
CA PHE J 464 -12.69 -51.84 -4.86
C PHE J 464 -11.27 -51.32 -5.14
N ALA J 465 -11.14 -50.08 -5.58
CA ALA J 465 -9.83 -49.47 -5.83
C ALA J 465 -9.04 -49.31 -4.54
N LYS J 466 -9.74 -49.05 -3.44
CA LYS J 466 -9.13 -48.96 -2.11
C LYS J 466 -8.62 -50.32 -1.64
N SER J 467 -9.44 -51.35 -1.86
CA SER J 467 -9.12 -52.71 -1.44
C SER J 467 -7.93 -53.26 -2.19
N LYS J 468 -7.81 -52.87 -3.46
CA LYS J 468 -6.69 -53.28 -4.29
C LYS J 468 -5.45 -52.42 -4.02
N GLY J 469 -5.62 -51.38 -3.22
CA GLY J 469 -4.54 -50.46 -2.87
C GLY J 469 -4.16 -49.51 -3.99
N TYR J 470 -5.10 -49.29 -4.92
CA TYR J 470 -4.92 -48.32 -6.00
C TYR J 470 -4.99 -46.90 -5.49
N VAL J 471 -5.97 -46.63 -4.63
CA VAL J 471 -6.11 -45.32 -3.99
C VAL J 471 -6.11 -45.44 -2.47
N GLN J 472 -5.58 -44.40 -1.82
CA GLN J 472 -5.66 -44.21 -0.37
C GLN J 472 -6.36 -42.89 -0.10
N THR J 473 -6.78 -42.70 1.14
CA THR J 473 -7.34 -41.43 1.61
C THR J 473 -6.53 -40.24 1.10
N GLY J 474 -7.22 -39.28 0.48
CA GLY J 474 -6.57 -38.07 -0.02
C GLY J 474 -6.15 -38.14 -1.47
N ASP J 475 -6.26 -39.32 -2.08
CA ASP J 475 -5.99 -39.47 -3.50
C ASP J 475 -7.15 -38.96 -4.33
N TYR J 476 -6.86 -38.65 -5.59
CA TYR J 476 -7.87 -38.26 -6.55
C TYR J 476 -8.35 -39.43 -7.39
N CYS J 477 -9.64 -39.43 -7.64
CA CYS J 477 -10.29 -40.46 -8.42
C CYS J 477 -11.18 -39.78 -9.44
N VAL J 478 -11.02 -40.12 -10.72
CA VAL J 478 -11.87 -39.57 -11.79
C VAL J 478 -13.00 -40.54 -12.12
N VAL J 479 -14.23 -40.03 -12.10
CA VAL J 479 -15.45 -40.84 -12.15
C VAL J 479 -16.35 -40.46 -13.34
N ILE J 480 -16.72 -41.44 -14.15
CA ILE J 480 -17.49 -41.21 -15.37
C ILE J 480 -18.83 -41.93 -15.30
N HIS J 481 -19.91 -41.17 -15.51
CA HIS J 481 -21.25 -41.74 -15.69
C HIS J 481 -22.18 -40.62 -16.16
N ALA J 482 -23.48 -40.83 -16.09
CA ALA J 482 -24.41 -39.79 -16.52
C ALA J 482 -24.86 -38.91 -15.35
N ASP J 483 -25.44 -37.76 -15.67
CA ASP J 483 -26.15 -36.94 -14.69
C ASP J 483 -27.52 -37.59 -14.43
N HIS J 484 -28.39 -36.87 -13.70
N HIS J 484 -28.39 -36.89 -13.70
CA HIS J 484 -29.70 -37.41 -13.32
CA HIS J 484 -29.71 -37.42 -13.33
C HIS J 484 -30.79 -37.10 -14.36
C HIS J 484 -30.61 -37.72 -14.54
N LYS J 485 -30.39 -36.99 -15.62
CA LYS J 485 -31.34 -36.87 -16.72
C LYS J 485 -31.01 -37.75 -17.92
N VAL J 486 -29.75 -37.75 -18.32
CA VAL J 486 -29.32 -38.41 -19.55
C VAL J 486 -29.30 -39.93 -19.41
N LYS J 487 -29.77 -40.62 -20.44
CA LYS J 487 -29.77 -42.08 -20.48
C LYS J 487 -29.09 -42.59 -21.75
N GLY J 488 -28.37 -43.70 -21.65
CA GLY J 488 -27.81 -44.36 -22.83
C GLY J 488 -26.32 -44.19 -22.98
N TYR J 489 -25.75 -43.20 -22.30
CA TYR J 489 -24.30 -42.97 -22.31
C TYR J 489 -23.92 -42.07 -21.13
N ALA J 490 -22.62 -41.90 -20.93
CA ALA J 490 -22.10 -41.04 -19.88
C ALA J 490 -21.83 -39.63 -20.39
N ASN J 491 -22.40 -38.65 -19.73
CA ASN J 491 -22.26 -37.28 -20.13
C ASN J 491 -21.54 -36.41 -19.15
N GLN J 492 -21.02 -37.01 -18.11
CA GLN J 492 -20.49 -36.31 -16.96
C GLN J 492 -19.22 -36.98 -16.46
N THR J 493 -18.23 -36.16 -16.10
CA THR J 493 -17.05 -36.62 -15.39
C THR J 493 -16.89 -35.80 -14.11
N ARG J 494 -16.39 -36.42 -13.04
CA ARG J 494 -16.06 -35.67 -11.84
C ARG J 494 -14.76 -36.13 -11.21
N ILE J 495 -14.12 -35.23 -10.47
CA ILE J 495 -12.90 -35.54 -9.74
C ILE J 495 -13.17 -35.59 -8.24
N LEU J 496 -13.10 -36.78 -7.69
CA LEU J 496 -13.43 -37.04 -6.30
C LEU J 496 -12.17 -37.21 -5.45
N LEU J 497 -12.22 -36.66 -4.25
CA LEU J 497 -11.18 -36.89 -3.24
C LEU J 497 -11.60 -38.11 -2.43
N VAL J 498 -10.82 -39.19 -2.50
CA VAL J 498 -11.17 -40.43 -1.78
C VAL J 498 -10.94 -40.28 -0.27
N GLU J 499 -11.82 -40.89 0.50
CA GLU J 499 -11.77 -40.82 1.96
C GLU J 499 -11.28 -42.13 2.57
N SER K 2 6.74 -22.84 -27.62
CA SER K 2 5.59 -21.97 -27.98
C SER K 2 5.98 -20.50 -27.79
N GLN K 3 5.22 -19.61 -28.43
CA GLN K 3 5.47 -18.18 -28.30
C GLN K 3 5.31 -17.76 -26.85
N LEU K 4 4.36 -18.38 -26.16
CA LEU K 4 4.07 -18.08 -24.77
C LEU K 4 5.27 -18.39 -23.88
N ALA K 5 5.84 -19.58 -24.07
CA ALA K 5 6.95 -20.05 -23.26
C ALA K 5 8.22 -19.23 -23.50
N HIS K 6 8.52 -18.96 -24.76
CA HIS K 6 9.62 -18.07 -25.15
C HIS K 6 9.47 -16.70 -24.48
N ASN K 7 8.26 -16.16 -24.49
CA ASN K 7 7.99 -14.86 -23.83
C ASN K 7 8.48 -14.84 -22.39
N LEU K 8 8.37 -16.00 -21.72
CA LEU K 8 8.76 -16.12 -20.32
C LEU K 8 10.27 -16.19 -20.12
N THR K 9 11.04 -16.24 -21.20
CA THR K 9 12.51 -16.28 -21.11
C THR K 9 13.17 -14.92 -21.36
N LEU K 10 12.39 -13.98 -21.90
CA LEU K 10 12.87 -12.65 -22.23
C LEU K 10 13.14 -11.81 -20.99
N SER K 11 14.01 -10.82 -21.13
CA SER K 11 14.25 -9.81 -20.09
C SER K 11 14.50 -8.45 -20.70
N ILE K 12 14.07 -7.40 -20.02
CA ILE K 12 14.34 -6.03 -20.49
C ILE K 12 15.83 -5.68 -20.41
N PHE K 13 16.60 -6.41 -19.61
CA PHE K 13 18.05 -6.17 -19.50
C PHE K 13 18.90 -7.02 -20.45
N ASP K 14 18.24 -7.81 -21.31
CA ASP K 14 18.95 -8.59 -22.33
C ASP K 14 19.75 -7.63 -23.22
N PRO K 15 21.02 -7.98 -23.52
CA PRO K 15 21.81 -7.12 -24.39
C PRO K 15 21.41 -7.32 -25.86
N VAL K 16 21.29 -6.24 -26.61
CA VAL K 16 20.92 -6.33 -28.03
C VAL K 16 22.10 -6.82 -28.87
N ALA K 17 21.82 -7.21 -30.11
CA ALA K 17 22.82 -7.76 -31.02
C ALA K 17 23.86 -6.72 -31.46
N ASN K 18 25.01 -7.21 -31.95
CA ASN K 18 26.03 -6.33 -32.52
C ASN K 18 25.70 -5.93 -33.98
N TYR K 19 24.51 -6.31 -34.42
CA TYR K 19 24.03 -6.01 -35.77
C TYR K 19 22.52 -5.89 -35.81
N ARG K 20 22.03 -4.93 -36.59
CA ARG K 20 20.61 -4.77 -36.85
C ARG K 20 20.26 -5.44 -38.19
N ALA K 21 19.30 -6.36 -38.15
CA ALA K 21 18.91 -7.12 -39.32
C ALA K 21 17.93 -6.38 -40.24
N ALA K 22 16.93 -5.74 -39.63
CA ALA K 22 15.90 -5.03 -40.39
C ALA K 22 16.48 -3.79 -41.06
N ARG K 23 15.86 -3.38 -42.18
CA ARG K 23 16.36 -2.28 -42.99
C ARG K 23 15.41 -1.08 -42.97
N ILE K 24 15.96 0.13 -42.93
CA ILE K 24 15.14 1.34 -42.87
C ILE K 24 15.12 2.12 -44.19
N ILE K 25 13.91 2.39 -44.67
CA ILE K 25 13.68 3.19 -45.87
C ILE K 25 13.19 4.58 -45.52
N CYS K 26 13.81 5.60 -46.12
CA CYS K 26 13.45 6.99 -45.89
C CYS K 26 12.99 7.68 -47.17
N THR K 27 11.84 8.33 -47.08
CA THR K 27 11.32 9.17 -48.16
C THR K 27 12.03 10.51 -48.11
N ILE K 28 12.61 10.92 -49.24
CA ILE K 28 13.37 12.16 -49.31
C ILE K 28 12.52 13.34 -49.81
N GLY K 29 12.45 14.38 -49.00
CA GLY K 29 11.71 15.60 -49.32
C GLY K 29 12.43 16.84 -48.83
N PRO K 30 11.71 17.99 -48.78
CA PRO K 30 12.28 19.26 -48.37
C PRO K 30 13.20 19.21 -47.13
N SER K 31 12.80 18.47 -46.10
CA SER K 31 13.60 18.33 -44.88
C SER K 31 14.91 17.56 -45.06
N THR K 32 14.99 16.73 -46.10
CA THR K 32 16.08 15.76 -46.19
C THR K 32 16.75 15.70 -47.55
N GLN K 33 16.65 16.75 -48.36
CA GLN K 33 17.24 16.69 -49.69
C GLN K 33 18.72 17.09 -49.75
N SER K 34 19.15 17.96 -48.84
CA SER K 34 20.54 18.39 -48.82
C SER K 34 21.45 17.21 -48.49
N VAL K 35 22.62 17.18 -49.12
CA VAL K 35 23.58 16.11 -48.87
C VAL K 35 23.92 15.98 -47.38
N GLU K 36 23.91 17.11 -46.67
CA GLU K 36 24.19 17.12 -45.24
C GLU K 36 23.08 16.43 -44.45
N ALA K 37 21.83 16.73 -44.80
CA ALA K 37 20.69 16.02 -44.21
C ALA K 37 20.75 14.52 -44.53
N LEU K 38 21.18 14.20 -45.76
CA LEU K 38 21.28 12.82 -46.23
C LEU K 38 22.42 12.06 -45.56
N LYS K 39 23.57 12.73 -45.37
CA LYS K 39 24.66 12.16 -44.58
C LYS K 39 24.16 11.84 -43.16
N GLY K 40 23.36 12.74 -42.61
CA GLY K 40 22.70 12.55 -41.32
C GLY K 40 21.82 11.30 -41.29
N LEU K 41 21.03 11.13 -42.34
CA LEU K 41 20.13 9.97 -42.48
C LEU K 41 20.86 8.63 -42.61
N ILE K 42 21.96 8.62 -43.37
CA ILE K 42 22.73 7.40 -43.57
C ILE K 42 23.33 6.99 -42.24
N GLN K 43 23.90 7.95 -41.54
CA GLN K 43 24.53 7.72 -40.24
C GLN K 43 23.50 7.35 -39.17
N SER K 44 22.28 7.86 -39.32
CA SER K 44 21.24 7.54 -38.38
C SER K 44 20.72 6.13 -38.64
N GLY K 45 20.84 5.67 -39.89
CA GLY K 45 20.51 4.29 -40.23
C GLY K 45 19.72 4.00 -41.49
N MET K 46 19.71 4.95 -42.44
CA MET K 46 18.99 4.77 -43.72
C MET K 46 19.74 3.85 -44.67
N SER K 47 19.02 2.86 -45.21
CA SER K 47 19.59 1.96 -46.21
C SER K 47 19.06 2.23 -47.61
N VAL K 48 17.85 2.81 -47.69
CA VAL K 48 17.17 3.03 -48.96
C VAL K 48 16.55 4.43 -49.00
N ALA K 49 16.93 5.23 -50.00
CA ALA K 49 16.27 6.53 -50.23
C ALA K 49 15.11 6.45 -51.24
N ARG K 50 13.91 6.79 -50.77
CA ARG K 50 12.70 6.73 -51.60
C ARG K 50 12.31 8.09 -52.17
N MET K 51 12.10 8.14 -53.49
CA MET K 51 11.60 9.33 -54.18
C MET K 51 10.16 9.12 -54.60
N ASN K 52 9.25 9.95 -54.11
CA ASN K 52 7.83 9.82 -54.40
C ASN K 52 7.44 10.69 -55.59
N PHE K 53 7.15 10.04 -56.73
CA PHE K 53 6.85 10.78 -57.96
C PHE K 53 5.43 11.35 -58.04
N SER K 54 4.62 11.12 -57.01
CA SER K 54 3.36 11.86 -56.82
C SER K 54 3.63 13.30 -56.46
N HIS K 55 4.84 13.58 -55.99
CA HIS K 55 5.25 14.91 -55.54
C HIS K 55 6.51 15.36 -56.24
N GLY K 56 6.76 16.67 -56.28
CA GLY K 56 7.96 17.19 -56.91
C GLY K 56 7.91 17.03 -58.42
N SER K 57 9.08 16.86 -59.04
CA SER K 57 9.20 16.74 -60.50
C SER K 57 10.49 16.02 -60.86
N HIS K 58 10.70 15.75 -62.14
CA HIS K 58 11.93 15.09 -62.58
C HIS K 58 13.15 15.86 -62.13
N GLU K 59 13.07 17.18 -62.27
CA GLU K 59 14.14 18.08 -61.88
C GLU K 59 14.40 18.01 -60.38
N TYR K 60 13.32 17.96 -59.59
CA TYR K 60 13.46 17.86 -58.15
C TYR K 60 14.06 16.52 -57.72
N HIS K 61 13.57 15.45 -58.33
CA HIS K 61 14.02 14.10 -57.99
C HIS K 61 15.42 13.78 -58.50
N GLN K 62 15.86 14.51 -59.53
CA GLN K 62 17.24 14.40 -60.02
C GLN K 62 18.21 14.91 -58.95
N THR K 63 17.86 16.05 -58.35
CA THR K 63 18.67 16.61 -57.27
C THR K 63 18.88 15.56 -56.17
N THR K 64 17.78 14.93 -55.74
CA THR K 64 17.83 13.84 -54.76
C THR K 64 18.78 12.71 -55.17
N ILE K 65 18.68 12.27 -56.43
CA ILE K 65 19.54 11.23 -56.98
C ILE K 65 21.01 11.63 -56.86
N ASN K 66 21.30 12.87 -57.22
CA ASN K 66 22.67 13.36 -57.17
C ASN K 66 23.14 13.49 -55.72
N ASN K 67 22.29 14.04 -54.88
CA ASN K 67 22.62 14.19 -53.47
C ASN K 67 22.78 12.88 -52.70
N VAL K 68 22.01 11.85 -53.07
CA VAL K 68 22.13 10.54 -52.44
C VAL K 68 23.48 9.92 -52.79
N ARG K 69 23.81 9.92 -54.08
CA ARG K 69 25.07 9.37 -54.55
C ARG K 69 26.29 10.10 -53.96
N GLN K 70 26.20 11.43 -53.85
CA GLN K 70 27.29 12.23 -53.29
C GLN K 70 27.44 12.02 -51.77
N ALA K 71 26.32 11.94 -51.07
CA ALA K 71 26.33 11.65 -49.63
C ALA K 71 26.87 10.25 -49.31
N ALA K 72 26.40 9.24 -50.04
CA ALA K 72 26.86 7.87 -49.90
C ALA K 72 28.32 7.72 -50.32
N ALA K 73 28.74 8.44 -51.35
CA ALA K 73 30.11 8.40 -51.82
C ALA K 73 31.05 8.97 -50.77
N GLU K 74 30.65 10.08 -50.15
CA GLU K 74 31.45 10.73 -49.10
C GLU K 74 31.56 9.90 -47.83
N LEU K 75 30.67 8.92 -47.69
CA LEU K 75 30.66 8.07 -46.50
C LEU K 75 31.10 6.63 -46.79
N GLY K 76 31.59 6.40 -48.01
CA GLY K 76 32.03 5.08 -48.45
C GLY K 76 30.98 3.97 -48.27
N VAL K 77 29.74 4.25 -48.67
CA VAL K 77 28.65 3.30 -48.51
C VAL K 77 27.75 3.23 -49.74
N ASN K 78 26.98 2.14 -49.86
CA ASN K 78 26.09 1.95 -50.99
C ASN K 78 24.63 2.09 -50.56
N ILE K 79 23.93 3.09 -51.09
CA ILE K 79 22.53 3.35 -50.74
C ILE K 79 21.62 3.08 -51.96
N ALA K 80 20.61 2.24 -51.76
CA ALA K 80 19.64 1.98 -52.83
C ALA K 80 18.82 3.22 -53.10
N ILE K 81 18.51 3.47 -54.38
CA ILE K 81 17.56 4.51 -54.76
C ILE K 81 16.29 3.86 -55.31
N ALA K 82 15.14 4.28 -54.78
CA ALA K 82 13.85 3.72 -55.17
C ALA K 82 12.96 4.81 -55.76
N LEU K 83 12.39 4.52 -56.93
CA LEU K 83 11.43 5.41 -57.56
C LEU K 83 10.01 4.93 -57.21
N ASP K 84 9.24 5.76 -56.52
CA ASP K 84 7.86 5.40 -56.12
C ASP K 84 6.88 6.05 -57.12
N THR K 85 6.16 5.25 -57.88
CA THR K 85 5.37 5.78 -59.01
C THR K 85 4.09 6.48 -58.57
N LYS K 86 3.46 7.22 -59.48
CA LYS K 86 2.10 7.72 -59.25
C LYS K 86 1.10 6.55 -59.22
N GLY K 87 1.14 5.71 -60.25
CA GLY K 87 0.17 4.64 -60.43
C GLY K 87 -1.23 5.16 -60.72
N PRO K 88 -2.22 4.26 -60.80
CA PRO K 88 -3.59 4.74 -61.02
C PRO K 88 -4.19 5.39 -59.77
N GLU K 89 -3.90 6.67 -59.58
CA GLU K 89 -4.22 7.39 -58.34
C GLU K 89 -4.99 8.67 -58.58
N ILE K 90 -5.69 9.13 -57.55
CA ILE K 90 -6.37 10.43 -57.56
C ILE K 90 -5.68 11.41 -56.61
N ARG K 91 -5.51 12.65 -57.05
CA ARG K 91 -4.86 13.66 -56.22
C ARG K 91 -5.62 14.96 -56.24
N THR K 92 -5.55 15.68 -55.12
CA THR K 92 -5.99 17.08 -55.11
C THR K 92 -4.96 17.92 -55.87
N GLY K 93 -5.30 19.17 -56.14
CA GLY K 93 -4.36 20.12 -56.67
C GLY K 93 -3.65 20.82 -55.53
N GLN K 94 -3.18 22.02 -55.79
CA GLN K 94 -2.40 22.76 -54.82
C GLN K 94 -3.26 23.78 -54.11
N PHE K 95 -2.70 24.35 -53.04
CA PHE K 95 -3.41 25.28 -52.20
C PHE K 95 -2.57 26.55 -52.06
N VAL K 96 -3.24 27.70 -52.07
CA VAL K 96 -2.56 28.97 -51.83
C VAL K 96 -2.05 28.98 -50.40
N GLY K 97 -0.74 29.21 -50.26
CA GLY K 97 -0.10 29.21 -48.95
C GLY K 97 0.53 27.87 -48.61
N GLY K 98 0.21 26.86 -49.42
CA GLY K 98 0.80 25.53 -49.30
C GLY K 98 -0.10 24.52 -48.60
N ASP K 99 -1.20 25.00 -48.00
CA ASP K 99 -2.15 24.14 -47.29
C ASP K 99 -3.51 24.81 -47.05
N ALA K 100 -4.50 24.01 -46.63
CA ALA K 100 -5.84 24.50 -46.31
C ALA K 100 -6.30 23.97 -44.96
N VAL K 101 -6.88 24.86 -44.16
CA VAL K 101 -7.36 24.51 -42.85
C VAL K 101 -8.84 24.19 -43.00
N MET K 102 -9.14 22.90 -43.09
CA MET K 102 -10.52 22.44 -43.27
C MET K 102 -11.20 22.34 -41.91
N GLU K 103 -12.29 23.07 -41.72
CA GLU K 103 -13.00 23.08 -40.45
C GLU K 103 -14.27 22.25 -40.47
N ARG K 104 -14.40 21.37 -39.47
CA ARG K 104 -15.61 20.58 -39.26
C ARG K 104 -16.83 21.47 -39.39
N GLY K 105 -17.80 21.02 -40.19
CA GLY K 105 -19.05 21.75 -40.38
C GLY K 105 -19.04 22.75 -41.53
N ALA K 106 -17.86 23.09 -42.04
CA ALA K 106 -17.77 24.06 -43.14
C ALA K 106 -18.20 23.46 -44.49
N THR K 107 -18.62 24.33 -45.39
CA THR K 107 -18.96 23.96 -46.75
C THR K 107 -17.79 24.28 -47.66
N CYS K 108 -17.33 23.28 -48.40
CA CYS K 108 -16.35 23.50 -49.45
C CYS K 108 -16.86 23.01 -50.80
N TYR K 109 -16.15 23.37 -51.86
CA TYR K 109 -16.47 22.93 -53.21
C TYR K 109 -15.27 22.21 -53.81
N VAL K 110 -15.50 21.00 -54.32
CA VAL K 110 -14.49 20.29 -55.09
C VAL K 110 -14.84 20.37 -56.59
N THR K 111 -13.82 20.68 -57.38
CA THR K 111 -14.00 20.82 -58.81
C THR K 111 -13.02 19.96 -59.59
N THR K 112 -13.42 19.58 -60.80
CA THR K 112 -12.54 18.89 -61.73
C THR K 112 -12.03 19.85 -62.81
N ASP K 113 -12.49 21.10 -62.75
CA ASP K 113 -11.99 22.17 -63.58
C ASP K 113 -10.53 22.42 -63.24
N PRO K 114 -9.61 22.16 -64.20
CA PRO K 114 -8.17 22.27 -63.90
C PRO K 114 -7.65 23.69 -63.78
N ALA K 115 -8.52 24.69 -63.98
CA ALA K 115 -8.17 26.09 -63.72
C ALA K 115 -7.98 26.35 -62.23
N PHE K 116 -8.35 25.39 -61.39
CA PHE K 116 -8.26 25.56 -59.96
C PHE K 116 -7.12 24.75 -59.33
N ALA K 117 -6.38 24.03 -60.16
CA ALA K 117 -5.27 23.17 -59.74
C ALA K 117 -4.16 23.88 -58.97
N ASP K 118 -3.96 25.17 -59.23
N ASP K 118 -3.97 25.16 -59.25
CA ASP K 118 -2.86 25.91 -58.60
CA ASP K 118 -2.88 25.95 -58.64
C ASP K 118 -3.32 27.02 -57.63
C ASP K 118 -3.39 27.21 -57.94
N LYS K 119 -4.64 27.16 -57.48
CA LYS K 119 -5.24 28.24 -56.68
C LYS K 119 -6.33 27.67 -55.75
N GLY K 120 -6.08 26.47 -55.23
CA GLY K 120 -7.04 25.85 -54.32
C GLY K 120 -7.05 26.50 -52.96
N THR K 121 -8.21 26.52 -52.33
CA THR K 121 -8.36 27.06 -50.98
C THR K 121 -9.24 26.13 -50.15
N LYS K 122 -9.50 26.51 -48.89
CA LYS K 122 -10.38 25.77 -48.01
C LYS K 122 -11.85 25.82 -48.48
N ASP K 123 -12.16 26.78 -49.35
CA ASP K 123 -13.51 26.99 -49.89
C ASP K 123 -13.75 26.22 -51.19
N LYS K 124 -12.74 26.20 -52.06
CA LYS K 124 -12.82 25.49 -53.32
C LYS K 124 -11.42 25.00 -53.74
N PHE K 125 -11.34 23.71 -54.08
CA PHE K 125 -10.10 23.16 -54.58
C PHE K 125 -10.33 22.07 -55.61
N TYR K 126 -9.28 21.76 -56.34
CA TYR K 126 -9.30 20.85 -57.46
C TYR K 126 -9.03 19.39 -57.07
N ILE K 127 -9.80 18.48 -57.68
CA ILE K 127 -9.45 17.06 -57.67
C ILE K 127 -9.28 16.57 -59.13
N ASP K 128 -8.20 15.84 -59.37
CA ASP K 128 -7.76 15.53 -60.75
C ASP K 128 -8.45 14.34 -61.43
N TYR K 129 -9.39 13.69 -60.75
CA TYR K 129 -10.16 12.64 -61.38
C TYR K 129 -11.31 13.24 -62.16
N GLN K 130 -11.13 13.38 -63.47
CA GLN K 130 -12.10 14.08 -64.34
C GLN K 130 -13.52 13.53 -64.34
N ASN K 131 -13.68 12.25 -63.97
CA ASN K 131 -15.00 11.62 -63.97
C ASN K 131 -15.71 11.67 -62.61
N LEU K 132 -15.12 12.38 -61.64
CA LEU K 132 -15.60 12.44 -60.25
C LEU K 132 -17.10 12.65 -60.01
N SER K 133 -17.71 13.56 -60.76
CA SER K 133 -19.13 13.89 -60.55
C SER K 133 -20.05 12.77 -61.03
N LYS K 134 -19.57 11.99 -61.98
CA LYS K 134 -20.32 10.86 -62.52
C LYS K 134 -20.24 9.65 -61.60
N VAL K 135 -19.37 9.72 -60.60
CA VAL K 135 -19.05 8.58 -59.76
C VAL K 135 -19.55 8.69 -58.31
N VAL K 136 -19.90 9.91 -57.88
CA VAL K 136 -20.44 10.15 -56.53
C VAL K 136 -21.85 10.75 -56.56
N ARG K 137 -22.63 10.45 -55.53
CA ARG K 137 -23.96 11.02 -55.32
C ARG K 137 -23.96 11.83 -54.01
N PRO K 138 -24.94 12.73 -53.84
CA PRO K 138 -25.15 13.32 -52.51
C PRO K 138 -25.26 12.25 -51.42
N GLY K 139 -24.62 12.49 -50.28
CA GLY K 139 -24.56 11.51 -49.22
C GLY K 139 -23.27 10.69 -49.20
N ASN K 140 -22.66 10.52 -50.37
CA ASN K 140 -21.37 9.83 -50.49
C ASN K 140 -20.22 10.55 -49.78
N TYR K 141 -19.19 9.80 -49.44
CA TYR K 141 -18.00 10.37 -48.83
C TYR K 141 -16.86 10.44 -49.82
N ILE K 142 -16.09 11.52 -49.72
CA ILE K 142 -14.82 11.66 -50.41
C ILE K 142 -13.75 11.69 -49.31
N TYR K 143 -12.82 10.75 -49.41
CA TYR K 143 -11.76 10.56 -48.43
C TYR K 143 -10.51 11.23 -48.92
N ILE K 144 -9.89 12.04 -48.07
CA ILE K 144 -8.71 12.82 -48.47
C ILE K 144 -7.61 12.58 -47.47
N ASP K 145 -6.38 12.45 -47.98
CA ASP K 145 -5.16 12.36 -47.15
C ASP K 145 -5.15 11.08 -46.31
N ASP K 146 -5.00 9.95 -46.99
CA ASP K 146 -5.05 8.61 -46.36
C ASP K 146 -6.28 8.46 -45.47
N GLY K 147 -7.38 9.06 -45.93
CA GLY K 147 -8.68 8.93 -45.28
C GLY K 147 -8.78 9.64 -43.96
N ILE K 148 -7.86 10.56 -43.69
CA ILE K 148 -7.85 11.32 -42.46
C ILE K 148 -8.98 12.33 -42.46
N LEU K 149 -9.11 13.04 -43.57
CA LEU K 149 -10.27 13.93 -43.76
C LEU K 149 -11.34 13.25 -44.62
N ILE K 150 -12.60 13.45 -44.26
CA ILE K 150 -13.74 13.03 -45.07
C ILE K 150 -14.65 14.22 -45.40
N LEU K 151 -14.96 14.38 -46.68
CA LEU K 151 -15.96 15.36 -47.10
C LEU K 151 -17.23 14.61 -47.47
N GLN K 152 -18.39 15.09 -47.03
CA GLN K 152 -19.66 14.52 -47.48
C GLN K 152 -20.22 15.34 -48.65
N VAL K 153 -20.56 14.65 -49.74
CA VAL K 153 -21.16 15.33 -50.90
C VAL K 153 -22.58 15.75 -50.56
N GLN K 154 -22.87 17.05 -50.74
CA GLN K 154 -24.19 17.62 -50.48
C GLN K 154 -25.05 17.67 -51.74
N SER K 155 -24.46 18.15 -52.83
CA SER K 155 -25.17 18.32 -54.10
C SER K 155 -24.19 18.61 -55.22
N HIS K 156 -24.68 18.50 -56.45
CA HIS K 156 -23.92 18.92 -57.61
C HIS K 156 -24.17 20.40 -57.84
N GLU K 157 -23.11 21.21 -57.71
CA GLU K 157 -23.20 22.64 -57.95
C GLU K 157 -23.38 22.93 -59.44
N ASP K 158 -22.53 22.31 -60.25
CA ASP K 158 -22.70 22.23 -61.68
C ASP K 158 -22.11 20.89 -62.17
N GLU K 159 -21.90 20.77 -63.47
CA GLU K 159 -21.36 19.55 -64.06
C GLU K 159 -19.91 19.26 -63.61
N GLN K 160 -19.24 20.25 -63.04
CA GLN K 160 -17.81 20.13 -62.75
C GLN K 160 -17.46 20.29 -61.28
N THR K 161 -18.46 20.57 -60.45
CA THR K 161 -18.24 21.07 -59.10
C THR K 161 -19.23 20.46 -58.13
N LEU K 162 -18.73 19.98 -57.00
CA LEU K 162 -19.54 19.39 -55.95
C LEU K 162 -19.51 20.27 -54.72
N GLU K 163 -20.70 20.49 -54.15
CA GLU K 163 -20.82 21.10 -52.84
C GLU K 163 -20.72 20.01 -51.79
N CYS K 164 -19.77 20.17 -50.87
CA CYS K 164 -19.48 19.20 -49.83
C CYS K 164 -19.52 19.83 -48.46
N THR K 165 -19.61 18.98 -47.44
CA THR K 165 -19.49 19.38 -46.04
C THR K 165 -18.21 18.76 -45.47
N VAL K 166 -17.47 19.55 -44.71
CA VAL K 166 -16.27 19.06 -44.03
C VAL K 166 -16.70 18.33 -42.77
N THR K 167 -16.64 16.99 -42.79
CA THR K 167 -17.11 16.20 -41.64
C THR K 167 -16.18 16.29 -40.42
N ASN K 168 -14.90 16.60 -40.64
CA ASN K 168 -13.94 16.69 -39.55
C ASN K 168 -12.80 17.66 -39.86
N SER K 169 -12.23 18.27 -38.82
CA SER K 169 -11.17 19.28 -39.00
C SER K 169 -9.79 18.68 -39.30
N HIS K 170 -9.20 19.09 -40.42
CA HIS K 170 -7.85 18.65 -40.78
C HIS K 170 -7.17 19.67 -41.69
N THR K 171 -5.85 19.81 -41.55
CA THR K 171 -5.07 20.69 -42.42
C THR K 171 -4.40 19.85 -43.50
N ILE K 172 -4.67 20.20 -44.74
CA ILE K 172 -4.17 19.44 -45.89
C ILE K 172 -3.22 20.24 -46.78
N SER K 173 -2.16 19.59 -47.25
CA SER K 173 -1.15 20.20 -48.12
C SER K 173 -1.40 19.87 -49.58
N ASP K 174 -0.58 20.47 -50.45
CA ASP K 174 -0.65 20.22 -51.88
C ASP K 174 -0.64 18.72 -52.18
N ARG K 175 -1.51 18.30 -53.10
CA ARG K 175 -1.51 16.95 -53.68
C ARG K 175 -1.79 15.83 -52.69
N ARG K 176 -2.89 15.98 -51.97
CA ARG K 176 -3.40 14.93 -51.08
C ARG K 176 -3.91 13.80 -51.93
N GLY K 177 -3.62 12.56 -51.51
CA GLY K 177 -4.22 11.40 -52.12
C GLY K 177 -5.71 11.48 -51.88
N VAL K 178 -6.52 11.09 -52.85
CA VAL K 178 -7.94 10.91 -52.62
C VAL K 178 -8.38 9.47 -52.93
N ASN K 179 -9.26 8.95 -52.09
CA ASN K 179 -9.74 7.57 -52.22
C ASN K 179 -11.26 7.53 -52.30
N LEU K 180 -11.78 6.66 -53.16
CA LEU K 180 -13.22 6.45 -53.31
C LEU K 180 -13.53 4.95 -53.25
N PRO K 181 -13.52 4.37 -52.02
CA PRO K 181 -13.69 2.92 -51.84
C PRO K 181 -15.02 2.43 -52.41
N GLY K 182 -14.93 1.35 -53.19
CA GLY K 182 -16.11 0.73 -53.83
C GLY K 182 -16.72 1.61 -54.91
N CYS K 183 -15.88 2.11 -55.81
CA CYS K 183 -16.34 3.00 -56.86
C CYS K 183 -16.00 2.54 -58.26
N ASP K 184 -14.94 1.74 -58.39
CA ASP K 184 -14.47 1.33 -59.72
C ASP K 184 -14.08 2.60 -60.49
N VAL K 185 -12.89 3.11 -60.19
CA VAL K 185 -12.41 4.29 -60.86
C VAL K 185 -11.70 3.82 -62.12
N ASP K 186 -12.04 4.45 -63.23
CA ASP K 186 -11.56 3.98 -64.52
C ASP K 186 -10.17 4.53 -64.80
N LEU K 187 -9.15 3.98 -64.12
CA LEU K 187 -7.78 4.44 -64.34
C LEU K 187 -6.87 3.34 -64.87
N PRO K 188 -6.07 3.65 -65.90
CA PRO K 188 -5.13 2.72 -66.54
C PRO K 188 -4.14 2.08 -65.57
N ALA K 189 -3.89 0.79 -65.76
CA ALA K 189 -2.93 0.03 -64.96
C ALA K 189 -1.56 0.68 -64.95
N VAL K 190 -1.11 1.09 -66.13
CA VAL K 190 0.04 2.00 -66.25
C VAL K 190 -0.29 3.08 -67.27
N SER K 191 -0.06 4.32 -66.86
CA SER K 191 -0.43 5.50 -67.66
C SER K 191 0.75 6.08 -68.41
N ALA K 192 0.47 7.05 -69.28
CA ALA K 192 1.50 7.78 -70.00
C ALA K 192 2.49 8.44 -69.05
N LYS K 193 1.99 9.08 -67.99
CA LYS K 193 2.84 9.67 -66.94
C LYS K 193 3.73 8.63 -66.26
N ASP K 194 3.15 7.48 -65.95
CA ASP K 194 3.91 6.33 -65.41
C ASP K 194 5.06 5.95 -66.36
N ARG K 195 4.74 5.81 -67.64
CA ARG K 195 5.74 5.49 -68.66
C ARG K 195 6.89 6.51 -68.71
N VAL K 196 6.55 7.80 -68.64
CA VAL K 196 7.57 8.86 -68.58
C VAL K 196 8.42 8.73 -67.30
N ASP K 197 7.76 8.51 -66.17
CA ASP K 197 8.42 8.32 -64.89
C ASP K 197 9.33 7.10 -64.86
N LEU K 198 8.86 5.99 -65.45
CA LEU K 198 9.65 4.76 -65.55
C LEU K 198 10.87 4.89 -66.44
N GLN K 199 10.76 5.59 -67.57
N GLN K 199 10.73 5.59 -67.56
CA GLN K 199 11.91 5.79 -68.43
CA GLN K 199 11.83 5.88 -68.47
C GLN K 199 13.00 6.63 -67.75
C GLN K 199 12.97 6.63 -67.76
N PHE K 200 12.59 7.64 -66.99
CA PHE K 200 13.51 8.48 -66.23
C PHE K 200 14.30 7.65 -65.20
N GLY K 201 13.59 6.77 -64.49
CA GLY K 201 14.21 5.84 -63.55
C GLY K 201 15.27 4.94 -64.17
N VAL K 202 14.97 4.41 -65.36
CA VAL K 202 15.93 3.62 -66.12
C VAL K 202 17.15 4.46 -66.48
N GLU K 203 16.89 5.65 -67.03
CA GLU K 203 17.92 6.58 -67.49
C GLU K 203 18.89 6.97 -66.38
N GLN K 204 18.35 7.30 -65.21
CA GLN K 204 19.18 7.72 -64.07
C GLN K 204 19.70 6.56 -63.24
N GLY K 205 19.41 5.34 -63.67
CA GLY K 205 19.96 4.14 -63.04
C GLY K 205 19.47 3.86 -61.63
N VAL K 206 18.16 4.02 -61.41
CA VAL K 206 17.59 3.66 -60.09
C VAL K 206 17.65 2.14 -59.87
N ASP K 207 17.58 1.73 -58.61
CA ASP K 207 17.75 0.34 -58.23
C ASP K 207 16.44 -0.46 -58.21
N MET K 208 15.34 0.21 -57.85
CA MET K 208 14.06 -0.45 -57.72
C MET K 208 12.90 0.51 -57.95
N ILE K 209 11.73 -0.06 -58.23
CA ILE K 209 10.50 0.69 -58.42
C ILE K 209 9.54 0.28 -57.30
N PHE K 210 9.00 1.26 -56.58
CA PHE K 210 7.85 0.97 -55.73
C PHE K 210 6.62 1.27 -56.59
N ALA K 211 6.11 0.22 -57.23
CA ALA K 211 4.99 0.37 -58.15
C ALA K 211 3.70 0.57 -57.36
N SER K 212 3.14 1.78 -57.44
CA SER K 212 1.93 2.14 -56.72
C SER K 212 0.68 1.46 -57.26
N PHE K 213 -0.22 1.12 -56.33
CA PHE K 213 -1.54 0.60 -56.65
C PHE K 213 -1.55 -0.62 -57.57
N ILE K 214 -0.76 -1.63 -57.25
CA ILE K 214 -0.70 -2.83 -58.08
C ILE K 214 -1.94 -3.68 -57.79
N ARG K 215 -2.74 -3.92 -58.83
CA ARG K 215 -4.02 -4.64 -58.71
C ARG K 215 -4.01 -6.05 -59.36
N SER K 216 -2.99 -6.33 -60.18
CA SER K 216 -2.92 -7.60 -60.92
C SER K 216 -1.50 -7.98 -61.34
N ALA K 217 -1.30 -9.27 -61.61
CA ALA K 217 -0.05 -9.80 -62.14
C ALA K 217 0.24 -9.29 -63.56
N GLU K 218 -0.83 -9.05 -64.32
CA GLU K 218 -0.73 -8.50 -65.67
C GLU K 218 -0.15 -7.09 -65.64
N GLN K 219 -0.60 -6.29 -64.69
CA GLN K 219 -0.12 -4.94 -64.47
C GLN K 219 1.38 -4.91 -64.17
N VAL K 220 1.86 -5.85 -63.36
CA VAL K 220 3.29 -5.96 -63.07
C VAL K 220 4.07 -6.19 -64.37
N GLY K 221 3.59 -7.13 -65.19
CA GLY K 221 4.20 -7.42 -66.49
C GLY K 221 4.25 -6.18 -67.37
N ASP K 222 3.21 -5.35 -67.28
CA ASP K 222 3.18 -4.08 -68.00
C ASP K 222 4.23 -3.09 -67.49
N VAL K 223 4.47 -3.08 -66.18
CA VAL K 223 5.52 -2.25 -65.59
C VAL K 223 6.90 -2.74 -66.06
N ARG K 224 7.10 -4.06 -66.06
CA ARG K 224 8.35 -4.64 -66.53
C ARG K 224 8.59 -4.33 -67.98
N LYS K 225 7.52 -4.38 -68.78
CA LYS K 225 7.57 -4.10 -70.21
C LYS K 225 7.93 -2.65 -70.47
N ALA K 226 7.40 -1.74 -69.67
CA ALA K 226 7.73 -0.31 -69.79
C ALA K 226 9.18 -0.01 -69.43
N LEU K 227 9.76 -0.78 -68.52
CA LEU K 227 11.15 -0.59 -68.12
C LEU K 227 12.08 -1.01 -69.25
N GLY K 228 11.63 -2.02 -70.02
CA GLY K 228 12.32 -2.46 -71.23
C GLY K 228 13.53 -3.33 -70.97
N PRO K 229 14.35 -3.56 -72.02
CA PRO K 229 15.62 -4.30 -71.89
C PRO K 229 16.65 -3.56 -71.03
N LYS K 230 16.74 -2.24 -71.21
CA LYS K 230 17.67 -1.42 -70.43
C LYS K 230 17.39 -1.49 -68.93
N GLY K 231 16.13 -1.72 -68.57
CA GLY K 231 15.73 -1.74 -67.16
C GLY K 231 15.44 -3.11 -66.56
N ARG K 232 15.94 -4.17 -67.19
CA ARG K 232 15.58 -5.54 -66.81
C ARG K 232 16.09 -6.01 -65.44
N ASP K 233 17.17 -5.39 -64.95
CA ASP K 233 17.74 -5.75 -63.66
C ASP K 233 17.24 -4.86 -62.51
N ILE K 234 16.25 -4.02 -62.81
CA ILE K 234 15.64 -3.18 -61.79
C ILE K 234 14.50 -3.96 -61.16
N MET K 235 14.42 -3.91 -59.83
CA MET K 235 13.42 -4.64 -59.06
C MET K 235 12.08 -3.93 -59.04
N ILE K 236 11.01 -4.68 -59.28
CA ILE K 236 9.67 -4.12 -59.15
C ILE K 236 9.07 -4.59 -57.84
N ILE K 237 9.00 -3.67 -56.89
CA ILE K 237 8.40 -3.89 -55.58
C ILE K 237 6.95 -3.41 -55.68
N CYS K 238 6.01 -4.32 -55.47
CA CYS K 238 4.59 -4.01 -55.69
C CYS K 238 3.88 -3.55 -54.42
N LYS K 239 3.34 -2.35 -54.46
CA LYS K 239 2.63 -1.77 -53.35
C LYS K 239 1.19 -2.28 -53.33
N ILE K 240 0.81 -2.91 -52.23
CA ILE K 240 -0.57 -3.38 -52.09
C ILE K 240 -1.31 -2.32 -51.34
N GLU K 241 -2.30 -1.70 -52.00
CA GLU K 241 -3.07 -0.60 -51.40
C GLU K 241 -4.56 -0.54 -51.76
N ASN K 242 -5.08 -1.59 -52.38
CA ASN K 242 -6.54 -1.73 -52.52
C ASN K 242 -7.02 -3.18 -52.41
N HIS K 243 -8.33 -3.33 -52.52
CA HIS K 243 -9.00 -4.61 -52.48
C HIS K 243 -8.44 -5.67 -53.43
N GLN K 244 -8.30 -5.33 -54.72
CA GLN K 244 -7.90 -6.34 -55.69
C GLN K 244 -6.44 -6.74 -55.56
N GLY K 245 -5.61 -5.80 -55.14
CA GLY K 245 -4.23 -6.10 -54.76
C GLY K 245 -4.15 -7.22 -53.73
N VAL K 246 -4.90 -7.08 -52.63
CA VAL K 246 -4.95 -8.10 -51.59
C VAL K 246 -5.50 -9.41 -52.15
N GLN K 247 -6.59 -9.32 -52.89
CA GLN K 247 -7.22 -10.50 -53.46
C GLN K 247 -6.26 -11.28 -54.39
N ASN K 248 -5.51 -10.56 -55.21
CA ASN K 248 -4.61 -11.18 -56.20
C ASN K 248 -3.18 -11.34 -55.71
N ILE K 249 -2.98 -11.35 -54.39
CA ILE K 249 -1.64 -11.32 -53.80
C ILE K 249 -0.70 -12.45 -54.25
N ASP K 250 -1.20 -13.69 -54.36
CA ASP K 250 -0.36 -14.82 -54.77
C ASP K 250 0.26 -14.64 -56.16
N SER K 251 -0.57 -14.31 -57.15
CA SER K 251 -0.08 -14.05 -58.50
C SER K 251 0.76 -12.77 -58.61
N ILE K 252 0.45 -11.76 -57.80
CA ILE K 252 1.28 -10.56 -57.73
C ILE K 252 2.67 -10.87 -57.15
N ILE K 253 2.72 -11.55 -56.01
CA ILE K 253 3.98 -11.97 -55.40
C ILE K 253 4.84 -12.75 -56.43
N GLU K 254 4.19 -13.67 -57.14
CA GLU K 254 4.83 -14.45 -58.17
C GLU K 254 5.52 -13.60 -59.25
N GLU K 255 4.83 -12.57 -59.75
CA GLU K 255 5.40 -11.67 -60.77
C GLU K 255 6.40 -10.65 -60.25
N SER K 256 6.20 -10.22 -59.01
CA SER K 256 7.00 -9.15 -58.43
C SER K 256 8.37 -9.63 -57.96
N ASP K 257 9.18 -8.68 -57.51
CA ASP K 257 10.45 -8.98 -56.88
C ASP K 257 10.32 -8.75 -55.38
N GLY K 258 9.09 -8.48 -54.93
CA GLY K 258 8.88 -8.04 -53.55
C GLY K 258 7.63 -7.21 -53.38
N ILE K 259 7.22 -7.02 -52.12
CA ILE K 259 5.93 -6.41 -51.79
C ILE K 259 6.11 -5.27 -50.79
N MET K 260 5.29 -4.24 -50.94
CA MET K 260 5.11 -3.26 -49.88
C MET K 260 3.67 -3.32 -49.34
N VAL K 261 3.54 -3.33 -48.02
CA VAL K 261 2.25 -3.25 -47.37
C VAL K 261 1.93 -1.74 -47.22
N ALA K 262 1.25 -1.18 -48.22
CA ALA K 262 1.06 0.28 -48.33
C ALA K 262 -0.10 0.70 -47.46
N ARG K 263 0.17 0.86 -46.17
CA ARG K 263 -0.93 0.90 -45.20
C ARG K 263 -1.79 2.16 -45.30
N GLY K 264 -1.16 3.29 -45.67
CA GLY K 264 -1.86 4.56 -45.86
C GLY K 264 -3.10 4.42 -46.73
N ASP K 265 -2.89 4.11 -48.00
CA ASP K 265 -4.00 3.89 -48.93
C ASP K 265 -4.85 2.65 -48.60
N LEU K 266 -4.19 1.56 -48.19
CA LEU K 266 -4.89 0.31 -47.85
C LEU K 266 -5.91 0.55 -46.74
N GLY K 267 -5.48 1.35 -45.75
CA GLY K 267 -6.30 1.75 -44.63
C GLY K 267 -7.61 2.43 -44.95
N VAL K 268 -7.74 3.01 -46.15
CA VAL K 268 -8.99 3.64 -46.58
C VAL K 268 -9.74 2.72 -47.54
N GLU K 269 -8.97 2.10 -48.44
CA GLU K 269 -9.53 1.20 -49.44
C GLU K 269 -10.20 0.00 -48.81
N ILE K 270 -9.57 -0.55 -47.77
CA ILE K 270 -10.22 -1.60 -46.96
C ILE K 270 -10.41 -1.07 -45.54
N PRO K 271 -11.35 -1.65 -44.78
CA PRO K 271 -11.58 -1.15 -43.41
C PRO K 271 -10.27 -1.21 -42.61
N ALA K 272 -10.00 -0.13 -41.87
CA ALA K 272 -8.74 0.03 -41.14
C ALA K 272 -8.36 -1.17 -40.27
N GLU K 273 -9.33 -1.74 -39.56
CA GLU K 273 -9.04 -2.89 -38.69
C GLU K 273 -8.65 -4.18 -39.43
N LYS K 274 -8.77 -4.19 -40.76
CA LYS K 274 -8.37 -5.35 -41.55
C LYS K 274 -6.97 -5.21 -42.11
N VAL K 275 -6.36 -4.04 -41.98
CA VAL K 275 -4.95 -3.85 -42.41
C VAL K 275 -4.00 -4.73 -41.61
N VAL K 276 -4.34 -4.99 -40.35
CA VAL K 276 -3.58 -5.89 -39.47
C VAL K 276 -3.49 -7.34 -40.01
N VAL K 277 -4.65 -7.91 -40.34
CA VAL K 277 -4.77 -9.22 -41.01
C VAL K 277 -4.01 -9.23 -42.36
N ALA K 278 -4.27 -8.24 -43.21
CA ALA K 278 -3.51 -8.13 -44.46
C ALA K 278 -1.99 -8.06 -44.27
N GLN K 279 -1.55 -7.31 -43.26
CA GLN K 279 -0.11 -7.19 -42.96
C GLN K 279 0.55 -8.53 -42.60
N LYS K 280 -0.10 -9.26 -41.70
CA LYS K 280 0.38 -10.58 -41.28
C LYS K 280 0.40 -11.57 -42.44
N ILE K 281 -0.65 -11.56 -43.25
CA ILE K 281 -0.76 -12.46 -44.38
C ILE K 281 0.31 -12.18 -45.43
N LEU K 282 0.48 -10.90 -45.81
CA LEU K 282 1.36 -10.56 -46.91
C LEU K 282 2.82 -10.61 -46.53
N ILE K 283 3.13 -10.37 -45.26
CA ILE K 283 4.50 -10.52 -44.79
C ILE K 283 4.85 -12.00 -44.78
N SER K 284 3.94 -12.84 -44.29
CA SER K 284 4.20 -14.28 -44.26
C SER K 284 4.34 -14.91 -45.66
N LYS K 285 3.42 -14.60 -46.56
CA LYS K 285 3.49 -15.11 -47.92
C LYS K 285 4.83 -14.72 -48.60
N CYS K 286 5.32 -13.50 -48.36
CA CYS K 286 6.65 -13.08 -48.89
C CYS K 286 7.80 -13.79 -48.24
N ASN K 287 7.71 -13.99 -46.93
CA ASN K 287 8.73 -14.73 -46.15
C ASN K 287 8.83 -16.16 -46.68
N VAL K 288 7.67 -16.79 -46.88
CA VAL K 288 7.66 -18.16 -47.37
C VAL K 288 8.24 -18.22 -48.79
N ALA K 289 7.84 -17.25 -49.62
CA ALA K 289 8.30 -17.16 -51.02
C ALA K 289 9.75 -16.71 -51.17
N GLY K 290 10.34 -16.14 -50.12
CA GLY K 290 11.72 -15.63 -50.18
C GLY K 290 11.90 -14.31 -50.92
N LYS K 291 10.88 -13.43 -50.85
CA LYS K 291 10.97 -12.12 -51.48
C LYS K 291 10.88 -10.99 -50.44
N PRO K 292 11.66 -9.91 -50.61
CA PRO K 292 11.64 -8.80 -49.63
C PRO K 292 10.24 -8.22 -49.41
N VAL K 293 9.90 -7.88 -48.17
CA VAL K 293 8.59 -7.30 -47.83
C VAL K 293 8.79 -6.08 -46.91
N ILE K 294 8.02 -5.03 -47.17
CA ILE K 294 8.15 -3.74 -46.51
C ILE K 294 6.86 -3.36 -45.78
N CYS K 295 6.98 -2.97 -44.52
CA CYS K 295 5.86 -2.36 -43.77
C CYS K 295 5.93 -0.85 -43.85
N ALA K 296 4.80 -0.21 -44.18
CA ALA K 296 4.79 1.23 -44.49
C ALA K 296 3.69 2.07 -43.84
N THR K 297 4.03 3.35 -43.61
CA THR K 297 3.07 4.43 -43.39
C THR K 297 2.60 4.57 -41.93
N GLN K 298 2.71 5.80 -41.41
CA GLN K 298 2.27 6.18 -40.06
C GLN K 298 2.96 5.42 -38.94
N MET K 299 4.10 4.81 -39.25
CA MET K 299 4.82 4.01 -38.27
C MET K 299 5.36 4.82 -37.09
N LEU K 300 5.93 5.99 -37.36
CA LEU K 300 6.41 6.87 -36.31
C LEU K 300 5.91 8.31 -36.55
N GLU K 301 4.63 8.37 -36.94
CA GLU K 301 3.95 9.57 -37.43
C GLU K 301 4.08 10.82 -36.56
N SER K 302 3.79 10.68 -35.26
CA SER K 302 3.84 11.85 -34.36
C SER K 302 5.26 12.46 -34.28
N MET K 303 6.27 11.70 -34.68
CA MET K 303 7.65 12.18 -34.74
C MET K 303 7.93 13.08 -35.94
N THR K 304 6.87 13.40 -36.71
CA THR K 304 6.96 14.44 -37.73
C THR K 304 7.06 15.80 -37.04
N TYR K 305 6.50 15.90 -35.84
CA TYR K 305 6.42 17.16 -35.10
C TYR K 305 7.06 17.07 -33.72
N ASN K 306 7.22 15.85 -33.20
CA ASN K 306 7.71 15.63 -31.84
C ASN K 306 9.04 14.88 -31.77
N PRO K 307 9.88 15.20 -30.76
CA PRO K 307 11.17 14.51 -30.60
C PRO K 307 11.05 13.05 -30.14
N ARG K 308 9.88 12.67 -29.61
CA ARG K 308 9.66 11.32 -29.09
C ARG K 308 8.36 10.73 -29.62
N PRO K 309 8.33 9.40 -29.86
CA PRO K 309 7.15 8.72 -30.39
C PRO K 309 6.12 8.37 -29.32
N THR K 310 4.90 8.05 -29.77
CA THR K 310 3.86 7.53 -28.89
C THR K 310 4.10 6.03 -28.61
N ARG K 311 3.40 5.48 -27.63
CA ARG K 311 3.56 4.08 -27.25
C ARG K 311 3.08 3.16 -28.36
N ALA K 312 1.94 3.51 -28.95
CA ALA K 312 1.39 2.78 -30.10
C ALA K 312 2.37 2.72 -31.27
N GLU K 313 3.17 3.77 -31.41
CA GLU K 313 4.11 3.85 -32.52
C GLU K 313 5.30 2.91 -32.34
N VAL K 314 5.89 2.91 -31.14
CA VAL K 314 6.98 1.99 -30.82
C VAL K 314 6.48 0.55 -31.01
N SER K 315 5.35 0.25 -30.39
CA SER K 315 4.71 -1.05 -30.58
C SER K 315 4.62 -1.46 -32.05
N ASP K 316 4.10 -0.55 -32.88
CA ASP K 316 3.98 -0.78 -34.33
C ASP K 316 5.30 -1.17 -35.00
N VAL K 317 6.38 -0.44 -34.75
CA VAL K 317 7.65 -0.78 -35.42
C VAL K 317 8.15 -2.16 -34.98
N ALA K 318 8.02 -2.44 -33.68
CA ALA K 318 8.42 -3.72 -33.09
C ALA K 318 7.63 -4.90 -33.65
N ASN K 319 6.30 -4.80 -33.67
CA ASN K 319 5.47 -5.85 -34.22
C ASN K 319 5.65 -6.07 -35.73
N ALA K 320 6.05 -5.05 -36.46
CA ALA K 320 6.38 -5.24 -37.89
C ALA K 320 7.58 -6.20 -38.05
N VAL K 321 8.60 -6.02 -37.22
CA VAL K 321 9.77 -6.92 -37.19
C VAL K 321 9.37 -8.33 -36.76
N PHE K 322 8.54 -8.43 -35.72
CA PHE K 322 8.03 -9.71 -35.23
C PHE K 322 7.23 -10.39 -36.33
N ASN K 323 6.46 -9.60 -37.08
CA ASN K 323 5.59 -10.09 -38.16
C ASN K 323 6.44 -10.79 -39.25
N GLY K 324 7.68 -10.32 -39.43
CA GLY K 324 8.60 -10.94 -40.38
C GLY K 324 9.11 -10.03 -41.50
N ALA K 325 8.92 -8.73 -41.36
CA ALA K 325 9.27 -7.76 -42.40
C ALA K 325 10.78 -7.58 -42.59
N ASP K 326 11.19 -7.53 -43.84
CA ASP K 326 12.55 -7.20 -44.18
C ASP K 326 12.79 -5.73 -43.83
N CYS K 327 11.79 -4.88 -44.11
CA CYS K 327 11.93 -3.42 -44.05
C CYS K 327 10.82 -2.69 -43.34
N VAL K 328 11.20 -1.62 -42.65
CA VAL K 328 10.23 -0.63 -42.21
C VAL K 328 10.52 0.69 -42.92
N MET K 329 9.48 1.49 -43.11
CA MET K 329 9.59 2.69 -43.92
C MET K 329 9.15 3.97 -43.22
N LEU K 330 9.84 5.05 -43.56
CA LEU K 330 9.47 6.38 -43.10
C LEU K 330 9.00 7.24 -44.26
N SER K 331 7.87 7.93 -44.06
CA SER K 331 7.25 8.74 -45.10
C SER K 331 7.37 10.23 -44.81
N GLY K 332 6.29 10.83 -44.31
CA GLY K 332 6.28 12.24 -43.92
C GLY K 332 7.32 12.58 -42.87
N GLU K 333 7.51 11.69 -41.91
CA GLU K 333 8.50 11.81 -40.83
C GLU K 333 9.89 12.28 -41.29
N THR K 334 10.31 11.85 -42.49
CA THR K 334 11.61 12.28 -43.07
C THR K 334 11.48 13.23 -44.28
N ALA K 335 10.32 13.23 -44.93
CA ALA K 335 10.10 14.03 -46.13
C ALA K 335 9.91 15.49 -45.76
N LYS K 336 9.09 15.74 -44.74
CA LYS K 336 8.72 17.10 -44.35
C LYS K 336 8.80 17.34 -42.84
N GLY K 337 9.33 16.37 -42.09
CA GLY K 337 9.35 16.42 -40.63
C GLY K 337 10.42 17.28 -39.98
N LYS K 338 10.26 17.49 -38.67
CA LYS K 338 11.17 18.30 -37.85
C LYS K 338 12.39 17.55 -37.34
N TYR K 339 12.26 16.23 -37.14
CA TYR K 339 13.32 15.43 -36.52
C TYR K 339 13.74 14.22 -37.37
N PRO K 340 14.23 14.48 -38.60
CA PRO K 340 14.58 13.41 -39.53
C PRO K 340 15.55 12.40 -38.92
N ASN K 341 16.71 12.89 -38.47
CA ASN K 341 17.74 12.04 -37.85
C ASN K 341 17.23 11.26 -36.66
N GLU K 342 16.50 11.94 -35.78
CA GLU K 342 15.99 11.33 -34.55
C GLU K 342 14.96 10.23 -34.81
N VAL K 343 14.09 10.43 -35.79
CA VAL K 343 13.07 9.43 -36.11
C VAL K 343 13.72 8.15 -36.64
N VAL K 344 14.77 8.30 -37.45
CA VAL K 344 15.50 7.16 -37.99
C VAL K 344 16.24 6.43 -36.87
N GLN K 345 16.94 7.19 -36.03
CA GLN K 345 17.63 6.63 -34.87
C GLN K 345 16.68 5.88 -33.95
N TYR K 346 15.50 6.44 -33.71
CA TYR K 346 14.47 5.76 -32.89
C TYR K 346 14.00 4.46 -33.52
N MET K 347 13.78 4.48 -34.83
CA MET K 347 13.33 3.29 -35.53
C MET K 347 14.38 2.19 -35.51
N ALA K 348 15.65 2.56 -35.72
CA ALA K 348 16.76 1.60 -35.68
C ALA K 348 16.88 0.93 -34.32
N ARG K 349 16.73 1.73 -33.27
CA ARG K 349 16.81 1.31 -31.88
C ARG K 349 15.70 0.30 -31.54
N ILE K 350 14.47 0.61 -31.93
CA ILE K 350 13.33 -0.30 -31.72
C ILE K 350 13.51 -1.62 -32.49
N CYS K 351 14.06 -1.52 -33.69
CA CYS K 351 14.34 -2.69 -34.54
C CYS K 351 15.34 -3.62 -33.87
N LEU K 352 16.36 -3.05 -33.23
CA LEU K 352 17.38 -3.83 -32.54
C LEU K 352 16.82 -4.54 -31.32
N GLU K 353 15.95 -3.85 -30.61
CA GLU K 353 15.31 -4.35 -29.42
C GLU K 353 14.39 -5.53 -29.75
N ALA K 354 13.53 -5.36 -30.76
CA ALA K 354 12.59 -6.43 -31.15
C ALA K 354 13.33 -7.65 -31.67
N GLN K 355 14.46 -7.40 -32.35
CA GLN K 355 15.35 -8.44 -32.84
C GLN K 355 15.89 -9.31 -31.70
N SER K 356 16.14 -8.72 -30.54
CA SER K 356 16.49 -9.48 -29.33
C SER K 356 15.42 -10.50 -28.96
N ALA K 357 14.16 -10.08 -29.00
CA ALA K 357 13.04 -10.91 -28.58
C ALA K 357 12.63 -11.88 -29.67
N LEU K 358 13.22 -11.70 -30.86
CA LEU K 358 12.79 -12.45 -32.05
C LEU K 358 13.34 -13.86 -31.94
N ASN K 359 12.50 -14.86 -32.09
CA ASN K 359 12.97 -16.24 -32.07
C ASN K 359 13.35 -16.68 -33.48
N GLU K 360 14.60 -16.43 -33.86
CA GLU K 360 15.06 -16.70 -35.23
C GLU K 360 15.13 -18.19 -35.56
N TYR K 361 15.25 -19.03 -34.54
CA TYR K 361 15.30 -20.47 -34.75
C TYR K 361 13.94 -21.03 -35.15
N VAL K 362 12.89 -20.62 -34.43
CA VAL K 362 11.52 -21.01 -34.77
C VAL K 362 11.17 -20.54 -36.17
N PHE K 363 11.44 -19.27 -36.44
CA PHE K 363 11.37 -18.68 -37.79
C PHE K 363 12.06 -19.52 -38.86
N PHE K 364 13.30 -19.94 -38.60
CA PHE K 364 14.02 -20.86 -39.51
C PHE K 364 13.20 -22.13 -39.82
N ASN K 365 12.82 -22.88 -38.78
CA ASN K 365 12.16 -24.15 -38.97
C ASN K 365 10.77 -23.99 -39.57
N SER K 366 10.08 -22.92 -39.19
CA SER K 366 8.73 -22.66 -39.67
C SER K 366 8.76 -22.46 -41.18
N ILE K 367 9.78 -21.73 -41.66
CA ILE K 367 9.94 -21.43 -43.07
C ILE K 367 10.35 -22.66 -43.88
N LYS K 368 11.36 -23.37 -43.40
CA LYS K 368 11.78 -24.66 -43.96
C LYS K 368 10.61 -25.62 -44.18
N LYS K 369 9.76 -25.74 -43.16
CA LYS K 369 8.65 -26.66 -43.19
C LYS K 369 7.68 -26.36 -44.31
N LEU K 370 7.64 -25.10 -44.73
CA LEU K 370 6.63 -24.66 -45.69
C LEU K 370 7.06 -24.72 -47.15
N GLN K 371 8.30 -25.13 -47.38
CA GLN K 371 8.86 -25.24 -48.71
C GLN K 371 8.49 -26.56 -49.33
N HIS K 372 8.09 -26.51 -50.60
CA HIS K 372 7.81 -27.68 -51.39
C HIS K 372 9.04 -28.59 -51.47
N ILE K 373 8.82 -29.87 -51.20
CA ILE K 373 9.86 -30.90 -51.29
C ILE K 373 9.60 -31.75 -52.55
N PRO K 374 10.65 -32.01 -53.36
CA PRO K 374 12.08 -31.69 -53.16
C PRO K 374 12.45 -30.22 -53.41
N MET K 375 13.42 -29.72 -52.65
CA MET K 375 13.99 -28.40 -52.87
C MET K 375 14.94 -28.44 -54.06
N SER K 376 15.16 -27.30 -54.70
CA SER K 376 16.25 -27.15 -55.67
C SER K 376 17.56 -27.33 -54.91
N ALA K 377 18.62 -27.68 -55.63
CA ALA K 377 19.95 -27.92 -55.03
C ALA K 377 20.49 -26.73 -54.25
N ASP K 378 20.46 -25.55 -54.85
CA ASP K 378 20.91 -24.33 -54.15
C ASP K 378 20.00 -23.93 -52.97
N GLU K 379 18.71 -24.19 -53.08
CA GLU K 379 17.83 -23.91 -51.93
C GLU K 379 18.12 -24.80 -50.73
N ALA K 380 18.38 -26.09 -50.96
CA ALA K 380 18.78 -27.00 -49.88
C ALA K 380 20.14 -26.62 -49.30
N VAL K 381 21.06 -26.18 -50.16
CA VAL K 381 22.37 -25.70 -49.71
C VAL K 381 22.21 -24.57 -48.69
N CYS K 382 21.28 -23.65 -48.97
CA CYS K 382 21.08 -22.46 -48.14
C CYS K 382 20.44 -22.79 -46.81
N SER K 383 19.40 -23.60 -46.87
CA SER K 383 18.67 -24.04 -45.69
C SER K 383 19.55 -24.88 -44.77
N SER K 384 20.20 -25.89 -45.32
CA SER K 384 21.10 -26.70 -44.54
C SER K 384 22.31 -25.92 -44.01
N ALA K 385 22.76 -24.89 -44.73
CA ALA K 385 23.94 -24.11 -44.30
C ALA K 385 23.62 -23.22 -43.08
N VAL K 386 22.39 -22.72 -43.06
CA VAL K 386 21.84 -22.02 -41.90
C VAL K 386 21.65 -23.04 -40.76
N ASN K 387 21.11 -24.19 -41.06
CA ASN K 387 21.03 -25.21 -40.06
C ASN K 387 22.39 -25.48 -39.40
N SER K 388 23.42 -25.58 -40.22
CA SER K 388 24.81 -25.62 -39.73
C SER K 388 25.18 -24.46 -38.82
N VAL K 389 24.61 -23.28 -39.06
CA VAL K 389 24.90 -22.10 -38.26
C VAL K 389 24.41 -22.29 -36.82
N TYR K 390 23.17 -22.74 -36.70
CA TYR K 390 22.55 -23.00 -35.40
C TYR K 390 23.24 -24.14 -34.64
N GLU K 391 23.54 -25.23 -35.35
CA GLU K 391 24.16 -26.42 -34.77
C GLU K 391 25.54 -26.16 -34.22
N THR K 392 26.22 -25.16 -34.79
CA THR K 392 27.64 -24.93 -34.60
C THR K 392 27.89 -23.60 -33.84
N LYS K 393 26.84 -22.80 -33.73
CA LYS K 393 26.89 -21.44 -33.16
C LYS K 393 27.85 -20.53 -33.93
N ALA K 394 27.77 -20.62 -35.26
CA ALA K 394 28.64 -19.81 -36.12
C ALA K 394 28.24 -18.36 -36.01
N LYS K 395 29.24 -17.49 -35.99
CA LYS K 395 29.02 -16.10 -35.66
C LYS K 395 28.92 -15.18 -36.89
N ALA K 396 29.14 -15.78 -38.06
CA ALA K 396 28.94 -15.10 -39.35
C ALA K 396 28.69 -16.09 -40.48
N MET K 397 28.23 -15.56 -41.60
CA MET K 397 27.96 -16.36 -42.78
C MET K 397 28.50 -15.57 -43.97
N VAL K 398 29.14 -16.25 -44.91
CA VAL K 398 29.62 -15.58 -46.14
C VAL K 398 29.01 -16.26 -47.34
N VAL K 399 28.40 -15.46 -48.23
CA VAL K 399 27.79 -16.00 -49.44
C VAL K 399 28.21 -15.21 -50.67
N LEU K 400 28.58 -15.93 -51.73
CA LEU K 400 28.90 -15.29 -52.99
C LEU K 400 27.63 -15.14 -53.83
N SER K 401 27.35 -13.91 -54.23
CA SER K 401 26.19 -13.62 -55.08
C SER K 401 26.46 -12.41 -55.96
N ASN K 402 26.32 -12.62 -57.26
CA ASN K 402 26.51 -11.57 -58.25
C ASN K 402 25.18 -10.91 -58.62
N THR K 403 24.11 -11.71 -58.69
CA THR K 403 22.78 -11.18 -59.01
C THR K 403 22.04 -10.76 -57.74
N GLY K 404 22.52 -11.22 -56.59
CA GLY K 404 21.81 -11.04 -55.33
C GLY K 404 20.89 -12.20 -54.98
N ARG K 405 20.63 -13.06 -55.96
CA ARG K 405 19.80 -14.27 -55.78
C ARG K 405 20.20 -15.14 -54.59
N SER K 406 21.47 -15.55 -54.53
CA SER K 406 21.97 -16.41 -53.47
C SER K 406 21.79 -15.78 -52.09
N ALA K 407 22.03 -14.47 -51.99
CA ALA K 407 21.87 -13.76 -50.72
C ALA K 407 20.43 -13.71 -50.22
N ARG K 408 19.48 -13.42 -51.10
CA ARG K 408 18.08 -13.44 -50.70
C ARG K 408 17.68 -14.85 -50.23
N LEU K 409 18.18 -15.86 -50.95
CA LEU K 409 17.90 -17.27 -50.66
C LEU K 409 18.38 -17.69 -49.26
N VAL K 410 19.55 -17.24 -48.87
CA VAL K 410 20.08 -17.52 -47.54
C VAL K 410 19.42 -16.70 -46.44
N ALA K 411 19.26 -15.40 -46.66
CA ALA K 411 18.61 -14.55 -45.69
C ALA K 411 17.18 -15.03 -45.43
N LYS K 412 16.58 -15.65 -46.46
CA LYS K 412 15.26 -16.23 -46.35
C LYS K 412 15.11 -17.20 -45.15
N TYR K 413 16.23 -17.85 -44.78
CA TYR K 413 16.20 -18.89 -43.75
C TYR K 413 16.51 -18.39 -42.33
N ARG K 414 16.60 -17.07 -42.18
CA ARG K 414 16.75 -16.43 -40.88
C ARG K 414 17.80 -17.05 -39.94
N PRO K 415 19.09 -16.99 -40.33
CA PRO K 415 20.17 -17.40 -39.41
C PRO K 415 20.29 -16.39 -38.28
N ASN K 416 20.91 -16.78 -37.17
CA ASN K 416 20.97 -15.84 -36.05
C ASN K 416 22.30 -15.12 -35.96
N CYS K 417 22.89 -14.88 -37.12
CA CYS K 417 24.17 -14.20 -37.23
C CYS K 417 24.18 -13.36 -38.50
N PRO K 418 25.07 -12.36 -38.59
CA PRO K 418 25.14 -11.58 -39.83
C PRO K 418 25.41 -12.45 -41.06
N ILE K 419 24.82 -12.08 -42.19
CA ILE K 419 25.16 -12.70 -43.47
C ILE K 419 26.01 -11.72 -44.27
N VAL K 420 27.13 -12.17 -44.78
CA VAL K 420 28.03 -11.28 -45.49
C VAL K 420 28.04 -11.70 -46.94
N CYS K 421 27.32 -10.93 -47.79
CA CYS K 421 27.32 -11.19 -49.23
C CYS K 421 28.51 -10.52 -49.91
N VAL K 422 29.24 -11.30 -50.70
CA VAL K 422 30.35 -10.74 -51.49
C VAL K 422 29.94 -10.70 -52.96
N THR K 423 29.90 -9.51 -53.52
CA THR K 423 29.30 -9.32 -54.83
C THR K 423 30.21 -8.57 -55.82
N THR K 424 30.07 -8.90 -57.10
CA THR K 424 30.85 -8.26 -58.16
C THR K 424 30.09 -7.13 -58.83
N ARG K 425 28.89 -6.85 -58.32
CA ARG K 425 28.01 -5.83 -58.91
C ARG K 425 27.52 -4.84 -57.83
N LEU K 426 27.89 -3.58 -57.99
CA LEU K 426 27.52 -2.50 -57.06
C LEU K 426 25.99 -2.35 -56.92
N GLN K 427 25.27 -2.51 -58.02
CA GLN K 427 23.81 -2.48 -57.97
C GLN K 427 23.27 -3.59 -57.08
N THR K 428 23.94 -4.74 -57.07
CA THR K 428 23.56 -5.81 -56.17
C THR K 428 23.70 -5.37 -54.72
N CYS K 429 24.82 -4.69 -54.39
CA CYS K 429 25.00 -4.10 -53.05
C CYS K 429 23.84 -3.20 -52.66
N ARG K 430 23.39 -2.37 -53.59
CA ARG K 430 22.31 -1.46 -53.30
C ARG K 430 20.98 -2.22 -53.20
N GLN K 431 20.75 -3.15 -54.12
CA GLN K 431 19.48 -3.86 -54.19
C GLN K 431 19.24 -4.78 -52.99
N LEU K 432 20.34 -5.27 -52.41
CA LEU K 432 20.31 -6.05 -51.18
C LEU K 432 20.01 -5.24 -49.91
N ASN K 433 19.90 -3.91 -50.04
CA ASN K 433 19.55 -3.03 -48.92
C ASN K 433 18.08 -3.14 -48.51
N ILE K 434 17.28 -3.92 -49.25
CA ILE K 434 15.91 -4.21 -48.82
C ILE K 434 15.78 -5.65 -48.32
N THR K 435 16.91 -6.35 -48.22
CA THR K 435 16.90 -7.69 -47.66
C THR K 435 17.43 -7.69 -46.23
N GLN K 436 16.54 -8.10 -45.33
CA GLN K 436 16.81 -8.33 -43.92
C GLN K 436 18.13 -9.09 -43.70
N GLY K 437 19.00 -8.54 -42.85
CA GLY K 437 20.09 -9.28 -42.24
C GLY K 437 21.28 -9.60 -43.10
N VAL K 438 21.52 -8.78 -44.13
CA VAL K 438 22.60 -8.99 -45.08
C VAL K 438 23.47 -7.74 -45.23
N GLU K 439 24.78 -7.93 -45.28
CA GLU K 439 25.68 -6.84 -45.59
C GLU K 439 26.50 -7.23 -46.80
N SER K 440 26.74 -6.25 -47.68
CA SER K 440 27.41 -6.49 -48.95
C SER K 440 28.83 -5.94 -48.97
N VAL K 441 29.72 -6.72 -49.57
CA VAL K 441 31.10 -6.33 -49.79
C VAL K 441 31.30 -6.38 -51.30
N PHE K 442 31.61 -5.25 -51.90
CA PHE K 442 31.85 -5.23 -53.34
C PHE K 442 33.27 -5.72 -53.65
N PHE K 443 33.36 -6.65 -54.59
CA PHE K 443 34.61 -7.20 -55.07
C PHE K 443 34.76 -6.80 -56.54
N ASP K 444 35.73 -5.93 -56.82
CA ASP K 444 35.90 -5.41 -58.18
C ASP K 444 36.59 -6.42 -59.08
N ALA K 445 35.78 -7.19 -59.82
CA ALA K 445 36.28 -8.24 -60.69
C ALA K 445 37.18 -7.74 -61.82
N ASP K 446 37.04 -6.46 -62.18
CA ASP K 446 37.85 -5.86 -63.25
C ASP K 446 39.30 -5.69 -62.84
N LYS K 447 39.53 -5.19 -61.62
CA LYS K 447 40.91 -5.03 -61.16
C LYS K 447 41.45 -6.22 -60.39
N LEU K 448 40.57 -7.08 -59.87
CA LEU K 448 40.99 -8.21 -59.04
C LEU K 448 40.83 -9.60 -59.70
N GLY K 449 40.37 -9.63 -60.95
CA GLY K 449 40.16 -10.89 -61.66
C GLY K 449 38.82 -11.55 -61.33
N HIS K 450 38.48 -12.59 -62.08
CA HIS K 450 37.16 -13.23 -61.98
C HIS K 450 37.03 -14.19 -60.79
N ASP K 451 38.17 -14.56 -60.20
CA ASP K 451 38.21 -15.38 -58.98
C ASP K 451 37.40 -16.68 -59.10
N GLU K 452 37.76 -17.49 -60.09
CA GLU K 452 37.02 -18.74 -60.35
C GLU K 452 37.14 -19.77 -59.22
N GLY K 453 38.28 -19.78 -58.52
CA GLY K 453 38.49 -20.65 -57.37
C GLY K 453 37.89 -20.14 -56.06
N LYS K 454 37.30 -18.93 -56.12
CA LYS K 454 36.52 -18.31 -55.01
C LYS K 454 37.29 -17.84 -53.78
N GLU K 455 38.59 -18.10 -53.72
CA GLU K 455 39.37 -17.85 -52.50
C GLU K 455 39.48 -16.36 -52.13
N HIS K 456 39.53 -15.48 -53.13
CA HIS K 456 39.65 -14.04 -52.88
C HIS K 456 38.36 -13.45 -52.34
N ARG K 457 37.26 -13.73 -53.03
CA ARG K 457 35.97 -13.26 -52.57
C ARG K 457 35.73 -13.76 -51.15
N VAL K 458 35.91 -15.06 -50.92
CA VAL K 458 35.76 -15.63 -49.59
C VAL K 458 36.62 -14.92 -48.55
N ALA K 459 37.91 -14.69 -48.87
CA ALA K 459 38.82 -13.96 -47.98
C ALA K 459 38.31 -12.55 -47.63
N ALA K 460 37.67 -11.88 -48.59
CA ALA K 460 37.18 -10.51 -48.41
C ALA K 460 35.91 -10.50 -47.53
N GLY K 461 35.02 -11.46 -47.73
CA GLY K 461 33.84 -11.61 -46.86
C GLY K 461 34.21 -11.89 -45.41
N VAL K 462 35.10 -12.85 -45.20
CA VAL K 462 35.66 -13.15 -43.89
C VAL K 462 36.37 -11.92 -43.27
N GLU K 463 37.23 -11.26 -44.04
CA GLU K 463 37.93 -10.05 -43.55
C GLU K 463 36.99 -8.94 -43.10
N PHE K 464 35.93 -8.72 -43.89
CA PHE K 464 34.89 -7.76 -43.53
C PHE K 464 34.22 -8.16 -42.22
N ALA K 465 33.95 -9.45 -42.05
CA ALA K 465 33.34 -9.98 -40.83
C ALA K 465 34.24 -9.73 -39.62
N LYS K 466 35.54 -9.85 -39.82
CA LYS K 466 36.51 -9.55 -38.78
C LYS K 466 36.49 -8.06 -38.45
N SER K 467 36.51 -7.22 -39.48
CA SER K 467 36.61 -5.77 -39.30
C SER K 467 35.37 -5.18 -38.64
N LYS K 468 34.20 -5.78 -38.88
CA LYS K 468 32.98 -5.35 -38.22
C LYS K 468 32.86 -5.94 -36.81
N GLY K 469 33.72 -6.91 -36.50
CA GLY K 469 33.76 -7.51 -35.16
C GLY K 469 32.83 -8.70 -34.91
N TYR K 470 32.20 -9.20 -35.97
CA TYR K 470 31.30 -10.35 -35.87
C TYR K 470 32.04 -11.64 -35.55
N VAL K 471 33.26 -11.77 -36.06
CA VAL K 471 34.11 -12.93 -35.78
C VAL K 471 35.48 -12.56 -35.23
N GLN K 472 35.99 -13.39 -34.32
CA GLN K 472 37.39 -13.34 -33.93
C GLN K 472 37.98 -14.71 -34.24
N THR K 473 39.28 -14.87 -33.96
CA THR K 473 39.96 -16.15 -34.11
C THR K 473 39.25 -17.24 -33.34
N GLY K 474 39.15 -18.41 -33.96
CA GLY K 474 38.57 -19.58 -33.32
C GLY K 474 37.10 -19.74 -33.59
N ASP K 475 36.48 -18.72 -34.18
CA ASP K 475 35.06 -18.75 -34.53
C ASP K 475 34.79 -19.52 -35.82
N TYR K 476 33.57 -20.04 -35.95
CA TYR K 476 33.16 -20.68 -37.19
C TYR K 476 32.49 -19.68 -38.10
N CYS K 477 32.84 -19.76 -39.37
CA CYS K 477 32.18 -18.99 -40.41
C CYS K 477 31.63 -19.97 -41.44
N VAL K 478 30.32 -19.92 -41.67
CA VAL K 478 29.68 -20.80 -42.63
C VAL K 478 29.63 -20.13 -44.01
N VAL K 479 30.31 -20.74 -44.96
CA VAL K 479 30.55 -20.16 -46.28
C VAL K 479 29.78 -20.91 -47.38
N ILE K 480 29.15 -20.16 -48.27
CA ILE K 480 28.32 -20.71 -49.36
C ILE K 480 28.73 -20.19 -50.74
N HIS K 481 28.97 -21.12 -51.64
CA HIS K 481 29.19 -20.82 -53.06
C HIS K 481 29.25 -22.12 -53.86
N ALA K 482 29.74 -22.04 -55.10
CA ALA K 482 29.88 -23.23 -55.94
C ALA K 482 31.25 -23.87 -55.76
N ASP K 483 31.36 -25.13 -56.17
CA ASP K 483 32.65 -25.77 -56.28
C ASP K 483 33.32 -25.32 -57.57
N HIS K 484 34.34 -26.03 -58.01
CA HIS K 484 35.13 -25.60 -59.16
C HIS K 484 34.48 -25.86 -60.52
N LYS K 485 33.41 -26.65 -60.55
CA LYS K 485 32.78 -27.05 -61.81
C LYS K 485 31.43 -26.37 -62.06
N VAL K 486 30.57 -26.37 -61.04
CA VAL K 486 29.20 -25.89 -61.17
C VAL K 486 29.12 -24.38 -61.39
N LYS K 487 28.26 -23.96 -62.33
CA LYS K 487 28.05 -22.54 -62.65
C LYS K 487 26.57 -22.16 -62.60
N GLY K 488 26.30 -20.93 -62.17
CA GLY K 488 24.92 -20.44 -62.17
C GLY K 488 24.24 -20.48 -60.82
N TYR K 489 24.74 -21.32 -59.92
CA TYR K 489 24.23 -21.38 -58.55
C TYR K 489 25.31 -21.90 -57.60
N ALA K 490 25.00 -21.86 -56.30
CA ALA K 490 25.90 -22.40 -55.28
C ALA K 490 25.45 -23.81 -54.88
N ASN K 491 26.35 -24.76 -55.02
CA ASN K 491 26.07 -26.13 -54.65
C ASN K 491 26.86 -26.61 -53.45
N GLN K 492 27.56 -25.72 -52.79
CA GLN K 492 28.51 -26.07 -51.74
C GLN K 492 28.37 -25.25 -50.44
N THR K 493 28.55 -25.92 -49.30
CA THR K 493 28.66 -25.25 -48.01
C THR K 493 29.93 -25.72 -47.32
N ARG K 494 30.54 -24.82 -46.55
CA ARG K 494 31.77 -25.13 -45.80
C ARG K 494 31.76 -24.44 -44.45
N ILE K 495 32.12 -25.17 -43.40
CA ILE K 495 32.30 -24.57 -42.10
C ILE K 495 33.79 -24.34 -41.96
N LEU K 496 34.22 -23.09 -42.03
CA LEU K 496 35.63 -22.79 -41.78
C LEU K 496 35.89 -22.03 -40.49
N LEU K 497 37.07 -22.29 -39.94
CA LEU K 497 37.55 -21.71 -38.70
C LEU K 497 38.33 -20.45 -39.07
N VAL K 498 38.04 -19.33 -38.41
CA VAL K 498 38.70 -18.07 -38.78
C VAL K 498 40.01 -17.82 -38.05
N GLU K 499 41.02 -17.39 -38.80
CA GLU K 499 42.36 -17.17 -38.27
C GLU K 499 42.52 -15.73 -37.80
N SER L 2 3.51 -38.86 -34.81
CA SER L 2 3.40 -39.96 -33.81
C SER L 2 3.66 -41.28 -34.51
N GLN L 3 4.16 -42.26 -33.76
CA GLN L 3 4.39 -43.61 -34.29
C GLN L 3 3.05 -44.25 -34.66
N LEU L 4 2.03 -43.97 -33.86
CA LEU L 4 0.68 -44.46 -34.12
C LEU L 4 0.22 -44.06 -35.54
N ALA L 5 0.24 -42.75 -35.83
CA ALA L 5 -0.11 -42.22 -37.16
C ALA L 5 0.72 -42.82 -38.28
N HIS L 6 2.03 -42.93 -38.06
CA HIS L 6 2.90 -43.51 -39.07
C HIS L 6 2.51 -44.94 -39.40
N ASN L 7 2.04 -45.70 -38.41
CA ASN L 7 1.66 -47.09 -38.62
C ASN L 7 0.49 -47.25 -39.58
N LEU L 8 -0.44 -46.28 -39.55
CA LEU L 8 -1.58 -46.28 -40.45
C LEU L 8 -1.21 -46.00 -41.92
N THR L 9 0.05 -45.61 -42.18
CA THR L 9 0.52 -45.32 -43.54
C THR L 9 1.19 -46.54 -44.18
N LEU L 10 1.39 -47.59 -43.40
CA LEU L 10 2.11 -48.77 -43.88
C LEU L 10 1.19 -49.72 -44.66
N SER L 11 1.78 -50.49 -45.57
CA SER L 11 1.05 -51.57 -46.24
C SER L 11 1.98 -52.78 -46.36
N ILE L 12 1.39 -53.98 -46.36
CA ILE L 12 2.16 -55.22 -46.53
C ILE L 12 2.73 -55.32 -47.95
N PHE L 13 1.99 -54.75 -48.91
CA PHE L 13 2.30 -54.82 -50.33
C PHE L 13 3.49 -54.00 -50.78
N ASP L 14 3.87 -53.01 -49.98
CA ASP L 14 4.90 -52.03 -50.31
C ASP L 14 6.29 -52.65 -50.58
N PRO L 15 6.73 -52.62 -51.86
CA PRO L 15 8.06 -53.14 -52.25
C PRO L 15 9.17 -52.63 -51.34
N VAL L 16 10.14 -53.51 -51.07
CA VAL L 16 11.26 -53.18 -50.20
C VAL L 16 12.33 -52.37 -50.95
N ALA L 17 13.21 -51.70 -50.21
CA ALA L 17 14.27 -50.87 -50.77
C ALA L 17 15.25 -51.65 -51.66
N ASN L 18 16.04 -50.93 -52.46
CA ASN L 18 17.12 -51.53 -53.25
C ASN L 18 18.47 -51.70 -52.50
N TYR L 19 18.44 -51.50 -51.18
CA TYR L 19 19.58 -51.74 -50.29
C TYR L 19 19.10 -52.12 -48.88
N ARG L 20 19.90 -52.95 -48.22
CA ARG L 20 19.67 -53.35 -46.83
C ARG L 20 20.63 -52.57 -45.93
N ALA L 21 20.08 -51.90 -44.92
CA ALA L 21 20.89 -51.04 -44.05
C ALA L 21 21.57 -51.83 -42.94
N ALA L 22 20.79 -52.63 -42.21
CA ALA L 22 21.29 -53.46 -41.11
C ALA L 22 22.32 -54.48 -41.56
N ARG L 23 23.25 -54.82 -40.66
CA ARG L 23 24.37 -55.73 -40.96
C ARG L 23 24.22 -57.02 -40.17
N ILE L 24 24.76 -58.11 -40.71
CA ILE L 24 24.58 -59.43 -40.13
C ILE L 24 25.91 -60.04 -39.70
N ILE L 25 25.96 -60.47 -38.45
CA ILE L 25 27.15 -61.11 -37.90
C ILE L 25 26.89 -62.60 -37.72
N CYS L 26 27.79 -63.42 -38.25
CA CYS L 26 27.69 -64.88 -38.13
C CYS L 26 28.87 -65.48 -37.38
N THR L 27 28.54 -66.28 -36.37
CA THR L 27 29.51 -67.07 -35.63
C THR L 27 29.89 -68.28 -36.45
N ILE L 28 31.19 -68.51 -36.57
CA ILE L 28 31.74 -69.61 -37.35
C ILE L 28 32.07 -70.81 -36.46
N GLY L 29 31.58 -71.97 -36.88
CA GLY L 29 31.82 -73.22 -36.20
C GLY L 29 31.74 -74.38 -37.17
N PRO L 30 31.62 -75.61 -36.66
CA PRO L 30 31.68 -76.83 -37.48
C PRO L 30 30.79 -76.79 -38.73
N SER L 31 29.59 -76.22 -38.60
CA SER L 31 28.65 -76.07 -39.73
C SER L 31 29.13 -75.14 -40.84
N THR L 32 29.98 -74.18 -40.50
CA THR L 32 30.26 -73.06 -41.41
C THR L 32 31.73 -72.74 -41.66
N GLN L 33 32.64 -73.58 -41.19
CA GLN L 33 34.06 -73.23 -41.24
C GLN L 33 34.72 -73.37 -42.61
N SER L 34 34.24 -74.30 -43.42
CA SER L 34 34.78 -74.50 -44.76
C SER L 34 34.59 -73.27 -45.65
N VAL L 35 35.51 -73.05 -46.60
CA VAL L 35 35.42 -71.91 -47.49
C VAL L 35 34.13 -71.95 -48.30
N GLU L 36 33.72 -73.14 -48.73
CA GLU L 36 32.48 -73.27 -49.50
C GLU L 36 31.28 -72.82 -48.67
N ALA L 37 31.26 -73.20 -47.39
CA ALA L 37 30.21 -72.79 -46.46
C ALA L 37 30.25 -71.29 -46.19
N LEU L 38 31.46 -70.74 -46.07
CA LEU L 38 31.62 -69.32 -45.82
C LEU L 38 31.16 -68.48 -47.01
N LYS L 39 31.51 -68.92 -48.23
CA LYS L 39 30.98 -68.32 -49.47
C LYS L 39 29.44 -68.30 -49.50
N GLY L 40 28.81 -69.43 -49.14
CA GLY L 40 27.35 -69.49 -48.99
C GLY L 40 26.82 -68.45 -48.02
N LEU L 41 27.49 -68.31 -46.88
CA LEU L 41 27.21 -67.30 -45.87
C LEU L 41 27.38 -65.85 -46.35
N ILE L 42 28.45 -65.57 -47.10
CA ILE L 42 28.68 -64.23 -47.65
C ILE L 42 27.57 -63.86 -48.63
N GLN L 43 27.32 -64.75 -49.60
CA GLN L 43 26.24 -64.57 -50.57
C GLN L 43 24.86 -64.46 -49.92
N SER L 44 24.70 -65.08 -48.76
CA SER L 44 23.43 -65.03 -48.03
C SER L 44 23.21 -63.72 -47.29
N GLY L 45 24.31 -63.04 -46.95
CA GLY L 45 24.21 -61.75 -46.27
C GLY L 45 25.13 -61.47 -45.10
N MET L 46 26.07 -62.37 -44.81
CA MET L 46 27.05 -62.16 -43.75
C MET L 46 28.04 -61.05 -44.09
N SER L 47 28.27 -60.17 -43.12
CA SER L 47 29.22 -59.08 -43.25
C SER L 47 30.41 -59.27 -42.31
N VAL L 48 30.16 -59.92 -41.18
CA VAL L 48 31.17 -60.11 -40.13
C VAL L 48 31.23 -61.57 -39.72
N ALA L 49 32.47 -62.08 -39.61
CA ALA L 49 32.72 -63.43 -39.11
C ALA L 49 33.11 -63.41 -37.64
N ARG L 50 32.26 -63.96 -36.78
CA ARG L 50 32.58 -64.04 -35.36
C ARG L 50 33.28 -65.35 -35.00
N MET L 51 34.40 -65.24 -34.31
CA MET L 51 35.13 -66.40 -33.79
C MET L 51 35.05 -66.37 -32.28
N ASN L 52 34.35 -67.35 -31.71
CA ASN L 52 34.19 -67.43 -30.27
C ASN L 52 35.36 -68.15 -29.62
N PHE L 53 36.16 -67.42 -28.85
CA PHE L 53 37.34 -68.00 -28.21
C PHE L 53 37.06 -68.77 -26.91
N SER L 54 35.79 -68.91 -26.56
CA SER L 54 35.38 -69.85 -25.51
C SER L 54 35.53 -71.30 -25.99
N HIS L 55 35.46 -71.47 -27.30
CA HIS L 55 35.47 -72.79 -27.94
C HIS L 55 36.59 -72.86 -28.97
N GLY L 56 36.95 -74.07 -29.38
CA GLY L 56 38.05 -74.28 -30.32
C GLY L 56 39.41 -73.96 -29.74
N SER L 57 40.40 -73.82 -30.62
CA SER L 57 41.76 -73.51 -30.23
C SER L 57 42.32 -72.45 -31.18
N HIS L 58 43.53 -71.98 -30.90
CA HIS L 58 44.20 -71.01 -31.78
C HIS L 58 44.35 -71.56 -33.19
N GLU L 59 44.61 -72.86 -33.29
CA GLU L 59 44.71 -73.55 -34.58
C GLU L 59 43.35 -73.70 -35.28
N TYR L 60 42.29 -73.97 -34.50
CA TYR L 60 40.95 -74.05 -35.08
C TYR L 60 40.51 -72.69 -35.61
N HIS L 61 40.78 -71.64 -34.84
CA HIS L 61 40.41 -70.28 -35.24
C HIS L 61 41.30 -69.71 -36.34
N GLN L 62 42.52 -70.24 -36.46
CA GLN L 62 43.42 -69.88 -37.57
C GLN L 62 42.85 -70.32 -38.90
N THR L 63 42.34 -71.55 -38.95
CA THR L 63 41.63 -72.09 -40.11
C THR L 63 40.50 -71.15 -40.53
N THR L 64 39.73 -70.69 -39.54
CA THR L 64 38.64 -69.74 -39.78
C THR L 64 39.18 -68.47 -40.43
N ILE L 65 40.23 -67.89 -39.85
CA ILE L 65 40.82 -66.65 -40.36
C ILE L 65 41.29 -66.82 -41.80
N ASN L 66 41.97 -67.94 -42.08
CA ASN L 66 42.41 -68.28 -43.42
C ASN L 66 41.21 -68.45 -44.38
N ASN L 67 40.23 -69.23 -43.94
CA ASN L 67 39.09 -69.58 -44.80
C ASN L 67 38.18 -68.39 -45.10
N VAL L 68 37.96 -67.53 -44.11
CA VAL L 68 37.13 -66.35 -44.30
C VAL L 68 37.76 -65.47 -45.37
N ARG L 69 39.06 -65.21 -45.23
CA ARG L 69 39.81 -64.38 -46.17
C ARG L 69 39.84 -64.98 -47.57
N GLN L 70 39.76 -66.30 -47.64
CA GLN L 70 39.78 -67.03 -48.89
C GLN L 70 38.43 -66.89 -49.60
N ALA L 71 37.36 -67.21 -48.88
CA ALA L 71 35.99 -67.01 -49.36
C ALA L 71 35.76 -65.59 -49.88
N ALA L 72 36.23 -64.60 -49.11
CA ALA L 72 36.06 -63.18 -49.44
C ALA L 72 36.89 -62.78 -50.67
N ALA L 73 38.12 -63.24 -50.74
CA ALA L 73 38.97 -62.96 -51.89
C ALA L 73 38.29 -63.47 -53.16
N GLU L 74 37.66 -64.65 -53.06
CA GLU L 74 37.05 -65.32 -54.21
C GLU L 74 35.78 -64.64 -54.70
N LEU L 75 35.10 -63.96 -53.80
CA LEU L 75 33.88 -63.23 -54.13
C LEU L 75 34.16 -61.74 -54.33
N GLY L 76 35.41 -61.35 -54.10
CA GLY L 76 35.84 -59.98 -54.27
C GLY L 76 35.14 -59.02 -53.34
N VAL L 77 34.92 -59.46 -52.10
CA VAL L 77 34.34 -58.58 -51.07
C VAL L 77 35.23 -58.50 -49.82
N ASN L 78 34.98 -57.50 -48.99
CA ASN L 78 35.70 -57.31 -47.74
C ASN L 78 34.83 -57.73 -46.56
N ILE L 79 35.28 -58.74 -45.85
CA ILE L 79 34.52 -59.31 -44.72
C ILE L 79 35.27 -59.04 -43.42
N ALA L 80 34.56 -58.55 -42.40
CA ALA L 80 35.18 -58.28 -41.11
C ALA L 80 35.42 -59.56 -40.31
N ILE L 81 36.56 -59.62 -39.64
CA ILE L 81 36.90 -60.74 -38.76
C ILE L 81 36.93 -60.25 -37.30
N ALA L 82 36.09 -60.86 -36.47
CA ALA L 82 35.94 -60.49 -35.06
C ALA L 82 36.36 -61.60 -34.10
N LEU L 83 37.10 -61.22 -33.07
CA LEU L 83 37.54 -62.17 -32.05
C LEU L 83 36.68 -61.97 -30.81
N ASP L 84 35.92 -63.00 -30.46
CA ASP L 84 35.07 -62.90 -29.28
C ASP L 84 35.78 -63.57 -28.11
N THR L 85 36.18 -62.78 -27.11
CA THR L 85 37.06 -63.25 -26.03
C THR L 85 36.37 -64.21 -25.08
N LYS L 86 37.15 -64.89 -24.25
CA LYS L 86 36.62 -65.65 -23.13
C LYS L 86 36.07 -64.70 -22.07
N GLY L 87 36.92 -63.79 -21.58
CA GLY L 87 36.56 -62.85 -20.53
C GLY L 87 36.43 -63.54 -19.18
N PRO L 88 36.00 -62.79 -18.15
CA PRO L 88 35.79 -63.32 -16.79
C PRO L 88 34.56 -64.22 -16.72
N GLU L 89 34.67 -65.39 -17.35
CA GLU L 89 33.54 -66.32 -17.47
C GLU L 89 33.78 -67.63 -16.75
N ILE L 90 32.70 -68.37 -16.52
CA ILE L 90 32.78 -69.72 -15.99
C ILE L 90 32.24 -70.69 -17.05
N ARG L 91 32.92 -71.82 -17.20
CA ARG L 91 32.51 -72.85 -18.15
C ARG L 91 32.49 -74.22 -17.49
N THR L 92 31.72 -75.15 -18.06
CA THR L 92 31.82 -76.55 -17.68
C THR L 92 32.95 -77.21 -18.47
N GLY L 93 33.31 -78.43 -18.10
CA GLY L 93 34.33 -79.18 -18.83
C GLY L 93 33.78 -79.84 -20.07
N GLN L 94 34.54 -80.80 -20.61
CA GLN L 94 34.13 -81.56 -21.78
C GLN L 94 33.42 -82.83 -21.33
N PHE L 95 32.62 -83.40 -22.24
CA PHE L 95 31.81 -84.57 -21.93
C PHE L 95 32.18 -85.74 -22.86
N VAL L 96 32.16 -86.95 -22.31
CA VAL L 96 32.41 -88.16 -23.10
C VAL L 96 31.28 -88.34 -24.12
N GLY L 97 31.66 -88.47 -25.39
CA GLY L 97 30.70 -88.60 -26.48
C GLY L 97 30.24 -87.26 -27.04
N GLY L 98 30.82 -86.17 -26.53
CA GLY L 98 30.52 -84.83 -27.03
C GLY L 98 29.49 -84.07 -26.21
N ASP L 99 28.60 -84.81 -25.53
CA ASP L 99 27.49 -84.21 -24.78
C ASP L 99 26.96 -85.11 -23.66
N ALA L 100 26.11 -84.53 -22.80
CA ALA L 100 25.47 -85.26 -21.70
C ALA L 100 23.96 -85.00 -21.68
N VAL L 101 23.19 -86.05 -21.39
CA VAL L 101 21.73 -85.94 -21.33
C VAL L 101 21.25 -85.76 -19.88
N MET L 102 20.86 -84.53 -19.55
CA MET L 102 20.38 -84.20 -18.21
C MET L 102 18.85 -84.38 -18.15
N GLU L 103 18.39 -85.04 -17.08
CA GLU L 103 16.97 -85.36 -16.94
C GLU L 103 16.36 -84.85 -15.64
N ARG L 104 15.23 -84.14 -15.79
CA ARG L 104 14.42 -83.66 -14.67
C ARG L 104 14.30 -84.73 -13.57
N GLY L 105 14.67 -84.34 -12.34
CA GLY L 105 14.56 -85.22 -11.18
C GLY L 105 15.72 -86.18 -10.97
N ALA L 106 16.81 -85.99 -11.71
CA ALA L 106 18.00 -86.82 -11.56
C ALA L 106 19.02 -86.17 -10.62
N THR L 107 20.08 -86.92 -10.30
CA THR L 107 21.10 -86.46 -9.37
C THR L 107 22.53 -86.56 -9.95
N CYS L 108 23.09 -85.39 -10.25
CA CYS L 108 24.44 -85.30 -10.81
C CYS L 108 25.45 -84.74 -9.79
N TYR L 109 26.71 -84.71 -10.18
CA TYR L 109 27.79 -84.20 -9.34
C TYR L 109 28.69 -83.25 -10.11
N VAL L 110 28.79 -82.01 -9.61
CA VAL L 110 29.68 -81.01 -10.21
C VAL L 110 30.96 -80.86 -9.39
N THR L 111 32.10 -80.83 -10.08
CA THR L 111 33.39 -80.82 -9.41
C THR L 111 34.34 -79.69 -9.85
N THR L 112 35.23 -79.33 -8.93
CA THR L 112 36.25 -78.32 -9.18
C THR L 112 37.59 -78.98 -9.51
N ASP L 113 37.66 -80.30 -9.33
CA ASP L 113 38.86 -81.09 -9.65
C ASP L 113 39.06 -81.16 -11.16
N PRO L 114 40.19 -80.60 -11.66
CA PRO L 114 40.47 -80.43 -13.09
C PRO L 114 40.71 -81.74 -13.87
N ALA L 115 41.04 -82.82 -13.17
CA ALA L 115 41.26 -84.13 -13.80
C ALA L 115 39.98 -84.74 -14.39
N PHE L 116 38.84 -84.11 -14.07
CA PHE L 116 37.54 -84.53 -14.59
C PHE L 116 37.05 -83.63 -15.72
N ALA L 117 37.97 -82.86 -16.30
CA ALA L 117 37.65 -81.86 -17.33
C ALA L 117 37.41 -82.44 -18.73
N ASP L 118 37.99 -83.60 -19.00
CA ASP L 118 37.90 -84.25 -20.31
C ASP L 118 37.04 -85.51 -20.30
N LYS L 119 36.53 -85.87 -19.12
CA LYS L 119 35.79 -87.12 -18.92
C LYS L 119 34.44 -86.91 -18.21
N GLY L 120 33.74 -85.84 -18.57
CA GLY L 120 32.46 -85.51 -17.96
C GLY L 120 31.30 -86.35 -18.50
N THR L 121 30.35 -86.64 -17.62
CA THR L 121 29.12 -87.36 -18.01
C THR L 121 27.90 -86.64 -17.43
N LYS L 122 26.71 -87.24 -17.59
CA LYS L 122 25.49 -86.70 -16.98
C LYS L 122 25.49 -86.88 -15.47
N ASP L 123 26.42 -87.72 -14.98
CA ASP L 123 26.52 -88.05 -13.56
C ASP L 123 27.60 -87.24 -12.81
N LYS L 124 28.71 -86.96 -13.50
CA LYS L 124 29.78 -86.15 -12.91
C LYS L 124 30.52 -85.35 -13.98
N PHE L 125 30.63 -84.03 -13.76
CA PHE L 125 31.37 -83.15 -14.68
C PHE L 125 32.04 -81.94 -14.00
N TYR L 126 32.93 -81.29 -14.74
CA TYR L 126 33.80 -80.25 -14.22
C TYR L 126 33.26 -78.84 -14.47
N ILE L 127 33.54 -77.94 -13.53
CA ILE L 127 33.27 -76.50 -13.67
C ILE L 127 34.55 -75.73 -13.26
N ASP L 128 34.99 -74.82 -14.12
CA ASP L 128 36.32 -74.22 -13.98
C ASP L 128 36.50 -73.15 -12.88
N TYR L 129 35.41 -72.69 -12.27
CA TYR L 129 35.52 -71.72 -11.18
C TYR L 129 35.99 -72.38 -9.89
N GLN L 130 37.22 -72.05 -9.50
CA GLN L 130 37.97 -72.79 -8.49
C GLN L 130 37.46 -72.68 -7.04
N ASN L 131 36.75 -71.59 -6.74
CA ASN L 131 36.10 -71.45 -5.43
C ASN L 131 34.57 -71.44 -5.56
N LEU L 132 34.04 -72.41 -6.28
CA LEU L 132 32.61 -72.61 -6.44
C LEU L 132 31.96 -73.02 -5.11
N SER L 133 32.71 -73.78 -4.31
CA SER L 133 32.22 -74.32 -3.03
C SER L 133 31.93 -73.26 -1.98
N LYS L 134 32.81 -72.26 -1.88
CA LYS L 134 32.64 -71.16 -0.93
C LYS L 134 31.83 -70.00 -1.52
N VAL L 135 30.99 -70.32 -2.52
CA VAL L 135 30.14 -69.32 -3.16
C VAL L 135 28.66 -69.75 -3.11
N VAL L 136 28.40 -71.05 -3.29
CA VAL L 136 27.01 -71.56 -3.24
C VAL L 136 26.70 -72.43 -2.02
N ARG L 137 25.57 -72.12 -1.38
CA ARG L 137 25.04 -72.88 -0.26
C ARG L 137 24.08 -73.97 -0.76
N PRO L 138 23.88 -75.04 0.05
CA PRO L 138 22.86 -76.04 -0.27
C PRO L 138 21.47 -75.42 -0.43
N GLY L 139 20.87 -75.61 -1.60
CA GLY L 139 19.56 -75.04 -1.90
C GLY L 139 19.63 -74.05 -3.05
N ASN L 140 20.80 -73.43 -3.22
CA ASN L 140 21.02 -72.45 -4.28
C ASN L 140 21.04 -73.06 -5.68
N TYR L 141 20.83 -72.23 -6.70
CA TYR L 141 20.76 -72.70 -8.08
C TYR L 141 22.03 -72.41 -8.87
N ILE L 142 22.46 -73.39 -9.66
CA ILE L 142 23.56 -73.22 -10.59
C ILE L 142 22.97 -73.21 -11.99
N TYR L 143 23.29 -72.18 -12.76
CA TYR L 143 22.70 -71.94 -14.06
C TYR L 143 23.65 -72.39 -15.16
N ILE L 144 23.14 -73.20 -16.08
CA ILE L 144 23.96 -73.83 -17.12
C ILE L 144 23.36 -73.59 -18.50
N ASP L 145 24.20 -73.24 -19.47
CA ASP L 145 23.81 -73.06 -20.87
C ASP L 145 22.90 -71.84 -21.09
N ASP L 146 23.38 -70.67 -20.70
CA ASP L 146 22.58 -69.42 -20.73
C ASP L 146 21.28 -69.60 -19.96
N GLY L 147 21.38 -70.27 -18.80
CA GLY L 147 20.27 -70.43 -17.87
C GLY L 147 19.16 -71.35 -18.34
N ILE L 148 19.42 -72.11 -19.40
CA ILE L 148 18.46 -73.09 -19.91
C ILE L 148 18.33 -74.23 -18.90
N LEU L 149 19.47 -74.71 -18.42
CA LEU L 149 19.50 -75.74 -17.39
C LEU L 149 19.79 -75.13 -16.02
N ILE L 150 18.97 -75.51 -15.04
CA ILE L 150 19.21 -75.14 -13.65
C ILE L 150 19.46 -76.39 -12.79
N LEU L 151 20.56 -76.38 -12.05
CA LEU L 151 20.84 -77.40 -11.05
C LEU L 151 20.63 -76.83 -9.66
N GLN L 152 20.13 -77.66 -8.75
CA GLN L 152 19.94 -77.24 -7.36
C GLN L 152 20.85 -78.04 -6.43
N VAL L 153 21.72 -77.33 -5.72
CA VAL L 153 22.63 -77.93 -4.75
C VAL L 153 21.86 -78.57 -3.60
N GLN L 154 22.22 -79.81 -3.29
CA GLN L 154 21.57 -80.56 -2.20
C GLN L 154 22.46 -80.66 -0.96
N SER L 155 23.75 -80.95 -1.17
CA SER L 155 24.73 -81.00 -0.08
C SER L 155 26.16 -81.04 -0.60
N HIS L 156 27.12 -80.97 0.33
CA HIS L 156 28.54 -81.05 0.01
C HIS L 156 29.05 -82.48 0.16
N GLU L 157 29.67 -82.98 -0.90
CA GLU L 157 30.35 -84.28 -0.87
C GLU L 157 31.70 -84.12 -0.18
N ASP L 158 32.57 -83.32 -0.79
CA ASP L 158 33.83 -82.90 -0.20
C ASP L 158 34.07 -81.43 -0.52
N GLU L 159 35.32 -80.98 -0.35
CA GLU L 159 35.70 -79.59 -0.59
C GLU L 159 35.71 -79.23 -2.10
N GLN L 160 35.47 -80.23 -2.95
CA GLN L 160 35.52 -80.05 -4.40
C GLN L 160 34.24 -80.45 -5.13
N THR L 161 33.55 -81.48 -4.64
CA THR L 161 32.37 -82.03 -5.32
C THR L 161 31.06 -81.63 -4.62
N LEU L 162 30.04 -81.35 -5.44
CA LEU L 162 28.71 -80.99 -4.95
C LEU L 162 27.65 -81.96 -5.46
N GLU L 163 26.74 -82.35 -4.56
CA GLU L 163 25.59 -83.19 -4.92
C GLU L 163 24.42 -82.30 -5.36
N CYS L 164 24.00 -82.45 -6.62
CA CYS L 164 22.98 -81.57 -7.20
C CYS L 164 21.80 -82.28 -7.84
N THR L 165 20.64 -81.61 -7.80
CA THR L 165 19.41 -82.08 -8.44
C THR L 165 19.24 -81.39 -9.80
N VAL L 166 18.93 -82.20 -10.82
CA VAL L 166 18.61 -81.66 -12.15
C VAL L 166 17.12 -81.29 -12.15
N THR L 167 16.83 -79.99 -12.16
CA THR L 167 15.46 -79.49 -12.00
C THR L 167 14.64 -79.53 -13.29
N ASN L 168 15.31 -79.66 -14.43
CA ASN L 168 14.65 -79.75 -15.74
C ASN L 168 15.47 -80.54 -16.76
N SER L 169 14.79 -81.18 -17.69
CA SER L 169 15.44 -82.00 -18.72
C SER L 169 16.03 -81.16 -19.85
N HIS L 170 17.33 -81.33 -20.09
CA HIS L 170 18.07 -80.59 -21.14
C HIS L 170 19.38 -81.30 -21.49
N THR L 171 19.78 -81.24 -22.76
CA THR L 171 21.04 -81.84 -23.21
C THR L 171 22.13 -80.76 -23.37
N ILE L 172 23.24 -80.96 -22.65
CA ILE L 172 24.35 -79.99 -22.62
C ILE L 172 25.59 -80.52 -23.36
N SER L 173 26.27 -79.61 -24.08
CA SER L 173 27.47 -79.93 -24.84
C SER L 173 28.75 -79.41 -24.17
N ASP L 174 29.90 -79.71 -24.77
CA ASP L 174 31.21 -79.28 -24.28
C ASP L 174 31.29 -77.77 -24.03
N ARG L 175 31.94 -77.39 -22.93
CA ARG L 175 32.19 -75.99 -22.55
C ARG L 175 30.89 -75.17 -22.47
N ARG L 176 30.03 -75.56 -21.53
CA ARG L 176 28.76 -74.89 -21.32
C ARG L 176 28.95 -73.74 -20.34
N GLY L 177 28.43 -72.57 -20.69
CA GLY L 177 28.54 -71.38 -19.84
C GLY L 177 27.75 -71.53 -18.57
N VAL L 178 28.36 -71.13 -17.45
CA VAL L 178 27.70 -71.19 -16.14
C VAL L 178 27.60 -69.80 -15.47
N ASN L 179 26.44 -69.54 -14.86
CA ASN L 179 26.14 -68.24 -14.28
C ASN L 179 25.74 -68.34 -12.82
N LEU L 180 26.24 -67.39 -12.03
CA LEU L 180 25.86 -67.26 -10.62
C LEU L 180 25.32 -65.86 -10.33
N PRO L 181 24.03 -65.61 -10.69
CA PRO L 181 23.37 -64.32 -10.48
C PRO L 181 23.52 -63.79 -9.06
N GLY L 182 24.02 -62.55 -8.95
CA GLY L 182 24.21 -61.86 -7.67
C GLY L 182 25.14 -62.57 -6.71
N CYS L 183 26.36 -62.86 -7.15
CA CYS L 183 27.31 -63.62 -6.33
C CYS L 183 28.66 -62.97 -6.05
N ASP L 184 29.05 -62.01 -6.89
CA ASP L 184 30.36 -61.33 -6.75
C ASP L 184 31.49 -62.36 -6.95
N VAL L 185 31.66 -62.78 -8.20
CA VAL L 185 32.70 -63.74 -8.57
C VAL L 185 34.06 -63.05 -8.65
N ASP L 186 35.06 -63.67 -8.03
CA ASP L 186 36.39 -63.11 -7.97
C ASP L 186 37.17 -63.39 -9.27
N LEU L 187 36.66 -62.88 -10.38
CA LEU L 187 37.30 -63.06 -11.68
C LEU L 187 37.93 -61.76 -12.21
N PRO L 188 39.18 -61.83 -12.72
CA PRO L 188 39.93 -60.64 -13.14
C PRO L 188 39.36 -59.93 -14.37
N ALA L 189 39.73 -58.66 -14.53
CA ALA L 189 39.33 -57.84 -15.67
C ALA L 189 39.77 -58.46 -16.99
N VAL L 190 41.08 -58.60 -17.15
CA VAL L 190 41.64 -59.34 -18.28
C VAL L 190 42.65 -60.40 -17.77
N SER L 191 42.30 -61.67 -17.98
CA SER L 191 43.06 -62.80 -17.47
C SER L 191 44.26 -63.14 -18.36
N ALA L 192 45.04 -64.14 -17.93
CA ALA L 192 46.20 -64.62 -18.67
C ALA L 192 45.79 -65.25 -20.01
N LYS L 193 44.69 -65.99 -20.01
CA LYS L 193 44.16 -66.62 -21.23
C LYS L 193 43.67 -65.56 -22.21
N ASP L 194 42.98 -64.55 -21.69
CA ASP L 194 42.52 -63.41 -22.48
C ASP L 194 43.66 -62.65 -23.13
N ARG L 195 44.74 -62.48 -22.39
CA ARG L 195 45.90 -61.74 -22.87
C ARG L 195 46.64 -62.49 -23.97
N VAL L 196 46.64 -63.83 -23.87
CA VAL L 196 47.20 -64.70 -24.91
C VAL L 196 46.28 -64.70 -26.13
N ASP L 197 44.98 -64.74 -25.89
CA ASP L 197 43.98 -64.66 -26.96
C ASP L 197 44.02 -63.34 -27.73
N LEU L 198 44.13 -62.21 -27.02
CA LEU L 198 44.20 -60.89 -27.66
C LEU L 198 45.46 -60.73 -28.51
N GLN L 199 46.59 -61.18 -27.97
CA GLN L 199 47.86 -61.10 -28.68
C GLN L 199 47.80 -61.86 -30.01
N PHE L 200 47.21 -63.05 -29.98
CA PHE L 200 46.92 -63.81 -31.20
C PHE L 200 46.12 -62.97 -32.21
N GLY L 201 45.14 -62.23 -31.71
CA GLY L 201 44.31 -61.38 -32.56
C GLY L 201 45.08 -60.26 -33.24
N VAL L 202 46.01 -59.66 -32.50
CA VAL L 202 46.84 -58.58 -33.02
C VAL L 202 47.72 -59.16 -34.12
N GLU L 203 48.49 -60.19 -33.76
CA GLU L 203 49.31 -60.97 -34.66
C GLU L 203 48.60 -61.43 -35.94
N GLN L 204 47.32 -61.80 -35.84
CA GLN L 204 46.59 -62.27 -37.01
C GLN L 204 45.77 -61.19 -37.73
N GLY L 205 45.92 -59.94 -37.29
CA GLY L 205 45.32 -58.80 -37.96
C GLY L 205 43.80 -58.75 -37.94
N VAL L 206 43.20 -59.17 -36.82
CA VAL L 206 41.74 -59.11 -36.68
C VAL L 206 41.25 -57.65 -36.74
N ASP L 207 39.97 -57.47 -37.06
CA ASP L 207 39.40 -56.13 -37.26
C ASP L 207 38.79 -55.54 -36.00
N MET L 208 38.29 -56.40 -35.12
CA MET L 208 37.61 -55.97 -33.91
C MET L 208 37.57 -57.09 -32.87
N ILE L 209 37.57 -56.68 -31.60
CA ILE L 209 37.44 -57.61 -30.48
C ILE L 209 36.04 -57.48 -29.91
N PHE L 210 35.34 -58.61 -29.79
CA PHE L 210 34.10 -58.65 -29.01
C PHE L 210 34.49 -59.05 -27.57
N ALA L 211 34.77 -58.05 -26.75
CA ALA L 211 35.23 -58.27 -25.38
C ALA L 211 34.07 -58.71 -24.47
N SER L 212 34.15 -59.95 -23.99
CA SER L 212 33.12 -60.52 -23.11
C SER L 212 33.11 -59.94 -21.70
N PHE L 213 31.91 -59.92 -21.12
CA PHE L 213 31.67 -59.52 -19.72
C PHE L 213 32.33 -58.20 -19.28
N ILE L 214 32.17 -57.17 -20.09
CA ILE L 214 32.64 -55.83 -19.74
C ILE L 214 31.82 -55.24 -18.59
N ARG L 215 32.50 -54.94 -17.49
CA ARG L 215 31.88 -54.46 -16.26
C ARG L 215 32.12 -52.96 -16.03
N SER L 216 33.20 -52.43 -16.61
CA SER L 216 33.61 -51.06 -16.33
C SER L 216 34.54 -50.46 -17.38
N ALA L 217 34.61 -49.13 -17.38
CA ALA L 217 35.51 -48.36 -18.24
C ALA L 217 36.98 -48.76 -18.07
N GLU L 218 37.43 -48.91 -16.83
CA GLU L 218 38.83 -49.27 -16.55
C GLU L 218 39.20 -50.61 -17.18
N GLN L 219 38.23 -51.54 -17.19
CA GLN L 219 38.41 -52.84 -17.82
C GLN L 219 38.63 -52.72 -19.33
N VAL L 220 37.88 -51.81 -19.97
CA VAL L 220 38.04 -51.53 -21.40
C VAL L 220 39.48 -51.08 -21.69
N GLY L 221 39.96 -50.13 -20.89
CA GLY L 221 41.34 -49.64 -20.99
C GLY L 221 42.39 -50.70 -20.73
N ASP L 222 42.00 -51.75 -20.00
CA ASP L 222 42.88 -52.90 -19.80
C ASP L 222 43.04 -53.67 -21.11
N VAL L 223 41.92 -53.89 -21.80
CA VAL L 223 41.92 -54.59 -23.09
C VAL L 223 42.75 -53.82 -24.13
N ARG L 224 42.57 -52.50 -24.18
CA ARG L 224 43.29 -51.65 -25.13
C ARG L 224 44.79 -51.70 -24.89
N LYS L 225 45.16 -51.67 -23.60
CA LYS L 225 46.55 -51.78 -23.17
C LYS L 225 47.12 -53.15 -23.53
N ALA L 226 46.28 -54.19 -23.42
CA ALA L 226 46.66 -55.54 -23.77
C ALA L 226 46.86 -55.71 -25.28
N LEU L 227 46.04 -55.00 -26.07
CA LEU L 227 46.20 -55.00 -27.53
C LEU L 227 47.50 -54.31 -27.98
N GLY L 228 48.04 -53.44 -27.13
CA GLY L 228 49.33 -52.77 -27.38
C GLY L 228 49.34 -51.80 -28.54
N PRO L 229 50.53 -51.21 -28.82
CA PRO L 229 50.68 -50.23 -29.91
C PRO L 229 50.33 -50.81 -31.29
N LYS L 230 50.74 -52.06 -31.52
CA LYS L 230 50.42 -52.77 -32.77
C LYS L 230 48.93 -53.03 -32.97
N GLY L 231 48.13 -52.90 -31.91
CA GLY L 231 46.67 -53.10 -31.99
C GLY L 231 45.84 -51.83 -31.84
N ARG L 232 46.50 -50.68 -31.90
CA ARG L 232 45.87 -49.36 -31.72
C ARG L 232 44.60 -49.12 -32.56
N ASP L 233 44.54 -49.74 -33.74
CA ASP L 233 43.48 -49.47 -34.71
C ASP L 233 42.41 -50.56 -34.73
N ILE L 234 42.48 -51.49 -33.79
CA ILE L 234 41.49 -52.55 -33.69
C ILE L 234 40.37 -52.07 -32.79
N MET L 235 39.14 -52.11 -33.28
CA MET L 235 37.98 -51.70 -32.51
C MET L 235 37.74 -52.69 -31.36
N ILE L 236 37.39 -52.15 -30.19
CA ILE L 236 36.91 -52.97 -29.08
C ILE L 236 35.41 -52.75 -28.96
N ILE L 237 34.65 -53.83 -29.15
CA ILE L 237 33.21 -53.79 -29.04
C ILE L 237 32.85 -54.46 -27.72
N CYS L 238 32.13 -53.75 -26.88
CA CYS L 238 31.92 -54.23 -25.51
C CYS L 238 30.64 -55.05 -25.30
N LYS L 239 30.83 -56.26 -24.77
CA LYS L 239 29.71 -57.14 -24.51
C LYS L 239 29.13 -56.86 -23.13
N ILE L 240 27.86 -56.46 -23.12
CA ILE L 240 27.13 -56.18 -21.89
C ILE L 240 26.29 -57.40 -21.53
N GLU L 241 26.72 -58.10 -20.49
CA GLU L 241 26.07 -59.35 -20.10
C GLU L 241 26.04 -59.60 -18.58
N ASN L 242 26.12 -58.52 -17.80
CA ASN L 242 25.94 -58.58 -16.36
C ASN L 242 25.38 -57.31 -15.76
N HIS L 243 24.92 -57.43 -14.52
CA HIS L 243 24.28 -56.36 -13.77
C HIS L 243 25.07 -55.04 -13.73
N GLN L 244 26.39 -55.13 -13.56
CA GLN L 244 27.22 -53.93 -13.44
C GLN L 244 27.57 -53.28 -14.79
N GLY L 245 27.67 -54.08 -15.84
CA GLY L 245 27.86 -53.59 -17.21
C GLY L 245 26.71 -52.70 -17.69
N VAL L 246 25.48 -53.06 -17.30
CA VAL L 246 24.31 -52.23 -17.59
C VAL L 246 24.38 -50.95 -16.77
N GLN L 247 24.79 -51.08 -15.50
CA GLN L 247 24.88 -49.97 -14.57
C GLN L 247 25.92 -48.94 -15.00
N ASN L 248 27.07 -49.41 -15.49
CA ASN L 248 28.17 -48.53 -15.89
C ASN L 248 28.19 -48.21 -17.38
N ILE L 249 27.02 -48.30 -18.03
CA ILE L 249 26.94 -48.26 -19.49
C ILE L 249 27.48 -46.98 -20.17
N ASP L 250 27.28 -45.82 -19.54
CA ASP L 250 27.69 -44.55 -20.12
C ASP L 250 29.20 -44.42 -20.20
N SER L 251 29.88 -44.81 -19.12
CA SER L 251 31.34 -44.77 -19.07
C SER L 251 31.96 -45.86 -19.96
N ILE L 252 31.25 -46.98 -20.11
CA ILE L 252 31.71 -48.05 -21.01
C ILE L 252 31.57 -47.65 -22.48
N ILE L 253 30.41 -47.08 -22.85
CA ILE L 253 30.18 -46.53 -24.20
C ILE L 253 31.24 -45.47 -24.56
N GLU L 254 31.57 -44.63 -23.57
CA GLU L 254 32.56 -43.59 -23.73
C GLU L 254 33.92 -44.14 -24.15
N GLU L 255 34.35 -45.22 -23.50
CA GLU L 255 35.69 -45.79 -23.69
C GLU L 255 35.81 -46.74 -24.89
N SER L 256 34.72 -47.43 -25.20
CA SER L 256 34.70 -48.44 -26.25
C SER L 256 34.37 -47.86 -27.62
N ASP L 257 34.44 -48.72 -28.63
CA ASP L 257 34.10 -48.36 -30.00
C ASP L 257 32.71 -48.85 -30.38
N GLY L 258 31.98 -49.42 -29.42
CA GLY L 258 30.65 -49.99 -29.66
C GLY L 258 30.25 -50.99 -28.59
N ILE L 259 29.05 -51.55 -28.75
CA ILE L 259 28.41 -52.35 -27.71
C ILE L 259 27.65 -53.51 -28.34
N MET L 260 27.68 -54.67 -27.66
CA MET L 260 26.79 -55.77 -27.98
C MET L 260 25.84 -56.01 -26.80
N VAL L 261 24.53 -55.97 -27.08
CA VAL L 261 23.55 -56.44 -26.12
C VAL L 261 23.63 -57.97 -26.17
N ALA L 262 24.46 -58.55 -25.31
CA ALA L 262 24.69 -59.99 -25.28
C ALA L 262 23.62 -60.65 -24.41
N ARG L 263 22.45 -60.88 -25.01
CA ARG L 263 21.24 -61.28 -24.25
C ARG L 263 21.29 -62.68 -23.65
N GLY L 264 22.24 -63.50 -24.11
CA GLY L 264 22.43 -64.86 -23.59
C GLY L 264 22.73 -64.86 -22.11
N ASP L 265 23.94 -64.45 -21.76
CA ASP L 265 24.35 -64.30 -20.38
C ASP L 265 23.50 -63.24 -19.65
N LEU L 266 23.16 -62.16 -20.35
CA LEU L 266 22.39 -61.07 -19.75
C LEU L 266 21.05 -61.56 -19.22
N GLY L 267 20.38 -62.45 -19.96
CA GLY L 267 19.09 -63.00 -19.57
C GLY L 267 19.08 -63.96 -18.38
N VAL L 268 20.26 -64.36 -17.93
CA VAL L 268 20.37 -65.15 -16.70
C VAL L 268 20.84 -64.26 -15.57
N GLU L 269 21.77 -63.37 -15.88
CA GLU L 269 22.37 -62.46 -14.91
C GLU L 269 21.35 -61.47 -14.32
N ILE L 270 20.46 -60.94 -15.15
CA ILE L 270 19.32 -60.15 -14.67
C ILE L 270 18.02 -60.86 -15.10
N PRO L 271 16.88 -60.53 -14.44
CA PRO L 271 15.62 -61.15 -14.88
C PRO L 271 15.42 -61.04 -16.38
N ALA L 272 14.93 -62.13 -16.97
CA ALA L 272 14.77 -62.25 -18.42
C ALA L 272 13.96 -61.11 -19.01
N GLU L 273 12.88 -60.71 -18.34
CA GLU L 273 11.99 -59.67 -18.86
C GLU L 273 12.63 -58.27 -18.86
N LYS L 274 13.66 -58.07 -18.06
CA LYS L 274 14.35 -56.78 -17.99
C LYS L 274 15.34 -56.57 -19.14
N VAL L 275 15.60 -57.62 -19.89
CA VAL L 275 16.55 -57.60 -21.02
C VAL L 275 16.00 -56.77 -22.18
N VAL L 276 14.68 -56.72 -22.28
CA VAL L 276 13.97 -55.95 -23.29
C VAL L 276 14.21 -54.45 -23.10
N VAL L 277 14.08 -54.00 -21.87
CA VAL L 277 14.30 -52.60 -21.50
C VAL L 277 15.78 -52.26 -21.64
N ALA L 278 16.64 -53.18 -21.24
CA ALA L 278 18.09 -53.00 -21.36
C ALA L 278 18.50 -52.95 -22.83
N GLN L 279 17.81 -53.73 -23.67
CA GLN L 279 18.04 -53.67 -25.11
C GLN L 279 17.72 -52.25 -25.65
N LYS L 280 16.53 -51.76 -25.35
CA LYS L 280 16.10 -50.43 -25.79
C LYS L 280 17.10 -49.36 -25.38
N ILE L 281 17.41 -49.34 -24.08
CA ILE L 281 18.32 -48.38 -23.48
C ILE L 281 19.69 -48.35 -24.18
N LEU L 282 20.38 -49.48 -24.25
CA LEU L 282 21.76 -49.53 -24.76
C LEU L 282 21.83 -49.20 -26.23
N ILE L 283 20.79 -49.56 -26.98
CA ILE L 283 20.75 -49.29 -28.41
C ILE L 283 20.55 -47.78 -28.63
N SER L 284 19.59 -47.21 -27.91
CA SER L 284 19.35 -45.75 -27.97
C SER L 284 20.59 -44.93 -27.58
N LYS L 285 21.27 -45.33 -26.50
CA LYS L 285 22.47 -44.63 -26.05
C LYS L 285 23.62 -44.68 -27.06
N CYS L 286 23.74 -45.81 -27.76
CA CYS L 286 24.75 -45.96 -28.80
C CYS L 286 24.45 -45.14 -30.04
N ASN L 287 23.18 -45.14 -30.44
CA ASN L 287 22.69 -44.30 -31.54
C ASN L 287 23.04 -42.83 -31.32
N VAL L 288 22.73 -42.34 -30.12
CA VAL L 288 22.98 -40.94 -29.74
C VAL L 288 24.48 -40.63 -29.71
N ALA L 289 25.27 -41.58 -29.22
CA ALA L 289 26.72 -41.43 -29.14
C ALA L 289 27.40 -41.65 -30.48
N GLY L 290 26.68 -42.29 -31.40
CA GLY L 290 27.19 -42.53 -32.74
C GLY L 290 28.15 -43.70 -32.80
N LYS L 291 27.92 -44.69 -31.95
CA LYS L 291 28.74 -45.91 -31.95
C LYS L 291 27.93 -47.15 -32.31
N PRO L 292 28.52 -48.07 -33.10
CA PRO L 292 27.92 -49.33 -33.53
C PRO L 292 27.32 -50.12 -32.37
N VAL L 293 26.11 -50.66 -32.57
CA VAL L 293 25.48 -51.48 -31.54
C VAL L 293 24.88 -52.76 -32.11
N ILE L 294 25.21 -53.88 -31.46
CA ILE L 294 24.81 -55.21 -31.92
C ILE L 294 23.77 -55.85 -30.99
N CYS L 295 22.67 -56.35 -31.57
CA CYS L 295 21.73 -57.21 -30.85
C CYS L 295 22.12 -58.67 -31.12
N ALA L 296 22.26 -59.46 -30.05
CA ALA L 296 22.76 -60.84 -30.18
C ALA L 296 21.97 -61.88 -29.39
N THR L 297 22.05 -63.13 -29.84
CA THR L 297 21.64 -64.33 -29.08
C THR L 297 20.16 -64.74 -29.18
N GLN L 298 19.93 -65.89 -29.78
CA GLN L 298 18.63 -66.55 -29.81
C GLN L 298 17.62 -65.92 -30.71
N MET L 299 18.07 -65.18 -31.69
CA MET L 299 17.21 -64.39 -32.55
C MET L 299 16.45 -65.23 -33.56
N LEU L 300 17.14 -66.18 -34.18
CA LEU L 300 16.49 -67.17 -35.04
C LEU L 300 16.77 -68.60 -34.55
N GLU L 301 16.61 -68.79 -33.24
CA GLU L 301 17.05 -70.00 -32.52
C GLU L 301 16.52 -71.31 -33.10
N SER L 302 15.23 -71.37 -33.41
CA SER L 302 14.63 -72.60 -33.96
C SER L 302 15.20 -72.97 -35.34
N MET L 303 15.82 -72.00 -36.02
CA MET L 303 16.41 -72.24 -37.32
C MET L 303 17.77 -72.98 -37.25
N THR L 304 18.17 -73.39 -36.06
CA THR L 304 19.27 -74.31 -35.86
C THR L 304 18.83 -75.71 -36.36
N TYR L 305 17.53 -75.98 -36.24
CA TYR L 305 16.97 -77.30 -36.51
C TYR L 305 15.91 -77.28 -37.62
N ASN L 306 15.35 -76.10 -37.91
CA ASN L 306 14.27 -75.96 -38.88
C ASN L 306 14.59 -74.98 -40.00
N PRO L 307 14.06 -75.21 -41.22
CA PRO L 307 14.32 -74.31 -42.35
C PRO L 307 13.52 -73.01 -42.28
N ARG L 308 12.63 -72.90 -41.29
CA ARG L 308 11.81 -71.71 -41.11
C ARG L 308 11.68 -71.31 -39.62
N PRO L 309 11.75 -70.00 -39.33
CA PRO L 309 11.77 -69.52 -37.94
C PRO L 309 10.35 -69.50 -37.37
N THR L 310 10.23 -69.15 -36.09
CA THR L 310 8.93 -68.98 -35.44
C THR L 310 8.44 -67.53 -35.55
N ARG L 311 7.18 -67.28 -35.21
CA ARG L 311 6.64 -65.94 -35.29
C ARG L 311 7.36 -64.99 -34.31
N ALA L 312 7.62 -65.46 -33.10
CA ALA L 312 8.33 -64.67 -32.10
C ALA L 312 9.73 -64.28 -32.59
N GLU L 313 10.34 -65.15 -33.38
CA GLU L 313 11.71 -64.93 -33.86
C GLU L 313 11.80 -63.89 -34.98
N VAL L 314 10.81 -63.91 -35.87
CA VAL L 314 10.70 -62.97 -36.98
C VAL L 314 10.57 -61.59 -36.38
N SER L 315 9.57 -61.48 -35.50
CA SER L 315 9.26 -60.29 -34.73
C SER L 315 10.44 -59.70 -33.94
N ASP L 316 11.30 -60.56 -33.38
CA ASP L 316 12.48 -60.16 -32.60
C ASP L 316 13.60 -59.55 -33.47
N VAL L 317 13.77 -60.11 -34.67
CA VAL L 317 14.75 -59.56 -35.62
C VAL L 317 14.23 -58.20 -36.12
N ALA L 318 12.94 -58.10 -36.43
CA ALA L 318 12.39 -56.83 -36.92
C ALA L 318 12.48 -55.72 -35.87
N ASN L 319 12.09 -56.05 -34.65
CA ASN L 319 12.13 -55.11 -33.55
C ASN L 319 13.56 -54.71 -33.13
N ALA L 320 14.55 -55.52 -33.48
CA ALA L 320 15.94 -55.11 -33.23
C ALA L 320 16.26 -53.95 -34.16
N VAL L 321 15.90 -54.09 -35.43
CA VAL L 321 16.04 -53.05 -36.44
C VAL L 321 15.25 -51.79 -36.06
N PHE L 322 14.01 -51.96 -35.59
CA PHE L 322 13.20 -50.84 -35.13
C PHE L 322 13.83 -50.15 -33.91
N ASN L 323 14.56 -50.93 -33.10
CA ASN L 323 15.12 -50.42 -31.85
C ASN L 323 16.21 -49.41 -32.14
N GLY L 324 16.99 -49.67 -33.21
CA GLY L 324 18.06 -48.80 -33.67
C GLY L 324 19.40 -49.48 -33.84
N ALA L 325 19.38 -50.81 -33.95
CA ALA L 325 20.61 -51.59 -34.01
C ALA L 325 21.25 -51.52 -35.39
N ASP L 326 22.57 -51.32 -35.39
CA ASP L 326 23.37 -51.43 -36.61
C ASP L 326 23.41 -52.90 -37.05
N CYS L 327 23.55 -53.81 -36.10
CA CYS L 327 23.72 -55.24 -36.38
C CYS L 327 22.80 -56.19 -35.64
N VAL L 328 22.51 -57.30 -36.29
CA VAL L 328 21.90 -58.43 -35.64
C VAL L 328 22.83 -59.62 -35.80
N MET L 329 22.82 -60.51 -34.82
CA MET L 329 23.83 -61.56 -34.77
C MET L 329 23.26 -62.96 -34.81
N LEU L 330 24.04 -63.87 -35.40
CA LEU L 330 23.74 -65.31 -35.34
C LEU L 330 24.85 -66.06 -34.61
N SER L 331 24.45 -66.95 -33.70
CA SER L 331 25.41 -67.72 -32.89
C SER L 331 25.37 -69.21 -33.24
N GLY L 332 24.64 -69.98 -32.44
CA GLY L 332 24.49 -71.42 -32.66
C GLY L 332 23.93 -71.72 -34.05
N GLU L 333 23.08 -70.82 -34.54
CA GLU L 333 22.35 -70.99 -35.80
C GLU L 333 23.29 -71.22 -36.98
N THR L 334 24.44 -70.54 -36.96
CA THR L 334 25.44 -70.71 -38.00
C THR L 334 26.64 -71.54 -37.52
N ALA L 335 26.89 -71.53 -36.22
CA ALA L 335 28.02 -72.28 -35.66
C ALA L 335 27.81 -73.80 -35.79
N LYS L 336 26.62 -74.27 -35.48
CA LYS L 336 26.32 -75.70 -35.50
C LYS L 336 24.90 -76.02 -35.94
N GLY L 337 24.36 -75.23 -36.86
CA GLY L 337 23.01 -75.40 -37.34
C GLY L 337 22.88 -76.18 -38.63
N LYS L 338 21.68 -76.72 -38.85
CA LYS L 338 21.38 -77.48 -40.07
C LYS L 338 21.17 -76.60 -41.29
N TYR L 339 20.83 -75.32 -41.07
CA TYR L 339 20.45 -74.41 -42.17
C TYR L 339 21.18 -73.06 -42.22
N PRO L 340 22.51 -73.07 -42.34
CA PRO L 340 23.29 -71.84 -42.17
C PRO L 340 22.94 -70.76 -43.19
N ASN L 341 22.74 -71.15 -44.45
CA ASN L 341 22.40 -70.19 -45.49
C ASN L 341 21.00 -69.64 -45.33
N GLU L 342 20.07 -70.55 -45.07
CA GLU L 342 18.66 -70.21 -44.95
C GLU L 342 18.42 -69.22 -43.80
N VAL L 343 19.17 -69.39 -42.71
CA VAL L 343 19.05 -68.53 -41.54
C VAL L 343 19.51 -67.08 -41.81
N VAL L 344 20.66 -66.92 -42.47
CA VAL L 344 21.17 -65.61 -42.83
C VAL L 344 20.26 -64.97 -43.89
N GLN L 345 19.77 -65.77 -44.82
CA GLN L 345 18.84 -65.29 -45.85
C GLN L 345 17.54 -64.77 -45.27
N TYR L 346 16.96 -65.49 -44.32
CA TYR L 346 15.76 -65.05 -43.62
C TYR L 346 16.02 -63.77 -42.82
N MET L 347 17.17 -63.74 -42.14
CA MET L 347 17.55 -62.59 -41.35
C MET L 347 17.66 -61.33 -42.22
N ALA L 348 18.31 -61.48 -43.37
CA ALA L 348 18.49 -60.36 -44.31
C ALA L 348 17.13 -59.83 -44.78
N ARG L 349 16.22 -60.78 -45.03
CA ARG L 349 14.91 -60.52 -45.57
C ARG L 349 14.04 -59.78 -44.56
N ILE L 350 14.11 -60.22 -43.30
CA ILE L 350 13.35 -59.60 -42.21
C ILE L 350 13.83 -58.17 -41.95
N CYS L 351 15.16 -57.96 -42.00
CA CYS L 351 15.74 -56.64 -41.82
C CYS L 351 15.30 -55.65 -42.90
N LEU L 352 15.39 -56.05 -44.17
CA LEU L 352 14.86 -55.26 -45.29
C LEU L 352 13.39 -54.87 -45.07
N GLU L 353 12.58 -55.83 -44.67
CA GLU L 353 11.17 -55.60 -44.44
C GLU L 353 10.98 -54.52 -43.36
N ALA L 354 11.66 -54.69 -42.23
CA ALA L 354 11.51 -53.79 -41.09
C ALA L 354 11.98 -52.39 -41.47
N GLN L 355 13.09 -52.33 -42.18
CA GLN L 355 13.64 -51.11 -42.75
C GLN L 355 12.60 -50.32 -43.55
N SER L 356 11.76 -51.01 -44.33
CA SER L 356 10.64 -50.37 -45.03
C SER L 356 9.68 -49.64 -44.09
N ALA L 357 9.39 -50.27 -42.95
CA ALA L 357 8.53 -49.69 -41.92
C ALA L 357 9.25 -48.64 -41.06
N LEU L 358 10.59 -48.66 -41.07
CA LEU L 358 11.37 -47.75 -40.26
C LEU L 358 11.14 -46.32 -40.73
N ASN L 359 10.86 -45.40 -39.81
CA ASN L 359 10.73 -43.98 -40.16
C ASN L 359 12.07 -43.25 -39.96
N GLU L 360 12.98 -43.39 -40.93
CA GLU L 360 14.31 -42.81 -40.77
C GLU L 360 14.33 -41.29 -40.54
N TYR L 361 13.31 -40.59 -41.02
CA TYR L 361 13.27 -39.13 -40.90
C TYR L 361 13.10 -38.70 -39.47
N VAL L 362 12.07 -39.24 -38.80
CA VAL L 362 11.87 -39.05 -37.37
C VAL L 362 13.14 -39.46 -36.61
N PHE L 363 13.72 -40.56 -37.04
CA PHE L 363 14.94 -41.10 -36.44
C PHE L 363 16.07 -40.07 -36.48
N PHE L 364 16.33 -39.53 -37.68
CA PHE L 364 17.38 -38.53 -37.92
C PHE L 364 17.18 -37.28 -37.06
N ASN L 365 15.94 -36.78 -37.07
CA ASN L 365 15.55 -35.62 -36.27
C ASN L 365 15.72 -35.85 -34.78
N SER L 366 15.45 -37.07 -34.33
CA SER L 366 15.51 -37.41 -32.91
C SER L 366 16.94 -37.45 -32.38
N ILE L 367 17.85 -37.99 -33.17
CA ILE L 367 19.25 -38.01 -32.84
C ILE L 367 19.74 -36.57 -32.81
N LYS L 368 19.42 -35.82 -33.86
CA LYS L 368 19.86 -34.43 -34.00
C LYS L 368 19.56 -33.56 -32.78
N LYS L 369 18.36 -33.72 -32.20
CA LYS L 369 17.93 -32.92 -31.05
C LYS L 369 18.63 -33.28 -29.74
N LEU L 370 19.29 -34.43 -29.69
CA LEU L 370 19.89 -34.93 -28.46
C LEU L 370 21.39 -34.71 -28.40
N GLN L 371 21.94 -34.00 -29.37
CA GLN L 371 23.36 -33.70 -29.39
C GLN L 371 23.66 -32.38 -28.68
N HIS L 372 24.66 -32.38 -27.82
CA HIS L 372 25.14 -31.15 -27.22
C HIS L 372 25.45 -30.10 -28.28
N ILE L 373 24.99 -28.88 -28.03
CA ILE L 373 25.24 -27.73 -28.91
C ILE L 373 26.16 -26.75 -28.17
N PRO L 374 27.24 -26.27 -28.83
CA PRO L 374 27.60 -26.44 -30.24
C PRO L 374 28.17 -27.80 -30.61
N MET L 375 27.86 -28.26 -31.81
CA MET L 375 28.52 -29.43 -32.35
C MET L 375 29.88 -28.99 -32.88
N SER L 376 30.78 -29.94 -33.07
CA SER L 376 32.02 -29.66 -33.78
C SER L 376 31.69 -29.53 -35.27
N ALA L 377 32.65 -29.00 -36.04
CA ALA L 377 32.44 -28.67 -37.44
C ALA L 377 32.07 -29.89 -38.25
N ASP L 378 32.77 -30.99 -38.01
CA ASP L 378 32.55 -32.21 -38.79
C ASP L 378 31.20 -32.84 -38.50
N GLU L 379 30.79 -32.88 -37.24
CA GLU L 379 29.47 -33.42 -36.92
C GLU L 379 28.37 -32.60 -37.58
N ALA L 380 28.52 -31.26 -37.55
CA ALA L 380 27.51 -30.35 -38.10
C ALA L 380 27.37 -30.55 -39.60
N VAL L 381 28.52 -30.79 -40.25
CA VAL L 381 28.57 -31.10 -41.68
C VAL L 381 27.85 -32.40 -42.05
N CYS L 382 27.94 -33.42 -41.20
CA CYS L 382 27.28 -34.69 -41.49
C CYS L 382 25.78 -34.54 -41.24
N SER L 383 25.45 -33.95 -40.10
CA SER L 383 24.08 -33.65 -39.74
C SER L 383 23.38 -32.91 -40.87
N SER L 384 24.00 -31.80 -41.30
CA SER L 384 23.43 -30.97 -42.34
C SER L 384 23.46 -31.62 -43.72
N ALA L 385 24.52 -32.38 -44.02
CA ALA L 385 24.51 -33.22 -45.23
C ALA L 385 23.27 -34.14 -45.31
N VAL L 386 22.91 -34.75 -44.17
CA VAL L 386 21.78 -35.65 -44.12
C VAL L 386 20.50 -34.84 -44.30
N ASN L 387 20.41 -33.67 -43.69
CA ASN L 387 19.38 -32.71 -43.97
C ASN L 387 19.17 -32.39 -45.43
N SER L 388 20.23 -32.04 -46.11
CA SER L 388 20.24 -31.85 -47.55
C SER L 388 19.63 -33.01 -48.32
N VAL L 389 19.95 -34.23 -47.88
CA VAL L 389 19.44 -35.47 -48.47
C VAL L 389 17.92 -35.51 -48.42
N TYR L 390 17.34 -35.27 -47.25
CA TYR L 390 15.88 -35.25 -47.13
C TYR L 390 15.25 -34.11 -47.93
N GLU L 391 15.91 -32.96 -47.97
CA GLU L 391 15.36 -31.79 -48.67
C GLU L 391 15.33 -31.88 -50.21
N THR L 392 16.30 -32.58 -50.79
CA THR L 392 16.37 -32.74 -52.24
C THR L 392 15.84 -34.11 -52.69
N LYS L 393 15.53 -34.99 -51.74
CA LYS L 393 15.29 -36.40 -52.05
C LYS L 393 16.46 -36.97 -52.85
N ALA L 394 17.68 -36.78 -52.36
CA ALA L 394 18.86 -37.35 -52.99
C ALA L 394 18.82 -38.88 -52.84
N LYS L 395 19.30 -39.58 -53.85
CA LYS L 395 19.25 -41.04 -53.90
C LYS L 395 20.55 -41.74 -53.46
N ALA L 396 21.59 -40.97 -53.18
CA ALA L 396 22.81 -41.52 -52.59
C ALA L 396 23.66 -40.46 -51.92
N MET L 397 24.63 -40.92 -51.11
CA MET L 397 25.54 -40.04 -50.39
C MET L 397 26.92 -40.58 -50.62
N VAL L 398 27.91 -39.70 -50.66
CA VAL L 398 29.28 -40.13 -50.83
C VAL L 398 30.12 -39.40 -49.80
N VAL L 399 30.83 -40.17 -48.98
CA VAL L 399 31.68 -39.62 -47.93
C VAL L 399 33.08 -40.22 -48.00
N LEU L 400 34.11 -39.36 -47.95
CA LEU L 400 35.48 -39.84 -47.90
C LEU L 400 35.91 -39.99 -46.44
N SER L 401 36.23 -41.23 -46.05
CA SER L 401 36.73 -41.49 -44.71
C SER L 401 37.82 -42.54 -44.79
N ASN L 402 39.00 -42.20 -44.27
CA ASN L 402 40.15 -43.09 -44.28
C ASN L 402 40.22 -43.93 -43.01
N THR L 403 39.82 -43.34 -41.90
CA THR L 403 39.85 -43.98 -40.58
C THR L 403 38.49 -44.62 -40.30
N GLY L 404 37.48 -44.16 -41.00
CA GLY L 404 36.11 -44.66 -40.84
C GLY L 404 35.20 -43.74 -40.06
N ARG L 405 35.77 -42.76 -39.36
CA ARG L 405 34.91 -41.95 -38.48
C ARG L 405 33.99 -40.92 -39.14
N SER L 406 34.40 -40.35 -40.27
CA SER L 406 33.44 -39.55 -41.08
C SER L 406 32.26 -40.42 -41.53
N ALA L 407 32.54 -41.65 -41.96
CA ALA L 407 31.52 -42.59 -42.39
C ALA L 407 30.56 -42.94 -41.26
N ARG L 408 31.09 -43.20 -40.07
CA ARG L 408 30.23 -43.52 -38.92
C ARG L 408 29.41 -42.33 -38.47
N LEU L 409 30.02 -41.15 -38.58
CA LEU L 409 29.39 -39.87 -38.24
C LEU L 409 28.20 -39.55 -39.16
N VAL L 410 28.30 -39.88 -40.44
CA VAL L 410 27.20 -39.70 -41.41
C VAL L 410 26.07 -40.69 -41.12
N ALA L 411 26.42 -41.97 -40.94
CA ALA L 411 25.46 -43.03 -40.68
C ALA L 411 24.71 -42.78 -39.38
N LYS L 412 25.41 -42.19 -38.41
CA LYS L 412 24.78 -41.75 -37.17
C LYS L 412 23.46 -41.04 -37.44
N TYR L 413 23.41 -40.25 -38.51
CA TYR L 413 22.27 -39.37 -38.73
C TYR L 413 21.11 -39.98 -39.53
N ARG L 414 21.27 -41.24 -39.95
CA ARG L 414 20.20 -42.03 -40.58
C ARG L 414 19.56 -41.32 -41.77
N PRO L 415 20.31 -41.17 -42.87
CA PRO L 415 19.64 -40.76 -44.13
C PRO L 415 18.77 -41.89 -44.65
N ASN L 416 17.79 -41.58 -45.48
CA ASN L 416 16.92 -42.60 -46.08
C ASN L 416 17.42 -43.04 -47.47
N CYS L 417 18.74 -43.12 -47.61
CA CYS L 417 19.36 -43.53 -48.86
C CYS L 417 20.70 -44.20 -48.54
N PRO L 418 21.28 -44.94 -49.49
CA PRO L 418 22.57 -45.58 -49.17
C PRO L 418 23.72 -44.60 -49.00
N ILE L 419 24.65 -44.92 -48.09
CA ILE L 419 25.89 -44.16 -47.93
C ILE L 419 27.07 -44.92 -48.53
N VAL L 420 27.82 -44.25 -49.38
CA VAL L 420 28.95 -44.83 -50.07
C VAL L 420 30.20 -44.19 -49.48
N CYS L 421 30.96 -44.96 -48.70
CA CYS L 421 32.25 -44.52 -48.20
C CYS L 421 33.35 -44.91 -49.19
N VAL L 422 34.18 -43.94 -49.57
CA VAL L 422 35.36 -44.22 -50.38
C VAL L 422 36.56 -44.05 -49.45
N THR L 423 37.33 -45.12 -49.30
CA THR L 423 38.35 -45.21 -48.27
C THR L 423 39.69 -45.69 -48.85
N THR L 424 40.78 -45.23 -48.25
CA THR L 424 42.13 -45.61 -48.72
C THR L 424 42.69 -46.77 -47.87
N ARG L 425 41.88 -47.31 -46.98
CA ARG L 425 42.33 -48.37 -46.08
C ARG L 425 41.38 -49.57 -46.11
N LEU L 426 41.93 -50.73 -46.45
CA LEU L 426 41.18 -51.99 -46.52
C LEU L 426 40.54 -52.39 -45.17
N GLN L 427 41.25 -52.12 -44.07
CA GLN L 427 40.75 -52.45 -42.73
C GLN L 427 39.51 -51.63 -42.38
N THR L 428 39.46 -50.40 -42.87
CA THR L 428 38.30 -49.52 -42.73
C THR L 428 37.08 -50.10 -43.45
N CYS L 429 37.28 -50.57 -44.68
CA CYS L 429 36.25 -51.30 -45.41
C CYS L 429 35.61 -52.38 -44.53
N ARG L 430 36.48 -53.20 -43.93
CA ARG L 430 36.05 -54.29 -43.05
C ARG L 430 35.41 -53.78 -41.78
N GLN L 431 36.09 -52.83 -41.13
CA GLN L 431 35.61 -52.29 -39.85
C GLN L 431 34.23 -51.62 -39.97
N LEU L 432 33.91 -51.09 -41.16
CA LEU L 432 32.60 -50.43 -41.39
C LEU L 432 31.44 -51.40 -41.58
N ASN L 433 31.76 -52.70 -41.65
CA ASN L 433 30.77 -53.76 -41.78
C ASN L 433 29.84 -53.89 -40.57
N ILE L 434 30.20 -53.29 -39.43
CA ILE L 434 29.34 -53.28 -38.24
C ILE L 434 28.57 -51.95 -38.08
N THR L 435 28.69 -51.09 -39.09
CA THR L 435 27.96 -49.83 -39.13
C THR L 435 26.83 -49.92 -40.16
N GLN L 436 25.60 -49.72 -39.68
CA GLN L 436 24.41 -49.73 -40.52
C GLN L 436 24.49 -48.70 -41.66
N GLY L 437 23.85 -49.03 -42.79
CA GLY L 437 23.58 -48.07 -43.88
C GLY L 437 24.73 -47.65 -44.78
N VAL L 438 25.91 -48.23 -44.56
CA VAL L 438 27.15 -47.81 -45.24
C VAL L 438 27.73 -48.95 -46.08
N GLU L 439 28.22 -48.61 -47.28
CA GLU L 439 28.99 -49.52 -48.12
C GLU L 439 30.32 -48.88 -48.47
N SER L 440 31.39 -49.67 -48.50
CA SER L 440 32.75 -49.15 -48.72
C SER L 440 33.37 -49.50 -50.07
N VAL L 441 34.05 -48.51 -50.66
CA VAL L 441 34.79 -48.65 -51.90
C VAL L 441 36.25 -48.32 -51.59
N PHE L 442 37.16 -49.19 -51.98
CA PHE L 442 38.56 -49.01 -51.65
C PHE L 442 39.28 -48.20 -52.70
N PHE L 443 39.96 -47.14 -52.27
CA PHE L 443 40.77 -46.33 -53.16
C PHE L 443 42.25 -46.57 -52.90
N ASP L 444 42.90 -47.22 -53.86
CA ASP L 444 44.33 -47.54 -53.74
C ASP L 444 45.17 -46.31 -54.06
N ALA L 445 45.54 -45.57 -53.01
CA ALA L 445 46.34 -44.35 -53.14
C ALA L 445 47.78 -44.64 -53.61
N ASP L 446 48.22 -45.87 -53.40
CA ASP L 446 49.55 -46.29 -53.82
C ASP L 446 49.63 -46.39 -55.33
N LYS L 447 48.61 -46.94 -55.98
CA LYS L 447 48.63 -47.06 -57.44
C LYS L 447 47.89 -45.91 -58.15
N LEU L 448 47.02 -45.20 -57.44
CA LEU L 448 46.22 -44.15 -58.08
C LEU L 448 46.55 -42.71 -57.67
N GLY L 449 47.46 -42.54 -56.72
CA GLY L 449 47.83 -41.21 -56.22
C GLY L 449 47.00 -40.81 -55.01
N HIS L 450 47.44 -39.77 -54.30
CA HIS L 450 46.85 -39.41 -53.01
C HIS L 450 45.56 -38.60 -53.10
N ASP L 451 45.28 -38.09 -54.30
CA ASP L 451 44.00 -37.45 -54.64
C ASP L 451 43.60 -36.33 -53.68
N GLU L 452 44.41 -35.27 -53.69
CA GLU L 452 44.23 -34.14 -52.78
C GLU L 452 43.15 -33.16 -53.27
N GLY L 453 42.87 -33.20 -54.57
CA GLY L 453 41.75 -32.44 -55.16
C GLY L 453 40.43 -33.16 -54.94
N LYS L 454 40.53 -34.40 -54.45
CA LYS L 454 39.41 -35.26 -54.05
C LYS L 454 38.52 -35.76 -55.18
N GLU L 455 38.79 -35.37 -56.43
CA GLU L 455 37.88 -35.70 -57.54
C GLU L 455 37.80 -37.20 -57.87
N HIS L 456 38.94 -37.87 -57.90
CA HIS L 456 38.96 -39.30 -58.24
C HIS L 456 38.19 -40.16 -57.23
N ARG L 457 38.33 -39.85 -55.94
CA ARG L 457 37.62 -40.58 -54.91
C ARG L 457 36.10 -40.30 -54.95
N VAL L 458 35.72 -39.05 -55.20
CA VAL L 458 34.32 -38.71 -55.36
C VAL L 458 33.74 -39.46 -56.57
N ALA L 459 34.49 -39.45 -57.68
CA ALA L 459 34.10 -40.14 -58.91
C ALA L 459 33.86 -41.63 -58.67
N ALA L 460 34.75 -42.25 -57.89
CA ALA L 460 34.71 -43.68 -57.59
C ALA L 460 33.48 -44.04 -56.78
N GLY L 461 33.11 -43.15 -55.86
CA GLY L 461 31.89 -43.35 -55.07
C GLY L 461 30.64 -43.23 -55.91
N VAL L 462 30.62 -42.23 -56.78
CA VAL L 462 29.44 -41.98 -57.62
C VAL L 462 29.25 -43.12 -58.63
N GLU L 463 30.36 -43.55 -59.24
CA GLU L 463 30.33 -44.68 -60.17
C GLU L 463 29.88 -45.99 -59.51
N PHE L 464 30.32 -46.20 -58.27
CA PHE L 464 29.86 -47.34 -57.49
C PHE L 464 28.34 -47.29 -57.27
N ALA L 465 27.84 -46.13 -56.85
CA ALA L 465 26.41 -45.93 -56.66
C ALA L 465 25.68 -46.17 -57.99
N LYS L 466 26.27 -45.71 -59.08
CA LYS L 466 25.68 -45.90 -60.41
C LYS L 466 25.50 -47.39 -60.70
N SER L 467 26.61 -48.13 -60.54
CA SER L 467 26.66 -49.57 -60.79
C SER L 467 25.72 -50.38 -59.90
N LYS L 468 25.49 -49.88 -58.69
CA LYS L 468 24.56 -50.51 -57.75
C LYS L 468 23.11 -50.11 -58.03
N GLY L 469 22.94 -49.11 -58.90
CA GLY L 469 21.62 -48.66 -59.33
C GLY L 469 20.93 -47.71 -58.38
N TYR L 470 21.71 -47.12 -57.47
CA TYR L 470 21.17 -46.16 -56.51
C TYR L 470 20.84 -44.83 -57.17
N VAL L 471 21.72 -44.40 -58.09
CA VAL L 471 21.53 -43.15 -58.83
C VAL L 471 21.63 -43.34 -60.35
N GLN L 472 20.87 -42.51 -61.07
CA GLN L 472 20.94 -42.42 -62.52
C GLN L 472 21.27 -40.99 -62.88
N THR L 473 21.58 -40.76 -64.15
CA THR L 473 21.78 -39.43 -64.67
C THR L 473 20.65 -38.50 -64.26
N GLY L 474 21.00 -37.37 -63.65
CA GLY L 474 20.02 -36.37 -63.22
C GLY L 474 19.54 -36.54 -61.78
N ASP L 475 19.99 -37.60 -61.11
CA ASP L 475 19.72 -37.76 -59.68
C ASP L 475 20.67 -36.86 -58.88
N TYR L 476 20.27 -36.57 -57.64
CA TYR L 476 21.13 -35.80 -56.73
C TYR L 476 21.96 -36.74 -55.89
N CYS L 477 23.23 -36.36 -55.70
CA CYS L 477 24.15 -37.05 -54.81
C CYS L 477 24.80 -36.03 -53.87
N VAL L 478 24.73 -36.31 -52.56
CA VAL L 478 25.24 -35.42 -51.51
C VAL L 478 26.63 -35.90 -51.06
N VAL L 479 27.62 -35.05 -51.26
CA VAL L 479 29.03 -35.44 -51.10
C VAL L 479 29.68 -34.72 -49.92
N ILE L 480 30.39 -35.48 -49.10
CA ILE L 480 31.05 -34.97 -47.90
C ILE L 480 32.54 -35.26 -47.94
N HIS L 481 33.33 -34.20 -47.80
CA HIS L 481 34.78 -34.28 -47.59
C HIS L 481 35.28 -32.90 -47.21
N ALA L 482 36.60 -32.71 -47.21
CA ALA L 482 37.20 -31.43 -46.88
C ALA L 482 37.37 -30.57 -48.12
N ASP L 483 37.49 -29.25 -47.90
CA ASP L 483 37.94 -28.35 -48.96
C ASP L 483 39.43 -28.58 -49.26
N HIS L 484 40.04 -27.68 -50.01
CA HIS L 484 41.43 -27.86 -50.47
C HIS L 484 42.51 -27.57 -49.41
N LYS L 485 42.10 -27.23 -48.20
CA LYS L 485 43.04 -26.75 -47.19
C LYS L 485 42.91 -27.49 -45.86
N VAL L 486 41.67 -27.79 -45.46
CA VAL L 486 41.40 -28.47 -44.19
C VAL L 486 41.92 -29.92 -44.19
N LYS L 487 42.54 -30.34 -43.09
CA LYS L 487 42.99 -31.72 -42.90
C LYS L 487 42.56 -32.28 -41.54
N GLY L 488 42.16 -33.55 -41.51
CA GLY L 488 41.76 -34.21 -40.26
C GLY L 488 40.28 -34.49 -40.12
N TYR L 489 39.46 -33.71 -40.81
CA TYR L 489 38.02 -33.89 -40.76
C TYR L 489 37.38 -33.33 -42.02
N ALA L 490 36.10 -33.66 -42.24
CA ALA L 490 35.38 -33.09 -43.36
C ALA L 490 34.76 -31.77 -42.91
N ASN L 491 34.77 -30.81 -43.81
CA ASN L 491 34.31 -29.47 -43.55
C ASN L 491 33.42 -28.94 -44.66
N GLN L 492 33.04 -29.80 -45.57
CA GLN L 492 32.40 -29.36 -46.81
C GLN L 492 31.34 -30.37 -47.29
N THR L 493 30.12 -29.87 -47.48
CA THR L 493 29.05 -30.61 -48.14
C THR L 493 28.93 -30.11 -49.57
N ARG L 494 28.40 -30.97 -50.45
CA ARG L 494 28.19 -30.64 -51.85
C ARG L 494 26.96 -31.41 -52.35
N ILE L 495 26.00 -30.71 -52.94
CA ILE L 495 24.92 -31.38 -53.66
C ILE L 495 25.28 -31.40 -55.14
N LEU L 496 25.56 -32.59 -55.67
CA LEU L 496 25.90 -32.67 -57.09
C LEU L 496 24.93 -33.49 -57.92
N LEU L 497 24.88 -33.14 -59.21
CA LEU L 497 23.96 -33.73 -60.15
C LEU L 497 24.73 -34.82 -60.90
N VAL L 498 24.29 -36.07 -60.77
CA VAL L 498 25.07 -37.15 -61.38
C VAL L 498 24.88 -37.17 -62.90
N GLU L 499 26.00 -37.31 -63.59
CA GLU L 499 26.06 -37.22 -65.04
C GLU L 499 25.91 -38.60 -65.66
N SER M 2 62.95 18.98 18.45
CA SER M 2 64.18 19.81 18.23
C SER M 2 64.28 20.95 19.23
N GLN M 3 65.46 21.57 19.31
CA GLN M 3 65.72 22.70 20.19
C GLN M 3 64.88 23.91 19.82
N LEU M 4 64.73 24.15 18.52
CA LEU M 4 63.96 25.27 17.98
C LEU M 4 62.47 25.15 18.35
N ALA M 5 61.97 23.93 18.32
CA ALA M 5 60.57 23.64 18.65
C ALA M 5 60.31 23.72 20.16
N HIS M 6 61.33 23.36 20.94
CA HIS M 6 61.25 23.42 22.40
C HIS M 6 61.18 24.86 22.91
N ASN M 7 61.87 25.77 22.22
CA ASN M 7 61.91 27.18 22.59
C ASN M 7 60.56 27.89 22.51
N LEU M 8 59.73 27.48 21.57
CA LEU M 8 58.40 28.09 21.36
C LEU M 8 57.43 27.75 22.50
N THR M 9 57.59 26.56 23.07
CA THR M 9 56.75 26.09 24.18
C THR M 9 57.14 26.73 25.53
N LEU M 10 58.32 27.37 25.57
CA LEU M 10 58.79 28.04 26.77
C LEU M 10 58.00 29.32 27.06
N SER M 11 57.94 29.68 28.34
CA SER M 11 57.36 30.94 28.78
C SER M 11 58.11 31.42 30.01
N ILE M 12 58.28 32.74 30.13
CA ILE M 12 59.01 33.35 31.25
C ILE M 12 58.21 33.33 32.56
N PHE M 13 56.89 33.16 32.45
CA PHE M 13 56.00 33.11 33.60
C PHE M 13 55.87 31.69 34.19
N ASP M 14 56.59 30.74 33.60
CA ASP M 14 56.64 29.37 34.10
C ASP M 14 57.49 29.30 35.37
N PRO M 15 56.91 28.74 36.46
CA PRO M 15 57.56 28.68 37.78
C PRO M 15 58.88 27.91 37.78
N VAL M 16 59.77 28.26 38.70
CA VAL M 16 61.05 27.58 38.85
C VAL M 16 60.88 26.25 39.59
N ALA M 17 61.90 25.39 39.48
CA ALA M 17 61.91 24.10 40.16
C ALA M 17 62.04 24.26 41.68
N ASN M 18 61.50 23.28 42.40
CA ASN M 18 61.60 23.25 43.87
C ASN M 18 62.98 22.82 44.38
N TYR M 19 63.94 22.72 43.47
CA TYR M 19 65.33 22.37 43.76
C TYR M 19 66.25 22.92 42.68
N ARG M 20 67.47 23.30 43.06
CA ARG M 20 68.48 23.74 42.10
C ARG M 20 69.49 22.62 41.82
N ALA M 21 69.61 22.24 40.55
CA ALA M 21 70.48 21.14 40.13
C ALA M 21 71.95 21.53 40.06
N ALA M 22 72.24 22.70 39.49
CA ALA M 22 73.61 23.21 39.35
C ALA M 22 74.23 23.57 40.70
N ARG M 23 75.55 23.49 40.76
CA ARG M 23 76.30 23.77 41.99
C ARG M 23 77.19 25.00 41.83
N ILE M 24 77.39 25.73 42.93
CA ILE M 24 78.19 26.95 42.90
C ILE M 24 79.48 26.79 43.72
N ILE M 25 80.60 27.15 43.08
CA ILE M 25 81.90 27.15 43.75
C ILE M 25 82.35 28.60 43.97
N CYS M 26 82.78 28.89 45.19
CA CYS M 26 83.25 30.22 45.54
C CYS M 26 84.68 30.14 46.02
N THR M 27 85.52 31.09 45.59
CA THR M 27 86.91 31.13 46.05
C THR M 27 87.04 32.07 47.22
N ILE M 28 87.78 31.63 48.23
CA ILE M 28 87.89 32.36 49.48
C ILE M 28 89.13 33.26 49.49
N GLY M 29 88.90 34.54 49.74
CA GLY M 29 89.96 35.54 49.89
C GLY M 29 89.64 36.48 51.04
N PRO M 30 90.29 37.66 51.05
CA PRO M 30 90.09 38.69 52.10
C PRO M 30 88.64 39.14 52.30
N SER M 31 87.80 38.94 51.29
CA SER M 31 86.39 39.33 51.35
C SER M 31 85.51 38.28 52.02
N THR M 32 85.93 37.03 51.99
CA THR M 32 85.05 35.92 52.38
C THR M 32 85.69 34.93 53.34
N GLN M 33 86.88 35.24 53.86
CA GLN M 33 87.59 34.30 54.73
C GLN M 33 87.01 34.18 56.13
N SER M 34 86.44 35.28 56.65
CA SER M 34 85.83 35.28 57.97
C SER M 34 84.74 34.21 58.06
N VAL M 35 84.60 33.61 59.25
CA VAL M 35 83.54 32.63 59.50
C VAL M 35 82.15 33.24 59.28
N GLU M 36 82.01 34.53 59.60
CA GLU M 36 80.78 35.28 59.36
C GLU M 36 80.40 35.35 57.87
N ALA M 37 81.37 35.70 57.02
CA ALA M 37 81.12 35.83 55.58
C ALA M 37 80.90 34.48 54.92
N LEU M 38 81.60 33.46 55.41
CA LEU M 38 81.46 32.08 54.94
C LEU M 38 80.05 31.52 55.18
N LYS M 39 79.47 31.84 56.34
CA LYS M 39 78.11 31.41 56.67
C LYS M 39 77.10 32.06 55.72
N GLY M 40 77.29 33.35 55.46
CA GLY M 40 76.47 34.08 54.49
C GLY M 40 76.58 33.49 53.10
N LEU M 41 77.80 33.15 52.73
CA LEU M 41 78.09 32.54 51.43
C LEU M 41 77.36 31.21 51.27
N ILE M 42 77.40 30.38 52.32
CA ILE M 42 76.70 29.10 52.37
C ILE M 42 75.18 29.29 52.23
N GLN M 43 74.65 30.24 52.99
CA GLN M 43 73.23 30.56 52.97
C GLN M 43 72.80 31.15 51.62
N SER M 44 73.74 31.78 50.94
CA SER M 44 73.50 32.36 49.61
C SER M 44 73.50 31.29 48.52
N GLY M 45 74.16 30.16 48.78
CA GLY M 45 74.15 29.03 47.86
C GLY M 45 75.51 28.47 47.47
N MET M 46 76.49 28.58 48.37
CA MET M 46 77.80 27.97 48.14
C MET M 46 77.82 26.49 48.52
N SER M 47 78.39 25.67 47.64
CA SER M 47 78.58 24.25 47.91
C SER M 47 80.07 23.89 48.12
N VAL M 48 80.94 24.61 47.44
CA VAL M 48 82.38 24.33 47.49
C VAL M 48 83.16 25.61 47.78
N ALA M 49 84.12 25.50 48.69
CA ALA M 49 85.08 26.57 48.95
C ALA M 49 86.39 26.25 48.25
N ARG M 50 86.86 27.19 47.42
CA ARG M 50 88.10 27.04 46.67
C ARG M 50 89.25 27.85 47.31
N MET M 51 90.39 27.18 47.51
CA MET M 51 91.60 27.84 48.02
C MET M 51 92.61 27.93 46.90
N ASN M 52 92.96 29.16 46.53
CA ASN M 52 93.88 29.41 45.43
C ASN M 52 95.33 29.53 45.93
N PHE M 53 96.09 28.45 45.76
CA PHE M 53 97.44 28.37 46.32
C PHE M 53 98.51 29.15 45.55
N SER M 54 98.07 29.92 44.55
CA SER M 54 98.91 30.94 43.91
C SER M 54 99.00 32.17 44.80
N HIS M 55 97.98 32.34 45.64
CA HIS M 55 97.93 33.43 46.61
C HIS M 55 97.90 32.87 48.03
N GLY M 56 98.12 33.75 49.01
CA GLY M 56 98.14 33.36 50.42
C GLY M 56 99.27 32.41 50.77
N SER M 57 99.16 31.76 51.91
CA SER M 57 100.14 30.79 52.37
C SER M 57 99.44 29.63 53.07
N HIS M 58 100.22 28.63 53.46
CA HIS M 58 99.70 27.47 54.20
C HIS M 58 98.98 27.90 55.48
N GLU M 59 99.47 28.99 56.08
CA GLU M 59 98.88 29.56 57.28
C GLU M 59 97.56 30.25 56.97
N TYR M 60 97.51 30.93 55.82
CA TYR M 60 96.29 31.63 55.38
C TYR M 60 95.18 30.65 55.01
N HIS M 61 95.53 29.61 54.25
CA HIS M 61 94.53 28.64 53.79
C HIS M 61 94.06 27.71 54.91
N GLN M 62 94.88 27.54 55.95
CA GLN M 62 94.49 26.82 57.15
C GLN M 62 93.39 27.56 57.88
N THR M 63 93.47 28.89 57.86
CA THR M 63 92.42 29.73 58.43
C THR M 63 91.14 29.47 57.64
N THR M 64 91.28 29.45 56.31
CA THR M 64 90.17 29.12 55.41
C THR M 64 89.57 27.75 55.72
N ILE M 65 90.41 26.73 55.86
CA ILE M 65 89.98 25.36 56.19
C ILE M 65 89.16 25.31 57.48
N ASN M 66 89.71 25.90 58.54
CA ASN M 66 89.08 25.91 59.86
C ASN M 66 87.78 26.72 59.89
N ASN M 67 87.81 27.88 59.24
CA ASN M 67 86.64 28.77 59.19
C ASN M 67 85.49 28.21 58.37
N VAL M 68 85.81 27.50 57.28
CA VAL M 68 84.81 26.81 56.47
C VAL M 68 84.14 25.72 57.30
N ARG M 69 84.96 24.92 57.98
CA ARG M 69 84.49 23.80 58.79
C ARG M 69 83.68 24.24 60.00
N GLN M 70 84.02 25.40 60.55
CA GLN M 70 83.26 25.98 61.65
C GLN M 70 81.93 26.56 61.16
N ALA M 71 81.96 27.21 60.00
CA ALA M 71 80.77 27.80 59.37
C ALA M 71 79.75 26.74 58.97
N ALA M 72 80.23 25.68 58.31
CA ALA M 72 79.39 24.55 57.91
C ALA M 72 78.81 23.82 59.12
N ALA M 73 79.65 23.62 60.14
CA ALA M 73 79.25 22.93 61.36
C ALA M 73 78.13 23.67 62.10
N GLU M 74 78.22 25.00 62.11
CA GLU M 74 77.23 25.85 62.79
C GLU M 74 75.88 25.88 62.06
N LEU M 75 75.93 25.70 60.74
CA LEU M 75 74.72 25.67 59.90
C LEU M 75 74.21 24.26 59.63
N GLY M 76 74.98 23.26 60.09
CA GLY M 76 74.59 21.86 59.95
C GLY M 76 74.53 21.36 58.51
N VAL M 77 75.44 21.86 57.68
CA VAL M 77 75.55 21.41 56.28
C VAL M 77 76.95 20.82 55.99
N ASN M 78 77.11 20.26 54.79
CA ASN M 78 78.39 19.73 54.33
C ASN M 78 78.97 20.53 53.16
N ILE M 79 80.10 21.19 53.41
CA ILE M 79 80.74 22.02 52.38
C ILE M 79 82.08 21.39 51.98
N ALA M 80 82.28 21.24 50.66
CA ALA M 80 83.53 20.70 50.12
C ALA M 80 84.62 21.74 50.17
N ILE M 81 85.84 21.29 50.50
CA ILE M 81 87.03 22.13 50.45
C ILE M 81 87.87 21.71 49.25
N ALA M 82 88.24 22.68 48.42
CA ALA M 82 89.04 22.42 47.22
C ALA M 82 90.34 23.21 47.23
N LEU M 83 91.43 22.51 46.91
CA LEU M 83 92.76 23.11 46.84
C LEU M 83 93.18 23.33 45.39
N ASP M 84 93.20 24.60 44.98
CA ASP M 84 93.65 24.96 43.64
C ASP M 84 95.18 25.10 43.64
N THR M 85 95.82 24.26 42.83
CA THR M 85 97.28 24.15 42.78
C THR M 85 97.90 25.35 42.07
N LYS M 86 99.21 25.53 42.21
CA LYS M 86 99.94 26.50 41.40
C LYS M 86 100.08 25.98 39.97
N GLY M 87 100.73 24.83 39.83
CA GLY M 87 100.97 24.22 38.53
C GLY M 87 102.09 24.89 37.76
N PRO M 88 102.34 24.46 36.51
CA PRO M 88 103.33 25.10 35.63
C PRO M 88 102.89 26.51 35.19
N GLU M 89 103.01 27.48 36.10
CA GLU M 89 102.53 28.84 35.87
C GLU M 89 103.61 29.89 36.07
N ILE M 90 103.37 31.08 35.52
CA ILE M 90 104.22 32.24 35.75
C ILE M 90 103.39 33.31 36.47
N ARG M 91 103.96 33.85 37.55
CA ARG M 91 103.32 34.89 38.36
C ARG M 91 104.25 36.10 38.51
N THR M 92 103.67 37.29 38.65
CA THR M 92 104.47 38.47 38.95
C THR M 92 104.84 38.48 40.44
N GLY M 93 105.56 39.51 40.87
CA GLY M 93 105.93 39.65 42.28
C GLY M 93 104.91 40.48 43.04
N GLN M 94 105.36 41.07 44.16
CA GLN M 94 104.53 41.97 44.94
C GLN M 94 104.78 43.41 44.49
N PHE M 95 103.81 44.28 44.79
CA PHE M 95 103.91 45.70 44.45
C PHE M 95 103.88 46.55 45.71
N VAL M 96 104.77 47.55 45.74
CA VAL M 96 104.87 48.50 46.87
C VAL M 96 103.50 49.11 47.15
N GLY M 97 103.12 49.09 48.43
CA GLY M 97 101.79 49.53 48.85
C GLY M 97 100.81 48.39 48.75
N GLY M 98 100.47 48.04 47.51
CA GLY M 98 99.54 46.93 47.24
C GLY M 98 99.37 46.64 45.77
N ASP M 99 99.09 47.69 44.99
CA ASP M 99 98.82 47.56 43.56
C ASP M 99 99.62 48.56 42.71
N ALA M 100 99.60 48.37 41.39
CA ALA M 100 100.29 49.25 40.46
C ALA M 100 99.38 49.75 39.35
N VAL M 101 99.40 51.07 39.13
CA VAL M 101 98.63 51.70 38.07
C VAL M 101 99.50 51.80 36.81
N MET M 102 99.18 50.96 35.82
CA MET M 102 99.91 50.94 34.55
C MET M 102 99.17 51.80 33.53
N GLU M 103 99.88 52.79 32.99
CA GLU M 103 99.27 53.79 32.11
C GLU M 103 99.68 53.62 30.64
N ARG M 104 98.74 53.91 29.74
CA ARG M 104 98.92 53.74 28.30
C ARG M 104 100.09 54.56 27.75
N GLY M 105 101.13 53.85 27.29
CA GLY M 105 102.31 54.49 26.72
C GLY M 105 103.52 54.55 27.63
N ALA M 106 103.29 54.37 28.94
CA ALA M 106 104.34 54.48 29.95
C ALA M 106 105.40 53.39 29.80
N THR M 107 106.66 53.76 30.07
CA THR M 107 107.79 52.83 29.97
C THR M 107 108.04 52.08 31.28
N CYS M 108 108.07 50.75 31.21
CA CYS M 108 108.28 49.92 32.39
C CYS M 108 109.32 48.83 32.15
N TYR M 109 109.85 48.27 33.25
CA TYR M 109 110.93 47.29 33.20
C TYR M 109 110.54 46.02 33.97
N VAL M 110 110.64 44.87 33.29
CA VAL M 110 110.40 43.57 33.93
C VAL M 110 111.71 42.84 34.21
N THR M 111 111.87 42.36 35.44
CA THR M 111 113.12 41.77 35.89
C THR M 111 113.03 40.29 36.25
N THR M 112 114.18 39.62 36.21
CA THR M 112 114.30 38.21 36.60
C THR M 112 115.01 38.10 37.95
N ASP M 113 115.53 39.23 38.43
CA ASP M 113 116.22 39.30 39.72
C ASP M 113 115.24 39.14 40.90
N PRO M 114 115.40 38.06 41.70
CA PRO M 114 114.51 37.74 42.81
C PRO M 114 114.55 38.75 43.97
N ALA M 115 115.50 39.68 43.93
CA ALA M 115 115.60 40.73 44.96
C ALA M 115 114.51 41.80 44.80
N PHE M 116 113.83 41.79 43.66
CA PHE M 116 112.74 42.73 43.38
C PHE M 116 111.36 42.07 43.47
N ALA M 117 111.30 40.91 44.14
CA ALA M 117 110.06 40.13 44.26
C ALA M 117 109.02 40.75 45.19
N ASP M 118 109.47 41.56 46.15
CA ASP M 118 108.58 42.24 47.08
C ASP M 118 108.44 43.73 46.78
N LYS M 119 109.50 44.34 46.26
CA LYS M 119 109.49 45.75 45.85
C LYS M 119 109.16 45.90 44.36
N GLY M 120 107.99 46.48 44.08
CA GLY M 120 107.53 46.68 42.71
C GLY M 120 106.58 47.86 42.59
N THR M 121 106.87 48.74 41.65
CA THR M 121 105.98 49.87 41.34
C THR M 121 105.61 49.83 39.87
N LYS M 122 104.99 50.91 39.39
CA LYS M 122 104.65 51.06 37.96
C LYS M 122 105.90 51.06 37.06
N ASP M 123 107.04 51.42 37.64
CA ASP M 123 108.29 51.57 36.90
C ASP M 123 109.04 50.26 36.70
N LYS M 124 109.10 49.43 37.74
CA LYS M 124 109.84 48.18 37.71
C LYS M 124 109.21 47.12 38.62
N PHE M 125 109.04 45.92 38.09
CA PHE M 125 108.48 44.80 38.85
C PHE M 125 108.98 43.42 38.39
N TYR M 126 108.76 42.42 39.25
CA TYR M 126 109.30 41.07 39.08
C TYR M 126 108.35 40.14 38.33
N ILE M 127 108.92 39.22 37.56
CA ILE M 127 108.19 38.12 36.91
C ILE M 127 108.96 36.82 37.17
N ASP M 128 108.28 35.84 37.77
CA ASP M 128 108.96 34.68 38.38
C ASP M 128 109.49 33.59 37.45
N TYR M 129 109.42 33.81 36.14
CA TYR M 129 109.94 32.82 35.19
C TYR M 129 111.46 32.75 35.22
N GLN M 130 111.98 31.53 35.35
CA GLN M 130 113.41 31.25 35.48
C GLN M 130 114.29 32.09 34.54
N ASN M 131 114.01 32.02 33.24
CA ASN M 131 114.72 32.83 32.23
C ASN M 131 113.84 33.15 31.03
N LEU M 132 113.15 34.29 31.12
CA LEU M 132 112.21 34.73 30.08
C LEU M 132 112.88 35.56 28.98
N SER M 133 114.13 35.97 29.22
CA SER M 133 114.90 36.74 28.24
C SER M 133 115.36 35.90 27.05
N LYS M 134 115.57 34.60 27.28
CA LYS M 134 115.93 33.65 26.23
C LYS M 134 114.71 33.23 25.42
N VAL M 135 113.53 33.35 26.02
CA VAL M 135 112.27 32.93 25.41
C VAL M 135 111.70 34.01 24.46
N VAL M 136 111.74 35.27 24.89
CA VAL M 136 111.20 36.38 24.09
C VAL M 136 112.26 37.39 23.62
N ARG M 137 112.03 37.93 22.42
CA ARG M 137 112.89 38.95 21.81
C ARG M 137 112.12 40.27 21.67
N PRO M 138 112.80 41.36 21.22
CA PRO M 138 112.12 42.62 20.93
C PRO M 138 110.92 42.45 19.99
N GLY M 139 109.81 43.12 20.31
CA GLY M 139 108.58 43.05 19.51
C GLY M 139 107.51 42.14 20.07
N ASN M 140 107.92 41.20 20.93
CA ASN M 140 107.00 40.22 21.53
C ASN M 140 106.12 40.82 22.62
N TYR M 141 104.93 40.24 22.79
CA TYR M 141 103.97 40.69 23.79
C TYR M 141 104.05 39.89 25.09
N ILE M 142 103.79 40.58 26.21
CA ILE M 142 103.72 39.95 27.53
C ILE M 142 102.32 40.20 28.10
N TYR M 143 101.61 39.10 28.38
CA TYR M 143 100.23 39.18 28.83
C TYR M 143 100.14 39.13 30.36
N ILE M 144 99.42 40.09 30.92
CA ILE M 144 99.28 40.22 32.38
C ILE M 144 97.80 40.22 32.77
N ASP M 145 97.48 39.51 33.85
CA ASP M 145 96.14 39.47 34.45
C ASP M 145 95.07 38.94 33.50
N ASP M 146 95.12 37.64 33.23
CA ASP M 146 94.21 36.98 32.28
C ASP M 146 94.18 37.67 30.91
N GLY M 147 95.33 38.20 30.51
CA GLY M 147 95.50 38.88 29.22
C GLY M 147 94.87 40.25 29.08
N ILE M 148 94.46 40.84 30.21
CA ILE M 148 93.87 42.18 30.20
C ILE M 148 94.94 43.25 29.93
N LEU M 149 96.04 43.18 30.67
CA LEU M 149 97.19 44.04 30.42
C LEU M 149 98.16 43.37 29.46
N ILE M 150 98.65 44.15 28.49
CA ILE M 150 99.66 43.65 27.55
C ILE M 150 100.88 44.58 27.57
N LEU M 151 102.06 43.97 27.71
CA LEU M 151 103.32 44.69 27.60
C LEU M 151 104.00 44.36 26.27
N GLN M 152 104.83 45.28 25.78
CA GLN M 152 105.51 45.12 24.49
C GLN M 152 107.00 45.42 24.61
N VAL M 153 107.82 44.39 24.35
CA VAL M 153 109.27 44.50 24.47
C VAL M 153 109.88 45.39 23.37
N GLN M 154 110.67 46.36 23.78
CA GLN M 154 111.46 47.19 22.86
C GLN M 154 112.88 46.66 22.73
N SER M 155 113.54 46.50 23.87
CA SER M 155 114.92 45.99 23.93
C SER M 155 115.22 45.35 25.28
N HIS M 156 116.42 44.79 25.40
CA HIS M 156 116.93 44.24 26.66
C HIS M 156 117.79 45.29 27.35
N GLU M 157 117.45 45.62 28.60
CA GLU M 157 118.24 46.54 29.41
C GLU M 157 119.57 45.90 29.83
N ASP M 158 119.49 44.75 30.48
CA ASP M 158 120.64 43.89 30.73
C ASP M 158 120.28 42.43 30.49
N GLU M 159 121.11 41.51 30.97
CA GLU M 159 120.87 40.08 30.78
C GLU M 159 119.75 39.56 31.71
N GLN M 160 119.17 40.46 32.50
CA GLN M 160 118.12 40.09 33.47
C GLN M 160 116.91 41.04 33.51
N THR M 161 116.96 42.13 32.74
CA THR M 161 115.87 43.11 32.71
C THR M 161 115.45 43.45 31.28
N LEU M 162 114.15 43.60 31.07
CA LEU M 162 113.59 43.94 29.76
C LEU M 162 112.86 45.29 29.80
N GLU M 163 113.00 46.07 28.73
CA GLU M 163 112.25 47.31 28.58
C GLU M 163 110.93 47.01 27.86
N CYS M 164 109.83 47.56 28.39
CA CYS M 164 108.50 47.26 27.87
C CYS M 164 107.60 48.50 27.74
N THR M 165 106.70 48.47 26.75
CA THR M 165 105.70 49.52 26.55
C THR M 165 104.33 49.02 26.98
N VAL M 166 103.72 49.73 27.93
CA VAL M 166 102.35 49.46 28.37
C VAL M 166 101.37 49.88 27.28
N THR M 167 100.84 48.90 26.55
CA THR M 167 99.97 49.15 25.40
C THR M 167 98.54 49.54 25.75
N ASN M 168 98.12 49.22 26.98
CA ASN M 168 96.79 49.62 27.48
C ASN M 168 96.73 49.89 28.98
N SER M 169 95.77 50.71 29.42
CA SER M 169 95.65 51.12 30.82
C SER M 169 94.90 50.10 31.67
N HIS M 170 95.55 49.63 32.74
CA HIS M 170 94.99 48.64 33.65
C HIS M 170 95.73 48.62 34.99
N THR M 171 94.98 48.62 36.09
CA THR M 171 95.55 48.53 37.43
C THR M 171 95.71 47.06 37.85
N ILE M 172 96.94 46.69 38.21
CA ILE M 172 97.28 45.31 38.57
C ILE M 172 97.68 45.13 40.04
N SER M 173 97.32 43.99 40.62
CA SER M 173 97.64 43.66 42.01
C SER M 173 98.75 42.61 42.14
N ASP M 174 99.06 42.23 43.37
CA ASP M 174 100.15 41.30 43.70
C ASP M 174 100.06 39.95 42.98
N ARG M 175 101.22 39.43 42.61
CA ARG M 175 101.39 38.18 41.85
C ARG M 175 100.31 37.92 40.78
N ARG M 176 100.48 38.61 39.65
CA ARG M 176 99.53 38.55 38.55
C ARG M 176 99.94 37.48 37.54
N GLY M 177 98.94 36.80 36.97
CA GLY M 177 99.19 35.75 35.97
C GLY M 177 99.78 36.29 34.69
N VAL M 178 100.94 35.74 34.32
CA VAL M 178 101.63 36.11 33.07
C VAL M 178 101.65 34.96 32.04
N ASN M 179 101.22 35.28 30.82
CA ASN M 179 101.03 34.27 29.77
C ASN M 179 101.94 34.48 28.56
N LEU M 180 102.40 33.37 27.98
CA LEU M 180 103.25 33.40 26.79
C LEU M 180 102.79 32.35 25.76
N PRO M 181 101.84 32.72 24.89
CA PRO M 181 101.28 31.81 23.88
C PRO M 181 102.24 31.53 22.72
N GLY M 182 102.35 30.26 22.35
CA GLY M 182 103.23 29.83 21.26
C GLY M 182 104.71 29.95 21.56
N CYS M 183 105.04 30.07 22.84
CA CYS M 183 106.41 30.25 23.31
C CYS M 183 107.04 28.95 23.77
N ASP M 184 106.22 28.07 24.34
CA ASP M 184 106.67 26.81 24.96
C ASP M 184 107.48 27.07 26.23
N VAL M 185 106.84 26.91 27.38
CA VAL M 185 107.51 27.05 28.67
C VAL M 185 107.99 25.68 29.16
N ASP M 186 109.18 25.66 29.76
CA ASP M 186 109.79 24.40 30.20
C ASP M 186 109.60 24.15 31.69
N LEU M 187 108.44 24.55 32.21
CA LEU M 187 108.06 24.33 33.59
C LEU M 187 107.65 22.88 33.82
N PRO M 188 107.97 22.33 35.01
CA PRO M 188 107.67 20.91 35.31
C PRO M 188 106.17 20.62 35.44
N ALA M 189 105.79 19.37 35.18
CA ALA M 189 104.40 18.92 35.28
C ALA M 189 103.85 19.11 36.70
N VAL M 190 104.62 18.67 37.68
CA VAL M 190 104.32 18.89 39.09
C VAL M 190 105.58 19.42 39.80
N SER M 191 105.54 20.68 40.21
CA SER M 191 106.70 21.36 40.79
C SER M 191 106.98 20.92 42.23
N ALA M 192 108.10 21.39 42.76
CA ALA M 192 108.47 21.12 44.16
C ALA M 192 107.51 21.81 45.12
N LYS M 193 107.05 23.01 44.74
CA LYS M 193 106.02 23.74 45.47
C LYS M 193 104.68 23.02 45.41
N ASP M 194 104.38 22.43 44.25
CA ASP M 194 103.15 21.67 44.04
C ASP M 194 103.07 20.46 44.98
N ARG M 195 104.19 19.75 45.13
CA ARG M 195 104.25 18.55 45.96
C ARG M 195 104.12 18.87 47.46
N VAL M 196 104.52 20.09 47.81
CA VAL M 196 104.40 20.59 49.19
C VAL M 196 102.96 21.00 49.49
N ASP M 197 102.31 21.63 48.51
CA ASP M 197 100.92 22.06 48.63
C ASP M 197 99.96 20.87 48.62
N LEU M 198 100.33 19.82 47.89
CA LEU M 198 99.52 18.60 47.84
C LEU M 198 99.59 17.83 49.16
N GLN M 199 100.78 17.77 49.76
CA GLN M 199 100.98 17.10 51.04
C GLN M 199 100.20 17.79 52.16
N PHE M 200 100.18 19.12 52.12
CA PHE M 200 99.36 19.94 53.02
C PHE M 200 97.87 19.59 52.88
N GLY M 201 97.43 19.35 51.65
CA GLY M 201 96.06 18.95 51.36
C GLY M 201 95.68 17.57 51.91
N VAL M 202 96.60 16.61 51.79
CA VAL M 202 96.40 15.26 52.32
C VAL M 202 96.36 15.31 53.86
N GLU M 203 97.28 16.07 54.45
CA GLU M 203 97.35 16.26 55.90
C GLU M 203 96.10 16.92 56.46
N GLN M 204 95.55 17.86 55.71
CA GLN M 204 94.38 18.63 56.14
C GLN M 204 93.06 18.08 55.60
N GLY M 205 93.14 16.93 54.94
CA GLY M 205 91.97 16.21 54.46
C GLY M 205 91.06 16.99 53.52
N VAL M 206 91.65 17.69 52.56
CA VAL M 206 90.86 18.37 51.51
C VAL M 206 90.09 17.31 50.71
N ASP M 207 88.99 17.73 50.10
CA ASP M 207 88.10 16.79 49.43
C ASP M 207 88.45 16.57 47.96
N MET M 208 89.05 17.60 47.36
CA MET M 208 89.39 17.57 45.93
C MET M 208 90.54 18.52 45.60
N ILE M 209 91.23 18.22 44.49
CA ILE M 209 92.31 19.05 43.98
C ILE M 209 91.86 19.70 42.67
N PHE M 210 92.01 21.02 42.59
CA PHE M 210 91.88 21.74 41.32
C PHE M 210 93.27 21.91 40.76
N ALA M 211 93.70 20.93 39.96
CA ALA M 211 95.06 20.91 39.42
C ALA M 211 95.17 21.86 38.23
N SER M 212 95.94 22.94 38.43
CA SER M 212 96.13 23.97 37.41
C SER M 212 97.03 23.53 36.26
N PHE M 213 96.70 24.01 35.06
CA PHE M 213 97.50 23.81 33.84
C PHE M 213 97.81 22.35 33.49
N ILE M 214 96.79 21.49 33.56
CA ILE M 214 96.95 20.09 33.16
C ILE M 214 97.07 20.00 31.64
N ARG M 215 98.15 19.38 31.18
CA ARG M 215 98.50 19.36 29.76
C ARG M 215 98.51 17.95 29.17
N SER M 216 98.60 16.94 30.04
CA SER M 216 98.74 15.54 29.62
C SER M 216 98.21 14.57 30.66
N ALA M 217 97.86 13.37 30.20
CA ALA M 217 97.37 12.30 31.07
C ALA M 217 98.45 11.84 32.05
N GLU M 218 99.71 11.92 31.64
CA GLU M 218 100.84 11.58 32.48
C GLU M 218 100.94 12.50 33.68
N GLN M 219 100.74 13.80 33.44
CA GLN M 219 100.77 14.81 34.50
C GLN M 219 99.75 14.51 35.61
N VAL M 220 98.56 14.07 35.20
CA VAL M 220 97.48 13.70 36.14
C VAL M 220 97.91 12.55 37.04
N GLY M 221 98.58 11.56 36.45
CA GLY M 221 99.11 10.41 37.19
C GLY M 221 100.19 10.82 38.18
N ASP M 222 100.98 11.83 37.80
CA ASP M 222 102.03 12.40 38.65
C ASP M 222 101.44 13.12 39.87
N VAL M 223 100.29 13.76 39.68
CA VAL M 223 99.53 14.36 40.77
C VAL M 223 98.93 13.29 41.69
N ARG M 224 98.45 12.20 41.10
CA ARG M 224 97.87 11.08 41.86
C ARG M 224 98.92 10.35 42.70
N LYS M 225 100.09 10.12 42.11
CA LYS M 225 101.23 9.52 42.83
C LYS M 225 101.67 10.40 44.00
N ALA M 226 101.69 11.71 43.79
CA ALA M 226 102.11 12.67 44.82
C ALA M 226 101.17 12.67 46.03
N LEU M 227 99.87 12.51 45.79
CA LEU M 227 98.88 12.41 46.87
C LEU M 227 99.07 11.11 47.65
N GLY M 228 99.48 10.06 46.96
CA GLY M 228 99.78 8.77 47.58
C GLY M 228 98.55 7.96 47.94
N PRO M 229 98.74 6.84 48.67
CA PRO M 229 97.64 5.96 49.09
C PRO M 229 96.71 6.60 50.11
N LYS M 230 97.21 7.54 50.91
CA LYS M 230 96.38 8.26 51.87
C LYS M 230 95.45 9.27 51.20
N GLY M 231 95.89 9.84 50.09
CA GLY M 231 95.07 10.78 49.32
C GLY M 231 94.47 10.16 48.08
N ARG M 232 94.26 8.84 48.10
CA ARG M 232 93.73 8.11 46.94
C ARG M 232 92.27 8.44 46.62
N ASP M 233 91.48 8.74 47.66
CA ASP M 233 90.07 9.09 47.50
C ASP M 233 89.86 10.61 47.30
N ILE M 234 90.94 11.38 47.28
CA ILE M 234 90.84 12.80 46.98
C ILE M 234 90.67 12.99 45.46
N MET M 235 89.53 13.59 45.06
CA MET M 235 89.23 13.80 43.65
C MET M 235 90.18 14.79 42.98
N ILE M 236 90.64 14.44 41.78
CA ILE M 236 91.51 15.31 41.01
C ILE M 236 90.73 15.89 39.83
N ILE M 237 90.47 17.19 39.91
CA ILE M 237 89.79 17.92 38.85
C ILE M 237 90.85 18.67 38.05
N CYS M 238 90.95 18.34 36.77
CA CYS M 238 91.98 18.89 35.90
C CYS M 238 91.55 20.18 35.22
N LYS M 239 92.28 21.25 35.53
CA LYS M 239 92.04 22.56 34.93
C LYS M 239 92.67 22.66 33.55
N ILE M 240 91.83 22.88 32.54
CA ILE M 240 92.29 23.04 31.17
C ILE M 240 92.36 24.54 30.86
N GLU M 241 93.58 25.04 30.66
CA GLU M 241 93.81 26.47 30.47
C GLU M 241 94.97 26.79 29.52
N ASN M 242 95.45 25.78 28.80
CA ASN M 242 96.44 25.98 27.75
C ASN M 242 96.16 25.18 26.47
N HIS M 243 97.06 25.30 25.49
CA HIS M 243 96.86 24.73 24.15
C HIS M 243 96.80 23.21 24.15
N GLN M 244 97.86 22.58 24.66
CA GLN M 244 97.99 21.12 24.66
C GLN M 244 97.04 20.42 25.63
N GLY M 245 96.58 21.14 26.64
CA GLY M 245 95.56 20.64 27.57
C GLY M 245 94.26 20.34 26.84
N VAL M 246 93.83 21.27 25.99
CA VAL M 246 92.67 21.11 25.13
C VAL M 246 92.88 19.95 24.15
N GLN M 247 94.08 19.89 23.58
CA GLN M 247 94.45 18.88 22.59
C GLN M 247 94.35 17.43 23.11
N ASN M 248 94.84 17.22 24.33
CA ASN M 248 94.87 15.88 24.94
C ASN M 248 93.69 15.60 25.87
N ILE M 249 92.57 16.28 25.63
CA ILE M 249 91.40 16.23 26.50
C ILE M 249 90.82 14.83 26.75
N ASP M 250 90.83 13.98 25.72
CA ASP M 250 90.28 12.63 25.82
C ASP M 250 91.02 11.78 26.84
N SER M 251 92.35 11.79 26.78
CA SER M 251 93.19 11.03 27.71
C SER M 251 93.18 11.62 29.12
N ILE M 252 93.19 12.95 29.20
CA ILE M 252 93.11 13.68 30.47
C ILE M 252 91.82 13.34 31.22
N ILE M 253 90.69 13.35 30.49
CA ILE M 253 89.39 12.96 31.05
C ILE M 253 89.41 11.54 31.64
N GLU M 254 90.00 10.60 30.89
CA GLU M 254 90.09 9.21 31.33
C GLU M 254 90.83 9.08 32.67
N GLU M 255 91.86 9.90 32.85
CA GLU M 255 92.71 9.85 34.04
C GLU M 255 92.20 10.69 35.21
N SER M 256 91.51 11.79 34.90
CA SER M 256 91.01 12.71 35.92
C SER M 256 89.75 12.19 36.59
N ASP M 257 89.31 12.91 37.63
CA ASP M 257 88.01 12.69 38.25
C ASP M 257 87.03 13.77 37.78
N GLY M 258 87.50 14.65 36.91
CA GLY M 258 86.68 15.75 36.40
C GLY M 258 87.52 16.85 35.74
N ILE M 259 86.83 17.82 35.15
CA ILE M 259 87.49 18.87 34.37
C ILE M 259 86.95 20.26 34.77
N MET M 260 87.83 21.25 34.75
CA MET M 260 87.41 22.65 34.84
C MET M 260 87.77 23.37 33.54
N VAL M 261 86.79 24.08 32.98
CA VAL M 261 87.05 24.98 31.86
C VAL M 261 87.57 26.28 32.46
N ALA M 262 88.88 26.33 32.68
CA ALA M 262 89.55 27.49 33.28
C ALA M 262 89.71 28.59 32.24
N ARG M 263 88.63 29.34 32.04
CA ARG M 263 88.50 30.25 30.90
C ARG M 263 89.41 31.48 30.96
N GLY M 264 89.82 31.87 32.16
CA GLY M 264 90.73 33.01 32.33
C GLY M 264 92.02 32.85 31.54
N ASP M 265 92.79 31.82 31.91
CA ASP M 265 94.06 31.52 31.24
C ASP M 265 93.87 30.93 29.84
N LEU M 266 92.81 30.14 29.64
CA LEU M 266 92.49 29.56 28.34
C LEU M 266 92.28 30.64 27.28
N GLY M 267 91.59 31.71 27.67
CA GLY M 267 91.31 32.84 26.78
C GLY M 267 92.50 33.69 26.40
N VAL M 268 93.68 33.37 26.95
CA VAL M 268 94.92 34.03 26.57
C VAL M 268 95.84 33.08 25.81
N GLU M 269 95.83 31.81 26.23
CA GLU M 269 96.66 30.77 25.64
C GLU M 269 96.06 30.29 24.32
N ILE M 270 94.75 30.41 24.20
CA ILE M 270 94.02 30.12 22.97
C ILE M 270 93.29 31.42 22.57
N PRO M 271 93.05 31.63 21.26
CA PRO M 271 92.27 32.82 20.86
C PRO M 271 90.93 32.90 21.61
N ALA M 272 90.58 34.10 22.04
CA ALA M 272 89.44 34.33 22.96
C ALA M 272 88.13 33.71 22.48
N GLU M 273 87.85 33.80 21.18
CA GLU M 273 86.60 33.31 20.61
C GLU M 273 86.54 31.78 20.46
N LYS M 274 87.71 31.13 20.50
CA LYS M 274 87.78 29.67 20.44
C LYS M 274 87.37 29.00 21.76
N VAL M 275 87.40 29.77 22.85
CA VAL M 275 87.02 29.27 24.18
C VAL M 275 85.55 28.82 24.23
N VAL M 276 84.71 29.51 23.46
CA VAL M 276 83.29 29.14 23.33
C VAL M 276 83.13 27.71 22.82
N VAL M 277 83.81 27.40 21.71
CA VAL M 277 83.79 26.06 21.12
C VAL M 277 84.39 25.05 22.11
N ALA M 278 85.55 25.40 22.66
CA ALA M 278 86.25 24.56 23.62
C ALA M 278 85.37 24.21 24.82
N GLN M 279 84.65 25.22 25.34
CA GLN M 279 83.75 25.05 26.48
C GLN M 279 82.65 24.03 26.20
N LYS M 280 82.11 24.07 24.97
CA LYS M 280 81.10 23.12 24.52
C LYS M 280 81.67 21.69 24.47
N ILE M 281 82.85 21.56 23.87
CA ILE M 281 83.54 20.28 23.73
C ILE M 281 83.84 19.63 25.08
N LEU M 282 84.46 20.40 25.98
CA LEU M 282 84.88 19.86 27.28
C LEU M 282 83.70 19.38 28.12
N ILE M 283 82.68 20.23 28.22
CA ILE M 283 81.49 19.93 29.02
C ILE M 283 80.70 18.73 28.49
N SER M 284 80.54 18.65 27.16
CA SER M 284 79.83 17.54 26.51
C SER M 284 80.61 16.23 26.57
N LYS M 285 81.93 16.30 26.46
CA LYS M 285 82.82 15.15 26.63
C LYS M 285 82.77 14.61 28.06
N CYS M 286 82.75 15.54 29.02
CA CYS M 286 82.61 15.21 30.43
C CYS M 286 81.26 14.56 30.74
N ASN M 287 80.21 15.08 30.11
CA ASN M 287 78.86 14.53 30.26
C ASN M 287 78.75 13.07 29.79
N VAL M 288 79.29 12.79 28.61
CA VAL M 288 79.35 11.43 28.05
C VAL M 288 80.17 10.50 28.96
N ALA M 289 81.25 11.05 29.53
CA ALA M 289 82.11 10.31 30.44
C ALA M 289 81.47 10.08 31.83
N GLY M 290 80.47 10.89 32.15
CA GLY M 290 79.83 10.82 33.47
C GLY M 290 80.71 11.38 34.57
N LYS M 291 81.52 12.38 34.21
CA LYS M 291 82.44 13.01 35.15
C LYS M 291 82.07 14.50 35.32
N PRO M 292 82.20 15.03 36.55
CA PRO M 292 81.83 16.41 36.87
C PRO M 292 82.61 17.43 36.03
N VAL M 293 81.93 18.48 35.61
CA VAL M 293 82.58 19.55 34.85
C VAL M 293 82.18 20.93 35.39
N ILE M 294 83.18 21.79 35.52
CA ILE M 294 83.00 23.14 36.05
C ILE M 294 83.32 24.19 34.97
N CYS M 295 82.47 25.22 34.91
CA CYS M 295 82.75 26.39 34.10
C CYS M 295 83.22 27.53 35.01
N ALA M 296 84.37 28.12 34.68
CA ALA M 296 85.02 29.08 35.57
C ALA M 296 85.38 30.41 34.92
N THR M 297 85.59 31.43 35.77
CA THR M 297 86.21 32.72 35.44
C THR M 297 85.33 33.73 34.69
N GLN M 298 85.19 34.90 35.29
CA GLN M 298 84.51 36.07 34.70
C GLN M 298 83.06 35.81 34.31
N MET M 299 82.41 34.91 35.05
CA MET M 299 80.99 34.61 34.85
C MET M 299 80.14 35.83 35.18
N LEU M 300 80.51 36.50 36.28
CA LEU M 300 79.80 37.67 36.80
C LEU M 300 80.78 38.74 37.28
N GLU M 301 81.80 38.99 36.47
CA GLU M 301 82.96 39.83 36.86
C GLU M 301 82.63 41.26 37.33
N SER M 302 81.61 41.88 36.74
CA SER M 302 81.22 43.25 37.10
C SER M 302 80.63 43.37 38.50
N MET M 303 80.18 42.24 39.05
CA MET M 303 79.61 42.20 40.40
C MET M 303 80.67 42.18 41.51
N THR M 304 81.95 42.19 41.11
CA THR M 304 83.05 42.42 42.05
C THR M 304 82.94 43.84 42.60
N TYR M 305 82.30 44.72 41.83
CA TYR M 305 82.17 46.14 42.16
C TYR M 305 80.71 46.61 42.20
N ASN M 306 79.82 45.91 41.50
CA ASN M 306 78.42 46.34 41.33
C ASN M 306 77.38 45.40 41.91
N PRO M 307 76.29 45.95 42.49
CA PRO M 307 75.22 45.17 43.12
C PRO M 307 74.47 44.22 42.17
N ARG M 308 74.52 44.50 40.87
CA ARG M 308 73.89 43.64 39.86
C ARG M 308 74.73 43.48 38.59
N PRO M 309 74.57 42.33 37.89
CA PRO M 309 75.42 41.98 36.75
C PRO M 309 74.99 42.63 35.44
N THR M 310 75.85 42.51 34.42
CA THR M 310 75.53 42.96 33.07
C THR M 310 74.73 41.86 32.35
N ARG M 311 74.03 42.24 31.29
CA ARG M 311 73.21 41.31 30.50
C ARG M 311 74.04 40.17 29.91
N ALA M 312 75.29 40.46 29.56
CA ALA M 312 76.23 39.48 29.03
C ALA M 312 76.66 38.46 30.10
N GLU M 313 76.67 38.89 31.35
CA GLU M 313 77.04 38.04 32.48
C GLU M 313 75.92 37.08 32.90
N VAL M 314 74.68 37.55 32.81
CA VAL M 314 73.49 36.74 33.09
C VAL M 314 73.34 35.64 32.03
N SER M 315 73.60 36.03 30.78
CA SER M 315 73.55 35.13 29.63
C SER M 315 74.59 34.01 29.73
N ASP M 316 75.80 34.39 30.15
CA ASP M 316 76.93 33.48 30.28
C ASP M 316 76.68 32.37 31.32
N VAL M 317 76.09 32.74 32.45
CA VAL M 317 75.75 31.79 33.52
C VAL M 317 74.68 30.80 33.05
N ALA M 318 73.62 31.33 32.43
CA ALA M 318 72.52 30.52 31.92
C ALA M 318 72.97 29.53 30.85
N ASN M 319 73.82 30.00 29.94
CA ASN M 319 74.32 29.18 28.84
C ASN M 319 75.35 28.14 29.25
N ALA M 320 75.99 28.35 30.40
CA ALA M 320 76.88 27.35 30.99
C ALA M 320 76.07 26.14 31.46
N VAL M 321 74.88 26.41 31.99
CA VAL M 321 73.94 25.36 32.40
C VAL M 321 73.36 24.64 31.19
N PHE M 322 73.08 25.40 30.13
CA PHE M 322 72.60 24.86 28.85
C PHE M 322 73.63 23.97 28.15
N ASN M 323 74.91 24.32 28.33
CA ASN M 323 76.02 23.48 27.87
C ASN M 323 76.01 22.12 28.55
N GLY M 324 75.55 22.10 29.81
CA GLY M 324 75.43 20.89 30.59
C GLY M 324 76.49 20.77 31.67
N ALA M 325 76.93 21.91 32.20
CA ALA M 325 77.93 21.95 33.26
C ALA M 325 77.32 21.58 34.59
N ASP M 326 78.11 20.90 35.43
CA ASP M 326 77.66 20.56 36.78
C ASP M 326 77.76 21.80 37.67
N CYS M 327 78.91 22.46 37.59
CA CYS M 327 79.21 23.59 38.46
C CYS M 327 79.50 24.86 37.67
N VAL M 328 79.13 25.97 38.29
CA VAL M 328 79.58 27.30 37.86
C VAL M 328 80.45 27.87 38.98
N MET M 329 81.46 28.65 38.62
CA MET M 329 82.44 29.13 39.59
C MET M 329 82.56 30.64 39.70
N LEU M 330 82.74 31.11 40.94
CA LEU M 330 83.03 32.51 41.23
C LEU M 330 84.47 32.63 41.72
N SER M 331 85.21 33.57 41.13
CA SER M 331 86.62 33.76 41.48
C SER M 331 86.88 35.05 42.27
N GLY M 332 87.20 36.12 41.55
CA GLY M 332 87.44 37.43 42.16
C GLY M 332 86.22 38.03 42.82
N GLU M 333 85.04 37.72 42.25
CA GLU M 333 83.76 38.20 42.76
C GLU M 333 83.52 37.85 44.23
N THR M 334 84.10 36.73 44.68
CA THR M 334 84.00 36.30 46.08
C THR M 334 85.30 36.47 46.86
N ALA M 335 86.43 36.38 46.17
CA ALA M 335 87.75 36.56 46.80
C ALA M 335 87.99 37.99 47.30
N LYS M 336 87.67 38.97 46.45
CA LYS M 336 87.95 40.39 46.77
C LYS M 336 86.83 41.36 46.34
N GLY M 337 85.60 40.87 46.29
CA GLY M 337 84.47 41.66 45.82
C GLY M 337 83.67 42.34 46.91
N LYS M 338 82.98 43.42 46.53
CA LYS M 338 82.11 44.18 47.43
C LYS M 338 80.79 43.47 47.73
N TYR M 339 80.34 42.61 46.83
CA TYR M 339 79.03 41.98 46.94
C TYR M 339 79.10 40.45 46.89
N PRO M 340 79.67 39.82 47.94
CA PRO M 340 79.89 38.37 47.91
C PRO M 340 78.59 37.56 47.98
N ASN M 341 77.71 37.93 48.90
CA ASN M 341 76.41 37.25 49.07
C ASN M 341 75.51 37.43 47.85
N GLU M 342 75.43 38.66 47.36
CA GLU M 342 74.58 39.02 46.22
C GLU M 342 75.01 38.33 44.92
N VAL M 343 76.31 38.16 44.74
CA VAL M 343 76.84 37.51 43.54
C VAL M 343 76.45 36.01 43.48
N VAL M 344 76.43 35.36 44.64
CA VAL M 344 76.03 33.95 44.74
C VAL M 344 74.51 33.81 44.59
N GLN M 345 73.77 34.62 45.34
CA GLN M 345 72.30 34.66 45.28
C GLN M 345 71.79 34.79 43.84
N TYR M 346 72.39 35.73 43.10
CA TYR M 346 72.09 35.93 41.68
C TYR M 346 72.40 34.69 40.86
N MET M 347 73.61 34.15 41.05
CA MET M 347 74.07 32.95 40.33
C MET M 347 73.19 31.73 40.61
N ALA M 348 72.66 31.66 41.83
CA ALA M 348 71.69 30.61 42.19
C ALA M 348 70.35 30.84 41.49
N ARG M 349 69.93 32.11 41.43
CA ARG M 349 68.67 32.50 40.81
C ARG M 349 68.70 32.30 39.28
N ILE M 350 69.86 32.54 38.67
CA ILE M 350 70.03 32.38 37.23
C ILE M 350 70.05 30.90 36.84
N CYS M 351 70.67 30.07 37.68
CA CYS M 351 70.71 28.62 37.47
C CYS M 351 69.33 27.97 37.51
N LEU M 352 68.51 28.39 38.47
CA LEU M 352 67.13 27.90 38.59
C LEU M 352 66.29 28.23 37.35
N GLU M 353 66.49 29.42 36.82
CA GLU M 353 65.77 29.88 35.63
C GLU M 353 66.20 29.13 34.38
N ALA M 354 67.51 28.89 34.25
CA ALA M 354 68.06 28.12 33.13
C ALA M 354 67.60 26.66 33.19
N GLN M 355 67.52 26.13 34.41
CA GLN M 355 67.04 24.78 34.68
C GLN M 355 65.58 24.59 34.23
N SER M 356 64.79 25.65 34.36
CA SER M 356 63.40 25.68 33.90
C SER M 356 63.32 25.55 32.37
N ALA M 357 64.30 26.13 31.68
CA ALA M 357 64.36 26.12 30.22
C ALA M 357 65.12 24.92 29.69
N LEU M 358 65.78 24.19 30.59
CA LEU M 358 66.56 23.02 30.23
C LEU M 358 65.65 21.85 29.86
N ASN M 359 65.96 21.17 28.77
CA ASN M 359 65.23 19.99 28.34
C ASN M 359 65.92 18.73 28.84
N GLU M 360 65.58 18.31 30.06
CA GLU M 360 66.24 17.19 30.73
C GLU M 360 66.06 15.85 30.03
N TYR M 361 64.86 15.60 29.53
CA TYR M 361 64.52 14.31 28.91
C TYR M 361 65.30 14.05 27.61
N VAL M 362 65.53 15.10 26.84
CA VAL M 362 66.35 15.01 25.63
C VAL M 362 67.83 14.85 25.98
N PHE M 363 68.24 15.47 27.10
CA PHE M 363 69.60 15.32 27.64
C PHE M 363 69.87 13.86 28.06
N PHE M 364 68.89 13.26 28.73
CA PHE M 364 68.91 11.85 29.11
C PHE M 364 69.03 10.94 27.89
N ASN M 365 68.21 11.22 26.87
CA ASN M 365 68.24 10.47 25.61
C ASN M 365 69.54 10.63 24.83
N SER M 366 70.06 11.86 24.80
CA SER M 366 71.30 12.16 24.11
C SER M 366 72.50 11.40 24.71
N ILE M 367 72.58 11.41 26.04
CA ILE M 367 73.68 10.76 26.77
C ILE M 367 73.60 9.23 26.69
N LYS M 368 72.39 8.69 26.80
CA LYS M 368 72.17 7.24 26.72
C LYS M 368 72.60 6.68 25.36
N LYS M 369 72.26 7.38 24.29
CA LYS M 369 72.54 6.93 22.93
C LYS M 369 74.02 7.05 22.51
N LEU M 370 74.81 7.74 23.33
CA LEU M 370 76.25 7.88 23.08
C LEU M 370 77.11 6.95 23.95
N GLN M 371 76.46 6.07 24.71
CA GLN M 371 77.16 5.11 25.56
C GLN M 371 77.43 3.81 24.80
N HIS M 372 78.60 3.21 25.06
CA HIS M 372 78.99 1.96 24.42
C HIS M 372 78.13 0.80 24.88
N ILE M 373 77.79 -0.07 23.94
CA ILE M 373 76.96 -1.24 24.20
C ILE M 373 77.79 -2.51 23.93
N PRO M 374 77.84 -3.43 24.91
CA PRO M 374 77.03 -3.44 26.14
C PRO M 374 77.51 -2.51 27.25
N MET M 375 76.59 -2.08 28.09
CA MET M 375 76.92 -1.35 29.31
C MET M 375 77.22 -2.34 30.42
N SER M 376 77.94 -1.88 31.45
CA SER M 376 78.08 -2.65 32.68
C SER M 376 76.72 -2.71 33.38
N ALA M 377 76.51 -3.73 34.20
CA ALA M 377 75.24 -3.96 34.88
C ALA M 377 74.80 -2.78 35.75
N ASP M 378 75.76 -2.18 36.45
CA ASP M 378 75.48 -1.03 37.32
C ASP M 378 75.05 0.23 36.55
N GLU M 379 75.66 0.46 35.38
CA GLU M 379 75.28 1.60 34.54
C GLU M 379 73.91 1.38 33.87
N ALA M 380 73.63 0.14 33.49
CA ALA M 380 72.31 -0.24 32.96
C ALA M 380 71.20 0.01 33.98
N VAL M 381 71.49 -0.32 35.24
CA VAL M 381 70.55 -0.13 36.35
C VAL M 381 70.19 1.36 36.53
N CYS M 382 71.19 2.23 36.47
CA CYS M 382 70.99 3.67 36.63
C CYS M 382 70.27 4.30 35.44
N SER M 383 70.63 3.86 34.23
CA SER M 383 70.01 4.34 33.00
C SER M 383 68.53 3.95 32.94
N SER M 384 68.23 2.73 33.36
CA SER M 384 66.86 2.22 33.34
C SER M 384 66.05 2.68 34.56
N ALA M 385 66.74 3.22 35.55
CA ALA M 385 66.07 3.85 36.71
C ALA M 385 65.65 5.27 36.37
N VAL M 386 66.52 5.99 35.67
CA VAL M 386 66.20 7.33 35.16
C VAL M 386 65.09 7.23 34.11
N ASN M 387 65.14 6.18 33.30
CA ASN M 387 64.07 5.90 32.34
C ASN M 387 62.74 5.67 33.04
N SER M 388 62.78 4.95 34.16
CA SER M 388 61.59 4.73 35.01
C SER M 388 61.05 6.03 35.59
N VAL M 389 61.94 6.95 35.96
CA VAL M 389 61.54 8.26 36.50
C VAL M 389 60.70 9.04 35.49
N TYR M 390 61.12 9.02 34.22
CA TYR M 390 60.41 9.71 33.15
C TYR M 390 59.08 9.05 32.77
N GLU M 391 59.08 7.73 32.77
CA GLU M 391 57.91 6.94 32.37
C GLU M 391 56.81 6.92 33.42
N THR M 392 57.20 6.99 34.69
CA THR M 392 56.26 6.89 35.81
C THR M 392 55.97 8.26 36.46
N LYS M 393 56.61 9.30 35.93
CA LYS M 393 56.54 10.67 36.48
C LYS M 393 56.87 10.70 37.97
N ALA M 394 58.02 10.11 38.31
CA ALA M 394 58.52 10.05 39.68
C ALA M 394 59.00 11.43 40.13
N LYS M 395 58.86 11.70 41.42
CA LYS M 395 59.14 13.04 41.97
C LYS M 395 60.45 13.09 42.77
N ALA M 396 60.96 11.93 43.17
CA ALA M 396 62.25 11.83 43.85
C ALA M 396 62.95 10.50 43.53
N MET M 397 64.26 10.47 43.77
CA MET M 397 65.07 9.29 43.51
C MET M 397 66.03 9.06 44.67
N VAL M 398 66.14 7.80 45.12
CA VAL M 398 67.02 7.45 46.24
C VAL M 398 68.11 6.47 45.80
N VAL M 399 69.37 6.82 46.09
CA VAL M 399 70.52 5.99 45.74
C VAL M 399 71.46 5.78 46.92
N LEU M 400 71.79 4.51 47.20
CA LEU M 400 72.80 4.21 48.20
C LEU M 400 74.19 4.21 47.54
N SER M 401 75.09 5.02 48.08
CA SER M 401 76.43 5.16 47.53
C SER M 401 77.41 5.51 48.64
N ASN M 402 78.35 4.60 48.89
CA ASN M 402 79.38 4.81 49.91
C ASN M 402 80.48 5.75 49.42
N THR M 403 81.13 5.39 48.31
CA THR M 403 81.88 6.33 47.48
C THR M 403 80.84 7.15 46.71
N GLY M 404 81.25 8.18 45.97
CA GLY M 404 80.28 8.92 45.16
C GLY M 404 79.79 8.16 43.94
N ARG M 405 80.51 7.10 43.59
CA ARG M 405 80.29 6.32 42.36
C ARG M 405 78.86 6.26 41.83
N SER M 406 78.00 5.54 42.54
CA SER M 406 76.61 5.32 42.11
C SER M 406 75.83 6.62 41.90
N ALA M 407 76.00 7.55 42.83
CA ALA M 407 75.33 8.85 42.78
C ALA M 407 75.70 9.64 41.53
N ARG M 408 76.99 9.62 41.16
CA ARG M 408 77.47 10.27 39.95
C ARG M 408 77.00 9.55 38.69
N LEU M 409 76.81 8.24 38.81
CA LEU M 409 76.34 7.40 37.70
C LEU M 409 74.86 7.64 37.41
N VAL M 410 74.07 7.88 38.46
CA VAL M 410 72.66 8.23 38.32
C VAL M 410 72.51 9.66 37.82
N ALA M 411 73.32 10.56 38.40
CA ALA M 411 73.36 11.98 38.00
C ALA M 411 73.74 12.15 36.54
N LYS M 412 74.52 11.20 36.03
CA LYS M 412 74.97 11.17 34.63
C LYS M 412 73.82 11.22 33.63
N TYR M 413 72.72 10.56 33.96
CA TYR M 413 71.61 10.40 33.01
C TYR M 413 70.50 11.47 33.10
N ARG M 414 70.73 12.51 33.91
CA ARG M 414 69.90 13.73 33.93
C ARG M 414 68.38 13.51 34.05
N PRO M 415 67.90 13.15 35.26
CA PRO M 415 66.46 13.02 35.49
C PRO M 415 65.79 14.36 35.86
N ASN M 416 64.46 14.41 35.70
CA ASN M 416 63.70 15.64 35.98
C ASN M 416 63.32 15.80 37.46
N CYS M 417 63.80 14.89 38.30
CA CYS M 417 63.54 14.93 39.74
C CYS M 417 64.85 14.98 40.53
N PRO M 418 64.81 15.49 41.79
CA PRO M 418 65.99 15.47 42.66
C PRO M 418 66.54 14.07 42.90
N ILE M 419 67.85 13.98 43.10
CA ILE M 419 68.50 12.72 43.48
C ILE M 419 69.01 12.80 44.92
N VAL M 420 68.51 11.89 45.75
CA VAL M 420 68.96 11.78 47.12
C VAL M 420 69.96 10.64 47.25
N CYS M 421 71.20 10.98 47.57
CA CYS M 421 72.21 9.97 47.86
C CYS M 421 72.34 9.78 49.36
N VAL M 422 72.16 8.53 49.80
CA VAL M 422 72.41 8.16 51.19
C VAL M 422 73.79 7.55 51.26
N THR M 423 74.65 8.16 52.07
CA THR M 423 76.04 7.74 52.13
C THR M 423 76.51 7.47 53.56
N THR M 424 77.41 6.50 53.71
CA THR M 424 78.04 6.22 54.99
C THR M 424 79.29 7.08 55.18
N ARG M 425 79.70 7.79 54.14
CA ARG M 425 80.84 8.69 54.21
C ARG M 425 80.51 10.19 54.14
N LEU M 426 81.02 10.92 55.13
CA LEU M 426 80.84 12.38 55.21
C LEU M 426 81.63 13.11 54.12
N GLN M 427 82.74 12.52 53.69
CA GLN M 427 83.51 13.08 52.59
C GLN M 427 82.77 12.96 51.26
N THR M 428 82.12 11.81 51.07
CA THR M 428 81.24 11.59 49.91
C THR M 428 80.19 12.70 49.79
N CYS M 429 79.59 13.10 50.91
CA CYS M 429 78.69 14.25 50.93
C CYS M 429 79.34 15.49 50.33
N ARG M 430 80.54 15.82 50.82
CA ARG M 430 81.27 17.01 50.39
C ARG M 430 81.70 16.90 48.93
N GLN M 431 82.21 15.73 48.56
CA GLN M 431 82.67 15.48 47.19
C GLN M 431 81.56 15.53 46.16
N LEU M 432 80.36 15.06 46.52
CA LEU M 432 79.20 15.12 45.63
C LEU M 432 78.63 16.53 45.46
N ASN M 433 79.28 17.52 46.10
CA ASN M 433 78.95 18.93 45.91
C ASN M 433 79.39 19.48 44.55
N ILE M 434 80.21 18.73 43.83
CA ILE M 434 80.53 19.10 42.45
C ILE M 434 79.74 18.27 41.43
N THR M 435 78.78 17.50 41.91
CA THR M 435 77.90 16.72 41.04
C THR M 435 76.51 17.36 41.02
N GLN M 436 76.04 17.66 39.81
CA GLN M 436 74.75 18.29 39.57
C GLN M 436 73.57 17.39 39.97
N GLY M 437 72.53 18.01 40.54
CA GLY M 437 71.24 17.35 40.78
C GLY M 437 71.16 16.38 41.94
N VAL M 438 72.22 16.30 42.74
CA VAL M 438 72.31 15.37 43.88
C VAL M 438 72.32 16.10 45.23
N GLU M 439 71.62 15.53 46.21
CA GLU M 439 71.71 15.97 47.61
C GLU M 439 72.04 14.79 48.52
N SER M 440 73.05 14.98 49.36
CA SER M 440 73.62 13.90 50.18
C SER M 440 73.08 13.86 51.60
N VAL M 441 72.64 12.68 52.02
CA VAL M 441 72.24 12.42 53.40
C VAL M 441 73.25 11.46 54.05
N PHE M 442 73.67 11.81 55.26
CA PHE M 442 74.65 11.00 55.99
C PHE M 442 73.98 9.95 56.86
N PHE M 443 74.41 8.71 56.67
CA PHE M 443 74.00 7.59 57.52
C PHE M 443 75.22 7.11 58.32
N ASP M 444 75.17 7.29 59.63
CA ASP M 444 76.29 6.93 60.50
C ASP M 444 76.34 5.44 60.76
N ALA M 445 77.09 4.72 59.93
CA ALA M 445 77.23 3.27 60.05
C ALA M 445 77.97 2.82 61.31
N ASP M 446 78.84 3.69 61.84
CA ASP M 446 79.57 3.40 63.07
C ASP M 446 78.66 3.12 64.26
N LYS M 447 77.54 3.82 64.35
CA LYS M 447 76.64 3.65 65.50
C LYS M 447 75.25 3.09 65.17
N LEU M 448 75.01 2.82 63.90
CA LEU M 448 73.72 2.25 63.46
C LEU M 448 73.88 0.89 62.74
N GLY M 449 75.12 0.53 62.43
CA GLY M 449 75.40 -0.75 61.76
C GLY M 449 75.54 -0.61 60.26
N HIS M 450 75.79 -1.74 59.61
CA HIS M 450 76.06 -1.78 58.17
C HIS M 450 74.81 -1.83 57.30
N ASP M 451 73.66 -2.07 57.91
CA ASP M 451 72.37 -2.04 57.20
C ASP M 451 72.40 -2.96 55.97
N GLU M 452 72.61 -4.26 56.21
CA GLU M 452 72.69 -5.23 55.13
C GLU M 452 71.38 -5.43 54.37
N GLY M 453 70.26 -5.15 55.03
CA GLY M 453 68.94 -5.25 54.42
C GLY M 453 68.53 -3.99 53.65
N LYS M 454 69.41 -2.99 53.65
CA LYS M 454 69.23 -1.72 52.91
C LYS M 454 68.09 -0.78 53.40
N GLU M 455 67.18 -1.30 54.21
CA GLU M 455 65.97 -0.54 54.58
C GLU M 455 66.16 0.69 55.47
N HIS M 456 67.18 0.67 56.33
CA HIS M 456 67.48 1.82 57.19
C HIS M 456 67.95 3.04 56.40
N ARG M 457 68.84 2.80 55.43
CA ARG M 457 69.37 3.86 54.56
C ARG M 457 68.33 4.38 53.57
N VAL M 458 67.52 3.47 53.04
CA VAL M 458 66.44 3.83 52.10
C VAL M 458 65.41 4.75 52.79
N ALA M 459 64.95 4.34 53.97
CA ALA M 459 63.98 5.10 54.74
C ALA M 459 64.46 6.52 55.06
N ALA M 460 65.77 6.67 55.28
CA ALA M 460 66.41 7.96 55.55
C ALA M 460 66.39 8.90 54.33
N GLY M 461 66.59 8.33 53.15
CA GLY M 461 66.55 9.09 51.89
C GLY M 461 65.15 9.55 51.55
N VAL M 462 64.17 8.68 51.77
CA VAL M 462 62.76 9.01 51.54
C VAL M 462 62.30 10.10 52.50
N GLU M 463 62.73 10.01 53.76
CA GLU M 463 62.40 10.98 54.79
C GLU M 463 62.95 12.37 54.45
N PHE M 464 64.16 12.41 53.90
CA PHE M 464 64.78 13.66 53.43
C PHE M 464 63.99 14.27 52.27
N ALA M 465 63.53 13.41 51.36
CA ALA M 465 62.69 13.86 50.25
C ALA M 465 61.31 14.34 50.74
N LYS M 466 60.80 13.71 51.80
CA LYS M 466 59.54 14.12 52.43
C LYS M 466 59.65 15.48 53.11
N SER M 467 60.78 15.73 53.75
CA SER M 467 61.00 16.98 54.50
C SER M 467 61.31 18.16 53.58
N LYS M 468 61.75 17.87 52.36
CA LYS M 468 62.08 18.91 51.38
C LYS M 468 60.92 19.23 50.46
N GLY M 469 59.83 18.49 50.61
CA GLY M 469 58.62 18.68 49.80
C GLY M 469 58.71 18.07 48.40
N TYR M 470 59.72 17.25 48.17
CA TYR M 470 59.90 16.60 46.88
C TYR M 470 58.81 15.56 46.62
N VAL M 471 58.47 14.80 47.67
CA VAL M 471 57.43 13.77 47.59
C VAL M 471 56.43 13.89 48.75
N GLN M 472 55.16 13.65 48.45
CA GLN M 472 54.10 13.51 49.46
C GLN M 472 53.50 12.12 49.33
N THR M 473 52.85 11.64 50.40
CA THR M 473 52.17 10.34 50.39
C THR M 473 51.41 10.11 49.09
N GLY M 474 51.75 9.03 48.39
CA GLY M 474 51.10 8.67 47.14
C GLY M 474 51.89 9.04 45.90
N ASP M 475 53.14 9.42 46.09
CA ASP M 475 54.06 9.68 44.98
C ASP M 475 54.96 8.48 44.74
N TYR M 476 55.58 8.45 43.57
CA TYR M 476 56.53 7.39 43.23
C TYR M 476 57.96 7.81 43.52
N CYS M 477 58.68 6.91 44.18
CA CYS M 477 60.10 7.10 44.42
C CYS M 477 60.87 5.95 43.78
N VAL M 478 61.89 6.28 43.01
CA VAL M 478 62.73 5.26 42.37
C VAL M 478 63.99 5.03 43.20
N VAL M 479 64.14 3.80 43.68
CA VAL M 479 65.20 3.46 44.64
C VAL M 479 66.23 2.53 44.01
N ILE M 480 67.50 2.92 44.14
CA ILE M 480 68.61 2.18 43.56
C ILE M 480 69.59 1.73 44.65
N HIS M 481 69.86 0.43 44.67
CA HIS M 481 70.91 -0.19 45.49
C HIS M 481 71.10 -1.63 45.03
N ALA M 482 71.66 -2.47 45.91
CA ALA M 482 71.85 -3.88 45.58
C ALA M 482 70.83 -4.77 46.31
N ASP M 483 70.73 -6.02 45.85
CA ASP M 483 69.92 -7.04 46.53
C ASP M 483 70.64 -7.55 47.79
N HIS M 484 70.21 -8.69 48.31
CA HIS M 484 70.83 -9.27 49.50
C HIS M 484 72.29 -9.71 49.25
N LYS M 485 72.58 -10.16 48.04
CA LYS M 485 73.84 -10.85 47.74
C LYS M 485 74.98 -9.98 47.20
N VAL M 486 74.68 -9.17 46.18
CA VAL M 486 75.69 -8.41 45.44
C VAL M 486 76.41 -7.32 46.25
N LYS M 487 77.74 -7.40 46.27
CA LYS M 487 78.57 -6.41 46.95
C LYS M 487 79.45 -5.67 45.95
N GLY M 488 79.38 -4.35 45.95
CA GLY M 488 80.28 -3.53 45.13
C GLY M 488 79.63 -2.53 44.20
N TYR M 489 78.38 -2.82 43.82
CA TYR M 489 77.61 -1.94 42.93
C TYR M 489 76.11 -2.14 43.16
N ALA M 490 75.32 -1.25 42.57
CA ALA M 490 73.86 -1.34 42.61
C ALA M 490 73.34 -2.13 41.40
N ASN M 491 72.73 -3.27 41.69
CA ASN M 491 72.16 -4.14 40.65
C ASN M 491 70.63 -4.18 40.65
N GLN M 492 70.01 -3.34 41.48
CA GLN M 492 68.57 -3.43 41.72
C GLN M 492 67.88 -2.07 41.73
N THR M 493 66.82 -1.94 40.93
CA THR M 493 65.91 -0.81 41.02
C THR M 493 64.56 -1.26 41.56
N ARG M 494 63.90 -0.38 42.30
CA ARG M 494 62.52 -0.61 42.73
C ARG M 494 61.74 0.69 42.71
N ILE M 495 60.60 0.69 42.02
CA ILE M 495 59.68 1.84 42.03
C ILE M 495 58.71 1.62 43.19
N LEU M 496 59.01 2.26 44.31
CA LEU M 496 58.16 2.11 45.49
C LEU M 496 57.28 3.33 45.76
N LEU M 497 56.14 3.08 46.41
CA LEU M 497 55.14 4.11 46.68
C LEU M 497 55.33 4.71 48.06
N VAL M 498 55.40 6.03 48.13
CA VAL M 498 55.71 6.72 49.39
C VAL M 498 54.50 6.80 50.34
N GLU M 499 54.79 6.72 51.63
CA GLU M 499 53.75 6.73 52.67
C GLU M 499 54.03 7.80 53.71
N SER N 2 65.33 3.70 9.80
CA SER N 2 64.29 3.42 8.77
C SER N 2 64.28 1.94 8.36
N GLN N 3 63.10 1.43 8.06
CA GLN N 3 62.90 0.03 7.64
C GLN N 3 63.80 -0.32 6.44
N LEU N 4 63.87 0.60 5.48
CA LEU N 4 64.63 0.39 4.25
C LEU N 4 66.12 0.16 4.51
N ALA N 5 66.66 0.90 5.49
CA ALA N 5 68.06 0.78 5.88
C ALA N 5 68.35 -0.56 6.57
N HIS N 6 67.41 -1.03 7.39
CA HIS N 6 67.55 -2.31 8.09
C HIS N 6 67.59 -3.49 7.10
N ASN N 7 66.81 -3.38 6.03
CA ASN N 7 66.80 -4.37 4.95
C ASN N 7 68.16 -4.53 4.25
N LEU N 8 68.95 -3.46 4.24
CA LEU N 8 70.27 -3.47 3.63
C LEU N 8 71.33 -4.13 4.52
N THR N 9 70.98 -4.34 5.80
CA THR N 9 71.87 -4.98 6.77
C THR N 9 71.53 -6.46 6.99
N LEU N 10 70.61 -6.98 6.18
CA LEU N 10 70.19 -8.39 6.27
C LEU N 10 71.01 -9.26 5.33
N SER N 11 71.20 -10.53 5.71
CA SER N 11 71.87 -11.52 4.89
C SER N 11 71.11 -12.84 4.88
N ILE N 12 71.16 -13.55 3.76
CA ILE N 12 70.51 -14.85 3.63
C ILE N 12 71.27 -15.97 4.37
N PHE N 13 72.56 -15.74 4.61
CA PHE N 13 73.41 -16.70 5.31
C PHE N 13 73.39 -16.52 6.83
N ASP N 14 72.58 -15.57 7.31
CA ASP N 14 72.48 -15.25 8.73
C ASP N 14 71.97 -16.44 9.55
N PRO N 15 72.69 -16.79 10.65
CA PRO N 15 72.27 -17.87 11.54
C PRO N 15 70.97 -17.54 12.28
N VAL N 16 70.06 -18.49 12.32
CA VAL N 16 68.78 -18.33 13.01
C VAL N 16 68.94 -18.29 14.53
N ALA N 17 67.98 -17.68 15.22
CA ALA N 17 67.99 -17.58 16.68
C ALA N 17 67.78 -18.92 17.37
N ASN N 18 68.39 -19.08 18.54
CA ASN N 18 68.30 -20.32 19.33
C ASN N 18 66.91 -20.60 19.90
N TYR N 19 66.01 -19.63 19.80
CA TYR N 19 64.63 -19.77 20.26
C TYR N 19 63.65 -19.22 19.24
N ARG N 20 62.45 -19.80 19.20
CA ARG N 20 61.36 -19.27 18.40
C ARG N 20 60.41 -18.44 19.27
N ALA N 21 60.14 -17.21 18.85
CA ALA N 21 59.28 -16.29 19.60
C ALA N 21 57.79 -16.58 19.38
N ALA N 22 57.40 -16.67 18.10
CA ALA N 22 56.01 -16.89 17.72
C ALA N 22 55.50 -18.28 18.10
N ARG N 23 54.18 -18.41 18.27
CA ARG N 23 53.57 -19.64 18.74
C ARG N 23 52.63 -20.25 17.71
N ILE N 24 52.66 -21.57 17.60
CA ILE N 24 51.86 -22.28 16.60
C ILE N 24 50.62 -22.93 17.21
N ILE N 25 49.46 -22.65 16.60
CA ILE N 25 48.20 -23.28 16.98
C ILE N 25 47.74 -24.22 15.86
N CYS N 26 47.36 -25.43 16.23
CA CYS N 26 46.86 -26.43 15.28
C CYS N 26 45.42 -26.80 15.61
N THR N 27 44.56 -26.81 14.60
CA THR N 27 43.21 -27.34 14.80
C THR N 27 43.20 -28.85 14.57
N ILE N 28 42.53 -29.56 15.47
CA ILE N 28 42.58 -31.03 15.51
C ILE N 28 41.37 -31.63 14.81
N GLY N 29 41.63 -32.53 13.87
CA GLY N 29 40.58 -33.22 13.12
C GLY N 29 40.85 -34.71 13.02
N PRO N 30 40.37 -35.36 11.94
CA PRO N 30 40.61 -36.79 11.72
C PRO N 30 42.10 -37.12 11.65
N SER N 31 42.86 -36.30 10.93
CA SER N 31 44.28 -36.55 10.66
C SER N 31 45.17 -36.50 11.90
N THR N 32 44.70 -35.84 12.95
CA THR N 32 45.56 -35.51 14.09
C THR N 32 44.99 -35.83 15.47
N GLN N 33 43.89 -36.57 15.53
CA GLN N 33 43.25 -36.86 16.82
C GLN N 33 43.99 -37.92 17.63
N SER N 34 44.57 -38.92 16.95
CA SER N 34 45.29 -40.00 17.62
C SER N 34 46.44 -39.48 18.46
N VAL N 35 46.62 -40.08 19.64
CA VAL N 35 47.69 -39.69 20.57
C VAL N 35 49.10 -39.74 19.92
N GLU N 36 49.27 -40.62 18.94
N GLU N 36 49.26 -40.64 18.96
CA GLU N 36 50.52 -40.75 18.22
CA GLU N 36 50.50 -40.77 18.20
C GLU N 36 50.75 -39.59 17.25
C GLU N 36 50.74 -39.56 17.29
N ALA N 37 49.65 -39.06 16.69
CA ALA N 37 49.71 -37.90 15.80
C ALA N 37 49.82 -36.59 16.59
N LEU N 38 49.33 -36.60 17.82
CA LEU N 38 49.43 -35.44 18.71
C LEU N 38 50.83 -35.29 19.31
N LYS N 39 51.46 -36.42 19.64
CA LYS N 39 52.87 -36.43 20.07
C LYS N 39 53.76 -35.87 18.96
N GLY N 40 53.50 -36.32 17.73
CA GLY N 40 54.22 -35.85 16.56
C GLY N 40 53.99 -34.36 16.28
N LEU N 41 52.79 -33.89 16.61
CA LEU N 41 52.41 -32.50 16.37
C LEU N 41 53.08 -31.55 17.36
N ILE N 42 53.22 -32.01 18.60
CA ILE N 42 53.93 -31.28 19.66
C ILE N 42 55.42 -31.22 19.35
N GLN N 43 55.97 -32.35 18.89
CA GLN N 43 57.38 -32.46 18.53
C GLN N 43 57.74 -31.60 17.32
N SER N 44 56.72 -31.22 16.53
CA SER N 44 56.90 -30.40 15.34
C SER N 44 56.76 -28.89 15.59
N GLY N 45 56.10 -28.53 16.70
CA GLY N 45 56.02 -27.12 17.13
C GLY N 45 54.69 -26.63 17.68
N MET N 46 53.74 -27.53 17.92
CA MET N 46 52.43 -27.15 18.45
C MET N 46 52.46 -26.73 19.92
N SER N 47 51.99 -25.52 20.19
CA SER N 47 51.85 -25.02 21.55
C SER N 47 50.39 -25.08 22.03
N VAL N 48 49.46 -24.85 21.11
CA VAL N 48 48.04 -24.80 21.43
C VAL N 48 47.25 -25.76 20.52
N ALA N 49 46.36 -26.54 21.12
CA ALA N 49 45.46 -27.41 20.38
C ALA N 49 44.05 -26.82 20.30
N ARG N 50 43.59 -26.57 19.08
CA ARG N 50 42.28 -25.97 18.83
C ARG N 50 41.22 -27.06 18.60
N MET N 51 40.03 -26.84 19.16
CA MET N 51 38.89 -27.72 18.95
C MET N 51 37.76 -26.94 18.30
N ASN N 52 37.49 -27.24 17.03
CA ASN N 52 36.44 -26.54 16.29
C ASN N 52 35.08 -27.19 16.49
N PHE N 53 34.26 -26.55 17.31
CA PHE N 53 32.97 -27.12 17.74
C PHE N 53 31.85 -27.02 16.69
N SER N 54 32.17 -26.46 15.52
CA SER N 54 31.26 -26.44 14.38
C SER N 54 31.18 -27.82 13.73
N HIS N 55 32.28 -28.56 13.82
CA HIS N 55 32.35 -29.93 13.33
C HIS N 55 32.45 -30.90 14.51
N GLY N 56 32.16 -32.17 14.27
CA GLY N 56 32.22 -33.20 15.30
C GLY N 56 31.18 -33.02 16.39
N SER N 57 31.47 -33.57 17.56
CA SER N 57 30.54 -33.54 18.70
C SER N 57 31.29 -33.51 20.04
N HIS N 58 30.53 -33.43 21.14
CA HIS N 58 31.08 -33.43 22.49
C HIS N 58 31.93 -34.67 22.80
N GLU N 59 31.46 -35.83 22.35
CA GLU N 59 32.18 -37.10 22.52
C GLU N 59 33.46 -37.13 21.68
N TYR N 60 33.42 -36.52 20.49
CA TYR N 60 34.58 -36.42 19.61
C TYR N 60 35.64 -35.49 20.19
N HIS N 61 35.22 -34.32 20.64
CA HIS N 61 36.12 -33.33 21.21
C HIS N 61 36.61 -33.71 22.61
N GLN N 62 35.91 -34.64 23.26
CA GLN N 62 36.37 -35.22 24.52
C GLN N 62 37.62 -36.07 24.31
N THR N 63 37.63 -36.84 23.23
CA THR N 63 38.78 -37.66 22.84
C THR N 63 39.99 -36.80 22.52
N THR N 64 39.75 -35.59 22.00
CA THR N 64 40.81 -34.62 21.76
C THR N 64 41.43 -34.16 23.10
N ILE N 65 40.57 -33.75 24.03
CA ILE N 65 41.01 -33.31 25.37
C ILE N 65 41.85 -34.39 26.07
N ASN N 66 41.32 -35.61 26.11
CA ASN N 66 41.98 -36.76 26.72
C ASN N 66 43.36 -37.02 26.13
N ASN N 67 43.44 -37.03 24.81
CA ASN N 67 44.67 -37.35 24.10
C ASN N 67 45.71 -36.23 24.10
N VAL N 68 45.24 -34.98 23.94
CA VAL N 68 46.13 -33.81 24.03
C VAL N 68 46.84 -33.77 25.37
N ARG N 69 46.08 -34.01 26.45
CA ARG N 69 46.62 -34.07 27.80
C ARG N 69 47.55 -35.26 27.98
N GLN N 70 47.22 -36.37 27.32
CA GLN N 70 48.02 -37.59 27.39
C GLN N 70 49.34 -37.46 26.63
N ALA N 71 49.29 -36.85 25.45
CA ALA N 71 50.47 -36.66 24.61
C ALA N 71 51.46 -35.67 25.23
N ALA N 72 50.93 -34.60 25.83
CA ALA N 72 51.76 -33.59 26.50
C ALA N 72 52.39 -34.12 27.79
N ALA N 73 51.70 -35.05 28.45
CA ALA N 73 52.19 -35.69 29.68
C ALA N 73 53.33 -36.66 29.40
N GLU N 74 53.17 -37.47 28.35
CA GLU N 74 54.17 -38.45 27.95
C GLU N 74 55.45 -37.81 27.39
N LEU N 75 55.34 -36.60 26.86
CA LEU N 75 56.50 -35.85 26.38
C LEU N 75 57.09 -34.95 27.46
N GLY N 76 56.24 -34.54 28.41
CA GLY N 76 56.69 -33.74 29.56
C GLY N 76 56.59 -32.25 29.32
N VAL N 77 55.53 -31.83 28.65
CA VAL N 77 55.28 -30.40 28.35
C VAL N 77 53.85 -29.99 28.72
N ASN N 78 53.59 -28.68 28.65
CA ASN N 78 52.24 -28.14 28.89
C ASN N 78 51.64 -27.56 27.61
N ILE N 79 50.58 -28.20 27.12
CA ILE N 79 49.89 -27.75 25.90
C ILE N 79 48.54 -27.12 26.22
N ALA N 80 48.27 -25.97 25.61
CA ALA N 80 46.98 -25.30 25.75
C ALA N 80 45.88 -26.00 24.97
N ILE N 81 44.68 -26.03 25.55
CA ILE N 81 43.50 -26.54 24.86
C ILE N 81 42.54 -25.39 24.62
N ALA N 82 42.12 -25.23 23.37
CA ALA N 82 41.25 -24.12 22.97
C ALA N 82 39.93 -24.61 22.41
N LEU N 83 38.85 -23.96 22.82
CA LEU N 83 37.50 -24.29 22.35
C LEU N 83 36.99 -23.21 21.40
N ASP N 84 36.88 -23.56 20.12
CA ASP N 84 36.37 -22.63 19.11
C ASP N 84 34.85 -22.65 19.06
N THR N 85 34.25 -21.48 19.24
CA THR N 85 32.80 -21.30 19.29
C THR N 85 32.17 -21.42 17.89
N LYS N 86 30.87 -21.69 17.85
CA LYS N 86 30.08 -21.67 16.61
C LYS N 86 29.75 -20.22 16.24
N GLY N 87 29.11 -19.51 17.17
CA GLY N 87 28.74 -18.11 16.99
C GLY N 87 27.49 -17.92 16.13
N PRO N 88 27.16 -16.65 15.83
CA PRO N 88 26.08 -16.35 14.88
C PRO N 88 26.50 -16.69 13.45
N GLU N 89 26.58 -17.98 13.15
CA GLU N 89 27.07 -18.46 11.86
C GLU N 89 26.02 -19.26 11.08
N ILE N 90 26.22 -19.33 9.77
CA ILE N 90 25.38 -20.16 8.91
C ILE N 90 26.25 -21.28 8.31
N ARG N 91 25.74 -22.50 8.40
CA ARG N 91 26.43 -23.68 7.87
C ARG N 91 25.51 -24.46 6.94
N THR N 92 26.09 -25.14 5.96
CA THR N 92 25.33 -26.06 5.11
C THR N 92 25.17 -27.40 5.82
N GLY N 93 24.47 -28.34 5.19
CA GLY N 93 24.28 -29.67 5.75
C GLY N 93 25.38 -30.63 5.35
N GLN N 94 25.18 -31.90 5.69
CA GLN N 94 26.12 -32.95 5.33
C GLN N 94 25.78 -33.55 3.96
N PHE N 95 26.67 -34.39 3.45
CA PHE N 95 26.52 -34.99 2.12
C PHE N 95 26.58 -36.52 2.16
N VAL N 96 25.89 -37.16 1.20
CA VAL N 96 25.92 -38.61 1.05
C VAL N 96 27.29 -39.04 0.51
N GLY N 97 27.98 -39.89 1.26
CA GLY N 97 29.31 -40.37 0.87
C GLY N 97 30.44 -39.58 1.51
N GLY N 98 30.30 -38.25 1.50
CA GLY N 98 31.30 -37.37 2.10
C GLY N 98 31.34 -35.96 1.52
N ASP N 99 31.31 -35.87 0.19
CA ASP N 99 31.47 -34.59 -0.50
C ASP N 99 30.41 -34.34 -1.60
N ALA N 100 30.57 -33.25 -2.34
CA ALA N 100 29.73 -32.94 -3.51
C ALA N 100 30.58 -32.31 -4.61
N VAL N 101 30.67 -32.99 -5.74
CA VAL N 101 31.48 -32.52 -6.88
C VAL N 101 30.68 -31.53 -7.75
N MET N 102 30.66 -30.27 -7.31
CA MET N 102 29.88 -29.22 -7.96
C MET N 102 30.50 -28.82 -9.30
N GLU N 103 29.82 -29.18 -10.39
CA GLU N 103 30.30 -28.88 -11.74
C GLU N 103 29.84 -27.48 -12.19
N ARG N 104 30.68 -26.83 -13.00
CA ARG N 104 30.39 -25.49 -13.51
C ARG N 104 29.27 -25.51 -14.56
N GLY N 105 28.31 -24.61 -14.42
CA GLY N 105 27.19 -24.50 -15.34
C GLY N 105 26.05 -25.46 -15.05
N ALA N 106 26.18 -26.22 -13.96
CA ALA N 106 25.17 -27.20 -13.56
C ALA N 106 24.17 -26.60 -12.57
N THR N 107 22.98 -27.17 -12.54
CA THR N 107 21.90 -26.70 -11.66
C THR N 107 21.83 -27.47 -10.34
N CYS N 108 21.54 -26.75 -9.26
CA CYS N 108 21.37 -27.34 -7.93
C CYS N 108 20.31 -26.60 -7.13
N TYR N 109 19.96 -27.14 -5.96
CA TYR N 109 18.91 -26.57 -5.13
C TYR N 109 19.31 -26.50 -3.66
N VAL N 110 19.12 -25.33 -3.04
CA VAL N 110 19.41 -25.15 -1.61
C VAL N 110 18.12 -25.13 -0.78
N THR N 111 17.93 -26.18 0.02
CA THR N 111 16.70 -26.35 0.79
C THR N 111 16.82 -25.92 2.25
N THR N 112 15.68 -25.57 2.85
CA THR N 112 15.61 -25.21 4.26
C THR N 112 15.06 -26.38 5.07
N ASP N 113 14.58 -27.41 4.37
CA ASP N 113 14.00 -28.60 4.99
C ASP N 113 15.07 -29.42 5.72
N PRO N 114 14.93 -29.56 7.06
CA PRO N 114 15.90 -30.26 7.90
C PRO N 114 16.01 -31.77 7.63
N ALA N 115 15.14 -32.30 6.77
CA ALA N 115 15.13 -33.72 6.42
C ALA N 115 16.25 -34.08 5.44
N PHE N 116 16.75 -33.09 4.71
CA PHE N 116 17.84 -33.28 3.75
C PHE N 116 19.19 -32.88 4.35
N ALA N 117 19.29 -32.96 5.68
CA ALA N 117 20.50 -32.59 6.41
C ALA N 117 21.65 -33.58 6.19
N ASP N 118 21.31 -34.86 6.14
CA ASP N 118 22.29 -35.92 5.87
C ASP N 118 22.04 -36.62 4.52
N LYS N 119 20.96 -36.23 3.86
CA LYS N 119 20.67 -36.66 2.49
C LYS N 119 21.10 -35.59 1.47
N GLY N 120 22.26 -35.00 1.71
CA GLY N 120 22.79 -33.94 0.85
C GLY N 120 23.57 -34.47 -0.34
N THR N 121 23.25 -33.95 -1.52
CA THR N 121 23.95 -34.29 -2.75
C THR N 121 24.32 -33.02 -3.51
N LYS N 122 25.05 -33.17 -4.61
CA LYS N 122 25.44 -32.03 -5.45
C LYS N 122 24.26 -31.44 -6.22
N ASP N 123 23.16 -32.19 -6.30
CA ASP N 123 21.94 -31.75 -6.98
C ASP N 123 20.98 -31.02 -6.04
N LYS N 124 21.07 -31.32 -4.75
CA LYS N 124 20.23 -30.68 -3.72
C LYS N 124 20.82 -30.88 -2.33
N PHE N 125 20.96 -29.78 -1.58
CA PHE N 125 21.47 -29.83 -0.20
C PHE N 125 20.84 -28.79 0.75
N TYR N 126 21.12 -28.93 2.04
CA TYR N 126 20.44 -28.20 3.11
C TYR N 126 21.28 -27.06 3.71
N ILE N 127 20.60 -25.99 4.11
CA ILE N 127 21.22 -24.86 4.82
C ILE N 127 20.39 -24.53 6.06
N ASP N 128 21.05 -24.41 7.22
CA ASP N 128 20.38 -24.32 8.52
C ASP N 128 19.69 -22.98 8.84
N TYR N 129 19.89 -21.98 7.99
CA TYR N 129 19.24 -20.69 8.19
C TYR N 129 17.76 -20.76 7.82
N GLN N 130 16.92 -20.33 8.75
CA GLN N 130 15.46 -20.45 8.64
C GLN N 130 14.89 -19.70 7.44
N ASN N 131 15.32 -18.44 7.28
CA ASN N 131 14.76 -17.54 6.27
C ASN N 131 15.82 -16.92 5.35
N LEU N 132 16.61 -17.77 4.70
CA LEU N 132 17.59 -17.31 3.72
C LEU N 132 16.94 -16.77 2.44
N SER N 133 15.81 -17.37 2.07
CA SER N 133 15.04 -16.97 0.90
C SER N 133 14.33 -15.63 1.09
N LYS N 134 14.04 -15.30 2.34
CA LYS N 134 13.36 -14.05 2.69
C LYS N 134 14.30 -12.84 2.71
N VAL N 135 15.60 -13.10 2.73
CA VAL N 135 16.60 -12.03 2.74
C VAL N 135 17.15 -11.75 1.33
N VAL N 136 17.58 -12.80 0.63
CA VAL N 136 18.10 -12.64 -0.74
C VAL N 136 17.05 -12.90 -1.82
N ARG N 137 17.17 -12.16 -2.93
CA ARG N 137 16.29 -12.31 -4.08
C ARG N 137 17.07 -12.92 -5.26
N PRO N 138 16.35 -13.54 -6.23
CA PRO N 138 17.00 -14.11 -7.41
C PRO N 138 17.96 -13.13 -8.10
N GLY N 139 19.13 -13.63 -8.48
CA GLY N 139 20.17 -12.81 -9.10
C GLY N 139 21.37 -12.61 -8.19
N ASN N 140 21.14 -12.67 -6.88
CA ASN N 140 22.19 -12.48 -5.88
C ASN N 140 23.16 -13.66 -5.79
N TYR N 141 24.29 -13.43 -5.12
CA TYR N 141 25.31 -14.46 -4.94
C TYR N 141 25.25 -15.03 -3.52
N ILE N 142 25.43 -16.34 -3.41
CA ILE N 142 25.56 -17.02 -2.11
C ILE N 142 26.94 -17.66 -2.03
N TYR N 143 27.70 -17.30 -0.99
CA TYR N 143 29.09 -17.72 -0.86
C TYR N 143 29.24 -18.93 0.07
N ILE N 144 29.83 -20.00 -0.46
CA ILE N 144 29.99 -21.26 0.27
C ILE N 144 31.48 -21.59 0.46
N ASP N 145 31.79 -22.26 1.57
CA ASP N 145 33.15 -22.73 1.89
C ASP N 145 34.17 -21.58 1.98
N ASP N 146 34.03 -20.75 3.01
CA ASP N 146 34.86 -19.55 3.18
C ASP N 146 34.93 -18.70 1.90
N GLY N 147 33.82 -18.65 1.18
CA GLY N 147 33.69 -17.82 -0.02
C GLY N 147 34.41 -18.32 -1.27
N ILE N 148 34.78 -19.59 -1.29
CA ILE N 148 35.44 -20.19 -2.46
C ILE N 148 34.44 -20.51 -3.57
N LEU N 149 33.21 -20.83 -3.18
CA LEU N 149 32.16 -21.24 -4.12
C LEU N 149 31.01 -20.23 -4.15
N ILE N 150 30.60 -19.82 -5.35
CA ILE N 150 29.46 -18.93 -5.54
C ILE N 150 28.26 -19.69 -6.10
N LEU N 151 27.10 -19.50 -5.47
CA LEU N 151 25.83 -20.00 -5.99
C LEU N 151 24.92 -18.83 -6.33
N GLN N 152 24.42 -18.82 -7.57
CA GLN N 152 23.53 -17.76 -8.03
C GLN N 152 22.10 -18.27 -8.16
N VAL N 153 21.17 -17.57 -7.49
CA VAL N 153 19.75 -17.92 -7.51
C VAL N 153 19.10 -17.41 -8.80
N GLN N 154 18.29 -18.25 -9.43
CA GLN N 154 17.55 -17.87 -10.63
C GLN N 154 16.08 -17.57 -10.34
N SER N 155 15.46 -18.41 -9.50
CA SER N 155 14.05 -18.24 -9.11
C SER N 155 13.70 -19.11 -7.90
N HIS N 156 12.56 -18.81 -7.27
CA HIS N 156 12.04 -19.58 -6.16
C HIS N 156 11.37 -20.87 -6.66
N GLU N 157 11.55 -21.95 -5.90
CA GLU N 157 10.95 -23.24 -6.23
C GLU N 157 9.82 -23.61 -5.27
N ASP N 158 10.18 -24.12 -4.10
CA ASP N 158 9.20 -24.56 -3.10
C ASP N 158 9.15 -23.61 -1.90
N GLU N 159 9.49 -22.35 -2.13
CA GLU N 159 9.64 -21.33 -1.07
C GLU N 159 10.84 -21.63 -0.16
N GLN N 160 10.88 -22.85 0.37
CA GLN N 160 12.00 -23.32 1.21
C GLN N 160 13.18 -23.82 0.37
N THR N 161 12.99 -23.83 -0.95
CA THR N 161 14.02 -24.32 -1.88
C THR N 161 14.26 -23.29 -3.00
N LEU N 162 15.54 -23.02 -3.28
CA LEU N 162 15.93 -22.06 -4.32
C LEU N 162 16.67 -22.72 -5.48
N GLU N 163 16.29 -22.34 -6.70
CA GLU N 163 16.92 -22.85 -7.92
C GLU N 163 18.25 -22.14 -8.17
N CYS N 164 19.34 -22.91 -8.14
CA CYS N 164 20.69 -22.36 -8.23
C CYS N 164 21.46 -22.86 -9.47
N THR N 165 22.56 -22.17 -9.77
CA THR N 165 23.49 -22.59 -10.81
C THR N 165 24.92 -22.34 -10.31
N VAL N 166 25.76 -23.37 -10.42
CA VAL N 166 27.14 -23.29 -9.96
C VAL N 166 27.99 -22.55 -11.00
N THR N 167 28.64 -21.47 -10.56
CA THR N 167 29.44 -20.61 -11.44
C THR N 167 30.92 -21.01 -11.54
N ASN N 168 31.44 -21.62 -10.48
CA ASN N 168 32.82 -22.12 -10.46
C ASN N 168 32.92 -23.56 -9.95
N SER N 169 33.90 -24.30 -10.46
CA SER N 169 34.10 -25.71 -10.08
C SER N 169 34.82 -25.83 -8.74
N HIS N 170 34.14 -26.46 -7.77
CA HIS N 170 34.71 -26.70 -6.44
C HIS N 170 34.00 -27.84 -5.72
N THR N 171 34.79 -28.75 -5.15
CA THR N 171 34.27 -29.88 -4.38
C THR N 171 34.12 -29.49 -2.91
N ILE N 172 32.88 -29.54 -2.40
CA ILE N 172 32.57 -29.11 -1.03
C ILE N 172 32.31 -30.27 -0.07
N SER N 173 32.89 -30.18 1.12
CA SER N 173 32.74 -31.21 2.16
C SER N 173 31.51 -30.98 3.04
N ASP N 174 31.33 -31.83 4.03
CA ASP N 174 30.18 -31.76 4.96
C ASP N 174 30.14 -30.44 5.73
N ARG N 175 28.92 -30.00 6.08
CA ARG N 175 28.66 -28.74 6.78
C ARG N 175 29.61 -27.57 6.45
N ARG N 176 29.64 -27.23 5.17
CA ARG N 176 30.43 -26.10 4.65
C ARG N 176 29.92 -24.76 5.18
N GLY N 177 30.85 -23.81 5.34
CA GLY N 177 30.52 -22.47 5.80
C GLY N 177 29.91 -21.62 4.69
N VAL N 178 28.87 -20.88 5.04
CA VAL N 178 28.15 -20.04 4.07
C VAL N 178 27.94 -18.60 4.56
N ASN N 179 28.35 -17.63 3.73
CA ASN N 179 28.29 -16.21 4.06
C ASN N 179 27.37 -15.41 3.15
N LEU N 180 26.63 -14.47 3.75
CA LEU N 180 25.78 -13.54 3.01
C LEU N 180 26.11 -12.10 3.42
N PRO N 181 27.07 -11.47 2.70
CA PRO N 181 27.59 -10.13 3.01
C PRO N 181 26.58 -9.02 2.74
N GLY N 182 26.28 -8.22 3.77
CA GLY N 182 25.34 -7.12 3.66
C GLY N 182 23.90 -7.58 3.62
N CYS N 183 23.56 -8.51 4.52
CA CYS N 183 22.22 -9.09 4.59
C CYS N 183 21.55 -8.91 5.96
N ASP N 184 22.36 -8.60 6.97
CA ASP N 184 21.93 -8.44 8.36
C ASP N 184 21.37 -9.75 8.93
N VAL N 185 22.25 -10.56 9.50
CA VAL N 185 21.89 -11.85 10.08
C VAL N 185 21.08 -11.71 11.37
N ASP N 186 20.06 -12.55 11.52
CA ASP N 186 19.16 -12.50 12.68
C ASP N 186 19.66 -13.39 13.82
N LEU N 187 20.76 -14.11 13.57
CA LEU N 187 21.35 -15.03 14.54
C LEU N 187 21.87 -14.29 15.77
N PRO N 188 21.50 -14.77 16.98
CA PRO N 188 21.78 -14.07 18.24
C PRO N 188 23.26 -14.04 18.63
N ALA N 189 23.58 -13.29 19.68
CA ALA N 189 24.95 -13.13 20.17
C ALA N 189 25.54 -14.44 20.68
N VAL N 190 24.88 -15.03 21.68
CA VAL N 190 25.25 -16.34 22.22
C VAL N 190 24.03 -17.27 22.16
N SER N 191 23.97 -18.06 21.09
CA SER N 191 22.82 -18.92 20.81
C SER N 191 22.68 -20.10 21.79
N ALA N 192 21.54 -20.79 21.72
CA ALA N 192 21.26 -21.94 22.59
C ALA N 192 22.32 -23.03 22.48
N LYS N 193 22.84 -23.21 21.26
CA LYS N 193 23.92 -24.16 20.99
C LYS N 193 25.20 -23.77 21.73
N ASP N 194 25.52 -22.47 21.70
CA ASP N 194 26.75 -21.94 22.29
C ASP N 194 26.85 -22.14 23.80
N ARG N 195 25.70 -22.05 24.48
CA ARG N 195 25.63 -22.17 25.94
C ARG N 195 26.07 -23.54 26.45
N VAL N 196 25.74 -24.59 25.69
CA VAL N 196 26.08 -25.97 26.06
C VAL N 196 27.52 -26.30 25.70
N ASP N 197 28.02 -25.71 24.62
CA ASP N 197 29.41 -25.87 24.19
C ASP N 197 30.39 -25.18 25.14
N LEU N 198 30.01 -23.98 25.60
CA LEU N 198 30.80 -23.22 26.58
C LEU N 198 30.77 -23.87 27.96
N GLN N 199 29.66 -24.51 28.30
CA GLN N 199 29.51 -25.27 29.54
C GLN N 199 30.47 -26.46 29.59
N PHE N 200 30.60 -27.15 28.45
CA PHE N 200 31.49 -28.31 28.31
C PHE N 200 32.96 -27.93 28.42
N GLY N 201 33.29 -26.71 27.96
CA GLY N 201 34.65 -26.18 28.09
C GLY N 201 35.07 -25.98 29.52
N VAL N 202 34.18 -25.39 30.31
CA VAL N 202 34.43 -25.15 31.73
C VAL N 202 34.45 -26.48 32.52
N GLU N 203 33.52 -27.37 32.19
CA GLU N 203 33.44 -28.68 32.85
C GLU N 203 34.70 -29.52 32.67
N GLN N 204 35.22 -29.55 31.44
CA GLN N 204 36.42 -30.32 31.12
C GLN N 204 37.69 -29.58 31.50
N GLY N 205 37.65 -28.25 31.41
CA GLY N 205 38.75 -27.41 31.87
C GLY N 205 39.66 -26.87 30.78
N VAL N 206 39.06 -26.32 29.73
CA VAL N 206 39.82 -25.67 28.66
C VAL N 206 40.51 -24.41 29.17
N ASP N 207 41.60 -24.03 28.52
CA ASP N 207 42.40 -22.89 28.95
C ASP N 207 41.93 -21.57 28.33
N MET N 208 41.36 -21.67 27.13
CA MET N 208 40.91 -20.49 26.38
C MET N 208 39.72 -20.79 25.46
N ILE N 209 38.94 -19.75 25.17
CA ILE N 209 37.84 -19.84 24.22
C ILE N 209 38.17 -18.98 23.00
N PHE N 210 37.98 -19.55 21.81
CA PHE N 210 38.08 -18.76 20.59
C PHE N 210 36.68 -18.38 20.11
N ALA N 211 36.14 -17.31 20.71
CA ALA N 211 34.76 -16.88 20.47
C ALA N 211 34.54 -16.40 19.04
N SER N 212 33.70 -17.13 18.31
CA SER N 212 33.46 -16.86 16.87
C SER N 212 32.49 -15.71 16.61
N PHE N 213 32.71 -15.05 15.47
CA PHE N 213 31.86 -13.96 14.97
C PHE N 213 31.50 -12.92 16.05
N ILE N 214 32.53 -12.32 16.64
CA ILE N 214 32.33 -11.28 17.64
C ILE N 214 32.00 -9.95 16.96
N ARG N 215 30.84 -9.40 17.30
CA ARG N 215 30.34 -8.17 16.68
C ARG N 215 30.52 -6.93 17.56
N SER N 216 30.35 -7.10 18.88
CA SER N 216 30.42 -5.99 19.83
C SER N 216 30.87 -6.44 21.21
N ALA N 217 31.24 -5.47 22.05
CA ALA N 217 31.71 -5.73 23.43
C ALA N 217 30.60 -6.29 24.32
N GLU N 218 29.36 -5.90 24.04
CA GLU N 218 28.19 -6.38 24.76
C GLU N 218 28.08 -7.91 24.66
N GLN N 219 28.42 -8.45 23.49
CA GLN N 219 28.43 -9.89 23.24
C GLN N 219 29.53 -10.60 24.05
N VAL N 220 30.69 -9.96 24.16
CA VAL N 220 31.82 -10.50 24.92
C VAL N 220 31.45 -10.68 26.41
N GLY N 221 30.66 -9.73 26.92
CA GLY N 221 30.12 -9.82 28.28
C GLY N 221 29.18 -11.01 28.41
N ASP N 222 28.41 -11.28 27.35
CA ASP N 222 27.49 -12.41 27.31
C ASP N 222 28.22 -13.76 27.32
N VAL N 223 29.38 -13.81 26.67
CA VAL N 223 30.22 -15.02 26.64
C VAL N 223 30.84 -15.27 28.02
N ARG N 224 31.25 -14.20 28.69
CA ARG N 224 31.74 -14.28 30.07
C ARG N 224 30.60 -14.69 31.01
N LYS N 225 29.38 -14.23 30.70
CA LYS N 225 28.17 -14.64 31.42
C LYS N 225 27.84 -16.10 31.13
N ALA N 226 28.02 -16.51 29.88
CA ALA N 226 27.74 -17.88 29.44
C ALA N 226 28.78 -18.89 29.95
N LEU N 227 29.99 -18.42 30.21
CA LEU N 227 31.03 -19.24 30.84
C LEU N 227 30.70 -19.49 32.32
N GLY N 228 30.11 -18.48 32.96
CA GLY N 228 29.67 -18.59 34.35
C GLY N 228 30.73 -18.24 35.38
N PRO N 229 30.48 -18.58 36.66
CA PRO N 229 31.39 -18.25 37.76
C PRO N 229 32.64 -19.12 37.78
N LYS N 230 32.55 -20.32 37.23
CA LYS N 230 33.66 -21.28 37.22
C LYS N 230 34.64 -21.03 36.09
N GLY N 231 34.24 -20.20 35.12
CA GLY N 231 35.06 -19.92 33.94
C GLY N 231 35.39 -18.46 33.72
N ARG N 232 35.95 -17.82 34.74
CA ARG N 232 36.39 -16.42 34.66
C ARG N 232 37.89 -16.30 34.42
N ASP N 233 38.65 -17.26 34.95
CA ASP N 233 40.10 -17.34 34.72
C ASP N 233 40.44 -17.80 33.30
N ILE N 234 39.46 -18.41 32.64
CA ILE N 234 39.59 -18.80 31.22
C ILE N 234 39.52 -17.54 30.35
N MET N 235 40.52 -17.41 29.47
CA MET N 235 40.64 -16.24 28.60
C MET N 235 39.70 -16.33 27.40
N ILE N 236 39.08 -15.20 27.06
CA ILE N 236 38.18 -15.13 25.91
C ILE N 236 38.87 -14.43 24.74
N ILE N 237 39.34 -15.21 23.78
CA ILE N 237 39.95 -14.68 22.57
C ILE N 237 38.84 -14.44 21.55
N CYS N 238 38.63 -13.16 21.24
CA CYS N 238 37.51 -12.74 20.39
C CYS N 238 37.93 -12.71 18.92
N LYS N 239 37.22 -13.50 18.11
CA LYS N 239 37.51 -13.61 16.69
C LYS N 239 36.79 -12.54 15.90
N ILE N 240 37.53 -11.88 15.00
CA ILE N 240 37.00 -10.85 14.14
C ILE N 240 36.89 -11.41 12.72
N GLU N 241 35.67 -11.74 12.32
CA GLU N 241 35.40 -12.31 10.99
C GLU N 241 34.14 -11.72 10.32
N ASN N 242 33.73 -10.56 10.83
CA ASN N 242 32.57 -9.83 10.30
C ASN N 242 32.87 -8.35 10.08
N HIS N 243 31.93 -7.64 9.45
CA HIS N 243 32.12 -6.23 9.10
C HIS N 243 32.03 -5.30 10.33
N GLN N 244 31.06 -5.57 11.21
CA GLN N 244 30.88 -4.75 12.40
C GLN N 244 31.79 -5.17 13.57
N GLY N 245 32.52 -6.27 13.38
CA GLY N 245 33.53 -6.71 14.35
C GLY N 245 34.81 -5.90 14.23
N VAL N 246 35.11 -5.46 13.01
CA VAL N 246 36.25 -4.58 12.73
C VAL N 246 35.94 -3.16 13.21
N GLN N 247 34.67 -2.76 13.08
CA GLN N 247 34.23 -1.40 13.40
C GLN N 247 34.01 -1.17 14.91
N ASN N 248 34.00 -2.25 15.69
CA ASN N 248 33.83 -2.17 17.14
C ASN N 248 35.07 -2.62 17.91
N ILE N 249 36.20 -2.71 17.22
CA ILE N 249 37.43 -3.32 17.75
C ILE N 249 37.95 -2.75 19.08
N ASP N 250 37.86 -1.44 19.27
CA ASP N 250 38.37 -0.76 20.46
C ASP N 250 37.70 -1.20 21.76
N SER N 251 36.38 -1.28 21.76
CA SER N 251 35.62 -1.74 22.92
C SER N 251 35.73 -3.25 23.11
N ILE N 252 35.95 -3.97 22.01
CA ILE N 252 36.16 -5.43 22.05
C ILE N 252 37.47 -5.78 22.75
N ILE N 253 38.56 -5.14 22.32
CA ILE N 253 39.89 -5.34 22.93
C ILE N 253 39.85 -5.15 24.46
N GLU N 254 39.16 -4.09 24.89
CA GLU N 254 38.99 -3.78 26.31
C GLU N 254 38.35 -4.93 27.09
N GLU N 255 37.39 -5.61 26.45
CA GLU N 255 36.66 -6.71 27.08
C GLU N 255 37.32 -8.07 26.85
N SER N 256 37.96 -8.22 25.68
CA SER N 256 38.62 -9.47 25.31
C SER N 256 39.95 -9.65 26.02
N ASP N 257 40.47 -10.87 25.98
CA ASP N 257 41.79 -11.18 26.49
C ASP N 257 42.75 -11.47 25.33
N GLY N 258 42.28 -11.17 24.12
CA GLY N 258 43.04 -11.41 22.90
C GLY N 258 42.17 -11.37 21.65
N ILE N 259 42.80 -11.21 20.49
CA ILE N 259 42.10 -11.11 19.22
C ILE N 259 42.62 -12.14 18.23
N MET N 260 41.70 -12.79 17.50
CA MET N 260 42.10 -13.62 16.37
C MET N 260 41.65 -13.02 15.06
N VAL N 261 42.61 -12.76 14.17
CA VAL N 261 42.29 -12.29 12.82
C VAL N 261 41.88 -13.51 12.01
N ALA N 262 40.57 -13.78 12.02
CA ALA N 262 39.98 -14.92 11.33
C ALA N 262 39.68 -14.56 9.88
N ARG N 263 40.69 -14.72 9.03
CA ARG N 263 40.68 -14.20 7.65
C ARG N 263 39.82 -15.00 6.67
N GLY N 264 39.44 -16.21 7.06
CA GLY N 264 38.57 -17.05 6.23
C GLY N 264 37.21 -16.43 6.03
N ASP N 265 36.50 -16.20 7.14
CA ASP N 265 35.16 -15.60 7.09
C ASP N 265 35.19 -14.08 6.95
N LEU N 266 36.24 -13.45 7.47
CA LEU N 266 36.44 -12.00 7.31
C LEU N 266 36.65 -11.66 5.84
N GLY N 267 37.37 -12.54 5.14
CA GLY N 267 37.68 -12.35 3.71
C GLY N 267 36.52 -12.54 2.76
N VAL N 268 35.36 -12.88 3.31
CA VAL N 268 34.12 -12.95 2.52
C VAL N 268 33.20 -11.81 2.94
N GLU N 269 33.18 -11.52 4.25
CA GLU N 269 32.32 -10.50 4.83
C GLU N 269 32.77 -9.08 4.47
N ILE N 270 34.07 -8.92 4.22
CA ILE N 270 34.65 -7.69 3.69
C ILE N 270 35.37 -8.05 2.37
N PRO N 271 35.46 -7.09 1.42
CA PRO N 271 36.30 -7.32 0.24
C PRO N 271 37.68 -7.88 0.60
N ALA N 272 38.17 -8.81 -0.21
CA ALA N 272 39.39 -9.59 0.08
C ALA N 272 40.66 -8.75 0.23
N GLU N 273 40.74 -7.65 -0.51
CA GLU N 273 41.89 -6.74 -0.44
C GLU N 273 41.96 -5.99 0.90
N LYS N 274 40.80 -5.76 1.50
CA LYS N 274 40.68 -5.04 2.78
C LYS N 274 41.22 -5.86 3.95
N VAL N 275 41.37 -7.17 3.74
CA VAL N 275 41.84 -8.10 4.77
C VAL N 275 43.28 -7.80 5.22
N VAL N 276 44.13 -7.42 4.28
CA VAL N 276 45.53 -7.10 4.55
C VAL N 276 45.66 -5.89 5.50
N VAL N 277 44.94 -4.82 5.20
CA VAL N 277 44.94 -3.60 6.03
C VAL N 277 44.32 -3.88 7.40
N ALA N 278 43.19 -4.57 7.41
CA ALA N 278 42.51 -4.97 8.65
C ALA N 278 43.40 -5.85 9.52
N GLN N 279 44.21 -6.69 8.89
CA GLN N 279 45.20 -7.52 9.60
C GLN N 279 46.28 -6.66 10.27
N LYS N 280 46.78 -5.65 9.55
CA LYS N 280 47.77 -4.70 10.07
C LYS N 280 47.21 -3.89 11.24
N ILE N 281 45.94 -3.49 11.11
CA ILE N 281 45.27 -2.66 12.11
C ILE N 281 45.11 -3.40 13.45
N LEU N 282 44.45 -4.57 13.42
CA LEU N 282 44.13 -5.31 14.64
C LEU N 282 45.37 -5.80 15.39
N ILE N 283 46.36 -6.30 14.67
CA ILE N 283 47.62 -6.77 15.25
C ILE N 283 48.36 -5.65 15.99
N SER N 284 48.46 -4.49 15.33
CA SER N 284 49.12 -3.31 15.91
C SER N 284 48.36 -2.74 17.10
N LYS N 285 47.03 -2.83 17.05
CA LYS N 285 46.17 -2.42 18.16
C LYS N 285 46.35 -3.30 19.39
N CYS N 286 46.65 -4.58 19.15
CA CYS N 286 46.89 -5.55 20.23
C CYS N 286 48.22 -5.36 20.92
N ASN N 287 49.27 -5.11 20.12
CA ASN N 287 50.62 -4.91 20.61
C ASN N 287 50.75 -3.69 21.53
N VAL N 288 49.98 -2.65 21.23
CA VAL N 288 49.91 -1.46 22.09
C VAL N 288 49.17 -1.81 23.38
N ALA N 289 48.09 -2.56 23.25
CA ALA N 289 47.25 -2.96 24.38
C ALA N 289 47.93 -3.99 25.28
N GLY N 290 48.84 -4.78 24.70
CA GLY N 290 49.50 -5.86 25.43
C GLY N 290 48.61 -7.09 25.58
N LYS N 291 47.92 -7.44 24.50
CA LYS N 291 47.05 -8.61 24.49
C LYS N 291 47.36 -9.50 23.28
N PRO N 292 47.35 -10.83 23.49
CA PRO N 292 47.70 -11.81 22.45
C PRO N 292 46.87 -11.68 21.17
N VAL N 293 47.56 -11.66 20.02
CA VAL N 293 46.91 -11.58 18.73
C VAL N 293 47.28 -12.78 17.86
N ILE N 294 46.26 -13.35 17.20
CA ILE N 294 46.44 -14.54 16.36
C ILE N 294 46.09 -14.23 14.92
N CYS N 295 47.02 -14.53 14.01
CA CYS N 295 46.71 -14.56 12.59
C CYS N 295 46.28 -15.99 12.20
N ALA N 296 45.24 -16.10 11.39
CA ALA N 296 44.65 -17.42 11.09
C ALA N 296 44.11 -17.60 9.66
N THR N 297 43.97 -18.86 9.27
CA THR N 297 43.28 -19.31 8.04
C THR N 297 44.03 -19.13 6.72
N GLN N 298 44.16 -20.26 5.99
CA GLN N 298 44.77 -20.35 4.66
C GLN N 298 46.27 -20.03 4.60
N MET N 299 46.92 -20.05 5.75
CA MET N 299 48.38 -19.97 5.81
C MET N 299 48.92 -21.37 5.55
N LEU N 300 49.82 -21.49 4.58
CA LEU N 300 50.33 -22.79 4.11
C LEU N 300 49.22 -23.70 3.61
N GLU N 301 48.22 -23.10 2.96
CA GLU N 301 47.03 -23.77 2.45
C GLU N 301 47.32 -25.01 1.61
N SER N 302 48.24 -24.89 0.67
CA SER N 302 48.56 -25.98 -0.27
C SER N 302 49.19 -27.21 0.39
N MET N 303 49.65 -27.06 1.63
CA MET N 303 50.25 -28.17 2.36
C MET N 303 49.24 -29.14 2.97
N THR N 304 47.96 -28.89 2.68
CA THR N 304 46.90 -29.86 2.94
C THR N 304 47.03 -31.03 1.96
N TYR N 305 47.69 -30.77 0.82
CA TYR N 305 47.83 -31.76 -0.25
C TYR N 305 49.29 -31.98 -0.67
N ASN N 306 50.12 -30.94 -0.50
CA ASN N 306 51.53 -30.99 -0.90
C ASN N 306 52.50 -31.05 0.29
N PRO N 307 53.65 -31.73 0.11
CA PRO N 307 54.68 -31.79 1.17
C PRO N 307 55.40 -30.46 1.44
N ARG N 308 55.25 -29.49 0.53
CA ARG N 308 55.84 -28.15 0.70
C ARG N 308 54.95 -27.07 0.07
N PRO N 309 54.98 -25.84 0.62
CA PRO N 309 54.00 -24.80 0.28
C PRO N 309 54.37 -23.98 -0.97
N THR N 310 53.48 -23.05 -1.34
CA THR N 310 53.75 -22.09 -2.40
C THR N 310 54.58 -20.92 -1.84
N ARG N 311 55.08 -20.07 -2.73
CA ARG N 311 55.88 -18.90 -2.33
C ARG N 311 55.04 -17.85 -1.61
N ALA N 312 53.76 -17.78 -1.96
CA ALA N 312 52.82 -16.85 -1.35
C ALA N 312 52.52 -17.21 0.10
N GLU N 313 52.46 -18.52 0.36
CA GLU N 313 52.16 -19.05 1.69
C GLU N 313 53.32 -18.89 2.66
N VAL N 314 54.54 -19.11 2.18
CA VAL N 314 55.76 -18.84 2.95
C VAL N 314 55.79 -17.35 3.30
N SER N 315 55.49 -16.52 2.31
CA SER N 315 55.45 -15.06 2.47
C SER N 315 54.43 -14.63 3.51
N ASP N 316 53.26 -15.27 3.49
CA ASP N 316 52.16 -14.94 4.40
C ASP N 316 52.49 -15.19 5.88
N VAL N 317 53.09 -16.36 6.15
CA VAL N 317 53.48 -16.77 7.51
C VAL N 317 54.57 -15.87 8.07
N ALA N 318 55.53 -15.50 7.22
CA ALA N 318 56.63 -14.64 7.61
C ALA N 318 56.15 -13.20 7.85
N ASN N 319 55.28 -12.71 6.98
CA ASN N 319 54.74 -11.35 7.10
C ASN N 319 53.76 -11.18 8.26
N ALA N 320 53.18 -12.28 8.73
CA ALA N 320 52.36 -12.28 9.95
C ALA N 320 53.22 -12.01 11.19
N VAL N 321 54.43 -12.58 11.18
CA VAL N 321 55.41 -12.33 12.24
C VAL N 321 55.89 -10.88 12.19
N PHE N 322 56.20 -10.39 10.98
CA PHE N 322 56.64 -9.00 10.77
C PHE N 322 55.58 -8.00 11.23
N ASN N 323 54.31 -8.33 10.98
CA ASN N 323 53.18 -7.55 11.48
C ASN N 323 53.20 -7.41 13.00
N GLY N 324 53.59 -8.48 13.68
CA GLY N 324 53.70 -8.49 15.14
C GLY N 324 52.68 -9.40 15.79
N ALA N 325 52.25 -10.43 15.06
CA ALA N 325 51.33 -11.41 15.60
C ALA N 325 52.03 -12.29 16.62
N ASP N 326 51.37 -12.51 17.75
CA ASP N 326 51.84 -13.45 18.77
C ASP N 326 51.76 -14.89 18.27
N CYS N 327 50.71 -15.19 17.53
CA CYS N 327 50.44 -16.56 17.07
C CYS N 327 50.16 -16.68 15.57
N VAL N 328 50.52 -17.85 15.04
CA VAL N 328 50.11 -18.28 13.70
C VAL N 328 49.38 -19.61 13.83
N MET N 329 48.32 -19.76 13.05
CA MET N 329 47.40 -20.88 13.19
C MET N 329 47.32 -21.75 11.93
N LEU N 330 46.98 -23.02 12.13
CA LEU N 330 46.76 -23.96 11.03
C LEU N 330 45.34 -24.53 11.09
N SER N 331 44.59 -24.34 10.01
CA SER N 331 43.21 -24.84 9.91
C SER N 331 43.14 -26.23 9.27
N GLY N 332 42.62 -26.31 8.05
CA GLY N 332 42.49 -27.57 7.32
C GLY N 332 43.78 -28.34 7.11
N GLU N 333 44.91 -27.65 7.23
CA GLU N 333 46.24 -28.24 7.05
C GLU N 333 46.56 -29.34 8.07
N THR N 334 46.12 -29.15 9.31
CA THR N 334 46.35 -30.12 10.38
C THR N 334 45.11 -30.95 10.70
N ALA N 335 43.94 -30.39 10.43
CA ALA N 335 42.66 -31.07 10.69
C ALA N 335 42.43 -32.23 9.74
N LYS N 336 42.48 -31.96 8.44
CA LYS N 336 42.24 -33.00 7.43
C LYS N 336 43.38 -33.16 6.42
N GLY N 337 44.49 -32.47 6.67
CA GLY N 337 45.63 -32.48 5.74
C GLY N 337 46.39 -33.79 5.64
N LYS N 338 47.20 -33.90 4.59
CA LYS N 338 48.02 -35.10 4.35
C LYS N 338 49.39 -35.05 5.03
N TYR N 339 49.85 -33.85 5.39
CA TYR N 339 51.17 -33.68 5.99
C TYR N 339 51.11 -32.84 7.28
N PRO N 340 50.56 -33.44 8.38
CA PRO N 340 50.37 -32.71 9.64
C PRO N 340 51.69 -32.29 10.33
N ASN N 341 52.69 -33.16 10.31
CA ASN N 341 54.00 -32.84 10.89
C ASN N 341 54.79 -31.84 10.07
N GLU N 342 54.81 -32.04 8.76
CA GLU N 342 55.57 -31.24 7.80
C GLU N 342 55.14 -29.76 7.79
N VAL N 343 53.84 -29.53 7.92
CA VAL N 343 53.27 -28.18 7.86
C VAL N 343 53.66 -27.34 9.08
N VAL N 344 53.68 -27.98 10.26
CA VAL N 344 54.11 -27.31 11.49
C VAL N 344 55.62 -27.10 11.45
N GLN N 345 56.34 -28.09 10.94
CA GLN N 345 57.80 -28.02 10.80
C GLN N 345 58.22 -26.89 9.87
N TYR N 346 57.46 -26.70 8.79
CA TYR N 346 57.68 -25.58 7.88
C TYR N 346 57.33 -24.25 8.53
N MET N 347 56.18 -24.22 9.22
CA MET N 347 55.72 -23.02 9.92
C MET N 347 56.75 -22.54 10.97
N ALA N 348 57.24 -23.47 11.79
CA ALA N 348 58.24 -23.17 12.81
C ALA N 348 59.54 -22.65 12.19
N ARG N 349 59.90 -23.21 11.05
CA ARG N 349 61.08 -22.79 10.29
C ARG N 349 60.92 -21.36 9.77
N ILE N 350 59.73 -21.07 9.24
CA ILE N 350 59.41 -19.76 8.66
C ILE N 350 59.36 -18.66 9.73
N CYS N 351 58.75 -18.98 10.87
CA CYS N 351 58.69 -18.06 12.02
C CYS N 351 60.08 -17.70 12.54
N LEU N 352 61.01 -18.65 12.49
CA LEU N 352 62.40 -18.43 12.91
C LEU N 352 63.17 -17.51 11.96
N GLU N 353 63.00 -17.73 10.65
CA GLU N 353 63.66 -16.90 9.65
C GLU N 353 63.11 -15.47 9.66
N ALA N 354 61.79 -15.35 9.79
CA ALA N 354 61.12 -14.06 9.93
C ALA N 354 61.63 -13.31 11.16
N GLN N 355 61.81 -14.05 12.25
CA GLN N 355 62.30 -13.52 13.53
C GLN N 355 63.71 -12.94 13.43
N SER N 356 64.55 -13.54 12.57
CA SER N 356 65.91 -13.06 12.33
C SER N 356 65.93 -11.70 11.64
N ALA N 357 65.01 -11.49 10.70
CA ALA N 357 64.88 -10.22 10.00
C ALA N 357 64.06 -9.18 10.79
N LEU N 358 63.35 -9.67 11.81
CA LEU N 358 62.53 -8.82 12.67
C LEU N 358 63.38 -7.88 13.52
N ASN N 359 63.04 -6.59 13.48
CA ASN N 359 63.75 -5.57 14.23
C ASN N 359 63.09 -5.36 15.60
N GLU N 360 63.61 -6.05 16.62
CA GLU N 360 63.00 -6.07 17.95
C GLU N 360 63.20 -4.77 18.73
N TYR N 361 64.36 -4.14 18.55
CA TYR N 361 64.66 -2.87 19.21
C TYR N 361 63.73 -1.75 18.75
N VAL N 362 63.49 -1.69 17.43
CA VAL N 362 62.58 -0.73 16.83
C VAL N 362 61.16 -0.99 17.31
N PHE N 363 60.79 -2.26 17.39
CA PHE N 363 59.48 -2.68 17.89
C PHE N 363 59.30 -2.26 19.35
N PHE N 364 60.35 -2.44 20.15
CA PHE N 364 60.38 -2.01 21.55
C PHE N 364 60.23 -0.49 21.69
N ASN N 365 61.02 0.26 20.92
CA ASN N 365 60.96 1.71 20.91
C ASN N 365 59.60 2.26 20.47
N SER N 366 58.97 1.57 19.51
CA SER N 366 57.65 1.95 19.03
C SER N 366 56.59 1.76 20.10
N ILE N 367 56.62 0.59 20.75
CA ILE N 367 55.65 0.23 21.79
C ILE N 367 55.72 1.19 22.99
N LYS N 368 56.94 1.47 23.46
CA LYS N 368 57.16 2.39 24.58
C LYS N 368 56.50 3.76 24.38
N LYS N 369 56.70 4.35 23.20
CA LYS N 369 56.20 5.69 22.89
C LYS N 369 54.71 5.78 22.57
N LEU N 370 54.02 4.64 22.60
CA LEU N 370 52.58 4.60 22.36
C LEU N 370 51.75 4.29 23.62
N GLN N 371 52.44 4.17 24.76
CA GLN N 371 51.78 3.98 26.05
C GLN N 371 51.57 5.30 26.78
N HIS N 372 50.45 5.41 27.50
CA HIS N 372 50.10 6.64 28.21
C HIS N 372 51.01 6.89 29.42
N ILE N 373 51.59 8.08 29.45
CA ILE N 373 52.45 8.52 30.55
C ILE N 373 51.65 9.50 31.42
N PRO N 374 51.65 9.30 32.77
CA PRO N 374 52.43 8.34 33.55
C PRO N 374 51.99 6.89 33.41
N MET N 375 52.96 5.98 33.46
CA MET N 375 52.67 4.54 33.47
C MET N 375 52.40 4.08 34.90
N SER N 376 51.89 2.86 35.05
CA SER N 376 51.80 2.22 36.35
C SER N 376 53.19 1.75 36.77
N ALA N 377 53.44 1.68 38.07
CA ALA N 377 54.72 1.16 38.58
C ALA N 377 55.01 -0.22 38.00
N ASP N 378 53.95 -1.00 37.87
CA ASP N 378 53.95 -2.32 37.26
C ASP N 378 54.60 -2.32 35.87
N GLU N 379 54.10 -1.46 34.99
CA GLU N 379 54.50 -1.45 33.58
C GLU N 379 55.84 -0.75 33.33
N ALA N 380 56.08 0.33 34.08
CA ALA N 380 57.33 1.08 33.99
C ALA N 380 58.53 0.19 34.31
N VAL N 381 58.30 -0.77 35.21
CA VAL N 381 59.29 -1.79 35.59
C VAL N 381 59.64 -2.71 34.41
N CYS N 382 58.63 -3.24 33.72
CA CYS N 382 58.84 -4.13 32.57
C CYS N 382 59.52 -3.41 31.40
N SER N 383 59.10 -2.16 31.18
CA SER N 383 59.65 -1.31 30.12
C SER N 383 61.14 -1.04 30.31
N SER N 384 61.55 -0.84 31.56
CA SER N 384 62.94 -0.56 31.89
C SER N 384 63.74 -1.84 32.11
N ALA N 385 63.04 -2.96 32.28
CA ALA N 385 63.67 -4.27 32.35
C ALA N 385 64.14 -4.72 30.97
N VAL N 386 63.30 -4.47 29.97
CA VAL N 386 63.65 -4.71 28.57
C VAL N 386 64.71 -3.70 28.11
N ASN N 387 64.56 -2.45 28.54
CA ASN N 387 65.57 -1.42 28.30
C ASN N 387 66.95 -1.89 28.76
N SER N 388 66.98 -2.58 29.92
CA SER N 388 68.22 -3.16 30.44
C SER N 388 68.77 -4.26 29.54
N VAL N 389 67.87 -5.09 29.00
CA VAL N 389 68.28 -6.18 28.11
C VAL N 389 69.07 -5.64 26.90
N TYR N 390 68.53 -4.64 26.24
CA TYR N 390 69.17 -4.04 25.06
C TYR N 390 70.46 -3.28 25.40
N GLU N 391 70.51 -2.72 26.60
CA GLU N 391 71.68 -1.97 27.05
C GLU N 391 72.81 -2.87 27.53
N THR N 392 72.43 -4.00 28.14
CA THR N 392 73.39 -4.92 28.76
C THR N 392 73.69 -6.14 27.88
N LYS N 393 72.91 -6.29 26.80
CA LYS N 393 72.95 -7.46 25.90
C LYS N 393 72.69 -8.79 26.65
N ALA N 394 71.74 -8.75 27.57
CA ALA N 394 71.32 -9.91 28.36
C ALA N 394 70.77 -11.01 27.48
N LYS N 395 71.03 -12.26 27.87
CA LYS N 395 70.68 -13.42 27.04
C LYS N 395 69.43 -14.18 27.51
N ALA N 396 68.87 -13.77 28.65
CA ALA N 396 67.61 -14.32 29.17
C ALA N 396 66.97 -13.39 30.21
N MET N 397 65.67 -13.50 30.36
CA MET N 397 64.91 -12.73 31.33
C MET N 397 64.10 -13.66 32.21
N VAL N 398 63.91 -13.27 33.47
CA VAL N 398 63.12 -14.05 34.42
C VAL N 398 62.00 -13.20 35.04
N VAL N 399 60.76 -13.68 34.90
CA VAL N 399 59.60 -13.07 35.56
C VAL N 399 58.89 -14.07 36.46
N LEU N 400 58.44 -13.59 37.62
CA LEU N 400 57.57 -14.37 38.48
C LEU N 400 56.12 -13.96 38.21
N SER N 401 55.31 -14.93 37.78
CA SER N 401 53.94 -14.63 37.36
C SER N 401 53.00 -15.75 37.79
N ASN N 402 52.04 -15.40 38.64
CA ASN N 402 51.05 -16.37 39.13
C ASN N 402 49.89 -16.50 38.15
N THR N 403 49.35 -15.36 37.72
CA THR N 403 48.58 -15.27 36.49
C THR N 403 49.56 -14.71 35.47
N GLY N 404 49.32 -14.96 34.19
CA GLY N 404 50.27 -14.54 33.14
C GLY N 404 50.47 -13.05 32.97
N ARG N 405 49.80 -12.25 33.81
CA ARG N 405 49.78 -10.78 33.69
C ARG N 405 51.16 -10.13 33.66
N SER N 406 52.07 -10.57 34.54
CA SER N 406 53.45 -10.08 34.54
C SER N 406 54.22 -10.52 33.30
N ALA N 407 54.10 -11.79 32.94
CA ALA N 407 54.78 -12.37 31.79
C ALA N 407 54.34 -11.72 30.47
N ARG N 408 53.02 -11.51 30.34
CA ARG N 408 52.45 -10.86 29.16
C ARG N 408 52.86 -9.38 29.04
N LEU N 409 53.11 -8.73 30.17
CA LEU N 409 53.52 -7.33 30.20
C LEU N 409 55.00 -7.13 29.84
N VAL N 410 55.80 -8.19 29.99
CA VAL N 410 57.21 -8.18 29.60
C VAL N 410 57.36 -8.51 28.11
N ALA N 411 56.58 -9.50 27.66
CA ALA N 411 56.54 -9.89 26.25
C ALA N 411 56.01 -8.74 25.39
N LYS N 412 55.18 -7.91 26.02
CA LYS N 412 54.64 -6.69 25.42
C LYS N 412 55.73 -5.80 24.84
N TYR N 413 56.86 -5.70 25.54
CA TYR N 413 57.92 -4.77 25.15
C TYR N 413 58.99 -5.39 24.23
N ARG N 414 58.74 -6.63 23.80
CA ARG N 414 59.53 -7.27 22.73
C ARG N 414 61.06 -7.20 22.92
N PRO N 415 61.59 -7.90 23.93
CA PRO N 415 63.05 -8.01 24.07
C PRO N 415 63.66 -8.99 23.06
N ASN N 416 64.97 -8.89 22.86
CA ASN N 416 65.68 -9.74 21.90
C ASN N 416 66.28 -10.99 22.54
N CYS N 417 65.68 -11.41 23.65
CA CYS N 417 66.10 -12.61 24.38
C CYS N 417 64.86 -13.35 24.89
N PRO N 418 64.99 -14.67 25.17
CA PRO N 418 63.88 -15.45 25.71
C PRO N 418 63.38 -14.95 27.06
N ILE N 419 62.08 -15.13 27.30
CA ILE N 419 61.48 -14.79 28.59
C ILE N 419 61.09 -16.06 29.34
N VAL N 420 61.73 -16.25 30.50
CA VAL N 420 61.47 -17.40 31.37
C VAL N 420 60.50 -16.99 32.47
N CYS N 421 59.35 -17.65 32.51
CA CYS N 421 58.32 -17.33 33.50
C CYS N 421 58.14 -18.46 34.51
N VAL N 422 58.53 -18.21 35.76
CA VAL N 422 58.37 -19.17 36.84
C VAL N 422 57.01 -18.97 37.50
N THR N 423 56.09 -19.90 37.24
CA THR N 423 54.69 -19.75 37.65
C THR N 423 54.23 -20.83 38.64
N THR N 424 53.34 -20.41 39.55
CA THR N 424 52.78 -21.31 40.56
C THR N 424 51.52 -22.01 40.06
N ARG N 425 50.94 -21.47 38.98
CA ARG N 425 49.76 -22.05 38.33
C ARG N 425 50.15 -22.89 37.12
N LEU N 426 49.67 -24.13 37.10
CA LEU N 426 49.90 -25.05 35.99
C LEU N 426 49.09 -24.63 34.74
N GLN N 427 48.00 -23.91 34.97
CA GLN N 427 47.18 -23.35 33.88
C GLN N 427 47.85 -22.16 33.20
N THR N 428 48.56 -21.35 33.98
CA THR N 428 49.32 -20.21 33.45
C THR N 428 50.44 -20.69 32.51
N CYS N 429 50.95 -21.90 32.74
CA CYS N 429 51.89 -22.53 31.83
C CYS N 429 51.25 -22.72 30.45
N ARG N 430 50.02 -23.23 30.45
CA ARG N 430 49.29 -23.51 29.22
C ARG N 430 48.74 -22.23 28.57
N GLN N 431 48.36 -21.27 29.39
CA GLN N 431 47.74 -20.03 28.89
C GLN N 431 48.76 -19.05 28.29
N LEU N 432 50.01 -19.15 28.72
CA LEU N 432 51.07 -18.32 28.15
C LEU N 432 51.57 -18.88 26.80
N ASN N 433 50.94 -19.94 26.32
CA ASN N 433 51.25 -20.55 25.02
C ASN N 433 50.76 -19.73 23.82
N ILE N 434 49.97 -18.69 24.08
CA ILE N 434 49.54 -17.77 23.02
C ILE N 434 50.28 -16.43 23.11
N THR N 435 51.21 -16.35 24.05
CA THR N 435 52.05 -15.17 24.22
C THR N 435 53.42 -15.42 23.59
N GLN N 436 53.81 -14.47 22.74
CA GLN N 436 55.09 -14.53 22.02
C GLN N 436 56.30 -14.34 22.96
N GLY N 437 57.30 -15.21 22.79
CA GLY N 437 58.60 -15.05 23.47
C GLY N 437 58.72 -15.61 24.88
N VAL N 438 57.60 -16.03 25.45
CA VAL N 438 57.56 -16.53 26.83
C VAL N 438 57.62 -18.06 26.89
N GLU N 439 58.37 -18.57 27.87
CA GLU N 439 58.43 -20.00 28.16
C GLU N 439 58.28 -20.23 29.67
N SER N 440 57.22 -20.96 30.03
CA SER N 440 56.82 -21.16 31.41
C SER N 440 57.60 -22.27 32.12
N VAL N 441 57.84 -22.06 33.42
CA VAL N 441 58.38 -23.08 34.31
C VAL N 441 57.42 -23.24 35.48
N PHE N 442 56.97 -24.46 35.72
CA PHE N 442 56.09 -24.74 36.84
C PHE N 442 56.86 -24.91 38.14
N PHE N 443 56.56 -24.05 39.10
CA PHE N 443 57.07 -24.17 40.46
C PHE N 443 55.93 -24.70 41.33
N ASP N 444 56.07 -25.96 41.74
CA ASP N 444 55.05 -26.61 42.58
C ASP N 444 55.05 -25.96 43.97
N ALA N 445 54.14 -25.01 44.15
CA ALA N 445 54.05 -24.22 45.39
C ALA N 445 53.60 -25.03 46.60
N ASP N 446 52.84 -26.09 46.38
CA ASP N 446 52.34 -26.95 47.45
C ASP N 446 53.47 -27.70 48.17
N LYS N 447 54.29 -28.41 47.40
CA LYS N 447 55.33 -29.27 47.98
C LYS N 447 56.68 -28.57 48.22
N LEU N 448 56.89 -27.45 47.54
CA LEU N 448 58.16 -26.70 47.65
C LEU N 448 58.05 -25.45 48.54
N GLY N 449 56.87 -24.82 48.57
CA GLY N 449 56.64 -23.63 49.39
C GLY N 449 56.14 -22.43 48.61
N HIS N 450 55.57 -21.46 49.32
CA HIS N 450 55.03 -20.24 48.69
C HIS N 450 56.10 -19.25 48.27
N ASP N 451 57.34 -19.49 48.71
CA ASP N 451 58.53 -18.73 48.30
C ASP N 451 58.45 -17.23 48.57
N GLU N 452 58.16 -16.86 49.82
CA GLU N 452 58.28 -15.47 50.25
C GLU N 452 59.76 -15.14 50.47
N GLY N 453 60.32 -14.37 49.55
CA GLY N 453 61.77 -14.15 49.48
C GLY N 453 62.26 -14.30 48.06
N LYS N 454 61.46 -14.99 47.24
CA LYS N 454 61.64 -15.10 45.78
C LYS N 454 62.87 -15.90 45.29
N GLU N 455 63.76 -16.27 46.21
CA GLU N 455 65.05 -16.92 45.88
C GLU N 455 64.89 -18.22 45.09
N HIS N 456 64.00 -19.10 45.56
CA HIS N 456 63.85 -20.45 45.00
C HIS N 456 63.24 -20.48 43.59
N ARG N 457 62.41 -19.49 43.26
CA ARG N 457 61.77 -19.42 41.94
C ARG N 457 62.67 -18.80 40.88
N VAL N 458 63.45 -17.79 41.26
CA VAL N 458 64.44 -17.19 40.37
C VAL N 458 65.53 -18.22 40.04
N ALA N 459 65.89 -19.03 41.03
CA ALA N 459 66.81 -20.15 40.84
C ALA N 459 66.26 -21.18 39.85
N ALA N 460 64.94 -21.40 39.89
CA ALA N 460 64.26 -22.31 38.98
C ALA N 460 64.18 -21.75 37.56
N GLY N 461 64.12 -20.43 37.45
CA GLY N 461 64.10 -19.74 36.16
C GLY N 461 65.43 -19.81 35.45
N VAL N 462 66.49 -19.43 36.16
CA VAL N 462 67.87 -19.49 35.67
C VAL N 462 68.27 -20.94 35.32
N GLU N 463 67.88 -21.88 36.18
CA GLU N 463 68.03 -23.31 35.94
C GLU N 463 67.53 -23.71 34.55
N PHE N 464 66.33 -23.26 34.19
CA PHE N 464 65.70 -23.54 32.89
C PHE N 464 66.49 -22.89 31.75
N ALA N 465 66.85 -21.62 31.94
CA ALA N 465 67.61 -20.85 30.95
C ALA N 465 68.98 -21.47 30.67
N LYS N 466 69.66 -21.92 31.73
CA LYS N 466 70.96 -22.60 31.60
C LYS N 466 70.85 -23.94 30.87
N SER N 467 69.84 -24.74 31.23
CA SER N 467 69.65 -26.06 30.65
C SER N 467 69.32 -26.00 29.16
N LYS N 468 68.67 -24.92 28.75
CA LYS N 468 68.27 -24.73 27.36
C LYS N 468 69.30 -23.98 26.51
N GLY N 469 70.42 -23.62 27.13
CA GLY N 469 71.52 -22.96 26.43
C GLY N 469 71.36 -21.47 26.22
N TYR N 470 70.32 -20.89 26.84
CA TYR N 470 70.07 -19.45 26.74
C TYR N 470 71.16 -18.63 27.42
N VAL N 471 71.52 -19.02 28.64
CA VAL N 471 72.65 -18.40 29.34
C VAL N 471 73.77 -19.41 29.62
N GLN N 472 75.00 -18.89 29.66
CA GLN N 472 76.18 -19.63 30.11
C GLN N 472 76.64 -18.99 31.41
N THR N 473 77.69 -19.54 32.02
CA THR N 473 78.32 -18.94 33.19
C THR N 473 78.85 -17.56 32.82
N GLY N 474 78.60 -16.57 33.69
CA GLY N 474 79.10 -15.22 33.49
C GLY N 474 78.20 -14.31 32.67
N ASP N 475 77.09 -14.86 32.18
CA ASP N 475 76.12 -14.06 31.43
C ASP N 475 75.29 -13.22 32.39
N TYR N 476 74.65 -12.18 31.86
CA TYR N 476 73.70 -11.39 32.62
C TYR N 476 72.28 -11.87 32.40
N CYS N 477 71.46 -11.71 33.45
CA CYS N 477 70.06 -12.07 33.41
C CYS N 477 69.28 -10.96 34.10
N VAL N 478 68.23 -10.47 33.45
CA VAL N 478 67.35 -9.46 34.03
C VAL N 478 66.13 -10.14 34.66
N VAL N 479 65.92 -9.88 35.95
CA VAL N 479 64.89 -10.56 36.75
C VAL N 479 63.84 -9.57 37.26
N ILE N 480 62.57 -9.92 37.08
CA ILE N 480 61.46 -9.04 37.46
C ILE N 480 60.53 -9.70 38.48
N HIS N 481 60.44 -9.10 39.66
CA HIS N 481 59.45 -9.45 40.68
C HIS N 481 59.33 -8.34 41.72
N ALA N 482 58.72 -8.64 42.86
CA ALA N 482 58.51 -7.64 43.91
C ALA N 482 59.58 -7.73 44.99
N ASP N 483 59.73 -6.64 45.74
CA ASP N 483 60.61 -6.66 46.91
C ASP N 483 59.98 -7.44 48.08
N HIS N 484 60.59 -7.37 49.25
CA HIS N 484 60.15 -8.13 50.41
C HIS N 484 58.98 -7.48 51.17
N LYS N 485 58.08 -6.81 50.44
CA LYS N 485 57.03 -6.00 51.06
C LYS N 485 55.81 -5.76 50.15
N VAL N 486 56.05 -5.55 48.86
CA VAL N 486 54.99 -5.27 47.87
C VAL N 486 54.28 -6.55 47.40
N LYS N 487 52.96 -6.54 47.45
CA LYS N 487 52.13 -7.68 47.01
C LYS N 487 51.20 -7.29 45.86
N GLY N 488 51.06 -8.19 44.88
CA GLY N 488 50.06 -8.05 43.82
C GLY N 488 50.57 -7.64 42.46
N TYR N 489 51.79 -7.11 42.41
CA TYR N 489 52.42 -6.68 41.16
C TYR N 489 53.93 -6.57 41.33
N ALA N 490 54.66 -6.72 40.21
CA ALA N 490 56.12 -6.62 40.22
C ALA N 490 56.58 -5.16 40.22
N ASN N 491 57.39 -4.79 41.21
CA ASN N 491 57.88 -3.42 41.37
C ASN N 491 59.41 -3.27 41.34
N GLN N 492 60.11 -4.38 41.08
CA GLN N 492 61.57 -4.42 41.22
C GLN N 492 62.25 -5.22 40.09
N THR N 493 63.29 -4.62 39.51
CA THR N 493 64.16 -5.32 38.55
C THR N 493 65.58 -5.51 39.09
N ARG N 494 66.18 -6.66 38.80
CA ARG N 494 67.57 -6.93 39.11
C ARG N 494 68.32 -7.39 37.85
N ILE N 495 69.59 -7.02 37.75
CA ILE N 495 70.47 -7.58 36.73
C ILE N 495 71.51 -8.44 37.44
N LEU N 496 71.36 -9.76 37.34
CA LEU N 496 72.23 -10.67 38.08
C LEU N 496 73.12 -11.54 37.20
N LEU N 497 74.33 -11.80 37.70
CA LEU N 497 75.34 -12.59 37.02
C LEU N 497 75.10 -14.07 37.28
N VAL N 498 74.93 -14.85 36.21
CA VAL N 498 74.64 -16.29 36.36
C VAL N 498 75.88 -17.14 36.58
N GLU N 499 75.74 -18.16 37.43
CA GLU N 499 76.81 -19.08 37.76
C GLU N 499 76.77 -20.30 36.84
N SER O 2 72.17 14.40 17.48
CA SER O 2 71.66 15.38 18.48
C SER O 2 72.67 16.50 18.75
N GLN O 3 72.26 17.47 19.57
CA GLN O 3 73.10 18.60 19.96
C GLN O 3 74.37 18.16 20.70
N LEU O 4 74.20 17.24 21.65
CA LEU O 4 75.31 16.73 22.46
C LEU O 4 76.28 15.87 21.64
N ALA O 5 75.74 15.13 20.67
CA ALA O 5 76.55 14.33 19.75
C ALA O 5 77.30 15.22 18.73
N HIS O 6 76.77 16.41 18.49
CA HIS O 6 77.37 17.38 17.57
C HIS O 6 78.63 18.03 18.17
N ASN O 7 78.61 18.26 19.49
CA ASN O 7 79.73 18.90 20.20
C ASN O 7 81.02 18.05 20.23
N LEU O 8 80.86 16.75 20.10
CA LEU O 8 81.99 15.80 20.06
C LEU O 8 82.76 15.85 18.74
N THR O 9 82.07 16.27 17.67
CA THR O 9 82.67 16.36 16.34
C THR O 9 83.33 17.72 16.08
N LEU O 10 83.04 18.69 16.93
CA LEU O 10 83.60 20.04 16.79
C LEU O 10 85.06 20.13 17.20
N SER O 11 85.78 21.08 16.59
CA SER O 11 87.18 21.35 16.94
C SER O 11 87.48 22.85 16.91
N ILE O 12 88.43 23.27 17.74
CA ILE O 12 88.91 24.66 17.75
C ILE O 12 89.98 24.88 16.68
N PHE O 13 90.55 23.77 16.20
CA PHE O 13 91.56 23.76 15.14
C PHE O 13 90.94 23.96 13.75
N ASP O 14 89.62 23.98 13.69
CA ASP O 14 88.88 24.14 12.43
C ASP O 14 88.86 25.61 11.97
N PRO O 15 89.29 25.87 10.72
CA PRO O 15 89.24 27.22 10.15
C PRO O 15 87.80 27.70 9.93
N VAL O 16 87.58 29.01 10.07
CA VAL O 16 86.26 29.59 9.85
C VAL O 16 85.93 29.69 8.35
N ALA O 17 84.63 29.73 8.04
CA ALA O 17 84.16 29.88 6.67
C ALA O 17 84.54 31.24 6.11
N ASN O 18 84.91 31.28 4.83
CA ASN O 18 85.38 32.52 4.17
C ASN O 18 84.32 33.62 4.02
N TYR O 19 83.18 33.43 4.68
CA TYR O 19 82.11 34.43 4.69
C TYR O 19 81.47 34.51 6.07
N ARG O 20 80.95 35.69 6.42
CA ARG O 20 80.24 35.89 7.68
C ARG O 20 78.75 36.16 7.43
N ALA O 21 77.91 35.25 7.92
CA ALA O 21 76.46 35.36 7.76
C ALA O 21 75.84 36.37 8.73
N ALA O 22 76.39 36.42 9.94
CA ALA O 22 75.89 37.32 11.00
C ALA O 22 76.19 38.78 10.69
N ARG O 23 75.24 39.64 11.06
CA ARG O 23 75.32 41.07 10.76
C ARG O 23 75.49 41.93 12.02
N ILE O 24 76.36 42.94 11.92
CA ILE O 24 76.66 43.82 13.05
C ILE O 24 76.01 45.19 12.89
N ILE O 25 75.29 45.62 13.92
CA ILE O 25 74.70 46.95 13.97
C ILE O 25 75.43 47.81 15.01
N CYS O 26 75.95 48.94 14.57
CA CYS O 26 76.62 49.88 15.47
C CYS O 26 75.79 51.15 15.62
N THR O 27 75.80 51.71 16.83
CA THR O 27 75.17 53.00 17.06
C THR O 27 76.20 54.12 16.96
N ILE O 28 75.76 55.30 16.53
CA ILE O 28 76.66 56.41 16.27
C ILE O 28 76.48 57.52 17.32
N GLY O 29 77.60 58.04 17.80
CA GLY O 29 77.61 59.14 18.77
C GLY O 29 78.89 59.95 18.69
N PRO O 30 79.30 60.55 19.82
CA PRO O 30 80.51 61.39 19.91
C PRO O 30 81.83 60.62 19.73
N SER O 31 81.79 59.50 19.00
CA SER O 31 82.98 58.66 18.81
C SER O 31 83.17 58.19 17.38
N THR O 32 82.06 58.01 16.65
CA THR O 32 82.11 57.54 15.27
C THR O 32 81.23 58.36 14.30
N GLN O 33 81.09 59.66 14.57
CA GLN O 33 80.27 60.53 13.73
C GLN O 33 81.03 61.07 12.51
N SER O 34 82.35 61.17 12.63
CA SER O 34 83.20 61.65 11.54
C SER O 34 83.27 60.64 10.41
N VAL O 35 83.53 61.13 9.19
CA VAL O 35 83.69 60.27 8.02
C VAL O 35 84.94 59.38 8.15
N GLU O 36 85.90 59.83 8.95
CA GLU O 36 87.13 59.07 9.22
C GLU O 36 86.86 57.83 10.08
N ALA O 37 86.13 58.02 11.18
CA ALA O 37 85.81 56.94 12.11
C ALA O 37 84.80 55.94 11.55
N LEU O 38 83.98 56.39 10.60
CA LEU O 38 82.98 55.53 9.95
C LEU O 38 83.60 54.58 8.92
N LYS O 39 84.64 55.04 8.23
CA LYS O 39 85.39 54.22 7.28
C LYS O 39 86.05 53.02 7.97
N GLY O 40 86.55 53.25 9.19
CA GLY O 40 87.13 52.19 10.01
C GLY O 40 86.08 51.32 10.67
N LEU O 41 84.90 51.90 10.92
CA LEU O 41 83.79 51.19 11.55
C LEU O 41 83.12 50.22 10.57
N ILE O 42 83.05 50.62 9.30
CA ILE O 42 82.48 49.79 8.23
C ILE O 42 83.46 48.66 7.84
N GLN O 43 84.73 48.99 7.73
CA GLN O 43 85.77 48.02 7.36
C GLN O 43 86.10 47.04 8.50
N SER O 44 85.60 47.33 9.70
CA SER O 44 85.70 46.41 10.83
C SER O 44 84.55 45.40 10.80
N GLY O 45 83.40 45.82 10.28
CA GLY O 45 82.29 44.90 10.06
C GLY O 45 80.87 45.44 10.26
N MET O 46 80.72 46.77 10.23
CA MET O 46 79.39 47.36 10.35
C MET O 46 78.58 47.19 9.06
N SER O 47 77.31 46.85 9.21
CA SER O 47 76.38 46.76 8.09
C SER O 47 75.23 47.74 8.26
N VAL O 48 74.86 48.00 9.51
CA VAL O 48 73.76 48.91 9.84
C VAL O 48 74.23 49.96 10.85
N ALA O 49 73.92 51.23 10.58
CA ALA O 49 74.24 52.32 11.50
C ALA O 49 72.98 52.83 12.21
N ARG O 50 72.99 52.74 13.54
CA ARG O 50 71.86 53.16 14.37
C ARG O 50 71.99 54.61 14.83
N MET O 51 70.86 55.29 14.89
CA MET O 51 70.79 56.65 15.42
C MET O 51 69.76 56.69 16.54
N ASN O 52 70.23 56.91 17.77
CA ASN O 52 69.34 56.96 18.92
C ASN O 52 68.67 58.33 19.06
N PHE O 53 67.41 58.39 18.66
CA PHE O 53 66.63 59.64 18.72
C PHE O 53 66.14 59.99 20.13
N SER O 54 66.72 59.33 21.13
CA SER O 54 66.56 59.70 22.53
C SER O 54 67.71 60.62 22.94
N HIS O 55 68.75 60.67 22.11
CA HIS O 55 69.92 61.52 22.34
C HIS O 55 70.15 62.51 21.19
N GLY O 56 70.65 63.69 21.54
CA GLY O 56 70.95 64.74 20.56
C GLY O 56 69.71 65.48 20.11
N SER O 57 69.68 65.81 18.82
CA SER O 57 68.59 66.57 18.21
C SER O 57 68.37 66.13 16.76
N HIS O 58 67.47 66.82 16.06
CA HIS O 58 67.23 66.57 14.63
C HIS O 58 68.45 66.93 13.79
N GLU O 59 69.17 67.98 14.21
CA GLU O 59 70.31 68.50 13.48
C GLU O 59 71.57 67.63 13.65
N TYR O 60 71.76 67.08 14.85
CA TYR O 60 72.90 66.20 15.12
C TYR O 60 72.82 64.91 14.32
N HIS O 61 71.65 64.27 14.33
CA HIS O 61 71.40 63.04 13.58
C HIS O 61 71.47 63.26 12.07
N GLN O 62 71.18 64.49 11.64
CA GLN O 62 71.27 64.89 10.24
C GLN O 62 72.69 64.78 9.70
N THR O 63 73.66 65.21 10.52
CA THR O 63 75.08 65.13 10.16
C THR O 63 75.54 63.68 10.04
N THR O 64 74.97 62.83 10.89
CA THR O 64 75.28 61.40 10.89
C THR O 64 74.79 60.72 9.59
N ILE O 65 73.56 61.05 9.17
CA ILE O 65 72.99 60.53 7.92
C ILE O 65 73.88 60.88 6.71
N ASN O 66 74.36 62.12 6.67
CA ASN O 66 75.22 62.60 5.60
C ASN O 66 76.61 61.96 5.61
N ASN O 67 77.17 61.81 6.81
CA ASN O 67 78.51 61.22 6.99
C ASN O 67 78.58 59.72 6.70
N VAL O 68 77.46 59.02 6.84
CA VAL O 68 77.38 57.59 6.57
C VAL O 68 77.35 57.31 5.06
N ARG O 69 76.49 58.03 4.34
CA ARG O 69 76.35 57.87 2.88
C ARG O 69 77.61 58.31 2.13
N GLN O 70 78.32 59.27 2.70
CA GLN O 70 79.61 59.72 2.17
C GLN O 70 80.69 58.65 2.35
N ALA O 71 80.70 58.02 3.52
CA ALA O 71 81.64 56.93 3.83
C ALA O 71 81.33 55.67 3.01
N ALA O 72 80.04 55.42 2.79
CA ALA O 72 79.58 54.29 1.99
C ALA O 72 79.87 54.45 0.50
N ALA O 73 79.85 55.69 0.02
CA ALA O 73 80.13 55.99 -1.38
C ALA O 73 81.63 55.92 -1.71
N GLU O 74 82.46 56.31 -0.74
CA GLU O 74 83.92 56.30 -0.89
C GLU O 74 84.50 54.90 -1.00
N LEU O 75 83.95 53.97 -0.21
CA LEU O 75 84.38 52.58 -0.21
C LEU O 75 83.67 51.76 -1.29
N GLY O 76 82.37 52.02 -1.46
CA GLY O 76 81.57 51.34 -2.47
C GLY O 76 80.72 50.22 -1.90
N VAL O 77 80.03 50.50 -0.81
CA VAL O 77 79.18 49.53 -0.12
C VAL O 77 77.84 50.13 0.32
N ASN O 78 76.82 49.29 0.45
CA ASN O 78 75.50 49.71 0.88
C ASN O 78 75.27 49.51 2.37
N ILE O 79 75.25 50.61 3.11
CA ILE O 79 75.12 50.57 4.57
C ILE O 79 73.74 51.10 4.99
N ALA O 80 73.05 50.33 5.82
CA ALA O 80 71.70 50.67 6.28
C ALA O 80 71.74 51.78 7.33
N ILE O 81 70.72 52.64 7.29
CA ILE O 81 70.55 53.71 8.27
C ILE O 81 69.24 53.50 9.03
N ALA O 82 69.29 53.52 10.35
CA ALA O 82 68.14 53.20 11.19
C ALA O 82 67.82 54.31 12.19
N LEU O 83 66.52 54.52 12.41
CA LEU O 83 66.04 55.52 13.36
C LEU O 83 65.43 54.85 14.59
N ASP O 84 66.09 55.06 15.73
CA ASP O 84 65.62 54.52 17.01
C ASP O 84 64.73 55.55 17.71
N THR O 85 63.42 55.38 17.55
CA THR O 85 62.42 56.30 18.12
C THR O 85 62.47 56.27 19.65
N LYS O 86 62.09 57.38 20.26
CA LYS O 86 61.98 57.47 21.72
C LYS O 86 60.97 56.45 22.26
N GLY O 87 59.80 56.40 21.65
CA GLY O 87 58.70 55.56 22.13
C GLY O 87 58.15 56.07 23.44
N PRO O 88 57.18 55.34 24.04
CA PRO O 88 56.68 55.71 25.37
C PRO O 88 57.73 55.48 26.47
N GLU O 89 58.74 56.35 26.48
CA GLU O 89 59.88 56.24 27.39
C GLU O 89 59.88 57.33 28.46
N ILE O 90 60.64 57.09 29.53
CA ILE O 90 60.87 58.08 30.56
C ILE O 90 62.38 58.31 30.69
N ARG O 91 62.79 59.58 30.67
CA ARG O 91 64.21 59.95 30.75
C ARG O 91 64.50 60.95 31.87
N THR O 92 65.78 61.23 32.10
CA THR O 92 66.20 62.23 33.08
C THR O 92 66.40 63.60 32.41
N GLY O 93 67.36 64.39 32.91
CA GLY O 93 67.64 65.71 32.36
C GLY O 93 69.07 65.89 31.87
N GLN O 94 69.53 67.13 31.85
CA GLN O 94 70.90 67.44 31.45
C GLN O 94 71.76 67.74 32.68
N PHE O 95 73.05 67.39 32.60
CA PHE O 95 73.96 67.55 33.74
C PHE O 95 75.10 68.52 33.44
N VAL O 96 75.41 69.37 34.42
CA VAL O 96 76.52 70.33 34.34
C VAL O 96 77.86 69.58 34.40
N GLY O 97 78.67 69.75 33.36
CA GLY O 97 79.95 69.06 33.26
C GLY O 97 79.90 67.88 32.31
N GLY O 98 78.71 67.27 32.21
CA GLY O 98 78.49 66.13 31.31
C GLY O 98 78.07 64.85 32.02
N ASP O 99 78.35 64.79 33.32
CA ASP O 99 78.03 63.61 34.14
C ASP O 99 77.81 63.95 35.61
N ALA O 100 77.10 63.08 36.32
CA ALA O 100 76.83 63.26 37.75
C ALA O 100 77.40 62.11 38.58
N VAL O 101 78.17 62.46 39.60
CA VAL O 101 78.80 61.47 40.49
C VAL O 101 77.88 61.16 41.67
N MET O 102 77.10 60.09 41.55
CA MET O 102 76.15 59.68 42.58
C MET O 102 76.83 58.82 43.65
N GLU O 103 76.86 59.34 44.88
CA GLU O 103 77.51 58.67 46.00
C GLU O 103 76.51 57.85 46.82
N ARG O 104 76.91 56.63 47.17
CA ARG O 104 76.10 55.73 47.99
C ARG O 104 76.03 56.22 49.44
N GLY O 105 74.81 56.33 49.96
CA GLY O 105 74.59 56.75 51.34
C GLY O 105 73.88 58.08 51.46
N ALA O 106 74.47 59.12 50.87
CA ALA O 106 73.92 60.48 50.92
C ALA O 106 72.68 60.62 50.04
N THR O 107 71.68 61.31 50.57
CA THR O 107 70.37 61.46 49.91
C THR O 107 70.38 62.50 48.80
N CYS O 108 69.73 62.17 47.69
CA CYS O 108 69.55 63.09 46.56
C CYS O 108 68.07 63.46 46.39
N TYR O 109 67.76 64.32 45.43
CA TYR O 109 66.39 64.80 45.22
C TYR O 109 65.99 64.84 43.74
N VAL O 110 64.78 64.36 43.45
CA VAL O 110 64.26 64.34 42.07
C VAL O 110 63.03 65.22 41.93
N THR O 111 62.98 66.01 40.87
CA THR O 111 61.90 66.97 40.66
C THR O 111 61.18 66.80 39.32
N THR O 112 59.86 66.97 39.35
CA THR O 112 59.01 66.91 38.15
C THR O 112 59.09 68.24 37.39
N ASP O 113 59.34 69.32 38.12
CA ASP O 113 59.41 70.68 37.58
C ASP O 113 60.45 70.80 36.45
N PRO O 114 60.01 71.19 35.24
CA PRO O 114 60.84 71.21 34.03
C PRO O 114 61.85 72.38 33.96
N ALA O 115 61.89 73.22 34.98
CA ALA O 115 62.83 74.34 35.04
C ALA O 115 64.27 73.88 35.27
N PHE O 116 64.42 72.64 35.76
CA PHE O 116 65.73 72.03 35.98
C PHE O 116 66.14 71.14 34.80
N ALA O 117 65.79 71.56 33.59
CA ALA O 117 66.04 70.78 32.38
C ALA O 117 67.51 70.83 31.94
N ASP O 118 68.12 72.01 32.02
CA ASP O 118 69.52 72.18 31.62
C ASP O 118 70.49 72.17 32.81
N LYS O 119 70.00 72.60 33.98
CA LYS O 119 70.79 72.60 35.21
C LYS O 119 70.38 71.45 36.14
N GLY O 120 71.37 70.65 36.54
CA GLY O 120 71.15 69.52 37.43
C GLY O 120 72.44 68.80 37.76
N THR O 121 72.62 68.49 39.04
CA THR O 121 73.81 67.76 39.51
C THR O 121 73.42 66.54 40.34
N LYS O 122 74.35 66.07 41.17
CA LYS O 122 74.16 64.87 42.00
C LYS O 122 73.09 65.01 43.09
N ASP O 123 72.80 66.25 43.49
CA ASP O 123 71.87 66.53 44.59
C ASP O 123 70.43 66.77 44.14
N LYS O 124 70.27 67.36 42.96
CA LYS O 124 68.95 67.68 42.42
C LYS O 124 68.92 67.56 40.89
N PHE O 125 68.22 66.56 40.39
CA PHE O 125 68.07 66.37 38.95
C PHE O 125 66.62 66.10 38.50
N TYR O 126 66.42 66.10 37.19
CA TYR O 126 65.10 66.13 36.56
C TYR O 126 64.67 64.78 35.98
N ILE O 127 63.38 64.47 36.08
CA ILE O 127 62.78 63.30 35.42
C ILE O 127 61.54 63.75 34.64
N ASP O 128 61.54 63.50 33.33
CA ASP O 128 60.52 64.03 32.43
C ASP O 128 59.25 63.18 32.30
N TYR O 129 58.71 62.74 33.44
CA TYR O 129 57.42 62.07 33.45
C TYR O 129 56.32 63.01 33.93
N GLN O 130 55.12 62.81 33.40
CA GLN O 130 53.96 63.67 33.70
C GLN O 130 53.65 63.74 35.19
N ASN O 131 53.48 62.57 35.82
CA ASN O 131 53.14 62.48 37.24
C ASN O 131 53.78 61.29 37.95
N LEU O 132 55.11 61.34 38.10
CA LEU O 132 55.85 60.28 38.79
C LEU O 132 55.64 60.31 40.31
N SER O 133 55.35 61.50 40.84
CA SER O 133 55.04 61.68 42.27
C SER O 133 53.69 61.06 42.64
N LYS O 134 52.83 60.89 41.64
CA LYS O 134 51.53 60.25 41.82
C LYS O 134 51.59 58.75 41.51
N VAL O 135 52.78 58.27 41.12
CA VAL O 135 53.01 56.85 40.86
C VAL O 135 53.75 56.19 42.03
N VAL O 136 54.84 56.80 42.49
CA VAL O 136 55.65 56.25 43.57
C VAL O 136 55.14 56.61 44.97
N ARG O 137 55.43 55.75 45.94
CA ARG O 137 55.00 55.92 47.33
C ARG O 137 56.24 55.87 48.24
N PRO O 138 56.12 56.36 49.49
CA PRO O 138 57.25 56.27 50.43
C PRO O 138 57.67 54.82 50.71
N GLY O 139 58.66 54.34 49.96
CA GLY O 139 59.19 52.98 50.13
C GLY O 139 59.41 52.21 48.85
N ASN O 140 59.22 52.86 47.71
CA ASN O 140 59.35 52.22 46.40
C ASN O 140 60.67 52.55 45.68
N TYR O 141 60.99 51.76 44.65
CA TYR O 141 62.25 51.91 43.91
C TYR O 141 62.09 52.67 42.60
N ILE O 142 63.06 53.55 42.32
CA ILE O 142 63.16 54.25 41.04
C ILE O 142 64.45 53.82 40.34
N TYR O 143 64.31 53.15 39.21
CA TYR O 143 65.43 52.55 38.49
C TYR O 143 66.00 53.49 37.44
N ILE O 144 67.19 54.02 37.72
CA ILE O 144 67.89 54.95 36.82
C ILE O 144 68.99 54.22 36.04
N ASP O 145 69.15 54.59 34.77
CA ASP O 145 70.21 54.08 33.89
C ASP O 145 70.17 52.55 33.70
N ASP O 146 69.11 52.09 33.03
CA ASP O 146 68.88 50.65 32.78
C ASP O 146 69.05 49.75 34.01
N GLY O 147 68.56 50.23 35.16
CA GLY O 147 68.55 49.44 36.39
C GLY O 147 69.78 49.53 37.27
N ILE O 148 70.89 50.02 36.71
CA ILE O 148 72.20 50.07 37.39
C ILE O 148 72.18 50.96 38.65
N LEU O 149 71.63 52.16 38.53
CA LEU O 149 71.46 53.06 39.67
C LEU O 149 70.04 52.96 40.22
N ILE O 150 69.93 52.61 41.50
CA ILE O 150 68.62 52.45 42.15
C ILE O 150 68.44 53.41 43.32
N LEU O 151 67.34 54.15 43.29
CA LEU O 151 66.97 55.09 44.34
C LEU O 151 65.71 54.61 45.06
N GLN O 152 65.63 54.86 46.36
CA GLN O 152 64.46 54.49 47.15
C GLN O 152 63.77 55.73 47.73
N VAL O 153 62.46 55.81 47.55
CA VAL O 153 61.67 56.94 48.03
C VAL O 153 61.50 56.84 49.55
N GLN O 154 61.98 57.87 50.26
CA GLN O 154 61.81 57.96 51.71
C GLN O 154 60.50 58.64 52.09
N SER O 155 60.31 59.87 51.62
CA SER O 155 59.11 60.65 51.93
C SER O 155 58.83 61.72 50.88
N HIS O 156 57.61 62.25 50.91
CA HIS O 156 57.20 63.35 50.04
C HIS O 156 57.51 64.69 50.68
N GLU O 157 58.17 65.57 49.92
CA GLU O 157 58.50 66.91 50.40
C GLU O 157 57.38 67.90 50.09
N ASP O 158 56.98 67.94 48.82
CA ASP O 158 55.82 68.74 48.38
C ASP O 158 54.99 67.94 47.37
N GLU O 159 54.61 68.58 46.26
CA GLU O 159 53.78 67.93 45.25
C GLU O 159 54.61 67.40 44.07
N GLN O 160 55.67 68.12 43.71
CA GLN O 160 56.46 67.78 42.52
C GLN O 160 57.93 67.42 42.79
N THR O 161 58.28 67.21 44.06
CA THR O 161 59.64 66.81 44.43
C THR O 161 59.62 65.64 45.42
N LEU O 162 60.47 64.65 45.16
CA LEU O 162 60.57 63.45 45.99
C LEU O 162 61.96 63.32 46.61
N GLU O 163 62.02 62.74 47.81
CA GLU O 163 63.29 62.48 48.48
C GLU O 163 63.74 61.04 48.27
N CYS O 164 64.95 60.88 47.75
CA CYS O 164 65.50 59.56 47.42
C CYS O 164 66.87 59.32 48.04
N THR O 165 67.10 58.07 48.45
CA THR O 165 68.40 57.66 48.98
C THR O 165 69.10 56.74 47.98
N VAL O 166 70.34 57.10 47.62
CA VAL O 166 71.13 56.34 46.67
C VAL O 166 71.61 55.02 47.31
N THR O 167 71.33 53.91 46.63
CA THR O 167 71.66 52.58 47.15
C THR O 167 73.06 52.11 46.72
N ASN O 168 73.53 52.58 45.57
CA ASN O 168 74.87 52.22 45.07
C ASN O 168 75.60 53.37 44.38
N SER O 169 76.93 53.36 44.48
CA SER O 169 77.78 54.37 43.84
C SER O 169 77.89 54.11 42.33
N HIS O 170 77.43 55.09 41.55
CA HIS O 170 77.45 54.98 40.09
C HIS O 170 77.41 56.36 39.42
N THR O 171 78.27 56.55 38.42
CA THR O 171 78.31 57.79 37.65
C THR O 171 77.34 57.70 36.47
N ILE O 172 76.43 58.67 36.37
CA ILE O 172 75.42 58.70 35.31
C ILE O 172 75.61 59.87 34.34
N SER O 173 75.34 59.61 33.06
CA SER O 173 75.47 60.63 32.00
C SER O 173 74.14 61.37 31.76
N ASP O 174 74.14 62.28 30.79
CA ASP O 174 72.96 63.07 30.42
C ASP O 174 71.80 62.20 29.92
N ARG O 175 70.59 62.68 30.18
CA ARG O 175 69.33 62.01 29.77
C ARG O 175 69.38 60.47 29.79
N ARG O 176 69.50 59.91 30.99
CA ARG O 176 69.52 58.47 31.20
C ARG O 176 68.10 57.91 31.40
N GLY O 177 67.90 56.67 30.95
CA GLY O 177 66.60 56.02 30.99
C GLY O 177 66.17 55.57 32.37
N VAL O 178 64.91 55.85 32.70
CA VAL O 178 64.36 55.49 34.01
C VAL O 178 63.11 54.60 33.87
N ASN O 179 63.17 53.43 34.50
CA ASN O 179 62.11 52.42 34.40
C ASN O 179 61.29 52.28 35.68
N LEU O 180 59.97 52.16 35.51
CA LEU O 180 59.06 51.86 36.61
C LEU O 180 58.29 50.57 36.32
N PRO O 181 58.84 49.42 36.77
CA PRO O 181 58.26 48.11 36.48
C PRO O 181 57.09 47.77 37.41
N GLY O 182 56.09 47.10 36.84
CA GLY O 182 54.91 46.66 37.60
C GLY O 182 53.96 47.77 37.98
N CYS O 183 53.88 48.79 37.12
CA CYS O 183 53.03 49.95 37.38
C CYS O 183 52.03 50.23 36.26
N ASP O 184 52.39 49.82 35.04
CA ASP O 184 51.64 50.16 33.82
C ASP O 184 51.64 51.68 33.62
N VAL O 185 52.77 52.20 33.13
CA VAL O 185 52.98 53.64 32.98
C VAL O 185 52.03 54.28 31.97
N ASP O 186 51.37 55.36 32.39
CA ASP O 186 50.39 56.05 31.56
C ASP O 186 51.06 56.90 30.51
N LEU O 187 51.41 56.27 29.38
CA LEU O 187 52.10 56.93 28.28
C LEU O 187 51.48 56.55 26.93
N PRO O 188 51.35 57.53 26.00
CA PRO O 188 50.79 57.29 24.68
C PRO O 188 51.62 56.33 23.82
N ALA O 189 50.93 55.49 23.04
CA ALA O 189 51.57 54.53 22.14
C ALA O 189 52.43 55.24 21.08
N VAL O 190 51.91 56.35 20.57
CA VAL O 190 52.66 57.26 19.71
C VAL O 190 52.36 58.71 20.11
N SER O 191 53.40 59.49 20.30
CA SER O 191 53.28 60.87 20.79
C SER O 191 53.74 61.90 19.75
N ALA O 192 53.59 63.19 20.10
CA ALA O 192 54.00 64.28 19.22
C ALA O 192 55.51 64.32 19.01
N LYS O 193 56.26 63.88 20.03
CA LYS O 193 57.72 63.77 19.94
C LYS O 193 58.13 62.66 18.98
N ASP O 194 57.40 61.55 19.03
CA ASP O 194 57.67 60.38 18.18
C ASP O 194 57.25 60.59 16.73
N ARG O 195 56.16 61.33 16.52
CA ARG O 195 55.61 61.56 15.19
C ARG O 195 56.47 62.50 14.36
N VAL O 196 57.09 63.49 15.02
CA VAL O 196 58.04 64.40 14.37
C VAL O 196 59.35 63.67 14.05
N ASP O 197 59.73 62.74 14.92
CA ASP O 197 60.90 61.88 14.68
C ASP O 197 60.71 61.03 13.43
N LEU O 198 59.52 60.42 13.31
CA LEU O 198 59.20 59.56 12.17
C LEU O 198 59.04 60.35 10.87
N GLN O 199 58.50 61.57 10.97
CA GLN O 199 58.36 62.49 9.84
C GLN O 199 59.72 62.84 9.24
N PHE O 200 60.69 63.07 10.13
CA PHE O 200 62.08 63.36 9.76
C PHE O 200 62.73 62.15 9.08
N GLY O 201 62.36 60.95 9.53
CA GLY O 201 62.87 59.70 8.95
C GLY O 201 62.45 59.49 7.50
N VAL O 202 61.21 59.84 7.19
CA VAL O 202 60.68 59.73 5.83
C VAL O 202 61.35 60.74 4.90
N GLU O 203 61.52 61.97 5.39
CA GLU O 203 62.12 63.07 4.62
C GLU O 203 63.58 62.80 4.27
N GLN O 204 64.31 62.17 5.20
CA GLN O 204 65.71 61.82 4.98
C GLN O 204 65.86 60.47 4.26
N GLY O 205 64.87 59.60 4.45
CA GLY O 205 64.83 58.30 3.76
C GLY O 205 65.62 57.22 4.48
N VAL O 206 65.33 57.03 5.76
CA VAL O 206 65.93 55.94 6.54
C VAL O 206 65.36 54.59 6.08
N ASP O 207 66.19 53.56 6.14
CA ASP O 207 65.83 52.24 5.65
C ASP O 207 64.90 51.48 6.61
N MET O 208 65.01 51.79 7.90
CA MET O 208 64.24 51.10 8.93
C MET O 208 64.04 51.95 10.18
N ILE O 209 63.03 51.58 10.97
CA ILE O 209 62.75 52.21 12.25
C ILE O 209 62.90 51.18 13.39
N PHE O 210 63.59 51.57 14.45
CA PHE O 210 63.68 50.76 15.65
C PHE O 210 62.74 51.33 16.72
N ALA O 211 61.44 51.12 16.53
CA ALA O 211 60.41 51.67 17.41
C ALA O 211 60.46 51.09 18.81
N SER O 212 60.68 51.96 19.79
CA SER O 212 60.90 51.55 21.19
C SER O 212 59.60 51.31 21.96
N PHE O 213 59.66 50.37 22.90
CA PHE O 213 58.56 50.05 23.82
C PHE O 213 57.22 49.71 23.14
N ILE O 214 57.29 48.90 22.09
CA ILE O 214 56.10 48.40 21.40
C ILE O 214 55.41 47.36 22.27
N ARG O 215 54.19 47.69 22.71
CA ARG O 215 53.45 46.86 23.67
C ARG O 215 52.36 46.00 23.03
N SER O 216 51.88 46.40 21.85
CA SER O 216 50.81 45.69 21.16
C SER O 216 50.88 45.83 19.63
N ALA O 217 50.10 45.01 18.93
CA ALA O 217 50.03 45.01 17.47
C ALA O 217 49.45 46.31 16.90
N GLU O 218 48.62 46.98 17.70
CA GLU O 218 48.01 48.26 17.33
C GLU O 218 49.03 49.39 17.32
N GLN O 219 50.03 49.29 18.21
CA GLN O 219 51.11 50.28 18.28
C GLN O 219 52.01 50.21 17.04
N VAL O 220 52.11 49.03 16.45
CA VAL O 220 52.83 48.85 15.19
C VAL O 220 52.04 49.51 14.06
N GLY O 221 50.72 49.52 14.20
CA GLY O 221 49.83 50.25 13.29
C GLY O 221 49.86 51.74 13.52
N ASP O 222 50.29 52.15 14.72
CA ASP O 222 50.48 53.56 15.06
C ASP O 222 51.73 54.14 14.39
N VAL O 223 52.78 53.32 14.32
CA VAL O 223 54.04 53.70 13.65
C VAL O 223 53.83 53.68 12.13
N ARG O 224 53.07 52.70 11.64
CA ARG O 224 52.75 52.55 10.23
C ARG O 224 51.94 53.73 9.69
N LYS O 225 50.97 54.18 10.46
CA LYS O 225 50.13 55.32 10.10
C LYS O 225 50.85 56.67 10.23
N ALA O 226 51.86 56.72 11.09
CA ALA O 226 52.66 57.94 11.28
C ALA O 226 53.70 58.13 10.18
N LEU O 227 54.10 57.03 9.53
CA LEU O 227 55.07 57.08 8.42
C LEU O 227 54.45 57.63 7.14
N GLY O 228 53.16 57.38 6.94
CA GLY O 228 52.43 57.87 5.77
C GLY O 228 52.59 56.99 4.53
N PRO O 229 51.84 57.32 3.46
CA PRO O 229 51.90 56.58 2.19
C PRO O 229 53.26 56.68 1.51
N LYS O 230 53.98 57.77 1.74
CA LYS O 230 55.33 57.96 1.19
C LYS O 230 56.38 57.19 1.99
N GLY O 231 56.02 56.81 3.22
CA GLY O 231 56.92 56.03 4.08
C GLY O 231 56.47 54.59 4.25
N ARG O 232 55.94 54.01 3.18
CA ARG O 232 55.49 52.61 3.22
C ARG O 232 56.61 51.62 2.87
N ASP O 233 57.69 52.13 2.29
CA ASP O 233 58.86 51.33 1.94
C ASP O 233 59.84 51.17 3.11
N ILE O 234 59.52 51.79 4.24
CA ILE O 234 60.38 51.79 5.42
C ILE O 234 59.93 50.73 6.44
N MET O 235 60.86 49.86 6.82
CA MET O 235 60.60 48.77 7.76
C MET O 235 60.40 49.24 9.20
N ILE O 236 59.51 48.55 9.92
CA ILE O 236 59.27 48.84 11.33
C ILE O 236 59.71 47.64 12.19
N ILE O 237 60.89 47.76 12.78
CA ILE O 237 61.44 46.71 13.64
C ILE O 237 61.10 47.05 15.09
N CYS O 238 60.21 46.25 15.68
CA CYS O 238 59.69 46.53 17.03
C CYS O 238 60.66 46.12 18.13
N LYS O 239 60.88 47.04 19.06
CA LYS O 239 61.72 46.78 20.23
C LYS O 239 60.87 46.23 21.37
N ILE O 240 61.25 45.05 21.85
CA ILE O 240 60.55 44.40 22.96
C ILE O 240 61.38 44.58 24.24
N GLU O 241 60.84 45.37 25.17
CA GLU O 241 61.58 45.79 26.37
C GLU O 241 60.69 46.08 27.59
N ASN O 242 59.48 45.52 27.59
CA ASN O 242 58.58 45.58 28.75
C ASN O 242 57.76 44.31 28.95
N HIS O 243 56.99 44.26 30.04
CA HIS O 243 56.25 43.07 30.44
C HIS O 243 55.22 42.60 29.41
N GLN O 244 54.35 43.52 28.96
CA GLN O 244 53.28 43.17 28.02
C GLN O 244 53.76 43.08 26.56
N GLY O 245 54.94 43.63 26.29
CA GLY O 245 55.56 43.53 24.96
C GLY O 245 55.97 42.11 24.63
N VAL O 246 56.47 41.40 25.63
CA VAL O 246 56.80 39.98 25.51
C VAL O 246 55.52 39.14 25.47
N GLN O 247 54.53 39.53 26.27
CA GLN O 247 53.28 38.78 26.40
C GLN O 247 52.42 38.82 25.13
N ASN O 248 52.53 39.89 24.35
CA ASN O 248 51.82 40.03 23.09
C ASN O 248 52.71 39.84 21.86
N ILE O 249 53.79 39.09 22.05
CA ILE O 249 54.81 38.91 21.00
C ILE O 249 54.26 38.35 19.67
N ASP O 250 53.36 37.37 19.76
CA ASP O 250 52.80 36.71 18.58
C ASP O 250 52.08 37.66 17.62
N SER O 251 51.30 38.60 18.17
CA SER O 251 50.60 39.60 17.37
C SER O 251 51.53 40.72 16.90
N ILE O 252 52.61 40.96 17.66
CA ILE O 252 53.59 42.01 17.33
C ILE O 252 54.48 41.64 16.13
N ILE O 253 54.87 40.36 16.05
CA ILE O 253 55.69 39.86 14.92
C ILE O 253 54.90 39.87 13.61
N GLU O 254 53.61 39.58 13.69
CA GLU O 254 52.72 39.56 12.53
C GLU O 254 52.62 40.92 11.85
N GLU O 255 52.54 41.98 12.65
CA GLU O 255 52.42 43.34 12.13
C GLU O 255 53.75 43.96 11.72
N SER O 256 54.80 43.66 12.48
CA SER O 256 56.13 44.21 12.23
C SER O 256 56.86 43.47 11.10
N ASP O 257 58.00 44.04 10.69
CA ASP O 257 58.87 43.43 9.68
C ASP O 257 60.13 42.88 10.35
N GLY O 258 60.07 42.72 11.67
CA GLY O 258 61.19 42.23 12.46
C GLY O 258 61.08 42.58 13.94
N ILE O 259 61.97 42.01 14.74
CA ILE O 259 61.97 42.23 16.19
C ILE O 259 63.37 42.51 16.71
N MET O 260 63.46 43.37 17.73
CA MET O 260 64.70 43.60 18.46
C MET O 260 64.53 43.23 19.93
N VAL O 261 65.51 42.50 20.47
CA VAL O 261 65.51 42.15 21.89
C VAL O 261 66.31 43.19 22.67
N ALA O 262 65.63 44.26 23.07
CA ALA O 262 66.24 45.34 23.83
C ALA O 262 66.40 44.94 25.30
N ARG O 263 67.47 44.20 25.58
CA ARG O 263 67.69 43.57 26.88
C ARG O 263 67.96 44.56 28.02
N GLY O 264 68.56 45.70 27.69
CA GLY O 264 68.86 46.74 28.68
C GLY O 264 67.62 47.21 29.41
N ASP O 265 66.63 47.66 28.65
CA ASP O 265 65.34 48.08 29.22
C ASP O 265 64.51 46.88 29.71
N LEU O 266 64.65 45.75 29.01
CA LEU O 266 63.93 44.52 29.35
C LEU O 266 64.38 43.95 30.71
N GLY O 267 65.70 44.02 30.97
CA GLY O 267 66.29 43.51 32.19
C GLY O 267 65.90 44.23 33.47
N VAL O 268 65.25 45.38 33.31
CA VAL O 268 64.74 46.15 34.46
C VAL O 268 63.24 45.91 34.65
N GLU O 269 62.49 45.97 33.55
CA GLU O 269 61.05 45.70 33.54
C GLU O 269 60.72 44.27 33.95
N ILE O 270 61.61 43.35 33.61
CA ILE O 270 61.46 41.94 33.92
C ILE O 270 62.67 41.48 34.77
N PRO O 271 62.48 40.47 35.66
CA PRO O 271 63.62 39.93 36.39
C PRO O 271 64.76 39.50 35.46
N ALA O 272 65.98 39.89 35.81
CA ALA O 272 67.18 39.71 34.96
C ALA O 272 67.39 38.29 34.44
N GLU O 273 67.02 37.29 35.25
CA GLU O 273 67.18 35.88 34.88
C GLU O 273 66.20 35.43 33.79
N LYS O 274 65.05 36.09 33.70
CA LYS O 274 64.02 35.78 32.70
C LYS O 274 64.41 36.28 31.31
N VAL O 275 65.41 37.15 31.26
CA VAL O 275 65.88 37.78 30.01
C VAL O 275 66.47 36.76 29.04
N VAL O 276 67.29 35.85 29.55
CA VAL O 276 67.91 34.80 28.72
C VAL O 276 66.85 33.87 28.11
N VAL O 277 65.83 33.55 28.90
CA VAL O 277 64.71 32.73 28.46
C VAL O 277 63.90 33.46 27.40
N ALA O 278 63.59 34.72 27.67
CA ALA O 278 62.84 35.57 26.74
C ALA O 278 63.57 35.74 25.41
N GLN O 279 64.89 35.89 25.47
CA GLN O 279 65.73 36.00 24.28
C GLN O 279 65.60 34.75 23.40
N LYS O 280 65.49 33.59 24.03
CA LYS O 280 65.32 32.32 23.31
C LYS O 280 63.96 32.25 22.59
N ILE O 281 62.91 32.72 23.26
CA ILE O 281 61.54 32.72 22.71
C ILE O 281 61.41 33.71 21.54
N LEU O 282 61.92 34.94 21.73
CA LEU O 282 61.82 35.98 20.72
C LEU O 282 62.57 35.63 19.43
N ILE O 283 63.81 35.16 19.58
CA ILE O 283 64.64 34.77 18.44
C ILE O 283 64.05 33.60 17.63
N SER O 284 63.69 32.52 18.33
CA SER O 284 63.14 31.33 17.68
C SER O 284 61.84 31.58 16.92
N LYS O 285 60.96 32.40 17.51
CA LYS O 285 59.68 32.75 16.88
C LYS O 285 59.86 33.54 15.57
N CYS O 286 60.96 34.30 15.48
CA CYS O 286 61.30 35.03 14.28
C CYS O 286 61.94 34.14 13.21
N ASN O 287 62.53 33.02 13.65
CA ASN O 287 63.13 32.04 12.75
C ASN O 287 62.07 31.23 12.00
N VAL O 288 60.98 30.94 12.70
CA VAL O 288 59.84 30.23 12.11
C VAL O 288 59.02 31.16 11.22
N ALA O 289 58.91 32.43 11.63
CA ALA O 289 58.17 33.44 10.87
C ALA O 289 58.92 33.87 9.61
N GLY O 290 60.25 33.82 9.66
CA GLY O 290 61.09 34.24 8.54
C GLY O 290 61.38 35.72 8.53
N LYS O 291 61.21 36.36 9.69
CA LYS O 291 61.48 37.78 9.86
C LYS O 291 62.74 37.98 10.70
N PRO O 292 63.55 39.02 10.39
CA PRO O 292 64.79 39.27 11.12
C PRO O 292 64.62 39.50 12.62
N VAL O 293 65.60 39.04 13.40
CA VAL O 293 65.64 39.27 14.84
C VAL O 293 67.02 39.78 15.27
N ILE O 294 67.02 40.82 16.10
CA ILE O 294 68.26 41.44 16.58
C ILE O 294 68.41 41.27 18.09
N CYS O 295 69.57 40.77 18.52
CA CYS O 295 69.93 40.78 19.93
C CYS O 295 70.63 42.11 20.22
N ALA O 296 70.34 42.71 21.37
CA ALA O 296 70.78 44.07 21.65
C ALA O 296 71.29 44.33 23.08
N THR O 297 72.05 45.42 23.20
CA THR O 297 72.57 46.00 24.46
C THR O 297 73.44 45.15 25.40
N GLN O 298 74.49 45.81 25.91
CA GLN O 298 75.46 45.24 26.87
C GLN O 298 76.26 44.03 26.36
N MET O 299 76.22 43.80 25.06
CA MET O 299 77.10 42.82 24.43
C MET O 299 78.46 43.48 24.22
N LEU O 300 79.48 42.90 24.84
CA LEU O 300 80.85 43.47 24.84
C LEU O 300 80.88 44.84 25.52
N GLU O 301 80.13 44.96 26.63
CA GLU O 301 79.99 46.21 27.37
C GLU O 301 81.32 46.78 27.88
N SER O 302 82.21 45.91 28.34
CA SER O 302 83.49 46.33 28.94
C SER O 302 84.51 46.86 27.92
N MET O 303 84.22 46.66 26.63
CA MET O 303 85.10 47.15 25.56
C MET O 303 84.88 48.62 25.18
N THR O 304 84.03 49.31 25.95
CA THR O 304 83.88 50.76 25.88
C THR O 304 85.13 51.43 26.45
N TYR O 305 85.85 50.68 27.31
CA TYR O 305 87.01 51.19 28.02
C TYR O 305 88.23 50.27 27.85
N ASN O 306 87.99 49.00 27.54
CA ASN O 306 89.04 48.00 27.40
C ASN O 306 89.23 47.51 25.95
N PRO O 307 90.49 47.24 25.55
CA PRO O 307 90.79 46.75 24.21
C PRO O 307 90.31 45.32 23.91
N ARG O 308 90.00 44.57 24.97
CA ARG O 308 89.48 43.20 24.82
C ARG O 308 88.39 42.88 25.85
N PRO O 309 87.47 41.94 25.50
CA PRO O 309 86.29 41.67 26.33
C PRO O 309 86.50 40.60 27.40
N THR O 310 85.53 40.50 28.31
CA THR O 310 85.51 39.44 29.31
C THR O 310 84.99 38.13 28.70
N ARG O 311 85.12 37.04 29.44
CA ARG O 311 84.69 35.72 28.98
C ARG O 311 83.17 35.66 28.82
N ALA O 312 82.45 36.39 29.67
CA ALA O 312 81.00 36.44 29.64
C ALA O 312 80.47 37.08 28.36
N GLU O 313 81.19 38.09 27.88
CA GLU O 313 80.80 38.88 26.71
C GLU O 313 81.02 38.13 25.40
N VAL O 314 82.16 37.44 25.29
CA VAL O 314 82.44 36.56 24.14
C VAL O 314 81.35 35.49 24.04
N SER O 315 81.08 34.82 25.16
CA SER O 315 80.04 33.80 25.26
C SER O 315 78.67 34.36 24.87
N ASP O 316 78.39 35.58 25.30
CA ASP O 316 77.12 36.26 25.00
C ASP O 316 76.92 36.49 23.50
N VAL O 317 77.97 36.94 22.83
CA VAL O 317 77.95 37.20 21.39
C VAL O 317 77.81 35.91 20.58
N ALA O 318 78.51 34.87 21.02
CA ALA O 318 78.47 33.56 20.36
C ALA O 318 77.11 32.88 20.53
N ASN O 319 76.60 32.86 21.76
CA ASN O 319 75.31 32.25 22.07
C ASN O 319 74.12 32.94 21.41
N ALA O 320 74.28 34.24 21.14
CA ALA O 320 73.29 34.99 20.37
C ALA O 320 73.16 34.41 18.96
N VAL O 321 74.27 33.93 18.41
CA VAL O 321 74.29 33.27 17.10
C VAL O 321 73.71 31.85 17.19
N PHE O 322 74.09 31.10 18.22
CA PHE O 322 73.55 29.76 18.46
C PHE O 322 72.03 29.78 18.64
N ASN O 323 71.52 30.82 19.31
CA ASN O 323 70.08 31.04 19.46
C ASN O 323 69.38 31.22 18.13
N GLY O 324 70.09 31.82 17.17
CA GLY O 324 69.60 31.98 15.80
C GLY O 324 69.28 33.41 15.43
N ALA O 325 70.05 34.35 15.99
CA ALA O 325 69.85 35.78 15.71
C ALA O 325 70.49 36.18 14.39
N ASP O 326 69.79 37.03 13.64
CA ASP O 326 70.32 37.60 12.39
C ASP O 326 71.44 38.59 12.69
N CYS O 327 71.20 39.45 13.68
CA CYS O 327 72.10 40.56 13.98
C CYS O 327 72.49 40.65 15.45
N VAL O 328 73.67 41.20 15.68
CA VAL O 328 74.14 41.57 17.02
C VAL O 328 74.49 43.07 17.04
N MET O 329 73.98 43.78 18.05
CA MET O 329 74.08 45.23 18.10
C MET O 329 74.93 45.76 19.26
N LEU O 330 75.75 46.76 18.95
CA LEU O 330 76.53 47.45 19.96
C LEU O 330 75.90 48.81 20.26
N SER O 331 75.51 49.03 21.51
CA SER O 331 74.90 50.29 21.93
C SER O 331 75.95 51.34 22.34
N GLY O 332 76.23 51.43 23.64
CA GLY O 332 77.16 52.44 24.18
C GLY O 332 78.62 52.21 23.83
N GLU O 333 78.94 51.02 23.33
CA GLU O 333 80.31 50.64 22.99
C GLU O 333 80.84 51.39 21.76
N THR O 334 79.95 51.65 20.80
CA THR O 334 80.31 52.38 19.58
C THR O 334 79.91 53.86 19.65
N ALA O 335 78.87 54.15 20.43
CA ALA O 335 78.37 55.53 20.59
C ALA O 335 79.38 56.43 21.30
N LYS O 336 79.78 56.04 22.51
CA LYS O 336 80.74 56.81 23.30
C LYS O 336 81.90 55.95 23.83
N GLY O 337 82.45 55.11 22.96
CA GLY O 337 83.50 54.16 23.34
C GLY O 337 84.92 54.57 22.96
N LYS O 338 85.89 53.98 23.65
CA LYS O 338 87.30 54.24 23.40
C LYS O 338 87.87 53.40 22.27
N TYR O 339 87.32 52.20 22.09
CA TYR O 339 87.77 51.26 21.07
C TYR O 339 86.62 50.84 20.15
N PRO O 340 86.19 51.74 19.24
CA PRO O 340 85.05 51.43 18.37
C PRO O 340 85.39 50.45 17.25
N ASN O 341 86.62 50.50 16.73
CA ASN O 341 87.06 49.61 15.68
C ASN O 341 87.42 48.22 16.21
N GLU O 342 87.96 48.19 17.43
CA GLU O 342 88.40 46.95 18.07
C GLU O 342 87.21 46.11 18.57
N VAL O 343 86.14 46.78 18.97
CA VAL O 343 84.94 46.11 19.47
C VAL O 343 84.13 45.44 18.35
N VAL O 344 84.14 46.04 17.16
CA VAL O 344 83.45 45.49 16.00
C VAL O 344 84.22 44.31 15.40
N GLN O 345 85.55 44.43 15.37
CA GLN O 345 86.43 43.37 14.87
C GLN O 345 86.34 42.08 15.68
N TYR O 346 86.31 42.23 17.01
CA TYR O 346 86.13 41.09 17.91
C TYR O 346 84.76 40.44 17.70
N MET O 347 83.72 41.26 17.65
CA MET O 347 82.35 40.79 17.42
C MET O 347 82.23 40.03 16.09
N ALA O 348 82.89 40.53 15.05
CA ALA O 348 82.97 39.85 13.76
C ALA O 348 83.72 38.51 13.85
N ARG O 349 84.78 38.50 14.67
CA ARG O 349 85.61 37.31 14.86
C ARG O 349 84.86 36.20 15.61
N ILE O 350 84.07 36.60 16.61
CA ILE O 350 83.25 35.66 17.39
C ILE O 350 82.13 35.08 16.51
N CYS O 351 81.51 35.95 15.71
CA CYS O 351 80.43 35.56 14.81
C CYS O 351 80.88 34.54 13.77
N LEU O 352 82.09 34.71 13.24
CA LEU O 352 82.71 33.72 12.36
C LEU O 352 82.90 32.39 13.06
N GLU O 353 83.33 32.44 14.31
CA GLU O 353 83.62 31.25 15.11
C GLU O 353 82.36 30.49 15.51
N ALA O 354 81.33 31.24 15.92
CA ALA O 354 80.04 30.66 16.30
C ALA O 354 79.33 30.03 15.10
N GLN O 355 79.58 30.58 13.91
CA GLN O 355 79.07 30.06 12.65
C GLN O 355 79.61 28.65 12.36
N SER O 356 80.90 28.45 12.66
CA SER O 356 81.56 27.16 12.45
C SER O 356 81.02 26.07 13.37
N ALA O 357 80.65 26.45 14.59
CA ALA O 357 80.10 25.53 15.57
C ALA O 357 78.62 25.23 15.29
N LEU O 358 77.94 26.22 14.70
CA LEU O 358 76.52 26.11 14.40
C LEU O 358 76.23 24.99 13.40
N ASN O 359 75.22 24.19 13.72
CA ASN O 359 74.76 23.12 12.83
C ASN O 359 73.75 23.67 11.83
N GLU O 360 74.23 23.92 10.61
CA GLU O 360 73.39 24.48 9.55
C GLU O 360 72.29 23.53 9.11
N TYR O 361 72.61 22.24 8.99
CA TYR O 361 71.69 21.22 8.48
C TYR O 361 70.49 20.96 9.40
N VAL O 362 70.75 20.93 10.71
CA VAL O 362 69.68 20.73 11.70
C VAL O 362 68.79 21.96 11.84
N PHE O 363 69.39 23.15 11.68
CA PHE O 363 68.68 24.43 11.71
C PHE O 363 67.66 24.50 10.56
N PHE O 364 68.11 24.12 9.36
CA PHE O 364 67.29 24.06 8.16
C PHE O 364 66.11 23.09 8.32
N ASN O 365 66.37 21.94 8.92
CA ASN O 365 65.36 20.91 9.14
C ASN O 365 64.35 21.26 10.23
N SER O 366 64.81 21.94 11.28
CA SER O 366 63.95 22.35 12.38
C SER O 366 62.91 23.36 11.91
N ILE O 367 63.36 24.32 11.08
CA ILE O 367 62.48 25.35 10.52
C ILE O 367 61.50 24.75 9.51
N LYS O 368 62.00 23.91 8.59
CA LYS O 368 61.16 23.26 7.60
C LYS O 368 60.01 22.48 8.23
N LYS O 369 60.30 21.79 9.33
CA LYS O 369 59.32 20.95 10.03
C LYS O 369 58.27 21.74 10.82
N LEU O 370 58.61 22.98 11.19
CA LEU O 370 57.70 23.83 11.97
C LEU O 370 56.80 24.74 11.11
N GLN O 371 56.80 24.49 9.81
CA GLN O 371 55.95 25.25 8.88
C GLN O 371 54.58 24.58 8.70
N HIS O 372 53.56 25.40 8.44
CA HIS O 372 52.20 24.92 8.21
C HIS O 372 52.05 24.38 6.78
N ILE O 373 51.53 23.16 6.68
CA ILE O 373 51.30 22.49 5.40
C ILE O 373 49.81 22.57 5.04
N PRO O 374 49.46 22.96 3.80
CA PRO O 374 50.35 23.27 2.67
C PRO O 374 51.12 24.59 2.79
N MET O 375 52.28 24.63 2.16
CA MET O 375 53.03 25.86 1.97
C MET O 375 52.66 26.48 0.63
N SER O 376 52.93 27.77 0.48
CA SER O 376 52.74 28.47 -0.79
C SER O 376 53.86 28.09 -1.76
N ALA O 377 53.61 28.27 -3.06
CA ALA O 377 54.62 28.01 -4.10
C ALA O 377 55.87 28.87 -3.88
N ASP O 378 55.65 30.07 -3.36
CA ASP O 378 56.72 31.01 -3.02
C ASP O 378 57.68 30.41 -1.98
N GLU O 379 57.11 29.85 -0.92
CA GLU O 379 57.89 29.33 0.22
C GLU O 379 58.52 27.96 -0.05
N ALA O 380 57.77 27.08 -0.72
CA ALA O 380 58.23 25.73 -1.03
C ALA O 380 59.43 25.71 -1.97
N VAL O 381 59.43 26.65 -2.92
CA VAL O 381 60.55 26.82 -3.86
C VAL O 381 61.86 27.11 -3.13
N CYS O 382 61.78 27.96 -2.11
CA CYS O 382 62.94 28.32 -1.28
C CYS O 382 63.35 27.17 -0.35
N SER O 383 62.34 26.49 0.19
CA SER O 383 62.56 25.33 1.08
C SER O 383 63.31 24.21 0.35
N SER O 384 62.94 23.99 -0.92
CA SER O 384 63.57 22.99 -1.76
C SER O 384 64.90 23.47 -2.33
N ALA O 385 65.02 24.79 -2.48
CA ALA O 385 66.25 25.42 -2.99
C ALA O 385 67.42 25.20 -2.04
N VAL O 386 67.14 25.33 -0.75
CA VAL O 386 68.13 25.08 0.30
C VAL O 386 68.36 23.57 0.45
N ASN O 387 67.31 22.78 0.24
CA ASN O 387 67.39 21.33 0.24
C ASN O 387 68.36 20.81 -0.82
N SER O 388 68.29 21.42 -2.02
CA SER O 388 69.22 21.13 -3.11
C SER O 388 70.68 21.42 -2.72
N VAL O 389 70.89 22.55 -2.02
CA VAL O 389 72.22 22.98 -1.59
C VAL O 389 72.96 21.90 -0.78
N TYR O 390 72.30 21.40 0.26
CA TYR O 390 72.87 20.34 1.10
C TYR O 390 73.06 19.03 0.34
N GLU O 391 72.14 18.75 -0.58
CA GLU O 391 72.18 17.53 -1.39
C GLU O 391 73.32 17.52 -2.41
N THR O 392 73.60 18.67 -3.01
CA THR O 392 74.62 18.77 -4.06
C THR O 392 75.95 19.36 -3.56
N LYS O 393 75.97 19.80 -2.30
CA LYS O 393 77.12 20.50 -1.69
C LYS O 393 77.49 21.77 -2.48
N ALA O 394 76.47 22.57 -2.79
CA ALA O 394 76.64 23.84 -3.51
C ALA O 394 77.34 24.87 -2.62
N LYS O 395 78.20 25.68 -3.24
CA LYS O 395 79.01 26.65 -2.51
C LYS O 395 78.49 28.09 -2.59
N ALA O 396 77.44 28.28 -3.40
CA ALA O 396 76.78 29.59 -3.54
C ALA O 396 75.31 29.43 -3.91
N MET O 397 74.55 30.51 -3.77
CA MET O 397 73.13 30.53 -4.11
C MET O 397 72.72 31.91 -4.60
N VAL O 398 72.19 31.99 -5.82
CA VAL O 398 71.82 33.27 -6.44
C VAL O 398 70.30 33.45 -6.51
N VAL O 399 69.81 34.51 -5.88
CA VAL O 399 68.38 34.84 -5.91
C VAL O 399 68.10 36.20 -6.54
N LEU O 400 66.96 36.29 -7.23
CA LEU O 400 66.46 37.55 -7.77
C LEU O 400 65.38 38.08 -6.84
N SER O 401 65.52 39.33 -6.41
CA SER O 401 64.59 39.91 -5.44
C SER O 401 64.49 41.43 -5.58
N ASN O 402 63.27 41.93 -5.78
CA ASN O 402 63.02 43.36 -5.85
C ASN O 402 62.72 43.92 -4.46
N THR O 403 61.61 43.47 -3.87
CA THR O 403 61.34 43.69 -2.46
C THR O 403 62.14 42.65 -1.68
N GLY O 404 62.47 42.95 -0.43
CA GLY O 404 63.32 42.06 0.37
C GLY O 404 62.71 40.72 0.78
N ARG O 405 61.48 40.46 0.36
CA ARG O 405 60.72 39.28 0.82
C ARG O 405 61.25 37.93 0.36
N SER O 406 61.62 37.82 -0.92
CA SER O 406 62.15 36.57 -1.47
C SER O 406 63.56 36.26 -0.98
N ALA O 407 64.34 37.30 -0.69
CA ALA O 407 65.68 37.15 -0.13
C ALA O 407 65.61 36.69 1.34
N ARG O 408 64.63 37.21 2.08
CA ARG O 408 64.43 36.84 3.47
C ARG O 408 63.77 35.47 3.62
N LEU O 409 63.13 35.01 2.55
CA LEU O 409 62.49 33.69 2.53
C LEU O 409 63.52 32.59 2.27
N VAL O 410 64.59 32.92 1.55
CA VAL O 410 65.69 31.99 1.30
C VAL O 410 66.59 31.89 2.54
N ALA O 411 66.94 33.04 3.11
CA ALA O 411 67.76 33.11 4.34
C ALA O 411 67.07 32.47 5.55
N LYS O 412 65.74 32.49 5.52
CA LYS O 412 64.90 31.85 6.52
C LYS O 412 65.27 30.38 6.72
N TYR O 413 65.55 29.67 5.62
CA TYR O 413 65.84 28.24 5.66
C TYR O 413 67.33 27.90 5.86
N ARG O 414 68.13 28.91 6.23
CA ARG O 414 69.49 28.73 6.77
C ARG O 414 70.41 27.74 6.03
N PRO O 415 70.86 28.10 4.81
CA PRO O 415 71.83 27.27 4.09
C PRO O 415 73.24 27.36 4.65
N ASN O 416 74.15 26.52 4.16
CA ASN O 416 75.55 26.52 4.61
C ASN O 416 76.51 27.21 3.63
N CYS O 417 75.94 28.04 2.76
CA CYS O 417 76.70 28.81 1.78
C CYS O 417 76.10 30.22 1.64
N PRO O 418 76.90 31.19 1.14
CA PRO O 418 76.41 32.56 1.01
C PRO O 418 75.22 32.69 0.05
N ILE O 419 74.36 33.67 0.31
CA ILE O 419 73.23 33.97 -0.58
C ILE O 419 73.47 35.29 -1.30
N VAL O 420 73.76 35.20 -2.59
CA VAL O 420 74.00 36.39 -3.42
C VAL O 420 72.70 36.88 -4.03
N CYS O 421 72.18 37.97 -3.46
CA CYS O 421 70.92 38.57 -3.92
C CYS O 421 71.18 39.69 -4.93
N VAL O 422 70.51 39.63 -6.07
CA VAL O 422 70.63 40.66 -7.10
C VAL O 422 69.34 41.48 -7.14
N THR O 423 69.44 42.72 -6.68
CA THR O 423 68.27 43.58 -6.49
C THR O 423 68.32 44.90 -7.27
N THR O 424 67.21 45.22 -7.93
CA THR O 424 67.07 46.44 -8.71
C THR O 424 66.91 47.68 -7.83
N ARG O 425 66.30 47.50 -6.67
CA ARG O 425 66.14 48.57 -5.68
C ARG O 425 67.43 48.80 -4.89
N LEU O 426 67.79 50.07 -4.71
CA LEU O 426 68.97 50.44 -3.94
C LEU O 426 68.66 50.40 -2.43
N GLN O 427 67.40 50.65 -2.08
CA GLN O 427 66.97 50.61 -0.68
C GLN O 427 66.99 49.19 -0.13
N THR O 428 66.62 48.22 -0.98
CA THR O 428 66.64 46.80 -0.61
C THR O 428 68.07 46.32 -0.30
N CYS O 429 69.05 46.83 -1.07
CA CYS O 429 70.47 46.54 -0.84
C CYS O 429 70.89 46.81 0.60
N ARG O 430 70.36 47.90 1.15
CA ARG O 430 70.66 48.33 2.50
C ARG O 430 69.76 47.62 3.51
N GLN O 431 68.49 47.46 3.18
CA GLN O 431 67.50 46.83 4.05
C GLN O 431 67.76 45.34 4.32
N LEU O 432 68.54 44.71 3.45
CA LEU O 432 68.91 43.30 3.64
C LEU O 432 70.15 43.14 4.52
N ASN O 433 70.66 44.26 5.02
CA ASN O 433 71.78 44.26 5.96
C ASN O 433 71.38 43.84 7.39
N ILE O 434 70.08 43.70 7.63
CA ILE O 434 69.60 43.10 8.88
C ILE O 434 69.18 41.64 8.70
N THR O 435 69.48 41.09 7.52
CA THR O 435 69.20 39.69 7.22
C THR O 435 70.49 38.89 7.14
N GLN O 436 70.54 37.81 7.91
CA GLN O 436 71.69 36.91 7.97
C GLN O 436 71.98 36.21 6.63
N GLY O 437 73.26 36.08 6.30
CA GLY O 437 73.71 35.29 5.15
C GLY O 437 73.60 35.91 3.77
N VAL O 438 72.72 36.91 3.64
CA VAL O 438 72.43 37.54 2.35
C VAL O 438 73.40 38.69 2.04
N GLU O 439 73.92 38.69 0.82
CA GLU O 439 74.78 39.76 0.32
C GLU O 439 74.19 40.31 -0.99
N SER O 440 73.96 41.63 -1.01
CA SER O 440 73.23 42.27 -2.11
C SER O 440 74.11 42.80 -3.24
N VAL O 441 73.57 42.75 -4.46
CA VAL O 441 74.23 43.26 -5.65
C VAL O 441 73.23 44.13 -6.43
N PHE O 442 73.59 45.39 -6.66
CA PHE O 442 72.72 46.33 -7.36
C PHE O 442 72.76 46.13 -8.87
N PHE O 443 71.57 46.05 -9.47
CA PHE O 443 71.42 45.94 -10.91
C PHE O 443 70.47 47.04 -11.38
N ASP O 444 71.03 48.04 -12.06
CA ASP O 444 70.27 49.19 -12.52
C ASP O 444 69.28 48.81 -13.62
N ALA O 445 68.04 49.25 -13.45
CA ALA O 445 66.98 49.01 -14.43
C ALA O 445 66.87 50.14 -15.45
N ASP O 446 67.62 51.22 -15.20
CA ASP O 446 67.59 52.41 -16.04
C ASP O 446 68.65 52.39 -17.13
N LYS O 447 69.83 51.85 -16.81
CA LYS O 447 70.93 51.76 -17.78
C LYS O 447 71.01 50.40 -18.48
N LEU O 448 70.23 49.43 -18.00
CA LEU O 448 70.29 48.06 -18.51
C LEU O 448 68.92 47.50 -18.94
N GLY O 449 67.84 48.06 -18.39
CA GLY O 449 66.49 47.67 -18.77
C GLY O 449 65.73 46.87 -17.73
N HIS O 450 64.50 46.48 -18.07
CA HIS O 450 63.63 45.70 -17.18
C HIS O 450 64.16 44.27 -16.94
N ASP O 451 64.86 43.74 -17.93
CA ASP O 451 65.53 42.43 -17.86
C ASP O 451 64.59 41.23 -17.64
N GLU O 452 63.43 41.24 -18.29
CA GLU O 452 62.55 40.06 -18.28
C GLU O 452 63.15 38.96 -19.16
N GLY O 453 63.26 37.76 -18.59
CA GLY O 453 64.01 36.67 -19.20
C GLY O 453 65.17 36.28 -18.32
N LYS O 454 65.63 37.25 -17.52
CA LYS O 454 66.63 37.06 -16.46
C LYS O 454 67.96 36.43 -16.93
N GLU O 455 68.66 37.13 -17.82
CA GLU O 455 69.95 36.66 -18.32
C GLU O 455 71.13 37.37 -17.67
N HIS O 456 70.98 38.68 -17.47
CA HIS O 456 72.08 39.52 -16.99
C HIS O 456 72.09 39.69 -15.47
N ARG O 457 70.95 39.43 -14.84
CA ARG O 457 70.86 39.46 -13.37
C ARG O 457 71.44 38.19 -12.74
N VAL O 458 71.49 37.11 -13.52
CA VAL O 458 72.10 35.85 -13.09
C VAL O 458 73.60 35.84 -13.41
N ALA O 459 73.97 36.46 -14.54
CA ALA O 459 75.37 36.57 -14.96
C ALA O 459 76.18 37.46 -14.02
N ALA O 460 75.53 38.46 -13.44
CA ALA O 460 76.14 39.36 -12.46
C ALA O 460 76.16 38.75 -11.05
N GLY O 461 75.14 37.96 -10.75
CA GLY O 461 75.04 37.24 -9.48
C GLY O 461 76.12 36.18 -9.32
N VAL O 462 76.43 35.51 -10.44
CA VAL O 462 77.53 34.54 -10.49
C VAL O 462 78.88 35.28 -10.48
N GLU O 463 78.91 36.47 -11.07
CA GLU O 463 80.09 37.32 -11.11
C GLU O 463 80.52 37.81 -9.72
N PHE O 464 79.53 38.07 -8.86
CA PHE O 464 79.78 38.50 -7.48
C PHE O 464 80.31 37.36 -6.61
N ALA O 465 79.79 36.15 -6.83
CA ALA O 465 80.24 34.97 -6.13
C ALA O 465 81.63 34.53 -6.59
N LYS O 466 81.92 34.73 -7.88
CA LYS O 466 83.24 34.47 -8.46
C LYS O 466 84.30 35.41 -7.90
N SER O 467 83.93 36.68 -7.75
CA SER O 467 84.84 37.72 -7.26
C SER O 467 85.25 37.51 -5.80
N LYS O 468 84.29 37.11 -4.97
CA LYS O 468 84.54 36.82 -3.56
C LYS O 468 85.12 35.42 -3.35
N GLY O 469 85.20 34.64 -4.43
CA GLY O 469 85.85 33.34 -4.42
C GLY O 469 85.01 32.21 -3.87
N TYR O 470 83.69 32.37 -3.90
CA TYR O 470 82.77 31.34 -3.42
C TYR O 470 82.66 30.18 -4.41
N VAL O 471 82.60 30.51 -5.70
CA VAL O 471 82.54 29.50 -6.76
C VAL O 471 83.80 29.55 -7.65
N GLN O 472 84.37 28.37 -7.90
CA GLN O 472 85.54 28.24 -8.77
C GLN O 472 85.07 28.03 -10.22
N THR O 473 85.62 27.01 -10.88
CA THR O 473 85.22 26.65 -12.23
C THR O 473 84.73 25.20 -12.24
N GLY O 474 83.44 25.02 -11.94
CA GLY O 474 82.83 23.70 -11.91
C GLY O 474 82.05 23.40 -10.63
N ASP O 475 81.74 24.45 -9.88
CA ASP O 475 80.96 24.32 -8.65
C ASP O 475 79.47 24.60 -8.91
N TYR O 476 78.61 23.85 -8.22
CA TYR O 476 77.16 23.99 -8.38
C TYR O 476 76.64 25.28 -7.75
N CYS O 477 75.52 25.78 -8.29
CA CYS O 477 74.85 26.96 -7.77
C CYS O 477 73.34 26.87 -7.99
N VAL O 478 72.58 27.09 -6.92
CA VAL O 478 71.13 27.07 -6.99
C VAL O 478 70.61 28.49 -7.23
N VAL O 479 70.01 28.69 -8.41
CA VAL O 479 69.48 29.99 -8.81
C VAL O 479 67.95 29.98 -8.71
N ILE O 480 67.37 31.10 -8.30
CA ILE O 480 65.92 31.20 -8.09
C ILE O 480 65.22 32.17 -9.04
N HIS O 481 64.24 31.63 -9.76
CA HIS O 481 63.39 32.36 -10.70
C HIS O 481 61.93 32.12 -10.26
N ALA O 482 60.89 32.74 -10.86
CA ALA O 482 60.88 33.74 -11.96
C ALA O 482 60.40 33.21 -13.32
N ASP O 483 60.99 32.11 -13.79
CA ASP O 483 60.79 31.56 -15.15
C ASP O 483 60.61 32.61 -16.26
N HIS O 484 59.58 32.44 -17.10
CA HIS O 484 59.31 33.36 -18.21
C HIS O 484 57.82 33.69 -18.36
N LYS O 485 57.04 33.43 -17.30
CA LYS O 485 55.59 33.60 -17.34
C LYS O 485 55.03 34.27 -16.09
N VAL O 486 55.42 33.77 -14.92
CA VAL O 486 54.83 34.20 -13.64
C VAL O 486 55.42 35.53 -13.15
N LYS O 487 54.52 36.48 -12.89
CA LYS O 487 54.89 37.77 -12.30
C LYS O 487 54.32 37.87 -10.89
N GLY O 488 55.14 38.31 -9.95
CA GLY O 488 54.73 38.45 -8.55
C GLY O 488 55.72 37.82 -7.60
N TYR O 489 55.80 36.48 -7.62
CA TYR O 489 56.75 35.75 -6.79
C TYR O 489 57.57 34.73 -7.57
N ALA O 490 58.73 34.36 -7.03
CA ALA O 490 59.62 33.39 -7.65
C ALA O 490 59.07 31.97 -7.51
N ASN O 491 59.14 31.20 -8.59
CA ASN O 491 58.57 29.85 -8.62
C ASN O 491 59.36 28.83 -9.46
N GLN O 492 60.69 28.99 -9.50
CA GLN O 492 61.55 28.10 -10.27
C GLN O 492 62.97 28.02 -9.67
N THR O 493 63.43 26.81 -9.39
CA THR O 493 64.80 26.58 -8.95
C THR O 493 65.59 25.81 -10.02
N ARG O 494 66.87 26.15 -10.15
CA ARG O 494 67.75 25.50 -11.12
C ARG O 494 69.19 25.39 -10.63
N ILE O 495 69.73 24.17 -10.71
CA ILE O 495 71.13 23.91 -10.36
C ILE O 495 71.98 23.95 -11.62
N LEU O 496 72.96 24.86 -11.64
CA LEU O 496 73.82 25.04 -12.81
C LEU O 496 75.30 25.10 -12.44
N LEU O 497 76.13 24.58 -13.35
CA LEU O 497 77.59 24.60 -13.19
C LEU O 497 78.12 25.99 -13.54
N VAL O 498 79.26 26.36 -12.96
CA VAL O 498 79.86 27.68 -13.22
C VAL O 498 81.08 27.61 -14.12
N GLU O 499 81.33 28.70 -14.86
CA GLU O 499 82.48 28.81 -15.75
C GLU O 499 83.46 29.86 -15.27
N SER P 2 56.75 6.42 13.15
CA SER P 2 57.16 4.99 13.12
C SER P 2 56.16 4.13 12.35
N GLN P 3 56.49 2.85 12.18
CA GLN P 3 55.63 1.90 11.47
C GLN P 3 54.39 1.53 12.29
N LEU P 4 54.57 1.33 13.59
CA LEU P 4 53.49 0.89 14.47
C LEU P 4 52.42 1.98 14.68
N ALA P 5 52.86 3.23 14.73
CA ALA P 5 51.96 4.37 14.94
C ALA P 5 51.12 4.71 13.71
N HIS P 6 51.59 4.30 12.54
CA HIS P 6 50.88 4.54 11.28
C HIS P 6 49.69 3.60 11.12
N ASN P 7 49.84 2.36 11.59
CA ASN P 7 48.80 1.34 11.49
C ASN P 7 47.56 1.62 12.35
N LEU P 8 47.74 2.43 13.40
CA LEU P 8 46.67 2.77 14.33
C LEU P 8 45.79 3.92 13.81
N THR P 9 46.27 4.60 12.78
CA THR P 9 45.50 5.68 12.14
C THR P 9 44.70 5.15 10.95
N LEU P 10 45.25 4.15 10.27
CA LEU P 10 44.64 3.57 9.06
C LEU P 10 43.21 3.07 9.28
N SER P 11 42.36 3.33 8.28
CA SER P 11 40.98 2.86 8.27
C SER P 11 40.72 2.11 6.97
N ILE P 12 39.91 1.06 7.05
CA ILE P 12 39.59 0.23 5.88
C ILE P 12 38.45 0.80 5.03
N PHE P 13 37.62 1.65 5.64
CA PHE P 13 36.44 2.23 4.98
C PHE P 13 36.78 3.43 4.08
N ASP P 14 38.01 3.90 4.16
CA ASP P 14 38.47 5.07 3.40
C ASP P 14 38.61 4.79 1.91
N PRO P 15 38.18 5.75 1.06
CA PRO P 15 38.26 5.59 -0.41
C PRO P 15 39.69 5.46 -0.91
N VAL P 16 39.89 4.56 -1.88
CA VAL P 16 41.22 4.28 -2.43
C VAL P 16 41.77 5.41 -3.31
N ALA P 17 43.04 5.29 -3.68
CA ALA P 17 43.72 6.27 -4.53
C ALA P 17 43.13 6.31 -5.95
N ASN P 18 43.18 7.48 -6.57
CA ASN P 18 42.66 7.67 -7.93
C ASN P 18 43.64 7.24 -9.04
N TYR P 19 44.72 6.56 -8.63
CA TYR P 19 45.69 5.95 -9.55
C TYR P 19 46.38 4.78 -8.87
N ARG P 20 46.81 3.80 -9.68
CA ARG P 20 47.58 2.67 -9.17
C ARG P 20 49.05 2.82 -9.59
N ALA P 21 49.93 2.82 -8.59
CA ALA P 21 51.34 3.02 -8.81
C ALA P 21 52.04 1.77 -9.36
N ALA P 22 51.79 0.63 -8.73
CA ALA P 22 52.41 -0.65 -9.12
C ALA P 22 51.94 -1.13 -10.50
N ARG P 23 52.83 -1.82 -11.20
CA ARG P 23 52.58 -2.23 -12.58
C ARG P 23 52.56 -3.76 -12.74
N ILE P 24 51.55 -4.26 -13.45
CA ILE P 24 51.33 -5.69 -13.58
C ILE P 24 51.91 -6.25 -14.87
N ILE P 25 52.69 -7.33 -14.73
CA ILE P 25 53.25 -8.05 -15.86
C ILE P 25 52.58 -9.41 -15.99
N CYS P 26 52.15 -9.74 -17.21
CA CYS P 26 51.47 -11.01 -17.48
C CYS P 26 52.16 -11.80 -18.58
N THR P 27 52.23 -13.11 -18.40
CA THR P 27 52.81 -14.00 -19.41
C THR P 27 51.76 -14.47 -20.40
N ILE P 28 52.15 -14.55 -21.66
CA ILE P 28 51.23 -14.88 -22.75
C ILE P 28 51.46 -16.31 -23.26
N GLY P 29 50.49 -17.18 -22.97
CA GLY P 29 50.52 -18.57 -23.41
C GLY P 29 49.24 -19.00 -24.11
N PRO P 30 48.96 -20.33 -24.09
CA PRO P 30 47.77 -20.91 -24.75
C PRO P 30 46.42 -20.28 -24.36
N SER P 31 46.37 -19.60 -23.21
CA SER P 31 45.10 -19.03 -22.72
C SER P 31 44.92 -17.54 -22.98
N THR P 32 45.98 -16.85 -23.37
CA THR P 32 45.93 -15.39 -23.59
C THR P 32 46.66 -14.89 -24.85
N GLN P 33 46.89 -15.77 -25.82
CA GLN P 33 47.62 -15.39 -27.03
C GLN P 33 46.79 -14.61 -28.05
N SER P 34 45.49 -14.92 -28.10
CA SER P 34 44.58 -14.28 -29.06
C SER P 34 44.45 -12.77 -28.83
N VAL P 35 44.28 -12.02 -29.91
CA VAL P 35 44.20 -10.55 -29.89
C VAL P 35 43.03 -10.04 -29.03
N GLU P 36 41.97 -10.85 -28.91
CA GLU P 36 40.80 -10.49 -28.13
C GLU P 36 40.97 -10.77 -26.64
N ALA P 37 41.79 -11.79 -26.32
CA ALA P 37 42.10 -12.11 -24.93
C ALA P 37 43.18 -11.16 -24.37
N LEU P 38 43.98 -10.61 -25.27
CA LEU P 38 44.97 -9.59 -24.93
C LEU P 38 44.33 -8.23 -24.68
N LYS P 39 43.20 -7.97 -25.34
CA LYS P 39 42.43 -6.74 -25.14
C LYS P 39 41.76 -6.73 -23.76
N GLY P 40 41.25 -7.90 -23.35
CA GLY P 40 40.64 -8.05 -22.03
C GLY P 40 41.65 -8.06 -20.90
N LEU P 41 42.90 -8.39 -21.24
CA LEU P 41 44.00 -8.42 -20.27
C LEU P 41 44.49 -7.00 -19.96
N ILE P 42 44.54 -6.16 -20.98
CA ILE P 42 44.89 -4.74 -20.84
C ILE P 42 43.81 -3.98 -20.07
N GLN P 43 42.54 -4.26 -20.41
CA GLN P 43 41.39 -3.66 -19.72
C GLN P 43 41.30 -4.09 -18.26
N SER P 44 41.79 -5.30 -17.97
CA SER P 44 41.90 -5.81 -16.60
C SER P 44 43.00 -5.06 -15.82
N GLY P 45 44.07 -4.69 -16.52
CA GLY P 45 45.12 -3.85 -15.93
C GLY P 45 46.55 -4.28 -16.23
N MET P 46 46.77 -4.88 -17.39
CA MET P 46 48.11 -5.29 -17.80
C MET P 46 48.95 -4.10 -18.29
N SER P 47 50.25 -4.19 -18.07
CA SER P 47 51.19 -3.17 -18.55
C SER P 47 52.33 -3.79 -19.39
N VAL P 48 52.74 -5.00 -19.02
CA VAL P 48 53.85 -5.68 -19.68
C VAL P 48 53.46 -7.11 -20.07
N ALA P 49 53.78 -7.49 -21.31
CA ALA P 49 53.54 -8.83 -21.82
C ALA P 49 54.82 -9.65 -21.89
N ARG P 50 54.98 -10.59 -20.95
CA ARG P 50 56.15 -11.46 -20.89
C ARG P 50 56.01 -12.68 -21.80
N MET P 51 57.08 -12.98 -22.54
CA MET P 51 57.15 -14.17 -23.39
C MET P 51 58.22 -15.11 -22.87
N ASN P 52 57.78 -16.23 -22.29
CA ASN P 52 58.70 -17.26 -21.83
C ASN P 52 59.26 -18.08 -23.00
N PHE P 53 60.55 -17.93 -23.24
CA PHE P 53 61.22 -18.58 -24.38
C PHE P 53 61.78 -19.97 -24.03
N SER P 54 61.28 -20.56 -22.94
CA SER P 54 61.55 -21.95 -22.61
C SER P 54 60.45 -22.84 -23.19
N HIS P 55 59.31 -22.22 -23.48
CA HIS P 55 58.16 -22.90 -24.07
C HIS P 55 57.80 -22.27 -25.42
N GLY P 56 57.14 -23.05 -26.27
CA GLY P 56 56.70 -22.57 -27.58
C GLY P 56 57.82 -22.52 -28.61
N SER P 57 57.73 -21.57 -29.53
CA SER P 57 58.70 -21.41 -30.61
C SER P 57 58.79 -19.96 -31.08
N HIS P 58 59.83 -19.65 -31.84
CA HIS P 58 60.01 -18.33 -32.46
C HIS P 58 58.79 -17.94 -33.31
N GLU P 59 58.26 -18.92 -34.03
CA GLU P 59 57.03 -18.75 -34.81
C GLU P 59 55.85 -18.43 -33.88
N TYR P 60 55.77 -19.16 -32.77
CA TYR P 60 54.68 -19.00 -31.80
C TYR P 60 54.68 -17.61 -31.16
N HIS P 61 55.86 -17.14 -30.76
CA HIS P 61 56.00 -15.86 -30.06
C HIS P 61 55.82 -14.65 -30.99
N GLN P 62 55.86 -14.89 -32.30
CA GLN P 62 55.54 -13.86 -33.30
C GLN P 62 54.05 -13.52 -33.26
N THR P 63 53.21 -14.55 -33.20
CA THR P 63 51.76 -14.38 -33.02
C THR P 63 51.47 -13.58 -31.75
N THR P 64 52.27 -13.84 -30.70
CA THR P 64 52.19 -13.07 -29.46
C THR P 64 52.57 -11.60 -29.71
N ILE P 65 53.71 -11.38 -30.37
CA ILE P 65 54.19 -10.03 -30.69
C ILE P 65 53.17 -9.23 -31.51
N ASN P 66 52.66 -9.86 -32.58
CA ASN P 66 51.70 -9.21 -33.48
C ASN P 66 50.37 -8.87 -32.83
N ASN P 67 49.86 -9.78 -32.00
CA ASN P 67 48.56 -9.59 -31.34
C ASN P 67 48.61 -8.57 -30.20
N VAL P 68 49.76 -8.50 -29.52
CA VAL P 68 49.99 -7.49 -28.47
C VAL P 68 49.93 -6.08 -29.07
N ARG P 69 50.64 -5.90 -30.19
CA ARG P 69 50.70 -4.61 -30.89
C ARG P 69 49.36 -4.23 -31.53
N GLN P 70 48.61 -5.23 -31.97
CA GLN P 70 47.29 -5.01 -32.57
C GLN P 70 46.27 -4.62 -31.50
N ALA P 71 46.32 -5.29 -30.35
CA ALA P 71 45.45 -4.98 -29.22
C ALA P 71 45.78 -3.60 -28.60
N ALA P 72 47.03 -3.19 -28.75
CA ALA P 72 47.49 -1.88 -28.26
C ALA P 72 46.96 -0.73 -29.11
N ALA P 73 46.99 -0.91 -30.43
CA ALA P 73 46.57 0.12 -31.38
C ALA P 73 45.06 0.34 -31.41
N GLU P 74 44.30 -0.71 -31.11
CA GLU P 74 42.83 -0.65 -31.08
C GLU P 74 42.33 0.07 -29.82
N LEU P 75 43.05 -0.09 -28.72
CA LEU P 75 42.68 0.52 -27.44
C LEU P 75 43.34 1.89 -27.23
N GLY P 76 44.46 2.11 -27.91
CA GLY P 76 45.20 3.37 -27.81
C GLY P 76 46.13 3.42 -26.60
N VAL P 77 46.81 2.29 -26.35
CA VAL P 77 47.74 2.17 -25.23
C VAL P 77 49.12 1.67 -25.69
N ASN P 78 50.09 1.73 -24.79
CA ASN P 78 51.44 1.24 -25.04
C ASN P 78 51.82 0.15 -24.04
N ILE P 79 52.04 -1.06 -24.54
CA ILE P 79 52.35 -2.23 -23.72
C ILE P 79 53.77 -2.72 -24.01
N ALA P 80 54.54 -2.93 -22.95
CA ALA P 80 55.92 -3.41 -23.05
C ALA P 80 56.00 -4.83 -23.62
N ILE P 81 57.01 -5.06 -24.45
CA ILE P 81 57.24 -6.37 -25.06
C ILE P 81 58.47 -7.01 -24.43
N ALA P 82 58.23 -7.90 -23.47
CA ALA P 82 59.30 -8.54 -22.70
C ALA P 82 59.63 -9.93 -23.21
N LEU P 83 60.92 -10.24 -23.28
CA LEU P 83 61.40 -11.54 -23.72
C LEU P 83 62.15 -12.22 -22.59
N ASP P 84 61.67 -13.39 -22.17
CA ASP P 84 62.29 -14.13 -21.08
C ASP P 84 63.19 -15.25 -21.61
N THR P 85 64.50 -15.07 -21.41
CA THR P 85 65.53 -15.98 -21.91
C THR P 85 65.46 -17.37 -21.26
N LYS P 86 66.04 -18.37 -21.93
CA LYS P 86 66.22 -19.69 -21.33
C LYS P 86 67.31 -19.65 -20.26
N GLY P 87 68.50 -19.17 -20.63
CA GLY P 87 69.64 -19.09 -19.73
C GLY P 87 70.20 -20.44 -19.34
N PRO P 88 71.11 -20.48 -18.35
CA PRO P 88 71.62 -21.75 -17.84
C PRO P 88 70.58 -22.51 -17.01
N GLU P 89 69.54 -23.02 -17.70
CA GLU P 89 68.46 -23.75 -17.05
C GLU P 89 68.44 -25.21 -17.49
N ILE P 90 67.76 -26.04 -16.69
CA ILE P 90 67.53 -27.44 -17.02
C ILE P 90 66.03 -27.69 -17.14
N ARG P 91 65.62 -28.29 -18.26
CA ARG P 91 64.23 -28.66 -18.51
C ARG P 91 64.09 -30.17 -18.64
N THR P 92 62.86 -30.67 -18.52
CA THR P 92 62.59 -32.09 -18.72
C THR P 92 62.38 -32.42 -20.20
N GLY P 93 61.14 -32.38 -20.65
CA GLY P 93 60.80 -32.67 -22.04
C GLY P 93 59.31 -32.85 -22.27
N GLN P 94 58.96 -33.22 -23.50
CA GLN P 94 57.56 -33.41 -23.89
C GLN P 94 57.01 -34.76 -23.45
N PHE P 95 55.72 -34.80 -23.20
CA PHE P 95 55.03 -36.01 -22.76
C PHE P 95 53.92 -36.40 -23.74
N VAL P 96 53.67 -37.70 -23.86
CA VAL P 96 52.61 -38.22 -24.73
C VAL P 96 51.24 -37.93 -24.11
N GLY P 97 50.44 -37.15 -24.81
CA GLY P 97 49.14 -36.70 -24.31
C GLY P 97 49.18 -35.26 -23.83
N GLY P 98 50.29 -34.88 -23.20
CA GLY P 98 50.48 -33.52 -22.70
C GLY P 98 51.12 -33.46 -21.34
N ASP P 99 50.79 -34.41 -20.48
CA ASP P 99 51.32 -34.47 -19.11
C ASP P 99 51.62 -35.90 -18.67
N ALA P 100 52.13 -36.05 -17.44
CA ALA P 100 52.37 -37.36 -16.84
C ALA P 100 51.82 -37.41 -15.41
N VAL P 101 51.27 -38.56 -15.04
CA VAL P 101 50.72 -38.77 -13.70
C VAL P 101 51.77 -39.41 -12.79
N MET P 102 52.24 -38.64 -11.82
CA MET P 102 53.23 -39.13 -10.85
C MET P 102 52.56 -39.31 -9.48
N GLU P 103 52.82 -40.45 -8.85
CA GLU P 103 52.14 -40.80 -7.59
C GLU P 103 53.08 -41.13 -6.44
N ARG P 104 52.58 -40.96 -5.22
CA ARG P 104 53.32 -41.21 -3.98
C ARG P 104 53.69 -42.68 -3.83
N GLY P 105 54.99 -42.97 -3.83
CA GLY P 105 55.49 -44.33 -3.70
C GLY P 105 55.35 -45.16 -4.96
N ALA P 106 55.82 -44.60 -6.07
CA ALA P 106 55.75 -45.26 -7.38
C ALA P 106 57.14 -45.39 -8.01
N THR P 107 57.28 -46.37 -8.90
CA THR P 107 58.55 -46.64 -9.59
C THR P 107 58.59 -46.07 -11.01
N CYS P 108 59.59 -45.23 -11.28
CA CYS P 108 59.77 -44.62 -12.61
C CYS P 108 61.25 -44.39 -12.95
N TYR P 109 61.51 -44.02 -14.19
CA TYR P 109 62.87 -43.87 -14.70
C TYR P 109 63.10 -42.54 -15.43
N VAL P 110 64.33 -42.05 -15.40
CA VAL P 110 64.72 -40.81 -16.08
C VAL P 110 65.91 -41.03 -17.01
N THR P 111 65.78 -40.57 -18.25
CA THR P 111 66.81 -40.81 -19.28
C THR P 111 67.50 -39.52 -19.76
N THR P 112 68.70 -39.69 -20.32
CA THR P 112 69.45 -38.60 -20.91
C THR P 112 69.48 -38.76 -22.44
N ASP P 113 68.79 -39.79 -22.93
CA ASP P 113 68.70 -40.09 -24.36
C ASP P 113 67.75 -39.11 -25.07
N PRO P 114 68.27 -38.31 -26.01
CA PRO P 114 67.49 -37.30 -26.74
C PRO P 114 66.41 -37.87 -27.66
N ALA P 115 66.37 -39.19 -27.81
CA ALA P 115 65.35 -39.87 -28.62
C ALA P 115 64.00 -39.91 -27.91
N PHE P 116 64.02 -39.78 -26.58
CA PHE P 116 62.79 -39.75 -25.78
C PHE P 116 62.38 -38.33 -25.37
N ALA P 117 62.85 -37.34 -26.13
CA ALA P 117 62.53 -35.93 -25.88
C ALA P 117 61.07 -35.61 -26.20
N ASP P 118 60.55 -36.25 -27.24
CA ASP P 118 59.14 -36.12 -27.63
C ASP P 118 58.30 -37.29 -27.14
N LYS P 119 58.95 -38.41 -26.83
CA LYS P 119 58.30 -39.59 -26.27
C LYS P 119 58.53 -39.67 -24.75
N GLY P 120 57.62 -39.07 -23.99
CA GLY P 120 57.71 -39.04 -22.53
C GLY P 120 56.47 -39.54 -21.82
N THR P 121 56.68 -40.34 -20.78
CA THR P 121 55.58 -40.89 -19.99
C THR P 121 55.87 -40.86 -18.48
N LYS P 122 54.91 -41.34 -17.69
CA LYS P 122 55.05 -41.49 -16.25
C LYS P 122 56.16 -42.46 -15.86
N ASP P 123 56.38 -43.47 -16.70
CA ASP P 123 57.35 -44.54 -16.45
C ASP P 123 58.77 -44.15 -16.83
N LYS P 124 58.91 -43.39 -17.91
CA LYS P 124 60.21 -43.00 -18.44
C LYS P 124 60.13 -41.68 -19.22
N PHE P 125 60.99 -40.73 -18.86
CA PHE P 125 61.06 -39.43 -19.55
C PHE P 125 62.47 -38.84 -19.60
N TYR P 126 62.63 -37.82 -20.45
CA TYR P 126 63.93 -37.22 -20.76
C TYR P 126 64.22 -35.98 -19.91
N ILE P 127 65.50 -35.75 -19.64
CA ILE P 127 65.99 -34.52 -19.00
C ILE P 127 67.11 -33.93 -19.86
N ASP P 128 67.00 -32.64 -20.18
CA ASP P 128 67.86 -32.01 -21.20
C ASP P 128 69.28 -31.62 -20.77
N TYR P 129 69.66 -31.98 -19.54
CA TYR P 129 70.99 -31.65 -19.02
C TYR P 129 72.09 -32.47 -19.71
N GLN P 130 73.28 -31.86 -19.81
CA GLN P 130 74.45 -32.45 -20.48
C GLN P 130 74.73 -33.87 -20.00
N ASN P 131 75.19 -33.99 -18.75
CA ASN P 131 75.51 -35.28 -18.15
C ASN P 131 75.24 -35.33 -16.64
N LEU P 132 74.11 -35.91 -16.28
CA LEU P 132 73.75 -36.10 -14.87
C LEU P 132 74.00 -37.54 -14.42
N SER P 133 75.10 -38.12 -14.91
CA SER P 133 75.55 -39.45 -14.50
C SER P 133 76.58 -39.32 -13.38
N LYS P 134 77.52 -38.39 -13.54
CA LYS P 134 78.52 -38.09 -12.53
C LYS P 134 78.21 -36.78 -11.79
N VAL P 135 76.92 -36.58 -11.49
CA VAL P 135 76.46 -35.41 -10.72
C VAL P 135 75.60 -35.87 -9.54
N VAL P 136 74.58 -36.67 -9.82
CA VAL P 136 73.70 -37.21 -8.78
C VAL P 136 74.09 -38.64 -8.38
N ARG P 137 73.93 -38.95 -7.10
CA ARG P 137 74.38 -40.22 -6.52
C ARG P 137 73.26 -40.87 -5.71
N PRO P 138 73.09 -42.21 -5.82
CA PRO P 138 72.12 -43.00 -5.06
C PRO P 138 71.79 -42.42 -3.68
N GLY P 139 70.63 -41.78 -3.58
CA GLY P 139 70.20 -41.13 -2.35
C GLY P 139 69.83 -39.67 -2.55
N ASN P 140 70.42 -39.05 -3.58
CA ASN P 140 70.17 -37.64 -3.90
C ASN P 140 68.75 -37.38 -4.44
N TYR P 141 68.30 -36.15 -4.29
CA TYR P 141 66.96 -35.75 -4.70
C TYR P 141 67.01 -34.87 -5.95
N ILE P 142 66.15 -35.17 -6.90
CA ILE P 142 65.99 -34.36 -8.11
C ILE P 142 64.69 -33.57 -8.00
N TYR P 143 64.81 -32.24 -8.06
CA TYR P 143 63.70 -31.34 -7.81
C TYR P 143 63.02 -30.93 -9.12
N ILE P 144 61.79 -31.40 -9.32
CA ILE P 144 61.04 -31.15 -10.54
C ILE P 144 59.91 -30.15 -10.31
N ASP P 145 59.73 -29.25 -11.27
CA ASP P 145 58.59 -28.32 -11.33
C ASP P 145 58.55 -27.34 -10.15
N ASP P 146 59.51 -26.42 -10.13
CA ASP P 146 59.67 -25.43 -9.05
C ASP P 146 59.73 -26.07 -7.64
N GLY P 147 60.29 -27.28 -7.57
CA GLY P 147 60.50 -27.98 -6.31
C GLY P 147 59.30 -28.75 -5.78
N ILE P 148 58.15 -28.64 -6.44
CA ILE P 148 56.91 -29.32 -6.01
C ILE P 148 57.09 -30.83 -5.99
N LEU P 149 57.72 -31.38 -7.01
CA LEU P 149 58.00 -32.82 -7.10
C LEU P 149 59.46 -33.14 -6.78
N ILE P 150 59.67 -34.18 -5.99
CA ILE P 150 61.01 -34.67 -5.65
C ILE P 150 61.15 -36.14 -6.05
N LEU P 151 62.26 -36.46 -6.73
CA LEU P 151 62.57 -37.83 -7.14
C LEU P 151 63.87 -38.31 -6.52
N GLN P 152 63.83 -39.48 -5.90
CA GLN P 152 64.98 -40.05 -5.19
C GLN P 152 65.63 -41.17 -6.00
N VAL P 153 66.95 -41.06 -6.19
CA VAL P 153 67.71 -42.03 -7.00
C VAL P 153 68.09 -43.27 -6.18
N GLN P 154 67.99 -44.44 -6.81
CA GLN P 154 68.37 -45.70 -6.19
C GLN P 154 69.70 -46.24 -6.74
N SER P 155 69.78 -46.41 -8.06
CA SER P 155 70.97 -46.95 -8.72
C SER P 155 71.10 -46.49 -10.18
N HIS P 156 72.32 -46.58 -10.70
CA HIS P 156 72.61 -46.27 -12.10
C HIS P 156 72.49 -47.53 -12.94
N GLU P 157 72.07 -47.38 -14.20
CA GLU P 157 71.82 -48.53 -15.07
C GLU P 157 72.52 -48.44 -16.44
N ASP P 158 72.06 -47.54 -17.29
CA ASP P 158 72.56 -47.44 -18.67
C ASP P 158 73.49 -46.24 -18.89
N GLU P 159 73.97 -45.65 -17.80
CA GLU P 159 74.69 -44.36 -17.81
C GLU P 159 73.82 -43.22 -18.34
N GLN P 160 72.54 -43.52 -18.55
CA GLN P 160 71.55 -42.55 -19.01
C GLN P 160 70.28 -42.72 -18.18
N THR P 161 69.82 -43.97 -18.05
CA THR P 161 68.60 -44.29 -17.31
C THR P 161 68.92 -44.50 -15.83
N LEU P 162 68.13 -43.85 -14.98
CA LEU P 162 68.31 -43.94 -13.52
C LEU P 162 67.01 -44.38 -12.84
N GLU P 163 67.14 -45.30 -11.88
CA GLU P 163 66.00 -45.79 -11.10
C GLU P 163 65.60 -44.74 -10.07
N CYS P 164 64.34 -44.33 -10.09
CA CYS P 164 63.85 -43.26 -9.23
C CYS P 164 62.55 -43.60 -8.49
N THR P 165 62.42 -43.06 -7.28
CA THR P 165 61.20 -43.18 -6.49
C THR P 165 60.48 -41.83 -6.47
N VAL P 166 59.19 -41.85 -6.71
CA VAL P 166 58.36 -40.64 -6.63
C VAL P 166 57.83 -40.49 -5.21
N THR P 167 58.32 -39.48 -4.50
CA THR P 167 58.04 -39.31 -3.07
C THR P 167 56.67 -38.67 -2.78
N ASN P 168 56.10 -37.99 -3.78
CA ASN P 168 54.80 -37.33 -3.64
C ASN P 168 54.03 -37.24 -4.97
N SER P 169 52.70 -37.22 -4.88
CA SER P 169 51.83 -37.17 -6.06
C SER P 169 51.74 -35.78 -6.68
N HIS P 170 51.95 -35.71 -7.99
CA HIS P 170 51.87 -34.45 -8.75
C HIS P 170 51.80 -34.71 -10.25
N THR P 171 50.97 -33.93 -10.95
CA THR P 171 50.85 -34.02 -12.41
C THR P 171 51.75 -32.99 -13.09
N ILE P 172 52.71 -33.47 -13.86
CA ILE P 172 53.68 -32.60 -14.55
C ILE P 172 53.40 -32.48 -16.05
N SER P 173 53.38 -31.24 -16.54
CA SER P 173 53.17 -30.96 -17.97
C SER P 173 54.50 -30.99 -18.74
N ASP P 174 54.47 -30.50 -19.99
CA ASP P 174 55.64 -30.52 -20.87
C ASP P 174 56.76 -29.59 -20.40
N ARG P 175 58.00 -30.02 -20.64
CA ARG P 175 59.23 -29.30 -20.23
C ARG P 175 59.15 -28.56 -18.89
N ARG P 176 59.13 -29.34 -17.82
CA ARG P 176 59.09 -28.83 -16.45
C ARG P 176 60.47 -28.38 -15.98
N GLY P 177 60.50 -27.35 -15.14
CA GLY P 177 61.74 -26.82 -14.59
C GLY P 177 62.33 -27.72 -13.53
N VAL P 178 63.53 -28.24 -13.81
CA VAL P 178 64.23 -29.10 -12.86
C VAL P 178 65.47 -28.41 -12.28
N ASN P 179 65.55 -28.37 -10.95
CA ASN P 179 66.61 -27.66 -10.24
C ASN P 179 67.46 -28.58 -9.36
N LEU P 180 68.76 -28.30 -9.30
CA LEU P 180 69.68 -29.03 -8.43
C LEU P 180 70.44 -28.07 -7.52
N PRO P 181 70.02 -27.98 -6.24
CA PRO P 181 70.57 -27.01 -5.28
C PRO P 181 71.94 -27.43 -4.73
N GLY P 182 72.87 -26.47 -4.71
CA GLY P 182 74.22 -26.68 -4.18
C GLY P 182 75.07 -27.64 -4.99
N CYS P 183 74.77 -27.77 -6.28
CA CYS P 183 75.48 -28.69 -7.17
C CYS P 183 76.44 -27.98 -8.11
N ASP P 184 76.16 -26.70 -8.39
CA ASP P 184 76.93 -25.88 -9.35
C ASP P 184 76.95 -26.52 -10.74
N VAL P 185 75.92 -26.20 -11.54
CA VAL P 185 75.74 -26.79 -12.87
C VAL P 185 76.77 -26.31 -13.89
N ASP P 186 77.16 -27.20 -14.81
CA ASP P 186 78.12 -26.87 -15.86
C ASP P 186 77.39 -26.37 -17.11
N LEU P 187 76.90 -25.14 -17.03
CA LEU P 187 76.18 -24.49 -18.13
C LEU P 187 76.72 -23.07 -18.33
N PRO P 188 77.01 -22.70 -19.59
CA PRO P 188 77.65 -21.40 -19.91
C PRO P 188 76.77 -20.18 -19.63
N ALA P 189 77.37 -19.00 -19.70
CA ALA P 189 76.69 -17.72 -19.46
C ALA P 189 75.62 -17.42 -20.50
N VAL P 190 75.99 -17.56 -21.78
CA VAL P 190 75.05 -17.39 -22.90
C VAL P 190 75.38 -18.39 -24.01
N SER P 191 74.44 -19.32 -24.21
CA SER P 191 74.63 -20.43 -25.15
C SER P 191 74.16 -20.10 -26.56
N ALA P 192 74.30 -21.08 -27.47
CA ALA P 192 73.79 -20.96 -28.84
C ALA P 192 72.26 -21.01 -28.86
N LYS P 193 71.68 -21.70 -27.87
CA LYS P 193 70.24 -21.71 -27.67
C LYS P 193 69.75 -20.44 -26.96
N ASP P 194 70.63 -19.45 -26.85
CA ASP P 194 70.30 -18.15 -26.26
C ASP P 194 70.67 -16.98 -27.17
N ARG P 195 71.61 -17.21 -28.08
CA ARG P 195 72.11 -16.16 -28.96
C ARG P 195 71.14 -15.83 -30.11
N VAL P 196 70.36 -16.83 -30.52
CA VAL P 196 69.36 -16.66 -31.58
C VAL P 196 68.05 -16.08 -31.02
N ASP P 197 67.75 -16.42 -29.77
CA ASP P 197 66.58 -15.90 -29.06
C ASP P 197 66.69 -14.39 -28.82
N LEU P 198 67.88 -13.95 -28.41
CA LEU P 198 68.15 -12.53 -28.21
C LEU P 198 68.24 -11.78 -29.53
N GLN P 199 68.77 -12.45 -30.56
CA GLN P 199 68.82 -11.93 -31.92
C GLN P 199 67.41 -11.68 -32.46
N PHE P 200 66.52 -12.64 -32.20
CA PHE P 200 65.09 -12.52 -32.55
C PHE P 200 64.46 -11.34 -31.82
N GLY P 201 64.93 -11.08 -30.60
CA GLY P 201 64.48 -9.94 -29.80
C GLY P 201 64.84 -8.59 -30.41
N VAL P 202 66.08 -8.49 -30.89
CA VAL P 202 66.57 -7.27 -31.56
C VAL P 202 65.87 -7.05 -32.90
N GLU P 203 65.69 -8.14 -33.65
CA GLU P 203 65.08 -8.09 -34.99
C GLU P 203 63.60 -7.71 -34.96
N GLN P 204 62.91 -8.07 -33.88
CA GLN P 204 61.48 -7.76 -33.74
C GLN P 204 61.23 -6.46 -32.97
N GLY P 205 62.22 -6.06 -32.17
CA GLY P 205 62.13 -4.81 -31.41
C GLY P 205 61.47 -4.96 -30.05
N VAL P 206 62.02 -5.86 -29.23
CA VAL P 206 61.54 -6.05 -27.86
C VAL P 206 61.94 -4.85 -26.99
N ASP P 207 61.14 -4.57 -25.98
CA ASP P 207 61.39 -3.46 -25.08
C ASP P 207 62.41 -3.81 -24.00
N MET P 208 62.34 -5.05 -23.51
CA MET P 208 63.22 -5.53 -22.43
C MET P 208 63.49 -7.03 -22.49
N ILE P 209 64.60 -7.44 -21.88
CA ILE P 209 64.99 -8.85 -21.79
C ILE P 209 65.03 -9.32 -20.34
N PHE P 210 64.24 -10.34 -20.03
CA PHE P 210 64.29 -10.98 -18.71
C PHE P 210 65.30 -12.13 -18.72
N ALA P 211 66.57 -11.79 -18.51
CA ALA P 211 67.64 -12.78 -18.55
C ALA P 211 67.59 -13.72 -17.36
N SER P 212 67.42 -15.02 -17.65
CA SER P 212 67.26 -16.04 -16.61
C SER P 212 68.57 -16.46 -15.96
N PHE P 213 68.48 -16.89 -14.69
CA PHE P 213 69.61 -17.40 -13.91
C PHE P 213 70.87 -16.53 -13.97
N ILE P 214 70.73 -15.25 -13.62
CA ILE P 214 71.86 -14.31 -13.60
C ILE P 214 72.70 -14.51 -12.34
N ARG P 215 73.98 -14.81 -12.55
CA ARG P 215 74.87 -15.24 -11.47
C ARG P 215 76.01 -14.25 -11.15
N SER P 216 76.37 -13.42 -12.13
CA SER P 216 77.46 -12.45 -11.97
C SER P 216 77.26 -11.20 -12.81
N ALA P 217 78.14 -10.21 -12.61
CA ALA P 217 78.11 -8.97 -13.38
C ALA P 217 78.66 -9.16 -14.79
N GLU P 218 79.53 -10.16 -14.95
CA GLU P 218 80.19 -10.46 -16.22
C GLU P 218 79.21 -11.02 -17.25
N GLN P 219 78.28 -11.86 -16.77
CA GLN P 219 77.24 -12.46 -17.61
C GLN P 219 76.31 -11.40 -18.20
N VAL P 220 75.99 -10.38 -17.39
CA VAL P 220 75.17 -9.25 -17.82
C VAL P 220 75.86 -8.49 -18.97
N GLY P 221 77.19 -8.38 -18.89
CA GLY P 221 77.99 -7.78 -19.95
C GLY P 221 78.03 -8.62 -21.22
N ASP P 222 77.85 -9.94 -21.06
CA ASP P 222 77.80 -10.86 -22.20
C ASP P 222 76.43 -10.86 -22.90
N VAL P 223 75.40 -10.39 -22.19
CA VAL P 223 74.04 -10.27 -22.75
C VAL P 223 73.92 -9.01 -23.61
N ARG P 224 74.53 -7.92 -23.14
CA ARG P 224 74.52 -6.65 -23.89
C ARG P 224 75.36 -6.74 -25.17
N LYS P 225 76.46 -7.50 -25.10
CA LYS P 225 77.30 -7.78 -26.26
C LYS P 225 76.56 -8.64 -27.30
N ALA P 226 75.70 -9.52 -26.81
CA ALA P 226 74.89 -10.40 -27.67
C ALA P 226 73.79 -9.62 -28.40
N LEU P 227 73.28 -8.57 -27.75
CA LEU P 227 72.34 -7.65 -28.38
C LEU P 227 73.08 -6.72 -29.35
N GLY P 228 74.27 -6.29 -28.94
CA GLY P 228 75.15 -5.45 -29.77
C GLY P 228 74.73 -4.00 -29.85
N PRO P 229 75.38 -3.22 -30.73
CA PRO P 229 75.04 -1.82 -30.96
C PRO P 229 73.70 -1.66 -31.71
N LYS P 230 73.34 -2.69 -32.49
CA LYS P 230 72.09 -2.71 -33.25
C LYS P 230 70.85 -2.49 -32.37
N GLY P 231 70.84 -3.15 -31.21
CA GLY P 231 69.77 -2.97 -30.22
C GLY P 231 70.35 -2.73 -28.85
N ARG P 232 70.99 -1.56 -28.68
CA ARG P 232 71.66 -1.20 -27.43
C ARG P 232 70.73 -0.60 -26.39
N ASP P 233 69.52 -0.21 -26.81
CA ASP P 233 68.55 0.44 -25.92
C ASP P 233 67.52 -0.52 -25.31
N ILE P 234 67.73 -1.81 -25.52
CA ILE P 234 66.91 -2.86 -24.91
C ILE P 234 67.38 -3.09 -23.47
N MET P 235 66.43 -3.07 -22.53
CA MET P 235 66.74 -3.16 -21.10
C MET P 235 66.96 -4.59 -20.61
N ILE P 236 68.12 -4.82 -20.02
CA ILE P 236 68.46 -6.11 -19.43
C ILE P 236 68.01 -6.15 -17.97
N ILE P 237 66.92 -6.87 -17.72
CA ILE P 237 66.40 -7.07 -16.37
C ILE P 237 66.84 -8.45 -15.89
N CYS P 238 67.73 -8.46 -14.89
CA CYS P 238 68.35 -9.69 -14.40
C CYS P 238 67.48 -10.45 -13.41
N LYS P 239 67.43 -11.78 -13.58
CA LYS P 239 66.63 -12.65 -12.72
C LYS P 239 67.49 -13.39 -11.72
N ILE P 240 67.16 -13.23 -10.45
CA ILE P 240 67.87 -13.87 -9.35
C ILE P 240 67.09 -15.12 -8.93
N GLU P 241 67.64 -16.29 -9.24
CA GLU P 241 66.96 -17.55 -8.95
C GLU P 241 67.94 -18.68 -8.61
N ASN P 242 69.19 -18.30 -8.33
CA ASN P 242 70.21 -19.25 -7.90
C ASN P 242 70.98 -18.75 -6.67
N HIS P 243 71.83 -19.62 -6.13
CA HIS P 243 72.56 -19.34 -4.88
C HIS P 243 73.53 -18.15 -5.00
N GLN P 244 74.37 -18.16 -6.03
CA GLN P 244 75.35 -17.10 -6.23
C GLN P 244 74.75 -15.82 -6.83
N GLY P 245 73.51 -15.92 -7.30
CA GLY P 245 72.77 -14.76 -7.79
C GLY P 245 72.45 -13.78 -6.67
N VAL P 246 72.06 -14.32 -5.52
CA VAL P 246 71.84 -13.53 -4.31
C VAL P 246 73.18 -13.02 -3.75
N GLN P 247 74.23 -13.83 -3.92
CA GLN P 247 75.56 -13.51 -3.43
C GLN P 247 76.24 -12.36 -4.19
N ASN P 248 75.97 -12.27 -5.49
CA ASN P 248 76.59 -11.26 -6.35
C ASN P 248 75.65 -10.12 -6.76
N ILE P 249 74.62 -9.89 -5.97
CA ILE P 249 73.56 -8.92 -6.30
C ILE P 249 74.04 -7.45 -6.43
N ASP P 250 75.02 -7.07 -5.62
CA ASP P 250 75.55 -5.70 -5.64
C ASP P 250 76.13 -5.28 -6.99
N SER P 251 76.87 -6.20 -7.62
CA SER P 251 77.47 -5.95 -8.93
C SER P 251 76.53 -6.27 -10.10
N ILE P 252 75.51 -7.08 -9.84
CA ILE P 252 74.48 -7.38 -10.85
C ILE P 252 73.59 -6.15 -11.09
N ILE P 253 73.12 -5.54 -10.00
CA ILE P 253 72.32 -4.31 -10.06
C ILE P 253 73.12 -3.20 -10.76
N GLU P 254 74.43 -3.19 -10.52
CA GLU P 254 75.36 -2.26 -11.16
C GLU P 254 75.25 -2.27 -12.69
N GLU P 255 75.25 -3.48 -13.27
CA GLU P 255 75.27 -3.62 -14.73
C GLU P 255 73.88 -3.77 -15.38
N SER P 256 72.89 -4.13 -14.58
CA SER P 256 71.52 -4.32 -15.08
C SER P 256 70.72 -3.01 -15.15
N ASP P 257 69.54 -3.07 -15.74
CA ASP P 257 68.59 -1.96 -15.72
C ASP P 257 67.49 -2.22 -14.69
N GLY P 258 67.52 -3.41 -14.11
CA GLY P 258 66.53 -3.84 -13.12
C GLY P 258 66.67 -5.29 -12.71
N ILE P 259 65.88 -5.69 -11.71
CA ILE P 259 65.96 -7.05 -11.13
C ILE P 259 64.58 -7.71 -11.02
N MET P 260 64.51 -9.00 -11.36
CA MET P 260 63.32 -9.81 -11.09
C MET P 260 63.63 -10.86 -10.03
N VAL P 261 62.89 -10.79 -8.91
CA VAL P 261 63.03 -11.81 -7.86
C VAL P 261 62.27 -13.06 -8.32
N ALA P 262 62.98 -13.93 -9.03
CA ALA P 262 62.41 -15.15 -9.60
C ALA P 262 62.22 -16.22 -8.54
N ARG P 263 61.14 -16.09 -7.77
CA ARG P 263 60.91 -16.87 -6.54
C ARG P 263 60.74 -18.38 -6.75
N GLY P 264 60.20 -18.77 -7.90
CA GLY P 264 60.01 -20.19 -8.22
C GLY P 264 61.29 -21.01 -8.16
N ASP P 265 62.27 -20.61 -8.96
CA ASP P 265 63.57 -21.28 -8.96
C ASP P 265 64.44 -20.87 -7.76
N LEU P 266 64.11 -19.74 -7.14
CA LEU P 266 64.83 -19.28 -5.94
C LEU P 266 64.45 -20.11 -4.71
N GLY P 267 63.16 -20.48 -4.63
CA GLY P 267 62.64 -21.29 -3.53
C GLY P 267 63.12 -22.72 -3.52
N VAL P 268 63.77 -23.14 -4.61
CA VAL P 268 64.36 -24.48 -4.71
C VAL P 268 65.87 -24.41 -4.51
N GLU P 269 66.49 -23.40 -5.13
CA GLU P 269 67.94 -23.22 -5.07
C GLU P 269 68.39 -22.70 -3.70
N ILE P 270 67.51 -21.94 -3.06
CA ILE P 270 67.74 -21.44 -1.71
C ILE P 270 66.65 -22.07 -0.82
N PRO P 271 66.95 -22.31 0.48
CA PRO P 271 65.93 -22.85 1.37
C PRO P 271 64.66 -21.98 1.37
N ALA P 272 63.50 -22.63 1.30
CA ALA P 272 62.21 -21.97 1.07
C ALA P 272 62.00 -20.69 1.90
N GLU P 273 62.30 -20.76 3.19
CA GLU P 273 62.08 -19.64 4.11
C GLU P 273 63.01 -18.44 3.87
N LYS P 274 64.17 -18.70 3.26
CA LYS P 274 65.18 -17.66 3.01
C LYS P 274 64.75 -16.68 1.91
N VAL P 275 63.75 -17.07 1.12
CA VAL P 275 63.23 -16.26 0.02
C VAL P 275 62.62 -14.93 0.51
N VAL P 276 61.96 -14.97 1.67
CA VAL P 276 61.32 -13.79 2.26
C VAL P 276 62.35 -12.70 2.59
N VAL P 277 63.44 -13.10 3.26
CA VAL P 277 64.55 -12.21 3.59
C VAL P 277 65.20 -11.67 2.31
N ALA P 278 65.49 -12.58 1.37
CA ALA P 278 66.06 -12.24 0.07
C ALA P 278 65.20 -11.23 -0.69
N GLN P 279 63.88 -11.39 -0.63
CA GLN P 279 62.95 -10.47 -1.30
C GLN P 279 63.05 -9.06 -0.74
N LYS P 280 63.06 -8.94 0.59
CA LYS P 280 63.21 -7.64 1.27
C LYS P 280 64.53 -6.97 0.94
N ILE P 281 65.60 -7.77 0.83
CA ILE P 281 66.94 -7.25 0.52
C ILE P 281 67.02 -6.71 -0.91
N LEU P 282 66.62 -7.53 -1.88
CA LEU P 282 66.75 -7.21 -3.30
C LEU P 282 65.86 -6.03 -3.73
N ILE P 283 64.68 -5.92 -3.13
CA ILE P 283 63.79 -4.79 -3.43
C ILE P 283 64.36 -3.48 -2.86
N SER P 284 64.81 -3.52 -1.61
CA SER P 284 65.35 -2.33 -0.94
C SER P 284 66.66 -1.85 -1.56
N LYS P 285 67.47 -2.79 -2.06
CA LYS P 285 68.70 -2.45 -2.77
C LYS P 285 68.40 -1.74 -4.10
N CYS P 286 67.31 -2.16 -4.75
CA CYS P 286 66.89 -1.59 -6.02
C CYS P 286 66.26 -0.19 -5.89
N ASN P 287 65.54 0.04 -4.79
CA ASN P 287 64.99 1.37 -4.49
C ASN P 287 66.08 2.40 -4.22
N VAL P 288 67.16 1.97 -3.57
CA VAL P 288 68.34 2.81 -3.31
C VAL P 288 69.10 3.08 -4.62
N ALA P 289 69.20 2.05 -5.46
CA ALA P 289 69.85 2.17 -6.78
C ALA P 289 68.99 2.99 -7.74
N GLY P 290 67.68 2.94 -7.56
CA GLY P 290 66.73 3.61 -8.45
C GLY P 290 66.46 2.79 -9.69
N LYS P 291 66.44 1.47 -9.53
CA LYS P 291 66.26 0.55 -10.65
C LYS P 291 65.05 -0.36 -10.44
N PRO P 292 64.26 -0.56 -11.50
CA PRO P 292 63.06 -1.42 -11.51
C PRO P 292 63.27 -2.78 -10.84
N VAL P 293 62.36 -3.14 -9.93
CA VAL P 293 62.39 -4.44 -9.27
C VAL P 293 61.02 -5.14 -9.42
N ILE P 294 61.06 -6.39 -9.88
CA ILE P 294 59.86 -7.17 -10.14
C ILE P 294 59.75 -8.34 -9.15
N CYS P 295 58.60 -8.45 -8.50
CA CYS P 295 58.28 -9.64 -7.73
C CYS P 295 57.55 -10.61 -8.65
N ALA P 296 57.89 -11.89 -8.57
CA ALA P 296 57.39 -12.87 -9.53
C ALA P 296 57.14 -14.26 -8.94
N THR P 297 56.23 -15.00 -9.58
CA THR P 297 55.98 -16.43 -9.37
C THR P 297 55.13 -16.79 -8.13
N GLN P 298 54.11 -17.61 -8.39
CA GLN P 298 53.22 -18.19 -7.36
C GLN P 298 52.41 -17.17 -6.54
N MET P 299 52.33 -15.94 -7.07
CA MET P 299 51.38 -14.94 -6.57
C MET P 299 50.02 -15.18 -7.23
N LEU P 300 49.00 -15.37 -6.39
CA LEU P 300 47.64 -15.72 -6.86
C LEU P 300 47.61 -17.07 -7.60
N GLU P 301 48.46 -17.98 -7.15
CA GLU P 301 48.64 -19.30 -7.78
C GLU P 301 47.34 -20.11 -7.91
N SER P 302 46.55 -20.16 -6.84
CA SER P 302 45.31 -20.94 -6.82
C SER P 302 44.24 -20.41 -7.76
N MET P 303 44.50 -19.25 -8.36
CA MET P 303 43.56 -18.63 -9.31
C MET P 303 43.72 -19.15 -10.74
N THR P 304 44.66 -20.07 -10.94
CA THR P 304 44.81 -20.79 -12.19
C THR P 304 43.58 -21.68 -12.44
N TYR P 305 42.81 -21.92 -11.37
CA TYR P 305 41.62 -22.76 -11.40
C TYR P 305 40.42 -22.05 -10.76
N ASN P 306 40.70 -21.12 -9.85
CA ASN P 306 39.66 -20.41 -9.09
C ASN P 306 39.48 -18.94 -9.51
N PRO P 307 38.26 -18.39 -9.35
CA PRO P 307 38.03 -16.97 -9.64
C PRO P 307 38.57 -16.02 -8.56
N ARG P 308 38.78 -16.54 -7.34
CA ARG P 308 39.32 -15.74 -6.23
C ARG P 308 40.39 -16.51 -5.44
N PRO P 309 41.44 -15.79 -4.97
CA PRO P 309 42.62 -16.43 -4.38
C PRO P 309 42.47 -16.76 -2.89
N THR P 310 43.49 -17.40 -2.33
CA THR P 310 43.57 -17.63 -0.89
C THR P 310 44.03 -16.34 -0.19
N ARG P 311 43.75 -16.23 1.10
CA ARG P 311 44.14 -15.04 1.89
C ARG P 311 45.66 -14.87 1.95
N ALA P 312 46.38 -15.99 1.85
CA ALA P 312 47.84 -16.00 1.80
C ALA P 312 48.35 -15.36 0.51
N GLU P 313 47.63 -15.59 -0.59
CA GLU P 313 47.98 -15.02 -1.88
C GLU P 313 47.62 -13.53 -1.96
N VAL P 314 46.52 -13.14 -1.32
CA VAL P 314 46.12 -11.74 -1.19
C VAL P 314 47.18 -10.96 -0.41
N SER P 315 47.60 -11.51 0.73
CA SER P 315 48.62 -10.92 1.60
C SER P 315 49.98 -10.80 0.92
N ASP P 316 50.34 -11.82 0.15
CA ASP P 316 51.62 -11.85 -0.57
C ASP P 316 51.76 -10.72 -1.60
N VAL P 317 50.66 -10.42 -2.30
CA VAL P 317 50.62 -9.38 -3.32
C VAL P 317 50.75 -7.99 -2.69
N ALA P 318 49.96 -7.74 -1.65
CA ALA P 318 49.98 -6.46 -0.93
C ALA P 318 51.31 -6.21 -0.23
N ASN P 319 51.89 -7.27 0.34
CA ASN P 319 53.20 -7.19 1.01
C ASN P 319 54.36 -6.97 0.04
N ALA P 320 54.20 -7.44 -1.19
CA ALA P 320 55.18 -7.18 -2.25
C ALA P 320 55.24 -5.67 -2.57
N VAL P 321 54.07 -5.03 -2.55
CA VAL P 321 53.96 -3.59 -2.73
C VAL P 321 54.51 -2.84 -1.51
N PHE P 322 54.24 -3.38 -0.31
CA PHE P 322 54.74 -2.82 0.95
C PHE P 322 56.26 -2.82 1.02
N ASN P 323 56.88 -3.91 0.53
CA ASN P 323 58.33 -4.04 0.45
C ASN P 323 58.93 -3.02 -0.53
N GLY P 324 58.10 -2.55 -1.46
CA GLY P 324 58.49 -1.48 -2.39
C GLY P 324 58.73 -1.94 -3.81
N ALA P 325 57.95 -2.93 -4.25
CA ALA P 325 58.10 -3.47 -5.61
C ALA P 325 57.56 -2.51 -6.67
N ASP P 326 58.29 -2.40 -7.78
CA ASP P 326 57.82 -1.68 -8.95
C ASP P 326 56.77 -2.52 -9.67
N CYS P 327 57.04 -3.83 -9.77
CA CYS P 327 56.19 -4.75 -10.52
C CYS P 327 55.82 -6.03 -9.78
N VAL P 328 54.59 -6.47 -10.01
CA VAL P 328 54.09 -7.76 -9.54
C VAL P 328 53.73 -8.60 -10.77
N MET P 329 54.21 -9.84 -10.81
CA MET P 329 54.07 -10.68 -12.00
C MET P 329 53.11 -11.86 -11.84
N LEU P 330 52.38 -12.13 -12.92
CA LEU P 330 51.59 -13.35 -13.06
C LEU P 330 52.23 -14.24 -14.14
N SER P 331 52.50 -15.48 -13.77
CA SER P 331 53.14 -16.44 -14.67
C SER P 331 52.14 -17.47 -15.20
N GLY P 332 52.08 -18.64 -14.57
CA GLY P 332 51.16 -19.71 -14.97
C GLY P 332 49.69 -19.37 -14.80
N GLU P 333 49.41 -18.25 -14.15
CA GLU P 333 48.04 -17.80 -13.89
C GLU P 333 47.36 -17.25 -15.14
N THR P 334 48.15 -16.67 -16.03
CA THR P 334 47.64 -16.04 -17.25
C THR P 334 47.88 -16.87 -18.50
N ALA P 335 49.00 -17.59 -18.52
CA ALA P 335 49.42 -18.37 -19.69
C ALA P 335 48.59 -19.64 -19.91
N LYS P 336 48.40 -20.43 -18.86
CA LYS P 336 47.62 -21.67 -18.93
C LYS P 336 46.34 -21.60 -18.09
N GLY P 337 46.12 -20.45 -17.47
CA GLY P 337 45.03 -20.27 -16.50
C GLY P 337 43.62 -20.27 -17.04
N LYS P 338 42.65 -20.50 -16.15
CA LYS P 338 41.23 -20.55 -16.49
C LYS P 338 40.54 -19.20 -16.35
N TYR P 339 41.02 -18.37 -15.42
CA TYR P 339 40.44 -17.05 -15.17
C TYR P 339 41.47 -15.93 -15.38
N PRO P 340 41.85 -15.65 -16.64
CA PRO P 340 42.95 -14.72 -16.92
C PRO P 340 42.61 -13.25 -16.66
N ASN P 341 41.35 -12.87 -16.86
CA ASN P 341 40.89 -11.50 -16.60
C ASN P 341 40.75 -11.22 -15.12
N GLU P 342 40.14 -12.17 -14.41
CA GLU P 342 39.83 -12.04 -12.98
C GLU P 342 41.08 -12.04 -12.11
N VAL P 343 42.11 -12.77 -12.57
CA VAL P 343 43.39 -12.85 -11.86
C VAL P 343 44.17 -11.52 -11.92
N VAL P 344 44.01 -10.79 -13.03
CA VAL P 344 44.64 -9.49 -13.20
C VAL P 344 43.83 -8.39 -12.51
N GLN P 345 42.50 -8.49 -12.60
CA GLN P 345 41.60 -7.55 -11.92
C GLN P 345 41.82 -7.53 -10.41
N TYR P 346 42.13 -8.69 -9.84
CA TYR P 346 42.52 -8.80 -8.45
C TYR P 346 43.89 -8.16 -8.19
N MET P 347 44.87 -8.51 -9.01
CA MET P 347 46.22 -7.94 -8.89
C MET P 347 46.26 -6.43 -9.16
N ALA P 348 45.13 -5.87 -9.57
CA ALA P 348 44.98 -4.42 -9.70
C ALA P 348 44.34 -3.84 -8.45
N ARG P 349 43.32 -4.52 -7.94
CA ARG P 349 42.57 -4.06 -6.78
C ARG P 349 43.36 -4.23 -5.47
N ILE P 350 44.17 -5.28 -5.40
CA ILE P 350 45.01 -5.55 -4.22
C ILE P 350 46.14 -4.53 -4.12
N CYS P 351 46.75 -4.22 -5.26
CA CYS P 351 47.81 -3.21 -5.35
C CYS P 351 47.32 -1.79 -5.05
N LEU P 352 46.05 -1.53 -5.38
CA LEU P 352 45.41 -0.25 -5.06
C LEU P 352 45.09 -0.10 -3.59
N GLU P 353 44.88 -1.23 -2.90
CA GLU P 353 44.64 -1.24 -1.47
C GLU P 353 45.94 -1.08 -0.69
N ALA P 354 46.99 -1.77 -1.13
CA ALA P 354 48.31 -1.69 -0.50
C ALA P 354 48.92 -0.30 -0.60
N GLN P 355 48.62 0.39 -1.71
CA GLN P 355 49.05 1.76 -1.94
C GLN P 355 48.34 2.73 -1.00
N SER P 356 47.07 2.45 -0.72
CA SER P 356 46.27 3.24 0.22
C SER P 356 46.75 3.09 1.67
N ALA P 357 47.45 1.98 1.93
CA ALA P 357 48.01 1.72 3.27
C ALA P 357 49.47 2.17 3.39
N LEU P 358 50.19 2.13 2.27
CA LEU P 358 51.61 2.48 2.21
C LEU P 358 51.88 3.92 2.62
N ASN P 359 53.04 4.17 3.22
CA ASN P 359 53.47 5.52 3.58
C ASN P 359 54.60 5.99 2.67
N GLU P 360 54.24 6.76 1.65
CA GLU P 360 55.20 7.23 0.64
C GLU P 360 56.12 8.33 1.16
N TYR P 361 55.64 9.12 2.12
CA TYR P 361 56.43 10.19 2.73
C TYR P 361 57.64 9.63 3.49
N VAL P 362 57.43 8.52 4.19
CA VAL P 362 58.50 7.80 4.88
C VAL P 362 59.40 7.08 3.87
N PHE P 363 58.79 6.57 2.79
CA PHE P 363 59.52 5.92 1.71
C PHE P 363 60.49 6.91 1.05
N PHE P 364 59.99 8.13 0.81
CA PHE P 364 60.78 9.23 0.25
C PHE P 364 61.98 9.58 1.14
N ASN P 365 61.71 9.81 2.42
CA ASN P 365 62.73 10.16 3.40
C ASN P 365 63.74 9.06 3.67
N SER P 366 63.32 7.80 3.52
CA SER P 366 64.22 6.66 3.66
C SER P 366 65.20 6.58 2.49
N ILE P 367 64.68 6.83 1.28
CA ILE P 367 65.50 6.79 0.07
C ILE P 367 66.48 7.97 0.00
N LYS P 368 65.99 9.17 0.32
CA LYS P 368 66.81 10.39 0.29
C LYS P 368 68.02 10.31 1.23
N LYS P 369 67.79 9.76 2.43
CA LYS P 369 68.83 9.67 3.46
C LYS P 369 69.91 8.62 3.16
N LEU P 370 69.66 7.76 2.19
CA LEU P 370 70.58 6.66 1.87
C LEU P 370 71.46 6.91 0.63
N GLN P 371 71.27 8.05 -0.02
CA GLN P 371 72.02 8.39 -1.23
C GLN P 371 73.38 8.99 -0.91
N HIS P 372 74.38 8.67 -1.73
CA HIS P 372 75.72 9.21 -1.57
C HIS P 372 75.76 10.70 -1.91
N ILE P 373 76.11 11.50 -0.90
CA ILE P 373 76.24 12.95 -1.04
C ILE P 373 77.73 13.28 -1.28
N PRO P 374 78.04 14.16 -2.26
CA PRO P 374 77.11 14.95 -3.08
C PRO P 374 76.42 14.17 -4.20
N MET P 375 75.12 14.41 -4.35
CA MET P 375 74.36 13.88 -5.49
C MET P 375 74.60 14.78 -6.69
N SER P 376 74.65 14.18 -7.87
CA SER P 376 74.79 14.94 -9.12
C SER P 376 73.57 15.83 -9.34
N ALA P 377 73.76 16.96 -10.01
CA ALA P 377 72.69 17.94 -10.26
C ALA P 377 71.41 17.29 -10.80
N ASP P 378 71.60 16.25 -11.62
CA ASP P 378 70.50 15.48 -12.21
C ASP P 378 69.65 14.78 -11.13
N GLU P 379 70.32 14.14 -10.18
CA GLU P 379 69.65 13.40 -9.11
C GLU P 379 69.08 14.32 -8.03
N ALA P 380 69.83 15.37 -7.69
CA ALA P 380 69.43 16.33 -6.65
C ALA P 380 68.18 17.12 -7.02
N VAL P 381 68.00 17.37 -8.33
CA VAL P 381 66.84 18.07 -8.85
C VAL P 381 65.56 17.25 -8.65
N CYS P 382 65.63 15.95 -8.96
CA CYS P 382 64.48 15.06 -8.79
C CYS P 382 64.07 14.89 -7.33
N SER P 383 65.06 14.86 -6.44
CA SER P 383 64.85 14.68 -5.00
C SER P 383 64.18 15.89 -4.35
N SER P 384 64.65 17.08 -4.72
CA SER P 384 64.10 18.33 -4.19
C SER P 384 62.74 18.68 -4.80
N ALA P 385 62.44 18.10 -5.97
CA ALA P 385 61.15 18.29 -6.64
C ALA P 385 60.04 17.47 -6.00
N VAL P 386 60.36 16.24 -5.60
CA VAL P 386 59.43 15.38 -4.87
C VAL P 386 59.17 15.99 -3.49
N ASN P 387 60.20 16.63 -2.92
CA ASN P 387 60.08 17.41 -1.69
C ASN P 387 59.06 18.53 -1.80
N SER P 388 59.05 19.22 -2.95
CA SER P 388 58.12 20.32 -3.23
C SER P 388 56.66 19.85 -3.30
N VAL P 389 56.45 18.58 -3.66
CA VAL P 389 55.10 18.00 -3.73
C VAL P 389 54.47 17.93 -2.34
N TYR P 390 55.15 17.26 -1.40
CA TYR P 390 54.65 17.08 -0.04
C TYR P 390 54.47 18.38 0.71
N GLU P 391 55.33 19.35 0.42
CA GLU P 391 55.32 20.66 1.08
C GLU P 391 54.15 21.55 0.66
N THR P 392 53.74 21.43 -0.60
CA THR P 392 52.67 22.26 -1.15
C THR P 392 51.40 21.45 -1.50
N LYS P 393 51.43 20.16 -1.17
CA LYS P 393 50.32 19.23 -1.44
C LYS P 393 49.97 19.16 -2.94
N ALA P 394 51.01 19.07 -3.76
CA ALA P 394 50.85 19.02 -5.21
C ALA P 394 50.21 17.72 -5.67
N LYS P 395 49.21 17.84 -6.55
CA LYS P 395 48.42 16.69 -6.97
C LYS P 395 48.92 16.02 -8.25
N ALA P 396 49.79 16.71 -8.98
CA ALA P 396 50.36 16.17 -10.22
C ALA P 396 51.85 16.48 -10.35
N MET P 397 52.54 15.64 -11.12
CA MET P 397 53.98 15.77 -11.34
C MET P 397 54.27 15.52 -12.83
N VAL P 398 55.07 16.41 -13.43
CA VAL P 398 55.34 16.36 -14.87
C VAL P 398 56.85 16.36 -15.15
N VAL P 399 57.33 15.30 -15.80
CA VAL P 399 58.73 15.19 -16.20
C VAL P 399 58.91 15.05 -17.71
N LEU P 400 59.91 15.74 -18.24
CA LEU P 400 60.32 15.55 -19.63
C LEU P 400 61.47 14.54 -19.65
N SER P 401 61.30 13.47 -20.42
CA SER P 401 62.29 12.39 -20.47
C SER P 401 62.30 11.70 -21.83
N ASN P 402 63.40 11.87 -22.56
CA ASN P 402 63.58 11.23 -23.87
C ASN P 402 63.86 9.74 -23.70
N THR P 403 64.88 9.42 -22.90
CA THR P 403 65.10 8.07 -22.42
C THR P 403 64.21 7.83 -21.20
N GLY P 404 64.35 6.68 -20.55
CA GLY P 404 63.55 6.40 -19.36
C GLY P 404 64.06 7.07 -18.10
N ARG P 405 65.33 7.48 -18.12
CA ARG P 405 66.07 7.86 -16.89
C ARG P 405 65.45 8.96 -16.01
N SER P 406 65.11 10.11 -16.58
CA SER P 406 64.54 11.24 -15.81
C SER P 406 63.22 10.91 -15.12
N ALA P 407 62.37 10.13 -15.78
CA ALA P 407 61.10 9.67 -15.21
C ALA P 407 61.35 8.67 -14.09
N ARG P 408 62.30 7.77 -14.31
CA ARG P 408 62.68 6.74 -13.33
C ARG P 408 63.34 7.34 -12.09
N LEU P 409 64.17 8.36 -12.31
CA LEU P 409 64.88 9.05 -11.24
C LEU P 409 63.94 9.82 -10.31
N VAL P 410 62.77 10.19 -10.83
CA VAL P 410 61.74 10.86 -10.04
C VAL P 410 60.94 9.84 -9.22
N ALA P 411 60.55 8.75 -9.89
CA ALA P 411 59.82 7.65 -9.25
C ALA P 411 60.66 6.91 -8.23
N LYS P 412 61.99 7.07 -8.33
CA LYS P 412 62.95 6.57 -7.35
C LYS P 412 62.68 7.16 -5.95
N TYR P 413 62.05 8.35 -5.93
CA TYR P 413 61.82 9.09 -4.68
C TYR P 413 60.39 9.04 -4.17
N ARG P 414 59.53 8.31 -4.89
CA ARG P 414 58.19 7.94 -4.43
C ARG P 414 57.31 9.11 -3.94
N PRO P 415 56.84 9.97 -4.86
CA PRO P 415 55.90 11.02 -4.46
C PRO P 415 54.50 10.45 -4.24
N ASN P 416 53.68 11.14 -3.45
CA ASN P 416 52.31 10.71 -3.18
C ASN P 416 51.30 11.18 -4.25
N CYS P 417 51.82 11.58 -5.41
CA CYS P 417 51.00 12.05 -6.52
C CYS P 417 51.45 11.37 -7.82
N PRO P 418 50.55 11.31 -8.84
CA PRO P 418 50.89 10.74 -10.16
C PRO P 418 52.05 11.45 -10.86
N ILE P 419 52.91 10.65 -11.49
CA ILE P 419 54.00 11.17 -12.32
C ILE P 419 53.61 11.06 -13.80
N VAL P 420 53.61 12.21 -14.49
CA VAL P 420 53.27 12.28 -15.91
C VAL P 420 54.54 12.54 -16.72
N CYS P 421 54.93 11.55 -17.53
CA CYS P 421 56.13 11.68 -18.35
C CYS P 421 55.81 11.94 -19.82
N VAL P 422 56.43 12.99 -20.36
CA VAL P 422 56.23 13.40 -21.75
C VAL P 422 57.48 13.03 -22.56
N THR P 423 57.37 11.96 -23.35
CA THR P 423 58.52 11.42 -24.09
C THR P 423 58.35 11.47 -25.62
N THR P 424 59.43 11.81 -26.31
CA THR P 424 59.45 11.89 -27.77
C THR P 424 59.66 10.51 -28.41
N ARG P 425 60.21 9.57 -27.63
CA ARG P 425 60.38 8.18 -28.08
C ARG P 425 59.19 7.31 -27.72
N LEU P 426 58.76 6.51 -28.69
CA LEU P 426 57.63 5.60 -28.53
C LEU P 426 58.00 4.41 -27.64
N GLN P 427 59.27 4.02 -27.67
CA GLN P 427 59.77 2.91 -26.87
C GLN P 427 59.86 3.25 -25.38
N THR P 428 60.10 4.52 -25.08
CA THR P 428 60.17 5.00 -23.70
C THR P 428 58.83 4.84 -22.97
N CYS P 429 57.73 5.00 -23.69
CA CYS P 429 56.39 4.74 -23.17
C CYS P 429 56.24 3.29 -22.68
N ARG P 430 56.64 2.34 -23.52
CA ARG P 430 56.54 0.92 -23.22
C ARG P 430 57.56 0.48 -22.16
N GLN P 431 58.74 1.10 -22.19
CA GLN P 431 59.81 0.79 -21.23
C GLN P 431 59.49 1.26 -19.82
N LEU P 432 58.71 2.32 -19.70
CA LEU P 432 58.32 2.87 -18.39
C LEU P 432 57.15 2.14 -17.74
N ASN P 433 56.72 1.04 -18.38
CA ASN P 433 55.68 0.18 -17.84
C ASN P 433 56.17 -0.70 -16.68
N ILE P 434 57.48 -0.68 -16.44
CA ILE P 434 58.05 -1.37 -15.28
C ILE P 434 58.50 -0.39 -14.19
N THR P 435 58.19 0.88 -14.39
CA THR P 435 58.52 1.93 -13.42
C THR P 435 57.26 2.42 -12.72
N GLN P 436 57.19 2.11 -11.43
CA GLN P 436 56.02 2.40 -10.58
C GLN P 436 55.62 3.88 -10.57
N GLY P 437 54.32 4.13 -10.68
CA GLY P 437 53.75 5.47 -10.50
C GLY P 437 53.87 6.42 -11.69
N VAL P 438 54.51 5.97 -12.76
CA VAL P 438 54.72 6.80 -13.96
C VAL P 438 53.72 6.45 -15.06
N GLU P 439 53.00 7.46 -15.53
CA GLU P 439 52.09 7.31 -16.68
C GLU P 439 52.61 8.11 -17.88
N SER P 440 52.97 7.37 -18.93
CA SER P 440 53.69 7.93 -20.08
C SER P 440 52.79 8.60 -21.13
N VAL P 441 53.26 9.73 -21.65
CA VAL P 441 52.59 10.49 -22.70
C VAL P 441 53.53 10.67 -23.89
N PHE P 442 53.01 10.47 -25.09
CA PHE P 442 53.81 10.56 -26.32
C PHE P 442 53.65 11.92 -27.00
N PHE P 443 54.78 12.55 -27.31
CA PHE P 443 54.81 13.78 -28.08
C PHE P 443 55.51 13.51 -29.41
N ASP P 444 54.79 13.72 -30.51
CA ASP P 444 55.28 13.40 -31.84
C ASP P 444 56.25 14.46 -32.35
N ALA P 445 57.55 14.20 -32.18
CA ALA P 445 58.62 15.14 -32.55
C ALA P 445 58.82 15.26 -34.07
N ASP P 446 58.33 14.26 -34.80
CA ASP P 446 58.46 14.24 -36.26
C ASP P 446 57.47 15.15 -36.98
N LYS P 447 56.39 15.53 -36.29
CA LYS P 447 55.37 16.40 -36.88
C LYS P 447 55.14 17.72 -36.12
N LEU P 448 55.22 17.67 -34.79
CA LEU P 448 54.93 18.83 -33.95
C LEU P 448 56.15 19.71 -33.66
N GLY P 449 57.31 19.32 -34.20
CA GLY P 449 58.54 20.07 -34.04
C GLY P 449 59.45 19.53 -32.94
N HIS P 450 60.59 20.19 -32.75
CA HIS P 450 61.60 19.76 -31.77
C HIS P 450 61.31 20.28 -30.36
N ASP P 451 60.53 21.36 -30.27
CA ASP P 451 60.12 21.97 -29.01
C ASP P 451 61.28 22.41 -28.11
N GLU P 452 61.95 23.49 -28.53
CA GLU P 452 62.96 24.14 -27.70
C GLU P 452 62.31 25.26 -26.89
N GLY P 453 62.58 25.26 -25.59
CA GLY P 453 61.89 26.17 -24.66
C GLY P 453 60.87 25.42 -23.84
N LYS P 454 60.60 24.18 -24.24
CA LYS P 454 59.74 23.22 -23.51
C LYS P 454 58.30 23.72 -23.26
N GLU P 455 57.79 24.55 -24.17
CA GLU P 455 56.45 25.13 -24.02
C GLU P 455 55.32 24.11 -24.22
N HIS P 456 55.39 23.36 -25.31
CA HIS P 456 54.29 22.49 -25.74
C HIS P 456 54.28 21.10 -25.10
N ARG P 457 55.46 20.62 -24.70
CA ARG P 457 55.58 19.32 -24.04
C ARG P 457 55.05 19.34 -22.61
N VAL P 458 55.21 20.47 -21.93
CA VAL P 458 54.71 20.65 -20.56
C VAL P 458 53.19 20.77 -20.55
N ALA P 459 52.64 21.51 -21.52
CA ALA P 459 51.19 21.67 -21.67
C ALA P 459 50.49 20.35 -22.02
N ALA P 460 51.21 19.46 -22.71
CA ALA P 460 50.71 18.13 -23.06
C ALA P 460 50.60 17.22 -21.83
N GLY P 461 51.52 17.38 -20.89
CA GLY P 461 51.50 16.64 -19.63
C GLY P 461 50.39 17.09 -18.71
N VAL P 462 50.11 18.39 -18.72
CA VAL P 462 49.00 18.98 -17.94
C VAL P 462 47.65 18.58 -18.53
N GLU P 463 47.59 18.49 -19.86
CA GLU P 463 46.40 18.01 -20.58
C GLU P 463 46.00 16.61 -20.13
N PHE P 464 47.00 15.73 -20.01
CA PHE P 464 46.80 14.34 -19.58
C PHE P 464 46.33 14.24 -18.13
N ALA P 465 46.84 15.14 -17.27
CA ALA P 465 46.46 15.20 -15.86
C ALA P 465 45.07 15.80 -15.66
N LYS P 466 44.69 16.71 -16.57
CA LYS P 466 43.35 17.31 -16.56
C LYS P 466 42.27 16.29 -16.93
N SER P 467 42.56 15.49 -17.96
CA SER P 467 41.63 14.47 -18.46
C SER P 467 41.39 13.34 -17.46
N LYS P 468 42.47 12.93 -16.78
CA LYS P 468 42.38 11.89 -15.76
C LYS P 468 41.90 12.45 -14.41
N GLY P 469 41.82 13.78 -14.32
CA GLY P 469 41.24 14.45 -13.16
C GLY P 469 42.14 14.53 -11.94
N TYR P 470 43.43 14.75 -12.16
CA TYR P 470 44.38 14.89 -11.06
C TYR P 470 44.40 16.33 -10.54
N VAL P 471 44.38 17.28 -11.47
CA VAL P 471 44.44 18.72 -11.14
C VAL P 471 43.31 19.52 -11.80
N GLN P 472 42.66 20.38 -10.99
CA GLN P 472 41.68 21.34 -11.50
C GLN P 472 42.33 22.72 -11.63
N THR P 473 41.52 23.72 -11.99
CA THR P 473 42.00 25.11 -12.09
C THR P 473 42.22 25.68 -10.68
N GLY P 474 43.49 25.94 -10.37
CA GLY P 474 43.89 26.41 -9.04
C GLY P 474 44.56 25.32 -8.23
N ASP P 475 45.35 24.48 -8.91
CA ASP P 475 46.09 23.40 -8.26
C ASP P 475 47.55 23.39 -8.71
N TYR P 476 48.45 23.15 -7.77
CA TYR P 476 49.89 23.17 -8.04
C TYR P 476 50.38 21.92 -8.77
N CYS P 477 51.32 22.12 -9.68
CA CYS P 477 51.93 21.04 -10.43
C CYS P 477 53.43 21.24 -10.51
N VAL P 478 54.19 20.26 -10.02
CA VAL P 478 55.65 20.32 -9.99
C VAL P 478 56.23 19.78 -11.29
N VAL P 479 56.74 20.68 -12.12
CA VAL P 479 57.22 20.34 -13.47
C VAL P 479 58.74 20.32 -13.50
N ILE P 480 59.30 19.26 -14.10
CA ILE P 480 60.74 19.04 -14.12
C ILE P 480 61.26 18.90 -15.56
N HIS P 481 62.23 19.74 -15.91
CA HIS P 481 62.96 19.67 -17.19
C HIS P 481 64.27 20.45 -17.07
N ALA P 482 64.73 21.05 -18.17
CA ALA P 482 65.95 21.87 -18.15
C ALA P 482 65.70 23.26 -18.72
N ASP P 483 66.72 24.12 -18.61
CA ASP P 483 66.67 25.47 -19.18
C ASP P 483 67.02 25.46 -20.66
N HIS P 484 67.07 26.66 -21.26
CA HIS P 484 67.34 26.82 -22.69
C HIS P 484 68.83 26.92 -23.02
N LYS P 485 69.66 26.21 -22.24
CA LYS P 485 71.10 26.15 -22.49
C LYS P 485 71.68 24.77 -22.16
N VAL P 486 71.28 24.22 -21.01
CA VAL P 486 71.78 22.93 -20.54
C VAL P 486 71.05 21.77 -21.23
N LYS P 487 71.81 20.96 -21.95
CA LYS P 487 71.29 19.82 -22.69
C LYS P 487 71.96 18.52 -22.26
N GLY P 488 71.15 17.48 -22.07
CA GLY P 488 71.66 16.17 -21.65
C GLY P 488 70.98 15.64 -20.40
N TYR P 489 70.54 16.56 -19.53
CA TYR P 489 69.86 16.20 -18.28
C TYR P 489 68.94 17.32 -17.79
N ALA P 490 68.03 16.96 -16.87
CA ALA P 490 67.13 17.93 -16.25
C ALA P 490 67.82 18.64 -15.08
N ASN P 491 67.61 19.96 -15.00
CA ASN P 491 68.20 20.76 -13.92
C ASN P 491 67.26 21.84 -13.37
N GLN P 492 66.08 21.96 -13.98
CA GLN P 492 65.14 23.03 -13.64
C GLN P 492 63.77 22.49 -13.24
N THR P 493 63.37 22.83 -12.01
CA THR P 493 62.03 22.49 -11.51
C THR P 493 61.24 23.77 -11.25
N ARG P 494 59.91 23.66 -11.34
CA ARG P 494 59.03 24.80 -11.17
C ARG P 494 57.64 24.39 -10.68
N ILE P 495 57.13 25.13 -9.71
CA ILE P 495 55.77 24.92 -9.19
C ILE P 495 54.84 25.96 -9.83
N LEU P 496 53.92 25.48 -10.66
CA LEU P 496 53.01 26.37 -11.40
C LEU P 496 51.54 26.04 -11.15
N LEU P 497 50.72 27.09 -11.07
CA LEU P 497 49.29 26.98 -10.86
C LEU P 497 48.57 26.85 -12.20
N VAL P 498 48.05 25.65 -12.47
CA VAL P 498 47.46 25.32 -13.77
C VAL P 498 46.11 26.01 -14.02
N GLU P 499 45.85 26.28 -15.29
CA GLU P 499 44.64 27.00 -15.70
C GLU P 499 43.86 26.20 -16.75
#